data_7XM1
#
_entry.id   7XM1
#
_cell.length_a   1.00
_cell.length_b   1.00
_cell.length_c   1.00
_cell.angle_alpha   90.00
_cell.angle_beta   90.00
_cell.angle_gamma   90.00
#
_symmetry.space_group_name_H-M   'P 1'
#
loop_
_entity.id
_entity.type
_entity.pdbx_description
1 polymer 'TIP60 K67E mutant'
2 non-polymer 'BARIUM ION'
#
_entity_poly.entity_id   1
_entity_poly.type   'polypeptide(L)'
_entity_poly.pdbx_seq_one_letter_code
;MGSSHHHHHHSQDPKNIKIMRLVTGEDIIGNISESQGLITIKKAFVIIPMQATPGKPVQLVLSPWQPYTDDKEIVIDDSE
VITITSPKDDIIKSYESHTRVLENKQVEEILRLEKEIEDLQRMKEQQELSLTEASLQKLQERRDQELRRLEEE
;
_entity_poly.pdbx_strand_id   A,B,C,D,E,F,G,H,I,J,K,L,M,N,O,P,Q,R,S,T,V,W,X,Y,Z,AA,BA,CA,DA,EA,FA,GA,HA,IA,JA,KA,LA,MA,NA,OA,PA,QA,RA,SA,TA,UA,VA,WA,XA,YA,ZA,AB,BB,CB,DB,EB,FB,GB,HB,IB
#
loop_
_chem_comp.id
_chem_comp.type
_chem_comp.name
_chem_comp.formula
BA non-polymer 'BARIUM ION' 'Ba 2'
#
# COMPACT_ATOMS: atom_id res chain seq x y z
N LYS A 15 98.56 -23.97 16.34
CA LYS A 15 97.15 -23.88 15.99
C LYS A 15 96.76 -24.99 15.01
N ASN A 16 95.60 -25.61 15.24
CA ASN A 16 95.17 -26.73 14.41
C ASN A 16 93.66 -26.82 14.51
N ILE A 17 92.96 -26.45 13.45
CA ILE A 17 91.50 -26.48 13.40
C ILE A 17 91.07 -27.66 12.55
N LYS A 18 90.35 -28.59 13.15
CA LYS A 18 89.86 -29.78 12.46
C LYS A 18 88.44 -30.06 12.90
N ILE A 19 87.52 -30.17 11.94
CA ILE A 19 86.15 -30.53 12.26
C ILE A 19 86.10 -32.02 12.58
N MET A 20 85.10 -32.42 13.37
CA MET A 20 84.91 -33.82 13.68
C MET A 20 83.43 -34.11 13.85
N ARG A 21 83.10 -35.40 13.69
CA ARG A 21 81.74 -35.89 13.87
C ARG A 21 81.70 -36.84 15.06
N LEU A 22 80.81 -36.54 16.00
CA LEU A 22 80.72 -37.34 17.22
C LEU A 22 79.81 -38.54 17.03
N VAL A 23 79.95 -39.52 17.93
CA VAL A 23 79.12 -40.71 17.87
C VAL A 23 77.65 -40.36 18.06
N THR A 24 77.37 -39.26 18.77
CA THR A 24 76.00 -38.80 18.90
C THR A 24 75.41 -38.41 17.55
N GLY A 25 76.22 -37.81 16.69
CA GLY A 25 75.77 -37.42 15.37
C GLY A 25 75.79 -35.93 15.14
N GLU A 26 76.73 -35.23 15.78
CA GLU A 26 76.85 -33.80 15.69
C GLU A 26 78.25 -33.42 15.22
N ASP A 27 78.37 -32.20 14.71
CA ASP A 27 79.60 -31.69 14.11
C ASP A 27 80.22 -30.66 15.03
N ILE A 28 81.48 -30.90 15.41
CA ILE A 28 82.21 -30.06 16.36
C ILE A 28 83.41 -29.46 15.63
N ILE A 29 83.57 -28.14 15.71
CA ILE A 29 84.70 -27.45 15.13
C ILE A 29 85.42 -26.67 16.22
N GLY A 30 86.74 -26.78 16.24
CA GLY A 30 87.51 -26.07 17.25
C GLY A 30 88.97 -26.48 17.20
N ASN A 31 89.73 -25.92 18.14
CA ASN A 31 91.15 -26.22 18.23
C ASN A 31 91.35 -27.61 18.82
N ILE A 32 92.15 -28.44 18.13
CA ILE A 32 92.28 -29.85 18.47
C ILE A 32 93.73 -30.16 18.81
N SER A 33 93.92 -31.09 19.74
CA SER A 33 95.27 -31.57 20.08
C SER A 33 95.18 -33.05 20.42
N GLU A 34 95.79 -33.89 19.61
CA GLU A 34 95.77 -35.34 19.77
C GLU A 34 97.12 -35.78 20.32
N SER A 35 97.18 -36.06 21.62
CA SER A 35 98.42 -36.43 22.29
C SER A 35 98.62 -37.94 22.40
N GLN A 36 97.73 -38.62 23.11
CA GLN A 36 97.89 -40.04 23.43
C GLN A 36 96.57 -40.77 23.22
N GLY A 37 95.94 -40.55 22.08
CA GLY A 37 94.64 -41.12 21.82
C GLY A 37 93.53 -40.20 22.30
N LEU A 38 93.46 -39.99 23.62
CA LEU A 38 92.55 -38.98 24.16
C LEU A 38 92.95 -37.60 23.64
N ILE A 39 91.96 -36.83 23.21
CA ILE A 39 92.22 -35.57 22.54
C ILE A 39 91.68 -34.43 23.39
N THR A 40 92.30 -33.26 23.21
CA THR A 40 91.94 -32.04 23.91
C THR A 40 91.32 -31.07 22.91
N ILE A 41 90.20 -30.46 23.29
CA ILE A 41 89.45 -29.57 22.42
C ILE A 41 89.32 -28.21 23.11
N LYS A 42 89.58 -27.15 22.37
CA LYS A 42 89.46 -25.78 22.86
C LYS A 42 88.54 -24.99 21.95
N LYS A 43 87.67 -24.19 22.57
CA LYS A 43 86.73 -23.32 21.85
C LYS A 43 85.86 -24.12 20.88
N ALA A 44 85.31 -25.22 21.37
CA ALA A 44 84.48 -26.08 20.54
C ALA A 44 83.16 -25.40 20.19
N PHE A 45 82.68 -25.67 18.98
CA PHE A 45 81.42 -25.13 18.49
C PHE A 45 80.64 -26.22 17.78
N VAL A 46 79.35 -26.29 18.08
CA VAL A 46 78.42 -27.16 17.37
C VAL A 46 77.97 -26.45 16.10
N ILE A 47 78.09 -27.14 14.97
CA ILE A 47 77.67 -26.60 13.68
C ILE A 47 76.25 -27.11 13.39
N ILE A 48 75.30 -26.19 13.30
CA ILE A 48 73.91 -26.53 13.04
C ILE A 48 73.65 -26.38 11.54
N PRO A 49 73.20 -27.43 10.86
CA PRO A 49 72.94 -27.30 9.42
C PRO A 49 71.70 -26.44 9.13
N MET A 50 71.94 -25.24 8.62
CA MET A 50 70.85 -24.30 8.33
C MET A 50 71.31 -23.24 7.34
N GLN A 59 74.06 -20.53 4.36
CA GLN A 59 74.93 -20.03 5.43
C GLN A 59 75.13 -21.08 6.51
N LEU A 60 75.89 -20.74 7.54
CA LEU A 60 76.18 -21.65 8.64
C LEU A 60 75.84 -20.98 9.97
N VAL A 61 75.44 -21.80 10.94
CA VAL A 61 75.11 -21.35 12.28
C VAL A 61 75.96 -22.14 13.26
N LEU A 62 76.59 -21.44 14.19
CA LEU A 62 77.44 -22.05 15.20
C LEU A 62 76.88 -21.77 16.58
N SER A 63 77.01 -22.74 17.48
CA SER A 63 76.54 -22.61 18.85
C SER A 63 77.61 -23.12 19.80
N PRO A 64 77.60 -22.67 21.05
CA PRO A 64 78.55 -23.22 22.02
C PRO A 64 78.29 -24.71 22.26
N TRP A 65 79.38 -25.44 22.49
CA TRP A 65 79.25 -26.89 22.70
C TRP A 65 78.92 -27.22 24.15
N GLN A 66 79.57 -26.56 25.09
CA GLN A 66 79.41 -26.83 26.52
C GLN A 66 79.06 -25.53 27.22
N PRO A 67 77.81 -25.09 27.13
CA PRO A 67 77.42 -23.81 27.72
C PRO A 67 77.22 -23.83 29.23
N TYR A 68 77.65 -24.89 29.92
CA TYR A 68 77.52 -24.97 31.37
C TYR A 68 78.87 -25.02 32.08
N THR A 69 79.98 -24.88 31.35
CA THR A 69 81.30 -24.95 31.94
C THR A 69 82.15 -23.79 31.44
N ASP A 70 83.09 -23.36 32.30
CA ASP A 70 84.03 -22.31 31.94
C ASP A 70 85.43 -22.84 31.66
N ASP A 71 85.61 -24.15 31.63
CA ASP A 71 86.92 -24.73 31.36
C ASP A 71 87.37 -24.40 29.95
N LYS A 72 88.63 -24.01 29.82
CA LYS A 72 89.18 -23.67 28.50
C LYS A 72 89.29 -24.91 27.61
N GLU A 73 89.73 -26.02 28.18
CA GLU A 73 89.97 -27.24 27.42
C GLU A 73 89.09 -28.37 27.93
N ILE A 74 88.64 -29.22 27.01
CA ILE A 74 87.83 -30.39 27.33
C ILE A 74 88.52 -31.62 26.76
N VAL A 75 88.64 -32.67 27.56
CA VAL A 75 89.35 -33.88 27.16
C VAL A 75 88.33 -34.97 26.87
N ILE A 76 88.38 -35.54 25.67
CA ILE A 76 87.51 -36.63 25.28
C ILE A 76 88.36 -37.78 24.75
N ASP A 77 87.71 -38.89 24.46
CA ASP A 77 88.38 -40.11 24.02
C ASP A 77 88.18 -40.33 22.53
N ASP A 78 89.24 -40.74 21.85
CA ASP A 78 89.18 -40.99 20.41
C ASP A 78 88.24 -42.13 20.05
N SER A 79 87.91 -42.99 21.01
CA SER A 79 86.97 -44.08 20.74
C SER A 79 85.54 -43.59 20.57
N GLU A 80 85.28 -42.32 20.86
CA GLU A 80 83.93 -41.75 20.81
C GLU A 80 83.79 -40.70 19.71
N VAL A 81 84.70 -40.68 18.74
CA VAL A 81 84.65 -39.77 17.61
C VAL A 81 84.75 -40.57 16.32
N ILE A 82 83.90 -40.25 15.36
CA ILE A 82 83.85 -41.03 14.11
C ILE A 82 84.91 -40.55 13.13
N THR A 83 84.81 -39.30 12.69
CA THR A 83 85.69 -38.77 11.66
C THR A 83 86.27 -37.43 12.11
N ILE A 84 87.55 -37.25 11.83
CA ILE A 84 88.27 -36.00 12.09
C ILE A 84 88.93 -35.56 10.80
N THR A 85 88.51 -34.41 10.26
CA THR A 85 88.98 -33.96 8.96
C THR A 85 89.13 -32.45 8.96
N SER A 86 90.04 -31.96 8.10
CA SER A 86 90.24 -30.53 7.97
C SER A 86 89.12 -29.90 7.15
N PRO A 87 88.66 -28.71 7.53
CA PRO A 87 87.54 -28.09 6.80
C PRO A 87 87.99 -27.18 5.67
N LYS A 88 87.04 -26.66 4.90
CA LYS A 88 87.35 -25.72 3.84
C LYS A 88 87.56 -24.32 4.41
N ASP A 89 87.98 -23.40 3.53
CA ASP A 89 88.42 -22.08 4.00
C ASP A 89 87.25 -21.19 4.41
N ASP A 90 86.09 -21.34 3.77
CA ASP A 90 84.95 -20.49 4.11
C ASP A 90 84.52 -20.70 5.56
N ILE A 91 84.45 -21.95 5.99
CA ILE A 91 84.08 -22.24 7.37
C ILE A 91 85.16 -21.73 8.33
N ILE A 92 86.43 -21.81 7.91
CA ILE A 92 87.50 -21.28 8.74
C ILE A 92 87.32 -19.78 8.95
N LYS A 93 87.01 -19.05 7.87
CA LYS A 93 86.79 -17.62 7.98
C LYS A 93 85.61 -17.31 8.89
N SER A 94 84.50 -18.04 8.72
CA SER A 94 83.33 -17.78 9.55
C SER A 94 83.63 -18.07 11.02
N TYR A 95 84.35 -19.16 11.29
CA TYR A 95 84.70 -19.51 12.66
C TYR A 95 85.58 -18.46 13.30
N GLU A 96 86.59 -17.97 12.56
CA GLU A 96 87.45 -16.93 13.10
C GLU A 96 86.68 -15.63 13.36
N SER A 97 85.79 -15.25 12.44
CA SER A 97 85.00 -14.05 12.65
C SER A 97 84.13 -14.17 13.89
N HIS A 98 83.47 -15.32 14.04
CA HIS A 98 82.59 -15.51 15.21
C HIS A 98 83.40 -15.52 16.50
N THR A 99 84.56 -16.18 16.51
CA THR A 99 85.34 -16.27 17.73
C THR A 99 86.02 -14.96 18.09
N ARG A 100 86.19 -14.04 17.15
CA ARG A 100 86.65 -12.70 17.56
C ARG A 100 85.51 -11.79 17.96
N VAL A 101 84.34 -11.93 17.34
CA VAL A 101 83.18 -11.13 17.74
C VAL A 101 82.78 -11.45 19.17
N LEU A 102 82.80 -12.73 19.54
CA LEU A 102 82.44 -13.10 20.91
C LEU A 102 83.38 -12.47 21.92
N GLU A 103 84.69 -12.50 21.66
CA GLU A 103 85.65 -11.90 22.57
C GLU A 103 85.45 -10.39 22.66
N ASN A 104 85.21 -9.73 21.52
CA ASN A 104 84.98 -8.29 21.54
C ASN A 104 83.77 -7.93 22.38
N LYS A 105 82.68 -8.68 22.22
CA LYS A 105 81.48 -8.40 23.00
C LYS A 105 81.72 -8.67 24.48
N GLN A 106 82.48 -9.71 24.81
CA GLN A 106 82.81 -9.99 26.20
C GLN A 106 83.56 -8.83 26.84
N VAL A 107 84.56 -8.30 26.13
CA VAL A 107 85.34 -7.19 26.66
C VAL A 107 84.46 -5.95 26.82
N GLU A 108 83.59 -5.69 25.85
CA GLU A 108 82.69 -4.54 25.95
C GLU A 108 81.79 -4.66 27.18
N GLU A 109 81.25 -5.86 27.43
CA GLU A 109 80.42 -6.04 28.61
C GLU A 109 81.21 -5.88 29.90
N ILE A 110 82.48 -6.33 29.91
CA ILE A 110 83.32 -6.13 31.10
C ILE A 110 83.48 -4.64 31.38
N LEU A 111 83.76 -3.85 30.35
CA LEU A 111 83.87 -2.40 30.54
C LEU A 111 82.57 -1.80 31.05
N ARG A 112 81.44 -2.20 30.47
CA ARG A 112 80.15 -1.70 30.94
C ARG A 112 79.95 -1.98 32.42
N LEU A 113 80.19 -3.23 32.83
CA LEU A 113 79.99 -3.60 34.22
C LEU A 113 80.91 -2.81 35.15
N GLU A 114 82.18 -2.66 34.76
CA GLU A 114 83.10 -1.92 35.61
C GLU A 114 82.66 -0.47 35.78
N LYS A 115 82.24 0.17 34.68
CA LYS A 115 81.80 1.56 34.77
C LYS A 115 80.57 1.69 35.66
N GLU A 116 79.60 0.77 35.50
CA GLU A 116 78.39 0.84 36.33
C GLU A 116 78.72 0.64 37.80
N ILE A 117 79.63 -0.30 38.10
CA ILE A 117 80.03 -0.53 39.48
C ILE A 117 80.69 0.70 40.08
N GLU A 118 81.59 1.33 39.31
CA GLU A 118 82.25 2.53 39.82
C GLU A 118 81.26 3.65 40.09
N ASP A 119 80.32 3.87 39.16
CA ASP A 119 79.33 4.92 39.36
C ASP A 119 78.47 4.65 40.58
N LEU A 120 78.00 3.40 40.73
CA LEU A 120 77.16 3.07 41.87
C LEU A 120 77.91 3.23 43.18
N GLN A 121 79.18 2.82 43.21
CA GLN A 121 79.98 2.95 44.43
C GLN A 121 80.17 4.41 44.80
N ARG A 122 80.47 5.26 43.81
CA ARG A 122 80.65 6.68 44.08
C ARG A 122 79.36 7.31 44.62
N MET A 123 78.22 6.99 43.98
CA MET A 123 76.96 7.56 44.43
C MET A 123 76.60 7.10 45.83
N LYS A 124 76.83 5.82 46.14
CA LYS A 124 76.58 5.31 47.48
C LYS A 124 77.49 5.99 48.50
N GLU A 125 78.75 6.23 48.14
CA GLU A 125 79.67 6.91 49.05
C GLU A 125 79.17 8.30 49.38
N GLN A 126 78.78 9.06 48.35
CA GLN A 126 78.27 10.41 48.61
C GLN A 126 76.98 10.38 49.44
N GLN A 127 76.10 9.41 49.17
CA GLN A 127 74.87 9.32 49.95
C GLN A 127 75.16 9.00 51.41
N GLU A 128 76.12 8.10 51.66
CA GLU A 128 76.46 7.73 53.04
C GLU A 128 77.20 8.84 53.76
N LEU A 129 77.90 9.71 53.03
CA LEU A 129 78.67 10.78 53.67
C LEU A 129 77.79 11.65 54.57
N SER A 130 76.59 11.98 54.10
CA SER A 130 75.67 12.83 54.86
C SER A 130 74.86 11.95 55.80
N LEU A 131 75.34 11.80 57.04
CA LEU A 131 74.66 10.96 58.01
C LEU A 131 75.04 11.43 59.41
N THR A 132 74.22 11.05 60.38
CA THR A 132 74.42 11.42 61.77
C THR A 132 75.11 10.29 62.55
N GLU A 133 75.54 10.62 63.76
CA GLU A 133 76.30 9.66 64.57
C GLU A 133 75.42 8.48 64.98
N ALA A 134 74.22 8.76 65.51
CA ALA A 134 73.32 7.68 65.89
C ALA A 134 72.90 6.85 64.67
N SER A 135 72.67 7.52 63.55
CA SER A 135 72.35 6.79 62.32
C SER A 135 73.52 5.92 61.89
N LEU A 136 74.75 6.43 62.04
CA LEU A 136 75.92 5.63 61.71
C LEU A 136 76.03 4.41 62.61
N GLN A 137 75.75 4.57 63.91
CA GLN A 137 75.77 3.43 64.83
C GLN A 137 74.73 2.40 64.45
N LYS A 138 73.51 2.84 64.11
CA LYS A 138 72.48 1.92 63.67
C LYS A 138 72.89 1.21 62.39
N LEU A 139 73.51 1.95 61.47
CA LEU A 139 74.03 1.35 60.24
C LEU A 139 75.01 0.24 60.54
N GLN A 140 75.98 0.51 61.43
CA GLN A 140 76.98 -0.49 61.77
C GLN A 140 76.33 -1.71 62.43
N GLU A 141 75.38 -1.48 63.35
CA GLU A 141 74.73 -2.58 64.03
C GLU A 141 73.96 -3.46 63.05
N ARG A 142 73.20 -2.85 62.15
CA ARG A 142 72.41 -3.64 61.21
C ARG A 142 73.30 -4.34 60.19
N ARG A 143 74.41 -3.71 59.81
CA ARG A 143 75.37 -4.38 58.92
C ARG A 143 75.99 -5.59 59.61
N ASP A 144 76.30 -5.46 60.90
CA ASP A 144 76.81 -6.60 61.66
C ASP A 144 75.77 -7.72 61.73
N GLN A 145 74.51 -7.36 61.97
CA GLN A 145 73.43 -8.35 61.95
C GLN A 145 73.28 -8.96 60.56
N LYS B 15 15.72 -101.50 -2.63
CA LYS B 15 15.23 -100.12 -2.62
C LYS B 15 13.80 -100.06 -3.12
N ASN B 16 12.97 -99.27 -2.45
CA ASN B 16 11.54 -99.17 -2.78
C ASN B 16 11.04 -97.83 -2.28
N ILE B 17 10.76 -96.91 -3.20
CA ILE B 17 10.27 -95.58 -2.88
C ILE B 17 8.79 -95.53 -3.22
N LYS B 18 7.95 -95.29 -2.21
CA LYS B 18 6.51 -95.19 -2.39
C LYS B 18 5.98 -94.06 -1.54
N ILE B 19 5.26 -93.13 -2.18
CA ILE B 19 4.62 -92.06 -1.44
C ILE B 19 3.41 -92.60 -0.70
N MET B 20 3.05 -91.94 0.40
CA MET B 20 1.85 -92.34 1.13
C MET B 20 1.19 -91.11 1.74
N ARG B 21 -0.10 -91.27 2.04
CA ARG B 21 -0.89 -90.23 2.68
C ARG B 21 -1.30 -90.69 4.07
N LEU B 22 -1.00 -89.89 5.08
CA LEU B 22 -1.28 -90.26 6.46
C LEU B 22 -2.70 -89.86 6.85
N VAL B 23 -3.19 -90.48 7.93
CA VAL B 23 -4.53 -90.15 8.43
C VAL B 23 -4.59 -88.70 8.86
N THR B 24 -3.47 -88.12 9.27
CA THR B 24 -3.44 -86.70 9.60
C THR B 24 -3.77 -85.84 8.39
N GLY B 25 -3.29 -86.25 7.21
CA GLY B 25 -3.56 -85.51 6.00
C GLY B 25 -2.31 -84.94 5.35
N GLU B 26 -1.19 -85.63 5.52
CA GLU B 26 0.09 -85.19 4.99
C GLU B 26 0.68 -86.27 4.10
N ASP B 27 1.62 -85.85 3.24
CA ASP B 27 2.22 -86.72 2.24
C ASP B 27 3.67 -87.02 2.63
N ILE B 28 3.98 -88.31 2.75
CA ILE B 28 5.28 -88.78 3.19
C ILE B 28 5.92 -89.57 2.05
N ILE B 29 7.16 -89.23 1.71
CA ILE B 29 7.92 -89.93 0.70
C ILE B 29 9.22 -90.44 1.30
N GLY B 30 9.54 -91.70 1.03
CA GLY B 30 10.77 -92.27 1.56
C GLY B 30 10.84 -93.75 1.28
N ASN B 31 11.90 -94.36 1.80
CA ASN B 31 12.11 -95.80 1.61
C ASN B 31 11.15 -96.58 2.50
N ILE B 32 10.44 -97.52 1.91
CA ILE B 32 9.35 -98.22 2.60
C ILE B 32 9.66 -99.71 2.64
N SER B 33 9.22 -100.36 3.71
CA SER B 33 9.34 -101.81 3.82
C SER B 33 8.13 -102.33 4.59
N GLU B 34 7.29 -103.11 3.92
CA GLU B 34 6.06 -103.66 4.51
C GLU B 34 6.28 -105.14 4.80
N SER B 35 6.51 -105.47 6.07
CA SER B 35 6.82 -106.83 6.48
C SER B 35 5.59 -107.59 6.97
N GLN B 36 4.96 -107.12 8.05
CA GLN B 36 3.87 -107.85 8.70
C GLN B 36 2.75 -106.88 9.05
N GLY B 37 2.34 -106.07 8.08
CA GLY B 37 1.34 -105.05 8.34
C GLY B 37 1.98 -103.76 8.79
N LEU B 38 2.61 -103.79 9.97
CA LEU B 38 3.41 -102.64 10.41
C LEU B 38 4.56 -102.42 9.43
N ILE B 39 4.78 -101.16 9.06
CA ILE B 39 5.74 -100.84 8.01
C ILE B 39 6.88 -100.03 8.60
N THR B 40 8.04 -100.14 7.96
CA THR B 40 9.25 -99.43 8.34
C THR B 40 9.56 -98.38 7.29
N ILE B 41 9.89 -97.18 7.74
CA ILE B 41 10.12 -96.03 6.87
C ILE B 41 11.51 -95.49 7.15
N LYS B 42 12.28 -95.24 6.09
CA LYS B 42 13.62 -94.68 6.19
C LYS B 42 13.71 -93.42 5.34
N LYS B 43 14.36 -92.40 5.91
CA LYS B 43 14.58 -91.12 5.23
C LYS B 43 13.27 -90.49 4.77
N ALA B 44 12.30 -90.47 5.67
CA ALA B 44 10.98 -89.92 5.36
C ALA B 44 11.05 -88.42 5.17
N PHE B 45 10.22 -87.92 4.25
CA PHE B 45 10.14 -86.49 3.95
C PHE B 45 8.69 -86.08 3.81
N VAL B 46 8.33 -84.97 4.42
CA VAL B 46 7.02 -84.35 4.24
C VAL B 46 7.05 -83.51 2.97
N ILE B 47 6.08 -83.72 2.10
CA ILE B 47 5.97 -82.97 0.86
C ILE B 47 4.98 -81.83 1.09
N ILE B 48 5.46 -80.60 0.97
CA ILE B 48 4.64 -79.41 1.18
C ILE B 48 4.15 -78.93 -0.19
N PRO B 49 2.84 -78.81 -0.41
CA PRO B 49 2.35 -78.33 -1.71
C PRO B 49 2.64 -76.85 -1.91
N MET B 50 3.58 -76.55 -2.80
CA MET B 50 3.96 -75.16 -3.06
C MET B 50 4.69 -75.06 -4.40
N GLN B 59 6.88 -76.17 -8.60
CA GLN B 59 7.96 -76.91 -7.98
C GLN B 59 7.48 -77.63 -6.72
N LEU B 60 8.39 -78.34 -6.06
CA LEU B 60 8.08 -79.08 -4.86
C LEU B 60 9.02 -78.70 -3.74
N VAL B 61 8.52 -78.77 -2.51
CA VAL B 61 9.29 -78.48 -1.31
C VAL B 61 9.21 -79.68 -0.39
N LEU B 62 10.36 -80.11 0.13
CA LEU B 62 10.45 -81.26 1.02
C LEU B 62 11.01 -80.81 2.36
N SER B 63 10.51 -81.41 3.43
CA SER B 63 10.98 -81.10 4.78
C SER B 63 11.20 -82.40 5.54
N PRO B 64 12.04 -82.39 6.57
CA PRO B 64 12.19 -83.59 7.39
C PRO B 64 10.89 -83.95 8.11
N TRP B 65 10.65 -85.25 8.26
CA TRP B 65 9.42 -85.69 8.89
C TRP B 65 9.54 -85.71 10.41
N GLN B 66 10.67 -86.18 10.94
CA GLN B 66 10.88 -86.33 12.37
C GLN B 66 12.17 -85.60 12.74
N PRO B 67 12.13 -84.28 12.85
CA PRO B 67 13.35 -83.51 13.11
C PRO B 67 13.82 -83.54 14.57
N TYR B 68 13.26 -84.42 15.40
CA TYR B 68 13.67 -84.52 16.79
C TYR B 68 14.29 -85.87 17.12
N THR B 69 14.50 -86.74 16.14
CA THR B 69 15.06 -88.06 16.38
C THR B 69 16.17 -88.34 15.38
N ASP B 70 17.14 -89.15 15.80
CA ASP B 70 18.24 -89.58 14.95
C ASP B 70 18.10 -91.02 14.49
N ASP B 71 16.98 -91.67 14.80
CA ASP B 71 16.80 -93.06 14.39
C ASP B 71 16.72 -93.16 12.87
N LYS B 72 17.40 -94.16 12.32
CA LYS B 72 17.40 -94.36 10.87
C LYS B 72 16.03 -94.81 10.38
N GLU B 73 15.38 -95.71 11.12
CA GLU B 73 14.11 -96.29 10.69
C GLU B 73 13.03 -95.97 11.71
N ILE B 74 11.81 -95.76 11.22
CA ILE B 74 10.65 -95.50 12.05
C ILE B 74 9.57 -96.51 11.70
N VAL B 75 8.97 -97.13 12.72
CA VAL B 75 7.99 -98.19 12.52
C VAL B 75 6.61 -97.61 12.81
N ILE B 76 5.69 -97.72 11.85
CA ILE B 76 4.32 -97.27 12.02
C ILE B 76 3.38 -98.42 11.66
N ASP B 77 2.09 -98.20 11.86
CA ASP B 77 1.07 -99.22 11.64
C ASP B 77 0.29 -98.92 10.38
N ASP B 78 0.00 -99.97 9.59
CA ASP B 78 -0.74 -99.81 8.35
C ASP B 78 -2.17 -99.34 8.58
N SER B 79 -2.70 -99.48 9.79
CA SER B 79 -4.03 -99.00 10.09
C SER B 79 -4.10 -97.47 10.15
N GLU B 80 -2.95 -96.80 10.11
CA GLU B 80 -2.89 -95.34 10.24
C GLU B 80 -2.41 -94.67 8.96
N VAL B 81 -2.46 -95.38 7.83
CA VAL B 81 -2.07 -94.83 6.54
C VAL B 81 -3.20 -95.07 5.55
N ILE B 82 -3.53 -94.04 4.77
CA ILE B 82 -4.67 -94.12 3.86
C ILE B 82 -4.27 -94.79 2.55
N THR B 83 -3.37 -94.17 1.81
CA THR B 83 -2.99 -94.64 0.48
C THR B 83 -1.47 -94.74 0.38
N ILE B 84 -1.00 -95.81 -0.26
CA ILE B 84 0.41 -96.03 -0.55
C ILE B 84 0.53 -96.30 -2.04
N THR B 85 1.22 -95.42 -2.76
CA THR B 85 1.31 -95.51 -4.21
C THR B 85 2.68 -95.08 -4.68
N SER B 86 3.09 -95.62 -5.83
CA SER B 86 4.38 -95.25 -6.43
C SER B 86 4.29 -93.87 -7.08
N PRO B 87 5.33 -93.05 -6.96
CA PRO B 87 5.27 -91.69 -7.53
C PRO B 87 5.81 -91.62 -8.95
N LYS B 88 5.69 -90.45 -9.57
CA LYS B 88 6.24 -90.26 -10.91
C LYS B 88 7.74 -89.99 -10.83
N ASP B 89 8.37 -89.91 -12.01
CA ASP B 89 9.83 -89.88 -12.08
C ASP B 89 10.40 -88.53 -11.65
N ASP B 90 9.68 -87.43 -11.91
CA ASP B 90 10.20 -86.11 -11.56
C ASP B 90 10.39 -85.99 -10.05
N ILE B 91 9.42 -86.45 -9.27
CA ILE B 91 9.55 -86.39 -7.82
C ILE B 91 10.67 -87.32 -7.34
N ILE B 92 10.85 -88.46 -8.02
CA ILE B 92 11.95 -89.35 -7.68
C ILE B 92 13.29 -88.65 -7.87
N LYS B 93 13.44 -87.96 -9.00
CA LYS B 93 14.68 -87.23 -9.26
C LYS B 93 14.91 -86.14 -8.22
N SER B 94 13.86 -85.38 -7.90
CA SER B 94 14.01 -84.32 -6.90
C SER B 94 14.38 -84.89 -5.53
N TYR B 95 13.74 -85.99 -5.14
CA TYR B 95 14.02 -86.62 -3.86
C TYR B 95 15.46 -87.13 -3.80
N GLU B 96 15.95 -87.76 -4.88
CA GLU B 96 17.32 -88.24 -4.89
C GLU B 96 18.31 -87.08 -4.82
N SER B 97 18.05 -86.01 -5.57
CA SER B 97 18.93 -84.85 -5.52
C SER B 97 18.99 -84.26 -4.11
N HIS B 98 17.83 -84.11 -3.48
CA HIS B 98 17.81 -83.53 -2.14
C HIS B 98 18.52 -84.42 -1.13
N THR B 99 18.30 -85.74 -1.23
CA THR B 99 18.90 -86.66 -0.26
C THR B 99 20.40 -86.84 -0.47
N ARG B 100 20.92 -86.52 -1.66
CA ARG B 100 22.38 -86.50 -1.77
C ARG B 100 22.97 -85.15 -1.37
N VAL B 101 22.26 -84.05 -1.62
CA VAL B 101 22.75 -82.74 -1.19
C VAL B 101 22.86 -82.68 0.33
N LEU B 102 21.87 -83.23 1.02
CA LEU B 102 21.92 -83.21 2.49
C LEU B 102 23.13 -83.97 3.01
N GLU B 103 23.41 -85.15 2.45
CA GLU B 103 24.57 -85.93 2.88
C GLU B 103 25.87 -85.19 2.59
N ASN B 104 25.96 -84.56 1.40
CA ASN B 104 27.17 -83.82 1.06
C ASN B 104 27.41 -82.68 2.04
N LYS B 105 26.36 -81.94 2.38
CA LYS B 105 26.51 -80.84 3.32
C LYS B 105 26.88 -81.35 4.71
N GLN B 106 26.31 -82.49 5.11
CA GLN B 106 26.67 -83.07 6.40
C GLN B 106 28.15 -83.42 6.47
N VAL B 107 28.66 -84.04 5.41
CA VAL B 107 30.08 -84.39 5.40
C VAL B 107 30.96 -83.14 5.41
N GLU B 108 30.56 -82.12 4.64
CA GLU B 108 31.34 -80.88 4.64
C GLU B 108 31.39 -80.26 6.03
N GLU B 109 30.26 -80.25 6.74
CA GLU B 109 30.25 -79.71 8.09
C GLU B 109 31.10 -80.54 9.05
N ILE B 110 31.12 -81.87 8.87
CA ILE B 110 31.97 -82.71 9.70
C ILE B 110 33.43 -82.35 9.50
N LEU B 111 33.84 -82.17 8.24
CA LEU B 111 35.23 -81.76 7.98
C LEU B 111 35.54 -80.41 8.60
N ARG B 112 34.62 -79.45 8.47
CA ARG B 112 34.83 -78.13 9.06
C ARG B 112 35.04 -78.24 10.57
N LEU B 113 34.17 -78.99 11.24
CA LEU B 113 34.27 -79.12 12.69
C LEU B 113 35.57 -79.79 13.09
N GLU B 114 35.98 -80.85 12.38
CA GLU B 114 37.22 -81.53 12.72
C GLU B 114 38.42 -80.60 12.57
N LYS B 115 38.47 -79.83 11.48
CA LYS B 115 39.58 -78.92 11.27
C LYS B 115 39.62 -77.85 12.36
N GLU B 116 38.46 -77.29 12.72
CA GLU B 116 38.44 -76.27 13.76
C GLU B 116 38.90 -76.83 15.09
N ILE B 117 38.47 -78.06 15.42
CA ILE B 117 38.86 -78.69 16.66
C ILE B 117 40.38 -78.91 16.70
N GLU B 118 40.94 -79.40 15.59
CA GLU B 118 42.38 -79.63 15.55
C GLU B 118 43.15 -78.33 15.73
N ASP B 119 42.73 -77.27 15.04
CA ASP B 119 43.42 -75.98 15.16
C ASP B 119 43.34 -75.45 16.59
N LEU B 120 42.16 -75.51 17.19
CA LEU B 120 42.00 -75.01 18.56
C LEU B 120 42.86 -75.82 19.53
N GLN B 121 42.89 -77.15 19.37
CA GLN B 121 43.69 -77.98 20.26
C GLN B 121 45.16 -77.65 20.13
N ARG B 122 45.65 -77.47 18.90
CA ARG B 122 47.05 -77.14 18.71
C ARG B 122 47.40 -75.79 19.33
N MET B 123 46.54 -74.80 19.13
CA MET B 123 46.82 -73.48 19.69
C MET B 123 46.80 -73.51 21.21
N LYS B 124 45.85 -74.24 21.80
CA LYS B 124 45.81 -74.36 23.25
C LYS B 124 47.04 -75.08 23.77
N GLU B 125 47.51 -76.10 23.06
CA GLU B 125 48.72 -76.80 23.47
C GLU B 125 49.92 -75.86 23.49
N GLN B 126 50.10 -75.08 22.43
CA GLN B 126 51.22 -74.14 22.42
C GLN B 126 51.09 -73.09 23.50
N GLN B 127 49.86 -72.61 23.76
CA GLN B 127 49.69 -71.62 24.81
C GLN B 127 50.01 -72.19 26.18
N GLU B 128 49.60 -73.44 26.43
CA GLU B 128 49.87 -74.07 27.72
C GLU B 128 51.34 -74.43 27.89
N LEU B 129 52.06 -74.64 26.79
CA LEU B 129 53.47 -75.04 26.89
C LEU B 129 54.29 -74.02 27.69
N SER B 130 54.04 -72.73 27.46
CA SER B 130 54.78 -71.67 28.15
C SER B 130 54.07 -71.38 29.48
N LEU B 131 54.54 -72.03 30.54
CA LEU B 131 53.94 -71.85 31.85
C LEU B 131 54.97 -72.21 32.91
N THR B 132 54.72 -71.73 34.13
CA THR B 132 55.61 -71.95 35.25
C THR B 132 55.10 -73.10 36.13
N GLU B 133 55.96 -73.54 37.05
CA GLU B 133 55.63 -74.69 37.89
C GLU B 133 54.48 -74.39 38.82
N ALA B 134 54.53 -73.25 39.52
CA ALA B 134 53.43 -72.89 40.41
C ALA B 134 52.15 -72.65 39.64
N SER B 135 52.25 -72.03 38.45
CA SER B 135 51.08 -71.86 37.60
C SER B 135 50.53 -73.21 37.17
N LEU B 136 51.41 -74.16 36.85
CA LEU B 136 50.95 -75.50 36.49
C LEU B 136 50.22 -76.17 37.64
N GLN B 137 50.74 -76.01 38.86
CA GLN B 137 50.08 -76.58 40.03
C GLN B 137 48.71 -75.96 40.25
N LYS B 138 48.61 -74.64 40.11
CA LYS B 138 47.31 -73.98 40.22
C LYS B 138 46.35 -74.45 39.13
N LEU B 139 46.87 -74.63 37.92
CA LEU B 139 46.07 -75.17 36.82
C LEU B 139 45.49 -76.54 37.18
N GLN B 140 46.35 -77.43 37.68
CA GLN B 140 45.90 -78.77 38.04
C GLN B 140 44.87 -78.72 39.16
N GLU B 141 45.10 -77.88 40.16
CA GLU B 141 44.18 -77.79 41.29
C GLU B 141 42.80 -77.29 40.82
N ARG B 142 42.78 -76.24 40.00
CA ARG B 142 41.50 -75.70 39.57
C ARG B 142 40.81 -76.63 38.59
N ARG B 143 41.57 -77.37 37.78
CA ARG B 143 40.96 -78.39 36.91
C ARG B 143 40.33 -79.50 37.74
N ASP B 144 41.01 -79.90 38.82
CA ASP B 144 40.43 -80.90 39.72
C ASP B 144 39.15 -80.38 40.36
N GLN B 145 39.15 -79.11 40.80
CA GLN B 145 37.94 -78.50 41.33
C GLN B 145 36.86 -78.41 40.26
N LYS C 15 -85.13 -52.52 22.85
CA LYS C 15 -84.07 -51.54 22.58
C LYS C 15 -84.65 -50.14 22.47
N ASN C 16 -83.97 -49.17 23.09
CA ASN C 16 -84.46 -47.80 23.10
C ASN C 16 -83.26 -46.87 23.31
N ILE C 17 -82.87 -46.16 22.27
CA ILE C 17 -81.74 -45.24 22.32
C ILE C 17 -82.28 -43.82 22.36
N LYS C 18 -81.99 -43.10 23.44
CA LYS C 18 -82.42 -41.72 23.61
C LYS C 18 -81.29 -40.91 24.21
N ILE C 19 -80.94 -39.81 23.54
CA ILE C 19 -79.93 -38.92 24.08
C ILE C 19 -80.53 -38.11 25.22
N MET C 20 -79.67 -37.67 26.15
CA MET C 20 -80.14 -36.83 27.24
C MET C 20 -79.05 -35.83 27.62
N ARG C 21 -79.49 -34.76 28.27
CA ARG C 21 -78.61 -33.72 28.77
C ARG C 21 -78.65 -33.70 30.28
N LEU C 22 -77.49 -33.82 30.92
CA LEU C 22 -77.41 -33.88 32.38
C LEU C 22 -77.37 -32.49 32.98
N VAL C 23 -77.69 -32.40 34.27
CA VAL C 23 -77.65 -31.13 34.98
C VAL C 23 -76.24 -30.56 34.99
N THR C 24 -75.22 -31.42 34.92
CA THR C 24 -73.85 -30.96 34.82
C THR C 24 -73.63 -30.17 33.53
N GLY C 25 -74.25 -30.60 32.43
CA GLY C 25 -74.12 -29.92 31.17
C GLY C 25 -73.46 -30.75 30.10
N GLU C 26 -73.65 -32.07 30.16
CA GLU C 26 -73.04 -33.00 29.23
C GLU C 26 -74.12 -33.83 28.55
N ASP C 27 -73.76 -34.41 27.41
CA ASP C 27 -74.69 -35.16 26.58
C ASP C 27 -74.35 -36.65 26.66
N ILE C 28 -75.35 -37.44 27.06
CA ILE C 28 -75.19 -38.88 27.28
C ILE C 28 -76.09 -39.60 26.28
N ILE C 29 -75.52 -40.56 25.56
CA ILE C 29 -76.25 -41.39 24.62
C ILE C 29 -76.07 -42.86 24.99
N GLY C 30 -77.17 -43.60 25.02
CA GLY C 30 -77.10 -45.01 25.36
C GLY C 30 -78.48 -45.60 25.50
N ASN C 31 -78.50 -46.88 25.88
CA ASN C 31 -79.75 -47.60 26.06
C ASN C 31 -80.43 -47.13 27.35
N ILE C 32 -81.70 -46.77 27.25
CA ILE C 32 -82.41 -46.13 28.36
C ILE C 32 -83.61 -46.99 28.75
N SER C 33 -83.93 -46.98 30.04
CA SER C 33 -85.13 -47.67 30.52
C SER C 33 -85.70 -46.86 31.68
N GLU C 34 -86.89 -46.30 31.49
CA GLU C 34 -87.55 -45.46 32.50
C GLU C 34 -88.68 -46.28 33.14
N SER C 35 -88.44 -46.77 34.35
CA SER C 35 -89.40 -47.63 35.03
C SER C 35 -90.29 -46.87 36.02
N GLN C 36 -89.70 -46.26 37.04
CA GLN C 36 -90.44 -45.63 38.12
C GLN C 36 -89.82 -44.27 38.46
N GLY C 37 -89.58 -43.46 37.43
CA GLY C 37 -88.92 -42.19 37.64
C GLY C 37 -87.41 -42.34 37.52
N LEU C 38 -86.82 -43.09 38.46
CA LEU C 38 -85.41 -43.43 38.34
C LEU C 38 -85.19 -44.27 37.09
N ILE C 39 -84.15 -43.95 36.32
CA ILE C 39 -83.93 -44.56 35.02
C ILE C 39 -82.64 -45.37 35.05
N THR C 40 -82.61 -46.38 34.20
CA THR C 40 -81.47 -47.27 34.04
C THR C 40 -80.81 -47.01 32.70
N ILE C 41 -79.50 -46.90 32.69
CA ILE C 41 -78.72 -46.57 31.50
C ILE C 41 -77.71 -47.68 31.26
N LYS C 42 -77.61 -48.12 30.01
CA LYS C 42 -76.67 -49.15 29.60
C LYS C 42 -75.82 -48.64 28.44
N LYS C 43 -74.52 -48.92 28.51
CA LYS C 43 -73.57 -48.54 27.46
C LYS C 43 -73.60 -47.04 27.20
N ALA C 44 -73.56 -46.26 28.27
CA ALA C 44 -73.62 -44.81 28.15
C ALA C 44 -72.33 -44.26 27.53
N PHE C 45 -72.49 -43.20 26.75
CA PHE C 45 -71.36 -42.54 26.09
C PHE C 45 -71.52 -41.03 26.21
N VAL C 46 -70.44 -40.37 26.56
CA VAL C 46 -70.38 -38.91 26.55
C VAL C 46 -70.08 -38.44 25.13
N ILE C 47 -70.88 -37.52 24.62
CA ILE C 47 -70.69 -36.96 23.29
C ILE C 47 -69.92 -35.66 23.43
N ILE C 48 -68.72 -35.60 22.86
CA ILE C 48 -67.87 -34.42 22.91
C ILE C 48 -68.10 -33.62 21.64
N PRO C 49 -68.48 -32.35 21.73
CA PRO C 49 -68.68 -31.55 20.52
C PRO C 49 -67.36 -31.21 19.84
N MET C 50 -67.11 -31.84 18.70
CA MET C 50 -65.86 -31.62 17.96
C MET C 50 -66.01 -32.08 16.51
N GLN C 59 -67.79 -33.93 12.39
CA GLN C 59 -67.88 -35.29 12.89
C GLN C 59 -68.22 -35.30 14.39
N LEU C 60 -68.32 -36.49 14.97
CA LEU C 60 -68.64 -36.65 16.37
C LEU C 60 -67.60 -37.52 17.05
N VAL C 61 -67.39 -37.25 18.35
CA VAL C 61 -66.46 -38.00 19.17
C VAL C 61 -67.22 -38.51 20.38
N LEU C 62 -67.05 -39.79 20.69
CA LEU C 62 -67.72 -40.42 21.82
C LEU C 62 -66.66 -40.94 22.80
N SER C 63 -66.96 -40.87 24.08
CA SER C 63 -66.08 -41.35 25.12
C SER C 63 -66.87 -42.14 26.14
N PRO C 64 -66.24 -43.05 26.88
CA PRO C 64 -66.95 -43.76 27.94
C PRO C 64 -67.41 -42.80 29.02
N TRP C 65 -68.58 -43.10 29.60
CA TRP C 65 -69.14 -42.22 30.62
C TRP C 65 -68.57 -42.54 32.00
N GLN C 66 -68.45 -43.83 32.34
CA GLN C 66 -67.99 -44.26 33.66
C GLN C 66 -66.82 -45.22 33.46
N PRO C 67 -65.63 -44.69 33.20
CA PRO C 67 -64.47 -45.55 32.92
C PRO C 67 -63.84 -46.17 34.15
N TYR C 68 -64.48 -46.11 35.31
CA TYR C 68 -63.95 -46.71 36.54
C TYR C 68 -64.82 -47.84 37.06
N THR C 69 -65.87 -48.23 36.34
CA THR C 69 -66.76 -49.29 36.79
C THR C 69 -67.02 -50.27 35.66
N ASP C 70 -67.27 -51.53 36.04
CA ASP C 70 -67.59 -52.58 35.10
C ASP C 70 -69.07 -52.95 35.11
N ASP C 71 -69.89 -52.22 35.87
CA ASP C 71 -71.32 -52.52 35.93
C ASP C 71 -71.98 -52.29 34.57
N LYS C 72 -72.83 -53.24 34.18
CA LYS C 72 -73.51 -53.11 32.89
C LYS C 72 -74.52 -51.97 32.91
N GLU C 73 -75.26 -51.81 34.00
CA GLU C 73 -76.32 -50.82 34.11
C GLU C 73 -76.03 -49.84 35.23
N ILE C 74 -76.40 -48.59 35.02
CA ILE C 74 -76.25 -47.53 36.01
C ILE C 74 -77.60 -46.88 36.25
N VAL C 75 -77.97 -46.71 37.50
CA VAL C 75 -79.28 -46.19 37.88
C VAL C 75 -79.10 -44.75 38.34
N ILE C 76 -79.84 -43.83 37.71
CA ILE C 76 -79.82 -42.42 38.08
C ILE C 76 -81.26 -41.96 38.31
N ASP C 77 -81.40 -40.72 38.76
CA ASP C 77 -82.70 -40.15 39.10
C ASP C 77 -83.14 -39.15 38.05
N ASP C 78 -84.42 -39.19 37.70
CA ASP C 78 -84.96 -38.28 36.68
C ASP C 78 -84.92 -36.83 37.13
N SER C 79 -84.78 -36.56 38.43
CA SER C 79 -84.67 -35.19 38.89
C SER C 79 -83.34 -34.56 38.53
N GLU C 80 -82.39 -35.33 38.03
CA GLU C 80 -81.05 -34.85 37.72
C GLU C 80 -80.76 -34.86 36.22
N VAL C 81 -81.80 -34.95 35.38
CA VAL C 81 -81.65 -34.92 33.94
C VAL C 81 -82.57 -33.84 33.37
N ILE C 82 -82.05 -33.04 32.44
CA ILE C 82 -82.81 -31.91 31.92
C ILE C 82 -83.74 -32.37 30.80
N THR C 83 -83.17 -32.85 29.70
CA THR C 83 -83.93 -33.21 28.52
C THR C 83 -83.57 -34.61 28.06
N ILE C 84 -84.59 -35.37 27.65
CA ILE C 84 -84.44 -36.71 27.09
C ILE C 84 -85.16 -36.73 25.75
N THR C 85 -84.42 -36.92 24.66
CA THR C 85 -84.99 -36.84 23.33
C THR C 85 -84.35 -37.88 22.42
N SER C 86 -85.10 -38.31 21.40
CA SER C 86 -84.58 -39.25 20.43
C SER C 86 -83.64 -38.56 19.46
N PRO C 87 -82.54 -39.22 19.07
CA PRO C 87 -81.57 -38.56 18.18
C PRO C 87 -81.84 -38.84 16.71
N LYS C 88 -81.07 -38.21 15.83
CA LYS C 88 -81.19 -38.45 14.40
C LYS C 88 -80.46 -39.73 14.01
N ASP C 89 -80.61 -40.12 12.74
CA ASP C 89 -80.14 -41.44 12.31
C ASP C 89 -78.62 -41.49 12.18
N ASP C 90 -77.98 -40.38 11.81
CA ASP C 90 -76.53 -40.39 11.63
C ASP C 90 -75.82 -40.73 12.94
N ILE C 91 -76.26 -40.12 14.03
CA ILE C 91 -75.65 -40.41 15.33
C ILE C 91 -75.94 -41.85 15.74
N ILE C 92 -77.13 -42.35 15.40
CA ILE C 92 -77.45 -43.75 15.68
C ILE C 92 -76.47 -44.68 14.98
N LYS C 93 -76.21 -44.40 13.69
CA LYS C 93 -75.27 -45.22 12.93
C LYS C 93 -73.88 -45.15 13.53
N SER C 94 -73.42 -43.95 13.88
CA SER C 94 -72.09 -43.81 14.46
C SER C 94 -71.98 -44.55 15.79
N TYR C 95 -73.03 -44.44 16.63
CA TYR C 95 -73.02 -45.11 17.92
C TYR C 95 -72.99 -46.63 17.75
N GLU C 96 -73.78 -47.16 16.82
CA GLU C 96 -73.76 -48.60 16.60
C GLU C 96 -72.41 -49.08 16.09
N SER C 97 -71.82 -48.33 15.16
CA SER C 97 -70.50 -48.69 14.65
C SER C 97 -69.46 -48.71 15.77
N HIS C 98 -69.47 -47.67 16.61
CA HIS C 98 -68.49 -47.61 17.68
C HIS C 98 -68.70 -48.74 18.69
N THR C 99 -69.96 -49.02 19.03
CA THR C 99 -70.24 -50.05 20.03
C THR C 99 -69.99 -51.45 19.51
N ARG C 100 -69.97 -51.66 18.19
CA ARG C 100 -69.53 -52.97 17.71
C ARG C 100 -68.01 -53.06 17.55
N VAL C 101 -67.36 -51.95 17.18
CA VAL C 101 -65.90 -51.95 17.09
C VAL C 101 -65.27 -52.22 18.45
N LEU C 102 -65.82 -51.62 19.51
CA LEU C 102 -65.27 -51.85 20.84
C LEU C 102 -65.36 -53.33 21.23
N GLU C 103 -66.52 -53.95 20.98
CA GLU C 103 -66.67 -55.37 21.29
C GLU C 103 -65.72 -56.24 20.49
N ASN C 104 -65.56 -55.93 19.19
CA ASN C 104 -64.65 -56.70 18.36
C ASN C 104 -63.22 -56.62 18.89
N LYS C 105 -62.79 -55.41 19.25
CA LYS C 105 -61.43 -55.24 19.78
C LYS C 105 -61.27 -55.97 21.11
N GLN C 106 -62.30 -55.94 21.95
CA GLN C 106 -62.25 -56.65 23.22
C GLN C 106 -62.06 -58.15 23.00
N VAL C 107 -62.82 -58.72 22.07
CA VAL C 107 -62.69 -60.16 21.79
C VAL C 107 -61.30 -60.48 21.24
N GLU C 108 -60.80 -59.63 20.34
CA GLU C 108 -59.47 -59.86 19.79
C GLU C 108 -58.41 -59.85 20.88
N GLU C 109 -58.51 -58.91 21.82
CA GLU C 109 -57.55 -58.87 22.92
C GLU C 109 -57.67 -60.09 23.83
N ILE C 110 -58.90 -60.59 24.03
CA ILE C 110 -59.08 -61.80 24.82
C ILE C 110 -58.37 -62.98 24.17
N LEU C 111 -58.52 -63.12 22.85
CA LEU C 111 -57.82 -64.19 22.14
C LEU C 111 -56.31 -64.04 22.26
N ARG C 112 -55.80 -62.81 22.09
CA ARG C 112 -54.36 -62.59 22.22
C ARG C 112 -53.86 -63.01 23.59
N LEU C 113 -54.56 -62.60 24.65
CA LEU C 113 -54.12 -62.93 26.00
C LEU C 113 -54.16 -64.43 26.23
N GLU C 114 -55.21 -65.11 25.76
CA GLU C 114 -55.29 -66.55 25.96
C GLU C 114 -54.15 -67.28 25.26
N LYS C 115 -53.85 -66.87 24.01
CA LYS C 115 -52.76 -67.51 23.28
C LYS C 115 -51.43 -67.29 23.98
N GLU C 116 -51.17 -66.06 24.44
CA GLU C 116 -49.92 -65.78 25.13
C GLU C 116 -49.80 -66.60 26.41
N ILE C 117 -50.89 -66.72 27.16
CA ILE C 117 -50.87 -67.49 28.40
C ILE C 117 -50.58 -68.95 28.11
N GLU C 118 -51.22 -69.51 27.08
CA GLU C 118 -50.98 -70.91 26.73
C GLU C 118 -49.53 -71.14 26.33
N ASP C 119 -48.98 -70.25 25.50
CA ASP C 119 -47.59 -70.42 25.09
C ASP C 119 -46.63 -70.32 26.27
N LEU C 120 -46.84 -69.35 27.15
CA LEU C 120 -45.98 -69.20 28.31
C LEU C 120 -46.07 -70.40 29.23
N GLN C 121 -47.28 -70.92 29.44
CA GLN C 121 -47.44 -72.09 30.29
C GLN C 121 -46.73 -73.31 29.72
N ARG C 122 -46.86 -73.52 28.41
CA ARG C 122 -46.19 -74.65 27.77
C ARG C 122 -44.67 -74.53 27.89
N MET C 123 -44.14 -73.34 27.63
CA MET C 123 -42.69 -73.15 27.69
C MET C 123 -42.19 -73.35 29.12
N LYS C 124 -42.92 -72.84 30.11
CA LYS C 124 -42.53 -73.05 31.51
C LYS C 124 -42.57 -74.53 31.87
N GLU C 125 -43.58 -75.25 31.38
CA GLU C 125 -43.67 -76.68 31.67
C GLU C 125 -42.46 -77.42 31.11
N GLN C 126 -42.09 -77.14 29.86
CA GLN C 126 -40.91 -77.80 29.30
C GLN C 126 -39.64 -77.42 30.04
N GLN C 127 -39.52 -76.15 30.45
CA GLN C 127 -38.33 -75.74 31.19
C GLN C 127 -38.24 -76.44 32.54
N GLU C 128 -39.38 -76.59 33.23
CA GLU C 128 -39.39 -77.24 34.53
C GLU C 128 -39.19 -78.75 34.42
N LEU C 129 -39.53 -79.34 33.28
CA LEU C 129 -39.39 -80.80 33.13
C LEU C 129 -37.97 -81.25 33.37
N SER C 130 -36.99 -80.50 32.86
CA SER C 130 -35.57 -80.86 33.01
C SER C 130 -35.06 -80.28 34.33
N LEU C 131 -35.12 -81.10 35.38
CA LEU C 131 -34.68 -80.66 36.70
C LEU C 131 -34.28 -81.87 37.52
N THR C 132 -33.51 -81.63 38.57
CA THR C 132 -33.02 -82.67 39.46
C THR C 132 -33.89 -82.77 40.71
N GLU C 133 -33.67 -83.84 41.47
CA GLU C 133 -34.49 -84.09 42.65
C GLU C 133 -34.26 -83.05 43.73
N ALA C 134 -33.00 -82.75 44.05
CA ALA C 134 -32.70 -81.72 45.04
C ALA C 134 -33.19 -80.35 44.57
N SER C 135 -33.02 -80.06 43.28
CA SER C 135 -33.55 -78.82 42.74
C SER C 135 -35.06 -78.76 42.86
N LEU C 136 -35.74 -79.89 42.62
CA LEU C 136 -37.18 -79.93 42.77
C LEU C 136 -37.59 -79.69 44.22
N GLN C 137 -36.85 -80.26 45.17
CA GLN C 137 -37.16 -80.02 46.58
C GLN C 137 -36.97 -78.56 46.95
N LYS C 138 -35.89 -77.94 46.47
CA LYS C 138 -35.69 -76.52 46.73
C LYS C 138 -36.79 -75.67 46.09
N LEU C 139 -37.21 -76.06 44.88
CA LEU C 139 -38.33 -75.40 44.22
C LEU C 139 -39.58 -75.44 45.09
N GLN C 140 -39.92 -76.63 45.59
CA GLN C 140 -41.11 -76.78 46.41
C GLN C 140 -41.00 -75.97 47.70
N GLU C 141 -39.82 -75.99 48.33
CA GLU C 141 -39.64 -75.25 49.57
C GLU C 141 -39.80 -73.75 49.35
N ARG C 142 -39.18 -73.23 48.29
CA ARG C 142 -39.26 -71.79 48.06
C ARG C 142 -40.66 -71.38 47.60
N ARG C 143 -41.35 -72.25 46.86
CA ARG C 143 -42.74 -71.96 46.50
C ARG C 143 -43.62 -71.93 47.75
N ASP C 144 -43.39 -72.85 48.69
CA ASP C 144 -44.11 -72.82 49.95
C ASP C 144 -43.83 -71.53 50.73
N GLN C 145 -42.58 -71.11 50.77
CA GLN C 145 -42.22 -69.85 51.39
C GLN C 145 -42.87 -68.68 50.65
N LYS D 15 -64.79 55.07 57.68
CA LYS D 15 -63.70 54.51 56.90
C LYS D 15 -62.70 55.59 56.53
N ASN D 16 -61.40 55.26 56.65
CA ASN D 16 -60.34 56.23 56.40
C ASN D 16 -59.09 55.46 56.02
N ILE D 17 -58.71 55.50 54.75
CA ILE D 17 -57.53 54.81 54.24
C ILE D 17 -56.44 55.85 54.01
N LYS D 18 -55.31 55.69 54.72
CA LYS D 18 -54.18 56.59 54.59
C LYS D 18 -52.89 55.79 54.62
N ILE D 19 -52.06 55.97 53.60
CA ILE D 19 -50.77 55.30 53.59
C ILE D 19 -49.84 56.02 54.56
N MET D 20 -48.85 55.28 55.07
CA MET D 20 -47.87 55.87 55.95
C MET D 20 -46.52 55.22 55.74
N ARG D 21 -45.48 55.93 56.14
CA ARG D 21 -44.10 55.45 56.07
C ARG D 21 -43.56 55.30 57.49
N LEU D 22 -43.06 54.11 57.81
CA LEU D 22 -42.57 53.83 59.14
C LEU D 22 -41.10 54.22 59.29
N VAL D 23 -40.68 54.38 60.54
CA VAL D 23 -39.28 54.72 60.82
C VAL D 23 -38.35 53.65 60.30
N THR D 24 -38.82 52.41 60.22
CA THR D 24 -38.00 51.34 59.65
C THR D 24 -37.71 51.61 58.18
N GLY D 25 -38.68 52.16 57.46
CA GLY D 25 -38.49 52.47 56.05
C GLY D 25 -39.41 51.68 55.14
N GLU D 26 -40.60 51.36 55.63
CA GLU D 26 -41.56 50.58 54.88
C GLU D 26 -42.88 51.33 54.77
N ASP D 27 -43.68 50.94 53.80
CA ASP D 27 -44.94 51.60 53.48
C ASP D 27 -46.11 50.74 53.89
N ILE D 28 -46.97 51.28 54.75
CA ILE D 28 -48.10 50.57 55.32
C ILE D 28 -49.39 51.24 54.83
N ILE D 29 -50.31 50.45 54.31
CA ILE D 29 -51.61 50.94 53.85
C ILE D 29 -52.70 50.16 54.59
N GLY D 30 -53.69 50.89 55.11
CA GLY D 30 -54.78 50.25 55.81
C GLY D 30 -55.69 51.27 56.46
N ASN D 31 -56.67 50.74 57.19
CA ASN D 31 -57.63 51.60 57.87
C ASN D 31 -56.97 52.21 59.10
N ILE D 32 -57.09 53.54 59.23
CA ILE D 32 -56.34 54.28 60.25
C ILE D 32 -57.33 55.00 61.15
N SER D 33 -56.97 55.13 62.43
CA SER D 33 -57.76 55.91 63.38
C SER D 33 -56.81 56.58 64.35
N GLU D 34 -56.76 57.91 64.32
CA GLU D 34 -55.87 58.69 65.18
C GLU D 34 -56.70 59.34 66.29
N SER D 35 -56.64 58.76 67.49
CA SER D 35 -57.44 59.22 68.62
C SER D 35 -56.69 60.19 69.53
N GLN D 36 -55.60 59.75 70.14
CA GLN D 36 -54.89 60.52 71.15
C GLN D 36 -53.39 60.43 70.91
N GLY D 37 -52.97 60.65 69.67
CA GLY D 37 -51.56 60.50 69.32
C GLY D 37 -51.27 59.08 68.88
N LEU D 38 -51.41 58.13 69.81
CA LEU D 38 -51.31 56.72 69.44
C LEU D 38 -52.43 56.38 68.48
N ILE D 39 -52.09 55.65 67.41
CA ILE D 39 -53.03 55.39 66.34
C ILE D 39 -53.33 53.90 66.27
N THR D 40 -54.52 53.59 65.76
CA THR D 40 -55.01 52.23 65.58
C THR D 40 -55.06 51.92 64.10
N ILE D 41 -54.56 50.74 63.73
CA ILE D 41 -54.45 50.32 62.33
C ILE D 41 -55.19 49.01 62.18
N LYS D 42 -56.01 48.91 61.14
CA LYS D 42 -56.77 47.71 60.81
C LYS D 42 -56.46 47.29 59.38
N LYS D 43 -56.28 45.98 59.18
CA LYS D 43 -56.03 45.39 57.86
C LYS D 43 -54.81 46.02 57.19
N ALA D 44 -53.73 46.15 57.95
CA ALA D 44 -52.52 46.76 57.44
C ALA D 44 -51.86 45.87 56.39
N PHE D 45 -51.26 46.51 55.40
CA PHE D 45 -50.56 45.83 54.32
C PHE D 45 -49.25 46.53 54.03
N VAL D 46 -48.19 45.75 53.88
CA VAL D 46 -46.89 46.24 53.43
C VAL D 46 -46.90 46.33 51.91
N ILE D 47 -46.53 47.49 51.39
CA ILE D 47 -46.46 47.70 49.94
C ILE D 47 -45.02 47.48 49.50
N ILE D 48 -44.81 46.48 48.65
CA ILE D 48 -43.49 46.13 48.15
C ILE D 48 -43.31 46.81 46.80
N PRO D 49 -42.28 47.64 46.61
CA PRO D 49 -42.07 48.28 45.31
C PRO D 49 -41.60 47.30 44.25
N MET D 50 -42.49 46.97 43.32
CA MET D 50 -42.18 46.02 42.26
C MET D 50 -43.14 46.17 41.09
N GLN D 59 -46.82 47.65 38.27
CA GLN D 59 -47.86 47.15 39.15
C GLN D 59 -47.43 47.26 40.61
N LEU D 60 -48.30 46.81 41.52
CA LEU D 60 -48.03 46.87 42.95
C LEU D 60 -48.23 45.49 43.56
N VAL D 61 -47.46 45.23 44.62
CA VAL D 61 -47.53 43.99 45.37
C VAL D 61 -47.77 44.32 46.83
N LEU D 62 -48.74 43.64 47.43
CA LEU D 62 -49.10 43.85 48.83
C LEU D 62 -48.88 42.57 49.61
N SER D 63 -48.45 42.70 50.85
CA SER D 63 -48.21 41.57 51.74
C SER D 63 -48.80 41.86 53.10
N PRO D 64 -49.12 40.84 53.88
CA PRO D 64 -49.58 41.07 55.25
C PRO D 64 -48.49 41.73 56.10
N TRP D 65 -48.92 42.60 57.01
CA TRP D 65 -47.96 43.31 57.84
C TRP D 65 -47.56 42.49 59.06
N GLN D 66 -48.53 41.85 59.71
CA GLN D 66 -48.30 41.08 60.94
C GLN D 66 -48.84 39.67 60.74
N PRO D 67 -48.10 38.82 60.03
CA PRO D 67 -48.59 37.47 59.73
C PRO D 67 -48.50 36.49 60.89
N TYR D 68 -48.23 36.95 62.11
CA TYR D 68 -48.15 36.07 63.27
C TYR D 68 -49.23 36.36 64.30
N THR D 69 -50.15 37.28 64.03
CA THR D 69 -51.20 37.64 64.97
C THR D 69 -52.55 37.65 64.28
N ASP D 70 -53.59 37.35 65.06
CA ASP D 70 -54.96 37.37 64.56
C ASP D 70 -55.74 38.59 65.06
N ASP D 71 -55.08 39.51 65.76
CA ASP D 71 -55.78 40.69 66.26
C ASP D 71 -56.26 41.57 65.11
N LYS D 72 -57.50 42.04 65.23
CA LYS D 72 -58.07 42.88 64.19
C LYS D 72 -57.37 44.24 64.12
N GLU D 73 -57.07 44.83 65.28
CA GLU D 73 -56.50 46.16 65.35
C GLU D 73 -55.14 46.12 66.04
N ILE D 74 -54.23 46.96 65.57
CA ILE D 74 -52.89 47.08 66.16
C ILE D 74 -52.66 48.54 66.52
N VAL D 75 -52.18 48.78 67.74
CA VAL D 75 -51.98 50.13 68.25
C VAL D 75 -50.49 50.46 68.22
N ILE D 76 -50.15 51.55 67.56
CA ILE D 76 -48.77 52.02 67.50
C ILE D 76 -48.73 53.49 67.93
N ASP D 77 -47.52 54.03 68.04
CA ASP D 77 -47.30 55.39 68.52
C ASP D 77 -46.94 56.31 67.35
N ASP D 78 -47.51 57.52 67.37
CA ASP D 78 -47.24 58.49 66.33
C ASP D 78 -45.79 58.94 66.28
N SER D 79 -45.05 58.75 67.38
CA SER D 79 -43.63 59.10 67.39
C SER D 79 -42.79 58.17 66.54
N GLU D 80 -43.37 57.07 66.05
CA GLU D 80 -42.64 56.07 65.28
C GLU D 80 -43.09 56.00 63.83
N VAL D 81 -43.79 57.02 63.35
CA VAL D 81 -44.24 57.09 61.96
C VAL D 81 -43.78 58.42 61.37
N ILE D 82 -43.26 58.37 60.15
CA ILE D 82 -42.69 59.56 59.52
C ILE D 82 -43.78 60.39 58.86
N THR D 83 -44.42 59.83 57.84
CA THR D 83 -45.40 60.55 57.04
C THR D 83 -46.69 59.76 56.94
N ILE D 84 -47.82 60.46 57.04
CA ILE D 84 -49.15 59.88 56.87
C ILE D 84 -49.88 60.72 55.83
N THR D 85 -50.20 60.11 54.69
CA THR D 85 -50.80 60.85 53.59
C THR D 85 -51.84 59.98 52.88
N SER D 86 -52.81 60.64 52.25
CA SER D 86 -53.84 59.94 51.49
C SER D 86 -53.28 59.46 50.16
N PRO D 87 -53.66 58.26 49.70
CA PRO D 87 -53.10 57.74 48.44
C PRO D 87 -53.96 58.08 47.24
N LYS D 88 -53.48 57.73 46.04
CA LYS D 88 -54.24 57.94 44.83
C LYS D 88 -55.28 56.84 44.66
N ASP D 89 -56.13 56.99 43.63
CA ASP D 89 -57.29 56.12 43.49
C ASP D 89 -56.92 54.73 43.00
N ASP D 90 -55.88 54.61 42.18
CA ASP D 90 -55.50 53.31 41.65
C ASP D 90 -55.10 52.35 42.77
N ILE D 91 -54.30 52.83 43.73
CA ILE D 91 -53.91 52.00 44.85
C ILE D 91 -55.11 51.67 45.72
N ILE D 92 -56.05 52.61 45.85
CA ILE D 92 -57.27 52.32 46.60
C ILE D 92 -58.04 51.17 45.96
N LYS D 93 -58.18 51.21 44.64
CA LYS D 93 -58.88 50.15 43.93
C LYS D 93 -58.17 48.80 44.11
N SER D 94 -56.84 48.80 43.97
CA SER D 94 -56.09 47.56 44.13
C SER D 94 -56.23 47.01 45.55
N TYR D 95 -56.16 47.89 46.54
CA TYR D 95 -56.29 47.46 47.93
C TYR D 95 -57.66 46.88 48.21
N GLU D 96 -58.71 47.52 47.70
CA GLU D 96 -60.06 47.00 47.91
C GLU D 96 -60.24 45.64 47.23
N SER D 97 -59.72 45.50 46.00
CA SER D 97 -59.83 44.23 45.30
C SER D 97 -59.12 43.13 46.07
N HIS D 98 -57.90 43.41 46.56
CA HIS D 98 -57.15 42.40 47.29
C HIS D 98 -57.84 42.02 48.59
N THR D 99 -58.37 43.03 49.31
CA THR D 99 -58.99 42.76 50.60
C THR D 99 -60.34 42.07 50.46
N ARG D 100 -60.99 42.14 49.29
CA ARG D 100 -62.17 41.31 49.11
C ARG D 100 -61.84 39.91 48.61
N VAL D 101 -60.79 39.78 47.79
CA VAL D 101 -60.38 38.45 47.33
C VAL D 101 -59.93 37.60 48.51
N LEU D 102 -59.19 38.18 49.45
CA LEU D 102 -58.74 37.42 50.61
C LEU D 102 -59.92 36.89 51.42
N GLU D 103 -60.93 37.74 51.66
CA GLU D 103 -62.10 37.31 52.40
C GLU D 103 -62.86 36.21 51.66
N ASN D 104 -63.00 36.36 50.34
CA ASN D 104 -63.71 35.34 49.55
C ASN D 104 -63.00 33.99 49.66
N LYS D 105 -61.66 34.00 49.54
CA LYS D 105 -60.92 32.75 49.63
C LYS D 105 -61.00 32.16 51.03
N GLN D 106 -61.01 33.00 52.05
CA GLN D 106 -61.16 32.51 53.42
C GLN D 106 -62.50 31.79 53.61
N VAL D 107 -63.57 32.40 53.10
CA VAL D 107 -64.89 31.78 53.23
C VAL D 107 -64.95 30.46 52.46
N GLU D 108 -64.36 30.44 51.25
CA GLU D 108 -64.35 29.21 50.47
C GLU D 108 -63.61 28.09 51.22
N GLU D 109 -62.48 28.42 51.84
CA GLU D 109 -61.76 27.40 52.59
C GLU D 109 -62.55 26.94 53.81
N ILE D 110 -63.28 27.84 54.46
CA ILE D 110 -64.12 27.45 55.59
C ILE D 110 -65.17 26.43 55.13
N LEU D 111 -65.82 26.70 54.00
CA LEU D 111 -66.80 25.74 53.48
C LEU D 111 -66.14 24.40 53.16
N ARG D 112 -64.97 24.42 52.52
CA ARG D 112 -64.27 23.18 52.20
C ARG D 112 -64.00 22.37 53.46
N LEU D 113 -63.47 23.03 54.51
CA LEU D 113 -63.14 22.32 55.74
C LEU D 113 -64.39 21.75 56.39
N GLU D 114 -65.48 22.52 56.42
CA GLU D 114 -66.70 22.03 57.05
C GLU D 114 -67.23 20.80 56.31
N LYS D 115 -67.23 20.84 54.97
CA LYS D 115 -67.72 19.70 54.20
C LYS D 115 -66.86 18.46 54.44
N GLU D 116 -65.54 18.64 54.45
CA GLU D 116 -64.66 17.50 54.68
C GLU D 116 -64.87 16.91 56.07
N ILE D 117 -65.04 17.77 57.08
CA ILE D 117 -65.27 17.30 58.45
C ILE D 117 -66.57 16.51 58.51
N GLU D 118 -67.63 17.03 57.89
CA GLU D 118 -68.91 16.32 57.92
C GLU D 118 -68.81 14.95 57.25
N ASP D 119 -68.15 14.90 56.09
CA ASP D 119 -68.01 13.62 55.39
C ASP D 119 -67.21 12.62 56.22
N LEU D 120 -66.10 13.07 56.81
CA LEU D 120 -65.28 12.17 57.61
C LEU D 120 -66.04 11.67 58.82
N GLN D 121 -66.79 12.56 59.48
CA GLN D 121 -67.56 12.15 60.65
C GLN D 121 -68.62 11.12 60.29
N ARG D 122 -69.31 11.34 59.17
CA ARG D 122 -70.33 10.38 58.74
C ARG D 122 -69.72 9.02 58.43
N MET D 123 -68.59 9.02 57.71
CA MET D 123 -67.95 7.75 57.36
C MET D 123 -67.45 7.02 58.60
N LYS D 124 -66.87 7.76 59.55
CA LYS D 124 -66.43 7.14 60.80
C LYS D 124 -67.61 6.57 61.58
N GLU D 125 -68.74 7.28 61.58
CA GLU D 125 -69.92 6.78 62.29
C GLU D 125 -70.39 5.46 61.68
N GLN D 126 -70.48 5.40 60.36
CA GLN D 126 -70.90 4.14 59.72
C GLN D 126 -69.90 3.03 59.98
N GLN D 127 -68.60 3.34 59.96
CA GLN D 127 -67.60 2.31 60.22
C GLN D 127 -67.70 1.79 61.65
N GLU D 128 -67.94 2.68 62.61
CA GLU D 128 -68.05 2.27 64.01
C GLU D 128 -69.34 1.52 64.28
N LEU D 129 -70.40 1.77 63.48
CA LEU D 129 -71.68 1.11 63.74
C LEU D 129 -71.54 -0.41 63.72
N SER D 130 -70.77 -0.96 62.79
CA SER D 130 -70.59 -2.40 62.67
C SER D 130 -69.45 -2.82 63.60
N LEU D 131 -69.80 -3.23 64.81
CA LEU D 131 -68.81 -3.63 65.79
C LEU D 131 -69.45 -4.57 66.80
N THR D 132 -68.61 -5.31 67.51
CA THR D 132 -69.07 -6.28 68.51
C THR D 132 -68.96 -5.69 69.91
N GLU D 133 -69.56 -6.40 70.87
CA GLU D 133 -69.62 -5.90 72.24
C GLU D 133 -68.23 -5.85 72.87
N ALA D 134 -67.47 -6.95 72.76
CA ALA D 134 -66.12 -6.96 73.30
C ALA D 134 -65.23 -5.93 72.60
N SER D 135 -65.39 -5.79 71.28
CA SER D 135 -64.65 -4.77 70.55
C SER D 135 -65.03 -3.37 71.03
N LEU D 136 -66.32 -3.15 71.30
CA LEU D 136 -66.76 -1.87 71.83
C LEU D 136 -66.15 -1.59 73.21
N GLN D 137 -66.08 -2.61 74.06
CA GLN D 137 -65.46 -2.44 75.37
C GLN D 137 -63.98 -2.10 75.24
N LYS D 138 -63.27 -2.79 74.34
CA LYS D 138 -61.86 -2.48 74.11
C LYS D 138 -61.70 -1.06 73.57
N LEU D 139 -62.60 -0.65 72.67
CA LEU D 139 -62.60 0.70 72.15
C LEU D 139 -62.73 1.72 73.28
N GLN D 140 -63.69 1.51 74.17
CA GLN D 140 -63.90 2.43 75.28
C GLN D 140 -62.68 2.48 76.19
N GLU D 141 -62.11 1.30 76.50
CA GLU D 141 -60.95 1.25 77.38
C GLU D 141 -59.76 2.00 76.78
N ARG D 142 -59.49 1.76 75.50
CA ARG D 142 -58.33 2.42 74.89
C ARG D 142 -58.58 3.91 74.70
N ARG D 143 -59.82 4.32 74.45
CA ARG D 143 -60.14 5.74 74.40
C ARG D 143 -59.94 6.40 75.75
N ASP D 144 -60.32 5.70 76.83
CA ASP D 144 -60.07 6.22 78.17
C ASP D 144 -58.58 6.35 78.43
N GLN D 145 -57.80 5.35 78.04
CA GLN D 145 -56.35 5.42 78.16
C GLN D 145 -55.79 6.56 77.29
N LYS E 15 48.73 72.77 53.66
CA LYS E 15 48.30 71.65 52.82
C LYS E 15 49.43 71.19 51.92
N ASN E 16 49.59 69.87 51.81
CA ASN E 16 50.68 69.30 51.02
C ASN E 16 50.27 67.90 50.58
N ILE E 17 49.97 67.74 49.30
CA ILE E 17 49.54 66.45 48.74
C ILE E 17 50.71 65.87 47.95
N LYS E 18 51.19 64.71 48.37
CA LYS E 18 52.29 64.03 47.71
C LYS E 18 52.00 62.54 47.64
N ILE E 19 52.06 61.98 46.44
CA ILE E 19 51.88 60.55 46.29
C ILE E 19 53.15 59.84 46.76
N MET E 20 52.99 58.59 47.19
CA MET E 20 54.15 57.80 47.59
C MET E 20 53.92 56.33 47.25
N ARG E 21 55.02 55.60 47.15
CA ARG E 21 55.00 54.18 46.88
C ARG E 21 55.57 53.43 48.09
N LEU E 22 54.79 52.49 48.62
CA LEU E 22 55.18 51.76 49.81
C LEU E 22 56.05 50.56 49.46
N VAL E 23 56.77 50.06 50.46
CA VAL E 23 57.62 48.88 50.27
C VAL E 23 56.78 47.67 49.88
N THR E 24 55.52 47.65 50.28
CA THR E 24 54.63 46.57 49.86
C THR E 24 54.43 46.59 48.35
N GLY E 25 54.35 47.78 47.76
CA GLY E 25 54.17 47.91 46.33
C GLY E 25 52.85 48.56 45.94
N GLU E 26 52.37 49.46 46.78
CA GLU E 26 51.10 50.14 46.56
C GLU E 26 51.32 51.65 46.57
N ASP E 27 50.36 52.37 45.98
CA ASP E 27 50.43 53.80 45.81
C ASP E 27 49.44 54.49 46.75
N ILE E 28 49.97 55.38 47.59
CA ILE E 28 49.19 56.08 48.61
C ILE E 28 49.20 57.56 48.29
N ILE E 29 48.02 58.17 48.26
CA ILE E 29 47.88 59.60 48.03
C ILE E 29 47.13 60.22 49.20
N GLY E 30 47.63 61.33 49.71
CA GLY E 30 46.97 61.99 50.82
C GLY E 30 47.82 63.13 51.35
N ASN E 31 47.31 63.74 52.42
CA ASN E 31 48.01 64.86 53.05
C ASN E 31 49.21 64.34 53.84
N ILE E 32 50.37 64.92 53.60
CA ILE E 32 51.63 64.40 54.14
C ILE E 32 52.28 65.46 55.01
N SER E 33 52.97 65.01 56.06
CA SER E 33 53.74 65.92 56.91
C SER E 33 54.98 65.19 57.39
N GLU E 34 56.16 65.65 56.95
CA GLU E 34 57.43 65.02 57.29
C GLU E 34 58.13 65.89 58.33
N SER E 35 58.09 65.45 59.59
CA SER E 35 58.64 66.22 60.71
C SER E 35 60.07 65.79 61.07
N GLN E 36 60.24 64.54 61.50
CA GLN E 36 61.51 64.06 62.03
C GLN E 36 61.82 62.68 61.46
N GLY E 37 61.69 62.54 60.14
CA GLY E 37 61.87 61.25 59.52
C GLY E 37 60.56 60.49 59.45
N LEU E 38 60.02 60.13 60.61
CA LEU E 38 58.69 59.55 60.66
C LEU E 38 57.68 60.57 60.15
N ILE E 39 56.76 60.11 59.30
CA ILE E 39 55.85 61.01 58.61
C ILE E 39 54.42 60.73 59.06
N THR E 40 53.59 61.77 58.97
CA THR E 40 52.18 61.71 59.33
C THR E 40 51.35 61.83 58.06
N ILE E 41 50.35 60.96 57.94
CA ILE E 41 49.51 60.89 56.75
C ILE E 41 48.07 61.08 57.17
N LYS E 42 47.34 61.93 56.43
CA LYS E 42 45.94 62.21 56.68
C LYS E 42 45.14 61.95 55.40
N LYS E 43 43.99 61.30 55.56
CA LYS E 43 43.07 61.02 54.46
C LYS E 43 43.77 60.23 53.34
N ALA E 44 44.49 59.19 53.74
CA ALA E 44 45.22 58.38 52.78
C ALA E 44 44.27 57.58 51.90
N PHE E 45 44.67 57.40 50.64
CA PHE E 45 43.90 56.64 49.68
C PHE E 45 44.82 55.74 48.87
N VAL E 46 44.41 54.48 48.71
CA VAL E 46 45.10 53.55 47.82
C VAL E 46 44.62 53.79 46.39
N ILE E 47 45.57 53.95 45.48
CA ILE E 47 45.26 54.16 44.07
C ILE E 47 45.35 52.81 43.37
N ILE E 48 44.24 52.34 42.82
CA ILE E 48 44.17 51.06 42.13
C ILE E 48 44.33 51.33 40.64
N PRO E 49 45.31 50.72 39.97
CA PRO E 49 45.47 50.95 38.52
C PRO E 49 44.37 50.28 37.71
N MET E 50 43.46 51.09 37.16
CA MET E 50 42.35 50.57 36.39
C MET E 50 41.75 51.66 35.51
N GLN E 59 40.87 55.96 33.39
CA GLN E 59 40.42 56.60 34.61
C GLN E 59 41.17 56.07 35.82
N LEU E 60 40.84 56.57 37.01
CA LEU E 60 41.49 56.17 38.25
C LEU E 60 40.45 55.74 39.27
N VAL E 61 40.84 54.81 40.11
CA VAL E 61 39.99 54.30 41.19
C VAL E 61 40.74 54.46 42.51
N LEU E 62 40.06 55.02 43.50
CA LEU E 62 40.65 55.24 44.82
C LEU E 62 39.87 54.45 45.85
N SER E 63 40.58 53.94 46.86
CA SER E 63 39.97 53.18 47.94
C SER E 63 40.54 53.65 49.27
N PRO E 64 39.82 53.46 50.36
CA PRO E 64 40.37 53.81 51.67
C PRO E 64 41.59 52.95 51.99
N TRP E 65 42.56 53.57 52.69
CA TRP E 65 43.79 52.84 53.01
C TRP E 65 43.63 52.01 54.28
N GLN E 66 42.99 52.56 55.31
CA GLN E 66 42.84 51.90 56.60
C GLN E 66 41.37 51.89 56.96
N PRO E 67 40.59 50.98 56.38
CA PRO E 67 39.15 50.94 56.61
C PRO E 67 38.74 50.34 57.94
N TYR E 68 39.67 50.12 58.87
CA TYR E 68 39.35 49.56 60.18
C TYR E 68 39.64 50.52 61.32
N THR E 69 40.03 51.75 61.03
CA THR E 69 40.36 52.72 62.06
C THR E 69 39.70 54.05 61.75
N ASP E 70 39.39 54.80 62.82
CA ASP E 70 38.80 56.13 62.71
C ASP E 70 39.79 57.23 63.00
N ASP E 71 41.06 56.90 63.21
CA ASP E 71 42.07 57.92 63.50
C ASP E 71 42.26 58.85 62.31
N LYS E 72 42.33 60.14 62.59
CA LYS E 72 42.51 61.12 61.53
C LYS E 72 43.90 61.01 60.91
N GLU E 73 44.93 60.82 61.72
CA GLU E 73 46.30 60.78 61.26
C GLU E 73 46.94 59.43 61.56
N ILE E 74 47.81 58.99 60.67
CA ILE E 74 48.55 57.74 60.82
C ILE E 74 50.03 58.03 60.69
N VAL E 75 50.82 57.53 61.61
CA VAL E 75 52.26 57.80 61.66
C VAL E 75 53.00 56.57 61.15
N ILE E 76 53.84 56.75 60.13
CA ILE E 76 54.67 55.68 59.60
C ILE E 76 56.12 56.15 59.57
N ASP E 77 57.01 55.23 59.20
CA ASP E 77 58.44 55.49 59.19
C ASP E 77 58.95 55.66 57.77
N ASP E 78 59.84 56.64 57.57
CA ASP E 78 60.39 56.90 56.24
C ASP E 78 61.24 55.75 55.73
N SER E 79 61.70 54.86 56.60
CA SER E 79 62.46 53.70 56.16
C SER E 79 61.59 52.68 55.42
N GLU E 80 60.27 52.85 55.44
CA GLU E 80 59.35 51.90 54.84
C GLU E 80 58.62 52.48 53.63
N VAL E 81 59.13 53.57 53.07
CA VAL E 81 58.55 54.18 51.88
C VAL E 81 59.64 54.35 50.83
N ILE E 82 59.31 54.00 49.58
CA ILE E 82 60.31 54.01 48.52
C ILE E 82 60.46 55.42 47.93
N THR E 83 59.39 55.92 47.32
CA THR E 83 59.43 57.20 46.61
C THR E 83 58.28 58.08 47.08
N ILE E 84 58.58 59.37 47.25
CA ILE E 84 57.59 60.39 47.59
C ILE E 84 57.72 61.51 46.57
N THR E 85 56.67 61.71 45.77
CA THR E 85 56.72 62.69 44.68
C THR E 85 55.38 63.39 44.54
N SER E 86 55.43 64.62 44.02
CA SER E 86 54.21 65.39 43.79
C SER E 86 53.48 64.86 42.55
N PRO E 87 52.16 64.81 42.57
CA PRO E 87 51.42 64.27 41.43
C PRO E 87 51.01 65.33 40.42
N LYS E 88 50.42 64.91 39.30
CA LYS E 88 49.92 65.84 38.32
C LYS E 88 48.56 66.40 38.74
N ASP E 89 48.06 67.36 37.95
CA ASP E 89 46.88 68.11 38.38
C ASP E 89 45.60 67.31 38.23
N ASP E 90 45.52 66.41 37.24
CA ASP E 90 44.31 65.63 37.04
C ASP E 90 44.00 64.75 38.26
N ILE E 91 45.02 64.09 38.79
CA ILE E 91 44.83 63.26 39.97
C ILE E 91 44.47 64.12 41.18
N ILE E 92 45.04 65.33 41.26
CA ILE E 92 44.69 66.25 42.34
C ILE E 92 43.20 66.59 42.28
N LYS E 93 42.71 66.90 41.08
CA LYS E 93 41.29 67.22 40.91
C LYS E 93 40.41 66.04 41.29
N SER E 94 40.77 64.84 40.83
CA SER E 94 39.98 63.66 41.15
C SER E 94 39.97 63.39 42.65
N TYR E 95 41.13 63.54 43.30
CA TYR E 95 41.21 63.32 44.74
C TYR E 95 40.37 64.32 45.51
N GLU E 96 40.41 65.59 45.12
CA GLU E 96 39.59 66.60 45.79
C GLU E 96 38.11 66.32 45.61
N SER E 97 37.71 65.96 44.39
CA SER E 97 36.30 65.65 44.13
C SER E 97 35.84 64.49 44.99
N HIS E 98 36.65 63.42 45.05
CA HIS E 98 36.26 62.25 45.83
C HIS E 98 36.19 62.58 47.32
N THR E 99 37.16 63.35 47.82
CA THR E 99 37.19 63.66 49.25
C THR E 99 36.11 64.64 49.65
N ARG E 100 35.54 65.41 48.72
CA ARG E 100 34.38 66.20 49.09
C ARG E 100 33.08 65.42 48.95
N VAL E 101 33.00 64.52 47.97
CA VAL E 101 31.80 63.69 47.82
C VAL E 101 31.61 62.80 49.05
N LEU E 102 32.70 62.23 49.56
CA LEU E 102 32.59 61.38 50.74
C LEU E 102 32.05 62.16 51.94
N GLU E 103 32.57 63.37 52.16
CA GLU E 103 32.08 64.19 53.28
C GLU E 103 30.61 64.55 53.10
N ASN E 104 30.22 64.91 51.87
CA ASN E 104 28.82 65.26 51.62
C ASN E 104 27.90 64.08 51.93
N LYS E 105 28.29 62.88 51.48
CA LYS E 105 27.46 61.70 51.74
C LYS E 105 27.41 61.40 53.23
N GLN E 106 28.53 61.58 53.94
CA GLN E 106 28.55 61.36 55.38
C GLN E 106 27.56 62.28 56.08
N VAL E 107 27.57 63.57 55.72
CA VAL E 107 26.65 64.52 56.34
C VAL E 107 25.21 64.16 56.02
N GLU E 108 24.93 63.78 54.77
CA GLU E 108 23.57 63.39 54.41
C GLU E 108 23.09 62.19 55.23
N GLU E 109 23.97 61.20 55.43
CA GLU E 109 23.58 60.06 56.25
C GLU E 109 23.37 60.45 57.70
N ILE E 110 24.15 61.39 58.22
CA ILE E 110 23.95 61.85 59.59
C ILE E 110 22.57 62.48 59.73
N LEU E 111 22.18 63.33 58.77
CA LEU E 111 20.85 63.92 58.81
C LEU E 111 19.75 62.85 58.74
N ARG E 112 19.92 61.87 57.85
CA ARG E 112 18.93 60.79 57.75
C ARG E 112 18.77 60.08 59.08
N LEU E 113 19.88 59.71 59.71
CA LEU E 113 19.82 58.99 60.97
C LEU E 113 19.16 59.82 62.05
N GLU E 114 19.50 61.11 62.13
CA GLU E 114 18.91 61.96 63.16
C GLU E 114 17.40 62.07 62.97
N LYS E 115 16.96 62.26 61.72
CA LYS E 115 15.52 62.36 61.47
C LYS E 115 14.79 61.07 61.83
N GLU E 116 15.37 59.93 61.45
CA GLU E 116 14.74 58.66 61.79
C GLU E 116 14.65 58.45 63.29
N ILE E 117 15.71 58.81 64.01
CA ILE E 117 15.72 58.66 65.47
C ILE E 117 14.65 59.54 66.09
N GLU E 118 14.54 60.79 65.63
CA GLU E 118 13.53 61.68 66.18
C GLU E 118 12.12 61.15 65.93
N ASP E 119 11.85 60.68 64.71
CA ASP E 119 10.53 60.15 64.40
C ASP E 119 10.20 58.93 65.26
N LEU E 120 11.16 58.02 65.39
CA LEU E 120 10.92 56.82 66.19
C LEU E 120 10.68 57.16 67.66
N GLN E 121 11.46 58.11 68.19
CA GLN E 121 11.29 58.51 69.58
C GLN E 121 9.91 59.13 69.80
N ARG E 122 9.48 59.99 68.89
CA ARG E 122 8.16 60.61 69.03
C ARG E 122 7.05 59.56 68.98
N MET E 123 7.14 58.62 68.03
CA MET E 123 6.11 57.61 67.91
C MET E 123 6.07 56.71 69.15
N LYS E 124 7.25 56.34 69.67
CA LYS E 124 7.29 55.54 70.88
C LYS E 124 6.70 56.30 72.07
N GLU E 125 6.97 57.61 72.16
CA GLU E 125 6.42 58.40 73.24
C GLU E 125 4.89 58.41 73.19
N GLN E 126 4.33 58.64 71.99
CA GLN E 126 2.87 58.63 71.88
C GLN E 126 2.30 57.25 72.19
N GLN E 127 2.98 56.19 71.76
CA GLN E 127 2.48 54.85 72.05
C GLN E 127 2.51 54.55 73.55
N GLU E 128 3.56 54.98 74.24
CA GLU E 128 3.67 54.75 75.68
C GLU E 128 2.71 55.61 76.47
N LEU E 129 2.30 56.77 75.92
CA LEU E 129 1.41 57.66 76.67
C LEU E 129 0.12 56.97 77.07
N SER E 130 -0.45 56.17 76.17
CA SER E 130 -1.70 55.46 76.43
C SER E 130 -1.39 54.14 77.12
N LEU E 131 -1.40 54.15 78.46
CA LEU E 131 -1.09 52.96 79.22
C LEU E 131 -1.75 53.07 80.60
N THR E 132 -1.88 51.92 81.26
CA THR E 132 -2.51 51.84 82.56
C THR E 132 -1.45 51.79 83.66
N GLU E 133 -1.92 51.95 84.91
CA GLU E 133 -1.01 52.01 86.04
C GLU E 133 -0.30 50.68 86.26
N ALA E 134 -1.06 49.58 86.28
CA ALA E 134 -0.44 48.27 86.45
C ALA E 134 0.49 47.94 85.29
N SER E 135 0.07 48.31 84.07
CA SER E 135 0.95 48.11 82.92
C SER E 135 2.22 48.94 83.05
N LEU E 136 2.10 50.16 83.57
CA LEU E 136 3.29 50.99 83.78
C LEU E 136 4.22 50.37 84.81
N GLN E 137 3.66 49.80 85.88
CA GLN E 137 4.48 49.13 86.88
C GLN E 137 5.20 47.92 86.30
N LYS E 138 4.49 47.12 85.49
CA LYS E 138 5.12 45.98 84.83
C LYS E 138 6.22 46.45 83.87
N LEU E 139 5.97 47.54 83.16
CA LEU E 139 6.97 48.12 82.28
C LEU E 139 8.23 48.48 83.06
N GLN E 140 8.06 49.18 84.18
CA GLN E 140 9.21 49.57 84.99
C GLN E 140 9.96 48.36 85.53
N GLU E 141 9.22 47.35 86.01
CA GLU E 141 9.87 46.16 86.54
C GLU E 141 10.68 45.43 85.47
N ARG E 142 10.10 45.26 84.29
CA ARG E 142 10.81 44.53 83.25
C ARG E 142 11.98 45.35 82.70
N ARG E 143 11.85 46.67 82.66
CA ARG E 143 12.98 47.51 82.27
C ARG E 143 14.11 47.41 83.29
N ASP E 144 13.76 47.36 84.57
CA ASP E 144 14.78 47.15 85.61
C ASP E 144 15.47 45.81 85.44
N GLN E 145 14.69 44.76 85.16
CA GLN E 145 15.26 43.45 84.89
C GLN E 145 16.12 43.48 83.63
N LYS F 15 -17.07 -50.02 88.03
CA LYS F 15 -16.77 -49.09 86.95
C LYS F 15 -16.76 -47.65 87.46
N ASN F 16 -15.78 -46.87 87.02
CA ASN F 16 -15.62 -45.50 87.49
C ASN F 16 -14.85 -44.72 86.42
N ILE F 17 -15.54 -43.84 85.71
CA ILE F 17 -14.94 -43.03 84.65
C ILE F 17 -14.76 -41.62 85.18
N LYS F 18 -13.52 -41.15 85.24
CA LYS F 18 -13.22 -39.81 85.71
C LYS F 18 -12.13 -39.21 84.83
N ILE F 19 -12.40 -38.03 84.27
CA ILE F 19 -11.39 -37.34 83.50
C ILE F 19 -10.36 -36.74 84.43
N MET F 20 -9.14 -36.54 83.92
CA MET F 20 -8.09 -35.92 84.72
C MET F 20 -7.19 -35.10 83.82
N ARG F 21 -6.50 -34.15 84.44
CA ARG F 21 -5.54 -33.30 83.75
C ARG F 21 -4.15 -33.58 84.30
N LEU F 22 -3.21 -33.89 83.40
CA LEU F 22 -1.87 -34.25 83.80
C LEU F 22 -0.99 -33.01 83.95
N VAL F 23 0.13 -33.18 84.67
CA VAL F 23 1.06 -32.07 84.86
C VAL F 23 1.63 -31.62 83.53
N THR F 24 1.70 -32.51 82.55
CA THR F 24 2.15 -32.13 81.22
C THR F 24 1.19 -31.12 80.59
N GLY F 25 -0.10 -31.29 80.83
CA GLY F 25 -1.09 -30.37 80.29
C GLY F 25 -2.05 -31.02 79.31
N GLU F 26 -2.33 -32.30 79.52
CA GLU F 26 -3.21 -33.06 78.64
C GLU F 26 -4.34 -33.66 79.45
N ASP F 27 -5.40 -34.04 78.73
CA ASP F 27 -6.63 -34.54 79.35
C ASP F 27 -6.77 -36.03 79.07
N ILE F 28 -6.87 -36.82 80.13
CA ILE F 28 -6.94 -38.27 80.06
C ILE F 28 -8.29 -38.72 80.58
N ILE F 29 -8.97 -39.55 79.80
CA ILE F 29 -10.26 -40.12 80.21
C ILE F 29 -10.17 -41.64 80.16
N GLY F 30 -10.65 -42.30 81.21
CA GLY F 30 -10.60 -43.75 81.26
C GLY F 30 -11.04 -44.26 82.60
N ASN F 31 -10.97 -45.58 82.74
CA ASN F 31 -11.35 -46.22 83.99
C ASN F 31 -10.28 -45.99 85.05
N ILE F 32 -10.68 -45.52 86.22
CA ILE F 32 -9.76 -45.06 87.25
C ILE F 32 -9.97 -45.90 88.51
N SER F 33 -8.88 -46.13 89.24
CA SER F 33 -8.94 -46.81 90.53
C SER F 33 -7.89 -46.21 91.44
N GLU F 34 -8.31 -45.54 92.51
CA GLU F 34 -7.42 -44.88 93.46
C GLU F 34 -7.35 -45.72 94.73
N SER F 35 -6.27 -46.48 94.90
CA SER F 35 -6.11 -47.38 96.03
C SER F 35 -5.33 -46.77 97.19
N GLN F 36 -4.07 -46.42 96.94
CA GLN F 36 -3.17 -45.97 98.01
C GLN F 36 -2.37 -44.75 97.53
N GLY F 37 -3.07 -43.77 96.97
CA GLY F 37 -2.41 -42.63 96.40
C GLY F 37 -2.06 -42.85 94.94
N LEU F 38 -1.17 -43.81 94.69
CA LEU F 38 -0.91 -44.22 93.32
C LEU F 38 -2.17 -44.81 92.71
N ILE F 39 -2.47 -44.40 91.47
CA ILE F 39 -3.74 -44.76 90.85
C ILE F 39 -3.48 -45.64 89.64
N THR F 40 -4.48 -46.46 89.33
CA THR F 40 -4.45 -47.39 88.20
C THR F 40 -5.43 -46.90 87.14
N ILE F 41 -4.99 -46.90 85.89
CA ILE F 41 -5.78 -46.39 84.78
C ILE F 41 -5.91 -47.49 83.74
N LYS F 42 -7.13 -47.69 83.25
CA LYS F 42 -7.44 -48.68 82.22
C LYS F 42 -8.12 -48.00 81.05
N LYS F 43 -7.71 -48.38 79.85
CA LYS F 43 -8.30 -47.87 78.60
C LYS F 43 -8.24 -46.34 78.54
N ALA F 44 -7.07 -45.80 78.86
CA ALA F 44 -6.89 -44.35 78.86
C ALA F 44 -6.93 -43.79 77.45
N PHE F 45 -7.48 -42.58 77.33
CA PHE F 45 -7.59 -41.88 76.06
C PHE F 45 -7.21 -40.43 76.24
N VAL F 46 -6.40 -39.91 75.32
CA VAL F 46 -6.09 -38.50 75.27
C VAL F 46 -7.20 -37.78 74.52
N ILE F 47 -7.74 -36.72 75.12
CA ILE F 47 -8.78 -35.91 74.51
C ILE F 47 -8.13 -34.73 73.82
N ILE F 48 -8.28 -34.65 72.50
CA ILE F 48 -7.70 -33.56 71.71
C ILE F 48 -8.77 -32.50 71.50
N PRO F 49 -8.54 -31.25 71.89
CA PRO F 49 -9.56 -30.21 71.69
C PRO F 49 -9.71 -29.84 70.22
N MET F 50 -10.80 -30.24 69.61
CA MET F 50 -11.05 -29.97 68.19
C MET F 50 -12.53 -30.11 67.86
N GLN F 59 -17.30 -30.98 68.22
CA GLN F 59 -17.15 -32.41 68.47
C GLN F 59 -15.89 -32.68 69.27
N LEU F 60 -15.63 -33.95 69.55
CA LEU F 60 -14.46 -34.37 70.32
C LEU F 60 -13.68 -35.43 69.56
N VAL F 61 -12.38 -35.43 69.78
CA VAL F 61 -11.47 -36.40 69.17
C VAL F 61 -10.70 -37.10 70.28
N LEU F 62 -10.64 -38.42 70.22
CA LEU F 62 -9.93 -39.22 71.22
C LEU F 62 -8.82 -40.00 70.53
N SER F 63 -7.70 -40.15 71.24
CA SER F 63 -6.56 -40.90 70.73
C SER F 63 -6.04 -41.82 71.83
N PRO F 64 -5.35 -42.90 71.46
CA PRO F 64 -4.74 -43.75 72.48
C PRO F 64 -3.68 -43.01 73.27
N TRP F 65 -3.59 -43.33 74.57
CA TRP F 65 -2.63 -42.65 75.42
C TRP F 65 -1.25 -43.27 75.34
N GLN F 66 -1.17 -44.60 75.33
CA GLN F 66 0.09 -45.32 75.32
C GLN F 66 0.10 -46.29 74.16
N PRO F 67 0.33 -45.80 72.94
CA PRO F 67 0.26 -46.67 71.75
C PRO F 67 1.46 -47.58 71.55
N TYR F 68 2.35 -47.71 72.54
CA TYR F 68 3.52 -48.57 72.44
C TYR F 68 3.49 -49.73 73.43
N THR F 69 2.41 -49.89 74.19
CA THR F 69 2.33 -50.94 75.19
C THR F 69 0.99 -51.66 75.07
N ASP F 70 0.99 -52.95 75.42
CA ASP F 70 -0.20 -53.76 75.43
C ASP F 70 -0.74 -54.02 76.83
N ASP F 71 -0.15 -53.40 77.85
CA ASP F 71 -0.61 -53.62 79.22
C ASP F 71 -2.01 -53.06 79.40
N LYS F 72 -2.86 -53.85 80.09
CA LYS F 72 -4.23 -53.42 80.32
C LYS F 72 -4.30 -52.23 81.28
N GLU F 73 -3.48 -52.25 82.33
CA GLU F 73 -3.52 -51.23 83.36
C GLU F 73 -2.18 -50.52 83.44
N ILE F 74 -2.22 -49.23 83.73
CA ILE F 74 -1.02 -48.41 83.90
C ILE F 74 -1.11 -47.72 85.26
N VAL F 75 -0.02 -47.78 86.02
CA VAL F 75 0.02 -47.25 87.38
C VAL F 75 0.81 -45.95 87.36
N ILE F 76 0.20 -44.87 87.84
CA ILE F 76 0.85 -43.58 87.95
C ILE F 76 0.69 -43.06 89.38
N ASP F 77 1.33 -41.94 89.66
CA ASP F 77 1.35 -41.36 90.99
C ASP F 77 0.45 -40.14 91.07
N ASP F 78 -0.29 -40.01 92.17
CA ASP F 78 -1.20 -38.89 92.35
C ASP F 78 -0.47 -37.56 92.44
N SER F 79 0.83 -37.57 92.74
CA SER F 79 1.59 -36.33 92.79
C SER F 79 1.81 -35.73 91.41
N GLU F 80 1.48 -36.46 90.34
CA GLU F 80 1.72 -36.01 88.98
C GLU F 80 0.43 -35.74 88.22
N VAL F 81 -0.69 -35.59 88.93
CA VAL F 81 -1.97 -35.28 88.32
C VAL F 81 -2.55 -34.05 89.01
N ILE F 82 -3.09 -33.13 88.21
CA ILE F 82 -3.57 -31.87 88.75
C ILE F 82 -5.00 -32.01 89.27
N THR F 83 -5.94 -32.31 88.37
CA THR F 83 -7.36 -32.37 88.71
C THR F 83 -7.95 -33.68 88.23
N ILE F 84 -8.81 -34.26 89.07
CA ILE F 84 -9.57 -35.46 88.74
C ILE F 84 -11.04 -35.16 89.00
N THR F 85 -11.85 -35.18 87.94
CA THR F 85 -13.25 -34.80 88.05
C THR F 85 -14.11 -35.67 87.14
N SER F 86 -15.38 -35.84 87.52
CA SER F 86 -16.32 -36.61 86.72
C SER F 86 -16.76 -35.80 85.51
N PRO F 87 -16.92 -36.44 84.35
CA PRO F 87 -17.30 -35.69 83.13
C PRO F 87 -18.80 -35.65 82.92
N LYS F 88 -19.23 -34.91 81.90
CA LYS F 88 -20.65 -34.85 81.56
C LYS F 88 -21.04 -36.07 80.73
N ASP F 89 -22.35 -36.19 80.48
CA ASP F 89 -22.88 -37.42 79.89
C ASP F 89 -22.54 -37.55 78.41
N ASP F 90 -22.44 -36.45 77.68
CA ASP F 90 -22.15 -36.52 76.25
C ASP F 90 -20.78 -37.17 76.01
N ILE F 91 -19.77 -36.76 76.77
CA ILE F 91 -18.45 -37.34 76.62
C ILE F 91 -18.46 -38.81 77.03
N ILE F 92 -19.26 -39.15 78.03
CA ILE F 92 -19.39 -40.55 78.44
C ILE F 92 -19.94 -41.38 77.29
N LYS F 93 -20.98 -40.88 76.62
CA LYS F 93 -21.57 -41.59 75.49
C LYS F 93 -20.55 -41.75 74.36
N SER F 94 -19.82 -40.67 74.04
CA SER F 94 -18.84 -40.75 72.97
C SER F 94 -17.74 -41.74 73.31
N TYR F 95 -17.27 -41.73 74.57
CA TYR F 95 -16.22 -42.64 74.99
C TYR F 95 -16.68 -44.09 74.90
N GLU F 96 -17.91 -44.37 75.34
CA GLU F 96 -18.42 -45.74 75.27
C GLU F 96 -18.56 -46.19 73.81
N SER F 97 -19.07 -45.31 72.95
CA SER F 97 -19.21 -45.66 71.54
C SER F 97 -17.85 -45.97 70.92
N HIS F 98 -16.86 -45.13 71.20
CA HIS F 98 -15.53 -45.35 70.63
C HIS F 98 -14.91 -46.64 71.15
N THR F 99 -15.05 -46.91 72.45
CA THR F 99 -14.43 -48.09 73.04
C THR F 99 -15.13 -49.38 72.64
N ARG F 100 -16.39 -49.31 72.18
CA ARG F 100 -16.98 -50.53 71.62
C ARG F 100 -16.67 -50.68 70.14
N VAL F 101 -16.55 -49.58 69.39
CA VAL F 101 -16.18 -49.66 67.98
C VAL F 101 -14.78 -50.24 67.83
N LEU F 102 -13.86 -49.83 68.69
CA LEU F 102 -12.50 -50.37 68.60
C LEU F 102 -12.48 -51.87 68.83
N GLU F 103 -13.21 -52.36 69.83
CA GLU F 103 -13.27 -53.79 70.09
C GLU F 103 -13.90 -54.53 68.92
N ASN F 104 -14.98 -53.99 68.36
CA ASN F 104 -15.62 -54.64 67.23
C ASN F 104 -14.66 -54.77 66.04
N LYS F 105 -13.93 -53.69 65.74
CA LYS F 105 -12.99 -53.74 64.64
C LYS F 105 -11.86 -54.72 64.92
N GLN F 106 -11.40 -54.79 66.16
CA GLN F 106 -10.36 -55.74 66.53
C GLN F 106 -10.82 -57.18 66.27
N VAL F 107 -12.05 -57.50 66.70
CA VAL F 107 -12.56 -58.85 66.49
C VAL F 107 -12.71 -59.14 65.00
N GLU F 108 -13.20 -58.18 64.23
CA GLU F 108 -13.34 -58.38 62.79
C GLU F 108 -11.98 -58.67 62.15
N GLU F 109 -10.94 -57.93 62.54
CA GLU F 109 -9.62 -58.19 61.99
C GLU F 109 -9.08 -59.55 62.41
N ILE F 110 -9.39 -59.98 63.63
CA ILE F 110 -8.97 -61.31 64.06
C ILE F 110 -9.60 -62.38 63.17
N LEU F 111 -10.90 -62.25 62.90
CA LEU F 111 -11.56 -63.20 62.00
C LEU F 111 -10.93 -63.19 60.61
N ARG F 112 -10.67 -61.99 60.07
CA ARG F 112 -10.04 -61.89 58.76
C ARG F 112 -8.71 -62.62 58.72
N LEU F 113 -7.87 -62.37 59.73
CA LEU F 113 -6.55 -63.01 59.76
C LEU F 113 -6.67 -64.52 59.87
N GLU F 114 -7.58 -65.01 60.71
CA GLU F 114 -7.73 -66.45 60.86
C GLU F 114 -8.17 -67.10 59.55
N LYS F 115 -9.14 -66.48 58.86
CA LYS F 115 -9.60 -67.04 57.60
C LYS F 115 -8.50 -67.05 56.55
N GLU F 116 -7.72 -65.96 56.46
CA GLU F 116 -6.64 -65.92 55.49
C GLU F 116 -5.58 -66.98 55.80
N ILE F 117 -5.26 -67.16 57.08
CA ILE F 117 -4.28 -68.17 57.46
C ILE F 117 -4.77 -69.56 57.09
N GLU F 118 -6.04 -69.85 57.37
CA GLU F 118 -6.56 -71.17 57.03
C GLU F 118 -6.53 -71.42 55.54
N ASP F 119 -6.93 -70.43 54.74
CA ASP F 119 -6.92 -70.60 53.28
C ASP F 119 -5.50 -70.81 52.77
N LEU F 120 -4.55 -70.01 53.26
CA LEU F 120 -3.17 -70.17 52.81
C LEU F 120 -2.61 -71.53 53.19
N GLN F 121 -2.90 -72.00 54.40
CA GLN F 121 -2.40 -73.29 54.84
C GLN F 121 -2.98 -74.41 53.99
N ARG F 122 -4.28 -74.34 53.69
CA ARG F 122 -4.89 -75.37 52.85
C ARG F 122 -4.28 -75.38 51.45
N MET F 123 -4.09 -74.19 50.86
CA MET F 123 -3.53 -74.14 49.51
C MET F 123 -2.10 -74.66 49.49
N LYS F 124 -1.30 -74.30 50.51
CA LYS F 124 0.07 -74.81 50.59
C LYS F 124 0.08 -76.33 50.76
N GLU F 125 -0.85 -76.86 51.55
CA GLU F 125 -0.92 -78.31 51.73
C GLU F 125 -1.20 -79.01 50.41
N GLN F 126 -2.19 -78.52 49.65
CA GLN F 126 -2.48 -79.13 48.35
C GLN F 126 -1.30 -78.99 47.39
N GLN F 127 -0.62 -77.84 47.41
CA GLN F 127 0.53 -77.68 46.52
C GLN F 127 1.66 -78.64 46.88
N GLU F 128 1.90 -78.83 48.18
CA GLU F 128 2.96 -79.74 48.61
C GLU F 128 2.61 -81.20 48.38
N LEU F 129 1.31 -81.53 48.34
CA LEU F 129 0.91 -82.92 48.17
C LEU F 129 1.48 -83.52 46.89
N SER F 130 1.49 -82.76 45.79
CA SER F 130 1.99 -83.24 44.51
C SER F 130 3.50 -82.98 44.45
N LEU F 131 4.27 -83.98 44.85
CA LEU F 131 5.73 -83.84 44.86
C LEU F 131 6.36 -85.22 44.75
N THR F 132 7.63 -85.25 44.37
CA THR F 132 8.38 -86.48 44.19
C THR F 132 9.24 -86.76 45.42
N GLU F 133 9.79 -87.98 45.46
CA GLU F 133 10.56 -88.41 46.63
C GLU F 133 11.86 -87.61 46.75
N ALA F 134 12.61 -87.48 45.66
CA ALA F 134 13.84 -86.69 45.70
C ALA F 134 13.55 -85.23 46.01
N SER F 135 12.47 -84.69 45.43
CA SER F 135 12.07 -83.32 45.75
C SER F 135 11.71 -83.20 47.22
N LEU F 136 11.04 -84.20 47.78
CA LEU F 136 10.71 -84.17 49.21
C LEU F 136 11.97 -84.19 50.06
N GLN F 137 12.96 -84.99 49.67
CA GLN F 137 14.22 -85.03 50.41
C GLN F 137 14.93 -83.68 50.36
N LYS F 138 14.96 -83.06 49.18
CA LYS F 138 15.56 -81.74 49.05
C LYS F 138 14.80 -80.71 49.89
N LEU F 139 13.47 -80.80 49.90
CA LEU F 139 12.65 -79.95 50.74
C LEU F 139 13.04 -80.08 52.21
N GLN F 140 13.14 -81.32 52.69
CA GLN F 140 13.50 -81.54 54.09
C GLN F 140 14.89 -81.02 54.39
N GLU F 141 15.85 -81.25 53.50
CA GLU F 141 17.21 -80.78 53.73
C GLU F 141 17.27 -79.27 53.81
N ARG F 142 16.61 -78.58 52.86
CA ARG F 142 16.67 -77.12 52.86
C ARG F 142 15.89 -76.53 54.04
N ARG F 143 14.81 -77.19 54.46
CA ARG F 143 14.09 -76.75 55.66
C ARG F 143 14.97 -76.90 56.89
N ASP F 144 15.73 -78.00 56.97
CA ASP F 144 16.66 -78.17 58.08
C ASP F 144 17.74 -77.09 58.05
N GLN F 145 18.27 -76.78 56.87
CA GLN F 145 19.22 -75.68 56.75
C GLN F 145 18.58 -74.35 57.11
N LYS G 15 44.50 46.76 79.88
CA LYS G 15 44.00 46.29 78.59
C LYS G 15 44.21 47.35 77.52
N ASN G 16 44.66 46.91 76.33
CA ASN G 16 44.96 47.84 75.24
C ASN G 16 44.85 47.06 73.94
N ILE G 17 43.81 47.34 73.16
CA ILE G 17 43.57 46.67 71.88
C ILE G 17 43.91 47.66 70.78
N LYS G 18 44.90 47.29 69.95
CA LYS G 18 45.33 48.13 68.84
C LYS G 18 45.59 47.24 67.63
N ILE G 19 44.95 47.56 66.51
CA ILE G 19 45.22 46.82 65.27
C ILE G 19 46.56 47.27 64.71
N MET G 20 47.19 46.38 63.95
CA MET G 20 48.45 46.72 63.30
C MET G 20 48.54 46.01 61.96
N ARG G 21 49.39 46.57 61.10
CA ARG G 21 49.67 46.01 59.78
C ARG G 21 51.12 45.55 59.72
N LEU G 22 51.32 44.29 59.37
CA LEU G 22 52.65 43.70 59.34
C LEU G 22 53.34 43.98 58.00
N VAL G 23 54.67 43.85 58.00
CA VAL G 23 55.44 44.04 56.77
C VAL G 23 55.03 43.02 55.72
N THR G 24 54.55 41.85 56.14
CA THR G 24 54.06 40.87 55.19
C THR G 24 52.85 41.40 54.43
N GLY G 25 51.98 42.15 55.11
CA GLY G 25 50.81 42.72 54.47
C GLY G 25 49.51 42.19 55.04
N GLU G 26 49.51 41.86 56.33
CA GLU G 26 48.34 41.31 57.00
C GLU G 26 48.00 42.16 58.20
N ASP G 27 46.75 42.02 58.66
CA ASP G 27 46.19 42.83 59.73
C ASP G 27 46.03 41.96 60.98
N ILE G 28 46.65 42.40 62.08
CA ILE G 28 46.67 41.67 63.33
C ILE G 28 45.96 42.51 64.38
N ILE G 29 45.01 41.90 65.09
CA ILE G 29 44.29 42.56 66.17
C ILE G 29 44.45 41.74 67.44
N GLY G 30 44.77 42.41 68.54
CA GLY G 30 44.94 41.71 69.80
C GLY G 30 45.46 42.64 70.87
N ASN G 31 45.71 42.06 72.03
CA ASN G 31 46.22 42.83 73.16
C ASN G 31 47.70 43.14 72.95
N ILE G 32 48.06 44.42 73.09
CA ILE G 32 49.39 44.90 72.72
C ILE G 32 50.07 45.49 73.95
N SER G 33 51.39 45.34 74.01
CA SER G 33 52.17 45.96 75.08
C SER G 33 53.52 46.36 74.50
N GLU G 34 53.78 47.66 74.44
CA GLU G 34 55.02 48.20 73.87
C GLU G 34 55.92 48.66 75.02
N SER G 35 56.93 47.87 75.34
CA SER G 35 57.81 48.15 76.47
C SER G 35 59.10 48.86 76.05
N GLN G 36 59.92 48.23 75.23
CA GLN G 36 61.24 48.75 74.88
C GLN G 36 61.48 48.59 73.38
N GLY G 37 60.51 49.03 72.58
CA GLY G 37 60.59 48.85 71.16
C GLY G 37 59.99 47.53 70.73
N LEU G 38 60.60 46.42 71.16
CA LEU G 38 60.01 45.12 70.95
C LEU G 38 58.68 45.04 71.70
N ILE G 39 57.65 44.52 71.03
CA ILE G 39 56.30 44.54 71.57
C ILE G 39 55.83 43.12 71.83
N THR G 40 54.91 43.00 72.78
CA THR G 40 54.32 41.74 73.19
C THR G 40 52.86 41.73 72.75
N ILE G 41 52.44 40.62 72.16
CA ILE G 41 51.10 40.48 71.61
C ILE G 41 50.44 39.27 72.26
N LYS G 42 49.19 39.44 72.69
CA LYS G 42 48.40 38.39 73.30
C LYS G 42 47.09 38.24 72.56
N LYS G 43 46.69 36.98 72.32
CA LYS G 43 45.43 36.65 71.66
C LYS G 43 45.33 37.31 70.29
N ALA G 44 46.40 37.21 69.51
CA ALA G 44 46.44 37.83 68.19
C ALA G 44 45.48 37.12 67.23
N PHE G 45 44.90 37.90 66.34
CA PHE G 45 43.98 37.40 65.33
C PHE G 45 44.27 38.05 63.99
N VAL G 46 44.30 37.24 62.94
CA VAL G 46 44.41 37.72 61.58
C VAL G 46 43.03 38.11 61.09
N ILE G 47 42.90 39.33 60.56
CA ILE G 47 41.64 39.82 60.02
C ILE G 47 41.63 39.58 58.52
N ILE G 48 40.71 38.76 58.05
CA ILE G 48 40.59 38.43 56.63
C ILE G 48 39.54 39.34 56.02
N PRO G 49 39.87 40.12 54.99
CA PRO G 49 38.86 40.99 54.37
C PRO G 49 37.82 40.20 53.58
N MET G 50 36.61 40.13 54.11
CA MET G 50 35.53 39.38 53.48
C MET G 50 34.17 39.83 54.01
N GLN G 59 30.70 42.09 56.57
CA GLN G 59 31.09 41.49 57.85
C GLN G 59 32.60 41.29 57.92
N LEU G 60 33.07 40.73 59.03
CA LEU G 60 34.48 40.49 59.24
C LEU G 60 34.71 39.03 59.63
N VAL G 61 35.87 38.52 59.24
CA VAL G 61 36.28 37.15 59.56
C VAL G 61 37.62 37.21 60.27
N LEU G 62 37.73 36.49 61.38
CA LEU G 62 38.96 36.45 62.17
C LEU G 62 39.48 35.02 62.22
N SER G 63 40.79 34.88 62.21
CA SER G 63 41.45 33.59 62.27
C SER G 63 42.59 33.64 63.27
N PRO G 64 42.99 32.50 63.82
CA PRO G 64 44.15 32.50 64.72
C PRO G 64 45.42 32.89 63.97
N TRP G 65 46.30 33.60 64.66
CA TRP G 65 47.54 34.06 64.02
C TRP G 65 48.62 32.99 64.05
N GLN G 66 48.77 32.30 65.17
CA GLN G 66 49.83 31.30 65.35
C GLN G 66 49.17 30.00 65.79
N PRO G 67 48.58 29.25 64.87
CA PRO G 67 47.87 28.02 65.24
C PRO G 67 48.76 26.83 65.53
N TYR G 68 50.07 27.02 65.67
CA TYR G 68 50.98 25.93 65.97
C TYR G 68 51.66 26.08 67.33
N THR G 69 51.29 27.09 68.11
CA THR G 69 51.92 27.32 69.40
C THR G 69 50.85 27.56 70.45
N ASP G 70 51.17 27.19 71.70
CA ASP G 70 50.29 27.41 72.84
C ASP G 70 50.75 28.55 73.72
N ASP G 71 51.80 29.28 73.34
CA ASP G 71 52.28 30.37 74.15
C ASP G 71 51.25 31.49 74.24
N LYS G 72 51.08 32.01 75.45
CA LYS G 72 50.10 33.09 75.65
C LYS G 72 50.55 34.38 74.96
N GLU G 73 51.84 34.70 75.05
CA GLU G 73 52.36 35.95 74.53
C GLU G 73 53.42 35.68 73.47
N ILE G 74 53.46 36.54 72.46
CA ILE G 74 54.44 36.45 71.38
C ILE G 74 55.17 37.79 71.29
N VAL G 75 56.49 37.75 71.22
CA VAL G 75 57.31 38.95 71.21
C VAL G 75 57.83 39.17 69.79
N ILE G 76 57.55 40.36 69.24
CA ILE G 76 58.03 40.73 67.92
C ILE G 76 58.75 42.07 68.03
N ASP G 77 59.34 42.50 66.91
CA ASP G 77 60.14 43.72 66.86
C ASP G 77 59.38 44.82 66.14
N ASP G 78 59.46 46.04 66.68
CA ASP G 78 58.78 47.17 66.09
C ASP G 78 59.31 47.53 64.70
N SER G 79 60.51 47.07 64.35
CA SER G 79 61.05 47.32 63.02
C SER G 79 60.33 46.52 61.95
N GLU G 80 59.46 45.58 62.33
CA GLU G 80 58.78 44.70 61.39
C GLU G 80 57.27 44.95 61.35
N VAL G 81 56.82 46.10 61.85
CA VAL G 81 55.42 46.48 61.84
C VAL G 81 55.28 47.86 61.20
N ILE G 82 54.31 48.01 60.31
CA ILE G 82 54.16 49.26 59.57
C ILE G 82 53.38 50.28 60.38
N THR G 83 52.11 49.97 60.66
CA THR G 83 51.21 50.90 61.32
C THR G 83 50.54 50.23 62.51
N ILE G 84 50.43 50.97 63.61
CA ILE G 84 49.72 50.54 64.81
C ILE G 84 48.70 51.61 65.16
N THR G 85 47.42 51.27 65.10
CA THR G 85 46.36 52.24 65.30
C THR G 85 45.19 51.61 66.05
N SER G 86 44.44 52.45 66.77
CA SER G 86 43.27 51.98 67.49
C SER G 86 42.11 51.74 66.53
N PRO G 87 41.33 50.68 66.74
CA PRO G 87 40.23 50.38 65.81
C PRO G 87 38.91 51.01 66.23
N LYS G 88 37.89 50.86 65.38
CA LYS G 88 36.57 51.37 65.71
C LYS G 88 35.85 50.39 66.64
N ASP G 89 34.66 50.81 67.11
CA ASP G 89 33.98 50.07 68.16
C ASP G 89 33.35 48.78 67.65
N ASP G 90 32.90 48.75 66.40
CA ASP G 90 32.26 47.55 65.87
C ASP G 90 33.22 46.37 65.86
N ILE G 91 34.46 46.60 65.42
CA ILE G 91 35.45 45.54 65.40
C ILE G 91 35.80 45.12 66.82
N ILE G 92 35.81 46.07 67.76
CA ILE G 92 36.06 45.73 69.16
C ILE G 92 34.99 44.79 69.68
N LYS G 93 33.72 45.10 69.38
CA LYS G 93 32.62 44.24 69.81
C LYS G 93 32.74 42.85 69.20
N SER G 94 33.03 42.78 67.89
CA SER G 94 33.16 41.49 67.24
C SER G 94 34.30 40.68 67.84
N TYR G 95 35.44 41.33 68.10
CA TYR G 95 36.60 40.66 68.66
C TYR G 95 36.29 40.12 70.06
N GLU G 96 35.62 40.92 70.89
CA GLU G 96 35.27 40.46 72.23
C GLU G 96 34.31 39.28 72.17
N SER G 97 33.30 39.35 71.30
CA SER G 97 32.36 38.26 71.16
C SER G 97 33.07 36.97 70.74
N HIS G 98 33.95 37.07 69.75
CA HIS G 98 34.66 35.89 69.28
C HIS G 98 35.57 35.31 70.36
N THR G 99 36.28 36.18 71.09
CA THR G 99 37.21 35.71 72.10
C THR G 99 36.52 35.15 73.33
N ARG G 100 35.24 35.50 73.57
CA ARG G 100 34.52 34.80 74.63
C ARG G 100 33.87 33.51 74.14
N VAL G 101 33.42 33.48 72.88
CA VAL G 101 32.85 32.24 72.35
C VAL G 101 33.90 31.14 72.31
N LEU G 102 35.13 31.48 71.91
CA LEU G 102 36.18 30.47 71.87
C LEU G 102 36.45 29.88 73.24
N GLU G 103 36.52 30.73 74.27
CA GLU G 103 36.75 30.24 75.63
C GLU G 103 35.60 29.36 76.10
N ASN G 104 34.35 29.78 75.81
CA ASN G 104 33.21 28.99 76.22
C ASN G 104 33.23 27.60 75.58
N LYS G 105 33.55 27.54 74.28
CA LYS G 105 33.61 26.25 73.60
C LYS G 105 34.75 25.40 74.16
N GLN G 106 35.88 26.02 74.48
CA GLN G 106 37.00 25.28 75.08
C GLN G 106 36.59 24.64 76.40
N VAL G 107 35.90 25.40 77.25
CA VAL G 107 35.47 24.85 78.54
C VAL G 107 34.47 23.73 78.34
N GLU G 108 33.54 23.90 77.40
CA GLU G 108 32.56 22.85 77.12
C GLU G 108 33.25 21.56 76.68
N GLU G 109 34.25 21.68 75.80
CA GLU G 109 34.98 20.49 75.37
C GLU G 109 35.76 19.85 76.52
N ILE G 110 36.30 20.66 77.42
CA ILE G 110 36.99 20.10 78.58
C ILE G 110 36.03 19.28 79.42
N LEU G 111 34.83 19.81 79.67
CA LEU G 111 33.84 19.04 80.43
C LEU G 111 33.47 17.75 79.72
N ARG G 112 33.26 17.82 78.39
CA ARG G 112 32.93 16.61 77.63
C ARG G 112 34.01 15.56 77.78
N LEU G 113 35.27 15.95 77.62
CA LEU G 113 36.37 15.00 77.71
C LEU G 113 36.46 14.39 79.10
N GLU G 114 36.30 15.22 80.15
CA GLU G 114 36.39 14.69 81.51
C GLU G 114 35.28 13.68 81.77
N LYS G 115 34.05 13.98 81.33
CA LYS G 115 32.96 13.05 81.55
C LYS G 115 33.19 11.74 80.81
N GLU G 116 33.66 11.82 79.55
CA GLU G 116 33.91 10.59 78.81
C GLU G 116 35.00 9.76 79.46
N ILE G 117 36.06 10.41 79.95
CA ILE G 117 37.14 9.69 80.61
C ILE G 117 36.63 9.00 81.86
N GLU G 118 35.83 9.70 82.66
CA GLU G 118 35.30 9.09 83.88
C GLU G 118 34.44 7.89 83.56
N ASP G 119 33.55 8.01 82.57
CA ASP G 119 32.68 6.89 82.21
C ASP G 119 33.49 5.70 81.72
N LEU G 120 34.49 5.95 80.86
CA LEU G 120 35.31 4.86 80.35
C LEU G 120 36.09 4.17 81.47
N GLN G 121 36.64 4.97 82.39
CA GLN G 121 37.39 4.38 83.50
C GLN G 121 36.50 3.52 84.37
N ARG G 122 35.29 4.00 84.68
CA ARG G 122 34.37 3.22 85.50
C ARG G 122 33.99 1.91 84.81
N MET G 123 33.69 1.97 83.51
CA MET G 123 33.30 0.76 82.80
C MET G 123 34.45 -0.23 82.73
N LYS G 124 35.67 0.26 82.49
CA LYS G 124 36.83 -0.63 82.48
C LYS G 124 37.05 -1.25 83.85
N GLU G 125 36.86 -0.48 84.92
CA GLU G 125 37.02 -1.03 86.26
C GLU G 125 36.04 -2.16 86.52
N GLN G 126 34.77 -1.96 86.17
CA GLN G 126 33.79 -3.03 86.36
C GLN G 126 34.11 -4.24 85.50
N GLN G 127 34.57 -4.02 84.27
CA GLN G 127 34.91 -5.15 83.40
C GLN G 127 36.10 -5.94 83.97
N GLU G 128 37.10 -5.23 84.50
CA GLU G 128 38.27 -5.90 85.06
C GLU G 128 37.95 -6.60 86.38
N LEU G 129 36.94 -6.14 87.11
CA LEU G 129 36.62 -6.73 88.40
C LEU G 129 36.33 -8.23 88.28
N SER G 130 35.61 -8.63 87.24
CA SER G 130 35.25 -10.04 87.03
C SER G 130 36.38 -10.71 86.26
N LEU G 131 37.31 -11.32 86.99
CA LEU G 131 38.45 -11.97 86.36
C LEU G 131 38.98 -13.05 87.31
N THR G 132 39.74 -13.98 86.74
CA THR G 132 40.32 -15.08 87.49
C THR G 132 41.77 -14.79 87.84
N GLU G 133 42.31 -15.63 88.73
CA GLU G 133 43.68 -15.41 89.23
C GLU G 133 44.71 -15.59 88.12
N ALA G 134 44.61 -16.68 87.37
CA ALA G 134 45.55 -16.89 86.27
C ALA G 134 45.40 -15.81 85.20
N SER G 135 44.16 -15.41 84.92
CA SER G 135 43.94 -14.32 83.99
C SER G 135 44.55 -13.02 84.50
N LEU G 136 44.44 -12.78 85.81
CA LEU G 136 45.05 -11.59 86.39
C LEU G 136 46.56 -11.63 86.26
N GLN G 137 47.17 -12.80 86.46
CA GLN G 137 48.61 -12.93 86.31
C GLN G 137 49.03 -12.67 84.87
N LYS G 138 48.29 -13.23 83.91
CA LYS G 138 48.60 -12.97 82.50
C LYS G 138 48.42 -11.49 82.17
N LEU G 139 47.40 -10.85 82.73
CA LEU G 139 47.20 -9.42 82.56
C LEU G 139 48.42 -8.64 83.05
N GLN G 140 48.89 -8.95 84.25
CA GLN G 140 50.04 -8.25 84.80
C GLN G 140 51.29 -8.48 83.95
N GLU G 141 51.50 -9.73 83.51
CA GLU G 141 52.68 -10.03 82.70
C GLU G 141 52.66 -9.27 81.38
N ARG G 142 51.52 -9.25 80.70
CA ARG G 142 51.46 -8.57 79.42
C ARG G 142 51.52 -7.06 79.58
N ARG G 143 50.97 -6.53 80.68
CA ARG G 143 51.11 -5.11 80.95
C ARG G 143 52.58 -4.75 81.21
N ASP G 144 53.30 -5.61 81.92
CA ASP G 144 54.73 -5.39 82.13
C ASP G 144 55.47 -5.42 80.80
N GLN G 145 55.14 -6.37 79.93
CA GLN G 145 55.73 -6.42 78.60
C GLN G 145 55.36 -5.18 77.79
N LYS H 15 80.41 56.81 -28.91
CA LYS H 15 79.26 55.92 -28.78
C LYS H 15 78.69 55.57 -30.15
N ASN H 16 78.34 54.29 -30.32
CA ASN H 16 77.85 53.82 -31.61
C ASN H 16 77.02 52.57 -31.35
N ILE H 17 75.70 52.68 -31.50
CA ILE H 17 74.77 51.57 -31.28
C ILE H 17 74.29 51.08 -32.63
N LYS H 18 74.58 49.83 -32.95
CA LYS H 18 74.17 49.22 -34.21
C LYS H 18 73.71 47.80 -33.95
N ILE H 19 72.49 47.49 -34.38
CA ILE H 19 72.00 46.12 -34.27
C ILE H 19 72.68 45.25 -35.32
N MET H 20 72.76 43.95 -35.04
CA MET H 20 73.33 43.02 -35.99
C MET H 20 72.63 41.67 -35.88
N ARG H 21 72.73 40.90 -36.96
CA ARG H 21 72.17 39.56 -37.02
C ARG H 21 73.32 38.56 -37.16
N LEU H 22 73.35 37.58 -36.25
CA LEU H 22 74.43 36.60 -36.23
C LEU H 22 74.13 35.44 -37.17
N VAL H 23 75.17 34.69 -37.52
CA VAL H 23 75.02 33.53 -38.38
C VAL H 23 74.12 32.49 -37.72
N THR H 24 74.10 32.46 -36.39
CA THR H 24 73.19 31.56 -35.69
C THR H 24 71.74 31.89 -35.99
N GLY H 25 71.42 33.18 -36.10
CA GLY H 25 70.07 33.60 -36.39
C GLY H 25 69.44 34.41 -35.28
N GLU H 26 70.25 35.16 -34.54
CA GLU H 26 69.78 35.96 -33.42
C GLU H 26 70.19 37.41 -33.63
N ASP H 27 69.49 38.29 -32.91
CA ASP H 27 69.65 39.73 -33.05
C ASP H 27 70.36 40.28 -31.81
N ILE H 28 71.49 40.95 -32.03
CA ILE H 28 72.33 41.49 -30.96
C ILE H 28 72.35 43.00 -31.08
N ILE H 29 72.09 43.68 -29.98
CA ILE H 29 72.14 45.14 -29.92
C ILE H 29 73.11 45.56 -28.82
N GLY H 30 73.99 46.51 -29.14
CA GLY H 30 74.94 46.98 -28.16
C GLY H 30 75.94 47.93 -28.79
N ASN H 31 76.89 48.34 -27.96
CA ASN H 31 77.94 49.25 -28.42
C ASN H 31 78.94 48.51 -29.30
N ILE H 32 79.21 49.04 -30.48
CA ILE H 32 79.99 48.35 -31.49
C ILE H 32 81.23 49.16 -31.82
N SER H 33 82.31 48.46 -32.14
CA SER H 33 83.54 49.12 -32.59
C SER H 33 84.22 48.21 -33.61
N GLU H 34 84.29 48.67 -34.86
CA GLU H 34 84.88 47.91 -35.96
C GLU H 34 86.25 48.49 -36.28
N SER H 35 87.31 47.81 -35.84
CA SER H 35 88.66 48.31 -36.01
C SER H 35 89.37 47.71 -37.23
N GLN H 36 89.56 46.39 -37.25
CA GLN H 36 90.34 45.73 -38.28
C GLN H 36 89.62 44.47 -38.75
N GLY H 37 88.33 44.61 -39.07
CA GLY H 37 87.53 43.45 -39.44
C GLY H 37 86.90 42.82 -38.21
N LEU H 38 87.73 42.28 -37.33
CA LEU H 38 87.23 41.79 -36.05
C LEU H 38 86.64 42.96 -35.26
N ILE H 39 85.48 42.75 -34.67
CA ILE H 39 84.75 43.83 -34.03
C ILE H 39 84.64 43.57 -32.53
N THR H 40 84.52 44.65 -31.78
CA THR H 40 84.39 44.62 -30.33
C THR H 40 82.98 45.05 -29.96
N ILE H 41 82.36 44.31 -29.04
CA ILE H 41 80.98 44.53 -28.63
C ILE H 41 80.96 44.74 -27.13
N LYS H 42 80.23 45.77 -26.69
CA LYS H 42 80.06 46.08 -25.28
C LYS H 42 78.59 46.14 -24.94
N LYS H 43 78.22 45.57 -23.80
CA LYS H 43 76.85 45.57 -23.29
C LYS H 43 75.88 44.98 -24.31
N ALA H 44 76.26 43.83 -24.86
CA ALA H 44 75.43 43.18 -25.87
C ALA H 44 74.14 42.64 -25.25
N PHE H 45 73.06 42.68 -26.03
CA PHE H 45 71.77 42.18 -25.61
C PHE H 45 71.13 41.41 -26.75
N VAL H 46 70.58 40.25 -26.41
CA VAL H 46 69.78 39.46 -27.34
C VAL H 46 68.36 40.00 -27.36
N ILE H 47 67.84 40.29 -28.55
CA ILE H 47 66.48 40.79 -28.72
C ILE H 47 65.58 39.61 -29.02
N ILE H 48 64.62 39.35 -28.15
CA ILE H 48 63.69 38.23 -28.31
C ILE H 48 62.41 38.78 -28.94
N PRO H 49 61.98 38.25 -30.09
CA PRO H 49 60.74 38.76 -30.71
C PRO H 49 59.51 38.35 -29.93
N MET H 50 58.89 39.31 -29.25
CA MET H 50 57.70 39.03 -28.44
C MET H 50 56.94 40.32 -28.17
N GLN H 59 55.60 45.00 -28.03
CA GLN H 59 56.74 45.42 -27.20
C GLN H 59 57.97 44.60 -27.53
N LEU H 60 59.07 44.89 -26.83
CA LEU H 60 60.34 44.19 -27.05
C LEU H 60 60.86 43.65 -25.73
N VAL H 61 61.57 42.53 -25.82
CA VAL H 61 62.19 41.88 -24.67
C VAL H 61 63.68 41.73 -24.95
N LEU H 62 64.50 42.11 -23.99
CA LEU H 62 65.95 42.03 -24.11
C LEU H 62 66.50 41.11 -23.03
N SER H 63 67.54 40.35 -23.37
CA SER H 63 68.19 39.44 -22.45
C SER H 63 69.70 39.60 -22.57
N PRO H 64 70.44 39.23 -21.52
CA PRO H 64 71.90 39.27 -21.62
C PRO H 64 72.40 38.28 -22.68
N TRP H 65 73.47 38.68 -23.36
CA TRP H 65 74.01 37.82 -24.42
C TRP H 65 74.96 36.77 -23.86
N GLN H 66 75.82 37.15 -22.92
CA GLN H 66 76.84 36.25 -22.36
C GLN H 66 76.70 36.27 -20.85
N PRO H 67 75.72 35.54 -20.30
CA PRO H 67 75.48 35.57 -18.86
C PRO H 67 76.44 34.75 -18.03
N TYR H 68 77.55 34.27 -18.62
CA TYR H 68 78.53 33.49 -17.88
C TYR H 68 79.88 34.18 -17.79
N THR H 69 80.00 35.42 -18.27
CA THR H 69 81.27 36.13 -18.25
C THR H 69 81.06 37.55 -17.72
N ASP H 70 82.10 38.08 -17.08
CA ASP H 70 82.09 39.43 -16.56
C ASP H 70 82.91 40.39 -17.41
N ASP H 71 83.44 39.93 -18.55
CA ASP H 71 84.24 40.80 -19.39
C ASP H 71 83.40 41.93 -19.97
N LYS H 72 83.96 43.14 -19.95
CA LYS H 72 83.24 44.29 -20.47
C LYS H 72 83.08 44.22 -21.98
N GLU H 73 84.12 43.79 -22.69
CA GLU H 73 84.12 43.76 -24.14
C GLU H 73 84.31 42.33 -24.64
N ILE H 74 83.66 42.01 -25.76
CA ILE H 74 83.78 40.70 -26.39
C ILE H 74 84.18 40.93 -27.85
N VAL H 75 85.18 40.18 -28.30
CA VAL H 75 85.73 40.34 -29.65
C VAL H 75 85.25 39.19 -30.51
N ILE H 76 84.61 39.50 -31.63
CA ILE H 76 84.15 38.51 -32.58
C ILE H 76 84.68 38.87 -33.96
N ASP H 77 84.42 37.99 -34.92
CA ASP H 77 84.93 38.14 -36.29
C ASP H 77 83.81 38.55 -37.22
N ASP H 78 84.12 39.48 -38.13
CA ASP H 78 83.11 39.97 -39.08
C ASP H 78 82.66 38.89 -40.05
N SER H 79 83.42 37.80 -40.20
CA SER H 79 83.01 36.71 -41.06
C SER H 79 81.84 35.92 -40.48
N GLU H 80 81.47 36.17 -39.23
CA GLU H 80 80.42 35.43 -38.55
C GLU H 80 79.20 36.28 -38.25
N VAL H 81 79.07 37.44 -38.91
CA VAL H 81 77.92 38.32 -38.75
C VAL H 81 77.33 38.60 -40.12
N ILE H 82 76.00 38.54 -40.22
CA ILE H 82 75.34 38.70 -41.51
C ILE H 82 75.14 40.18 -41.83
N THR H 83 74.34 40.87 -41.03
CA THR H 83 73.97 42.26 -41.29
C THR H 83 74.22 43.10 -40.06
N ILE H 84 74.75 44.31 -40.29
CA ILE H 84 74.97 45.31 -39.24
C ILE H 84 74.30 46.59 -39.70
N THR H 85 73.29 47.04 -38.97
CA THR H 85 72.50 48.19 -39.37
C THR H 85 72.10 49.01 -38.16
N SER H 86 71.88 50.31 -38.37
CA SER H 86 71.44 51.19 -37.29
C SER H 86 69.96 50.98 -37.01
N PRO H 87 69.55 51.01 -35.74
CA PRO H 87 68.14 50.76 -35.41
C PRO H 87 67.31 52.04 -35.36
N LYS H 88 66.00 51.89 -35.15
CA LYS H 88 65.13 53.04 -35.01
C LYS H 88 65.20 53.59 -33.58
N ASP H 89 64.53 54.73 -33.38
CA ASP H 89 64.70 55.45 -32.12
C ASP H 89 63.99 54.78 -30.95
N ASP H 90 62.86 54.11 -31.20
CA ASP H 90 62.12 53.48 -30.11
C ASP H 90 62.97 52.40 -29.43
N ILE H 91 63.65 51.58 -30.22
CA ILE H 91 64.50 50.54 -29.65
C ILE H 91 65.68 51.17 -28.92
N ILE H 92 66.19 52.29 -29.44
CA ILE H 92 67.27 53.00 -28.75
C ILE H 92 66.82 53.44 -27.36
N LYS H 93 65.62 54.02 -27.29
CA LYS H 93 65.09 54.47 -26.01
C LYS H 93 64.91 53.30 -25.05
N SER H 94 64.34 52.20 -25.54
CA SER H 94 64.14 51.04 -24.68
C SER H 94 65.46 50.48 -24.18
N TYR H 95 66.46 50.41 -25.07
CA TYR H 95 67.77 49.89 -24.69
C TYR H 95 68.42 50.78 -23.64
N GLU H 96 68.35 52.10 -23.81
CA GLU H 96 68.93 53.00 -22.82
C GLU H 96 68.23 52.88 -21.48
N SER H 97 66.89 52.80 -21.49
CA SER H 97 66.16 52.64 -20.24
C SER H 97 66.56 51.36 -19.53
N HIS H 98 66.63 50.25 -20.27
CA HIS H 98 66.98 48.98 -19.64
C HIS H 98 68.41 49.01 -19.09
N THR H 99 69.35 49.59 -19.85
CA THR H 99 70.74 49.60 -19.42
C THR H 99 70.99 50.57 -18.26
N ARG H 100 70.11 51.54 -18.04
CA ARG H 100 70.25 52.32 -16.82
C ARG H 100 69.54 51.68 -15.63
N VAL H 101 68.41 51.00 -15.87
CA VAL H 101 67.73 50.31 -14.78
C VAL H 101 68.61 49.20 -14.20
N LEU H 102 69.31 48.46 -15.07
CA LEU H 102 70.19 47.41 -14.58
C LEU H 102 71.29 47.96 -13.68
N GLU H 103 71.91 49.07 -14.10
CA GLU H 103 72.96 49.69 -13.29
C GLU H 103 72.41 50.18 -11.95
N ASN H 104 71.23 50.80 -11.98
CA ASN H 104 70.62 51.29 -10.74
C ASN H 104 70.37 50.15 -9.76
N LYS H 105 69.82 49.03 -10.27
CA LYS H 105 69.55 47.89 -9.41
C LYS H 105 70.84 47.29 -8.87
N GLN H 106 71.89 47.25 -9.71
CA GLN H 106 73.19 46.74 -9.25
C GLN H 106 73.72 47.58 -8.09
N VAL H 107 73.65 48.90 -8.21
CA VAL H 107 74.14 49.77 -7.15
C VAL H 107 73.32 49.59 -5.88
N GLU H 108 71.99 49.47 -6.03
CA GLU H 108 71.14 49.27 -4.86
C GLU H 108 71.51 47.97 -4.14
N GLU H 109 71.75 46.91 -4.90
CA GLU H 109 72.14 45.65 -4.27
C GLU H 109 73.50 45.75 -3.60
N ILE H 110 74.43 46.51 -4.18
CA ILE H 110 75.73 46.71 -3.54
C ILE H 110 75.55 47.39 -2.18
N LEU H 111 74.72 48.44 -2.13
CA LEU H 111 74.46 49.10 -0.86
C LEU H 111 73.82 48.15 0.15
N ARG H 112 72.85 47.36 -0.29
CA ARG H 112 72.21 46.39 0.61
C ARG H 112 73.24 45.44 1.21
N LEU H 113 74.09 44.87 0.36
CA LEU H 113 75.09 43.92 0.82
C LEU H 113 76.06 44.57 1.80
N GLU H 114 76.52 45.78 1.50
CA GLU H 114 77.45 46.45 2.39
C GLU H 114 76.82 46.70 3.75
N LYS H 115 75.57 47.17 3.77
CA LYS H 115 74.91 47.42 5.05
C LYS H 115 74.74 46.14 5.85
N GLU H 116 74.33 45.06 5.19
CA GLU H 116 74.16 43.79 5.89
C GLU H 116 75.49 43.30 6.47
N ILE H 117 76.56 43.43 5.69
CA ILE H 117 77.87 42.99 6.16
C ILE H 117 78.30 43.80 7.37
N GLU H 118 78.11 45.12 7.33
CA GLU H 118 78.49 45.96 8.46
C GLU H 118 77.70 45.59 9.72
N ASP H 119 76.39 45.39 9.57
CA ASP H 119 75.57 45.03 10.72
C ASP H 119 76.00 43.68 11.31
N LEU H 120 76.22 42.69 10.45
CA LEU H 120 76.64 41.38 10.93
C LEU H 120 77.99 41.45 11.63
N GLN H 121 78.93 42.22 11.08
CA GLN H 121 80.24 42.33 11.69
C GLN H 121 80.15 42.99 13.06
N ARG H 122 79.34 44.05 13.17
CA ARG H 122 79.18 44.71 14.46
C ARG H 122 78.56 43.78 15.50
N MET H 123 77.52 43.05 15.10
CA MET H 123 76.87 42.15 16.05
C MET H 123 77.81 41.03 16.48
N LYS H 124 78.59 40.48 15.54
CA LYS H 124 79.56 39.45 15.89
C LYS H 124 80.62 40.00 16.83
N GLU H 125 81.07 41.24 16.60
CA GLU H 125 82.06 41.84 17.48
C GLU H 125 81.54 41.96 18.90
N GLN H 126 80.31 42.47 19.06
CA GLN H 126 79.73 42.58 20.40
C GLN H 126 79.54 41.21 21.04
N GLN H 127 79.13 40.21 20.26
CA GLN H 127 78.96 38.87 20.83
C GLN H 127 80.30 38.28 21.29
N GLU H 128 81.36 38.50 20.51
CA GLU H 128 82.67 37.97 20.88
C GLU H 128 83.28 38.73 22.04
N LEU H 129 82.90 40.00 22.25
CA LEU H 129 83.49 40.78 23.32
C LEU H 129 83.30 40.11 24.68
N SER H 130 82.12 39.55 24.93
CA SER H 130 81.83 38.89 26.21
C SER H 130 82.29 37.44 26.13
N LEU H 131 83.51 37.19 26.58
CA LEU H 131 84.06 35.85 26.53
C LEU H 131 85.15 35.72 27.60
N THR H 132 85.46 34.48 27.94
CA THR H 132 86.46 34.19 28.96
C THR H 132 87.80 33.84 28.32
N GLU H 133 88.83 33.78 29.16
CA GLU H 133 90.19 33.56 28.67
C GLU H 133 90.34 32.16 28.07
N ALA H 134 89.88 31.13 28.79
CA ALA H 134 89.96 29.77 28.27
C ALA H 134 89.10 29.62 27.02
N SER H 135 87.93 30.25 27.01
CA SER H 135 87.09 30.23 25.81
C SER H 135 87.79 30.92 24.65
N LEU H 136 88.50 32.02 24.92
CA LEU H 136 89.24 32.70 23.88
C LEU H 136 90.35 31.82 23.33
N GLN H 137 91.04 31.09 24.21
CA GLN H 137 92.10 30.18 23.76
C GLN H 137 91.52 29.06 22.89
N LYS H 138 90.38 28.50 23.31
CA LYS H 138 89.74 27.47 22.49
C LYS H 138 89.29 28.04 21.14
N LEU H 139 88.79 29.27 21.15
CA LEU H 139 88.42 29.94 19.91
C LEU H 139 89.61 30.05 18.97
N GLN H 140 90.74 30.52 19.49
CA GLN H 140 91.94 30.66 18.66
C GLN H 140 92.42 29.32 18.13
N GLU H 141 92.40 28.28 18.98
CA GLU H 141 92.85 26.97 18.56
C GLU H 141 91.97 26.41 17.44
N ARG H 142 90.65 26.52 17.60
CA ARG H 142 89.76 25.96 16.59
C ARG H 142 89.79 26.79 15.31
N ARG H 143 90.00 28.10 15.42
CA ARG H 143 90.18 28.92 14.22
C ARG H 143 91.45 28.54 13.48
N ASP H 144 92.53 28.25 14.22
CA ASP H 144 93.76 27.78 13.60
C ASP H 144 93.54 26.44 12.90
N GLN H 145 92.81 25.53 13.54
CA GLN H 145 92.46 24.26 12.92
C GLN H 145 91.57 24.49 11.70
N LYS I 15 41.07 -33.59 -87.90
CA LYS I 15 40.32 -33.34 -86.66
C LYS I 15 39.07 -34.20 -86.61
N ASN I 16 38.80 -34.78 -85.45
CA ASN I 16 37.65 -35.67 -85.29
C ASN I 16 37.26 -35.68 -83.82
N ILE I 17 36.13 -35.06 -83.49
CA ILE I 17 35.64 -34.99 -82.12
C ILE I 17 34.46 -35.94 -82.00
N LYS I 18 34.60 -36.93 -81.11
CA LYS I 18 33.55 -37.91 -80.87
C LYS I 18 33.47 -38.20 -79.38
N ILE I 19 32.27 -38.04 -78.81
CA ILE I 19 32.06 -38.37 -77.41
C ILE I 19 32.03 -39.89 -77.26
N MET I 20 32.38 -40.37 -76.07
CA MET I 20 32.30 -41.79 -75.80
C MET I 20 31.94 -42.01 -74.34
N ARG I 21 31.42 -43.21 -74.07
CA ARG I 21 31.06 -43.64 -72.74
C ARG I 21 31.96 -44.80 -72.32
N LEU I 22 32.62 -44.65 -71.17
CA LEU I 22 33.55 -45.65 -70.71
C LEU I 22 32.83 -46.74 -69.90
N VAL I 23 33.51 -47.89 -69.76
CA VAL I 23 32.94 -49.00 -68.98
C VAL I 23 32.73 -48.58 -67.53
N THR I 24 33.54 -47.63 -67.04
CA THR I 24 33.34 -47.12 -65.69
C THR I 24 31.99 -46.42 -65.56
N GLY I 25 31.57 -45.72 -66.60
CA GLY I 25 30.28 -45.04 -66.58
C GLY I 25 30.40 -43.53 -66.67
N GLU I 26 31.43 -43.06 -67.37
CA GLU I 26 31.69 -41.63 -67.51
C GLU I 26 31.76 -41.26 -68.98
N ASP I 27 31.59 -39.98 -69.26
CA ASP I 27 31.52 -39.45 -70.62
C ASP I 27 32.78 -38.66 -70.92
N ILE I 28 33.48 -39.06 -71.98
CA ILE I 28 34.75 -38.46 -72.38
C ILE I 28 34.57 -37.83 -73.75
N ILE I 29 34.99 -36.56 -73.87
CA ILE I 29 34.93 -35.84 -75.13
C ILE I 29 36.33 -35.35 -75.47
N GLY I 30 36.74 -35.54 -76.71
CA GLY I 30 38.07 -35.10 -77.13
C GLY I 30 38.38 -35.59 -78.53
N ASN I 31 39.60 -35.28 -78.95
CA ASN I 31 40.06 -35.69 -80.27
C ASN I 31 40.37 -37.18 -80.28
N ILE I 32 39.81 -37.90 -81.25
CA ILE I 32 39.86 -39.36 -81.27
C ILE I 32 40.56 -39.82 -82.55
N SER I 33 41.28 -40.93 -82.43
CA SER I 33 41.90 -41.55 -83.60
C SER I 33 41.88 -43.06 -83.41
N GLU I 34 41.14 -43.76 -84.26
CA GLU I 34 40.98 -45.21 -84.18
C GLU I 34 41.80 -45.85 -85.30
N SER I 35 42.97 -46.39 -84.94
CA SER I 35 43.89 -46.96 -85.92
C SER I 35 43.73 -48.47 -86.06
N GLN I 36 43.98 -49.23 -84.99
CA GLN I 36 44.02 -50.69 -85.05
C GLN I 36 43.26 -51.28 -83.87
N GLY I 37 42.05 -50.78 -83.63
CA GLY I 37 41.30 -51.20 -82.47
C GLY I 37 41.60 -50.32 -81.27
N LEU I 38 42.84 -50.37 -80.79
CA LEU I 38 43.27 -49.45 -79.75
C LEU I 38 43.21 -48.03 -80.29
N ILE I 39 42.66 -47.12 -79.48
CA ILE I 39 42.40 -45.77 -79.94
C ILE I 39 43.26 -44.78 -79.16
N THR I 40 43.54 -43.66 -79.80
CA THR I 40 44.34 -42.57 -79.24
C THR I 40 43.43 -41.38 -78.97
N ILE I 41 43.56 -40.79 -77.79
CA ILE I 41 42.71 -39.70 -77.35
C ILE I 41 43.60 -38.51 -77.00
N LYS I 42 43.21 -37.33 -77.48
CA LYS I 42 43.92 -36.09 -77.21
C LYS I 42 42.97 -35.06 -76.62
N LYS I 43 43.45 -34.35 -75.59
CA LYS I 43 42.68 -33.30 -74.94
C LYS I 43 41.33 -33.81 -74.42
N ALA I 44 41.38 -34.97 -73.74
CA ALA I 44 40.17 -35.58 -73.22
C ALA I 44 39.59 -34.76 -72.08
N PHE I 45 38.26 -34.75 -72.00
CA PHE I 45 37.54 -34.03 -70.96
C PHE I 45 36.40 -34.89 -70.43
N VAL I 46 36.27 -34.95 -69.11
CA VAL I 46 35.14 -35.60 -68.47
C VAL I 46 33.98 -34.62 -68.44
N ILE I 47 32.81 -35.07 -68.91
CA ILE I 47 31.61 -34.25 -68.91
C ILE I 47 30.80 -34.59 -67.67
N ILE I 48 30.61 -33.62 -66.78
CA ILE I 48 29.87 -33.80 -65.54
C ILE I 48 28.44 -33.35 -65.77
N PRO I 49 27.43 -34.19 -65.55
CA PRO I 49 26.04 -33.76 -65.75
C PRO I 49 25.59 -32.78 -64.69
N MET I 50 25.43 -31.52 -65.06
CA MET I 50 25.03 -30.48 -64.13
C MET I 50 24.48 -29.27 -64.87
N GLN I 59 23.15 -26.20 -68.40
CA GLN I 59 24.50 -25.98 -68.90
C GLN I 59 25.35 -27.25 -68.74
N LEU I 60 26.61 -27.16 -69.15
CA LEU I 60 27.53 -28.29 -69.07
C LEU I 60 28.79 -27.89 -68.34
N VAL I 61 29.39 -28.87 -67.65
CA VAL I 61 30.63 -28.68 -66.92
C VAL I 61 31.64 -29.70 -67.42
N LEU I 62 32.85 -29.25 -67.72
CA LEU I 62 33.92 -30.10 -68.21
C LEU I 62 35.09 -30.06 -67.24
N SER I 63 35.75 -31.20 -67.08
CA SER I 63 36.90 -31.32 -66.20
C SER I 63 38.00 -32.08 -66.92
N PRO I 64 39.26 -31.90 -66.52
CA PRO I 64 40.34 -32.70 -67.11
C PRO I 64 40.17 -34.17 -66.79
N TRP I 65 40.54 -35.02 -67.75
CA TRP I 65 40.39 -36.45 -67.56
C TRP I 65 41.57 -37.06 -66.80
N GLN I 66 42.78 -36.64 -67.12
CA GLN I 66 44.00 -37.19 -66.52
C GLN I 66 44.82 -36.04 -65.96
N PRO I 67 44.45 -35.51 -64.80
CA PRO I 67 45.14 -34.35 -64.24
C PRO I 67 46.48 -34.66 -63.59
N TYR I 68 47.03 -35.86 -63.78
CA TYR I 68 48.31 -36.23 -63.19
C TYR I 68 49.38 -36.51 -64.25
N THR I 69 49.07 -36.30 -65.52
CA THR I 69 50.02 -36.57 -66.60
C THR I 69 50.06 -35.40 -67.56
N ASP I 70 51.22 -35.21 -68.19
CA ASP I 70 51.42 -34.17 -69.19
C ASP I 70 51.47 -34.73 -70.61
N ASP I 71 51.22 -36.02 -70.78
CA ASP I 71 51.26 -36.61 -72.12
C ASP I 71 50.15 -36.03 -72.99
N LYS I 72 50.50 -35.71 -74.24
CA LYS I 72 49.52 -35.15 -75.16
C LYS I 72 48.47 -36.18 -75.54
N GLU I 73 48.89 -37.42 -75.79
CA GLU I 73 48.00 -38.47 -76.26
C GLU I 73 47.96 -39.62 -75.26
N ILE I 74 46.79 -40.24 -75.13
CA ILE I 74 46.60 -41.39 -74.26
C ILE I 74 46.00 -42.52 -75.09
N VAL I 75 46.57 -43.71 -74.97
CA VAL I 75 46.16 -44.87 -75.76
C VAL I 75 45.34 -45.79 -74.88
N ILE I 76 44.12 -46.11 -75.31
CA ILE I 76 43.26 -47.04 -74.60
C ILE I 76 42.79 -48.11 -75.58
N ASP I 77 42.07 -49.11 -75.06
CA ASP I 77 41.63 -50.25 -75.83
C ASP I 77 40.13 -50.14 -76.12
N ASP I 78 39.74 -50.49 -77.33
CA ASP I 78 38.33 -50.43 -77.73
C ASP I 78 37.46 -51.41 -76.95
N SER I 79 38.07 -52.44 -76.35
CA SER I 79 37.30 -53.38 -75.54
C SER I 79 36.81 -52.77 -74.24
N GLU I 80 37.27 -51.55 -73.89
CA GLU I 80 36.93 -50.91 -72.63
C GLU I 80 36.08 -49.66 -72.84
N VAL I 81 35.47 -49.50 -74.01
CA VAL I 81 34.60 -48.37 -74.31
C VAL I 81 33.27 -48.91 -74.82
N ILE I 82 32.18 -48.33 -74.32
CA ILE I 82 30.85 -48.84 -74.66
C ILE I 82 30.37 -48.25 -75.98
N THR I 83 30.18 -46.94 -76.02
CA THR I 83 29.61 -46.26 -77.17
C THR I 83 30.50 -45.09 -77.59
N ILE I 84 30.67 -44.92 -78.90
CA ILE I 84 31.41 -43.81 -79.48
C ILE I 84 30.49 -43.17 -80.52
N THR I 85 30.11 -41.91 -80.29
CA THR I 85 29.15 -41.23 -81.14
C THR I 85 29.52 -39.76 -81.29
N SER I 86 29.11 -39.18 -82.41
CA SER I 86 29.35 -37.76 -82.65
C SER I 86 28.37 -36.91 -81.84
N PRO I 87 28.83 -35.78 -81.29
CA PRO I 87 27.96 -34.96 -80.45
C PRO I 87 27.24 -33.88 -81.23
N LYS I 88 26.34 -33.14 -80.57
CA LYS I 88 25.65 -32.04 -81.20
C LYS I 88 26.54 -30.80 -81.23
N ASP I 89 26.06 -29.75 -81.89
CA ASP I 89 26.89 -28.58 -82.16
C ASP I 89 27.11 -27.73 -80.92
N ASP I 90 26.13 -27.66 -80.02
CA ASP I 90 26.27 -26.83 -78.83
C ASP I 90 27.44 -27.30 -77.97
N ILE I 91 27.56 -28.60 -77.76
CA ILE I 91 28.67 -29.14 -76.97
C ILE I 91 29.99 -28.91 -77.69
N ILE I 92 29.98 -28.98 -79.03
CA ILE I 92 31.19 -28.70 -79.79
C ILE I 92 31.65 -27.27 -79.55
N LYS I 93 30.71 -26.32 -79.59
CA LYS I 93 31.04 -24.92 -79.35
C LYS I 93 31.59 -24.73 -77.94
N SER I 94 30.93 -25.33 -76.95
CA SER I 94 31.40 -25.18 -75.57
C SER I 94 32.79 -25.77 -75.39
N TYR I 95 33.03 -26.94 -76.00
CA TYR I 95 34.33 -27.58 -75.89
C TYR I 95 35.42 -26.73 -76.53
N GLU I 96 35.15 -26.17 -77.72
CA GLU I 96 36.14 -25.32 -78.37
C GLU I 96 36.43 -24.07 -77.55
N SER I 97 35.38 -23.45 -77.00
CA SER I 97 35.57 -22.26 -76.18
C SER I 97 36.44 -22.58 -74.96
N HIS I 98 36.13 -23.69 -74.28
CA HIS I 98 36.90 -24.05 -73.09
C HIS I 98 38.35 -24.36 -73.44
N THR I 99 38.58 -25.09 -74.54
CA THR I 99 39.93 -25.49 -74.90
C THR I 99 40.75 -24.32 -75.43
N ARG I 100 40.13 -23.23 -75.89
CA ARG I 100 40.92 -22.06 -76.20
C ARG I 100 41.14 -21.17 -74.97
N VAL I 101 40.17 -21.10 -74.07
CA VAL I 101 40.36 -20.32 -72.84
C VAL I 101 41.50 -20.90 -72.01
N LEU I 102 41.57 -22.23 -71.92
CA LEU I 102 42.65 -22.83 -71.14
C LEU I 102 44.02 -22.48 -71.71
N GLU I 103 44.17 -22.56 -73.04
CA GLU I 103 45.44 -22.21 -73.67
C GLU I 103 45.78 -20.74 -73.45
N ASN I 104 44.79 -19.85 -73.57
CA ASN I 104 45.04 -18.43 -73.36
C ASN I 104 45.53 -18.18 -71.93
N LYS I 105 44.88 -18.80 -70.95
CA LYS I 105 45.30 -18.61 -69.56
C LYS I 105 46.69 -19.18 -69.32
N GLN I 106 47.00 -20.32 -69.95
CA GLN I 106 48.33 -20.90 -69.82
C GLN I 106 49.40 -19.93 -70.34
N VAL I 107 49.16 -19.34 -71.51
CA VAL I 107 50.13 -18.41 -72.07
C VAL I 107 50.28 -17.18 -71.18
N GLU I 108 49.16 -16.67 -70.66
CA GLU I 108 49.23 -15.51 -69.78
C GLU I 108 50.06 -15.82 -68.54
N GLU I 109 49.87 -17.00 -67.95
CA GLU I 109 50.67 -17.37 -66.79
C GLU I 109 52.15 -17.53 -67.13
N ILE I 110 52.45 -18.04 -68.33
CA ILE I 110 53.85 -18.14 -68.75
C ILE I 110 54.48 -16.75 -68.82
N LEU I 111 53.78 -15.79 -69.41
CA LEU I 111 54.31 -14.43 -69.45
C LEU I 111 54.51 -13.85 -68.06
N ARG I 112 53.53 -14.06 -67.17
CA ARG I 112 53.67 -13.57 -65.80
C ARG I 112 54.92 -14.13 -65.13
N LEU I 113 55.11 -15.46 -65.24
CA LEU I 113 56.26 -16.09 -64.61
C LEU I 113 57.57 -15.57 -65.18
N GLU I 114 57.63 -15.42 -66.51
CA GLU I 114 58.87 -14.93 -67.12
C GLU I 114 59.19 -13.52 -66.65
N LYS I 115 58.18 -12.64 -66.59
CA LYS I 115 58.42 -11.28 -66.14
C LYS I 115 58.89 -11.25 -64.69
N GLU I 116 58.25 -12.04 -63.83
CA GLU I 116 58.66 -12.08 -62.42
C GLU I 116 60.09 -12.59 -62.28
N ILE I 117 60.45 -13.62 -63.04
CA ILE I 117 61.81 -14.16 -62.99
C ILE I 117 62.82 -13.11 -63.42
N GLU I 118 62.53 -12.40 -64.51
CA GLU I 118 63.45 -11.38 -64.99
C GLU I 118 63.64 -10.27 -63.96
N ASP I 119 62.54 -9.80 -63.36
CA ASP I 119 62.64 -8.75 -62.36
C ASP I 119 63.44 -9.21 -61.15
N LEU I 120 63.17 -10.43 -60.66
CA LEU I 120 63.90 -10.94 -59.50
C LEU I 120 65.38 -11.09 -59.81
N GLN I 121 65.72 -11.59 -61.00
CA GLN I 121 67.12 -11.75 -61.37
C GLN I 121 67.83 -10.41 -61.44
N ARG I 122 67.19 -9.40 -62.03
CA ARG I 122 67.80 -8.08 -62.11
C ARG I 122 68.03 -7.50 -60.72
N MET I 123 67.03 -7.61 -59.84
CA MET I 123 67.17 -7.05 -58.50
C MET I 123 68.26 -7.75 -57.72
N LYS I 124 68.34 -9.09 -57.85
CA LYS I 124 69.41 -9.83 -57.18
C LYS I 124 70.77 -9.43 -57.72
N GLU I 125 70.88 -9.21 -59.03
CA GLU I 125 72.15 -8.80 -59.62
C GLU I 125 72.60 -7.46 -59.05
N GLN I 126 71.68 -6.49 -58.99
CA GLN I 126 72.05 -5.19 -58.42
C GLN I 126 72.42 -5.31 -56.95
N GLN I 127 71.70 -6.14 -56.19
CA GLN I 127 72.02 -6.31 -54.78
C GLN I 127 73.39 -6.94 -54.59
N GLU I 128 73.73 -7.93 -55.42
CA GLU I 128 75.03 -8.59 -55.32
C GLU I 128 76.17 -7.70 -55.80
N LEU I 129 75.89 -6.74 -56.69
CA LEU I 129 76.95 -5.89 -57.21
C LEU I 129 77.69 -5.16 -56.09
N SER I 130 76.96 -4.66 -55.09
CA SER I 130 77.57 -3.93 -53.99
C SER I 130 78.00 -4.92 -52.92
N LEU I 131 79.26 -5.35 -52.99
CA LEU I 131 79.79 -6.32 -52.04
C LEU I 131 81.30 -6.16 -51.95
N THR I 132 81.86 -6.69 -50.87
CA THR I 132 83.29 -6.62 -50.63
C THR I 132 83.98 -7.92 -51.03
N GLU I 133 85.31 -7.88 -51.06
CA GLU I 133 86.09 -9.03 -51.52
C GLU I 133 85.96 -10.21 -50.57
N ALA I 134 86.13 -9.97 -49.27
CA ALA I 134 85.97 -11.04 -48.29
C ALA I 134 84.54 -11.57 -48.28
N SER I 135 83.56 -10.68 -48.41
CA SER I 135 82.18 -11.11 -48.49
C SER I 135 81.95 -11.96 -49.75
N LEU I 136 82.57 -11.58 -50.86
CA LEU I 136 82.46 -12.36 -52.08
C LEU I 136 83.07 -13.75 -51.90
N GLN I 137 84.22 -13.83 -51.21
CA GLN I 137 84.84 -15.13 -50.96
C GLN I 137 83.94 -16.00 -50.08
N LYS I 138 83.36 -15.41 -49.04
CA LYS I 138 82.43 -16.17 -48.19
C LYS I 138 81.22 -16.62 -48.99
N LEU I 139 80.71 -15.75 -49.86
CA LEU I 139 79.61 -16.12 -50.74
C LEU I 139 79.95 -17.34 -51.59
N GLN I 140 81.13 -17.31 -52.22
CA GLN I 140 81.54 -18.43 -53.07
C GLN I 140 81.70 -19.70 -52.25
N GLU I 141 82.30 -19.60 -51.06
CA GLU I 141 82.50 -20.78 -50.23
C GLU I 141 81.18 -21.39 -49.81
N ARG I 142 80.22 -20.56 -49.36
CA ARG I 142 78.95 -21.10 -48.91
C ARG I 142 78.12 -21.63 -50.09
N ARG I 143 78.24 -21.01 -51.25
CA ARG I 143 77.57 -21.55 -52.44
C ARG I 143 78.15 -22.90 -52.82
N ASP I 144 79.47 -23.06 -52.71
CA ASP I 144 80.08 -24.36 -52.95
C ASP I 144 79.59 -25.40 -51.95
N GLN I 145 79.50 -25.02 -50.68
CA GLN I 145 78.94 -25.91 -49.66
C GLN I 145 77.48 -26.22 -49.95
N LYS J 15 -19.09 -99.53 -15.64
CA LYS J 15 -18.94 -98.16 -15.16
C LYS J 15 -19.85 -97.90 -13.96
N ASN J 16 -19.30 -97.22 -12.95
CA ASN J 16 -20.04 -96.97 -11.72
C ASN J 16 -19.46 -95.73 -11.06
N ILE J 17 -20.20 -94.62 -11.10
CA ILE J 17 -19.75 -93.36 -10.51
C ILE J 17 -20.52 -93.14 -9.22
N LYS J 18 -19.80 -93.06 -8.11
CA LYS J 18 -20.41 -92.85 -6.80
C LYS J 18 -19.54 -91.88 -6.01
N ILE J 19 -20.16 -90.80 -5.52
CA ILE J 19 -19.44 -89.87 -4.68
C ILE J 19 -19.26 -90.47 -3.29
N MET J 20 -18.22 -90.04 -2.58
CA MET J 20 -18.00 -90.51 -1.23
C MET J 20 -17.38 -89.39 -0.39
N ARG J 21 -17.54 -89.53 0.91
CA ARG J 21 -16.97 -88.60 1.88
C ARG J 21 -15.93 -89.33 2.72
N LEU J 22 -14.72 -88.78 2.76
CA LEU J 22 -13.63 -89.40 3.47
C LEU J 22 -13.62 -89.00 4.94
N VAL J 23 -12.91 -89.80 5.76
CA VAL J 23 -12.80 -89.50 7.18
C VAL J 23 -12.11 -88.17 7.40
N THR J 24 -11.25 -87.76 6.47
CA THR J 24 -10.62 -86.44 6.56
C THR J 24 -11.66 -85.33 6.48
N GLY J 25 -12.68 -85.51 5.65
CA GLY J 25 -13.73 -84.52 5.52
C GLY J 25 -13.79 -83.91 4.13
N GLU J 26 -13.44 -84.69 3.12
CA GLU J 26 -13.43 -84.22 1.74
C GLU J 26 -14.31 -85.13 0.88
N ASP J 27 -14.71 -84.60 -0.28
CA ASP J 27 -15.63 -85.27 -1.18
C ASP J 27 -14.88 -85.74 -2.42
N ILE J 28 -14.95 -87.05 -2.68
CA ILE J 28 -14.23 -87.69 -3.78
C ILE J 28 -15.26 -88.25 -4.76
N ILE J 29 -15.10 -87.93 -6.03
CA ILE J 29 -15.96 -88.44 -7.09
C ILE J 29 -15.10 -89.16 -8.12
N GLY J 30 -15.53 -90.35 -8.53
CA GLY J 30 -14.78 -91.10 -9.52
C GLY J 30 -15.34 -92.49 -9.70
N ASN J 31 -14.66 -93.26 -10.54
CA ASN J 31 -15.08 -94.62 -10.81
C ASN J 31 -14.73 -95.52 -9.62
N ILE J 32 -15.71 -96.27 -9.14
CA ILE J 32 -15.58 -97.03 -7.89
C ILE J 32 -15.77 -98.51 -8.19
N SER J 33 -15.05 -99.34 -7.43
CA SER J 33 -15.22 -100.79 -7.52
C SER J 33 -15.01 -101.39 -6.13
N GLU J 34 -16.07 -101.95 -5.56
CA GLU J 34 -16.04 -102.52 -4.22
C GLU J 34 -16.02 -104.04 -4.34
N SER J 35 -14.84 -104.65 -4.15
CA SER J 35 -14.68 -106.08 -4.32
C SER J 35 -14.78 -106.85 -3.00
N GLN J 36 -13.88 -106.58 -2.06
CA GLN J 36 -13.78 -107.36 -0.83
C GLN J 36 -13.59 -106.41 0.37
N GLY J 37 -14.44 -105.40 0.44
CA GLY J 37 -14.30 -104.40 1.48
C GLY J 37 -13.40 -103.27 1.02
N LEU J 38 -12.12 -103.58 0.81
CA LEU J 38 -11.22 -102.61 0.21
C LEU J 38 -11.69 -102.26 -1.19
N ILE J 39 -11.69 -100.97 -1.52
CA ILE J 39 -12.29 -100.49 -2.76
C ILE J 39 -11.20 -99.90 -3.64
N THR J 40 -11.46 -99.94 -4.95
CA THR J 40 -10.57 -99.41 -5.97
C THR J 40 -11.21 -98.19 -6.59
N ILE J 41 -10.42 -97.12 -6.74
CA ILE J 41 -10.91 -95.84 -7.24
C ILE J 41 -10.08 -95.46 -8.46
N LYS J 42 -10.77 -95.03 -9.52
CA LYS J 42 -10.14 -94.60 -10.75
C LYS J 42 -10.60 -93.20 -11.10
N LYS J 43 -9.66 -92.36 -11.53
CA LYS J 43 -9.93 -90.98 -11.95
C LYS J 43 -10.63 -90.19 -10.84
N ALA J 44 -10.10 -90.29 -9.63
CA ALA J 44 -10.68 -89.61 -8.49
C ALA J 44 -10.51 -88.10 -8.60
N PHE J 45 -11.51 -87.37 -8.12
CA PHE J 45 -11.50 -85.92 -8.12
C PHE J 45 -12.00 -85.40 -6.79
N VAL J 46 -11.30 -84.41 -6.23
CA VAL J 46 -11.74 -83.69 -5.05
C VAL J 46 -12.72 -82.61 -5.49
N ILE J 47 -13.89 -82.57 -4.85
CA ILE J 47 -14.91 -81.56 -5.13
C ILE J 47 -14.75 -80.44 -4.12
N ILE J 48 -14.43 -79.25 -4.60
CA ILE J 48 -14.25 -78.08 -3.74
C ILE J 48 -15.55 -77.29 -3.72
N PRO J 49 -16.14 -77.04 -2.55
CA PRO J 49 -17.39 -76.27 -2.51
C PRO J 49 -17.18 -74.81 -2.83
N MET J 50 -17.62 -74.38 -4.00
CA MET J 50 -17.44 -73.00 -4.44
C MET J 50 -18.41 -72.66 -5.56
N GLN J 59 -21.85 -73.00 -8.99
CA GLN J 59 -21.10 -73.93 -9.83
C GLN J 59 -20.25 -74.87 -8.97
N LEU J 60 -19.51 -75.75 -9.63
CA LEU J 60 -18.66 -76.72 -8.94
C LEU J 60 -17.24 -76.63 -9.48
N VAL J 61 -16.28 -76.92 -8.61
CA VAL J 61 -14.87 -76.94 -8.95
C VAL J 61 -14.30 -78.30 -8.59
N LEU J 62 -13.56 -78.90 -9.51
CA LEU J 62 -12.96 -80.21 -9.31
C LEU J 62 -11.45 -80.09 -9.42
N SER J 63 -10.74 -80.87 -8.60
CA SER J 63 -9.29 -80.89 -8.60
C SER J 63 -8.80 -82.33 -8.57
N PRO J 64 -7.58 -82.59 -9.03
CA PRO J 64 -7.03 -83.95 -8.93
C PRO J 64 -6.87 -84.36 -7.47
N TRP J 65 -7.09 -85.64 -7.21
CA TRP J 65 -6.98 -86.13 -5.84
C TRP J 65 -5.56 -86.48 -5.46
N GLN J 66 -4.82 -87.12 -6.36
CA GLN J 66 -3.46 -87.57 -6.09
C GLN J 66 -2.55 -87.03 -7.20
N PRO J 67 -2.18 -85.75 -7.12
CA PRO J 67 -1.37 -85.14 -8.17
C PRO J 67 0.10 -85.50 -8.16
N TYR J 68 0.51 -86.50 -7.36
CA TYR J 68 1.90 -86.92 -7.30
C TYR J 68 2.12 -88.34 -7.80
N THR J 69 1.08 -89.00 -8.32
CA THR J 69 1.19 -90.37 -8.78
C THR J 69 0.55 -90.50 -10.16
N ASP J 70 1.07 -91.44 -10.94
CA ASP J 70 0.53 -91.75 -12.26
C ASP J 70 -0.25 -93.04 -12.29
N ASP J 71 -0.46 -93.68 -11.14
CA ASP J 71 -1.20 -94.93 -11.11
C ASP J 71 -2.65 -94.72 -11.52
N LYS J 72 -3.16 -95.62 -12.36
CA LYS J 72 -4.53 -95.51 -12.82
C LYS J 72 -5.52 -95.76 -11.69
N GLU J 73 -5.26 -96.75 -10.84
CA GLU J 73 -6.16 -97.15 -9.79
C GLU J 73 -5.50 -96.98 -8.43
N ILE J 74 -6.30 -96.60 -7.43
CA ILE J 74 -5.83 -96.44 -6.06
C ILE J 74 -6.72 -97.28 -5.16
N VAL J 75 -6.11 -98.07 -4.28
CA VAL J 75 -6.83 -98.99 -3.41
C VAL J 75 -6.87 -98.40 -2.00
N ILE J 76 -8.08 -98.25 -1.45
CA ILE J 76 -8.25 -97.76 -0.09
C ILE J 76 -9.14 -98.75 0.67
N ASP J 77 -9.31 -98.50 1.95
CA ASP J 77 -10.06 -99.38 2.84
C ASP J 77 -11.41 -98.77 3.18
N ASP J 78 -12.45 -99.61 3.19
CA ASP J 78 -13.80 -99.15 3.50
C ASP J 78 -13.93 -98.64 4.92
N SER J 79 -13.02 -99.01 5.82
CA SER J 79 -13.05 -98.51 7.18
C SER J 79 -12.69 -97.03 7.27
N GLU J 80 -12.21 -96.44 6.18
CA GLU J 80 -11.76 -95.05 6.18
C GLU J 80 -12.64 -94.15 5.32
N VAL J 81 -13.85 -94.61 4.98
CA VAL J 81 -14.81 -93.82 4.21
C VAL J 81 -16.12 -93.78 4.96
N ILE J 82 -16.72 -92.59 5.02
CA ILE J 82 -17.94 -92.40 5.81
C ILE J 82 -19.17 -92.81 5.01
N THR J 83 -19.43 -92.11 3.92
CA THR J 83 -20.64 -92.31 3.12
C THR J 83 -20.28 -92.48 1.65
N ILE J 84 -20.94 -93.42 1.00
CA ILE J 84 -20.82 -93.66 -0.43
C ILE J 84 -22.22 -93.62 -1.04
N THR J 85 -22.47 -92.64 -1.91
CA THR J 85 -23.80 -92.44 -2.46
C THR J 85 -23.71 -92.02 -3.91
N SER J 86 -24.77 -92.32 -4.68
CA SER J 86 -24.81 -91.92 -6.08
C SER J 86 -25.15 -90.43 -6.19
N PRO J 87 -24.54 -89.72 -7.13
CA PRO J 87 -24.78 -88.28 -7.25
C PRO J 87 -25.90 -87.94 -8.21
N LYS J 88 -26.26 -86.66 -8.30
CA LYS J 88 -27.27 -86.22 -9.24
C LYS J 88 -26.67 -86.07 -10.64
N ASP J 89 -27.54 -85.79 -11.62
CA ASP J 89 -27.13 -85.84 -13.01
C ASP J 89 -26.27 -84.64 -13.41
N ASP J 90 -26.49 -83.48 -12.80
CA ASP J 90 -25.71 -82.30 -13.16
C ASP J 90 -24.23 -82.50 -12.87
N ILE J 91 -23.91 -83.06 -11.70
CA ILE J 91 -22.53 -83.31 -11.35
C ILE J 91 -21.94 -84.39 -12.26
N ILE J 92 -22.76 -85.37 -12.67
CA ILE J 92 -22.29 -86.38 -13.61
C ILE J 92 -21.89 -85.74 -14.92
N LYS J 93 -22.73 -84.83 -15.42
CA LYS J 93 -22.42 -84.15 -16.68
C LYS J 93 -21.14 -83.32 -16.55
N SER J 94 -21.01 -82.58 -15.45
CA SER J 94 -19.81 -81.76 -15.27
C SER J 94 -18.56 -82.63 -15.17
N TYR J 95 -18.65 -83.75 -14.46
CA TYR J 95 -17.51 -84.66 -14.31
C TYR J 95 -17.11 -85.25 -15.66
N GLU J 96 -18.09 -85.67 -16.47
CA GLU J 96 -17.76 -86.22 -17.78
C GLU J 96 -17.13 -85.17 -18.68
N SER J 97 -17.68 -83.95 -18.67
CA SER J 97 -17.10 -82.88 -19.48
C SER J 97 -15.66 -82.61 -19.09
N HIS J 98 -15.40 -82.52 -17.78
CA HIS J 98 -14.05 -82.23 -17.31
C HIS J 98 -13.09 -83.37 -17.67
N THR J 99 -13.53 -84.61 -17.50
CA THR J 99 -12.66 -85.75 -17.77
C THR J 99 -12.42 -85.98 -19.25
N ARG J 100 -13.28 -85.45 -20.13
CA ARG J 100 -12.91 -85.50 -21.55
C ARG J 100 -12.06 -84.31 -21.97
N VAL J 101 -12.28 -83.13 -21.37
CA VAL J 101 -11.44 -81.98 -21.69
C VAL J 101 -9.99 -82.25 -21.30
N LEU J 102 -9.77 -82.87 -20.13
CA LEU J 102 -8.40 -83.16 -19.71
C LEU J 102 -7.71 -84.08 -20.70
N GLU J 103 -8.39 -85.14 -21.15
CA GLU J 103 -7.81 -86.06 -22.12
C GLU J 103 -7.50 -85.36 -23.44
N ASN J 104 -8.42 -84.51 -23.90
CA ASN J 104 -8.20 -83.79 -25.15
C ASN J 104 -6.97 -82.89 -25.06
N LYS J 105 -6.83 -82.17 -23.94
CA LYS J 105 -5.67 -81.31 -23.77
C LYS J 105 -4.38 -82.12 -23.68
N GLN J 106 -4.44 -83.28 -23.02
CA GLN J 106 -3.26 -84.14 -22.93
C GLN J 106 -2.81 -84.58 -24.33
N VAL J 107 -3.76 -85.00 -25.16
CA VAL J 107 -3.40 -85.44 -26.52
C VAL J 107 -2.84 -84.28 -27.32
N GLU J 108 -3.44 -83.09 -27.20
CA GLU J 108 -2.93 -81.93 -27.91
C GLU J 108 -1.50 -81.62 -27.51
N GLU J 109 -1.20 -81.69 -26.21
CA GLU J 109 0.17 -81.44 -25.77
C GLU J 109 1.13 -82.52 -26.27
N ILE J 110 0.68 -83.76 -26.35
CA ILE J 110 1.54 -84.82 -26.90
C ILE J 110 1.90 -84.52 -28.35
N LEU J 111 0.90 -84.10 -29.15
CA LEU J 111 1.18 -83.74 -30.53
C LEU J 111 2.16 -82.57 -30.61
N ARG J 112 1.95 -81.54 -29.78
CA ARG J 112 2.86 -80.40 -29.78
C ARG J 112 4.29 -80.83 -29.49
N LEU J 113 4.47 -81.65 -28.45
CA LEU J 113 5.82 -82.09 -28.08
C LEU J 113 6.45 -82.91 -29.20
N GLU J 114 5.68 -83.82 -29.81
CA GLU J 114 6.25 -84.63 -30.89
C GLU J 114 6.69 -83.78 -32.06
N LYS J 115 5.86 -82.79 -32.45
CA LYS J 115 6.23 -81.92 -33.56
C LYS J 115 7.47 -81.12 -33.25
N GLU J 116 7.56 -80.58 -32.03
CA GLU J 116 8.74 -79.79 -31.66
C GLU J 116 9.99 -80.66 -31.67
N ILE J 117 9.89 -81.89 -31.16
CA ILE J 117 11.04 -82.80 -31.15
C ILE J 117 11.49 -83.11 -32.56
N GLU J 118 10.54 -83.39 -33.46
CA GLU J 118 10.90 -83.69 -34.84
C GLU J 118 11.60 -82.52 -35.50
N ASP J 119 11.06 -81.31 -35.32
CA ASP J 119 11.67 -80.12 -35.92
C ASP J 119 13.08 -79.90 -35.38
N LEU J 120 13.26 -80.02 -34.06
CA LEU J 120 14.58 -79.81 -33.48
C LEU J 120 15.57 -80.85 -33.97
N GLN J 121 15.13 -82.11 -34.07
CA GLN J 121 16.03 -83.16 -34.54
C GLN J 121 16.45 -82.91 -35.99
N ARG J 122 15.50 -82.51 -36.84
CA ARG J 122 15.84 -82.24 -38.23
C ARG J 122 16.83 -81.07 -38.34
N MET J 123 16.58 -80.00 -37.58
CA MET J 123 17.48 -78.84 -37.66
C MET J 123 18.87 -79.20 -37.15
N LYS J 124 18.95 -79.97 -36.06
CA LYS J 124 20.25 -80.40 -35.56
C LYS J 124 20.97 -81.28 -36.57
N GLU J 125 20.23 -82.16 -37.26
CA GLU J 125 20.84 -83.01 -38.26
C GLU J 125 21.45 -82.18 -39.39
N GLN J 126 20.70 -81.20 -39.89
CA GLN J 126 21.24 -80.36 -40.95
C GLN J 126 22.43 -79.54 -40.47
N GLN J 127 22.38 -79.05 -39.22
CA GLN J 127 23.52 -78.30 -38.70
C GLN J 127 24.77 -79.16 -38.57
N GLU J 128 24.59 -80.41 -38.12
CA GLU J 128 25.73 -81.31 -37.96
C GLU J 128 26.26 -81.78 -39.30
N LEU J 129 25.44 -81.81 -40.35
CA LEU J 129 25.89 -82.31 -41.65
C LEU J 129 27.10 -81.53 -42.16
N SER J 130 27.10 -80.21 -41.98
CA SER J 130 28.20 -79.37 -42.44
C SER J 130 29.26 -79.31 -41.36
N LEU J 131 30.25 -80.21 -41.45
CA LEU J 131 31.31 -80.27 -40.47
C LEU J 131 32.54 -80.90 -41.11
N THR J 132 33.69 -80.68 -40.47
CA THR J 132 34.97 -81.19 -40.95
C THR J 132 35.35 -82.46 -40.20
N GLU J 133 36.38 -83.14 -40.72
CA GLU J 133 36.80 -84.42 -40.15
C GLU J 133 37.36 -84.25 -38.75
N ALA J 134 38.27 -83.29 -38.56
CA ALA J 134 38.83 -83.04 -37.24
C ALA J 134 37.75 -82.57 -36.27
N SER J 135 36.83 -81.73 -36.75
CA SER J 135 35.72 -81.30 -35.91
C SER J 135 34.84 -82.49 -35.54
N LEU J 136 34.62 -83.41 -36.47
CA LEU J 136 33.85 -84.62 -36.17
C LEU J 136 34.54 -85.47 -35.12
N GLN J 137 35.87 -85.60 -35.22
CA GLN J 137 36.61 -86.36 -34.21
C GLN J 137 36.50 -85.71 -32.83
N LYS J 138 36.63 -84.39 -32.78
CA LYS J 138 36.47 -83.69 -31.50
C LYS J 138 35.06 -83.86 -30.96
N LEU J 139 34.06 -83.80 -31.84
CA LEU J 139 32.68 -84.06 -31.44
C LEU J 139 32.53 -85.43 -30.79
N GLN J 140 33.07 -86.46 -31.45
CA GLN J 140 32.97 -87.81 -30.92
C GLN J 140 33.68 -87.93 -29.58
N GLU J 141 34.87 -87.34 -29.47
CA GLU J 141 35.63 -87.43 -28.22
C GLU J 141 34.88 -86.76 -27.08
N ARG J 142 34.35 -85.55 -27.31
CA ARG J 142 33.65 -84.85 -26.25
C ARG J 142 32.32 -85.52 -25.90
N ARG J 143 31.65 -86.12 -26.89
CA ARG J 143 30.45 -86.88 -26.59
C ARG J 143 30.77 -88.11 -25.76
N ASP J 144 31.90 -88.77 -26.04
CA ASP J 144 32.33 -89.89 -25.21
C ASP J 144 32.63 -89.44 -23.79
N GLN J 145 33.30 -88.29 -23.65
CA GLN J 145 33.55 -87.74 -22.33
C GLN J 145 32.24 -87.35 -21.64
N LYS K 15 -8.80 1.48 -102.33
CA LYS K 15 -8.51 1.67 -100.92
C LYS K 15 -7.29 2.57 -100.74
N ASN K 16 -7.36 3.49 -99.80
CA ASN K 16 -6.28 4.45 -99.58
C ASN K 16 -6.38 4.95 -98.14
N ILE K 17 -5.44 4.51 -97.30
CA ILE K 17 -5.41 4.90 -95.89
C ILE K 17 -4.28 5.91 -95.70
N LYS K 18 -4.64 7.11 -95.27
CA LYS K 18 -3.68 8.18 -95.03
C LYS K 18 -4.06 8.92 -93.76
N ILE K 19 -3.10 9.01 -92.83
CA ILE K 19 -3.33 9.78 -91.61
C ILE K 19 -3.27 11.27 -91.94
N MET K 20 -3.95 12.08 -91.14
CA MET K 20 -3.90 13.51 -91.31
C MET K 20 -4.00 14.21 -89.97
N ARG K 21 -3.53 15.44 -89.94
CA ARG K 21 -3.59 16.30 -88.75
C ARG K 21 -4.50 17.48 -89.04
N LEU K 22 -5.50 17.66 -88.17
CA LEU K 22 -6.49 18.72 -88.36
C LEU K 22 -6.00 20.03 -87.76
N VAL K 23 -6.62 21.13 -88.21
CA VAL K 23 -6.28 22.44 -87.68
C VAL K 23 -6.56 22.52 -86.19
N THR K 24 -7.52 21.73 -85.71
CA THR K 24 -7.79 21.69 -84.27
C THR K 24 -6.58 21.14 -83.51
N GLY K 25 -5.89 20.17 -84.09
CA GLY K 25 -4.72 19.60 -83.45
C GLY K 25 -4.88 18.14 -83.10
N GLU K 26 -5.66 17.41 -83.89
CA GLU K 26 -5.94 16.01 -83.65
C GLU K 26 -5.56 15.19 -84.88
N ASP K 27 -5.37 13.88 -84.67
CA ASP K 27 -4.90 12.96 -85.69
C ASP K 27 -6.04 12.05 -86.11
N ILE K 28 -6.35 12.06 -87.41
CA ILE K 28 -7.46 11.31 -87.98
C ILE K 28 -6.90 10.27 -88.94
N ILE K 29 -7.32 9.02 -88.79
CA ILE K 29 -6.90 7.94 -89.67
C ILE K 29 -8.15 7.30 -90.26
N GLY K 30 -8.14 7.07 -91.57
CA GLY K 30 -9.28 6.45 -92.22
C GLY K 30 -9.12 6.46 -93.72
N ASN K 31 -10.16 5.97 -94.39
CA ASN K 31 -10.15 5.91 -95.85
C ASN K 31 -10.36 7.31 -96.42
N ILE K 32 -9.49 7.71 -97.34
CA ILE K 32 -9.45 9.08 -97.83
C ILE K 32 -9.70 9.09 -99.34
N SER K 33 -10.36 10.14 -99.82
CA SER K 33 -10.55 10.33 -101.25
C SER K 33 -10.50 11.82 -101.55
N GLU K 34 -9.49 12.26 -102.29
CA GLU K 34 -9.30 13.66 -102.63
C GLU K 34 -9.69 13.87 -104.09
N SER K 35 -10.88 14.44 -104.31
CA SER K 35 -11.42 14.62 -105.65
C SER K 35 -11.14 16.02 -106.22
N GLN K 36 -11.67 17.06 -105.57
CA GLN K 36 -11.61 18.42 -106.10
C GLN K 36 -11.25 19.39 -104.98
N GLY K 37 -10.20 19.06 -104.23
CA GLY K 37 -9.83 19.86 -103.08
C GLY K 37 -10.54 19.39 -101.83
N LEU K 38 -11.86 19.53 -101.80
CA LEU K 38 -12.65 18.95 -100.73
C LEU K 38 -12.49 17.43 -100.74
N ILE K 39 -12.28 16.86 -99.56
CA ILE K 39 -11.95 15.45 -99.45
C ILE K 39 -13.07 14.72 -98.72
N THR K 40 -13.18 13.43 -99.03
CA THR K 40 -14.17 12.54 -98.43
C THR K 40 -13.45 11.54 -97.53
N ILE K 41 -13.99 11.34 -96.33
CA ILE K 41 -13.38 10.49 -95.32
C ILE K 41 -14.39 9.42 -94.92
N LYS K 42 -13.93 8.18 -94.86
CA LYS K 42 -14.76 7.05 -94.45
C LYS K 42 -14.09 6.32 -93.30
N LYS K 43 -14.90 5.94 -92.31
CA LYS K 43 -14.43 5.19 -91.14
C LYS K 43 -13.30 5.91 -90.41
N ALA K 44 -13.49 7.21 -90.19
CA ALA K 44 -12.48 8.02 -89.54
C ALA K 44 -12.33 7.63 -88.07
N PHE K 45 -11.10 7.72 -87.57
CA PHE K 45 -10.78 7.40 -86.19
C PHE K 45 -9.82 8.45 -85.64
N VAL K 46 -10.11 8.92 -84.43
CA VAL K 46 -9.21 9.80 -83.70
C VAL K 46 -8.17 8.94 -83.00
N ILE K 47 -6.90 9.28 -83.19
CA ILE K 47 -5.79 8.57 -82.55
C ILE K 47 -5.40 9.33 -81.29
N ILE K 48 -5.55 8.69 -80.15
CA ILE K 48 -5.24 9.30 -78.86
C ILE K 48 -3.83 8.87 -78.46
N PRO K 49 -2.90 9.79 -78.22
CA PRO K 49 -1.54 9.39 -77.82
C PRO K 49 -1.49 8.83 -76.42
N MET K 50 -1.30 7.52 -76.31
CA MET K 50 -1.26 6.84 -75.02
C MET K 50 -0.57 5.49 -75.12
N GLN K 59 1.65 1.54 -76.91
CA GLN K 59 0.51 1.11 -77.71
C GLN K 59 -0.27 2.31 -78.24
N LEU K 60 -1.35 2.04 -78.97
CA LEU K 60 -2.19 3.08 -79.55
C LEU K 60 -3.63 2.87 -79.16
N VAL K 61 -4.37 3.98 -79.04
CA VAL K 61 -5.79 3.96 -78.72
C VAL K 61 -6.53 4.72 -79.80
N LEU K 62 -7.60 4.13 -80.31
CA LEU K 62 -8.42 4.74 -81.35
C LEU K 62 -9.83 4.94 -80.84
N SER K 63 -10.45 6.04 -81.26
CA SER K 63 -11.82 6.36 -80.89
C SER K 63 -12.59 6.80 -82.11
N PRO K 64 -13.92 6.69 -82.08
CA PRO K 64 -14.71 7.20 -83.20
C PRO K 64 -14.57 8.71 -83.34
N TRP K 65 -14.59 9.19 -84.58
CA TRP K 65 -14.43 10.63 -84.82
C TRP K 65 -15.75 11.36 -84.69
N GLN K 66 -16.83 10.81 -85.23
CA GLN K 66 -18.14 11.45 -85.25
C GLN K 66 -19.15 10.49 -84.65
N PRO K 67 -19.19 10.38 -83.32
CA PRO K 67 -20.09 9.42 -82.67
C PRO K 67 -21.55 9.85 -82.61
N TYR K 68 -21.94 10.89 -83.32
CA TYR K 68 -23.32 11.35 -83.33
C TYR K 68 -23.98 11.23 -84.70
N THR K 69 -23.30 10.65 -85.68
CA THR K 69 -23.85 10.52 -87.02
C THR K 69 -23.64 9.10 -87.53
N ASP K 70 -24.56 8.67 -88.40
CA ASP K 70 -24.49 7.36 -89.02
C ASP K 70 -24.05 7.43 -90.49
N ASP K 71 -23.70 8.62 -90.97
CA ASP K 71 -23.28 8.75 -92.36
C ASP K 71 -21.98 7.99 -92.62
N LYS K 72 -21.95 7.27 -93.74
CA LYS K 72 -20.75 6.50 -94.08
C LYS K 72 -19.58 7.42 -94.42
N GLU K 73 -19.83 8.50 -95.16
CA GLU K 73 -18.79 9.39 -95.63
C GLU K 73 -19.01 10.79 -95.09
N ILE K 74 -17.91 11.48 -94.79
CA ILE K 74 -17.94 12.86 -94.31
C ILE K 74 -17.06 13.70 -95.23
N VAL K 75 -17.58 14.84 -95.68
CA VAL K 75 -16.88 15.71 -96.61
C VAL K 75 -16.34 16.91 -95.86
N ILE K 76 -15.03 17.14 -95.97
CA ILE K 76 -14.38 18.29 -95.35
C ILE K 76 -13.58 19.03 -96.42
N ASP K 77 -13.01 20.16 -96.04
CA ASP K 77 -12.27 21.03 -96.94
C ASP K 77 -10.78 20.92 -96.69
N ASP K 78 -10.00 20.88 -97.78
CA ASP K 78 -8.55 20.77 -97.66
C ASP K 78 -7.92 22.00 -97.01
N SER K 79 -8.64 23.13 -96.97
CA SER K 79 -8.12 24.32 -96.30
C SER K 79 -8.09 24.16 -94.79
N GLU K 80 -8.69 23.11 -94.25
CA GLU K 80 -8.80 22.91 -92.82
C GLU K 80 -8.00 21.70 -92.34
N VAL K 81 -7.07 21.22 -93.15
CA VAL K 81 -6.21 20.10 -92.78
C VAL K 81 -4.75 20.52 -92.98
N ILE K 82 -3.90 20.19 -92.01
CA ILE K 82 -2.51 20.64 -92.06
C ILE K 82 -1.67 19.68 -92.90
N THR K 83 -1.55 18.43 -92.46
CA THR K 83 -0.68 17.46 -93.11
C THR K 83 -1.45 16.18 -93.38
N ILE K 84 -1.21 15.60 -94.57
CA ILE K 84 -1.77 14.32 -94.97
C ILE K 84 -0.62 13.43 -95.41
N THR K 85 -0.39 12.33 -94.68
CA THR K 85 0.75 11.48 -94.94
C THR K 85 0.38 10.02 -94.73
N SER K 86 1.08 9.13 -95.41
CA SER K 86 0.85 7.70 -95.26
C SER K 86 1.48 7.19 -93.95
N PRO K 87 0.81 6.28 -93.25
CA PRO K 87 1.34 5.82 -91.96
C PRO K 87 2.21 4.57 -92.10
N LYS K 88 2.82 4.14 -90.99
CA LYS K 88 3.61 2.93 -90.99
C LYS K 88 2.71 1.70 -90.90
N ASP K 89 3.32 0.52 -91.01
CA ASP K 89 2.56 -0.71 -91.15
C ASP K 89 1.92 -1.15 -89.84
N ASP K 90 2.56 -0.88 -88.71
CA ASP K 90 2.00 -1.30 -87.42
C ASP K 90 0.65 -0.65 -87.17
N ILE K 91 0.54 0.65 -87.43
CA ILE K 91 -0.73 1.34 -87.24
C ILE K 91 -1.76 0.83 -88.23
N ILE K 92 -1.33 0.48 -89.44
CA ILE K 92 -2.25 -0.09 -90.43
C ILE K 92 -2.84 -1.40 -89.90
N LYS K 93 -1.98 -2.25 -89.35
CA LYS K 93 -2.45 -3.52 -88.79
C LYS K 93 -3.42 -3.30 -87.64
N SER K 94 -3.08 -2.38 -86.74
CA SER K 94 -3.96 -2.11 -85.60
C SER K 94 -5.30 -1.57 -86.07
N TYR K 95 -5.29 -0.66 -87.05
CA TYR K 95 -6.52 -0.09 -87.57
C TYR K 95 -7.40 -1.15 -88.22
N GLU K 96 -6.80 -2.04 -89.02
CA GLU K 96 -7.57 -3.11 -89.65
C GLU K 96 -8.16 -4.05 -88.61
N SER K 97 -7.37 -4.41 -87.59
CA SER K 97 -7.89 -5.29 -86.54
C SER K 97 -9.07 -4.65 -85.82
N HIS K 98 -8.93 -3.37 -85.48
CA HIS K 98 -10.01 -2.69 -84.76
C HIS K 98 -11.26 -2.58 -85.63
N THR K 99 -11.09 -2.25 -86.92
CA THR K 99 -12.24 -2.06 -87.79
C THR K 99 -12.91 -3.38 -88.16
N ARG K 100 -12.23 -4.51 -88.02
CA ARG K 100 -12.95 -5.78 -88.18
C ARG K 100 -13.59 -6.24 -86.87
N VAL K 101 -12.97 -5.97 -85.73
CA VAL K 101 -13.56 -6.33 -84.45
C VAL K 101 -14.88 -5.59 -84.25
N LEU K 102 -14.91 -4.30 -84.61
CA LEU K 102 -16.15 -3.53 -84.45
C LEU K 102 -17.28 -4.13 -85.28
N GLU K 103 -16.99 -4.47 -86.53
CA GLU K 103 -18.02 -5.07 -87.39
C GLU K 103 -18.49 -6.42 -86.84
N ASN K 104 -17.56 -7.24 -86.35
CA ASN K 104 -17.93 -8.53 -85.79
C ASN K 104 -18.86 -8.35 -84.59
N LYS K 105 -18.53 -7.42 -83.70
CA LYS K 105 -19.37 -7.18 -82.53
C LYS K 105 -20.73 -6.64 -82.94
N GLN K 106 -20.77 -5.78 -83.95
CA GLN K 106 -22.05 -5.26 -84.44
C GLN K 106 -22.94 -6.38 -84.94
N VAL K 107 -22.38 -7.31 -85.73
CA VAL K 107 -23.17 -8.42 -86.25
C VAL K 107 -23.65 -9.32 -85.10
N GLU K 108 -22.78 -9.57 -84.13
CA GLU K 108 -23.18 -10.40 -82.99
C GLU K 108 -24.35 -9.76 -82.24
N GLU K 109 -24.30 -8.45 -82.03
CA GLU K 109 -25.40 -7.78 -81.35
C GLU K 109 -26.68 -7.81 -82.18
N ILE K 110 -26.57 -7.72 -83.51
CA ILE K 110 -27.75 -7.82 -84.36
C ILE K 110 -28.40 -9.19 -84.18
N LEU K 111 -27.60 -10.26 -84.19
CA LEU K 111 -28.15 -11.60 -83.96
C LEU K 111 -28.81 -11.71 -82.59
N ARG K 112 -28.16 -11.18 -81.55
CA ARG K 112 -28.75 -11.22 -80.22
C ARG K 112 -30.11 -10.54 -80.19
N LEU K 113 -30.20 -9.34 -80.77
CA LEU K 113 -31.45 -8.60 -80.76
C LEU K 113 -32.53 -9.34 -81.53
N GLU K 114 -32.19 -9.91 -82.69
CA GLU K 114 -33.19 -10.63 -83.47
C GLU K 114 -33.72 -11.84 -82.70
N LYS K 115 -32.83 -12.58 -82.06
CA LYS K 115 -33.26 -13.76 -81.30
C LYS K 115 -34.17 -13.35 -80.15
N GLU K 116 -33.79 -12.30 -79.42
CA GLU K 116 -34.62 -11.84 -78.30
C GLU K 116 -35.99 -11.39 -78.79
N ILE K 117 -36.04 -10.67 -79.91
CA ILE K 117 -37.32 -10.21 -80.45
C ILE K 117 -38.19 -11.40 -80.83
N GLU K 118 -37.60 -12.40 -81.50
CA GLU K 118 -38.38 -13.56 -81.89
C GLU K 118 -38.95 -14.30 -80.67
N ASP K 119 -38.12 -14.49 -79.65
CA ASP K 119 -38.58 -15.18 -78.45
C ASP K 119 -39.70 -14.41 -77.76
N LEU K 120 -39.54 -13.09 -77.62
CA LEU K 120 -40.56 -12.29 -76.97
C LEU K 120 -41.87 -12.32 -77.77
N GLN K 121 -41.78 -12.23 -79.10
CA GLN K 121 -42.98 -12.27 -79.91
C GLN K 121 -43.70 -13.60 -79.78
N ARG K 122 -42.95 -14.71 -79.79
CA ARG K 122 -43.59 -16.02 -79.64
C ARG K 122 -44.27 -16.15 -78.29
N MET K 123 -43.59 -15.71 -77.21
CA MET K 123 -44.18 -15.83 -75.88
C MET K 123 -45.43 -14.97 -75.76
N LYS K 124 -45.39 -13.75 -76.31
CA LYS K 124 -46.57 -12.89 -76.29
C LYS K 124 -47.71 -13.51 -77.07
N GLU K 125 -47.41 -14.13 -78.21
CA GLU K 125 -48.45 -14.78 -79.00
C GLU K 125 -49.13 -15.90 -78.21
N GLN K 126 -48.33 -16.76 -77.56
CA GLN K 126 -48.93 -17.82 -76.76
C GLN K 126 -49.73 -17.27 -75.60
N GLN K 127 -49.24 -16.19 -74.96
CA GLN K 127 -49.98 -15.61 -73.85
C GLN K 127 -51.32 -15.03 -74.32
N GLU K 128 -51.32 -14.37 -75.48
CA GLU K 128 -52.54 -13.78 -75.99
C GLU K 128 -53.52 -14.83 -76.50
N LEU K 129 -53.03 -16.01 -76.90
CA LEU K 129 -53.92 -17.04 -77.44
C LEU K 129 -55.00 -17.42 -76.45
N SER K 130 -54.65 -17.53 -75.17
CA SER K 130 -55.62 -17.92 -74.14
C SER K 130 -56.31 -16.66 -73.62
N LEU K 131 -57.46 -16.34 -74.22
CA LEU K 131 -58.21 -15.16 -73.84
C LEU K 131 -59.67 -15.35 -74.19
N THR K 132 -60.52 -14.55 -73.58
CA THR K 132 -61.96 -14.61 -73.78
C THR K 132 -62.41 -13.55 -74.77
N GLU K 133 -63.67 -13.66 -75.20
CA GLU K 133 -64.20 -12.77 -76.21
C GLU K 133 -64.32 -11.34 -75.69
N ALA K 134 -64.90 -11.16 -74.51
CA ALA K 134 -65.00 -9.83 -73.92
C ALA K 134 -63.63 -9.24 -73.63
N SER K 135 -62.71 -10.08 -73.15
CA SER K 135 -61.34 -9.62 -72.93
C SER K 135 -60.70 -9.21 -74.25
N LEU K 136 -60.95 -9.95 -75.32
CA LEU K 136 -60.42 -9.58 -76.63
C LEU K 136 -60.98 -8.24 -77.09
N GLN K 137 -62.28 -8.02 -76.87
CA GLN K 137 -62.88 -6.74 -77.23
C GLN K 137 -62.27 -5.58 -76.44
N LYS K 138 -62.07 -5.78 -75.14
CA LYS K 138 -61.42 -4.75 -74.33
C LYS K 138 -59.99 -4.51 -74.80
N LEU K 139 -59.28 -5.59 -75.16
CA LEU K 139 -57.94 -5.45 -75.72
C LEU K 139 -57.94 -4.59 -76.96
N GLN K 140 -58.86 -4.87 -77.89
CA GLN K 140 -58.92 -4.10 -79.13
C GLN K 140 -59.27 -2.63 -78.84
N GLU K 141 -60.21 -2.39 -77.94
CA GLU K 141 -60.60 -1.02 -77.62
C GLU K 141 -59.44 -0.24 -77.02
N ARG K 142 -58.73 -0.84 -76.07
CA ARG K 142 -57.63 -0.12 -75.43
C ARG K 142 -56.45 0.05 -76.37
N ARG K 143 -56.23 -0.91 -77.28
CA ARG K 143 -55.20 -0.73 -78.30
C ARG K 143 -55.55 0.40 -79.24
N ASP K 144 -56.83 0.51 -79.60
CA ASP K 144 -57.28 1.63 -80.42
C ASP K 144 -57.07 2.96 -79.70
N GLN K 145 -57.40 3.01 -78.42
CA GLN K 145 -57.15 4.20 -77.61
C GLN K 145 -55.66 4.48 -77.51
N LYS L 15 28.46 90.34 -39.69
CA LYS L 15 28.09 89.19 -38.89
C LYS L 15 28.55 89.38 -37.44
N ASN L 16 27.68 89.02 -36.51
CA ASN L 16 27.97 89.21 -35.09
C ASN L 16 27.14 88.22 -34.29
N ILE L 17 27.79 87.20 -33.74
CA ILE L 17 27.12 86.16 -32.95
C ILE L 17 27.43 86.41 -31.49
N LYS L 18 26.38 86.64 -30.70
CA LYS L 18 26.52 86.89 -29.27
C LYS L 18 25.40 86.17 -28.52
N ILE L 19 25.78 85.33 -27.56
CA ILE L 19 24.77 84.68 -26.74
C ILE L 19 24.20 85.69 -25.75
N MET L 20 22.96 85.44 -25.32
CA MET L 20 22.34 86.29 -24.32
C MET L 20 21.43 85.47 -23.42
N ARG L 21 21.16 86.02 -22.25
CA ARG L 21 20.27 85.41 -21.27
C ARG L 21 19.05 86.30 -21.08
N LEU L 22 17.87 85.72 -21.27
CA LEU L 22 16.63 86.48 -21.18
C LEU L 22 16.14 86.56 -19.74
N VAL L 23 15.26 87.53 -19.49
CA VAL L 23 14.67 87.70 -18.17
C VAL L 23 13.87 86.46 -17.76
N THR L 24 13.35 85.73 -18.75
CA THR L 24 12.65 84.48 -18.45
C THR L 24 13.61 83.47 -17.84
N GLY L 25 14.85 83.44 -18.30
CA GLY L 25 15.84 82.51 -17.77
C GLY L 25 16.32 81.50 -18.79
N GLU L 26 16.35 81.90 -20.07
CA GLU L 26 16.76 81.02 -21.14
C GLU L 26 17.90 81.65 -21.92
N ASP L 27 18.62 80.82 -22.65
CA ASP L 27 19.83 81.22 -23.38
C ASP L 27 19.54 81.23 -24.88
N ILE L 28 19.76 82.39 -25.51
CA ILE L 28 19.46 82.60 -26.91
C ILE L 28 20.78 82.89 -27.63
N ILE L 29 21.02 82.17 -28.73
CA ILE L 29 22.19 82.37 -29.56
C ILE L 29 21.75 82.67 -30.98
N GLY L 30 22.34 83.69 -31.58
CA GLY L 30 21.99 84.05 -32.94
C GLY L 30 22.65 85.34 -33.36
N ASN L 31 22.31 85.76 -34.58
CA ASN L 31 22.86 87.00 -35.12
C ASN L 31 22.20 88.19 -34.46
N ILE L 32 23.00 89.12 -33.95
CA ILE L 32 22.52 90.22 -33.13
C ILE L 32 22.86 91.54 -33.79
N SER L 33 21.98 92.53 -33.61
CA SER L 33 22.25 93.89 -34.10
C SER L 33 21.64 94.87 -33.11
N GLU L 34 22.47 95.66 -32.44
CA GLU L 34 22.05 96.62 -31.43
C GLU L 34 22.15 98.02 -32.03
N SER L 35 21.00 98.58 -32.42
CA SER L 35 20.96 99.87 -33.09
C SER L 35 20.68 101.03 -32.12
N GLN L 36 19.51 101.02 -31.49
CA GLN L 36 19.05 102.13 -30.67
C GLN L 36 18.45 101.61 -29.36
N GLY L 37 19.17 100.72 -28.70
CA GLY L 37 18.66 100.08 -27.50
C GLY L 37 17.89 98.82 -27.84
N LEU L 38 16.78 98.97 -28.54
CA LEU L 38 16.06 97.81 -29.06
C LEU L 38 16.95 97.06 -30.05
N ILE L 39 16.98 95.74 -29.92
CA ILE L 39 17.92 94.93 -30.68
C ILE L 39 17.16 94.03 -31.64
N THR L 40 17.82 93.67 -32.74
CA THR L 40 17.28 92.80 -33.76
C THR L 40 18.03 91.47 -33.72
N ILE L 41 17.28 90.38 -33.77
CA ILE L 41 17.82 89.03 -33.66
C ILE L 41 17.42 88.24 -34.90
N LYS L 42 18.40 87.54 -35.48
CA LYS L 42 18.16 86.70 -36.65
C LYS L 42 18.65 85.29 -36.36
N LYS L 43 17.86 84.30 -36.78
CA LYS L 43 18.19 82.89 -36.63
C LYS L 43 18.46 82.53 -35.17
N ALA L 44 17.56 82.98 -34.29
CA ALA L 44 17.72 82.72 -32.86
C ALA L 44 17.51 81.26 -32.55
N PHE L 45 18.26 80.78 -31.55
CA PHE L 45 18.18 79.39 -31.10
C PHE L 45 18.21 79.35 -29.59
N VAL L 46 17.32 78.56 -29.00
CA VAL L 46 17.32 78.28 -27.58
C VAL L 46 18.33 77.17 -27.31
N ILE L 47 19.22 77.40 -26.36
CA ILE L 47 20.22 76.41 -25.97
C ILE L 47 19.70 75.66 -24.75
N ILE L 48 19.49 74.36 -24.90
CA ILE L 48 18.98 73.51 -23.83
C ILE L 48 20.17 72.85 -23.14
N PRO L 49 20.34 73.02 -21.83
CA PRO L 49 21.47 72.38 -21.15
C PRO L 49 21.29 70.87 -21.03
N MET L 50 22.07 70.12 -21.81
CA MET L 50 21.98 68.66 -21.81
C MET L 50 23.24 68.05 -22.39
N GLN L 59 27.62 67.48 -24.46
CA GLN L 59 27.21 68.06 -25.74
C GLN L 59 26.18 69.16 -25.55
N LEU L 60 25.73 69.75 -26.66
CA LEU L 60 24.76 70.83 -26.62
C LEU L 60 23.59 70.50 -27.53
N VAL L 61 22.42 71.00 -27.15
CA VAL L 61 21.19 70.83 -27.92
C VAL L 61 20.61 72.20 -28.20
N LEU L 62 20.23 72.43 -29.46
CA LEU L 62 19.67 73.70 -29.89
C LEU L 62 18.27 73.47 -30.43
N SER L 63 17.38 74.42 -30.17
CA SER L 63 16.00 74.35 -30.64
C SER L 63 15.60 75.70 -31.23
N PRO L 64 14.61 75.72 -32.11
CA PRO L 64 14.12 77.01 -32.62
C PRO L 64 13.52 77.85 -31.52
N TRP L 65 13.71 79.17 -31.61
CA TRP L 65 13.19 80.06 -30.57
C TRP L 65 11.73 80.42 -30.81
N GLN L 66 11.36 80.70 -32.05
CA GLN L 66 10.01 81.14 -32.40
C GLN L 66 9.49 80.22 -33.50
N PRO L 67 9.04 79.01 -33.15
CA PRO L 67 8.58 78.05 -34.15
C PRO L 67 7.20 78.32 -34.71
N TYR L 68 6.62 79.49 -34.46
CA TYR L 68 5.29 79.83 -34.98
C TYR L 68 5.33 81.00 -35.95
N THR L 69 6.51 81.52 -36.29
CA THR L 69 6.62 82.66 -37.17
C THR L 69 7.68 82.40 -38.23
N ASP L 70 7.49 83.01 -39.40
CA ASP L 70 8.43 82.90 -40.51
C ASP L 70 9.24 84.17 -40.69
N ASP L 71 9.11 85.16 -39.80
CA ASP L 71 9.86 86.40 -39.93
C ASP L 71 11.35 86.14 -39.76
N LYS L 72 12.14 86.76 -40.64
CA LYS L 72 13.59 86.59 -40.57
C LYS L 72 14.17 87.24 -39.33
N GLU L 73 13.69 88.43 -38.97
CA GLU L 73 14.23 89.19 -37.86
C GLU L 73 13.16 89.42 -36.81
N ILE L 74 13.57 89.42 -35.54
CA ILE L 74 12.69 89.69 -34.42
C ILE L 74 13.28 90.82 -33.60
N VAL L 75 12.45 91.80 -33.26
CA VAL L 75 12.91 92.99 -32.54
C VAL L 75 12.46 92.88 -31.09
N ILE L 76 13.41 92.98 -30.16
CA ILE L 76 13.12 92.96 -28.73
C ILE L 76 13.76 94.19 -28.09
N ASP L 77 13.49 94.36 -26.80
CA ASP L 77 13.96 95.52 -26.05
C ASP L 77 15.10 95.13 -25.12
N ASP L 78 16.12 96.00 -25.06
CA ASP L 78 17.28 95.73 -24.20
C ASP L 78 16.92 95.70 -22.72
N SER L 79 15.78 96.28 -22.34
CA SER L 79 15.35 96.24 -20.94
C SER L 79 14.90 94.85 -20.52
N GLU L 80 14.77 93.91 -21.45
CA GLU L 80 14.28 92.58 -21.16
C GLU L 80 15.34 91.51 -21.35
N VAL L 81 16.61 91.90 -21.41
CA VAL L 81 17.73 90.96 -21.55
C VAL L 81 18.73 91.24 -20.44
N ILE L 82 19.22 90.16 -19.82
CA ILE L 82 20.11 90.31 -18.67
C ILE L 82 21.55 90.51 -19.11
N THR L 83 22.12 89.51 -19.79
CA THR L 83 23.52 89.53 -20.17
C THR L 83 23.66 89.20 -21.65
N ILE L 84 24.56 89.93 -22.31
CA ILE L 84 24.91 89.70 -23.71
C ILE L 84 26.42 89.55 -23.78
N THR L 85 26.88 88.36 -24.18
CA THR L 85 28.32 88.08 -24.18
C THR L 85 28.67 87.20 -25.37
N SER L 86 29.94 87.31 -25.81
CA SER L 86 30.41 86.49 -26.92
C SER L 86 30.70 85.06 -26.44
N PRO L 87 30.38 84.05 -27.25
CA PRO L 87 30.58 82.67 -26.82
C PRO L 87 31.94 82.12 -27.21
N LYS L 88 32.23 80.89 -26.77
CA LYS L 88 33.47 80.24 -27.14
C LYS L 88 33.35 79.62 -28.54
N ASP L 89 34.47 79.10 -29.03
CA ASP L 89 34.53 78.68 -30.44
C ASP L 89 33.79 77.38 -30.69
N ASP L 90 33.74 76.47 -29.70
CA ASP L 90 33.06 75.19 -29.90
C ASP L 90 31.58 75.40 -30.18
N ILE L 91 30.94 76.27 -29.41
CA ILE L 91 29.52 76.55 -29.63
C ILE L 91 29.32 77.24 -30.97
N ILE L 92 30.26 78.09 -31.37
CA ILE L 92 30.17 78.73 -32.68
C ILE L 92 30.19 77.67 -33.79
N LYS L 93 31.09 76.71 -33.68
CA LYS L 93 31.18 75.64 -34.68
C LYS L 93 29.89 74.83 -34.71
N SER L 94 29.37 74.47 -33.54
CA SER L 94 28.13 73.69 -33.50
C SER L 94 26.97 74.46 -34.09
N TYR L 95 26.87 75.76 -33.78
CA TYR L 95 25.80 76.58 -34.31
C TYR L 95 25.88 76.70 -35.83
N GLU L 96 27.09 76.91 -36.36
CA GLU L 96 27.24 76.99 -37.81
C GLU L 96 26.87 75.68 -38.49
N SER L 97 27.31 74.55 -37.91
CA SER L 97 26.99 73.25 -38.48
C SER L 97 25.48 73.03 -38.50
N HIS L 98 24.81 73.34 -37.39
CA HIS L 98 23.37 73.14 -37.33
C HIS L 98 22.63 74.05 -38.30
N THR L 99 23.06 75.31 -38.42
CA THR L 99 22.37 76.26 -39.28
C THR L 99 22.64 75.99 -40.76
N ARG L 100 23.70 75.26 -41.10
CA ARG L 100 23.82 74.84 -42.50
C ARG L 100 23.09 73.53 -42.77
N VAL L 101 23.04 72.61 -41.79
CA VAL L 101 22.29 71.37 -41.98
C VAL L 101 20.81 71.67 -42.18
N LEU L 102 20.27 72.61 -41.41
CA LEU L 102 18.85 72.94 -41.56
C LEU L 102 18.55 73.46 -42.96
N GLU L 103 19.40 74.35 -43.47
CA GLU L 103 19.20 74.89 -44.82
C GLU L 103 19.31 73.79 -45.88
N ASN L 104 20.29 72.89 -45.72
CA ASN L 104 20.45 71.80 -46.68
C ASN L 104 19.20 70.92 -46.71
N LYS L 105 18.68 70.58 -45.53
CA LYS L 105 17.48 69.75 -45.47
C LYS L 105 16.27 70.47 -46.06
N GLN L 106 16.17 71.78 -45.83
CA GLN L 106 15.07 72.55 -46.40
C GLN L 106 15.12 72.51 -47.93
N VAL L 107 16.30 72.69 -48.51
CA VAL L 107 16.43 72.66 -49.97
C VAL L 107 16.09 71.27 -50.50
N GLU L 108 16.57 70.22 -49.81
CA GLU L 108 16.26 68.87 -50.25
C GLU L 108 14.76 68.62 -50.26
N GLU L 109 14.05 69.08 -49.21
CA GLU L 109 12.60 68.90 -49.18
C GLU L 109 11.92 69.70 -50.27
N ILE L 110 12.43 70.90 -50.59
CA ILE L 110 11.85 71.67 -51.69
C ILE L 110 11.96 70.90 -53.00
N LEU L 111 13.13 70.32 -53.26
CA LEU L 111 13.30 69.51 -54.48
C LEU L 111 12.35 68.33 -54.49
N ARG L 112 12.22 67.63 -53.36
CA ARG L 112 11.30 66.49 -53.28
C ARG L 112 9.88 66.92 -53.62
N LEU L 113 9.41 68.01 -53.02
CA LEU L 113 8.05 68.46 -53.26
C LEU L 113 7.85 68.85 -54.72
N GLU L 114 8.81 69.56 -55.31
CA GLU L 114 8.66 69.95 -56.70
C GLU L 114 8.59 68.74 -57.62
N LYS L 115 9.45 67.75 -57.39
CA LYS L 115 9.41 66.55 -58.23
C LYS L 115 8.09 65.81 -58.09
N GLU L 116 7.59 65.68 -56.86
CA GLU L 116 6.32 64.98 -56.65
C GLU L 116 5.18 65.73 -57.34
N ILE L 117 5.18 67.06 -57.24
CA ILE L 117 4.13 67.86 -57.88
C ILE L 117 4.17 67.68 -59.39
N GLU L 118 5.38 67.72 -59.98
CA GLU L 118 5.49 67.55 -61.42
C GLU L 118 4.99 66.18 -61.86
N ASP L 119 5.38 65.13 -61.14
CA ASP L 119 4.94 63.78 -61.50
C ASP L 119 3.42 63.66 -61.40
N LEU L 120 2.83 64.17 -60.31
CA LEU L 120 1.39 64.08 -60.15
C LEU L 120 0.67 64.86 -61.24
N GLN L 121 1.17 66.05 -61.59
CA GLN L 121 0.52 66.84 -62.63
C GLN L 121 0.58 66.13 -63.98
N ARG L 122 1.73 65.53 -64.31
CA ARG L 122 1.84 64.81 -65.57
C ARG L 122 0.88 63.62 -65.61
N MET L 123 0.82 62.86 -64.52
CA MET L 123 -0.06 61.69 -64.50
C MET L 123 -1.52 62.09 -64.60
N LYS L 124 -1.91 63.17 -63.91
CA LYS L 124 -3.28 63.66 -64.01
C LYS L 124 -3.58 64.13 -65.43
N GLU L 125 -2.62 64.78 -66.08
CA GLU L 125 -2.85 65.25 -67.45
C GLU L 125 -3.10 64.06 -68.38
N GLN L 126 -2.26 63.02 -68.28
CA GLN L 126 -2.48 61.86 -69.13
C GLN L 126 -3.80 61.17 -68.82
N GLN L 127 -4.18 61.11 -67.54
CA GLN L 127 -5.47 60.48 -67.20
C GLN L 127 -6.63 61.28 -67.76
N GLU L 128 -6.56 62.60 -67.69
CA GLU L 128 -7.64 63.44 -68.20
C GLU L 128 -7.69 63.45 -69.73
N LEU L 129 -6.57 63.19 -70.39
CA LEU L 129 -6.55 63.22 -71.86
C LEU L 129 -7.57 62.25 -72.45
N SER L 130 -7.70 61.05 -71.88
CA SER L 130 -8.63 60.04 -72.38
C SER L 130 -9.99 60.28 -71.73
N LEU L 131 -10.84 61.03 -72.42
CA LEU L 131 -12.16 61.35 -71.90
C LEU L 131 -13.09 61.67 -73.06
N THR L 132 -14.39 61.59 -72.79
CA THR L 132 -15.41 61.85 -73.80
C THR L 132 -15.96 63.27 -73.65
N GLU L 133 -16.74 63.68 -74.66
CA GLU L 133 -17.25 65.05 -74.69
C GLU L 133 -18.24 65.31 -73.56
N ALA L 134 -19.21 64.40 -73.39
CA ALA L 134 -20.17 64.56 -72.30
C ALA L 134 -19.49 64.48 -70.94
N SER L 135 -18.51 63.58 -70.81
CA SER L 135 -17.75 63.51 -69.57
C SER L 135 -16.98 64.81 -69.33
N LEU L 136 -16.42 65.40 -70.39
CA LEU L 136 -15.72 66.67 -70.26
C LEU L 136 -16.67 67.77 -69.81
N GLN L 137 -17.89 67.79 -70.36
CA GLN L 137 -18.87 68.79 -69.94
C GLN L 137 -19.27 68.61 -68.48
N LYS L 138 -19.47 67.36 -68.05
CA LYS L 138 -19.76 67.12 -66.64
C LYS L 138 -18.59 67.53 -65.75
N LEU L 139 -17.36 67.26 -66.20
CA LEU L 139 -16.18 67.70 -65.48
C LEU L 139 -16.17 69.21 -65.30
N GLN L 140 -16.42 69.95 -66.38
CA GLN L 140 -16.42 71.41 -66.29
C GLN L 140 -17.53 71.90 -65.37
N GLU L 141 -18.72 71.31 -65.47
CA GLU L 141 -19.83 71.74 -64.62
C GLU L 141 -19.52 71.51 -63.15
N ARG L 142 -19.00 70.33 -62.81
CA ARG L 142 -18.73 70.04 -61.41
C ARG L 142 -17.55 70.87 -60.88
N ARG L 143 -16.56 71.15 -61.75
CA ARG L 143 -15.49 72.04 -61.34
C ARG L 143 -16.00 73.44 -61.08
N ASP L 144 -16.94 73.92 -61.91
CA ASP L 144 -17.56 75.22 -61.66
C ASP L 144 -18.32 75.23 -60.35
N GLN L 145 -19.06 74.15 -60.07
CA GLN L 145 -19.75 74.02 -58.79
C GLN L 145 -18.75 73.94 -57.64
N LYS M 15 -9.57 76.30 67.93
CA LYS M 15 -9.55 75.05 67.16
C LYS M 15 -9.81 73.86 68.07
N ASN M 16 -10.64 72.92 67.61
CA ASN M 16 -11.01 71.76 68.41
C ASN M 16 -11.44 70.65 67.47
N ILE M 17 -10.61 69.63 67.34
CA ILE M 17 -10.88 68.50 66.46
C ILE M 17 -11.28 67.31 67.33
N LYS M 18 -12.50 66.82 67.14
CA LYS M 18 -13.02 65.68 67.88
C LYS M 18 -13.79 64.78 66.94
N ILE M 19 -13.43 63.49 66.91
CA ILE M 19 -14.17 62.53 66.11
C ILE M 19 -15.48 62.22 66.81
N MET M 20 -16.47 61.81 66.03
CA MET M 20 -17.75 61.41 66.60
C MET M 20 -18.36 60.29 65.76
N ARG M 21 -19.26 59.56 66.39
CA ARG M 21 -20.00 58.48 65.75
C ARG M 21 -21.47 58.84 65.69
N LEU M 22 -22.05 58.80 64.50
CA LEU M 22 -23.44 59.19 64.31
C LEU M 22 -24.38 58.02 64.56
N VAL M 23 -25.65 58.35 64.78
CA VAL M 23 -26.66 57.31 65.00
C VAL M 23 -26.80 56.42 63.78
N THR M 24 -26.50 56.96 62.59
CA THR M 24 -26.52 56.15 61.39
C THR M 24 -25.46 55.05 61.45
N GLY M 25 -24.31 55.34 62.04
CA GLY M 25 -23.25 54.35 62.17
C GLY M 25 -21.99 54.71 61.40
N GLU M 26 -21.73 56.01 61.27
CA GLU M 26 -20.58 56.49 60.51
C GLU M 26 -19.72 57.39 61.41
N ASP M 27 -18.47 57.57 61.00
CA ASP M 27 -17.48 58.30 61.78
C ASP M 27 -17.19 59.63 61.09
N ILE M 28 -17.38 60.72 61.82
CA ILE M 28 -17.22 62.08 61.31
C ILE M 28 -16.08 62.75 62.07
N ILE M 29 -15.14 63.32 61.34
CA ILE M 29 -14.02 64.06 61.91
C ILE M 29 -14.02 65.47 61.36
N GLY M 30 -13.86 66.45 62.24
CA GLY M 30 -13.85 67.83 61.81
C GLY M 30 -13.83 68.78 62.99
N ASN M 31 -13.88 70.07 62.66
CA ASN M 31 -13.88 71.10 63.69
C ASN M 31 -15.25 71.16 64.36
N ILE M 32 -15.27 71.11 65.70
CA ILE M 32 -16.49 70.96 66.45
C ILE M 32 -16.66 72.16 67.38
N SER M 33 -17.92 72.55 67.61
CA SER M 33 -18.23 73.62 68.56
C SER M 33 -19.56 73.29 69.22
N GLU M 34 -19.54 73.02 70.52
CA GLU M 34 -20.71 72.64 71.29
C GLU M 34 -21.14 73.84 72.14
N SER M 35 -22.19 74.55 71.69
CA SER M 35 -22.64 75.76 72.37
C SER M 35 -23.79 75.50 73.34
N GLN M 36 -24.93 75.03 72.83
CA GLN M 36 -26.14 74.90 73.64
C GLN M 36 -26.81 73.55 73.34
N GLY M 37 -26.01 72.48 73.38
CA GLY M 37 -26.53 71.17 73.03
C GLY M 37 -26.37 70.91 71.54
N LEU M 38 -27.08 71.68 70.72
CA LEU M 38 -26.86 71.62 69.28
C LEU M 38 -25.44 72.05 68.96
N ILE M 39 -24.78 71.29 68.09
CA ILE M 39 -23.36 71.50 67.82
C ILE M 39 -23.17 71.93 66.38
N THR M 40 -22.08 72.66 66.15
CA THR M 40 -21.70 73.17 64.85
C THR M 40 -20.46 72.43 64.39
N ILE M 41 -20.46 72.00 63.13
CA ILE M 41 -19.39 71.20 62.56
C ILE M 41 -18.87 71.92 61.32
N LYS M 42 -17.55 72.02 61.21
CA LYS M 42 -16.88 72.64 60.07
C LYS M 42 -15.89 71.67 59.47
N LYS M 43 -15.87 71.61 58.14
CA LYS M 43 -14.93 70.76 57.38
C LYS M 43 -15.06 69.30 57.79
N ALA M 44 -16.30 68.82 57.87
CA ALA M 44 -16.55 67.44 58.28
C ALA M 44 -16.08 66.46 57.22
N PHE M 45 -15.59 65.32 57.68
CA PHE M 45 -15.11 64.25 56.80
C PHE M 45 -15.61 62.91 57.31
N VAL M 46 -16.11 62.09 56.40
CA VAL M 46 -16.47 60.70 56.70
C VAL M 46 -15.21 59.86 56.61
N ILE M 47 -14.96 59.08 57.67
CA ILE M 47 -13.81 58.18 57.72
C ILE M 47 -14.27 56.80 57.28
N ILE M 48 -13.72 56.30 56.18
CA ILE M 48 -14.06 55.00 55.63
C ILE M 48 -13.04 53.99 56.13
N PRO M 49 -13.45 52.91 56.80
CA PRO M 49 -12.48 51.93 57.28
C PRO M 49 -11.90 51.11 56.14
N MET M 50 -10.63 51.35 55.82
CA MET M 50 -9.97 50.66 54.73
C MET M 50 -8.45 50.76 54.86
N GLN M 59 -4.01 51.96 56.44
CA GLN M 59 -4.15 53.38 56.15
C GLN M 59 -5.60 53.83 56.38
N LEU M 60 -5.85 55.11 56.14
CA LEU M 60 -7.18 55.68 56.31
C LEU M 60 -7.62 56.39 55.05
N VAL M 61 -8.93 56.40 54.81
CA VAL M 61 -9.53 57.08 53.67
C VAL M 61 -10.58 58.04 54.18
N LEU M 62 -10.54 59.27 53.69
CA LEU M 62 -11.49 60.30 54.10
C LEU M 62 -12.28 60.76 52.88
N SER M 63 -13.54 61.08 53.10
CA SER M 63 -14.43 61.55 52.05
C SER M 63 -15.22 62.75 52.56
N PRO M 64 -15.70 63.61 51.65
CA PRO M 64 -16.56 64.72 52.10
C PRO M 64 -17.85 64.21 52.71
N TRP M 65 -18.33 64.92 53.72
CA TRP M 65 -19.56 64.49 54.40
C TRP M 65 -20.81 64.99 53.68
N GLN M 66 -20.81 66.23 53.22
CA GLN M 66 -21.96 66.85 52.57
C GLN M 66 -21.53 67.40 51.22
N PRO M 67 -21.39 66.53 50.21
CA PRO M 67 -20.89 66.98 48.91
C PRO M 67 -21.92 67.70 48.06
N TYR M 68 -23.06 68.09 48.61
CA TYR M 68 -24.09 68.81 47.86
C TYR M 68 -24.32 70.22 48.39
N THR M 69 -23.54 70.68 49.36
CA THR M 69 -23.72 72.00 49.93
C THR M 69 -22.37 72.72 50.03
N ASP M 70 -22.43 74.05 49.94
CA ASP M 70 -21.25 74.88 50.06
C ASP M 70 -21.18 75.60 51.40
N ASP M 71 -22.10 75.31 52.32
CA ASP M 71 -22.10 75.97 53.62
C ASP M 71 -20.86 75.59 54.42
N LYS M 72 -20.24 76.59 55.03
CA LYS M 72 -19.04 76.34 55.82
C LYS M 72 -19.35 75.53 57.08
N GLU M 73 -20.45 75.84 57.75
CA GLU M 73 -20.81 75.21 59.00
C GLU M 73 -22.14 74.49 58.87
N ILE M 74 -22.26 73.35 59.56
CA ILE M 74 -23.50 72.57 59.59
C ILE M 74 -23.89 72.36 61.04
N VAL M 75 -25.16 72.61 61.35
CA VAL M 75 -25.66 72.53 62.72
C VAL M 75 -26.47 71.25 62.87
N ILE M 76 -26.11 70.42 63.84
CA ILE M 76 -26.83 69.19 64.14
C ILE M 76 -27.16 69.18 65.63
N ASP M 77 -27.92 68.16 66.04
CA ASP M 77 -28.41 68.05 67.40
C ASP M 77 -27.65 66.96 68.14
N ASP M 78 -27.31 67.24 69.41
CA ASP M 78 -26.57 66.29 70.22
C ASP M 78 -27.36 65.01 70.50
N SER M 79 -28.68 65.05 70.34
CA SER M 79 -29.49 63.85 70.53
C SER M 79 -29.29 62.83 69.42
N GLU M 80 -28.59 63.20 68.34
CA GLU M 80 -28.39 62.33 67.20
C GLU M 80 -26.94 61.90 67.02
N VAL M 81 -26.13 62.04 68.06
CA VAL M 81 -24.72 61.63 68.04
C VAL M 81 -24.47 60.71 69.23
N ILE M 82 -23.76 59.61 68.98
CA ILE M 82 -23.55 58.62 70.03
C ILE M 82 -22.36 58.99 70.90
N THR M 83 -21.17 59.05 70.31
CA THR M 83 -19.93 59.28 71.05
C THR M 83 -19.14 60.40 70.40
N ILE M 84 -18.56 61.26 71.23
CA ILE M 84 -17.68 62.34 70.79
C ILE M 84 -16.39 62.23 71.59
N THR M 85 -15.28 61.95 70.91
CA THR M 85 -14.01 61.70 71.57
C THR M 85 -12.86 62.28 70.77
N SER M 86 -11.77 62.62 71.47
CA SER M 86 -10.59 63.15 70.80
C SER M 86 -9.82 62.02 70.12
N PRO M 87 -9.27 62.26 68.93
CA PRO M 87 -8.56 61.19 68.22
C PRO M 87 -7.07 61.16 68.52
N LYS M 88 -6.37 60.16 67.99
CA LYS M 88 -4.93 60.07 68.15
C LYS M 88 -4.22 60.99 67.17
N ASP M 89 -2.89 61.08 67.31
CA ASP M 89 -2.15 62.09 66.57
C ASP M 89 -1.98 61.73 65.10
N ASP M 90 -1.90 60.43 64.77
CA ASP M 90 -1.72 60.03 63.38
C ASP M 90 -2.89 60.49 62.51
N ILE M 91 -4.11 60.29 63.01
CA ILE M 91 -5.29 60.73 62.26
C ILE M 91 -5.32 62.25 62.15
N ILE M 92 -4.86 62.94 63.20
CA ILE M 92 -4.80 64.39 63.15
C ILE M 92 -3.87 64.85 62.03
N LYS M 93 -2.70 64.22 61.94
CA LYS M 93 -1.75 64.56 60.89
C LYS M 93 -2.33 64.29 59.51
N SER M 94 -2.97 63.12 59.34
CA SER M 94 -3.55 62.80 58.04
C SER M 94 -4.66 63.78 57.67
N TYR M 95 -5.49 64.15 58.64
CA TYR M 95 -6.57 65.10 58.38
C TYR M 95 -6.04 66.46 58.00
N GLU M 96 -5.00 66.94 58.69
CA GLU M 96 -4.42 68.23 58.35
C GLU M 96 -3.79 68.20 56.96
N SER M 97 -3.08 67.12 56.64
CA SER M 97 -2.48 67.01 55.31
C SER M 97 -3.54 67.03 54.22
N HIS M 98 -4.61 66.27 54.42
CA HIS M 98 -5.67 66.23 53.40
C HIS M 98 -6.36 67.58 53.26
N THR M 99 -6.63 68.25 54.38
CA THR M 99 -7.34 69.53 54.33
C THR M 99 -6.48 70.65 53.79
N ARG M 100 -5.15 70.52 53.80
CA ARG M 100 -4.35 71.51 53.10
C ARG M 100 -4.15 71.17 51.63
N VAL M 101 -4.08 69.87 51.29
CA VAL M 101 -3.97 69.49 49.89
C VAL M 101 -5.21 69.92 49.12
N LEU M 102 -6.39 69.75 49.71
CA LEU M 102 -7.62 70.15 49.03
C LEU M 102 -7.63 71.65 48.73
N GLU M 103 -7.23 72.47 49.72
CA GLU M 103 -7.18 73.91 49.50
C GLU M 103 -6.17 74.29 48.42
N ASN M 104 -5.00 73.64 48.45
CA ASN M 104 -3.98 73.93 47.43
C ASN M 104 -4.50 73.62 46.03
N LYS M 105 -5.15 72.47 45.87
CA LYS M 105 -5.69 72.10 44.57
C LYS M 105 -6.80 73.06 44.14
N GLN M 106 -7.63 73.49 45.09
CA GLN M 106 -8.68 74.46 44.77
C GLN M 106 -8.09 75.76 44.24
N VAL M 107 -7.04 76.27 44.90
CA VAL M 107 -6.41 77.50 44.44
C VAL M 107 -5.78 77.32 43.08
N GLU M 108 -5.13 76.17 42.86
CA GLU M 108 -4.52 75.92 41.55
C GLU M 108 -5.57 75.91 40.45
N GLU M 109 -6.72 75.29 40.70
CA GLU M 109 -7.78 75.28 39.70
C GLU M 109 -8.35 76.67 39.46
N ILE M 110 -8.43 77.49 40.52
CA ILE M 110 -8.89 78.87 40.34
C ILE M 110 -7.96 79.63 39.41
N LEU M 111 -6.65 79.49 39.62
CA LEU M 111 -5.68 80.13 38.73
C LEU M 111 -5.82 79.64 37.30
N ARG M 112 -5.96 78.32 37.12
CA ARG M 112 -6.13 77.77 35.78
C ARG M 112 -7.35 78.38 35.08
N LEU M 113 -8.49 78.42 35.78
CA LEU M 113 -9.69 78.96 35.19
C LEU M 113 -9.54 80.43 34.83
N GLU M 114 -8.93 81.21 35.72
CA GLU M 114 -8.76 82.63 35.43
C GLU M 114 -7.88 82.84 34.21
N LYS M 115 -6.78 82.09 34.10
CA LYS M 115 -5.90 82.24 32.95
C LYS M 115 -6.61 81.86 31.66
N GLU M 116 -7.36 80.76 31.68
CA GLU M 116 -8.10 80.35 30.48
C GLU M 116 -9.12 81.39 30.08
N ILE M 117 -9.84 81.96 31.05
CA ILE M 117 -10.83 82.98 30.76
C ILE M 117 -10.17 84.20 30.14
N GLU M 118 -9.04 84.64 30.70
CA GLU M 118 -8.36 85.81 30.15
C GLU M 118 -7.90 85.56 28.72
N ASP M 119 -7.31 84.39 28.46
CA ASP M 119 -6.86 84.09 27.11
C ASP M 119 -8.02 84.05 26.13
N LEU M 120 -9.12 83.40 26.50
CA LEU M 120 -10.27 83.32 25.61
C LEU M 120 -10.85 84.70 25.34
N GLN M 121 -10.94 85.54 26.37
CA GLN M 121 -11.47 86.89 26.18
C GLN M 121 -10.60 87.70 25.24
N ARG M 122 -9.28 87.62 25.41
CA ARG M 122 -8.37 88.35 24.54
C ARG M 122 -8.50 87.88 23.09
N MET M 123 -8.56 86.56 22.88
CA MET M 123 -8.65 86.05 21.52
C MET M 123 -9.97 86.45 20.88
N LYS M 124 -11.07 86.39 21.64
CA LYS M 124 -12.35 86.83 21.11
C LYS M 124 -12.34 88.31 20.76
N GLU M 125 -11.69 89.13 21.60
CA GLU M 125 -11.61 90.55 21.32
C GLU M 125 -10.88 90.80 20.01
N GLN M 126 -9.73 90.14 19.81
CA GLN M 126 -9.01 90.34 18.55
C GLN M 126 -9.81 89.83 17.37
N GLN M 127 -10.52 88.71 17.52
CA GLN M 127 -11.33 88.21 16.42
C GLN M 127 -12.46 89.17 16.06
N GLU M 128 -13.10 89.76 17.08
CA GLU M 128 -14.20 90.69 16.84
C GLU M 128 -13.70 92.02 16.27
N LEU M 129 -12.45 92.40 16.55
CA LEU M 129 -11.93 93.67 16.08
C LEU M 129 -12.03 93.80 14.56
N SER M 130 -11.73 92.73 13.83
CA SER M 130 -11.77 92.74 12.37
C SER M 130 -13.18 92.40 11.92
N LEU M 131 -14.00 93.42 11.70
CA LEU M 131 -15.38 93.23 11.29
C LEU M 131 -15.86 94.46 10.55
N THR M 132 -16.94 94.29 9.79
CA THR M 132 -17.52 95.37 9.00
C THR M 132 -18.72 95.97 9.72
N GLU M 133 -19.19 97.11 9.20
CA GLU M 133 -20.27 97.84 9.85
C GLU M 133 -21.58 97.06 9.79
N ALA M 134 -21.94 96.54 8.62
CA ALA M 134 -23.16 95.75 8.51
C ALA M 134 -23.06 94.48 9.35
N SER M 135 -21.89 93.85 9.36
CA SER M 135 -21.69 92.68 10.20
C SER M 135 -21.82 93.04 11.68
N LEU M 136 -21.31 94.21 12.07
CA LEU M 136 -21.47 94.66 13.45
C LEU M 136 -22.93 94.88 13.81
N GLN M 137 -23.70 95.46 12.88
CA GLN M 137 -25.12 95.66 13.12
C GLN M 137 -25.85 94.33 13.27
N LYS M 138 -25.54 93.36 12.41
CA LYS M 138 -26.14 92.04 12.54
C LYS M 138 -25.75 91.38 13.86
N LEU M 139 -24.49 91.55 14.26
CA LEU M 139 -24.03 91.05 15.55
C LEU M 139 -24.86 91.62 16.69
N GLN M 140 -25.05 92.94 16.69
CA GLN M 140 -25.81 93.58 17.75
C GLN M 140 -27.26 93.10 17.74
N GLU M 141 -27.86 92.99 16.56
CA GLU M 141 -29.25 92.55 16.47
C GLU M 141 -29.41 91.12 17.00
N ARG M 142 -28.53 90.22 16.60
CA ARG M 142 -28.66 88.84 17.05
C ARG M 142 -28.33 88.69 18.53
N ARG M 143 -27.41 89.51 19.05
CA ARG M 143 -27.14 89.51 20.48
C ARG M 143 -28.36 90.00 21.26
N ASP M 144 -29.05 91.03 20.73
CA ASP M 144 -30.27 91.50 21.35
C ASP M 144 -31.34 90.41 21.34
N GLN M 145 -31.48 89.71 20.23
CA GLN M 145 -32.40 88.57 20.14
C GLN M 145 -31.99 87.46 21.11
N LYS N 15 -70.33 -21.23 71.75
CA LYS N 15 -69.41 -21.16 70.62
C LYS N 15 -69.32 -22.51 69.93
N ASN N 16 -69.32 -22.49 68.59
CA ASN N 16 -69.30 -23.72 67.81
C ASN N 16 -68.73 -23.40 66.44
N ILE N 17 -67.50 -23.85 66.18
CA ILE N 17 -66.83 -23.61 64.91
C ILE N 17 -66.84 -24.91 64.12
N LYS N 18 -67.48 -24.87 62.95
CA LYS N 18 -67.57 -26.04 62.08
C LYS N 18 -67.37 -25.59 60.63
N ILE N 19 -66.41 -26.21 59.95
CA ILE N 19 -66.21 -25.92 58.53
C ILE N 19 -67.33 -26.59 57.72
N MET N 20 -67.61 -26.02 56.56
CA MET N 20 -68.61 -26.62 55.68
C MET N 20 -68.21 -26.38 54.23
N ARG N 21 -68.77 -27.22 53.36
CA ARG N 21 -68.57 -27.12 51.92
C ARG N 21 -69.89 -26.78 51.25
N LEU N 22 -69.89 -25.71 50.47
CA LEU N 22 -71.12 -25.25 49.82
C LEU N 22 -71.33 -25.96 48.49
N VAL N 23 -72.58 -25.91 48.01
CA VAL N 23 -72.92 -26.52 46.73
C VAL N 23 -72.13 -25.87 45.60
N THR N 24 -71.75 -24.60 45.76
CA THR N 24 -70.92 -23.94 44.77
C THR N 24 -69.56 -24.61 44.66
N GLY N 25 -69.01 -25.06 45.78
CA GLY N 25 -67.73 -25.73 45.79
C GLY N 25 -66.66 -24.98 46.55
N GLU N 26 -67.06 -24.26 47.59
CA GLU N 26 -66.15 -23.46 48.39
C GLU N 26 -66.26 -23.87 49.85
N ASP N 27 -65.23 -23.52 50.62
CA ASP N 27 -65.11 -23.92 52.01
C ASP N 27 -65.31 -22.71 52.91
N ILE N 28 -66.29 -22.81 53.81
CA ILE N 28 -66.67 -21.72 54.71
C ILE N 28 -66.40 -22.15 56.13
N ILE N 29 -65.70 -21.30 56.88
CA ILE N 29 -65.40 -21.54 58.29
C ILE N 29 -65.93 -20.38 59.11
N GLY N 30 -66.63 -20.67 60.19
CA GLY N 30 -67.17 -19.63 61.05
C GLY N 30 -68.06 -20.21 62.12
N ASN N 31 -68.65 -19.31 62.90
CA ASN N 31 -69.55 -19.70 63.97
C ASN N 31 -70.88 -20.16 63.39
N ILE N 32 -71.34 -21.34 63.80
CA ILE N 32 -72.49 -21.98 63.19
C ILE N 32 -73.57 -22.20 64.25
N SER N 33 -74.82 -22.11 63.83
CA SER N 33 -75.95 -22.41 64.71
C SER N 33 -77.05 -23.04 63.87
N GLU N 34 -77.35 -24.31 64.15
CA GLU N 34 -78.37 -25.07 63.40
C GLU N 34 -79.60 -25.20 64.28
N SER N 35 -80.63 -24.40 63.98
CA SER N 35 -81.84 -24.36 64.79
C SER N 35 -82.95 -25.25 64.23
N GLN N 36 -83.42 -24.95 63.02
CA GLN N 36 -84.59 -25.62 62.44
C GLN N 36 -84.31 -25.96 60.97
N GLY N 37 -83.16 -26.57 60.72
CA GLY N 37 -82.75 -26.85 59.36
C GLY N 37 -81.98 -25.69 58.76
N LEU N 38 -82.64 -24.56 58.60
CA LEU N 38 -81.93 -23.34 58.20
C LEU N 38 -80.92 -22.97 59.27
N ILE N 39 -79.72 -22.62 58.85
CA ILE N 39 -78.62 -22.40 59.78
C ILE N 39 -78.18 -20.94 59.72
N THR N 40 -77.63 -20.48 60.84
CA THR N 40 -77.13 -19.13 61.00
C THR N 40 -75.61 -19.16 61.08
N ILE N 41 -74.96 -18.28 60.34
CA ILE N 41 -73.50 -18.24 60.25
C ILE N 41 -73.03 -16.85 60.66
N LYS N 42 -72.01 -16.82 61.51
CA LYS N 42 -71.41 -15.58 61.98
C LYS N 42 -69.91 -15.59 61.71
N LYS N 43 -69.40 -14.46 61.22
CA LYS N 43 -67.97 -14.28 60.95
C LYS N 43 -67.46 -15.34 59.97
N ALA N 44 -68.22 -15.54 58.89
CA ALA N 44 -67.85 -16.54 57.90
C ALA N 44 -66.60 -16.12 57.13
N PHE N 45 -65.79 -17.11 56.77
CA PHE N 45 -64.56 -16.90 56.03
C PHE N 45 -64.44 -17.95 54.94
N VAL N 46 -64.08 -17.51 53.73
CA VAL N 46 -63.76 -18.40 52.63
C VAL N 46 -62.31 -18.85 52.78
N ILE N 47 -62.08 -20.16 52.74
CA ILE N 47 -60.74 -20.72 52.82
C ILE N 47 -60.24 -20.98 51.42
N ILE N 48 -59.16 -20.29 51.04
CA ILE N 48 -58.57 -20.41 49.70
C ILE N 48 -57.43 -21.41 49.79
N PRO N 49 -57.44 -22.49 49.00
CA PRO N 49 -56.33 -23.45 49.07
C PRO N 49 -55.05 -22.90 48.46
N MET N 50 -54.08 -22.59 49.30
CA MET N 50 -52.81 -22.02 48.86
C MET N 50 -51.73 -22.21 49.92
N GLN N 59 -49.42 -23.35 54.05
CA GLN N 59 -50.17 -22.41 54.87
C GLN N 59 -51.60 -22.27 54.37
N LEU N 60 -52.38 -21.43 55.03
CA LEU N 60 -53.77 -21.21 54.68
C LEU N 60 -54.04 -19.72 54.49
N VAL N 61 -54.98 -19.42 53.61
CA VAL N 61 -55.39 -18.04 53.33
C VAL N 61 -56.90 -17.96 53.54
N LEU N 62 -57.34 -16.93 54.26
CA LEU N 62 -58.74 -16.71 54.55
C LEU N 62 -59.18 -15.38 53.98
N SER N 63 -60.41 -15.31 53.48
CA SER N 63 -60.96 -14.09 52.92
C SER N 63 -62.37 -13.91 53.46
N PRO N 64 -62.88 -12.67 53.47
CA PRO N 64 -64.27 -12.46 53.87
C PRO N 64 -65.24 -13.14 52.91
N TRP N 65 -66.34 -13.64 53.46
CA TRP N 65 -67.31 -14.34 52.63
C TRP N 65 -68.29 -13.38 51.97
N GLN N 66 -68.77 -12.38 52.70
CA GLN N 66 -69.77 -11.43 52.20
C GLN N 66 -69.23 -10.02 52.41
N PRO N 67 -68.32 -9.57 51.54
CA PRO N 67 -67.71 -8.25 51.72
C PRO N 67 -68.57 -7.08 51.31
N TYR N 68 -69.87 -7.29 51.07
CA TYR N 68 -70.77 -6.22 50.68
C TYR N 68 -71.87 -5.97 51.73
N THR N 69 -71.83 -6.66 52.85
CA THR N 69 -72.85 -6.51 53.88
C THR N 69 -72.20 -6.35 55.25
N ASP N 70 -72.90 -5.63 56.13
CA ASP N 70 -72.45 -5.42 57.50
C ASP N 70 -73.24 -6.26 58.51
N ASP N 71 -74.14 -7.12 58.03
CA ASP N 71 -74.93 -7.93 58.94
C ASP N 71 -74.04 -8.90 59.71
N LYS N 72 -74.29 -9.02 61.01
CA LYS N 72 -73.50 -9.92 61.84
C LYS N 72 -73.77 -11.37 61.50
N GLU N 73 -75.03 -11.72 61.26
CA GLU N 73 -75.42 -13.10 61.02
C GLU N 73 -76.05 -13.24 59.63
N ILE N 74 -75.80 -14.37 58.99
CA ILE N 74 -76.37 -14.68 57.68
C ILE N 74 -77.09 -16.02 57.78
N VAL N 75 -78.32 -16.08 57.27
CA VAL N 75 -79.15 -17.27 57.37
C VAL N 75 -79.17 -17.96 56.01
N ILE N 76 -78.80 -19.23 55.98
CA ILE N 76 -78.84 -20.03 54.77
C ILE N 76 -79.63 -21.30 55.04
N ASP N 77 -79.85 -22.10 54.00
CA ASP N 77 -80.65 -23.31 54.07
C ASP N 77 -79.75 -24.53 54.02
N ASP N 78 -80.07 -25.53 54.85
CA ASP N 78 -79.29 -26.76 54.91
C ASP N 78 -79.36 -27.55 53.62
N SER N 79 -80.35 -27.30 52.77
CA SER N 79 -80.42 -27.98 51.48
C SER N 79 -79.35 -27.52 50.51
N GLU N 80 -78.62 -26.46 50.84
CA GLU N 80 -77.62 -25.89 49.95
C GLU N 80 -76.20 -26.05 50.49
N VAL N 81 -76.00 -26.95 51.45
CA VAL N 81 -74.68 -27.23 52.01
C VAL N 81 -74.43 -28.74 51.93
N ILE N 82 -73.22 -29.10 51.49
CA ILE N 82 -72.91 -30.51 51.28
C ILE N 82 -72.48 -31.18 52.58
N THR N 83 -71.37 -30.73 53.15
CA THR N 83 -70.79 -31.36 54.33
C THR N 83 -70.51 -30.32 55.39
N ILE N 84 -70.81 -30.67 56.65
CA ILE N 84 -70.51 -29.83 57.81
C ILE N 84 -69.72 -30.69 58.79
N THR N 85 -68.47 -30.31 59.05
CA THR N 85 -67.59 -31.11 59.88
C THR N 85 -66.71 -30.21 60.73
N SER N 86 -66.27 -30.73 61.88
CA SER N 86 -65.39 -29.99 62.77
C SER N 86 -63.96 -30.00 62.22
N PRO N 87 -63.23 -28.90 62.32
CA PRO N 87 -61.88 -28.84 61.76
C PRO N 87 -60.80 -29.23 62.76
N LYS N 88 -59.55 -29.31 62.30
CA LYS N 88 -58.44 -29.60 63.18
C LYS N 88 -58.01 -28.35 63.94
N ASP N 89 -57.08 -28.52 64.87
CA ASP N 89 -56.74 -27.45 65.81
C ASP N 89 -55.91 -26.36 65.15
N ASP N 90 -55.06 -26.70 64.17
CA ASP N 90 -54.23 -25.69 63.54
C ASP N 90 -55.07 -24.63 62.84
N ILE N 91 -56.10 -25.05 62.11
CA ILE N 91 -56.97 -24.11 61.44
C ILE N 91 -57.76 -23.29 62.46
N ILE N 92 -58.13 -23.90 63.59
CA ILE N 92 -58.80 -23.15 64.65
C ILE N 92 -57.91 -22.03 65.17
N LYS N 93 -56.64 -22.35 65.40
CA LYS N 93 -55.70 -21.34 65.88
C LYS N 93 -55.53 -20.22 64.87
N SER N 94 -55.37 -20.58 63.59
CA SER N 94 -55.21 -19.56 62.56
C SER N 94 -56.44 -18.67 62.45
N TYR N 95 -57.63 -19.28 62.52
CA TYR N 95 -58.87 -18.52 62.44
C TYR N 95 -59.01 -17.56 63.61
N GLU N 96 -58.70 -18.02 64.82
CA GLU N 96 -58.78 -17.14 65.99
C GLU N 96 -57.79 -15.99 65.88
N SER N 97 -56.56 -16.28 65.45
CA SER N 97 -55.56 -15.23 65.29
C SER N 97 -56.03 -14.19 64.28
N HIS N 98 -56.55 -14.64 63.14
CA HIS N 98 -57.00 -13.70 62.12
C HIS N 98 -58.18 -12.88 62.59
N THR N 99 -59.12 -13.50 63.30
CA THR N 99 -60.31 -12.80 63.74
C THR N 99 -60.04 -11.85 64.89
N ARG N 100 -58.93 -12.03 65.62
CA ARG N 100 -58.57 -11.00 66.58
C ARG N 100 -57.73 -9.88 65.96
N VAL N 101 -56.88 -10.22 64.98
CA VAL N 101 -56.09 -9.18 64.30
C VAL N 101 -57.02 -8.21 63.58
N LEU N 102 -58.07 -8.72 62.92
CA LEU N 102 -58.99 -7.84 62.23
C LEU N 102 -59.67 -6.86 63.18
N GLU N 103 -60.12 -7.35 64.33
CA GLU N 103 -60.75 -6.48 65.32
C GLU N 103 -59.77 -5.43 65.84
N ASN N 104 -58.52 -5.85 66.12
CA ASN N 104 -57.53 -4.90 66.61
C ASN N 104 -57.29 -3.79 65.59
N LYS N 105 -57.15 -4.16 64.32
CA LYS N 105 -56.92 -3.16 63.28
C LYS N 105 -58.13 -2.24 63.13
N GLN N 106 -59.33 -2.79 63.25
CA GLN N 106 -60.54 -1.96 63.18
C GLN N 106 -60.55 -0.91 64.29
N VAL N 107 -60.23 -1.33 65.52
CA VAL N 107 -60.22 -0.38 66.63
C VAL N 107 -59.14 0.67 66.42
N GLU N 108 -57.96 0.26 65.95
CA GLU N 108 -56.90 1.24 65.70
C GLU N 108 -57.33 2.27 64.68
N GLU N 109 -58.00 1.83 63.61
CA GLU N 109 -58.47 2.78 62.60
C GLU N 109 -59.55 3.70 63.16
N ILE N 110 -60.40 3.19 64.05
CA ILE N 110 -61.42 4.05 64.68
C ILE N 110 -60.73 5.15 65.48
N LEU N 111 -59.71 4.79 66.26
CA LEU N 111 -58.98 5.81 67.02
C LEU N 111 -58.33 6.83 66.10
N ARG N 112 -57.70 6.37 65.02
CA ARG N 112 -57.08 7.29 64.07
C ARG N 112 -58.10 8.28 63.52
N LEU N 113 -59.26 7.78 63.08
CA LEU N 113 -60.27 8.65 62.51
C LEU N 113 -60.78 9.65 63.53
N GLU N 114 -61.01 9.20 64.76
CA GLU N 114 -61.51 10.13 65.78
C GLU N 114 -60.50 11.23 66.06
N LYS N 115 -59.22 10.87 66.17
CA LYS N 115 -58.20 11.88 66.43
C LYS N 115 -58.11 12.89 65.28
N GLU N 116 -58.14 12.39 64.04
CA GLU N 116 -58.07 13.30 62.89
C GLU N 116 -59.28 14.24 62.86
N ILE N 117 -60.47 13.71 63.15
CA ILE N 117 -61.67 14.53 63.16
C ILE N 117 -61.56 15.62 64.23
N GLU N 118 -61.11 15.25 65.43
CA GLU N 118 -60.98 16.24 66.49
C GLU N 118 -59.98 17.33 66.11
N ASP N 119 -58.83 16.96 65.56
CA ASP N 119 -57.84 17.95 65.17
C ASP N 119 -58.38 18.88 64.09
N LEU N 120 -59.04 18.32 63.08
CA LEU N 120 -59.59 19.15 62.01
C LEU N 120 -60.66 20.10 62.54
N GLN N 121 -61.52 19.61 63.43
CA GLN N 121 -62.57 20.47 63.99
C GLN N 121 -61.96 21.61 64.79
N ARG N 122 -60.95 21.32 65.61
CA ARG N 122 -60.31 22.37 66.39
C ARG N 122 -59.66 23.42 65.49
N MET N 123 -58.95 22.97 64.46
CA MET N 123 -58.29 23.91 63.56
C MET N 123 -59.29 24.77 62.81
N LYS N 124 -60.40 24.16 62.35
CA LYS N 124 -61.44 24.93 61.69
C LYS N 124 -62.07 25.94 62.64
N GLU N 125 -62.27 25.55 63.90
CA GLU N 125 -62.84 26.49 64.86
C GLU N 125 -61.94 27.70 65.06
N GLN N 126 -60.64 27.47 65.23
CA GLN N 126 -59.72 28.59 65.39
C GLN N 126 -59.67 29.45 64.13
N GLN N 127 -59.71 28.83 62.95
CA GLN N 127 -59.69 29.61 61.72
C GLN N 127 -60.95 30.47 61.59
N GLU N 128 -62.11 29.92 61.95
CA GLU N 128 -63.36 30.67 61.85
C GLU N 128 -63.46 31.75 62.91
N LEU N 129 -62.76 31.59 64.05
CA LEU N 129 -62.86 32.59 65.11
C LEU N 129 -62.47 33.98 64.62
N SER N 130 -61.42 34.08 63.81
CA SER N 130 -60.95 35.36 63.29
C SER N 130 -61.71 35.69 62.03
N LEU N 131 -62.80 36.44 62.18
CA LEU N 131 -63.64 36.81 61.04
C LEU N 131 -64.38 38.09 61.37
N THR N 132 -64.87 38.75 60.33
CA THR N 132 -65.60 40.00 60.47
C THR N 132 -67.11 39.76 60.40
N GLU N 133 -67.87 40.80 60.74
CA GLU N 133 -69.32 40.67 60.80
C GLU N 133 -69.92 40.44 59.43
N ALA N 134 -69.53 41.25 58.44
CA ALA N 134 -70.03 41.05 57.08
C ALA N 134 -69.61 39.69 56.53
N SER N 135 -68.37 39.29 56.81
CA SER N 135 -67.91 37.98 56.39
C SER N 135 -68.72 36.88 57.06
N LEU N 136 -69.06 37.06 58.33
CA LEU N 136 -69.89 36.08 59.03
C LEU N 136 -71.28 36.00 58.40
N GLN N 137 -71.85 37.14 58.02
CA GLN N 137 -73.15 37.13 57.36
C GLN N 137 -73.09 36.42 56.03
N LYS N 138 -72.04 36.67 55.24
CA LYS N 138 -71.88 35.98 53.97
C LYS N 138 -71.70 34.47 54.19
N LEU N 139 -70.94 34.11 55.22
CA LEU N 139 -70.77 32.71 55.58
C LEU N 139 -72.12 32.05 55.87
N GLN N 140 -72.95 32.70 56.69
CA GLN N 140 -74.25 32.14 57.03
C GLN N 140 -75.14 32.03 55.79
N GLU N 141 -75.13 33.05 54.93
CA GLU N 141 -75.96 33.02 53.74
C GLU N 141 -75.55 31.89 52.80
N ARG N 142 -74.24 31.73 52.57
CA ARG N 142 -73.80 30.68 51.67
C ARG N 142 -73.99 29.30 52.27
N ARG N 143 -73.87 29.17 53.59
CA ARG N 143 -74.16 27.89 54.24
C ARG N 143 -75.65 27.56 54.10
N ASP N 144 -76.52 28.56 54.22
CA ASP N 144 -77.94 28.33 54.01
C ASP N 144 -78.21 27.90 52.56
N GLN N 145 -77.56 28.55 51.60
CA GLN N 145 -77.68 28.14 50.21
C GLN N 145 -77.12 26.73 50.00
N LYS O 15 -69.90 -67.46 -33.37
CA LYS O 15 -68.81 -66.51 -33.16
C LYS O 15 -67.81 -66.58 -34.30
N ASN O 16 -67.35 -65.41 -34.76
CA ASN O 16 -66.44 -65.35 -35.91
C ASN O 16 -65.67 -64.03 -35.81
N ILE O 17 -64.39 -64.11 -35.46
CA ILE O 17 -63.53 -62.95 -35.33
C ILE O 17 -62.61 -62.89 -36.55
N LYS O 18 -62.71 -61.81 -37.32
CA LYS O 18 -61.89 -61.62 -38.51
C LYS O 18 -61.46 -60.17 -38.58
N ILE O 19 -60.15 -59.95 -38.68
CA ILE O 19 -59.64 -58.59 -38.84
C ILE O 19 -59.90 -58.14 -40.28
N MET O 20 -60.01 -56.83 -40.47
CA MET O 20 -60.18 -56.28 -41.81
C MET O 20 -59.48 -54.94 -41.91
N ARG O 21 -59.19 -54.56 -43.15
CA ARG O 21 -58.57 -53.28 -43.47
C ARG O 21 -59.55 -52.44 -44.27
N LEU O 22 -59.81 -51.23 -43.79
CA LEU O 22 -60.78 -50.35 -44.43
C LEU O 22 -60.13 -49.53 -45.54
N VAL O 23 -60.98 -49.00 -46.43
CA VAL O 23 -60.49 -48.17 -47.52
C VAL O 23 -59.80 -46.92 -46.98
N THR O 24 -60.20 -46.47 -45.79
CA THR O 24 -59.52 -45.33 -45.16
C THR O 24 -58.07 -45.67 -44.85
N GLY O 25 -57.80 -46.92 -44.44
CA GLY O 25 -56.45 -47.33 -44.13
C GLY O 25 -56.26 -47.71 -42.68
N GLU O 26 -57.30 -48.22 -42.05
CA GLU O 26 -57.27 -48.59 -40.64
C GLU O 26 -57.66 -50.06 -40.49
N ASP O 27 -57.29 -50.62 -39.34
CA ASP O 27 -57.48 -52.04 -39.05
C ASP O 27 -58.56 -52.20 -38.00
N ILE O 28 -59.61 -52.96 -38.35
CA ILE O 28 -60.77 -53.16 -37.50
C ILE O 28 -60.84 -54.64 -37.13
N ILE O 29 -60.98 -54.92 -35.83
CA ILE O 29 -61.11 -56.29 -35.33
C ILE O 29 -62.42 -56.38 -34.54
N GLY O 30 -63.19 -57.43 -34.80
CA GLY O 30 -64.43 -57.61 -34.09
C GLY O 30 -65.23 -58.76 -34.66
N ASN O 31 -66.43 -58.94 -34.10
CA ASN O 31 -67.31 -60.01 -34.55
C ASN O 31 -67.92 -59.64 -35.89
N ILE O 32 -67.83 -60.54 -36.87
CA ILE O 32 -68.21 -60.25 -38.24
C ILE O 32 -69.32 -61.19 -38.68
N SER O 33 -70.21 -60.69 -39.53
CA SER O 33 -71.26 -61.52 -40.12
C SER O 33 -71.52 -61.03 -41.53
N GLU O 34 -71.21 -61.86 -42.52
CA GLU O 34 -71.37 -61.53 -43.93
C GLU O 34 -72.59 -62.27 -44.48
N SER O 35 -73.70 -61.54 -44.63
CA SER O 35 -74.96 -62.13 -45.06
C SER O 35 -75.20 -62.00 -46.57
N GLN O 36 -75.29 -60.77 -47.07
CA GLN O 36 -75.67 -60.51 -48.46
C GLN O 36 -74.76 -59.43 -49.05
N GLY O 37 -73.46 -59.59 -48.86
CA GLY O 37 -72.52 -58.58 -49.31
C GLY O 37 -72.28 -57.55 -48.22
N LEU O 38 -73.31 -56.80 -47.87
CA LEU O 38 -73.23 -55.91 -46.72
C LEU O 38 -73.00 -56.73 -45.46
N ILE O 39 -72.07 -56.27 -44.63
CA ILE O 39 -71.64 -57.05 -43.47
C ILE O 39 -72.01 -56.31 -42.19
N THR O 40 -72.19 -57.09 -41.13
CA THR O 40 -72.55 -56.60 -39.81
C THR O 40 -71.36 -56.80 -38.88
N ILE O 41 -71.03 -55.77 -38.12
CA ILE O 41 -69.86 -55.77 -37.24
C ILE O 41 -70.33 -55.49 -35.82
N LYS O 42 -69.84 -56.28 -34.87
CA LYS O 42 -70.16 -56.12 -33.45
C LYS O 42 -68.88 -55.99 -32.66
N LYS O 43 -68.87 -55.06 -31.71
CA LYS O 43 -67.74 -54.83 -30.80
C LYS O 43 -66.46 -54.54 -31.58
N ALA O 44 -66.56 -53.66 -32.57
CA ALA O 44 -65.43 -53.30 -33.41
C ALA O 44 -64.38 -52.53 -32.62
N PHE O 45 -63.12 -52.77 -32.96
CA PHE O 45 -62.00 -52.09 -32.32
C PHE O 45 -60.98 -51.68 -33.38
N VAL O 46 -60.50 -50.44 -33.28
CA VAL O 46 -59.41 -49.96 -34.10
C VAL O 46 -58.10 -50.41 -33.48
N ILE O 47 -57.24 -51.02 -34.29
CA ILE O 47 -55.93 -51.48 -33.83
C ILE O 47 -54.90 -50.41 -34.20
N ILE O 48 -54.27 -49.83 -33.19
CA ILE O 48 -53.28 -48.77 -33.40
C ILE O 48 -51.90 -49.42 -33.37
N PRO O 49 -51.09 -49.27 -34.42
CA PRO O 49 -49.75 -49.87 -34.41
C PRO O 49 -48.81 -49.17 -33.45
N MET O 50 -48.49 -49.83 -32.34
CA MET O 50 -47.63 -49.25 -31.33
C MET O 50 -47.05 -50.34 -30.43
N GLN O 59 -46.10 -54.64 -28.36
CA GLN O 59 -47.46 -54.84 -27.86
C GLN O 59 -48.48 -54.24 -28.82
N LEU O 60 -49.76 -54.34 -28.46
CA LEU O 60 -50.84 -53.83 -29.28
C LEU O 60 -51.73 -52.91 -28.45
N VAL O 61 -52.32 -51.93 -29.12
CA VAL O 61 -53.23 -50.98 -28.50
C VAL O 61 -54.54 -51.00 -29.28
N LEU O 62 -55.65 -51.10 -28.55
CA LEU O 62 -56.98 -51.15 -29.16
C LEU O 62 -57.79 -49.96 -28.68
N SER O 63 -58.62 -49.41 -29.55
CA SER O 63 -59.48 -48.28 -29.23
C SER O 63 -60.88 -48.56 -29.77
N PRO O 64 -61.90 -47.92 -29.20
CA PRO O 64 -63.25 -48.06 -29.74
C PRO O 64 -63.32 -47.50 -31.16
N TRP O 65 -64.14 -48.14 -31.99
CA TRP O 65 -64.26 -47.70 -33.37
C TRP O 65 -65.28 -46.57 -33.52
N GLN O 66 -66.42 -46.68 -32.84
CA GLN O 66 -67.51 -45.71 -32.96
C GLN O 66 -67.87 -45.23 -31.56
N PRO O 67 -67.07 -44.32 -31.00
CA PRO O 67 -67.31 -43.87 -29.62
C PRO O 67 -68.45 -42.88 -29.46
N TYR O 68 -69.28 -42.68 -30.48
CA TYR O 68 -70.40 -41.76 -30.40
C TYR O 68 -71.75 -42.45 -30.53
N THR O 69 -71.78 -43.79 -30.59
CA THR O 69 -73.02 -44.53 -30.76
C THR O 69 -73.06 -45.68 -29.77
N ASP O 70 -74.28 -46.03 -29.36
CA ASP O 70 -74.52 -47.16 -28.46
C ASP O 70 -75.08 -48.38 -29.18
N ASP O 71 -75.18 -48.33 -30.50
CA ASP O 71 -75.71 -49.47 -31.24
C ASP O 71 -74.80 -50.67 -31.12
N LYS O 72 -75.40 -51.85 -30.89
CA LYS O 72 -74.61 -53.07 -30.76
C LYS O 72 -73.97 -53.47 -32.08
N GLU O 73 -74.70 -53.34 -33.18
CA GLU O 73 -74.23 -53.78 -34.49
C GLU O 73 -74.18 -52.60 -35.45
N ILE O 74 -73.18 -52.61 -36.33
CA ILE O 74 -73.02 -51.59 -37.36
C ILE O 74 -72.95 -52.29 -38.71
N VAL O 75 -73.71 -51.79 -39.68
CA VAL O 75 -73.80 -52.39 -41.00
C VAL O 75 -73.00 -51.55 -41.99
N ILE O 76 -72.05 -52.18 -42.68
CA ILE O 76 -71.25 -51.51 -43.70
C ILE O 76 -71.33 -52.33 -44.99
N ASP O 77 -70.73 -51.79 -46.05
CA ASP O 77 -70.78 -52.40 -47.37
C ASP O 77 -69.44 -53.02 -47.71
N ASP O 78 -69.48 -54.21 -48.31
CA ASP O 78 -68.27 -54.93 -48.69
C ASP O 78 -67.47 -54.19 -49.75
N SER O 79 -68.08 -53.25 -50.47
CA SER O 79 -67.35 -52.47 -51.46
C SER O 79 -66.39 -51.47 -50.82
N GLU O 80 -66.46 -51.30 -49.51
CA GLU O 80 -65.65 -50.31 -48.80
C GLU O 80 -64.63 -50.96 -47.86
N VAL O 81 -64.36 -52.25 -48.04
CA VAL O 81 -63.38 -52.97 -47.24
C VAL O 81 -62.39 -53.65 -48.19
N ILE O 82 -61.09 -53.55 -47.87
CA ILE O 82 -60.06 -54.08 -48.75
C ILE O 82 -59.85 -55.56 -48.51
N THR O 83 -59.40 -55.92 -47.31
CA THR O 83 -59.03 -57.30 -46.98
C THR O 83 -59.72 -57.72 -45.70
N ILE O 84 -60.22 -58.96 -45.68
CA ILE O 84 -60.81 -59.59 -44.50
C ILE O 84 -60.10 -60.91 -44.28
N THR O 85 -59.39 -61.04 -43.16
CA THR O 85 -58.59 -62.22 -42.90
C THR O 85 -58.64 -62.58 -41.42
N SER O 86 -58.44 -63.86 -41.12
CA SER O 86 -58.42 -64.33 -39.75
C SER O 86 -57.09 -63.96 -39.08
N PRO O 87 -57.12 -63.56 -37.81
CA PRO O 87 -55.88 -63.14 -37.14
C PRO O 87 -55.18 -64.28 -36.42
N LYS O 88 -54.00 -64.01 -35.86
CA LYS O 88 -53.29 -65.00 -35.09
C LYS O 88 -53.84 -65.07 -33.67
N ASP O 89 -53.35 -66.03 -32.90
CA ASP O 89 -53.94 -66.34 -31.61
C ASP O 89 -53.61 -65.30 -30.55
N ASP O 90 -52.43 -64.68 -30.62
CA ASP O 90 -52.05 -63.69 -29.62
C ASP O 90 -53.01 -62.50 -29.62
N ILE O 91 -53.35 -62.00 -30.81
CA ILE O 91 -54.28 -60.89 -30.91
C ILE O 91 -55.66 -61.31 -30.45
N ILE O 92 -56.04 -62.56 -30.70
CA ILE O 92 -57.33 -63.07 -30.21
C ILE O 92 -57.37 -63.03 -28.69
N LYS O 93 -56.29 -63.48 -28.05
CA LYS O 93 -56.22 -63.48 -26.59
C LYS O 93 -56.30 -62.05 -26.05
N SER O 94 -55.55 -61.13 -26.67
CA SER O 94 -55.57 -59.75 -26.20
C SER O 94 -56.95 -59.13 -26.37
N TYR O 95 -57.60 -59.40 -27.49
CA TYR O 95 -58.94 -58.86 -27.74
C TYR O 95 -59.95 -59.40 -26.74
N GLU O 96 -59.89 -60.70 -26.45
CA GLU O 96 -60.81 -61.27 -25.46
C GLU O 96 -60.57 -60.69 -24.07
N SER O 97 -59.30 -60.54 -23.68
CA SER O 97 -58.99 -59.96 -22.39
C SER O 97 -59.52 -58.54 -22.29
N HIS O 98 -59.30 -57.73 -23.33
CA HIS O 98 -59.77 -56.35 -23.29
C HIS O 98 -61.29 -56.27 -23.26
N THR O 99 -61.97 -57.12 -24.04
CA THR O 99 -63.42 -57.07 -24.11
C THR O 99 -64.08 -57.62 -22.85
N ARG O 100 -63.38 -58.43 -22.05
CA ARG O 100 -63.95 -58.77 -20.75
C ARG O 100 -63.62 -57.76 -19.67
N VAL O 101 -62.44 -57.12 -19.74
CA VAL O 101 -62.10 -56.08 -18.76
C VAL O 101 -63.07 -54.91 -18.90
N LEU O 102 -63.41 -54.53 -20.13
CA LEU O 102 -64.33 -53.41 -20.31
C LEU O 102 -65.70 -53.71 -19.68
N GLU O 103 -66.22 -54.92 -19.91
CA GLU O 103 -67.49 -55.29 -19.32
C GLU O 103 -67.43 -55.32 -17.80
N ASN O 104 -66.34 -55.84 -17.24
CA ASN O 104 -66.20 -55.87 -15.79
C ASN O 104 -66.21 -54.47 -15.20
N LYS O 105 -65.46 -53.55 -15.83
CA LYS O 105 -65.43 -52.18 -15.34
C LYS O 105 -66.79 -51.50 -15.48
N GLN O 106 -67.51 -51.80 -16.57
CA GLN O 106 -68.85 -51.24 -16.74
C GLN O 106 -69.78 -51.69 -15.62
N VAL O 107 -69.74 -52.98 -15.28
CA VAL O 107 -70.60 -53.48 -14.21
C VAL O 107 -70.22 -52.86 -12.87
N GLU O 108 -68.91 -52.73 -12.61
CA GLU O 108 -68.47 -52.11 -11.36
C GLU O 108 -68.98 -50.68 -11.25
N GLU O 109 -68.91 -49.92 -12.35
CA GLU O 109 -69.40 -48.55 -12.31
C GLU O 109 -70.91 -48.51 -12.12
N ILE O 110 -71.65 -49.47 -12.69
CA ILE O 110 -73.10 -49.51 -12.48
C ILE O 110 -73.40 -49.72 -11.00
N LEU O 111 -72.68 -50.65 -10.35
CA LEU O 111 -72.88 -50.85 -8.92
C LEU O 111 -72.56 -49.60 -8.12
N ARG O 112 -71.45 -48.93 -8.46
CA ARG O 112 -71.09 -47.71 -7.76
C ARG O 112 -72.20 -46.66 -7.86
N LEU O 113 -72.70 -46.45 -9.08
CA LEU O 113 -73.74 -45.45 -9.28
C LEU O 113 -75.01 -45.80 -8.52
N GLU O 114 -75.41 -47.08 -8.55
CA GLU O 114 -76.62 -47.47 -7.83
C GLU O 114 -76.48 -47.24 -6.33
N LYS O 115 -75.32 -47.60 -5.77
CA LYS O 115 -75.12 -47.40 -4.33
C LYS O 115 -75.15 -45.93 -3.98
N GLU O 116 -74.49 -45.08 -4.78
CA GLU O 116 -74.48 -43.66 -4.50
C GLU O 116 -75.90 -43.08 -4.59
N ILE O 117 -76.68 -43.51 -5.58
CA ILE O 117 -78.05 -43.02 -5.72
C ILE O 117 -78.88 -43.42 -4.51
N GLU O 118 -78.75 -44.67 -4.07
CA GLU O 118 -79.52 -45.12 -2.91
C GLU O 118 -79.16 -44.32 -1.67
N ASP O 119 -77.86 -44.11 -1.43
CA ASP O 119 -77.45 -43.35 -0.26
C ASP O 119 -77.96 -41.93 -0.30
N LEU O 120 -77.85 -41.27 -1.47
CA LEU O 120 -78.32 -39.90 -1.59
C LEU O 120 -79.83 -39.81 -1.37
N GLN O 121 -80.57 -40.76 -1.93
CA GLN O 121 -82.02 -40.75 -1.76
C GLN O 121 -82.41 -40.93 -0.30
N ARG O 122 -81.75 -41.85 0.40
CA ARG O 122 -82.05 -42.07 1.80
C ARG O 122 -81.74 -40.81 2.63
N MET O 123 -80.59 -40.19 2.37
CA MET O 123 -80.23 -38.99 3.14
C MET O 123 -81.20 -37.85 2.86
N LYS O 124 -81.60 -37.67 1.60
CA LYS O 124 -82.58 -36.64 1.28
C LYS O 124 -83.91 -36.92 1.95
N GLU O 125 -84.32 -38.19 2.00
CA GLU O 125 -85.58 -38.53 2.65
C GLU O 125 -85.54 -38.16 4.13
N GLN O 126 -84.46 -38.52 4.82
CA GLN O 126 -84.36 -38.17 6.23
C GLN O 126 -84.32 -36.66 6.43
N GLN O 127 -83.62 -35.94 5.55
CA GLN O 127 -83.57 -34.48 5.67
C GLN O 127 -84.94 -33.86 5.47
N GLU O 128 -85.70 -34.36 4.50
CA GLU O 128 -87.03 -33.82 4.24
C GLU O 128 -88.03 -34.19 5.32
N LEU O 129 -87.81 -35.31 6.04
CA LEU O 129 -88.75 -35.73 7.06
C LEU O 129 -88.98 -34.66 8.11
N SER O 130 -87.91 -33.98 8.53
CA SER O 130 -88.00 -32.94 9.56
C SER O 130 -88.33 -31.61 8.88
N LEU O 131 -89.62 -31.30 8.80
CA LEU O 131 -90.06 -30.08 8.15
C LEU O 131 -91.42 -29.67 8.71
N THR O 132 -91.77 -28.41 8.53
CA THR O 132 -93.02 -27.86 9.01
C THR O 132 -94.06 -27.81 7.90
N GLU O 133 -95.31 -27.54 8.29
CA GLU O 133 -96.42 -27.55 7.34
C GLU O 133 -96.29 -26.43 6.32
N ALA O 134 -96.03 -25.21 6.78
CA ALA O 134 -95.86 -24.09 5.86
C ALA O 134 -94.64 -24.30 4.97
N SER O 135 -93.56 -24.83 5.54
CA SER O 135 -92.39 -25.15 4.74
C SER O 135 -92.71 -26.22 3.70
N LEU O 136 -93.51 -27.21 4.07
CA LEU O 136 -93.93 -28.24 3.11
C LEU O 136 -94.75 -27.63 1.98
N GLN O 137 -95.65 -26.70 2.31
CA GLN O 137 -96.45 -26.04 1.28
C GLN O 137 -95.57 -25.23 0.33
N LYS O 138 -94.59 -24.50 0.89
CA LYS O 138 -93.67 -23.76 0.04
C LYS O 138 -92.85 -24.70 -0.84
N LEU O 139 -92.43 -25.83 -0.27
CA LEU O 139 -91.72 -26.85 -1.04
C LEU O 139 -92.55 -27.31 -2.23
N GLN O 140 -93.82 -27.65 -1.98
CA GLN O 140 -94.69 -28.12 -3.06
C GLN O 140 -94.89 -27.04 -4.11
N GLU O 141 -95.10 -25.79 -3.68
CA GLU O 141 -95.32 -24.70 -4.63
C GLU O 141 -94.09 -24.50 -5.51
N ARG O 142 -92.90 -24.47 -4.91
CA ARG O 142 -91.71 -24.22 -5.70
C ARG O 142 -91.37 -25.41 -6.59
N ARG O 143 -91.67 -26.64 -6.14
CA ARG O 143 -91.50 -27.80 -7.00
C ARG O 143 -92.45 -27.74 -8.19
N ASP O 144 -93.69 -27.30 -7.97
CA ASP O 144 -94.62 -27.11 -9.08
C ASP O 144 -94.11 -26.06 -10.05
N GLN O 145 -93.58 -24.95 -9.53
CA GLN O 145 -92.98 -23.93 -10.39
C GLN O 145 -91.76 -24.49 -11.12
N LYS P 15 -72.65 72.53 -2.04
CA LYS P 15 -71.83 71.33 -2.02
C LYS P 15 -72.69 70.11 -1.72
N ASN P 16 -72.44 69.02 -2.45
CA ASN P 16 -73.25 67.81 -2.31
C ASN P 16 -72.41 66.63 -2.78
N ILE P 17 -71.94 65.81 -1.85
CA ILE P 17 -71.13 64.65 -2.16
C ILE P 17 -71.99 63.40 -2.02
N LYS P 18 -72.16 62.66 -3.11
CA LYS P 18 -72.95 61.44 -3.11
C LYS P 18 -72.23 60.39 -3.96
N ILE P 19 -72.01 59.22 -3.37
CA ILE P 19 -71.41 58.12 -4.12
C ILE P 19 -72.47 57.52 -5.04
N MET P 20 -72.01 56.92 -6.14
CA MET P 20 -72.92 56.26 -7.05
C MET P 20 -72.25 55.04 -7.66
N ARG P 21 -73.09 54.13 -8.14
CA ARG P 21 -72.63 52.91 -8.82
C ARG P 21 -73.07 52.95 -10.28
N LEU P 22 -72.12 52.81 -11.18
CA LEU P 22 -72.41 52.90 -12.61
C LEU P 22 -72.85 51.54 -13.16
N VAL P 23 -73.50 51.60 -14.33
CA VAL P 23 -73.96 50.37 -14.99
C VAL P 23 -72.78 49.48 -15.34
N THR P 24 -71.60 50.07 -15.55
CA THR P 24 -70.40 49.26 -15.79
C THR P 24 -70.06 48.41 -14.57
N GLY P 25 -70.26 48.95 -13.37
CA GLY P 25 -69.98 48.21 -12.15
C GLY P 25 -68.88 48.82 -11.33
N GLU P 26 -68.76 50.15 -11.37
CA GLU P 26 -67.73 50.86 -10.66
C GLU P 26 -68.36 51.92 -9.76
N ASP P 27 -67.60 52.36 -8.77
CA ASP P 27 -68.06 53.29 -7.75
C ASP P 27 -67.41 54.65 -7.96
N ILE P 28 -68.25 55.68 -8.12
CA ILE P 28 -67.80 57.03 -8.40
C ILE P 28 -68.21 57.93 -7.24
N ILE P 29 -67.26 58.69 -6.72
CA ILE P 29 -67.51 59.65 -5.65
C ILE P 29 -67.09 61.03 -6.12
N GLY P 30 -67.94 62.03 -5.88
CA GLY P 30 -67.61 63.38 -6.28
C GLY P 30 -68.79 64.30 -6.07
N ASN P 31 -68.59 65.55 -6.48
CA ASN P 31 -69.63 66.56 -6.36
C ASN P 31 -70.71 66.32 -7.42
N ILE P 32 -71.97 66.27 -6.99
CA ILE P 32 -73.07 65.86 -7.85
C ILE P 32 -74.08 67.00 -7.95
N SER P 33 -74.72 67.11 -9.11
CA SER P 33 -75.80 68.08 -9.30
C SER P 33 -76.82 67.48 -10.25
N GLU P 34 -78.02 67.22 -9.75
CA GLU P 34 -79.10 66.60 -10.52
C GLU P 34 -80.12 67.68 -10.88
N SER P 35 -80.08 68.15 -12.13
CA SER P 35 -80.94 69.24 -12.58
C SER P 35 -82.21 68.75 -13.27
N GLN P 36 -82.06 68.03 -14.39
CA GLN P 36 -83.20 67.65 -15.23
C GLN P 36 -83.03 66.20 -15.66
N GLY P 37 -82.73 65.32 -14.71
CA GLY P 37 -82.48 63.93 -15.04
C GLY P 37 -81.00 63.71 -15.32
N LEU P 38 -80.50 64.31 -16.40
CA LEU P 38 -79.07 64.30 -16.65
C LEU P 38 -78.35 65.02 -15.52
N ILE P 39 -77.26 64.42 -15.05
CA ILE P 39 -76.57 64.91 -13.86
C ILE P 39 -75.18 65.40 -14.24
N THR P 40 -74.67 66.33 -13.45
CA THR P 40 -73.36 66.91 -13.63
C THR P 40 -72.47 66.47 -12.48
N ILE P 41 -71.25 66.04 -12.80
CA ILE P 41 -70.31 65.49 -11.84
C ILE P 41 -69.03 66.30 -11.91
N LYS P 42 -68.51 66.68 -10.73
CA LYS P 42 -67.28 67.43 -10.62
C LYS P 42 -66.32 66.69 -9.69
N LYS P 43 -65.05 66.64 -10.10
CA LYS P 43 -63.98 66.02 -9.31
C LYS P 43 -64.31 64.55 -9.00
N ALA P 44 -64.74 63.82 -10.02
CA ALA P 44 -65.11 62.43 -9.85
C ALA P 44 -63.89 61.57 -9.56
N PHE P 45 -64.08 60.54 -8.73
CA PHE P 45 -63.03 59.62 -8.36
C PHE P 45 -63.58 58.19 -8.38
N VAL P 46 -62.81 57.29 -8.98
CA VAL P 46 -63.11 55.86 -8.94
C VAL P 46 -62.57 55.30 -7.63
N ILE P 47 -63.44 54.58 -6.91
CA ILE P 47 -63.05 53.95 -5.65
C ILE P 47 -62.69 52.51 -5.93
N ILE P 48 -61.44 52.14 -5.68
CA ILE P 48 -60.94 50.80 -5.92
C ILE P 48 -61.01 50.02 -4.61
N PRO P 49 -61.71 48.89 -4.56
CA PRO P 49 -61.78 48.13 -3.30
C PRO P 49 -60.46 47.45 -2.97
N MET P 50 -59.77 47.96 -1.95
CA MET P 50 -58.47 47.43 -1.55
C MET P 50 -58.13 47.85 -0.13
N GLN P 59 -58.30 49.96 4.26
CA GLN P 59 -58.18 51.32 3.75
C GLN P 59 -58.88 51.44 2.39
N LEU P 60 -58.82 52.65 1.82
CA LEU P 60 -59.45 52.93 0.54
C LEU P 60 -58.44 53.53 -0.43
N VAL P 61 -58.63 53.27 -1.71
CA VAL P 61 -57.79 53.79 -2.77
C VAL P 61 -58.68 54.50 -3.77
N LEU P 62 -58.29 55.72 -4.15
CA LEU P 62 -59.04 56.53 -5.09
C LEU P 62 -58.17 56.81 -6.31
N SER P 63 -58.80 56.85 -7.48
CA SER P 63 -58.13 57.14 -8.73
C SER P 63 -58.94 58.13 -9.53
N PRO P 64 -58.30 58.88 -10.44
CA PRO P 64 -59.07 59.78 -11.31
C PRO P 64 -60.02 59.00 -12.20
N TRP P 65 -61.18 59.59 -12.47
CA TRP P 65 -62.18 58.91 -13.29
C TRP P 65 -61.92 59.13 -14.78
N GLN P 66 -61.58 60.35 -15.18
CA GLN P 66 -61.38 60.70 -16.58
C GLN P 66 -60.01 61.34 -16.73
N PRO P 67 -58.95 60.52 -16.75
CA PRO P 67 -57.58 61.07 -16.80
C PRO P 67 -57.15 61.55 -18.18
N TYR P 68 -58.07 61.69 -19.13
CA TYR P 68 -57.73 62.18 -20.46
C TYR P 68 -58.40 63.51 -20.80
N THR P 69 -59.10 64.11 -19.85
CA THR P 69 -59.80 65.37 -20.08
C THR P 69 -59.51 66.35 -18.96
N ASP P 70 -59.54 67.64 -19.31
CA ASP P 70 -59.34 68.71 -18.34
C ASP P 70 -60.65 69.43 -17.99
N ASP P 71 -61.78 68.95 -18.49
CA ASP P 71 -63.05 69.59 -18.19
C ASP P 71 -63.38 69.49 -16.72
N LYS P 72 -63.85 70.59 -16.14
CA LYS P 72 -64.20 70.60 -14.73
C LYS P 72 -65.42 69.74 -14.45
N GLU P 73 -66.43 69.80 -15.31
CA GLU P 73 -67.69 69.11 -15.11
C GLU P 73 -67.93 68.13 -16.23
N ILE P 74 -68.55 66.98 -15.90
CA ILE P 74 -68.90 65.96 -16.87
C ILE P 74 -70.39 65.67 -16.73
N VAL P 75 -71.10 65.64 -17.85
CA VAL P 75 -72.55 65.45 -17.85
C VAL P 75 -72.85 64.03 -18.29
N ILE P 76 -73.60 63.30 -17.47
CA ILE P 76 -74.03 61.94 -17.80
C ILE P 76 -75.55 61.86 -17.63
N ASP P 77 -76.10 60.70 -17.99
CA ASP P 77 -77.53 60.47 -17.97
C ASP P 77 -77.92 59.58 -16.81
N ASP P 78 -79.03 59.93 -16.15
CA ASP P 78 -79.49 59.15 -15.00
C ASP P 78 -79.92 57.73 -15.40
N SER P 79 -80.18 57.49 -16.67
CA SER P 79 -80.54 56.15 -17.11
C SER P 79 -79.36 55.19 -17.08
N GLU P 80 -78.14 55.71 -16.86
CA GLU P 80 -76.93 54.89 -16.88
C GLU P 80 -76.27 54.79 -15.51
N VAL P 81 -77.01 55.10 -14.45
CA VAL P 81 -76.51 54.99 -13.08
C VAL P 81 -77.50 54.15 -12.27
N ILE P 82 -76.96 53.22 -11.48
CA ILE P 82 -77.82 52.29 -10.74
C ILE P 82 -78.28 52.92 -9.43
N THR P 83 -77.36 53.22 -8.53
CA THR P 83 -77.68 53.71 -7.20
C THR P 83 -76.89 54.98 -6.90
N ILE P 84 -77.55 55.94 -6.28
CA ILE P 84 -76.94 57.18 -5.81
C ILE P 84 -77.28 57.34 -4.34
N THR P 85 -76.26 57.30 -3.48
CA THR P 85 -76.48 57.33 -2.03
C THR P 85 -75.38 58.14 -1.35
N SER P 86 -75.73 58.71 -0.19
CA SER P 86 -74.76 59.47 0.58
C SER P 86 -73.80 58.53 1.31
N PRO P 87 -72.52 58.88 1.38
CA PRO P 87 -71.54 58.00 2.02
C PRO P 87 -71.35 58.27 3.49
N LYS P 88 -70.55 57.45 4.18
CA LYS P 88 -70.25 57.66 5.58
C LYS P 88 -69.16 58.72 5.72
N ASP P 89 -68.88 59.10 6.97
CA ASP P 89 -68.01 60.23 7.23
C ASP P 89 -66.54 59.92 6.98
N ASP P 90 -66.11 58.68 7.21
CA ASP P 90 -64.71 58.32 7.01
C ASP P 90 -64.29 58.53 5.55
N ILE P 91 -65.13 58.07 4.62
CA ILE P 91 -64.82 58.24 3.20
C ILE P 91 -64.85 59.72 2.83
N ILE P 92 -65.75 60.50 3.46
CA ILE P 92 -65.78 61.93 3.21
C ILE P 92 -64.45 62.57 3.62
N LYS P 93 -63.95 62.20 4.79
CA LYS P 93 -62.68 62.74 5.27
C LYS P 93 -61.54 62.36 4.33
N SER P 94 -61.50 61.09 3.92
CA SER P 94 -60.44 60.64 3.02
C SER P 94 -60.51 61.37 1.69
N TYR P 95 -61.71 61.56 1.15
CA TYR P 95 -61.88 62.25 -0.12
C TYR P 95 -61.43 63.70 -0.02
N GLU P 96 -61.80 64.38 1.07
CA GLU P 96 -61.38 65.78 1.24
C GLU P 96 -59.87 65.88 1.36
N SER P 97 -59.26 64.98 2.14
CA SER P 97 -57.81 65.00 2.29
C SER P 97 -57.12 64.80 0.95
N HIS P 98 -57.59 63.83 0.17
CA HIS P 98 -56.97 63.56 -1.12
C HIS P 98 -57.14 64.73 -2.09
N THR P 99 -58.34 65.33 -2.09
CA THR P 99 -58.60 66.41 -3.03
C THR P 99 -57.89 67.71 -2.63
N ARG P 100 -57.49 67.86 -1.37
CA ARG P 100 -56.63 69.00 -1.06
C ARG P 100 -55.16 68.72 -1.29
N VAL P 101 -54.71 67.47 -1.07
CA VAL P 101 -53.33 67.11 -1.34
C VAL P 101 -53.02 67.27 -2.84
N LEU P 102 -53.95 66.85 -3.70
CA LEU P 102 -53.72 66.99 -5.13
C LEU P 102 -53.54 68.45 -5.53
N GLU P 103 -54.41 69.33 -5.02
CA GLU P 103 -54.29 70.75 -5.32
C GLU P 103 -52.98 71.33 -4.82
N ASN P 104 -52.58 70.95 -3.59
CA ASN P 104 -51.32 71.45 -3.04
C ASN P 104 -50.15 71.04 -3.91
N LYS P 105 -50.12 69.77 -4.34
CA LYS P 105 -49.03 69.30 -5.19
C LYS P 105 -49.04 70.01 -6.54
N GLN P 106 -50.24 70.26 -7.09
CA GLN P 106 -50.32 70.98 -8.36
C GLN P 106 -49.73 72.37 -8.24
N VAL P 107 -50.06 73.08 -7.16
CA VAL P 107 -49.51 74.44 -6.98
C VAL P 107 -48.01 74.39 -6.80
N GLU P 108 -47.51 73.41 -6.03
CA GLU P 108 -46.07 73.29 -5.84
C GLU P 108 -45.36 73.07 -7.18
N GLU P 109 -45.92 72.20 -8.03
CA GLU P 109 -45.31 71.98 -9.34
C GLU P 109 -45.37 73.22 -10.22
N ILE P 110 -46.44 74.00 -10.12
CA ILE P 110 -46.51 75.25 -10.88
C ILE P 110 -45.39 76.19 -10.46
N LEU P 111 -45.17 76.32 -9.16
CA LEU P 111 -44.07 77.16 -8.68
C LEU P 111 -42.73 76.65 -9.17
N ARG P 112 -42.51 75.34 -9.10
CA ARG P 112 -41.25 74.77 -9.59
C ARG P 112 -41.01 75.11 -11.05
N LEU P 113 -42.04 74.91 -11.88
CA LEU P 113 -41.90 75.17 -13.31
C LEU P 113 -41.62 76.64 -13.57
N GLU P 114 -42.32 77.54 -12.87
CA GLU P 114 -42.10 78.97 -13.09
C GLU P 114 -40.68 79.35 -12.72
N LYS P 115 -40.18 78.86 -11.59
CA LYS P 115 -38.82 79.19 -11.18
C LYS P 115 -37.80 78.67 -12.18
N GLU P 116 -37.97 77.43 -12.65
CA GLU P 116 -37.04 76.88 -13.63
C GLU P 116 -37.06 77.67 -14.92
N ILE P 117 -38.25 78.08 -15.38
CA ILE P 117 -38.35 78.87 -16.60
C ILE P 117 -37.64 80.21 -16.43
N GLU P 118 -37.85 80.88 -15.30
CA GLU P 118 -37.20 82.16 -15.07
C GLU P 118 -35.68 82.02 -15.07
N ASP P 119 -35.17 80.99 -14.38
CA ASP P 119 -33.72 80.79 -14.33
C ASP P 119 -33.15 80.52 -15.71
N LEU P 120 -33.82 79.65 -16.48
CA LEU P 120 -33.34 79.33 -17.82
C LEU P 120 -33.36 80.55 -18.72
N GLN P 121 -34.42 81.36 -18.63
CA GLN P 121 -34.50 82.56 -19.46
C GLN P 121 -33.39 83.54 -19.11
N ARG P 122 -33.13 83.74 -17.82
CA ARG P 122 -32.07 84.65 -17.42
C ARG P 122 -30.70 84.17 -17.91
N MET P 123 -30.44 82.87 -17.76
CA MET P 123 -29.14 82.34 -18.19
C MET P 123 -28.98 82.45 -19.70
N LYS P 124 -30.04 82.16 -20.46
CA LYS P 124 -29.98 82.32 -21.90
C LYS P 124 -29.76 83.77 -22.30
N GLU P 125 -30.39 84.71 -21.59
CA GLU P 125 -30.20 86.12 -21.90
C GLU P 125 -28.75 86.53 -21.69
N GLN P 126 -28.16 86.13 -20.57
CA GLN P 126 -26.75 86.46 -20.34
C GLN P 126 -25.84 85.80 -21.37
N GLN P 127 -26.14 84.56 -21.76
CA GLN P 127 -25.31 83.89 -22.76
C GLN P 127 -25.41 84.60 -24.10
N GLU P 128 -26.61 85.03 -24.49
CA GLU P 128 -26.79 85.71 -25.76
C GLU P 128 -26.20 87.12 -25.75
N LEU P 129 -26.09 87.75 -24.58
CA LEU P 129 -25.58 89.11 -24.52
C LEU P 129 -24.18 89.22 -25.13
N SER P 130 -23.32 88.24 -24.87
CA SER P 130 -21.95 88.24 -25.38
C SER P 130 -21.95 87.61 -26.76
N LEU P 131 -22.07 88.44 -27.79
CA LEU P 131 -22.10 87.95 -29.17
C LEU P 131 -21.65 89.06 -30.10
N THR P 132 -21.26 88.66 -31.31
CA THR P 132 -20.77 89.59 -32.31
C THR P 132 -21.87 89.93 -33.31
N GLU P 133 -21.60 90.94 -34.14
CA GLU P 133 -22.60 91.42 -35.08
C GLU P 133 -22.92 90.38 -36.15
N ALA P 134 -21.89 89.80 -36.76
CA ALA P 134 -22.11 88.77 -37.77
C ALA P 134 -22.78 87.55 -37.15
N SER P 135 -22.38 87.18 -35.93
CA SER P 135 -23.03 86.08 -35.24
C SER P 135 -24.49 86.40 -34.96
N LEU P 136 -24.79 87.66 -34.60
CA LEU P 136 -26.17 88.06 -34.38
C LEU P 136 -26.99 87.96 -35.66
N GLN P 137 -26.40 88.37 -36.79
CA GLN P 137 -27.09 88.26 -38.07
C GLN P 137 -27.37 86.81 -38.43
N LYS P 138 -26.38 85.93 -38.22
CA LYS P 138 -26.60 84.50 -38.47
C LYS P 138 -27.68 83.94 -37.55
N LEU P 139 -27.68 84.38 -36.28
CA LEU P 139 -28.72 83.98 -35.34
C LEU P 139 -30.09 84.36 -35.86
N GLN P 140 -30.24 85.62 -36.29
CA GLN P 140 -31.54 86.07 -36.79
C GLN P 140 -31.96 85.30 -38.04
N GLU P 141 -31.02 85.06 -38.95
CA GLU P 141 -31.35 84.33 -40.17
C GLU P 141 -31.80 82.91 -39.87
N ARG P 142 -31.08 82.21 -39.00
CA ARG P 142 -31.45 80.83 -38.70
C ARG P 142 -32.74 80.76 -37.88
N ARG P 143 -32.99 81.76 -37.03
CA ARG P 143 -34.26 81.81 -36.32
C ARG P 143 -35.42 82.03 -37.29
N ASP P 144 -35.21 82.89 -38.30
CA ASP P 144 -36.22 83.08 -39.32
C ASP P 144 -36.46 81.79 -40.10
N GLN P 145 -35.40 81.07 -40.45
CA GLN P 145 -35.55 79.77 -41.10
C GLN P 145 -36.24 78.78 -40.19
N LYS Q 15 -88.65 -35.72 -37.58
CA LYS Q 15 -87.28 -35.46 -37.11
C LYS Q 15 -86.51 -36.77 -36.98
N ASN Q 16 -85.25 -36.75 -37.42
CA ASN Q 16 -84.42 -37.95 -37.42
C ASN Q 16 -82.97 -37.51 -37.39
N ILE Q 17 -82.31 -37.69 -36.26
CA ILE Q 17 -80.90 -37.32 -36.10
C ILE Q 17 -80.07 -38.59 -36.12
N LYS Q 18 -79.16 -38.69 -37.08
CA LYS Q 18 -78.28 -39.84 -37.23
C LYS Q 18 -76.89 -39.37 -37.60
N ILE Q 19 -75.89 -39.78 -36.82
CA ILE Q 19 -74.51 -39.46 -37.16
C ILE Q 19 -74.06 -40.33 -38.31
N MET Q 20 -73.09 -39.84 -39.07
CA MET Q 20 -72.54 -40.64 -40.16
C MET Q 20 -71.06 -40.32 -40.32
N ARG Q 21 -70.35 -41.25 -40.95
CA ARG Q 21 -68.94 -41.12 -41.25
C ARG Q 21 -68.75 -41.06 -42.75
N LEU Q 22 -68.07 -40.01 -43.23
CA LEU Q 22 -67.89 -39.81 -44.66
C LEU Q 22 -66.65 -40.56 -45.15
N VAL Q 23 -66.59 -40.76 -46.47
CA VAL Q 23 -65.46 -41.44 -47.08
C VAL Q 23 -64.18 -40.64 -46.85
N THR Q 24 -64.30 -39.32 -46.70
CA THR Q 24 -63.14 -38.50 -46.38
C THR Q 24 -62.55 -38.87 -45.03
N GLY Q 25 -63.42 -39.20 -44.06
CA GLY Q 25 -62.96 -39.58 -42.75
C GLY Q 25 -63.39 -38.63 -41.66
N GLU Q 26 -64.56 -38.00 -41.83
CA GLU Q 26 -65.08 -37.04 -40.89
C GLU Q 26 -66.46 -37.46 -40.43
N ASP Q 27 -66.88 -36.91 -39.29
CA ASP Q 27 -68.13 -37.27 -38.64
C ASP Q 27 -69.13 -36.13 -38.78
N ILE Q 28 -70.28 -36.43 -39.37
CA ILE Q 28 -71.33 -35.45 -39.65
C ILE Q 28 -72.56 -35.80 -38.85
N ILE Q 29 -73.10 -34.82 -38.13
CA ILE Q 29 -74.32 -35.00 -37.35
C ILE Q 29 -75.35 -33.97 -37.81
N GLY Q 30 -76.58 -34.42 -38.03
CA GLY Q 30 -77.61 -33.51 -38.46
C GLY Q 30 -78.88 -34.26 -38.82
N ASN Q 31 -79.87 -33.49 -39.29
CA ASN Q 31 -81.14 -34.07 -39.69
C ASN Q 31 -80.98 -34.79 -41.02
N ILE Q 32 -81.44 -36.04 -41.08
CA ILE Q 32 -81.18 -36.90 -42.22
C ILE Q 32 -82.52 -37.34 -42.82
N SER Q 33 -82.52 -37.52 -44.14
CA SER Q 33 -83.69 -38.04 -44.83
C SER Q 33 -83.22 -38.90 -46.00
N GLU Q 34 -83.48 -40.20 -45.94
CA GLU Q 34 -83.05 -41.15 -46.96
C GLU Q 34 -84.27 -41.54 -47.80
N SER Q 35 -84.37 -40.97 -49.00
CA SER Q 35 -85.52 -41.19 -49.88
C SER Q 35 -85.27 -42.28 -50.91
N GLN Q 36 -84.31 -42.08 -51.80
CA GLN Q 36 -84.09 -42.98 -52.93
C GLN Q 36 -82.59 -43.25 -53.08
N GLY Q 37 -81.94 -43.61 -51.99
CA GLY Q 37 -80.51 -43.81 -52.00
C GLY Q 37 -79.77 -42.52 -51.70
N LEU Q 38 -79.90 -41.54 -52.59
CA LEU Q 38 -79.38 -40.20 -52.31
C LEU Q 38 -80.11 -39.62 -51.10
N ILE Q 39 -79.34 -39.04 -50.18
CA ILE Q 39 -79.89 -38.59 -48.91
C ILE Q 39 -79.79 -37.08 -48.82
N THR Q 40 -80.70 -36.51 -48.03
CA THR Q 40 -80.78 -35.08 -47.79
C THR Q 40 -80.38 -34.80 -46.34
N ILE Q 41 -79.54 -33.79 -46.15
CA ILE Q 41 -78.98 -33.46 -44.85
C ILE Q 41 -79.32 -32.01 -44.55
N LYS Q 42 -79.80 -31.76 -43.33
CA LYS Q 42 -80.14 -30.41 -42.87
C LYS Q 42 -79.39 -30.13 -41.58
N LYS Q 43 -78.86 -28.91 -41.47
CA LYS Q 43 -78.15 -28.44 -40.29
C LYS Q 43 -76.99 -29.36 -39.92
N ALA Q 44 -76.20 -29.72 -40.93
CA ALA Q 44 -75.07 -30.62 -40.72
C ALA Q 44 -73.98 -29.95 -39.90
N PHE Q 45 -73.31 -30.75 -39.06
CA PHE Q 45 -72.23 -30.29 -38.22
C PHE Q 45 -71.09 -31.29 -38.25
N VAL Q 46 -69.87 -30.79 -38.40
CA VAL Q 46 -68.66 -31.59 -38.28
C VAL Q 46 -68.31 -31.73 -36.81
N ILE Q 47 -68.11 -32.96 -36.36
CA ILE Q 47 -67.72 -33.23 -34.98
C ILE Q 47 -66.21 -33.37 -34.92
N ILE Q 48 -65.56 -32.48 -34.18
CA ILE Q 48 -64.10 -32.48 -34.04
C ILE Q 48 -63.75 -33.22 -32.76
N PRO Q 49 -62.95 -34.27 -32.82
CA PRO Q 49 -62.58 -34.99 -31.59
C PRO Q 49 -61.64 -34.18 -30.71
N MET Q 50 -62.15 -33.68 -29.59
CA MET Q 50 -61.36 -32.86 -28.68
C MET Q 50 -62.01 -32.81 -27.30
N GLN Q 59 -65.10 -33.44 -23.59
CA GLN Q 59 -66.17 -32.68 -24.21
C GLN Q 59 -66.17 -32.85 -25.72
N LEU Q 60 -67.10 -32.18 -26.39
CA LEU Q 60 -67.23 -32.26 -27.83
C LEU Q 60 -67.23 -30.85 -28.43
N VAL Q 61 -66.72 -30.76 -29.65
CA VAL Q 61 -66.67 -29.50 -30.39
C VAL Q 61 -67.36 -29.73 -31.74
N LEU Q 62 -68.25 -28.81 -32.10
CA LEU Q 62 -68.99 -28.90 -33.36
C LEU Q 62 -68.68 -27.67 -34.20
N SER Q 63 -68.62 -27.87 -35.51
CA SER Q 63 -68.34 -26.80 -36.46
C SER Q 63 -69.31 -26.90 -37.63
N PRO Q 64 -69.56 -25.80 -38.33
CA PRO Q 64 -70.40 -25.88 -39.52
C PRO Q 64 -69.76 -26.75 -40.59
N TRP Q 65 -70.60 -27.47 -41.34
CA TRP Q 65 -70.08 -28.35 -42.37
C TRP Q 65 -69.82 -27.62 -43.68
N GLN Q 66 -70.73 -26.75 -44.08
CA GLN Q 66 -70.64 -26.02 -45.35
C GLN Q 66 -70.76 -24.53 -45.07
N PRO Q 67 -69.68 -23.90 -44.59
CA PRO Q 67 -69.74 -22.49 -44.23
C PRO Q 67 -69.71 -21.52 -45.40
N TYR Q 68 -69.88 -21.99 -46.63
CA TYR Q 68 -69.89 -21.13 -47.80
C TYR Q 68 -71.23 -21.12 -48.52
N THR Q 69 -72.24 -21.79 -47.98
CA THR Q 69 -73.55 -21.85 -48.62
C THR Q 69 -74.64 -21.56 -47.62
N ASP Q 70 -75.74 -21.00 -48.11
CA ASP Q 70 -76.91 -20.70 -47.29
C ASP Q 70 -78.06 -21.68 -47.53
N ASP Q 71 -77.84 -22.72 -48.34
CA ASP Q 71 -78.90 -23.68 -48.62
C ASP Q 71 -79.28 -24.44 -47.36
N LYS Q 72 -80.59 -24.61 -47.14
CA LYS Q 72 -81.05 -25.32 -45.95
C LYS Q 72 -80.71 -26.80 -46.03
N GLU Q 73 -80.87 -27.41 -47.21
CA GLU Q 73 -80.67 -28.83 -47.38
C GLU Q 73 -79.56 -29.09 -48.38
N ILE Q 74 -78.79 -30.16 -48.14
CA ILE Q 74 -77.71 -30.58 -49.03
C ILE Q 74 -77.94 -32.04 -49.41
N VAL Q 75 -77.86 -32.34 -50.69
CA VAL Q 75 -78.13 -33.69 -51.20
C VAL Q 75 -76.80 -34.36 -51.53
N ILE Q 76 -76.58 -35.53 -50.94
CA ILE Q 76 -75.38 -36.32 -51.22
C ILE Q 76 -75.80 -37.73 -51.60
N ASP Q 77 -74.83 -38.55 -51.99
CA ASP Q 77 -75.08 -39.90 -52.46
C ASP Q 77 -74.66 -40.92 -51.41
N ASP Q 78 -75.48 -41.96 -51.25
CA ASP Q 78 -75.20 -43.00 -50.26
C ASP Q 78 -73.95 -43.78 -50.58
N SER Q 79 -73.48 -43.75 -51.83
CA SER Q 79 -72.25 -44.42 -52.19
C SER Q 79 -71.01 -43.75 -51.61
N GLU Q 80 -71.16 -42.56 -51.03
CA GLU Q 80 -70.04 -41.80 -50.50
C GLU Q 80 -70.09 -41.66 -48.99
N VAL Q 81 -70.87 -42.50 -48.30
CA VAL Q 81 -70.96 -42.51 -46.86
C VAL Q 81 -70.69 -43.92 -46.35
N ILE Q 82 -69.88 -44.03 -45.30
CA ILE Q 82 -69.48 -45.35 -44.81
C ILE Q 82 -70.53 -45.91 -43.87
N THR Q 83 -70.74 -45.24 -42.73
CA THR Q 83 -71.63 -45.73 -41.69
C THR Q 83 -72.62 -44.64 -41.29
N ILE Q 84 -73.88 -45.05 -41.08
CA ILE Q 84 -74.94 -44.18 -40.59
C ILE Q 84 -75.56 -44.85 -39.38
N THR Q 85 -75.43 -44.21 -38.22
CA THR Q 85 -75.88 -44.81 -36.96
C THR Q 85 -76.47 -43.75 -36.05
N SER Q 86 -77.38 -44.18 -35.18
CA SER Q 86 -77.98 -43.27 -34.21
C SER Q 86 -77.00 -42.99 -33.07
N PRO Q 87 -76.95 -41.74 -32.58
CA PRO Q 87 -75.99 -41.40 -31.52
C PRO Q 87 -76.56 -41.57 -30.12
N LYS Q 88 -75.72 -41.38 -29.10
CA LYS Q 88 -76.19 -41.44 -27.72
C LYS Q 88 -76.85 -40.12 -27.33
N ASP Q 89 -77.43 -40.10 -26.13
CA ASP Q 89 -78.27 -38.98 -25.72
C ASP Q 89 -77.47 -37.74 -25.38
N ASP Q 90 -76.25 -37.90 -24.85
CA ASP Q 90 -75.44 -36.74 -24.48
C ASP Q 90 -75.13 -35.87 -25.69
N ILE Q 91 -74.74 -36.50 -26.81
CA ILE Q 91 -74.45 -35.76 -28.02
C ILE Q 91 -75.71 -35.11 -28.57
N ILE Q 92 -76.85 -35.79 -28.42
CA ILE Q 92 -78.13 -35.21 -28.85
C ILE Q 92 -78.40 -33.92 -28.08
N LYS Q 93 -78.20 -33.97 -26.76
CA LYS Q 93 -78.42 -32.78 -25.93
C LYS Q 93 -77.48 -31.66 -26.33
N SER Q 94 -76.20 -31.98 -26.53
CA SER Q 94 -75.25 -30.94 -26.92
C SER Q 94 -75.60 -30.34 -28.27
N TYR Q 95 -76.01 -31.17 -29.22
CA TYR Q 95 -76.37 -30.69 -30.55
C TYR Q 95 -77.59 -29.78 -30.49
N GLU Q 96 -78.60 -30.17 -29.71
CA GLU Q 96 -79.79 -29.32 -29.58
C GLU Q 96 -79.45 -27.99 -28.92
N SER Q 97 -78.64 -28.02 -27.87
CA SER Q 97 -78.24 -26.77 -27.21
C SER Q 97 -77.50 -25.86 -28.17
N HIS Q 98 -76.56 -26.40 -28.93
CA HIS Q 98 -75.79 -25.59 -29.86
C HIS Q 98 -76.68 -25.02 -30.96
N THR Q 99 -77.60 -25.83 -31.49
CA THR Q 99 -78.45 -25.39 -32.59
C THR Q 99 -79.51 -24.40 -32.14
N ARG Q 100 -79.84 -24.34 -30.84
CA ARG Q 100 -80.71 -23.26 -30.40
C ARG Q 100 -79.92 -22.00 -30.04
N VAL Q 101 -78.70 -22.15 -29.52
CA VAL Q 101 -77.88 -20.98 -29.22
C VAL Q 101 -77.55 -20.22 -30.50
N LEU Q 102 -77.24 -20.94 -31.57
CA LEU Q 102 -76.93 -20.26 -32.83
C LEU Q 102 -78.12 -19.45 -33.33
N GLU Q 103 -79.32 -20.02 -33.28
CA GLU Q 103 -80.50 -19.30 -33.72
C GLU Q 103 -80.76 -18.07 -32.84
N ASN Q 104 -80.59 -18.22 -31.53
CA ASN Q 104 -80.80 -17.09 -30.63
C ASN Q 104 -79.85 -15.95 -30.95
N LYS Q 105 -78.57 -16.29 -31.17
CA LYS Q 105 -77.59 -15.25 -31.49
C LYS Q 105 -77.89 -14.60 -32.83
N GLN Q 106 -78.35 -15.39 -33.81
CA GLN Q 106 -78.72 -14.84 -35.10
C GLN Q 106 -79.85 -13.81 -34.96
N VAL Q 107 -80.88 -14.16 -34.18
CA VAL Q 107 -81.99 -13.23 -34.00
C VAL Q 107 -81.53 -11.97 -33.27
N GLU Q 108 -80.67 -12.12 -32.27
CA GLU Q 108 -80.17 -10.96 -31.55
C GLU Q 108 -79.40 -10.03 -32.49
N GLU Q 109 -78.57 -10.60 -33.36
CA GLU Q 109 -77.84 -9.77 -34.32
C GLU Q 109 -78.78 -9.10 -35.32
N ILE Q 110 -79.85 -9.78 -35.72
CA ILE Q 110 -80.82 -9.14 -36.61
C ILE Q 110 -81.45 -7.92 -35.94
N LEU Q 111 -81.84 -8.06 -34.67
CA LEU Q 111 -82.38 -6.91 -33.95
C LEU Q 111 -81.38 -5.78 -33.84
N ARG Q 112 -80.12 -6.10 -33.53
CA ARG Q 112 -79.08 -5.07 -33.44
C ARG Q 112 -78.95 -4.31 -34.75
N LEU Q 113 -78.88 -5.04 -35.87
CA LEU Q 113 -78.72 -4.41 -37.17
C LEU Q 113 -79.92 -3.53 -37.50
N GLU Q 114 -81.13 -4.02 -37.24
CA GLU Q 114 -82.31 -3.22 -37.54
C GLU Q 114 -82.32 -1.92 -36.74
N LYS Q 115 -81.99 -2.01 -35.45
CA LYS Q 115 -81.99 -0.81 -34.61
C LYS Q 115 -80.94 0.19 -35.10
N GLU Q 116 -79.74 -0.30 -35.44
CA GLU Q 116 -78.70 0.60 -35.92
C GLU Q 116 -79.11 1.26 -37.23
N ILE Q 117 -79.73 0.50 -38.13
CA ILE Q 117 -80.18 1.06 -39.40
C ILE Q 117 -81.23 2.14 -39.17
N GLU Q 118 -82.19 1.88 -38.29
CA GLU Q 118 -83.23 2.87 -38.01
C GLU Q 118 -82.63 4.15 -37.44
N ASP Q 119 -81.71 4.02 -36.48
CA ASP Q 119 -81.09 5.20 -35.88
C ASP Q 119 -80.31 5.99 -36.91
N LEU Q 120 -79.52 5.31 -37.75
CA LEU Q 120 -78.74 6.01 -38.77
C LEU Q 120 -79.65 6.71 -39.77
N GLN Q 121 -80.74 6.06 -40.18
CA GLN Q 121 -81.65 6.67 -41.14
C GLN Q 121 -82.30 7.92 -40.54
N ARG Q 122 -82.73 7.85 -39.28
CA ARG Q 122 -83.33 9.01 -38.64
C ARG Q 122 -82.35 10.17 -38.54
N MET Q 123 -81.11 9.88 -38.13
CA MET Q 123 -80.12 10.94 -37.99
C MET Q 123 -79.79 11.57 -39.34
N LYS Q 124 -79.67 10.74 -40.38
CA LYS Q 124 -79.42 11.27 -41.72
C LYS Q 124 -80.58 12.13 -42.19
N GLU Q 125 -81.81 11.72 -41.89
CA GLU Q 125 -82.98 12.50 -42.29
C GLU Q 125 -82.95 13.89 -41.62
N GLN Q 126 -82.69 13.92 -40.32
CA GLN Q 126 -82.62 15.22 -39.64
C GLN Q 126 -81.47 16.07 -40.18
N GLN Q 127 -80.32 15.45 -40.48
CA GLN Q 127 -79.21 16.22 -41.02
C GLN Q 127 -79.53 16.80 -42.39
N GLU Q 128 -80.22 16.02 -43.24
CA GLU Q 128 -80.58 16.48 -44.57
C GLU Q 128 -81.68 17.52 -44.53
N LEU Q 129 -82.52 17.52 -43.49
CA LEU Q 129 -83.63 18.47 -43.43
C LEU Q 129 -83.14 19.92 -43.50
N SER Q 130 -82.04 20.23 -42.81
CA SER Q 130 -81.49 21.58 -42.79
C SER Q 130 -80.56 21.75 -43.98
N LEU Q 131 -81.10 22.26 -45.09
CA LEU Q 131 -80.31 22.44 -46.30
C LEU Q 131 -80.96 23.53 -47.14
N THR Q 132 -80.16 24.08 -48.05
CA THR Q 132 -80.61 25.15 -48.94
C THR Q 132 -81.01 24.60 -50.29
N GLU Q 133 -81.65 25.46 -51.10
CA GLU Q 133 -82.17 25.04 -52.39
C GLU Q 133 -81.04 24.68 -53.36
N ALA Q 134 -80.03 25.55 -53.47
CA ALA Q 134 -78.90 25.25 -54.34
C ALA Q 134 -78.14 24.02 -53.86
N SER Q 135 -77.98 23.88 -52.54
CA SER Q 135 -77.35 22.69 -51.99
C SER Q 135 -78.17 21.45 -52.30
N LEU Q 136 -79.50 21.55 -52.24
CA LEU Q 136 -80.36 20.43 -52.60
C LEU Q 136 -80.19 20.06 -54.07
N GLN Q 137 -80.10 21.05 -54.95
CA GLN Q 137 -79.89 20.77 -56.36
C GLN Q 137 -78.56 20.09 -56.60
N LYS Q 138 -77.49 20.56 -55.93
CA LYS Q 138 -76.20 19.91 -56.06
C LYS Q 138 -76.25 18.48 -55.53
N LEU Q 139 -76.96 18.28 -54.42
CA LEU Q 139 -77.16 16.93 -53.87
C LEU Q 139 -77.81 16.02 -54.89
N GLN Q 140 -78.89 16.48 -55.52
CA GLN Q 140 -79.58 15.66 -56.51
C GLN Q 140 -78.69 15.37 -57.70
N GLU Q 141 -77.95 16.37 -58.18
CA GLU Q 141 -77.07 16.17 -59.33
C GLU Q 141 -75.99 15.14 -59.03
N ARG Q 142 -75.34 15.25 -57.87
CA ARG Q 142 -74.27 14.33 -57.55
C ARG Q 142 -74.81 12.93 -57.26
N ARG Q 143 -76.01 12.83 -56.68
CA ARG Q 143 -76.63 11.52 -56.50
C ARG Q 143 -76.95 10.88 -57.84
N ASP Q 144 -77.41 11.68 -58.81
CA ASP Q 144 -77.64 11.16 -60.15
C ASP Q 144 -76.34 10.69 -60.79
N GLN Q 145 -75.27 11.45 -60.63
CA GLN Q 145 -73.96 11.03 -61.11
C GLN Q 145 -73.49 9.78 -60.39
N LYS R 15 14.36 -80.58 -61.98
CA LYS R 15 14.43 -79.43 -61.08
C LYS R 15 15.83 -79.28 -60.51
N ASN R 16 16.33 -78.04 -60.47
CA ASN R 16 17.69 -77.78 -60.00
C ASN R 16 17.75 -76.35 -59.50
N ILE R 17 17.83 -76.16 -58.19
CA ILE R 17 17.89 -74.83 -57.58
C ILE R 17 19.32 -74.59 -57.13
N LYS R 18 19.94 -73.55 -57.68
CA LYS R 18 21.31 -73.19 -57.33
C LYS R 18 21.41 -71.67 -57.24
N ILE R 19 21.90 -71.19 -56.11
CA ILE R 19 22.12 -69.76 -55.96
C ILE R 19 23.36 -69.36 -56.74
N MET R 20 23.42 -68.10 -57.15
CA MET R 20 24.59 -67.59 -57.86
C MET R 20 24.81 -66.13 -57.50
N ARG R 21 26.05 -65.69 -57.70
CA ARG R 21 26.45 -64.31 -57.49
C ARG R 21 26.84 -63.68 -58.81
N LEU R 22 26.22 -62.55 -59.14
CA LEU R 22 26.45 -61.90 -60.42
C LEU R 22 27.65 -60.96 -60.32
N VAL R 23 28.19 -60.61 -61.50
CA VAL R 23 29.31 -59.68 -61.56
C VAL R 23 28.93 -58.32 -60.99
N THR R 24 27.64 -57.96 -61.06
CA THR R 24 27.18 -56.73 -60.45
C THR R 24 27.36 -56.75 -58.94
N GLY R 25 27.15 -57.91 -58.32
CA GLY R 25 27.31 -58.04 -56.89
C GLY R 25 26.02 -58.37 -56.16
N GLU R 26 25.14 -59.11 -56.84
CA GLU R 26 23.85 -59.47 -56.27
C GLU R 26 23.68 -60.98 -56.30
N ASP R 27 22.75 -61.47 -55.48
CA ASP R 27 22.52 -62.89 -55.29
C ASP R 27 21.20 -63.28 -55.93
N ILE R 28 21.26 -64.23 -56.86
CA ILE R 28 20.10 -64.70 -57.62
C ILE R 28 19.83 -66.15 -57.28
N ILE R 29 18.59 -66.46 -56.93
CA ILE R 29 18.17 -67.83 -56.64
C ILE R 29 17.01 -68.19 -57.57
N GLY R 30 17.09 -69.37 -58.16
CA GLY R 30 16.04 -69.81 -59.06
C GLY R 30 16.42 -71.11 -59.75
N ASN R 31 15.52 -71.53 -60.64
CA ASN R 31 15.75 -72.75 -61.40
C ASN R 31 16.79 -72.51 -62.48
N ILE R 32 17.82 -73.37 -62.53
CA ILE R 32 18.97 -73.15 -63.38
C ILE R 32 19.10 -74.30 -64.37
N SER R 33 19.60 -73.99 -65.57
CA SER R 33 19.88 -75.01 -66.56
C SER R 33 21.11 -74.58 -67.36
N GLU R 34 22.21 -75.33 -67.22
CA GLU R 34 23.47 -75.02 -67.90
C GLU R 34 23.65 -75.98 -69.05
N SER R 35 23.39 -75.50 -70.27
CA SER R 35 23.46 -76.35 -71.46
C SER R 35 24.80 -76.26 -72.19
N GLN R 36 25.14 -75.07 -72.68
CA GLN R 36 26.33 -74.89 -73.52
C GLN R 36 27.09 -73.65 -73.09
N GLY R 37 27.34 -73.53 -71.79
CA GLY R 37 27.98 -72.34 -71.26
C GLY R 37 26.96 -71.30 -70.88
N LEU R 38 26.23 -70.77 -71.88
CA LEU R 38 25.12 -69.89 -71.60
C LEU R 38 24.06 -70.65 -70.82
N ILE R 39 23.52 -70.02 -69.78
CA ILE R 39 22.62 -70.70 -68.87
C ILE R 39 21.24 -70.07 -68.94
N THR R 40 20.23 -70.87 -68.62
CA THR R 40 18.84 -70.47 -68.61
C THR R 40 18.35 -70.43 -67.17
N ILE R 41 17.65 -69.36 -66.81
CA ILE R 41 17.18 -69.13 -65.45
C ILE R 41 15.67 -68.95 -65.49
N LYS R 42 14.98 -69.63 -64.57
CA LYS R 42 13.54 -69.54 -64.45
C LYS R 42 13.17 -69.16 -63.02
N LYS R 43 12.21 -68.25 -62.90
CA LYS R 43 11.70 -67.80 -61.60
C LYS R 43 12.82 -67.24 -60.71
N ALA R 44 13.65 -66.39 -61.31
CA ALA R 44 14.78 -65.81 -60.59
C ALA R 44 14.30 -64.84 -59.52
N PHE R 45 15.03 -64.81 -58.41
CA PHE R 45 14.73 -63.92 -57.30
C PHE R 45 16.02 -63.30 -56.77
N VAL R 46 15.98 -61.99 -56.54
CA VAL R 46 17.08 -61.29 -55.89
C VAL R 46 16.93 -61.45 -54.39
N ILE R 47 18.01 -61.88 -53.73
CA ILE R 47 18.02 -62.05 -52.28
C ILE R 47 18.61 -60.79 -51.66
N ILE R 48 17.82 -60.09 -50.86
CA ILE R 48 18.25 -58.86 -50.21
C ILE R 48 18.71 -59.22 -48.80
N PRO R 49 19.95 -58.89 -48.41
CA PRO R 49 20.40 -59.20 -47.05
C PRO R 49 19.74 -58.32 -46.01
N MET R 50 18.83 -58.91 -45.23
CA MET R 50 18.10 -58.17 -44.21
C MET R 50 17.51 -59.12 -43.17
N GLN R 59 16.17 -63.15 -40.80
CA GLN R 59 15.28 -63.62 -41.85
C GLN R 59 15.83 -63.24 -43.23
N LEU R 60 15.08 -63.61 -44.28
CA LEU R 60 15.48 -63.32 -45.64
C LEU R 60 14.35 -62.62 -46.37
N VAL R 61 14.73 -61.78 -47.33
CA VAL R 61 13.78 -61.04 -48.16
C VAL R 61 14.11 -61.33 -49.62
N LEU R 62 13.09 -61.66 -50.40
CA LEU R 62 13.25 -61.97 -51.81
C LEU R 62 12.45 -60.97 -52.64
N SER R 63 12.98 -60.61 -53.79
CA SER R 63 12.33 -59.69 -54.70
C SER R 63 12.42 -60.24 -56.12
N PRO R 64 11.50 -59.83 -57.01
CA PRO R 64 11.62 -60.25 -58.41
C PRO R 64 12.88 -59.71 -59.04
N TRP R 65 13.46 -60.50 -59.94
CA TRP R 65 14.71 -60.09 -60.59
C TRP R 65 14.45 -59.19 -61.80
N GLN R 66 13.46 -59.54 -62.61
CA GLN R 66 13.14 -58.82 -63.85
C GLN R 66 11.68 -58.43 -63.82
N PRO R 67 11.32 -57.38 -63.08
CA PRO R 67 9.92 -57.00 -62.95
C PRO R 67 9.34 -56.26 -64.15
N TYR R 68 10.03 -56.23 -65.28
CA TYR R 68 9.53 -55.56 -66.47
C TYR R 68 9.28 -56.52 -67.63
N THR R 69 9.44 -57.83 -67.42
CA THR R 69 9.25 -58.80 -68.47
C THR R 69 8.38 -59.95 -67.98
N ASP R 70 7.64 -60.56 -68.90
CA ASP R 70 6.80 -61.71 -68.61
C ASP R 70 7.38 -63.01 -69.13
N ASP R 71 8.61 -62.98 -69.65
CA ASP R 71 9.23 -64.20 -70.17
C ASP R 71 9.48 -65.19 -69.05
N LYS R 72 9.16 -66.46 -69.31
CA LYS R 72 9.36 -67.49 -68.29
C LYS R 72 10.85 -67.74 -68.04
N GLU R 73 11.65 -67.76 -69.10
CA GLU R 73 13.07 -68.09 -69.00
C GLU R 73 13.91 -66.92 -69.49
N ILE R 74 15.06 -66.72 -68.85
CA ILE R 74 16.01 -65.69 -69.24
C ILE R 74 17.36 -66.34 -69.46
N VAL R 75 18.01 -66.00 -70.58
CA VAL R 75 19.27 -66.61 -70.97
C VAL R 75 20.39 -65.61 -70.71
N ILE R 76 21.39 -66.03 -69.93
CA ILE R 76 22.56 -65.20 -69.64
C ILE R 76 23.81 -66.01 -69.97
N ASP R 77 24.96 -65.35 -69.87
CA ASP R 77 26.24 -65.95 -70.21
C ASP R 77 27.03 -66.28 -68.96
N ASP R 78 27.68 -67.46 -68.98
CA ASP R 78 28.47 -67.89 -67.84
C ASP R 78 29.67 -67.00 -67.57
N SER R 79 30.10 -66.21 -68.56
CA SER R 79 31.20 -65.29 -68.35
C SER R 79 30.83 -64.11 -67.45
N GLU R 80 29.54 -63.96 -67.12
CA GLU R 80 29.06 -62.84 -66.33
C GLU R 80 28.54 -63.27 -64.96
N VAL R 81 28.89 -64.47 -64.52
CA VAL R 81 28.50 -64.97 -63.21
C VAL R 81 29.75 -65.43 -62.47
N ILE R 82 29.84 -65.08 -61.19
CA ILE R 82 31.04 -65.37 -60.42
C ILE R 82 30.98 -66.78 -59.84
N THR R 83 30.02 -67.04 -58.97
CA THR R 83 29.92 -68.30 -58.26
C THR R 83 28.52 -68.87 -58.40
N ILE R 84 28.44 -70.19 -58.61
CA ILE R 84 27.18 -70.93 -58.67
C ILE R 84 27.29 -72.08 -57.68
N THR R 85 26.46 -72.07 -56.65
CA THR R 85 26.54 -73.06 -55.58
C THR R 85 25.15 -73.43 -55.08
N SER R 86 25.04 -74.65 -54.55
CA SER R 86 23.77 -75.11 -54.00
C SER R 86 23.53 -74.48 -52.62
N PRO R 87 22.29 -74.10 -52.32
CA PRO R 87 22.02 -73.44 -51.04
C PRO R 87 21.63 -74.41 -49.94
N LYS R 88 21.46 -73.90 -48.72
CA LYS R 88 21.02 -74.73 -47.61
C LYS R 88 19.50 -74.92 -47.66
N ASP R 89 19.00 -75.77 -46.75
CA ASP R 89 17.61 -76.20 -46.84
C ASP R 89 16.63 -75.11 -46.39
N ASP R 90 17.03 -74.26 -45.44
CA ASP R 90 16.13 -73.21 -44.95
C ASP R 90 15.75 -72.25 -46.08
N ILE R 91 16.74 -71.84 -46.87
CA ILE R 91 16.46 -70.94 -47.99
C ILE R 91 15.60 -71.64 -49.03
N ILE R 92 15.82 -72.94 -49.23
CA ILE R 92 15.00 -73.71 -50.16
C ILE R 92 13.54 -73.69 -49.71
N LYS R 93 13.31 -73.91 -48.42
CA LYS R 93 11.95 -73.89 -47.89
C LYS R 93 11.31 -72.52 -48.07
N SER R 94 12.06 -71.47 -47.74
CA SER R 94 11.52 -70.11 -47.88
C SER R 94 11.19 -69.80 -49.34
N TYR R 95 12.08 -70.19 -50.26
CA TYR R 95 11.85 -69.94 -51.67
C TYR R 95 10.62 -70.68 -52.18
N GLU R 96 10.45 -71.94 -51.78
CA GLU R 96 9.27 -72.69 -52.21
C GLU R 96 8.00 -72.08 -51.65
N SER R 97 8.02 -71.68 -50.38
CA SER R 97 6.84 -71.05 -49.78
C SER R 97 6.47 -69.77 -50.52
N HIS R 98 7.47 -68.93 -50.81
CA HIS R 98 7.19 -67.68 -51.49
C HIS R 98 6.67 -67.92 -52.91
N THR R 99 7.27 -68.88 -53.62
CA THR R 99 6.87 -69.13 -55.00
C THR R 99 5.51 -69.81 -55.10
N ARG R 100 5.03 -70.46 -54.04
CA ARG R 100 3.65 -70.93 -54.08
C ARG R 100 2.66 -69.86 -53.62
N VAL R 101 3.05 -69.00 -52.68
CA VAL R 101 2.16 -67.93 -52.26
C VAL R 101 1.89 -66.97 -53.42
N LEU R 102 2.92 -66.66 -54.21
CA LEU R 102 2.73 -65.76 -55.34
C LEU R 102 1.73 -66.34 -56.34
N GLU R 103 1.86 -67.64 -56.66
CA GLU R 103 0.94 -68.27 -57.59
C GLU R 103 -0.49 -68.28 -57.03
N ASN R 104 -0.64 -68.58 -55.74
CA ASN R 104 -1.97 -68.59 -55.13
C ASN R 104 -2.62 -67.22 -55.23
N LYS R 105 -1.86 -66.16 -54.92
CA LYS R 105 -2.41 -64.82 -54.99
C LYS R 105 -2.75 -64.44 -56.43
N GLN R 106 -1.93 -64.87 -57.39
CA GLN R 106 -2.23 -64.59 -58.79
C GLN R 106 -3.56 -65.23 -59.21
N VAL R 107 -3.77 -66.49 -58.82
CA VAL R 107 -5.02 -67.16 -59.17
C VAL R 107 -6.20 -66.48 -58.50
N GLU R 108 -6.05 -66.09 -57.24
CA GLU R 108 -7.14 -65.40 -56.54
C GLU R 108 -7.50 -64.11 -57.26
N GLU R 109 -6.50 -63.35 -57.69
CA GLU R 109 -6.79 -62.10 -58.41
C GLU R 109 -7.44 -62.38 -59.75
N ILE R 110 -7.06 -63.46 -60.43
CA ILE R 110 -7.72 -63.82 -61.69
C ILE R 110 -9.20 -64.08 -61.46
N LEU R 111 -9.52 -64.85 -60.40
CA LEU R 111 -10.93 -65.10 -60.09
C LEU R 111 -11.67 -63.81 -59.78
N ARG R 112 -11.05 -62.93 -58.98
CA ARG R 112 -11.69 -61.65 -58.66
C ARG R 112 -12.01 -60.87 -59.92
N LEU R 113 -11.03 -60.75 -60.82
CA LEU R 113 -11.24 -59.99 -62.05
C LEU R 113 -12.34 -60.60 -62.91
N GLU R 114 -12.34 -61.93 -63.04
CA GLU R 114 -13.37 -62.57 -63.86
C GLU R 114 -14.76 -62.33 -63.29
N LYS R 115 -14.91 -62.45 -61.96
CA LYS R 115 -16.21 -62.22 -61.35
C LYS R 115 -16.68 -60.78 -61.55
N GLU R 116 -15.76 -59.82 -61.36
CA GLU R 116 -16.13 -58.41 -61.55
C GLU R 116 -16.54 -58.14 -62.99
N ILE R 117 -15.81 -58.72 -63.95
CA ILE R 117 -16.14 -58.52 -65.36
C ILE R 117 -17.52 -59.09 -65.67
N GLU R 118 -17.81 -60.29 -65.16
CA GLU R 118 -19.11 -60.90 -65.42
C GLU R 118 -20.23 -60.05 -64.84
N ASP R 119 -20.06 -59.58 -63.59
CA ASP R 119 -21.10 -58.76 -62.98
C ASP R 119 -21.32 -57.47 -63.76
N LEU R 120 -20.24 -56.80 -64.15
CA LEU R 120 -20.37 -55.55 -64.89
C LEU R 120 -21.05 -55.78 -66.23
N GLN R 121 -20.69 -56.87 -66.92
CA GLN R 121 -21.29 -57.16 -68.21
C GLN R 121 -22.79 -57.41 -68.07
N ARG R 122 -23.18 -58.18 -67.05
CA ARG R 122 -24.60 -58.46 -66.84
C ARG R 122 -25.37 -57.17 -66.53
N MET R 123 -24.81 -56.33 -65.67
CA MET R 123 -25.51 -55.09 -65.31
C MET R 123 -25.63 -54.17 -66.52
N LYS R 124 -24.57 -54.07 -67.33
CA LYS R 124 -24.65 -53.26 -68.54
C LYS R 124 -25.68 -53.81 -69.51
N GLU R 125 -25.76 -55.14 -69.63
CA GLU R 125 -26.75 -55.74 -70.52
C GLU R 125 -28.17 -55.39 -70.08
N GLN R 126 -28.46 -55.52 -68.79
CA GLN R 126 -29.79 -55.16 -68.31
C GLN R 126 -30.07 -53.67 -68.49
N GLN R 127 -29.07 -52.82 -68.27
CA GLN R 127 -29.28 -51.38 -68.47
C GLN R 127 -29.56 -51.06 -69.92
N GLU R 128 -28.85 -51.70 -70.84
CA GLU R 128 -29.05 -51.45 -72.27
C GLU R 128 -30.37 -52.02 -72.78
N LEU R 129 -30.89 -53.06 -72.12
CA LEU R 129 -32.13 -53.69 -72.59
C LEU R 129 -33.27 -52.69 -72.66
N SER R 130 -33.39 -51.81 -71.66
CA SER R 130 -34.46 -50.82 -71.63
C SER R 130 -34.01 -49.58 -72.41
N LEU R 131 -34.37 -49.55 -73.69
CA LEU R 131 -33.98 -48.42 -74.54
C LEU R 131 -34.97 -48.32 -75.69
N THR R 132 -34.99 -47.15 -76.33
CA THR R 132 -35.88 -46.88 -77.44
C THR R 132 -35.16 -47.04 -78.77
N GLU R 133 -35.95 -47.04 -79.84
CA GLU R 133 -35.39 -47.27 -81.17
C GLU R 133 -34.46 -46.14 -81.61
N ALA R 134 -34.91 -44.89 -81.45
CA ALA R 134 -34.06 -43.77 -81.82
C ALA R 134 -32.82 -43.71 -80.93
N SER R 135 -32.98 -44.01 -79.64
CA SER R 135 -31.83 -44.07 -78.75
C SER R 135 -30.87 -45.18 -79.17
N LEU R 136 -31.41 -46.32 -79.61
CA LEU R 136 -30.56 -47.40 -80.10
C LEU R 136 -29.79 -46.97 -81.35
N GLN R 137 -30.45 -46.25 -82.26
CA GLN R 137 -29.77 -45.76 -83.45
C GLN R 137 -28.66 -44.78 -83.10
N LYS R 138 -28.93 -43.87 -82.16
CA LYS R 138 -27.89 -42.95 -81.73
C LYS R 138 -26.73 -43.69 -81.06
N LEU R 139 -27.05 -44.72 -80.27
CA LEU R 139 -26.03 -45.56 -79.66
C LEU R 139 -25.14 -46.18 -80.73
N GLN R 140 -25.74 -46.77 -81.75
CA GLN R 140 -24.97 -47.40 -82.81
C GLN R 140 -24.11 -46.39 -83.55
N GLU R 141 -24.68 -45.22 -83.85
CA GLU R 141 -23.92 -44.19 -84.57
C GLU R 141 -22.71 -43.72 -83.76
N ARG R 142 -22.92 -43.45 -82.47
CA ARG R 142 -21.80 -42.96 -81.66
C ARG R 142 -20.77 -44.06 -81.41
N ARG R 143 -21.20 -45.31 -81.30
CA ARG R 143 -20.25 -46.41 -81.20
C ARG R 143 -19.42 -46.55 -82.47
N ASP R 144 -20.05 -46.36 -83.63
CA ASP R 144 -19.31 -46.37 -84.88
C ASP R 144 -18.30 -45.23 -84.94
N GLN R 145 -18.71 -44.05 -84.49
CA GLN R 145 -17.79 -42.91 -84.40
C GLN R 145 -16.67 -43.20 -83.41
N LYS S 15 93.82 -0.27 -41.48
CA LYS S 15 92.56 -0.01 -40.78
C LYS S 15 92.72 1.11 -39.76
N ASN S 16 91.73 2.01 -39.72
CA ASN S 16 91.80 3.17 -38.84
C ASN S 16 90.39 3.64 -38.55
N ILE S 17 89.91 3.41 -37.34
CA ILE S 17 88.56 3.79 -36.93
C ILE S 17 88.67 5.01 -36.03
N LYS S 18 88.06 6.12 -36.46
CA LYS S 18 88.08 7.37 -35.70
C LYS S 18 86.71 8.00 -35.78
N ILE S 19 86.12 8.30 -34.62
CA ILE S 19 84.84 9.00 -34.60
C ILE S 19 85.08 10.47 -34.93
N MET S 20 84.05 11.11 -35.47
CA MET S 20 84.13 12.53 -35.76
C MET S 20 82.78 13.19 -35.55
N ARG S 21 82.83 14.50 -35.35
CA ARG S 21 81.63 15.32 -35.20
C ARG S 21 81.52 16.29 -36.36
N LEU S 22 80.38 16.26 -37.05
CA LEU S 22 80.18 17.08 -38.23
C LEU S 22 79.68 18.47 -37.84
N VAL S 23 79.82 19.41 -38.78
CA VAL S 23 79.35 20.78 -38.55
C VAL S 23 77.84 20.80 -38.35
N THR S 24 77.13 19.82 -38.93
CA THR S 24 75.69 19.72 -38.70
C THR S 24 75.39 19.44 -37.24
N GLY S 25 76.22 18.64 -36.59
CA GLY S 25 76.03 18.32 -35.18
C GLY S 25 75.75 16.86 -34.93
N GLU S 26 76.29 15.98 -35.77
CA GLU S 26 76.08 14.55 -35.67
C GLU S 26 77.41 13.83 -35.54
N ASP S 27 77.35 12.60 -35.05
CA ASP S 27 78.53 11.79 -34.76
C ASP S 27 78.64 10.66 -35.78
N ILE S 28 79.76 10.60 -36.48
CA ILE S 28 80.00 9.64 -37.54
C ILE S 28 81.16 8.75 -37.13
N ILE S 29 80.97 7.44 -37.22
CA ILE S 29 82.00 6.46 -36.91
C ILE S 29 82.22 5.57 -38.13
N GLY S 30 83.47 5.35 -38.49
CA GLY S 30 83.77 4.51 -39.64
C GLY S 30 85.24 4.54 -39.96
N ASN S 31 85.58 3.85 -41.05
CA ASN S 31 86.97 3.80 -41.51
C ASN S 31 87.35 5.12 -42.16
N ILE S 32 88.47 5.69 -41.73
CA ILE S 32 88.85 7.04 -42.13
C ILE S 32 90.20 7.00 -42.84
N SER S 33 90.38 7.89 -43.81
CA SER S 33 91.66 8.02 -44.49
C SER S 33 91.85 9.50 -44.84
N GLU S 34 92.85 10.13 -44.22
CA GLU S 34 93.14 11.55 -44.43
C GLU S 34 94.37 11.67 -45.31
N SER S 35 94.17 11.97 -46.59
CA SER S 35 95.26 12.04 -47.56
C SER S 35 95.78 13.46 -47.77
N GLN S 36 94.94 14.37 -48.25
CA GLN S 36 95.36 15.72 -48.63
C GLN S 36 94.36 16.74 -48.13
N GLY S 37 94.00 16.63 -46.85
CA GLY S 37 92.98 17.49 -46.30
C GLY S 37 91.61 16.89 -46.46
N LEU S 38 91.15 16.75 -47.70
CA LEU S 38 89.93 16.03 -47.97
C LEU S 38 90.08 14.58 -47.53
N ILE S 39 89.07 14.06 -46.83
CA ILE S 39 89.17 12.73 -46.22
C ILE S 39 88.17 11.79 -46.87
N THR S 40 88.52 10.51 -46.82
CA THR S 40 87.69 9.43 -47.37
C THR S 40 87.14 8.61 -46.22
N ILE S 41 85.85 8.31 -46.28
CA ILE S 41 85.14 7.60 -45.23
C ILE S 41 84.51 6.35 -45.83
N LYS S 42 84.68 5.22 -45.13
CA LYS S 42 84.11 3.95 -45.54
C LYS S 42 83.28 3.37 -44.41
N LYS S 43 82.10 2.83 -44.76
CA LYS S 43 81.20 2.19 -43.80
C LYS S 43 80.82 3.15 -42.67
N ALA S 44 80.47 4.37 -43.03
CA ALA S 44 80.11 5.37 -42.04
C ALA S 44 78.79 5.03 -41.36
N PHE S 45 78.71 5.37 -40.07
CA PHE S 45 77.52 5.13 -39.28
C PHE S 45 77.23 6.35 -38.42
N VAL S 46 75.97 6.76 -38.38
CA VAL S 46 75.49 7.80 -37.49
C VAL S 46 75.22 7.18 -36.13
N ILE S 47 75.79 7.78 -35.08
CA ILE S 47 75.57 7.32 -33.71
C ILE S 47 74.45 8.14 -33.10
N ILE S 48 73.36 7.48 -32.73
CA ILE S 48 72.20 8.14 -32.15
C ILE S 48 72.30 8.01 -30.62
N PRO S 49 72.30 9.11 -29.88
CA PRO S 49 72.39 9.00 -28.42
C PRO S 49 71.10 8.47 -27.81
N MET S 50 71.15 7.22 -27.33
CA MET S 50 69.98 6.58 -26.75
C MET S 50 70.40 5.40 -25.87
N GLN S 59 73.05 2.00 -23.61
CA GLN S 59 73.47 1.34 -24.85
C GLN S 59 73.64 2.35 -25.98
N LEU S 60 74.01 1.86 -27.15
CA LEU S 60 74.23 2.70 -28.32
C LEU S 60 73.42 2.19 -29.49
N VAL S 61 73.01 3.12 -30.35
CA VAL S 61 72.26 2.81 -31.56
C VAL S 61 72.99 3.40 -32.75
N LEU S 62 73.17 2.60 -33.79
CA LEU S 62 73.87 3.02 -34.99
C LEU S 62 72.92 2.92 -36.18
N SER S 63 73.05 3.86 -37.11
CA SER S 63 72.24 3.90 -38.31
C SER S 63 73.12 4.17 -39.52
N PRO S 64 72.69 3.78 -40.71
CA PRO S 64 73.47 4.11 -41.91
C PRO S 64 73.54 5.62 -42.12
N TRP S 65 74.68 6.08 -42.63
CA TRP S 65 74.85 7.51 -42.84
C TRP S 65 74.27 7.97 -44.17
N GLN S 66 74.48 7.19 -45.24
CA GLN S 66 74.04 7.55 -46.58
C GLN S 66 73.21 6.40 -47.13
N PRO S 67 71.95 6.28 -46.72
CA PRO S 67 71.12 5.16 -47.15
C PRO S 67 70.57 5.27 -48.56
N TYR S 68 71.05 6.22 -49.37
CA TYR S 68 70.59 6.37 -50.74
C TYR S 68 71.68 6.12 -51.76
N THR S 69 72.87 5.69 -51.34
CA THR S 69 73.97 5.45 -52.25
C THR S 69 74.62 4.10 -51.95
N ASP S 70 75.18 3.49 -52.99
CA ASP S 70 75.89 2.22 -52.86
C ASP S 70 77.39 2.38 -52.95
N ASP S 71 77.90 3.62 -53.01
CA ASP S 71 79.33 3.83 -53.10
C ASP S 71 80.03 3.36 -51.83
N LYS S 72 81.15 2.67 -52.01
CA LYS S 72 81.90 2.17 -50.86
C LYS S 72 82.53 3.31 -50.07
N GLU S 73 83.08 4.30 -50.76
CA GLU S 73 83.80 5.39 -50.12
C GLU S 73 83.13 6.72 -50.43
N ILE S 74 83.14 7.62 -49.45
CA ILE S 74 82.59 8.97 -49.60
C ILE S 74 83.68 9.97 -49.24
N VAL S 75 83.85 10.98 -50.09
CA VAL S 75 84.91 11.97 -49.92
C VAL S 75 84.29 13.26 -49.41
N ILE S 76 84.78 13.75 -48.28
CA ILE S 76 84.33 15.02 -47.71
C ILE S 76 85.55 15.90 -47.45
N ASP S 77 85.29 17.13 -47.03
CA ASP S 77 86.32 18.13 -46.81
C ASP S 77 86.56 18.34 -45.33
N ASP S 78 87.84 18.47 -44.96
CA ASP S 78 88.19 18.66 -43.55
C ASP S 78 87.68 19.99 -43.00
N SER S 79 87.35 20.95 -43.87
CA SER S 79 86.81 22.21 -43.40
C SER S 79 85.39 22.07 -42.87
N GLU S 80 84.76 20.91 -43.04
CA GLU S 80 83.37 20.70 -42.63
C GLU S 80 83.26 19.69 -41.50
N VAL S 81 84.36 19.41 -40.80
CA VAL S 81 84.36 18.50 -39.66
C VAL S 81 84.98 19.21 -38.47
N ILE S 82 84.35 19.06 -37.31
CA ILE S 82 84.80 19.78 -36.12
C ILE S 82 85.93 19.04 -35.42
N THR S 83 85.64 17.83 -34.93
CA THR S 83 86.59 17.06 -34.14
C THR S 83 86.69 15.65 -34.69
N ILE S 84 87.92 15.13 -34.73
CA ILE S 84 88.22 13.76 -35.13
C ILE S 84 89.05 13.13 -34.03
N THR S 85 88.51 12.12 -33.37
CA THR S 85 89.17 11.51 -32.22
C THR S 85 88.94 10.00 -32.21
N SER S 86 89.88 9.28 -31.60
CA SER S 86 89.76 7.83 -31.48
C SER S 86 88.75 7.47 -30.39
N PRO S 87 87.94 6.44 -30.60
CA PRO S 87 86.92 6.10 -29.60
C PRO S 87 87.40 5.07 -28.59
N LYS S 88 86.57 4.77 -27.59
CA LYS S 88 86.91 3.74 -26.62
C LYS S 88 86.61 2.35 -27.17
N ASP S 89 87.00 1.34 -26.40
CA ASP S 89 86.96 -0.02 -26.92
C ASP S 89 85.55 -0.59 -27.01
N ASP S 90 84.66 -0.19 -26.10
CA ASP S 90 83.30 -0.72 -26.11
C ASP S 90 82.58 -0.37 -27.42
N ILE S 91 82.72 0.88 -27.86
CA ILE S 91 82.10 1.30 -29.10
C ILE S 91 82.74 0.58 -30.29
N ILE S 92 84.04 0.33 -30.21
CA ILE S 92 84.72 -0.42 -31.26
C ILE S 92 84.13 -1.83 -31.38
N LYS S 93 83.92 -2.48 -30.23
CA LYS S 93 83.35 -3.82 -30.23
C LYS S 93 81.94 -3.80 -30.81
N SER S 94 81.11 -2.84 -30.38
CA SER S 94 79.75 -2.76 -30.88
C SER S 94 79.73 -2.50 -32.39
N TYR S 95 80.61 -1.62 -32.87
CA TYR S 95 80.67 -1.31 -34.30
C TYR S 95 81.08 -2.53 -35.11
N GLU S 96 82.09 -3.28 -34.62
CA GLU S 96 82.51 -4.49 -35.34
C GLU S 96 81.39 -5.52 -35.36
N SER S 97 80.71 -5.72 -34.23
CA SER S 97 79.62 -6.68 -34.19
C SER S 97 78.52 -6.30 -35.18
N HIS S 98 78.14 -5.02 -35.20
CA HIS S 98 77.09 -4.58 -36.10
C HIS S 98 77.50 -4.74 -37.56
N THR S 99 78.75 -4.38 -37.88
CA THR S 99 79.20 -4.43 -39.26
C THR S 99 79.43 -5.86 -39.75
N ARG S 100 79.59 -6.83 -38.85
CA ARG S 100 79.60 -8.22 -39.32
C ARG S 100 78.20 -8.81 -39.39
N VAL S 101 77.29 -8.40 -38.50
CA VAL S 101 75.91 -8.89 -38.57
C VAL S 101 75.26 -8.43 -39.87
N LEU S 102 75.50 -7.17 -40.27
CA LEU S 102 74.91 -6.68 -41.51
C LEU S 102 75.38 -7.49 -42.71
N GLU S 103 76.68 -7.79 -42.79
CA GLU S 103 77.20 -8.58 -43.89
C GLU S 103 76.62 -10.00 -43.89
N ASN S 104 76.52 -10.61 -42.70
CA ASN S 104 75.95 -11.96 -42.62
C ASN S 104 74.51 -11.97 -43.12
N LYS S 105 73.71 -10.98 -42.71
CA LYS S 105 72.32 -10.93 -43.16
C LYS S 105 72.24 -10.68 -44.66
N GLN S 106 73.14 -9.85 -45.20
CA GLN S 106 73.16 -9.61 -46.63
C GLN S 106 73.42 -10.89 -47.40
N VAL S 107 74.40 -11.68 -46.95
CA VAL S 107 74.72 -12.93 -47.63
C VAL S 107 73.55 -13.91 -47.53
N GLU S 108 72.91 -13.98 -46.36
CA GLU S 108 71.77 -14.87 -46.20
C GLU S 108 70.65 -14.49 -47.16
N GLU S 109 70.38 -13.19 -47.31
CA GLU S 109 69.34 -12.77 -48.25
C GLU S 109 69.73 -13.06 -49.69
N ILE S 110 71.01 -12.95 -50.03
CA ILE S 110 71.44 -13.31 -51.38
C ILE S 110 71.16 -14.78 -51.66
N LEU S 111 71.49 -15.65 -50.70
CA LEU S 111 71.20 -17.08 -50.88
C LEU S 111 69.70 -17.32 -51.03
N ARG S 112 68.89 -16.67 -50.19
CA ARG S 112 67.44 -16.83 -50.30
C ARG S 112 66.94 -16.45 -51.68
N LEU S 113 67.38 -15.30 -52.19
CA LEU S 113 66.92 -14.83 -53.49
C LEU S 113 67.36 -15.78 -54.59
N GLU S 114 68.60 -16.26 -54.54
CA GLU S 114 69.08 -17.18 -55.57
C GLU S 114 68.26 -18.47 -55.57
N LYS S 115 67.99 -19.02 -54.39
CA LYS S 115 67.21 -20.25 -54.33
C LYS S 115 65.80 -20.04 -54.87
N GLU S 116 65.17 -18.93 -54.50
CA GLU S 116 63.82 -18.66 -54.99
C GLU S 116 63.80 -18.50 -56.50
N ILE S 117 64.81 -17.81 -57.05
CA ILE S 117 64.88 -17.63 -58.50
C ILE S 117 65.04 -18.97 -59.20
N GLU S 118 65.93 -19.83 -58.68
CA GLU S 118 66.14 -21.14 -59.30
C GLU S 118 64.86 -21.96 -59.27
N ASP S 119 64.16 -21.98 -58.13
CA ASP S 119 62.92 -22.75 -58.04
C ASP S 119 61.87 -22.23 -59.01
N LEU S 120 61.70 -20.91 -59.08
CA LEU S 120 60.72 -20.34 -59.98
C LEU S 120 61.05 -20.64 -61.43
N GLN S 121 62.33 -20.53 -61.80
CA GLN S 121 62.73 -20.82 -63.17
C GLN S 121 62.47 -22.27 -63.53
N ARG S 122 62.78 -23.20 -62.62
CA ARG S 122 62.53 -24.61 -62.90
C ARG S 122 61.04 -24.88 -63.06
N MET S 123 60.21 -24.31 -62.18
CA MET S 123 58.78 -24.56 -62.27
C MET S 123 58.21 -23.97 -63.55
N LYS S 124 58.66 -22.77 -63.94
CA LYS S 124 58.21 -22.19 -65.20
C LYS S 124 58.63 -23.02 -66.38
N GLU S 125 59.85 -23.57 -66.35
CA GLU S 125 60.31 -24.42 -67.44
C GLU S 125 59.42 -25.65 -67.59
N GLN S 126 59.13 -26.32 -66.47
CA GLN S 126 58.25 -27.49 -66.56
C GLN S 126 56.85 -27.11 -67.04
N GLN S 127 56.33 -25.97 -66.59
CA GLN S 127 55.01 -25.55 -67.03
C GLN S 127 54.99 -25.26 -68.53
N GLU S 128 56.04 -24.62 -69.04
CA GLU S 128 56.10 -24.30 -70.45
C GLU S 128 56.35 -25.53 -71.32
N LEU S 129 56.97 -26.57 -70.76
CA LEU S 129 57.26 -27.76 -71.55
C LEU S 129 56.00 -28.36 -72.17
N SER S 130 54.91 -28.41 -71.40
CA SER S 130 53.65 -28.98 -71.89
C SER S 130 52.87 -27.89 -72.61
N LEU S 131 53.04 -27.83 -73.93
CA LEU S 131 52.37 -26.81 -74.73
C LEU S 131 52.26 -27.32 -76.16
N THR S 132 51.35 -26.70 -76.92
CA THR S 132 51.09 -27.08 -78.29
C THR S 132 51.81 -26.12 -79.25
N GLU S 133 51.84 -26.50 -80.53
CA GLU S 133 52.57 -25.72 -81.52
C GLU S 133 51.95 -24.36 -81.74
N ALA S 134 50.62 -24.31 -81.93
CA ALA S 134 49.94 -23.03 -82.11
C ALA S 134 50.06 -22.17 -80.86
N SER S 135 49.96 -22.79 -79.68
CA SER S 135 50.16 -22.06 -78.44
C SER S 135 51.58 -21.52 -78.34
N LEU S 136 52.56 -22.31 -78.79
CA LEU S 136 53.94 -21.83 -78.78
C LEU S 136 54.11 -20.64 -79.72
N GLN S 137 53.47 -20.69 -80.89
CA GLN S 137 53.55 -19.56 -81.82
C GLN S 137 52.92 -18.31 -81.22
N LYS S 138 51.76 -18.45 -80.58
CA LYS S 138 51.13 -17.32 -79.92
C LYS S 138 52.01 -16.78 -78.80
N LEU S 139 52.64 -17.68 -78.05
CA LEU S 139 53.58 -17.28 -77.01
C LEU S 139 54.70 -16.43 -77.58
N GLN S 140 55.31 -16.89 -78.67
CA GLN S 140 56.41 -16.15 -79.29
C GLN S 140 55.94 -14.80 -79.80
N GLU S 141 54.76 -14.76 -80.43
CA GLU S 141 54.26 -13.50 -80.97
C GLU S 141 54.00 -12.49 -79.86
N ARG S 142 53.36 -12.93 -78.77
CA ARG S 142 53.05 -12.00 -77.70
C ARG S 142 54.31 -11.58 -76.94
N ARG S 143 55.30 -12.48 -76.83
CA ARG S 143 56.58 -12.09 -76.24
C ARG S 143 57.28 -11.05 -77.10
N ASP S 144 57.22 -11.20 -78.42
CA ASP S 144 57.78 -10.20 -79.31
C ASP S 144 57.08 -8.87 -79.15
N GLN S 145 55.75 -8.89 -79.05
CA GLN S 145 54.99 -7.67 -78.80
C GLN S 145 55.34 -7.09 -77.44
N LYS T 15 40.11 94.20 -4.41
CA LYS T 15 39.30 93.00 -4.27
C LYS T 15 38.05 93.28 -3.43
N ASN T 16 36.91 92.76 -3.88
CA ASN T 16 35.64 93.02 -3.20
C ASN T 16 34.69 91.87 -3.53
N ILE T 17 34.43 91.01 -2.56
CA ILE T 17 33.54 89.87 -2.73
C ILE T 17 32.23 90.19 -2.04
N LYS T 18 31.14 90.20 -2.80
CA LYS T 18 29.81 90.49 -2.27
C LYS T 18 28.81 89.55 -2.94
N ILE T 19 28.05 88.82 -2.13
CA ILE T 19 26.99 87.97 -2.67
C ILE T 19 25.82 88.85 -3.10
N MET T 20 25.04 88.35 -4.06
CA MET T 20 23.85 89.08 -4.49
C MET T 20 22.78 88.09 -4.89
N ARG T 21 21.55 88.58 -4.88
CA ARG T 21 20.38 87.81 -5.28
C ARG T 21 19.78 88.43 -6.54
N LEU T 22 19.61 87.63 -7.57
CA LEU T 22 19.11 88.12 -8.85
C LEU T 22 17.58 88.11 -8.87
N VAL T 23 17.02 88.88 -9.81
CA VAL T 23 15.58 88.93 -9.96
C VAL T 23 15.01 87.56 -10.34
N THR T 24 15.83 86.74 -10.99
CA THR T 24 15.40 85.37 -11.30
C THR T 24 15.18 84.57 -10.03
N GLY T 25 16.01 84.78 -9.01
CA GLY T 25 15.86 84.08 -7.75
C GLY T 25 17.03 83.19 -7.42
N GLU T 26 18.22 83.59 -7.87
CA GLU T 26 19.43 82.80 -7.65
C GLU T 26 20.48 83.65 -6.96
N ASP T 27 21.45 82.97 -6.35
CA ASP T 27 22.49 83.61 -5.54
C ASP T 27 23.81 83.55 -6.29
N ILE T 28 24.41 84.72 -6.51
CA ILE T 28 25.65 84.86 -7.26
C ILE T 28 26.72 85.41 -6.32
N ILE T 29 27.87 84.74 -6.30
CA ILE T 29 29.01 85.18 -5.50
C ILE T 29 30.21 85.37 -6.42
N GLY T 30 30.91 86.49 -6.27
CA GLY T 30 32.07 86.75 -7.09
C GLY T 30 32.59 88.15 -6.85
N ASN T 31 33.63 88.49 -7.62
CA ASN T 31 34.24 89.81 -7.53
C ASN T 31 33.33 90.85 -8.17
N ILE T 32 33.05 91.93 -7.44
CA ILE T 32 32.04 92.91 -7.85
C ILE T 32 32.70 94.27 -8.00
N SER T 33 32.21 95.05 -8.94
CA SER T 33 32.67 96.44 -9.11
C SER T 33 31.49 97.28 -9.57
N GLU T 34 31.06 98.22 -8.72
CA GLU T 34 29.91 99.09 -9.00
C GLU T 34 30.44 100.47 -9.37
N SER T 35 30.42 100.79 -10.66
CA SER T 35 30.97 102.05 -11.16
C SER T 35 29.90 103.12 -11.35
N GLN T 36 28.93 102.88 -12.24
CA GLN T 36 27.95 103.88 -12.62
C GLN T 36 26.56 103.26 -12.66
N GLY T 37 26.20 102.53 -11.60
CA GLY T 37 24.94 101.81 -11.59
C GLY T 37 25.10 100.42 -12.16
N LEU T 38 25.42 100.34 -13.45
CA LEU T 38 25.75 99.06 -14.06
C LEU T 38 27.01 98.51 -13.39
N ILE T 39 26.98 97.22 -13.06
CA ILE T 39 28.04 96.61 -12.28
C ILE T 39 28.75 95.56 -13.11
N THR T 40 30.02 95.34 -12.77
CA THR T 40 30.88 94.37 -13.42
C THR T 40 31.16 93.23 -12.46
N ILE T 41 31.03 92.00 -12.95
CA ILE T 41 31.17 90.80 -12.14
C ILE T 41 32.27 89.93 -12.75
N LYS T 42 33.17 89.43 -11.90
CA LYS T 42 34.26 88.56 -12.31
C LYS T 42 34.21 87.28 -11.50
N LYS T 43 34.42 86.16 -12.18
CA LYS T 43 34.46 84.84 -11.55
C LYS T 43 33.18 84.54 -10.77
N ALA T 44 32.04 84.81 -11.41
CA ALA T 44 30.76 84.60 -10.77
C ALA T 44 30.48 83.11 -10.57
N PHE T 45 29.79 82.80 -9.48
CA PHE T 45 29.43 81.44 -9.14
C PHE T 45 27.99 81.41 -8.64
N VAL T 46 27.21 80.45 -9.13
CA VAL T 46 25.87 80.19 -8.62
C VAL T 46 25.99 79.31 -7.39
N ILE T 47 25.36 79.73 -6.29
CA ILE T 47 25.35 78.96 -5.06
C ILE T 47 24.08 78.13 -5.02
N ILE T 48 24.23 76.81 -5.00
CA ILE T 48 23.10 75.88 -4.98
C ILE T 48 22.85 75.47 -3.53
N PRO T 49 21.65 75.69 -2.99
CA PRO T 49 21.39 75.29 -1.60
C PRO T 49 21.31 73.78 -1.43
N MET T 50 22.33 73.20 -0.81
CA MET T 50 22.39 71.76 -0.61
C MET T 50 23.37 71.41 0.50
N GLN T 59 26.71 71.73 4.02
CA GLN T 59 27.77 72.20 3.14
C GLN T 59 27.20 73.07 2.02
N LEU T 60 28.08 73.56 1.14
CA LEU T 60 27.69 74.41 0.05
C LEU T 60 28.21 73.84 -1.27
N VAL T 61 27.46 74.10 -2.34
CA VAL T 61 27.82 73.67 -3.69
C VAL T 61 27.83 74.90 -4.58
N LEU T 62 28.90 75.05 -5.36
CA LEU T 62 29.05 76.17 -6.27
C LEU T 62 29.15 75.65 -7.70
N SER T 63 28.58 76.40 -8.63
CA SER T 63 28.61 76.07 -10.04
C SER T 63 28.96 77.30 -10.85
N PRO T 64 29.49 77.11 -12.07
CA PRO T 64 29.75 78.28 -12.93
C PRO T 64 28.46 78.98 -13.30
N TRP T 65 28.54 80.31 -13.42
CA TRP T 65 27.34 81.09 -13.74
C TRP T 65 27.10 81.13 -15.24
N GLN T 66 28.15 81.33 -16.03
CA GLN T 66 28.03 81.48 -17.48
C GLN T 66 28.97 80.47 -18.14
N PRO T 67 28.56 79.20 -18.20
CA PRO T 67 29.44 78.17 -18.75
C PRO T 67 29.54 78.14 -20.27
N TYR T 68 29.03 79.17 -20.96
CA TYR T 68 29.11 79.23 -22.41
C TYR T 68 29.97 80.38 -22.92
N THR T 69 30.61 81.12 -22.03
CA THR T 69 31.43 82.27 -22.43
C THR T 69 32.78 82.21 -21.73
N ASP T 70 33.79 82.76 -22.39
CA ASP T 70 35.14 82.85 -21.84
C ASP T 70 35.50 84.26 -21.38
N ASP T 71 34.55 85.18 -21.42
CA ASP T 71 34.83 86.55 -21.01
C ASP T 71 35.15 86.61 -19.51
N LYS T 72 36.18 87.37 -19.17
CA LYS T 72 36.58 87.49 -17.78
C LYS T 72 35.54 88.26 -16.97
N GLU T 73 34.98 89.32 -17.53
CA GLU T 73 34.05 90.20 -16.83
C GLU T 73 32.71 90.21 -17.55
N ILE T 74 31.63 90.29 -16.76
CA ILE T 74 30.27 90.38 -17.29
C ILE T 74 29.61 91.62 -16.70
N VAL T 75 28.98 92.42 -17.55
CA VAL T 75 28.37 93.67 -17.14
C VAL T 75 26.86 93.48 -17.08
N ILE T 76 26.26 93.78 -15.93
CA ILE T 76 24.82 93.71 -15.74
C ILE T 76 24.33 95.03 -15.18
N ASP T 77 23.02 95.17 -15.06
CA ASP T 77 22.38 96.41 -14.61
C ASP T 77 21.88 96.26 -13.19
N ASP T 78 22.07 97.31 -12.39
CA ASP T 78 21.64 97.29 -11.00
C ASP T 78 20.12 97.20 -10.86
N SER T 79 19.37 97.55 -11.91
CA SER T 79 17.92 97.42 -11.85
C SER T 79 17.45 95.97 -11.88
N GLU T 80 18.36 95.02 -12.11
CA GLU T 80 18.01 93.61 -12.21
C GLU T 80 18.59 92.78 -11.07
N VAL T 81 19.01 93.42 -9.98
CA VAL T 81 19.53 92.74 -8.81
C VAL T 81 18.77 93.20 -7.59
N ILE T 82 18.40 92.26 -6.73
CA ILE T 82 17.56 92.59 -5.57
C ILE T 82 18.43 93.08 -4.42
N THR T 83 19.29 92.21 -3.90
CA THR T 83 20.09 92.50 -2.72
C THR T 83 21.56 92.21 -2.99
N ILE T 84 22.43 93.09 -2.51
CA ILE T 84 23.87 92.93 -2.58
C ILE T 84 24.42 93.09 -1.16
N THR T 85 25.01 92.02 -0.62
CA THR T 85 25.46 92.03 0.76
C THR T 85 26.76 91.24 0.89
N SER T 86 27.56 91.60 1.90
CA SER T 86 28.80 90.90 2.16
C SER T 86 28.51 89.56 2.85
N PRO T 87 29.25 88.51 2.50
CA PRO T 87 28.98 87.18 3.08
C PRO T 87 29.81 86.91 4.33
N LYS T 88 29.55 85.78 4.99
CA LYS T 88 30.33 85.39 6.14
C LYS T 88 31.65 84.76 5.71
N ASP T 89 32.49 84.46 6.70
CA ASP T 89 33.86 84.05 6.41
C ASP T 89 33.95 82.63 5.88
N ASP T 90 33.06 81.74 6.33
CA ASP T 90 33.11 80.35 5.88
C ASP T 90 32.91 80.24 4.38
N ILE T 91 31.93 80.98 3.85
CA ILE T 91 31.68 80.96 2.41
C ILE T 91 32.85 81.58 1.67
N ILE T 92 33.48 82.61 2.25
CA ILE T 92 34.66 83.20 1.64
C ILE T 92 35.77 82.18 1.51
N LYS T 93 36.01 81.42 2.58
CA LYS T 93 37.04 80.39 2.54
C LYS T 93 36.73 79.33 1.49
N SER T 94 35.47 78.87 1.45
CA SER T 94 35.09 77.85 0.47
C SER T 94 35.26 78.38 -0.95
N TYR T 95 34.86 79.62 -1.20
CA TYR T 95 34.97 80.22 -2.52
C TYR T 95 36.43 80.34 -2.94
N GLU T 96 37.30 80.78 -2.03
CA GLU T 96 38.72 80.88 -2.36
C GLU T 96 39.33 79.52 -2.65
N SER T 97 38.98 78.52 -1.84
CA SER T 97 39.50 77.17 -2.08
C SER T 97 39.06 76.65 -3.45
N HIS T 98 37.79 76.82 -3.78
CA HIS T 98 37.29 76.34 -5.06
C HIS T 98 37.94 77.07 -6.22
N THR T 99 38.11 78.39 -6.10
CA THR T 99 38.67 79.17 -7.19
C THR T 99 40.16 78.95 -7.37
N ARG T 100 40.86 78.45 -6.35
CA ARG T 100 42.25 78.06 -6.59
C ARG T 100 42.36 76.63 -7.10
N VAL T 101 41.47 75.73 -6.66
CA VAL T 101 41.49 74.36 -7.17
C VAL T 101 41.20 74.34 -8.67
N LEU T 102 40.25 75.16 -9.12
CA LEU T 102 39.93 75.20 -10.55
C LEU T 102 41.15 75.64 -11.36
N GLU T 103 41.84 76.68 -10.91
CA GLU T 103 43.03 77.15 -11.62
C GLU T 103 44.12 76.09 -11.64
N ASN T 104 44.33 75.42 -10.51
CA ASN T 104 45.35 74.38 -10.45
C ASN T 104 45.05 73.26 -11.44
N LYS T 105 43.79 72.83 -11.50
CA LYS T 105 43.42 71.76 -12.43
C LYS T 105 43.56 72.23 -13.88
N GLN T 106 43.23 73.49 -14.15
CA GLN T 106 43.39 74.02 -15.50
C GLN T 106 44.85 73.98 -15.93
N VAL T 107 45.75 74.40 -15.04
CA VAL T 107 47.18 74.38 -15.38
C VAL T 107 47.67 72.95 -15.59
N GLU T 108 47.22 72.03 -14.73
CA GLU T 108 47.63 70.63 -14.89
C GLU T 108 47.18 70.08 -16.24
N GLU T 109 45.95 70.40 -16.65
CA GLU T 109 45.48 69.93 -17.95
C GLU T 109 46.25 70.57 -19.10
N ILE T 110 46.65 71.84 -18.95
CA ILE T 110 47.47 72.48 -19.98
C ILE T 110 48.80 71.74 -20.15
N LEU T 111 49.44 71.41 -19.02
CA LEU T 111 50.68 70.65 -19.09
C LEU T 111 50.47 69.28 -19.75
N ARG T 112 49.40 68.58 -19.38
CA ARG T 112 49.11 67.29 -19.99
C ARG T 112 48.98 67.40 -21.50
N LEU T 113 48.20 68.39 -21.95
CA LEU T 113 47.97 68.55 -23.39
C LEU T 113 49.27 68.88 -24.11
N GLU T 114 50.09 69.77 -23.52
CA GLU T 114 51.35 70.12 -24.18
C GLU T 114 52.27 68.91 -24.30
N LYS T 115 52.36 68.11 -23.25
CA LYS T 115 53.22 66.93 -23.30
C LYS T 115 52.73 65.94 -24.35
N GLU T 116 51.41 65.71 -24.40
CA GLU T 116 50.87 64.78 -25.38
C GLU T 116 51.13 65.28 -26.80
N ILE T 117 50.95 66.58 -27.03
CA ILE T 117 51.20 67.15 -28.35
C ILE T 117 52.65 66.97 -28.75
N GLU T 118 53.58 67.25 -27.83
CA GLU T 118 54.99 67.10 -28.14
C GLU T 118 55.34 65.65 -28.49
N ASP T 119 54.83 64.70 -27.69
CA ASP T 119 55.11 63.30 -27.96
C ASP T 119 54.56 62.86 -29.30
N LEU T 120 53.32 63.26 -29.61
CA LEU T 120 52.72 62.88 -30.88
C LEU T 120 53.49 63.48 -32.05
N GLN T 121 53.90 64.75 -31.93
CA GLN T 121 54.65 65.39 -33.00
C GLN T 121 55.98 64.69 -33.23
N ARG T 122 56.68 64.33 -32.15
CA ARG T 122 57.96 63.65 -32.30
C ARG T 122 57.78 62.30 -32.97
N MET T 123 56.76 61.54 -32.54
CA MET T 123 56.55 60.21 -33.13
C MET T 123 56.17 60.32 -34.60
N LYS T 124 55.32 61.29 -34.95
CA LYS T 124 54.97 61.49 -36.35
C LYS T 124 56.20 61.89 -37.17
N GLU T 125 57.07 62.72 -36.61
CA GLU T 125 58.28 63.11 -37.34
C GLU T 125 59.16 61.91 -37.63
N GLN T 126 59.38 61.05 -36.62
CA GLN T 126 60.19 59.86 -36.86
C GLN T 126 59.52 58.92 -37.87
N GLN T 127 58.20 58.79 -37.80
CA GLN T 127 57.51 57.92 -38.76
C GLN T 127 57.64 58.46 -40.18
N GLU T 128 57.52 59.78 -40.35
CA GLU T 128 57.62 60.38 -41.67
C GLU T 128 59.05 60.36 -42.20
N LEU T 129 60.06 60.32 -41.32
CA LEU T 129 61.44 60.35 -41.77
C LEU T 129 61.74 59.19 -42.71
N SER T 130 61.24 58.01 -42.42
CA SER T 130 61.48 56.82 -43.24
C SER T 130 60.44 56.77 -44.35
N LEU T 131 60.78 57.34 -45.51
CA LEU T 131 59.86 57.38 -46.63
C LEU T 131 60.65 57.51 -47.92
N THR T 132 60.00 57.16 -49.04
CA THR T 132 60.63 57.21 -50.35
C THR T 132 60.24 58.48 -51.09
N GLU T 133 60.93 58.73 -52.20
CA GLU T 133 60.73 59.96 -52.95
C GLU T 133 59.33 60.02 -53.57
N ALA T 134 58.92 58.94 -54.24
CA ALA T 134 57.59 58.90 -54.83
C ALA T 134 56.52 58.97 -53.75
N SER T 135 56.74 58.29 -52.62
CA SER T 135 55.80 58.39 -51.51
C SER T 135 55.73 59.80 -50.97
N LEU T 136 56.89 60.49 -50.90
CA LEU T 136 56.89 61.88 -50.46
C LEU T 136 56.11 62.77 -51.43
N GLN T 137 56.26 62.53 -52.72
CA GLN T 137 55.51 63.31 -53.71
C GLN T 137 54.01 63.08 -53.57
N LYS T 138 53.60 61.82 -53.38
CA LYS T 138 52.18 61.52 -53.17
C LYS T 138 51.68 62.17 -51.88
N LEU T 139 52.50 62.15 -50.83
CA LEU T 139 52.16 62.82 -49.58
C LEU T 139 51.89 64.31 -49.82
N GLN T 140 52.81 64.98 -50.53
CA GLN T 140 52.64 66.40 -50.80
C GLN T 140 51.39 66.67 -51.62
N GLU T 141 51.15 65.85 -52.64
CA GLU T 141 49.98 66.05 -53.49
C GLU T 141 48.69 65.90 -52.70
N ARG T 142 48.60 64.84 -51.89
CA ARG T 142 47.36 64.62 -51.14
C ARG T 142 47.19 65.67 -50.04
N ARG T 143 48.29 66.15 -49.45
CA ARG T 143 48.19 67.24 -48.49
C ARG T 143 47.69 68.51 -49.16
N ASP T 144 48.16 68.78 -50.38
CA ASP T 144 47.67 69.93 -51.13
C ASP T 144 46.19 69.78 -51.43
N GLN T 145 45.76 68.59 -51.82
CA GLN T 145 44.34 68.32 -52.04
C GLN T 145 43.55 68.46 -50.73
N LYS U 15 -48.18 -39.07 -81.83
CA LYS U 15 -47.76 -38.44 -80.59
C LYS U 15 -48.90 -37.61 -79.99
N ASN U 16 -49.07 -37.72 -78.67
CA ASN U 16 -50.16 -37.04 -77.99
C ASN U 16 -49.76 -36.86 -76.53
N ILE U 17 -49.45 -35.63 -76.13
CA ILE U 17 -49.04 -35.31 -74.77
C ILE U 17 -50.21 -34.61 -74.08
N LYS U 18 -50.72 -35.23 -73.01
CA LYS U 18 -51.82 -34.67 -72.25
C LYS U 18 -51.56 -34.88 -70.77
N ILE U 19 -51.59 -33.78 -70.00
CA ILE U 19 -51.45 -33.90 -68.55
C ILE U 19 -52.74 -34.45 -67.96
N MET U 20 -52.61 -35.10 -66.81
CA MET U 20 -53.79 -35.61 -66.12
C MET U 20 -53.58 -35.53 -64.62
N ARG U 21 -54.70 -35.55 -63.90
CA ARG U 21 -54.71 -35.54 -62.45
C ARG U 21 -55.29 -36.85 -61.93
N LEU U 22 -54.54 -37.54 -61.09
CA LEU U 22 -54.96 -38.84 -60.59
C LEU U 22 -55.85 -38.69 -59.35
N VAL U 23 -56.60 -39.76 -59.05
CA VAL U 23 -57.47 -39.76 -57.88
C VAL U 23 -56.65 -39.58 -56.60
N THR U 24 -55.39 -40.02 -56.62
CA THR U 24 -54.51 -39.81 -55.47
C THR U 24 -54.28 -38.33 -55.22
N GLY U 25 -54.17 -37.54 -56.30
CA GLY U 25 -53.97 -36.11 -56.17
C GLY U 25 -52.65 -35.64 -56.72
N GLU U 26 -52.15 -36.32 -57.75
CA GLU U 26 -50.87 -35.99 -58.35
C GLU U 26 -51.05 -35.74 -59.85
N ASP U 27 -50.07 -35.06 -60.42
CA ASP U 27 -50.12 -34.64 -61.82
C ASP U 27 -49.14 -35.46 -62.64
N ILE U 28 -49.65 -36.12 -63.68
CA ILE U 28 -48.88 -37.01 -64.53
C ILE U 28 -48.86 -36.44 -65.94
N ILE U 29 -47.66 -36.33 -66.51
CA ILE U 29 -47.50 -35.85 -67.89
C ILE U 29 -46.75 -36.90 -68.68
N GLY U 30 -47.23 -37.21 -69.87
CA GLY U 30 -46.60 -38.20 -70.71
C GLY U 30 -47.42 -38.50 -71.94
N ASN U 31 -46.92 -39.46 -72.71
CA ASN U 31 -47.60 -39.87 -73.94
C ASN U 31 -48.82 -40.71 -73.58
N ILE U 32 -49.98 -40.36 -74.13
CA ILE U 32 -51.25 -40.94 -73.74
C ILE U 32 -51.90 -41.61 -74.95
N SER U 33 -52.61 -42.70 -74.70
CA SER U 33 -53.37 -43.37 -75.75
C SER U 33 -54.64 -43.94 -75.13
N GLU U 34 -55.79 -43.42 -75.53
CA GLU U 34 -57.09 -43.83 -75.00
C GLU U 34 -57.79 -44.70 -76.04
N SER U 35 -57.78 -46.02 -75.83
CA SER U 35 -58.33 -46.96 -76.80
C SER U 35 -59.77 -47.36 -76.45
N GLN U 36 -59.96 -48.01 -75.30
CA GLN U 36 -61.26 -48.59 -74.95
C GLN U 36 -61.58 -48.27 -73.48
N GLY U 37 -61.43 -47.00 -73.12
CA GLY U 37 -61.63 -46.61 -71.74
C GLY U 37 -60.33 -46.70 -70.96
N LEU U 38 -59.82 -47.92 -70.80
CA LEU U 38 -58.50 -48.09 -70.23
C LEU U 38 -57.46 -47.43 -71.12
N ILE U 39 -56.54 -46.68 -70.51
CA ILE U 39 -55.60 -45.87 -71.25
C ILE U 39 -54.19 -46.39 -71.03
N THR U 40 -53.34 -46.13 -72.02
CA THR U 40 -51.93 -46.52 -72.00
C THR U 40 -51.07 -45.27 -71.88
N ILE U 41 -50.09 -45.31 -71.00
CA ILE U 41 -49.24 -44.17 -70.70
C ILE U 41 -47.79 -44.59 -70.94
N LYS U 42 -47.05 -43.73 -71.64
CA LYS U 42 -45.64 -43.93 -71.93
C LYS U 42 -44.83 -42.74 -71.44
N LYS U 43 -43.69 -43.04 -70.82
CA LYS U 43 -42.76 -42.02 -70.33
C LYS U 43 -43.45 -41.04 -69.37
N ALA U 44 -44.21 -41.60 -68.43
CA ALA U 44 -44.94 -40.79 -67.47
C ALA U 44 -43.99 -40.08 -66.51
N PHE U 45 -44.38 -38.87 -66.11
CA PHE U 45 -43.59 -38.06 -65.18
C PHE U 45 -44.53 -37.42 -64.17
N VAL U 46 -44.13 -37.48 -62.91
CA VAL U 46 -44.83 -36.76 -61.84
C VAL U 46 -44.32 -35.33 -61.82
N ILE U 47 -45.25 -34.37 -61.83
CA ILE U 47 -44.91 -32.95 -61.78
C ILE U 47 -45.02 -32.50 -60.33
N ILE U 48 -43.90 -32.06 -59.75
CA ILE U 48 -43.85 -31.60 -58.37
C ILE U 48 -43.98 -30.08 -58.37
N PRO U 49 -44.96 -29.52 -57.68
CA PRO U 49 -45.10 -28.05 -57.65
C PRO U 49 -44.00 -27.40 -56.84
N MET U 50 -43.07 -26.73 -57.52
CA MET U 50 -41.95 -26.08 -56.86
C MET U 50 -41.32 -25.03 -57.76
N GLN U 59 -40.32 -22.21 -61.60
CA GLN U 59 -39.88 -23.31 -62.45
C GLN U 59 -40.67 -24.58 -62.15
N LEU U 60 -40.34 -25.66 -62.85
CA LEU U 60 -41.02 -26.94 -62.68
C LEU U 60 -40.00 -28.04 -62.42
N VAL U 61 -40.43 -29.04 -61.65
CA VAL U 61 -39.60 -30.20 -61.34
C VAL U 61 -40.37 -31.45 -61.74
N LEU U 62 -39.70 -32.35 -62.44
CA LEU U 62 -40.29 -33.60 -62.91
C LEU U 62 -39.55 -34.77 -62.30
N SER U 63 -40.27 -35.83 -61.99
CA SER U 63 -39.70 -37.04 -61.42
C SER U 63 -40.28 -38.25 -62.13
N PRO U 64 -39.59 -39.37 -62.12
CA PRO U 64 -40.16 -40.60 -62.70
C PRO U 64 -41.39 -41.04 -61.93
N TRP U 65 -42.36 -41.59 -62.67
CA TRP U 65 -43.61 -42.02 -62.03
C TRP U 65 -43.49 -43.42 -61.44
N GLN U 66 -42.85 -44.34 -62.15
CA GLN U 66 -42.74 -45.73 -61.73
C GLN U 66 -41.27 -46.12 -61.75
N PRO U 67 -40.50 -45.71 -60.73
CA PRO U 67 -39.06 -45.98 -60.73
C PRO U 67 -38.68 -47.40 -60.36
N TYR U 68 -39.63 -48.34 -60.31
CA TYR U 68 -39.34 -49.74 -59.99
C TYR U 68 -39.63 -50.68 -61.15
N THR U 69 -40.01 -50.16 -62.31
CA THR U 69 -40.33 -51.01 -63.46
C THR U 69 -39.64 -50.49 -64.71
N ASP U 70 -39.33 -51.40 -65.61
CA ASP U 70 -38.71 -51.08 -66.89
C ASP U 70 -39.69 -51.15 -68.05
N ASP U 71 -40.97 -51.39 -67.78
CA ASP U 71 -41.96 -51.49 -68.85
C ASP U 71 -42.11 -50.15 -69.55
N LYS U 72 -42.17 -50.19 -70.89
CA LYS U 72 -42.32 -48.96 -71.66
C LYS U 72 -43.69 -48.35 -71.46
N GLU U 73 -44.74 -49.17 -71.43
CA GLU U 73 -46.11 -48.69 -71.34
C GLU U 73 -46.76 -49.21 -70.08
N ILE U 74 -47.63 -48.39 -69.49
CA ILE U 74 -48.39 -48.76 -68.30
C ILE U 74 -49.87 -48.54 -68.59
N VAL U 75 -50.69 -49.53 -68.27
CA VAL U 75 -52.13 -49.50 -68.57
C VAL U 75 -52.88 -49.20 -67.28
N ILE U 76 -53.70 -48.15 -67.29
CA ILE U 76 -54.54 -47.80 -66.15
C ILE U 76 -55.98 -47.65 -66.64
N ASP U 77 -56.88 -47.43 -65.69
CA ASP U 77 -58.31 -47.36 -65.96
C ASP U 77 -58.79 -45.92 -65.89
N ASP U 78 -59.65 -45.54 -66.82
CA ASP U 78 -60.18 -44.18 -66.86
C ASP U 78 -61.04 -43.84 -65.64
N SER U 79 -61.53 -44.86 -64.93
CA SER U 79 -62.30 -44.61 -63.72
C SER U 79 -61.45 -44.09 -62.58
N GLU U 80 -60.13 -44.09 -62.72
CA GLU U 80 -59.21 -43.69 -61.67
C GLU U 80 -58.45 -42.41 -62.01
N VAL U 81 -58.93 -41.66 -63.00
CA VAL U 81 -58.32 -40.39 -63.39
C VAL U 81 -59.39 -39.31 -63.38
N ILE U 82 -59.05 -38.14 -62.82
CA ILE U 82 -60.04 -37.08 -62.66
C ILE U 82 -60.14 -36.26 -63.93
N THR U 83 -59.06 -35.58 -64.31
CA THR U 83 -59.05 -34.66 -65.44
C THR U 83 -57.91 -34.99 -66.37
N ILE U 84 -58.18 -34.93 -67.67
CA ILE U 84 -57.18 -35.09 -68.73
C ILE U 84 -57.27 -33.89 -69.65
N THR U 85 -56.20 -33.09 -69.70
CA THR U 85 -56.22 -31.85 -70.46
C THR U 85 -54.86 -31.61 -71.12
N SER U 86 -54.88 -30.88 -72.23
CA SER U 86 -53.65 -30.54 -72.92
C SER U 86 -52.91 -29.42 -72.18
N PRO U 87 -51.59 -29.48 -72.11
CA PRO U 87 -50.84 -28.47 -71.35
C PRO U 87 -50.39 -27.30 -72.22
N LYS U 88 -49.80 -26.29 -71.61
CA LYS U 88 -49.26 -25.15 -72.34
C LYS U 88 -47.89 -25.49 -72.94
N ASP U 89 -47.38 -24.57 -73.75
CA ASP U 89 -46.19 -24.87 -74.54
C ASP U 89 -44.91 -24.89 -73.70
N ASP U 90 -44.85 -24.08 -72.64
CA ASP U 90 -43.64 -24.04 -71.82
C ASP U 90 -43.37 -25.39 -71.17
N ILE U 91 -44.41 -26.03 -70.63
CA ILE U 91 -44.24 -27.33 -70.01
C ILE U 91 -43.89 -28.37 -71.07
N ILE U 92 -44.43 -28.23 -72.28
CA ILE U 92 -44.08 -29.14 -73.37
C ILE U 92 -42.59 -29.05 -73.67
N LYS U 93 -42.08 -27.82 -73.75
CA LYS U 93 -40.66 -27.62 -74.02
C LYS U 93 -39.80 -28.22 -72.91
N SER U 94 -40.18 -27.98 -71.65
CA SER U 94 -39.41 -28.51 -70.54
C SER U 94 -39.43 -30.04 -70.53
N TYR U 95 -40.59 -30.63 -70.81
CA TYR U 95 -40.71 -32.08 -70.85
C TYR U 95 -39.86 -32.68 -71.95
N GLU U 96 -39.87 -32.07 -73.14
CA GLU U 96 -39.05 -32.58 -74.24
C GLU U 96 -37.56 -32.46 -73.91
N SER U 97 -37.15 -31.34 -73.34
CA SER U 97 -35.75 -31.17 -72.97
C SER U 97 -35.32 -32.23 -71.96
N HIS U 98 -36.15 -32.45 -70.93
CA HIS U 98 -35.80 -33.43 -69.91
C HIS U 98 -35.74 -34.84 -70.49
N THR U 99 -36.70 -35.19 -71.37
CA THR U 99 -36.75 -36.54 -71.90
C THR U 99 -35.66 -36.79 -72.94
N ARG U 100 -35.07 -35.74 -73.53
CA ARG U 100 -33.89 -35.99 -74.35
C ARG U 100 -32.61 -36.01 -73.53
N VAL U 101 -32.53 -35.20 -72.47
CA VAL U 101 -31.34 -35.23 -71.62
C VAL U 101 -31.18 -36.60 -70.95
N LEU U 102 -32.30 -37.18 -70.49
CA LEU U 102 -32.22 -38.50 -69.86
C LEU U 102 -31.68 -39.55 -70.83
N GLU U 103 -32.18 -39.54 -72.07
CA GLU U 103 -31.70 -40.50 -73.06
C GLU U 103 -30.22 -40.29 -73.37
N ASN U 104 -29.80 -39.03 -73.50
CA ASN U 104 -28.39 -38.75 -73.78
C ASN U 104 -27.50 -39.27 -72.66
N LYS U 105 -27.89 -39.03 -71.40
CA LYS U 105 -27.11 -39.51 -70.28
C LYS U 105 -27.08 -41.04 -70.23
N GLN U 106 -28.21 -41.67 -70.56
CA GLN U 106 -28.24 -43.13 -70.59
C GLN U 106 -27.26 -43.69 -71.61
N VAL U 107 -27.24 -43.10 -72.81
CA VAL U 107 -26.30 -43.57 -73.84
C VAL U 107 -24.86 -43.35 -73.41
N GLU U 108 -24.58 -42.19 -72.81
CA GLU U 108 -23.23 -41.92 -72.34
C GLU U 108 -22.78 -42.95 -71.31
N GLU U 109 -23.67 -43.30 -70.37
CA GLU U 109 -23.32 -44.32 -69.39
C GLU U 109 -23.13 -45.69 -70.02
N ILE U 110 -23.90 -46.01 -71.05
CA ILE U 110 -23.71 -47.28 -71.75
C ILE U 110 -22.32 -47.33 -72.37
N LEU U 111 -21.90 -46.25 -73.03
CA LEU U 111 -20.56 -46.20 -73.59
C LEU U 111 -19.49 -46.35 -72.53
N ARG U 112 -19.65 -45.64 -71.40
CA ARG U 112 -18.69 -45.75 -70.31
C ARG U 112 -18.55 -47.19 -69.83
N LEU U 113 -19.69 -47.85 -69.60
CA LEU U 113 -19.65 -49.23 -69.11
C LEU U 113 -19.00 -50.15 -70.11
N GLU U 114 -19.32 -50.00 -71.39
CA GLU U 114 -18.72 -50.87 -72.41
C GLU U 114 -17.21 -50.69 -72.46
N LYS U 115 -16.74 -49.44 -72.41
CA LYS U 115 -15.31 -49.20 -72.45
C LYS U 115 -14.61 -49.79 -71.23
N GLU U 116 -15.19 -49.61 -70.05
CA GLU U 116 -14.59 -50.17 -68.84
C GLU U 116 -14.53 -51.70 -68.91
N ILE U 117 -15.60 -52.33 -69.40
CA ILE U 117 -15.63 -53.78 -69.52
C ILE U 117 -14.55 -54.26 -70.47
N GLU U 118 -14.41 -53.59 -71.62
CA GLU U 118 -13.40 -53.99 -72.58
C GLU U 118 -12.00 -53.87 -71.99
N ASP U 119 -11.72 -52.76 -71.32
CA ASP U 119 -10.40 -52.57 -70.72
C ASP U 119 -10.11 -53.63 -69.66
N LEU U 120 -11.09 -53.90 -68.79
CA LEU U 120 -10.88 -54.90 -67.75
C LEU U 120 -10.66 -56.28 -68.35
N GLN U 121 -11.43 -56.63 -69.39
CA GLN U 121 -11.27 -57.94 -70.02
C GLN U 121 -9.89 -58.08 -70.64
N ARG U 122 -9.42 -57.03 -71.33
CA ARG U 122 -8.10 -57.09 -71.94
C ARG U 122 -7.01 -57.24 -70.88
N MET U 123 -7.10 -56.47 -69.79
CA MET U 123 -6.08 -56.55 -68.76
C MET U 123 -6.08 -57.93 -68.09
N LYS U 124 -7.27 -58.48 -67.83
CA LYS U 124 -7.36 -59.82 -67.26
C LYS U 124 -6.76 -60.86 -68.21
N GLU U 125 -7.02 -60.71 -69.51
CA GLU U 125 -6.45 -61.65 -70.48
C GLU U 125 -4.94 -61.62 -70.45
N GLN U 126 -4.35 -60.42 -70.47
CA GLN U 126 -2.89 -60.34 -70.41
C GLN U 126 -2.35 -60.90 -69.10
N GLN U 127 -3.04 -60.64 -67.98
CA GLN U 127 -2.58 -61.18 -66.71
C GLN U 127 -2.63 -62.71 -66.69
N GLU U 128 -3.69 -63.29 -67.24
CA GLU U 128 -3.82 -64.73 -67.27
C GLU U 128 -2.86 -65.39 -68.25
N LEU U 129 -2.43 -64.66 -69.28
CA LEU U 129 -1.53 -65.25 -70.28
C LEU U 129 -0.25 -65.79 -69.64
N SER U 130 0.31 -65.05 -68.69
CA SER U 130 1.55 -65.47 -68.02
C SER U 130 1.20 -66.37 -66.85
N LEU U 131 1.20 -67.68 -67.09
CA LEU U 131 0.85 -68.64 -66.05
C LEU U 131 1.49 -69.98 -66.39
N THR U 132 1.59 -70.83 -65.38
CA THR U 132 2.20 -72.15 -65.52
C THR U 132 1.12 -73.22 -65.69
N GLU U 133 1.57 -74.42 -66.05
CA GLU U 133 0.64 -75.51 -66.33
C GLU U 133 -0.09 -75.95 -65.06
N ALA U 134 0.64 -76.18 -63.98
CA ALA U 134 0.00 -76.56 -62.72
C ALA U 134 -0.91 -75.46 -62.21
N SER U 135 -0.48 -74.20 -62.34
CA SER U 135 -1.33 -73.09 -61.97
C SER U 135 -2.59 -73.04 -62.82
N LEU U 136 -2.46 -73.34 -64.12
CA LEU U 136 -3.63 -73.39 -64.99
C LEU U 136 -4.60 -74.49 -64.56
N GLN U 137 -4.05 -75.66 -64.19
CA GLN U 137 -4.91 -76.74 -63.73
C GLN U 137 -5.64 -76.37 -62.44
N LYS U 138 -4.93 -75.73 -61.51
CA LYS U 138 -5.59 -75.27 -60.28
C LYS U 138 -6.65 -74.22 -60.58
N LEU U 139 -6.36 -73.33 -61.52
CA LEU U 139 -7.35 -72.35 -61.96
C LEU U 139 -8.61 -73.02 -62.47
N GLN U 140 -8.46 -74.02 -63.35
CA GLN U 140 -9.61 -74.71 -63.91
C GLN U 140 -10.38 -75.44 -62.82
N GLU U 141 -9.67 -76.10 -61.89
CA GLU U 141 -10.34 -76.83 -60.83
C GLU U 141 -11.16 -75.90 -59.94
N ARG U 142 -10.56 -74.76 -59.54
CA ARG U 142 -11.27 -73.85 -58.66
C ARG U 142 -12.41 -73.15 -59.38
N ARG U 143 -12.26 -72.88 -60.67
CA ARG U 143 -13.36 -72.33 -61.45
C ARG U 143 -14.52 -73.32 -61.55
N ASP U 144 -14.19 -74.61 -61.73
CA ASP U 144 -15.23 -75.64 -61.72
C ASP U 144 -15.93 -75.70 -60.37
N GLN U 145 -15.18 -75.63 -59.28
CA GLN U 145 -15.77 -75.58 -57.94
C GLN U 145 -16.60 -74.32 -57.76
N LYS V 15 -99.19 -18.45 19.14
CA LYS V 15 -97.77 -18.12 19.13
C LYS V 15 -97.39 -17.36 20.40
N ASN V 16 -96.26 -17.71 20.99
CA ASN V 16 -95.83 -17.11 22.25
C ASN V 16 -94.31 -17.25 22.34
N ILE V 17 -93.59 -16.14 22.17
CA ILE V 17 -92.14 -16.14 22.23
C ILE V 17 -91.72 -15.52 23.55
N LYS V 18 -91.02 -16.29 24.38
CA LYS V 18 -90.55 -15.82 25.68
C LYS V 18 -89.13 -16.34 25.91
N ILE V 19 -88.21 -15.43 26.19
CA ILE V 19 -86.85 -15.83 26.52
C ILE V 19 -86.83 -16.40 27.93
N MET V 20 -85.86 -17.27 28.20
CA MET V 20 -85.71 -17.83 29.53
C MET V 20 -84.23 -18.08 29.81
N ARG V 21 -83.93 -18.15 31.11
CA ARG V 21 -82.58 -18.43 31.59
C ARG V 21 -82.58 -19.77 32.31
N LEU V 22 -81.70 -20.68 31.88
CA LEU V 22 -81.65 -22.02 32.44
C LEU V 22 -80.75 -22.05 33.68
N VAL V 23 -80.94 -23.10 34.48
CA VAL V 23 -80.12 -23.27 35.68
C VAL V 23 -78.66 -23.42 35.33
N THR V 24 -78.36 -23.93 34.13
CA THR V 24 -76.97 -24.02 33.67
C THR V 24 -76.36 -22.63 33.54
N GLY V 25 -77.15 -21.66 33.08
CA GLY V 25 -76.65 -20.30 32.93
C GLY V 25 -76.65 -19.82 31.49
N GLU V 26 -77.59 -20.32 30.70
CA GLU V 26 -77.68 -19.97 29.29
C GLU V 26 -79.06 -19.41 28.98
N ASP V 27 -79.14 -18.70 27.86
CA ASP V 27 -80.35 -18.00 27.45
C ASP V 27 -80.99 -18.70 26.26
N ILE V 28 -82.24 -19.11 26.41
CA ILE V 28 -82.97 -19.86 25.40
C ILE V 28 -84.14 -19.02 24.92
N ILE V 29 -84.27 -18.88 23.61
CA ILE V 29 -85.39 -18.16 23.00
C ILE V 29 -86.11 -19.08 22.04
N GLY V 30 -87.43 -19.10 22.11
CA GLY V 30 -88.21 -19.95 21.23
C GLY V 30 -89.67 -19.94 21.63
N ASN V 31 -90.44 -20.75 20.89
CA ASN V 31 -91.87 -20.86 21.15
C ASN V 31 -92.11 -21.67 22.42
N ILE V 32 -92.91 -21.13 23.34
CA ILE V 32 -93.08 -21.70 24.66
C ILE V 32 -94.54 -22.06 24.88
N SER V 33 -94.77 -23.12 25.64
CA SER V 33 -96.12 -23.51 26.03
C SER V 33 -96.07 -24.11 27.42
N GLU V 34 -96.69 -23.43 28.39
CA GLU V 34 -96.69 -23.86 29.78
C GLU V 34 -98.06 -24.45 30.11
N SER V 35 -98.15 -25.78 30.16
CA SER V 35 -99.42 -26.47 30.39
C SER V 35 -99.64 -26.83 31.85
N GLN V 36 -98.78 -27.67 32.41
CA GLN V 36 -98.98 -28.22 33.75
C GLN V 36 -97.66 -28.18 34.53
N GLY V 37 -97.01 -27.01 34.51
CA GLY V 37 -95.71 -26.89 35.14
C GLY V 37 -94.60 -27.24 34.17
N LEU V 38 -94.55 -28.49 33.74
CA LEU V 38 -93.63 -28.87 32.67
C LEU V 38 -93.99 -28.12 31.40
N ILE V 39 -92.98 -27.58 30.73
CA ILE V 39 -93.20 -26.70 29.59
C ILE V 39 -92.65 -27.35 28.33
N THR V 40 -93.24 -26.96 27.21
CA THR V 40 -92.87 -27.44 25.88
C THR V 40 -92.22 -26.30 25.11
N ILE V 41 -91.10 -26.59 24.46
CA ILE V 41 -90.31 -25.60 23.75
C ILE V 41 -90.16 -26.06 22.31
N LYS V 42 -90.38 -25.13 21.38
CA LYS V 42 -90.25 -25.38 19.95
C LYS V 42 -89.30 -24.37 19.34
N LYS V 43 -88.42 -24.85 18.46
CA LYS V 43 -87.45 -24.02 17.74
C LYS V 43 -86.58 -23.22 18.71
N ALA V 44 -86.07 -23.90 19.73
CA ALA V 44 -85.24 -23.24 20.73
C ALA V 44 -83.90 -22.81 20.15
N PHE V 45 -83.40 -21.69 20.62
CA PHE V 45 -82.13 -21.14 20.19
C PHE V 45 -81.35 -20.64 21.39
N VAL V 46 -80.06 -20.98 21.44
CA VAL V 46 -79.14 -20.45 22.44
C VAL V 46 -78.66 -19.08 21.97
N ILE V 47 -78.77 -18.08 22.84
CA ILE V 47 -78.31 -16.73 22.53
C ILE V 47 -76.91 -16.57 23.11
N ILE V 48 -75.94 -16.34 22.24
CA ILE V 48 -74.54 -16.17 22.63
C ILE V 48 -74.26 -14.68 22.76
N PRO V 49 -73.81 -14.19 23.91
CA PRO V 49 -73.51 -12.76 24.04
C PRO V 49 -72.27 -12.35 23.26
N MET V 50 -72.47 -11.63 22.16
CA MET V 50 -71.37 -11.21 21.32
C MET V 50 -71.78 -10.04 20.43
N GLN V 59 -74.42 -6.58 18.23
CA GLN V 59 -75.29 -7.53 17.54
C GLN V 59 -75.53 -8.78 18.39
N LEU V 60 -76.31 -9.71 17.85
CA LEU V 60 -76.64 -10.94 18.55
C LEU V 60 -76.31 -12.14 17.67
N VAL V 61 -75.95 -13.24 18.32
CA VAL V 61 -75.63 -14.50 17.65
C VAL V 61 -76.52 -15.58 18.24
N LEU V 62 -77.15 -16.38 17.39
CA LEU V 62 -78.03 -17.46 17.80
C LEU V 62 -77.48 -18.78 17.28
N SER V 63 -77.64 -19.81 18.08
CA SER V 63 -77.20 -21.15 17.73
C SER V 63 -78.30 -22.16 18.06
N PRO V 64 -78.30 -23.31 17.40
CA PRO V 64 -79.28 -24.35 17.75
C PRO V 64 -79.06 -24.84 19.17
N TRP V 65 -80.16 -25.17 19.85
CA TRP V 65 -80.05 -25.63 21.23
C TRP V 65 -79.77 -27.12 21.32
N GLN V 66 -80.42 -27.92 20.49
CA GLN V 66 -80.30 -29.38 20.52
C GLN V 66 -79.93 -29.85 19.12
N PRO V 67 -78.67 -29.72 18.72
CA PRO V 67 -78.26 -30.09 17.36
C PRO V 67 -78.10 -31.58 17.12
N TYR V 68 -78.56 -32.43 18.04
CA TYR V 68 -78.46 -33.87 17.87
C TYR V 68 -79.82 -34.55 17.78
N THR V 69 -80.91 -33.79 17.75
CA THR V 69 -82.25 -34.36 17.69
C THR V 69 -83.06 -33.65 16.62
N ASP V 70 -84.01 -34.39 16.03
CA ASP V 70 -84.93 -33.85 15.04
C ASP V 70 -86.32 -33.62 15.59
N ASP V 71 -86.53 -33.82 16.89
CA ASP V 71 -87.85 -33.63 17.47
C ASP V 71 -88.27 -32.17 17.40
N LYS V 72 -89.52 -31.95 17.01
CA LYS V 72 -90.03 -30.58 16.91
C LYS V 72 -90.15 -29.91 18.27
N GLU V 73 -90.63 -30.65 19.27
CA GLU V 73 -90.88 -30.11 20.59
C GLU V 73 -90.03 -30.82 21.63
N ILE V 74 -89.58 -30.08 22.63
CA ILE V 74 -88.80 -30.62 23.74
C ILE V 74 -89.50 -30.24 25.04
N VAL V 75 -89.66 -31.22 25.93
CA VAL V 75 -90.38 -31.02 27.18
C VAL V 75 -89.38 -30.94 28.32
N ILE V 76 -89.42 -29.86 29.09
CA ILE V 76 -88.55 -29.68 30.24
C ILE V 76 -89.42 -29.34 31.45
N ASP V 77 -88.79 -29.25 32.61
CA ASP V 77 -89.48 -29.02 33.87
C ASP V 77 -89.25 -27.60 34.35
N ASP V 78 -90.31 -26.97 34.87
CA ASP V 78 -90.22 -25.60 35.35
C ASP V 78 -89.31 -25.46 36.56
N SER V 79 -89.02 -26.56 37.26
CA SER V 79 -88.09 -26.50 38.38
C SER V 79 -86.65 -26.29 37.94
N GLU V 80 -86.37 -26.36 36.64
CA GLU V 80 -85.01 -26.24 36.12
C GLU V 80 -84.82 -24.97 35.28
N VAL V 81 -85.72 -24.00 35.41
CA VAL V 81 -85.62 -22.73 34.71
C VAL V 81 -85.72 -21.60 35.72
N ILE V 82 -84.85 -20.60 35.59
CA ILE V 82 -84.79 -19.52 36.56
C ILE V 82 -85.83 -18.45 36.25
N THR V 83 -85.68 -17.79 35.10
CA THR V 83 -86.54 -16.67 34.73
C THR V 83 -87.10 -16.88 33.34
N ILE V 84 -88.38 -16.54 33.17
CA ILE V 84 -89.07 -16.57 31.89
C ILE V 84 -89.70 -15.20 31.67
N THR V 85 -89.24 -14.48 30.65
CA THR V 85 -89.69 -13.11 30.41
C THR V 85 -89.81 -12.85 28.92
N SER V 86 -90.68 -11.90 28.57
CA SER V 86 -90.86 -11.52 27.18
C SER V 86 -89.71 -10.63 26.73
N PRO V 87 -89.24 -10.80 25.49
CA PRO V 87 -88.09 -10.01 25.03
C PRO V 87 -88.50 -8.73 24.32
N LYS V 88 -87.53 -7.90 23.96
CA LYS V 88 -87.80 -6.68 23.21
C LYS V 88 -87.99 -7.00 21.72
N ASP V 89 -88.37 -5.97 20.97
CA ASP V 89 -88.80 -6.19 19.58
C ASP V 89 -87.62 -6.46 18.66
N ASP V 90 -86.45 -5.89 18.93
CA ASP V 90 -85.30 -6.10 18.05
C ASP V 90 -84.90 -7.58 18.02
N ILE V 91 -84.87 -8.22 19.18
CA ILE V 91 -84.52 -9.63 19.22
C ILE V 91 -85.60 -10.46 18.55
N ILE V 92 -86.87 -10.05 18.67
CA ILE V 92 -87.96 -10.74 17.98
C ILE V 92 -87.74 -10.70 16.48
N LYS V 93 -87.39 -9.51 15.96
CA LYS V 93 -87.15 -9.37 14.52
C LYS V 93 -85.98 -10.24 14.08
N SER V 94 -84.89 -10.21 14.85
CA SER V 94 -83.73 -11.03 14.48
C SER V 94 -84.05 -12.51 14.50
N TYR V 95 -84.80 -12.96 15.51
CA TYR V 95 -85.18 -14.35 15.61
C TYR V 95 -86.06 -14.79 14.45
N GLU V 96 -87.03 -13.95 14.07
CA GLU V 96 -87.89 -14.28 12.94
C GLU V 96 -87.11 -14.34 11.65
N SER V 97 -86.19 -13.39 11.44
CA SER V 97 -85.38 -13.39 10.23
C SER V 97 -84.53 -14.66 10.16
N HIS V 98 -83.90 -15.03 11.27
CA HIS V 98 -83.05 -16.21 11.27
C HIS V 98 -83.87 -17.48 11.04
N THR V 99 -85.05 -17.57 11.66
CA THR V 99 -85.86 -18.78 11.54
C THR V 99 -86.51 -18.89 10.17
N ARG V 100 -86.65 -17.80 9.42
CA ARG V 100 -87.09 -17.96 8.03
C ARG V 100 -85.93 -18.23 7.09
N VAL V 101 -84.75 -17.66 7.35
CA VAL V 101 -83.59 -17.95 6.51
C VAL V 101 -83.22 -19.42 6.59
N LEU V 102 -83.27 -20.00 7.79
CA LEU V 102 -82.94 -21.42 7.92
C LEU V 102 -83.89 -22.29 7.10
N GLU V 103 -85.19 -22.00 7.16
CA GLU V 103 -86.17 -22.78 6.39
C GLU V 103 -85.93 -22.61 4.89
N ASN V 104 -85.65 -21.38 4.45
CA ASN V 104 -85.40 -21.15 3.03
C ASN V 104 -84.20 -21.95 2.55
N LYS V 105 -83.12 -21.94 3.33
CA LYS V 105 -81.93 -22.69 2.94
C LYS V 105 -82.20 -24.20 2.94
N GLN V 106 -83.00 -24.67 3.89
CA GLN V 106 -83.35 -26.08 3.93
C GLN V 106 -84.10 -26.50 2.66
N VAL V 107 -85.07 -25.68 2.24
CA VAL V 107 -85.83 -26.00 1.04
C VAL V 107 -84.93 -25.97 -0.19
N GLU V 108 -84.04 -24.97 -0.26
CA GLU V 108 -83.11 -24.91 -1.40
C GLU V 108 -82.25 -26.15 -1.47
N GLU V 109 -81.73 -26.62 -0.33
CA GLU V 109 -80.92 -27.83 -0.34
C GLU V 109 -81.74 -29.05 -0.73
N ILE V 110 -83.01 -29.11 -0.32
CA ILE V 110 -83.86 -30.23 -0.73
C ILE V 110 -84.01 -30.25 -2.25
N LEU V 111 -84.25 -29.09 -2.86
CA LEU V 111 -84.34 -29.02 -4.32
C LEU V 111 -83.04 -29.45 -4.98
N ARG V 112 -81.90 -28.98 -4.46
CA ARG V 112 -80.61 -29.38 -5.02
C ARG V 112 -80.44 -30.88 -4.99
N LEU V 113 -80.72 -31.50 -3.84
CA LEU V 113 -80.54 -32.94 -3.70
C LEU V 113 -81.46 -33.70 -4.66
N GLU V 114 -82.72 -33.27 -4.76
CA GLU V 114 -83.66 -33.96 -5.66
C GLU V 114 -83.18 -33.88 -7.11
N LYS V 115 -82.73 -32.69 -7.53
CA LYS V 115 -82.25 -32.56 -8.91
C LYS V 115 -81.04 -33.43 -9.17
N GLU V 116 -80.09 -33.45 -8.22
CA GLU V 116 -78.90 -34.28 -8.41
C GLU V 116 -79.27 -35.76 -8.48
N ILE V 117 -80.19 -36.20 -7.62
CA ILE V 117 -80.62 -37.59 -7.63
C ILE V 117 -81.27 -37.94 -8.96
N GLU V 118 -82.14 -37.07 -9.47
CA GLU V 118 -82.80 -37.34 -10.75
C GLU V 118 -81.78 -37.45 -11.88
N ASP V 119 -80.82 -36.50 -11.92
CA ASP V 119 -79.81 -36.54 -12.99
C ASP V 119 -78.97 -37.81 -12.90
N LEU V 120 -78.54 -38.18 -11.70
CA LEU V 120 -77.73 -39.39 -11.54
C LEU V 120 -78.50 -40.63 -11.95
N GLN V 121 -79.77 -40.70 -11.56
CA GLN V 121 -80.58 -41.86 -11.93
C GLN V 121 -80.76 -41.97 -13.43
N ARG V 122 -81.01 -40.84 -14.09
CA ARG V 122 -81.18 -40.87 -15.55
C ARG V 122 -79.89 -41.31 -16.23
N MET V 123 -78.75 -40.77 -15.79
CA MET V 123 -77.48 -41.13 -16.41
C MET V 123 -77.16 -42.60 -16.20
N LYS V 124 -77.42 -43.11 -14.99
CA LYS V 124 -77.20 -44.54 -14.73
C LYS V 124 -78.11 -45.40 -15.59
N GLU V 125 -79.37 -44.97 -15.78
CA GLU V 125 -80.28 -45.74 -16.61
C GLU V 125 -79.77 -45.83 -18.04
N GLN V 126 -79.34 -44.69 -18.61
CA GLN V 126 -78.80 -44.73 -19.97
C GLN V 126 -77.54 -45.57 -20.05
N GLN V 127 -76.67 -45.50 -19.04
CA GLN V 127 -75.46 -46.31 -19.06
C GLN V 127 -75.78 -47.79 -19.00
N GLU V 128 -76.76 -48.18 -18.18
CA GLU V 128 -77.14 -49.59 -18.05
C GLU V 128 -77.87 -50.09 -19.29
N LEU V 129 -78.53 -49.21 -20.04
CA LEU V 129 -79.30 -49.64 -21.20
C LEU V 129 -78.41 -50.39 -22.20
N SER V 130 -77.20 -49.91 -22.43
CA SER V 130 -76.28 -50.53 -23.39
C SER V 130 -75.49 -51.62 -22.67
N LEU V 131 -76.00 -52.85 -22.75
CA LEU V 131 -75.36 -53.97 -22.08
C LEU V 131 -75.75 -55.25 -22.79
N THR V 132 -74.96 -56.30 -22.56
CA THR V 132 -75.19 -57.60 -23.18
C THR V 132 -75.90 -58.54 -22.21
N GLU V 133 -76.35 -59.67 -22.75
CA GLU V 133 -77.13 -60.62 -21.95
C GLU V 133 -76.30 -61.25 -20.85
N ALA V 134 -75.10 -61.74 -21.19
CA ALA V 134 -74.23 -62.32 -20.18
C ALA V 134 -73.81 -61.28 -19.14
N SER V 135 -73.54 -60.06 -19.61
CA SER V 135 -73.22 -58.98 -18.67
C SER V 135 -74.39 -58.68 -17.76
N LEU V 136 -75.61 -58.71 -18.30
CA LEU V 136 -76.80 -58.51 -17.49
C LEU V 136 -76.95 -59.60 -16.44
N GLN V 137 -76.67 -60.85 -16.82
CA GLN V 137 -76.74 -61.95 -15.86
C GLN V 137 -75.71 -61.79 -14.75
N LYS V 138 -74.48 -61.40 -15.11
CA LYS V 138 -73.46 -61.15 -14.11
C LYS V 138 -73.86 -60.00 -13.20
N LEU V 139 -74.45 -58.95 -13.77
CA LEU V 139 -74.96 -57.84 -12.99
C LEU V 139 -75.97 -58.30 -11.96
N GLN V 140 -76.95 -59.11 -12.39
CA GLN V 140 -77.97 -59.60 -11.48
C GLN V 140 -77.36 -60.47 -10.39
N GLU V 141 -76.42 -61.35 -10.76
CA GLU V 141 -75.81 -62.23 -9.77
C GLU V 141 -75.05 -61.44 -8.73
N ARG V 142 -74.25 -60.46 -9.17
CA ARG V 142 -73.46 -59.69 -8.21
C ARG V 142 -74.34 -58.78 -7.35
N ARG V 143 -75.44 -58.27 -7.92
CA ARG V 143 -76.38 -57.50 -7.13
C ARG V 143 -77.05 -58.37 -6.07
N ASP V 144 -77.38 -59.62 -6.43
CA ASP V 144 -77.92 -60.54 -5.44
C ASP V 144 -76.91 -60.83 -4.34
N GLN V 145 -75.65 -61.03 -4.71
CA GLN V 145 -74.59 -61.21 -3.72
C GLN V 145 -74.42 -59.95 -2.87
N LYS W 15 -17.61 -14.74 100.04
CA LYS W 15 -17.09 -14.52 98.70
C LYS W 15 -15.65 -14.05 98.75
N ASN W 16 -14.82 -14.61 97.87
CA ASN W 16 -13.39 -14.29 97.86
C ASN W 16 -12.86 -14.56 96.46
N ILE W 17 -12.56 -13.49 95.72
CA ILE W 17 -12.04 -13.60 94.37
C ILE W 17 -10.55 -13.29 94.40
N LYS W 18 -9.73 -14.26 94.00
CA LYS W 18 -8.28 -14.10 93.96
C LYS W 18 -7.73 -14.75 92.71
N ILE W 19 -6.99 -13.98 91.92
CA ILE W 19 -6.34 -14.54 90.74
C ILE W 19 -5.15 -15.38 91.18
N MET W 20 -4.79 -16.36 90.34
CA MET W 20 -3.62 -17.18 90.63
C MET W 20 -2.94 -17.57 89.32
N ARG W 21 -1.68 -17.93 89.45
CA ARG W 21 -0.87 -18.39 88.33
C ARG W 21 -0.49 -19.84 88.56
N LEU W 22 -0.80 -20.70 87.59
CA LEU W 22 -0.54 -22.13 87.72
C LEU W 22 0.87 -22.47 87.28
N VAL W 23 1.33 -23.65 87.71
CA VAL W 23 2.66 -24.12 87.33
C VAL W 23 2.76 -24.29 85.82
N THR W 24 1.64 -24.57 85.16
CA THR W 24 1.64 -24.65 83.71
C THR W 24 2.00 -23.31 83.07
N GLY W 25 1.54 -22.21 83.67
CA GLY W 25 1.84 -20.90 83.16
C GLY W 25 0.61 -20.15 82.69
N GLU W 26 -0.52 -20.40 83.32
CA GLU W 26 -1.78 -19.77 82.95
C GLU W 26 -2.38 -19.07 84.16
N ASP W 27 -3.29 -18.14 83.88
CA ASP W 27 -3.90 -17.28 84.90
C ASP W 27 -5.35 -17.69 85.10
N ILE W 28 -5.69 -18.02 86.34
CA ILE W 28 -7.02 -18.51 86.71
C ILE W 28 -7.64 -17.52 87.67
N ILE W 29 -8.88 -17.10 87.37
CA ILE W 29 -9.63 -16.19 88.23
C ILE W 29 -10.95 -16.85 88.60
N GLY W 30 -11.30 -16.80 89.88
CA GLY W 30 -12.54 -17.39 90.33
C GLY W 30 -12.64 -17.36 91.84
N ASN W 31 -13.72 -17.95 92.33
CA ASN W 31 -13.96 -18.02 93.77
C ASN W 31 -13.04 -19.04 94.40
N ILE W 32 -12.33 -18.64 95.45
CA ILE W 32 -11.27 -19.46 96.04
C ILE W 32 -11.61 -19.75 97.49
N SER W 33 -11.20 -20.93 97.95
CA SER W 33 -11.37 -21.29 99.36
C SER W 33 -10.17 -22.16 99.76
N GLU W 34 -9.34 -21.65 100.66
CA GLU W 34 -8.13 -22.35 101.12
C GLU W 34 -8.39 -22.89 102.52
N SER W 35 -8.65 -24.20 102.62
CA SER W 35 -8.99 -24.82 103.89
C SER W 35 -7.78 -25.47 104.57
N GLN W 36 -7.18 -26.46 103.94
CA GLN W 36 -6.11 -27.25 104.56
C GLN W 36 -4.97 -27.46 103.56
N GLY W 37 -4.54 -26.38 102.94
CA GLY W 37 -3.51 -26.47 101.92
C GLY W 37 -4.14 -26.68 100.55
N LEU W 38 -4.80 -27.82 100.36
CA LEU W 38 -5.57 -28.04 99.15
C LEU W 38 -6.70 -27.03 99.08
N ILE W 39 -6.89 -26.43 97.90
CA ILE W 39 -7.82 -25.33 97.74
C ILE W 39 -8.95 -25.74 96.82
N THR W 40 -10.10 -25.10 97.02
CA THR W 40 -11.30 -25.33 96.25
C THR W 40 -11.57 -24.10 95.38
N ILE W 41 -11.88 -24.33 94.11
CA ILE W 41 -12.07 -23.28 93.13
C ILE W 41 -13.47 -23.44 92.52
N LYS W 42 -14.20 -22.33 92.44
CA LYS W 42 -15.53 -22.30 91.86
C LYS W 42 -15.58 -21.24 90.75
N LYS W 43 -16.21 -21.61 89.64
CA LYS W 43 -16.40 -20.71 88.49
C LYS W 43 -15.07 -20.19 87.98
N ALA W 44 -14.11 -21.09 87.82
CA ALA W 44 -12.78 -20.72 87.36
C ALA W 44 -12.81 -20.26 85.90
N PHE W 45 -11.96 -19.29 85.58
CA PHE W 45 -11.84 -18.76 84.23
C PHE W 45 -10.38 -18.57 83.88
N VAL W 46 -10.00 -19.00 82.69
CA VAL W 46 -8.68 -18.75 82.14
C VAL W 46 -8.67 -17.35 81.52
N ILE W 47 -7.68 -16.54 81.91
CA ILE W 47 -7.53 -15.19 81.38
C ILE W 47 -6.53 -15.25 80.23
N ILE W 48 -6.98 -14.91 79.03
CA ILE W 48 -6.13 -14.92 77.84
C ILE W 48 -5.61 -13.51 77.60
N PRO W 49 -4.30 -13.30 77.55
CA PRO W 49 -3.78 -11.95 77.31
C PRO W 49 -4.02 -11.49 75.89
N MET W 50 -4.94 -10.55 75.72
CA MET W 50 -5.29 -10.03 74.40
C MET W 50 -6.00 -8.68 74.51
N GLN W 59 -8.12 -4.68 76.30
CA GLN W 59 -9.23 -5.40 76.90
C GLN W 59 -8.79 -6.78 77.40
N LEU W 60 -9.73 -7.53 77.96
CA LEU W 60 -9.46 -8.85 78.50
C LEU W 60 -10.42 -9.87 77.90
N VAL W 61 -9.94 -11.10 77.77
CA VAL W 61 -10.73 -12.22 77.27
C VAL W 61 -10.69 -13.33 78.29
N LEU W 62 -11.85 -13.88 78.61
CA LEU W 62 -11.98 -14.96 79.58
C LEU W 62 -12.56 -16.19 78.90
N SER W 63 -12.10 -17.36 79.31
CA SER W 63 -12.57 -18.63 78.77
C SER W 63 -12.83 -19.60 79.91
N PRO W 64 -13.69 -20.59 79.71
CA PRO W 64 -13.89 -21.61 80.75
C PRO W 64 -12.61 -22.39 81.00
N TRP W 65 -12.40 -22.77 82.26
CA TRP W 65 -11.19 -23.50 82.61
C TRP W 65 -11.34 -24.99 82.36
N GLN W 66 -12.48 -25.57 82.71
CA GLN W 66 -12.72 -27.01 82.61
C GLN W 66 -14.01 -27.21 81.81
N PRO W 67 -13.95 -27.09 80.48
CA PRO W 67 -15.15 -27.19 79.67
C PRO W 67 -15.64 -28.62 79.43
N TYR W 68 -15.12 -29.61 80.17
CA TYR W 68 -15.55 -30.99 80.02
C TYR W 68 -16.22 -31.54 81.27
N THR W 69 -16.42 -30.72 82.30
CA THR W 69 -17.02 -31.16 83.54
C THR W 69 -18.11 -30.19 83.97
N ASP W 70 -19.10 -30.74 84.68
CA ASP W 70 -20.19 -29.94 85.23
C ASP W 70 -20.08 -29.73 86.73
N ASP W 71 -18.99 -30.18 87.34
CA ASP W 71 -18.82 -30.02 88.78
C ASP W 71 -18.72 -28.55 89.15
N LYS W 72 -19.42 -28.16 90.21
CA LYS W 72 -19.39 -26.77 90.66
C LYS W 72 -18.03 -26.39 91.21
N GLU W 73 -17.40 -27.28 91.98
CA GLU W 73 -16.14 -27.00 92.65
C GLU W 73 -15.06 -27.97 92.18
N ILE W 74 -13.84 -27.48 92.08
CA ILE W 74 -12.68 -28.28 91.70
C ILE W 74 -11.62 -28.13 92.77
N VAL W 75 -11.06 -29.25 93.22
CA VAL W 75 -10.09 -29.26 94.30
C VAL W 75 -8.70 -29.48 93.72
N ILE W 76 -7.78 -28.57 94.01
CA ILE W 76 -6.39 -28.69 93.56
C ILE W 76 -5.48 -28.55 94.77
N ASP W 77 -4.18 -28.73 94.54
CA ASP W 77 -3.19 -28.72 95.60
C ASP W 77 -2.38 -27.44 95.54
N ASP W 78 -2.09 -26.86 96.72
CA ASP W 78 -1.33 -25.62 96.79
C ASP W 78 0.10 -25.80 96.30
N SER W 79 0.61 -27.03 96.25
CA SER W 79 1.95 -27.27 95.74
C SER W 79 2.05 -27.06 94.23
N GLU W 80 0.92 -26.89 93.55
CA GLU W 80 0.89 -26.76 92.10
C GLU W 80 0.45 -25.37 91.65
N VAL W 81 0.50 -24.39 92.54
CA VAL W 81 0.14 -23.01 92.22
C VAL W 81 1.29 -22.10 92.64
N ILE W 82 1.65 -21.16 91.77
CA ILE W 82 2.80 -20.30 92.03
C ILE W 82 2.43 -19.12 92.91
N THR W 83 1.54 -18.26 92.41
CA THR W 83 1.17 -17.03 93.09
C THR W 83 -0.34 -16.91 93.18
N ILE W 84 -0.82 -16.46 94.34
CA ILE W 84 -2.24 -16.18 94.58
C ILE W 84 -2.33 -14.75 95.10
N THR W 85 -2.98 -13.88 94.34
CA THR W 85 -3.06 -12.47 94.68
C THR W 85 -4.42 -11.89 94.32
N SER W 86 -4.81 -10.84 95.03
CA SER W 86 -6.08 -10.18 94.75
C SER W 86 -5.94 -9.29 93.52
N PRO W 87 -6.97 -9.24 92.67
CA PRO W 87 -6.87 -8.46 91.43
C PRO W 87 -7.38 -7.03 91.60
N LYS W 88 -7.24 -6.21 90.55
CA LYS W 88 -7.75 -4.86 90.57
C LYS W 88 -9.24 -4.85 90.27
N ASP W 89 -9.84 -3.67 90.39
CA ASP W 89 -11.30 -3.58 90.35
C ASP W 89 -11.85 -3.74 88.93
N ASP W 90 -11.10 -3.31 87.91
CA ASP W 90 -11.61 -3.42 86.54
C ASP W 90 -11.83 -4.88 86.16
N ILE W 91 -10.88 -5.75 86.49
CA ILE W 91 -11.03 -7.17 86.18
C ILE W 91 -12.18 -7.76 86.99
N ILE W 92 -12.37 -7.29 88.22
CA ILE W 92 -13.50 -7.76 89.04
C ILE W 92 -14.82 -7.42 88.35
N LYS W 93 -14.93 -6.19 87.85
CA LYS W 93 -16.14 -5.78 87.16
C LYS W 93 -16.38 -6.62 85.90
N SER W 94 -15.32 -6.82 85.12
CA SER W 94 -15.46 -7.62 83.90
C SER W 94 -15.87 -9.05 84.22
N TYR W 95 -15.27 -9.64 85.25
CA TYR W 95 -15.58 -11.00 85.65
C TYR W 95 -17.04 -11.12 86.10
N GLU W 96 -17.51 -10.16 86.90
CA GLU W 96 -18.90 -10.20 87.35
C GLU W 96 -19.86 -10.06 86.18
N SER W 97 -19.56 -9.14 85.26
CA SER W 97 -20.41 -8.96 84.10
C SER W 97 -20.50 -10.23 83.27
N HIS W 98 -19.34 -10.87 83.03
CA HIS W 98 -19.33 -12.08 82.23
C HIS W 98 -20.08 -13.22 82.93
N THR W 99 -19.89 -13.36 84.24
CA THR W 99 -20.52 -14.44 84.97
C THR W 99 -22.01 -14.24 85.16
N ARG W 100 -22.51 -13.01 85.04
CA ARG W 100 -23.97 -12.86 85.01
C ARG W 100 -24.55 -13.01 83.61
N VAL W 101 -23.80 -12.58 82.57
CA VAL W 101 -24.27 -12.78 81.20
C VAL W 101 -24.40 -14.26 80.88
N LEU W 102 -23.44 -15.07 81.33
CA LEU W 102 -23.51 -16.50 81.05
C LEU W 102 -24.76 -17.12 81.69
N GLU W 103 -25.04 -16.76 82.94
CA GLU W 103 -26.23 -17.29 83.60
C GLU W 103 -27.50 -16.84 82.91
N ASN W 104 -27.56 -15.58 82.50
CA ASN W 104 -28.75 -15.08 81.80
C ASN W 104 -28.98 -15.85 80.51
N LYS W 105 -27.93 -16.06 79.74
CA LYS W 105 -28.06 -16.81 78.48
C LYS W 105 -28.47 -18.25 78.74
N GLN W 106 -27.94 -18.86 79.81
CA GLN W 106 -28.32 -20.23 80.15
C GLN W 106 -29.81 -20.31 80.45
N VAL W 107 -30.33 -19.37 81.24
CA VAL W 107 -31.76 -19.38 81.57
C VAL W 107 -32.60 -19.16 80.31
N GLU W 108 -32.17 -18.25 79.44
CA GLU W 108 -32.92 -18.01 78.21
C GLU W 108 -32.99 -19.27 77.36
N GLU W 109 -31.87 -19.99 77.25
CA GLU W 109 -31.88 -21.23 76.48
C GLU W 109 -32.75 -22.30 77.12
N ILE W 110 -32.79 -22.34 78.46
CA ILE W 110 -33.68 -23.30 79.13
C ILE W 110 -35.14 -23.01 78.79
N LEU W 111 -35.52 -21.72 78.82
CA LEU W 111 -36.89 -21.36 78.44
C LEU W 111 -37.18 -21.74 76.99
N ARG W 112 -36.24 -21.46 76.08
CA ARG W 112 -36.43 -21.82 74.69
C ARG W 112 -36.67 -23.31 74.52
N LEU W 113 -35.83 -24.13 75.17
CA LEU W 113 -35.96 -25.57 75.04
C LEU W 113 -37.29 -26.06 75.60
N GLU W 114 -37.69 -25.52 76.76
CA GLU W 114 -38.96 -25.95 77.35
C GLU W 114 -40.14 -25.61 76.44
N LYS W 115 -40.14 -24.40 75.87
CA LYS W 115 -41.24 -24.03 74.98
C LYS W 115 -41.28 -24.92 73.74
N GLU W 116 -40.11 -25.19 73.15
CA GLU W 116 -40.08 -26.04 71.97
C GLU W 116 -40.58 -27.45 72.29
N ILE W 117 -40.18 -27.99 73.45
CA ILE W 117 -40.62 -29.32 73.84
C ILE W 117 -42.12 -29.35 74.02
N GLU W 118 -42.68 -28.34 74.69
CA GLU W 118 -44.13 -28.30 74.90
C GLU W 118 -44.87 -28.23 73.57
N ASP W 119 -44.42 -27.38 72.66
CA ASP W 119 -45.09 -27.27 71.36
C ASP W 119 -45.01 -28.58 70.59
N LEU W 120 -43.85 -29.22 70.56
CA LEU W 120 -43.71 -30.47 69.84
C LEU W 120 -44.60 -31.56 70.45
N GLN W 121 -44.65 -31.63 71.78
CA GLN W 121 -45.48 -32.63 72.43
C GLN W 121 -46.96 -32.41 72.11
N ARG W 122 -47.41 -31.16 72.14
CA ARG W 122 -48.81 -30.88 71.82
C ARG W 122 -49.14 -31.26 70.38
N MET W 123 -48.25 -30.90 69.45
CA MET W 123 -48.51 -31.22 68.05
C MET W 123 -48.52 -32.72 67.81
N LYS W 124 -47.58 -33.45 68.45
CA LYS W 124 -47.58 -34.90 68.33
C LYS W 124 -48.85 -35.51 68.92
N GLU W 125 -49.33 -34.97 70.04
CA GLU W 125 -50.56 -35.48 70.63
C GLU W 125 -51.73 -35.32 69.69
N GLN W 126 -51.87 -34.12 69.10
CA GLN W 126 -52.98 -33.92 68.15
C GLN W 126 -52.84 -34.82 66.93
N GLN W 127 -51.61 -35.02 66.44
CA GLN W 127 -51.43 -35.88 65.28
C GLN W 127 -51.78 -37.32 65.61
N GLU W 128 -51.41 -37.80 66.80
CA GLU W 128 -51.72 -39.17 67.19
C GLU W 128 -53.20 -39.37 67.49
N LEU W 129 -53.91 -38.30 67.88
CA LEU W 129 -55.33 -38.44 68.22
C LEU W 129 -56.13 -39.03 67.07
N SER W 130 -55.85 -38.59 65.84
CA SER W 130 -56.57 -39.07 64.66
C SER W 130 -55.90 -40.34 64.16
N LEU W 131 -56.39 -41.48 64.62
CA LEU W 131 -55.82 -42.76 64.22
C LEU W 131 -56.87 -43.85 64.36
N THR W 132 -56.64 -44.97 63.69
CA THR W 132 -57.55 -46.10 63.70
C THR W 132 -57.09 -47.16 64.69
N GLU W 133 -57.97 -48.12 64.95
CA GLU W 133 -57.68 -49.15 65.94
C GLU W 133 -56.53 -50.06 65.50
N ALA W 134 -56.58 -50.55 64.26
CA ALA W 134 -55.49 -51.38 63.77
C ALA W 134 -54.19 -50.60 63.70
N SER W 135 -54.26 -49.33 63.29
CA SER W 135 -53.07 -48.49 63.29
C SER W 135 -52.53 -48.30 64.70
N LEU W 136 -53.43 -48.15 65.67
CA LEU W 136 -52.99 -48.02 67.06
C LEU W 136 -52.30 -49.29 67.54
N GLN W 137 -52.84 -50.46 67.16
CA GLN W 137 -52.21 -51.72 67.54
C GLN W 137 -50.83 -51.85 66.92
N LYS W 138 -50.69 -51.48 65.64
CA LYS W 138 -49.38 -51.53 64.99
C LYS W 138 -48.42 -50.55 65.66
N LEU W 139 -48.92 -49.37 66.04
CA LEU W 139 -48.11 -48.40 66.78
C LEU W 139 -47.58 -49.00 68.06
N GLN W 140 -48.46 -49.62 68.85
CA GLN W 140 -48.04 -50.22 70.11
C GLN W 140 -47.03 -51.34 69.88
N GLU W 141 -47.27 -52.19 68.88
CA GLU W 141 -46.35 -53.29 68.61
C GLU W 141 -44.96 -52.78 68.23
N ARG W 142 -44.91 -51.78 67.33
CA ARG W 142 -43.61 -51.29 66.90
C ARG W 142 -42.91 -50.51 68.00
N ARG W 143 -43.67 -49.81 68.85
CA ARG W 143 -43.07 -49.16 70.01
C ARG W 143 -42.49 -50.17 70.97
N ASP W 144 -43.19 -51.30 71.17
CA ASP W 144 -42.65 -52.37 72.01
C ASP W 144 -41.38 -52.94 71.41
N GLN W 145 -41.36 -53.15 70.09
CA GLN W 145 -40.14 -53.60 69.42
C GLN W 145 -39.04 -52.55 69.53
N LYS X 15 83.90 -33.38 49.05
CA LYS X 15 82.87 -32.93 48.13
C LYS X 15 83.46 -32.58 46.78
N ASN X 16 82.78 -32.99 45.71
CA ASN X 16 83.30 -32.77 44.35
C ASN X 16 82.11 -32.79 43.39
N ILE X 17 81.75 -31.62 42.87
CA ILE X 17 80.62 -31.49 41.95
C ILE X 17 81.19 -31.28 40.55
N LYS X 18 80.87 -32.21 39.65
CA LYS X 18 81.32 -32.14 38.27
C LYS X 18 80.19 -32.55 37.35
N ILE X 19 79.86 -31.69 36.38
CA ILE X 19 78.85 -32.04 35.40
C ILE X 19 79.45 -33.03 34.41
N MET X 20 78.58 -33.84 33.80
CA MET X 20 79.03 -34.77 32.78
C MET X 20 77.95 -34.94 31.72
N ARG X 21 78.39 -35.39 30.55
CA ARG X 21 77.50 -35.68 29.43
C ARG X 21 77.52 -37.17 29.14
N LEU X 22 76.35 -37.79 29.13
CA LEU X 22 76.24 -39.23 28.93
C LEU X 22 76.20 -39.57 27.44
N VAL X 23 76.49 -40.84 27.14
CA VAL X 23 76.45 -41.31 25.75
C VAL X 23 75.05 -41.18 25.18
N THR X 24 74.03 -41.24 26.04
CA THR X 24 72.66 -41.03 25.57
C THR X 24 72.47 -39.61 25.03
N GLY X 25 73.12 -38.63 25.66
CA GLY X 25 73.02 -37.25 25.21
C GLY X 25 72.37 -36.34 26.22
N GLU X 26 72.54 -36.64 27.50
CA GLU X 26 71.94 -35.86 28.58
C GLU X 26 73.03 -35.39 29.53
N ASP X 27 72.69 -34.36 30.31
CA ASP X 27 73.62 -33.69 31.21
C ASP X 27 73.26 -34.04 32.65
N ILE X 28 74.23 -34.59 33.37
CA ILE X 28 74.06 -35.05 34.73
C ILE X 28 74.96 -34.23 35.65
N ILE X 29 74.39 -33.69 36.71
CA ILE X 29 75.14 -32.92 37.70
C ILE X 29 74.93 -33.56 39.07
N GLY X 30 76.02 -33.74 39.82
CA GLY X 30 75.92 -34.33 41.13
C GLY X 30 77.29 -34.59 41.70
N ASN X 31 77.28 -35.21 42.89
CA ASN X 31 78.53 -35.54 43.57
C ASN X 31 79.18 -36.74 42.90
N ILE X 32 80.47 -36.62 42.56
CA ILE X 32 81.16 -37.60 41.75
C ILE X 32 82.33 -38.15 42.53
N SER X 33 82.64 -39.43 42.29
CA SER X 33 83.81 -40.06 42.89
C SER X 33 84.37 -41.07 41.90
N GLU X 34 85.57 -40.81 41.39
CA GLU X 34 86.22 -41.66 40.39
C GLU X 34 87.32 -42.47 41.09
N SER X 35 87.05 -43.74 41.35
CA SER X 35 87.98 -44.60 42.08
C SER X 35 88.86 -45.44 41.17
N GLN X 36 88.25 -46.32 40.38
CA GLN X 36 88.99 -47.29 39.56
C GLN X 36 88.38 -47.37 38.17
N GLY X 37 88.17 -46.20 37.56
CA GLY X 37 87.52 -46.16 36.27
C GLY X 37 86.02 -46.04 36.42
N LEU X 38 85.39 -47.08 36.97
CA LEU X 38 83.99 -47.00 37.32
C LEU X 38 83.78 -45.91 38.38
N ILE X 39 82.76 -45.08 38.17
CA ILE X 39 82.56 -43.91 39.01
C ILE X 39 81.26 -44.06 39.79
N THR X 40 81.22 -43.39 40.94
CA THR X 40 80.09 -43.37 41.83
C THR X 40 79.46 -41.98 41.81
N ILE X 41 78.14 -41.93 41.70
CA ILE X 41 77.40 -40.69 41.58
C ILE X 41 76.37 -40.62 42.70
N LYS X 42 76.30 -39.47 43.37
CA LYS X 42 75.35 -39.23 44.44
C LYS X 42 74.54 -37.99 44.14
N LYS X 43 73.23 -38.06 44.38
CA LYS X 43 72.31 -36.94 44.19
C LYS X 43 72.36 -36.41 42.77
N ALA X 44 72.31 -37.33 41.81
CA ALA X 44 72.38 -36.96 40.40
C ALA X 44 71.12 -36.22 39.96
N PHE X 45 71.30 -35.26 39.06
CA PHE X 45 70.20 -34.47 38.52
C PHE X 45 70.38 -34.32 37.02
N VAL X 46 69.30 -34.52 36.29
CA VAL X 46 69.26 -34.24 34.86
C VAL X 46 68.98 -32.76 34.65
N ILE X 47 69.82 -32.12 33.85
CA ILE X 47 69.67 -30.70 33.53
C ILE X 47 68.91 -30.58 32.21
N ILE X 48 67.73 -29.98 32.26
CA ILE X 48 66.89 -29.81 31.07
C ILE X 48 67.14 -28.41 30.51
N PRO X 49 67.55 -28.29 29.25
CA PRO X 49 67.78 -26.95 28.68
C PRO X 49 66.49 -26.19 28.46
N MET X 50 66.24 -25.17 29.28
CA MET X 50 65.03 -24.38 29.19
C MET X 50 65.19 -23.04 29.90
N GLN X 59 67.04 -19.37 32.49
CA GLN X 59 67.09 -20.11 33.74
C GLN X 59 67.40 -21.58 33.47
N LEU X 60 67.46 -22.37 34.54
CA LEU X 60 67.77 -23.79 34.44
C LEU X 60 66.70 -24.60 35.17
N VAL X 61 66.46 -25.81 34.66
CA VAL X 61 65.51 -26.73 35.25
C VAL X 61 66.24 -28.04 35.54
N LEU X 62 66.05 -28.57 36.75
CA LEU X 62 66.67 -29.81 37.17
C LEU X 62 65.60 -30.83 37.50
N SER X 63 65.88 -32.09 37.19
CA SER X 63 64.95 -33.19 37.47
C SER X 63 65.72 -34.35 38.08
N PRO X 64 65.05 -35.22 38.83
CA PRO X 64 65.73 -36.41 39.34
C PRO X 64 66.20 -37.32 38.21
N TRP X 65 67.34 -37.95 38.41
CA TRP X 65 67.89 -38.82 37.38
C TRP X 65 67.29 -40.22 37.43
N GLN X 66 67.14 -40.78 38.63
CA GLN X 66 66.65 -42.14 38.82
C GLN X 66 65.48 -42.10 39.78
N PRO X 67 64.29 -41.70 39.30
CA PRO X 67 63.14 -41.57 40.18
C PRO X 67 62.46 -42.87 40.57
N TYR X 68 63.09 -44.02 40.31
CA TYR X 68 62.52 -45.31 40.67
C TYR X 68 63.36 -46.07 41.70
N THR X 69 64.43 -45.45 42.22
CA THR X 69 65.30 -46.10 43.19
C THR X 69 65.56 -45.17 44.37
N ASP X 70 65.79 -45.77 45.52
CA ASP X 70 66.12 -45.04 46.74
C ASP X 70 67.59 -45.15 47.11
N ASP X 71 68.40 -45.79 46.26
CA ASP X 71 69.82 -45.93 46.57
C ASP X 71 70.51 -44.57 46.58
N LYS X 72 71.36 -44.38 47.60
CA LYS X 72 72.07 -43.10 47.71
C LYS X 72 73.10 -42.94 46.59
N GLU X 73 73.81 -44.01 46.25
CA GLU X 73 74.88 -43.95 45.27
C GLU X 73 74.57 -44.87 44.10
N ILE X 74 74.98 -44.46 42.90
CA ILE X 74 74.82 -45.24 41.69
C ILE X 74 76.17 -45.38 41.02
N VAL X 75 76.52 -46.60 40.63
CA VAL X 75 77.83 -46.90 40.05
C VAL X 75 77.66 -47.09 38.56
N ILE X 76 78.42 -46.31 37.77
CA ILE X 76 78.41 -46.44 36.32
C ILE X 76 79.85 -46.60 35.84
N ASP X 77 80.01 -46.83 34.54
CA ASP X 77 81.30 -47.10 33.93
C ASP X 77 81.78 -45.89 33.14
N ASP X 78 83.06 -45.58 33.26
CA ASP X 78 83.64 -44.44 32.56
C ASP X 78 83.60 -44.61 31.04
N SER X 79 83.44 -45.83 30.54
CA SER X 79 83.35 -46.04 29.10
C SER X 79 82.03 -45.55 28.54
N GLU X 80 81.07 -45.16 29.39
CA GLU X 80 79.75 -44.74 28.96
C GLU X 80 79.49 -43.26 29.23
N VAL X 81 80.55 -42.49 29.48
CA VAL X 81 80.43 -41.05 29.70
C VAL X 81 81.37 -40.33 28.75
N ILE X 82 80.88 -39.25 28.14
CA ILE X 82 81.66 -38.54 27.13
C ILE X 82 82.61 -37.55 27.77
N THR X 83 82.06 -36.54 28.46
CA THR X 83 82.84 -35.45 29.02
C THR X 83 82.47 -35.26 30.48
N ILE X 84 83.49 -35.02 31.31
CA ILE X 84 83.33 -34.70 32.72
C ILE X 84 84.09 -33.41 32.99
N THR X 85 83.36 -32.36 33.37
CA THR X 85 83.97 -31.04 33.54
C THR X 85 83.33 -30.32 34.72
N SER X 86 84.09 -29.41 35.32
CA SER X 86 83.58 -28.61 36.43
C SER X 86 82.67 -27.51 35.91
N PRO X 87 81.57 -27.22 36.61
CA PRO X 87 80.63 -26.20 36.13
C PRO X 87 80.93 -24.81 36.66
N LYS X 88 80.18 -23.82 36.19
CA LYS X 88 80.33 -22.46 36.68
C LYS X 88 79.59 -22.29 38.01
N ASP X 89 79.76 -21.11 38.63
CA ASP X 89 79.28 -20.92 39.99
C ASP X 89 77.77 -20.76 40.06
N ASP X 90 77.14 -20.18 39.03
CA ASP X 90 75.70 -19.98 39.06
C ASP X 90 74.96 -21.31 39.15
N ILE X 91 75.39 -22.29 38.36
CA ILE X 91 74.75 -23.60 38.40
C ILE X 91 75.01 -24.27 39.74
N ILE X 92 76.19 -24.05 40.32
CA ILE X 92 76.49 -24.60 41.64
C ILE X 92 75.51 -24.03 42.67
N LYS X 93 75.28 -22.73 42.63
CA LYS X 93 74.35 -22.11 43.57
C LYS X 93 72.94 -22.65 43.38
N SER X 94 72.50 -22.77 42.12
CA SER X 94 71.16 -23.28 41.87
C SER X 94 71.02 -24.72 42.35
N TYR X 95 72.04 -25.54 42.11
CA TYR X 95 72.01 -26.94 42.54
C TYR X 95 71.95 -27.05 44.05
N GLU X 96 72.75 -26.24 44.76
CA GLU X 96 72.73 -26.28 46.22
C GLU X 96 71.37 -25.83 46.75
N SER X 97 70.80 -24.77 46.18
CA SER X 97 69.50 -24.30 46.62
C SER X 97 68.44 -25.37 46.43
N HIS X 98 68.44 -26.02 45.26
CA HIS X 98 67.44 -27.05 44.99
C HIS X 98 67.62 -28.25 45.92
N THR X 99 68.86 -28.65 46.16
CA THR X 99 69.10 -29.83 46.98
C THR X 99 68.86 -29.57 48.46
N ARG X 100 68.85 -28.30 48.90
CA ARG X 100 68.40 -28.06 50.27
C ARG X 100 66.90 -27.88 50.36
N VAL X 101 66.25 -27.31 49.34
CA VAL X 101 64.80 -27.18 49.35
C VAL X 101 64.15 -28.56 49.36
N LEU X 102 64.68 -29.50 48.58
CA LEU X 102 64.10 -30.84 48.57
C LEU X 102 64.17 -31.49 49.95
N GLU X 103 65.31 -31.38 50.63
CA GLU X 103 65.45 -31.95 51.96
C GLU X 103 64.49 -31.29 52.95
N ASN X 104 64.37 -29.96 52.87
CA ASN X 104 63.46 -29.26 53.78
C ASN X 104 62.03 -29.73 53.59
N LYS X 105 61.59 -29.86 52.33
CA LYS X 105 60.24 -30.31 52.06
C LYS X 105 60.03 -31.76 52.53
N GLN X 106 61.06 -32.60 52.36
CA GLN X 106 60.96 -33.98 52.84
C GLN X 106 60.76 -34.03 54.34
N VAL X 107 61.53 -33.23 55.08
CA VAL X 107 61.39 -33.21 56.55
C VAL X 107 60.02 -32.69 56.94
N GLU X 108 59.54 -31.64 56.27
CA GLU X 108 58.22 -31.11 56.58
C GLU X 108 57.13 -32.17 56.37
N GLU X 109 57.23 -32.93 55.27
CA GLU X 109 56.24 -33.97 55.03
C GLU X 109 56.34 -35.09 56.07
N ILE X 110 57.55 -35.40 56.52
CA ILE X 110 57.70 -36.41 57.59
C ILE X 110 56.98 -35.95 58.85
N LEU X 111 57.17 -34.69 59.23
CA LEU X 111 56.46 -34.16 60.40
C LEU X 111 54.95 -34.22 60.22
N ARG X 112 54.47 -33.82 59.03
CA ARG X 112 53.03 -33.87 58.77
C ARG X 112 52.49 -35.28 58.95
N LEU X 113 53.17 -36.27 58.35
CA LEU X 113 52.71 -37.65 58.43
C LEU X 113 52.71 -38.14 59.87
N GLU X 114 53.76 -37.84 60.63
CA GLU X 114 53.83 -38.29 62.02
C GLU X 114 52.69 -37.70 62.83
N LYS X 115 52.42 -36.40 62.66
CA LYS X 115 51.34 -35.78 63.42
C LYS X 115 49.99 -36.39 63.06
N GLU X 116 49.74 -36.61 61.76
CA GLU X 116 48.47 -37.20 61.36
C GLU X 116 48.33 -38.61 61.93
N ILE X 117 49.40 -39.40 61.91
CA ILE X 117 49.34 -40.75 62.46
C ILE X 117 49.04 -40.72 63.94
N GLU X 118 49.69 -39.82 64.68
CA GLU X 118 49.44 -39.73 66.12
C GLU X 118 48.00 -39.36 66.41
N ASP X 119 47.46 -38.37 65.68
CA ASP X 119 46.09 -37.94 65.89
C ASP X 119 45.11 -39.08 65.58
N LEU X 120 45.32 -39.77 64.47
CA LEU X 120 44.43 -40.86 64.10
C LEU X 120 44.48 -41.99 65.13
N GLN X 121 45.68 -42.31 65.61
CA GLN X 121 45.80 -43.37 66.61
C GLN X 121 45.10 -43.00 67.90
N ARG X 122 45.26 -41.75 68.34
CA ARG X 122 44.58 -41.32 69.57
C ARG X 122 43.07 -41.38 69.41
N MET X 123 42.55 -40.90 68.27
CA MET X 123 41.10 -40.90 68.08
C MET X 123 40.57 -42.33 68.01
N LYS X 124 41.28 -43.23 67.33
CA LYS X 124 40.86 -44.62 67.29
C LYS X 124 40.88 -45.25 68.67
N GLU X 125 41.89 -44.92 69.48
CA GLU X 125 41.95 -45.46 70.83
C GLU X 125 40.74 -45.03 71.66
N GLN X 126 40.41 -43.73 71.60
CA GLN X 126 39.24 -43.27 72.34
C GLN X 126 37.95 -43.90 71.81
N GLN X 127 37.84 -44.08 70.50
CA GLN X 127 36.63 -44.70 69.95
C GLN X 127 36.52 -46.15 70.39
N GLU X 128 37.63 -46.88 70.43
CA GLU X 128 37.61 -48.28 70.83
C GLU X 128 37.38 -48.43 72.33
N LEU X 129 37.75 -47.42 73.12
CA LEU X 129 37.60 -47.54 74.58
C LEU X 129 36.15 -47.82 74.97
N SER X 130 35.20 -47.16 74.32
CA SER X 130 33.77 -47.35 74.63
C SER X 130 33.24 -48.53 73.82
N LEU X 131 33.26 -49.70 74.44
CA LEU X 131 32.81 -50.91 73.76
C LEU X 131 32.38 -51.93 74.80
N THR X 132 31.59 -52.91 74.36
CA THR X 132 31.07 -53.95 75.23
C THR X 132 31.91 -55.22 75.10
N GLU X 133 31.66 -56.16 76.03
CA GLU X 133 32.45 -57.39 76.07
C GLU X 133 32.22 -58.25 74.84
N ALA X 134 30.95 -58.47 74.48
CA ALA X 134 30.64 -59.26 73.28
C ALA X 134 31.16 -58.57 72.04
N SER X 135 31.03 -57.25 71.97
CA SER X 135 31.58 -56.50 70.85
C SER X 135 33.09 -56.64 70.79
N LEU X 136 33.75 -56.63 71.94
CA LEU X 136 35.20 -56.82 71.98
C LEU X 136 35.58 -58.21 71.47
N GLN X 137 34.81 -59.22 71.86
CA GLN X 137 35.09 -60.58 71.38
C GLN X 137 34.91 -60.67 69.87
N LYS X 138 33.85 -60.07 69.34
CA LYS X 138 33.65 -60.05 67.89
C LYS X 138 34.79 -59.31 67.19
N LEU X 139 35.23 -58.19 67.79
CA LEU X 139 36.37 -57.46 67.26
C LEU X 139 37.60 -58.34 67.17
N GLN X 140 37.91 -59.06 68.25
CA GLN X 140 39.09 -59.92 68.25
C GLN X 140 38.96 -61.03 67.22
N GLU X 141 37.77 -61.64 67.13
CA GLU X 141 37.57 -62.72 66.17
C GLU X 141 37.76 -62.24 64.74
N ARG X 142 37.16 -61.09 64.41
CA ARG X 142 37.27 -60.60 63.02
C ARG X 142 38.68 -60.11 62.72
N ARG X 143 39.38 -59.56 63.72
CA ARG X 143 40.77 -59.19 63.52
C ARG X 143 41.64 -60.42 63.27
N ASP X 144 41.37 -61.51 64.00
CA ASP X 144 42.07 -62.76 63.75
C ASP X 144 41.79 -63.28 62.35
N GLN X 145 40.53 -63.21 61.91
CA GLN X 145 40.19 -63.60 60.54
C GLN X 145 40.87 -62.67 59.53
N LYS Y 15 64.92 -48.33 -63.25
CA LYS Y 15 63.83 -47.63 -62.58
C LYS Y 15 62.84 -47.06 -63.60
N ASN Y 16 61.56 -47.21 -63.31
CA ASN Y 16 60.52 -46.77 -64.23
C ASN Y 16 59.25 -46.52 -63.43
N ILE Y 17 58.89 -45.24 -63.26
CA ILE Y 17 57.70 -44.85 -62.51
C ILE Y 17 56.63 -44.41 -63.50
N LYS Y 18 55.51 -45.13 -63.50
CA LYS Y 18 54.38 -44.82 -64.39
C LYS Y 18 53.08 -44.96 -63.62
N ILE Y 19 52.28 -43.91 -63.62
CA ILE Y 19 50.97 -43.99 -63.00
C ILE Y 19 50.03 -44.81 -63.89
N MET Y 20 49.02 -45.42 -63.27
CA MET Y 20 48.04 -46.17 -64.04
C MET Y 20 46.68 -46.05 -63.36
N ARG Y 21 45.64 -46.30 -64.16
CA ARG Y 21 44.26 -46.29 -63.69
C ARG Y 21 43.70 -47.70 -63.81
N LEU Y 22 43.17 -48.22 -62.71
CA LEU Y 22 42.66 -49.58 -62.67
C LEU Y 22 41.20 -49.63 -63.13
N VAL Y 23 40.76 -50.83 -63.50
CA VAL Y 23 39.36 -51.01 -63.93
C VAL Y 23 38.41 -50.68 -62.79
N THR Y 24 38.85 -50.83 -61.54
CA THR Y 24 38.03 -50.45 -60.41
C THR Y 24 37.76 -48.94 -60.41
N GLY Y 25 38.76 -48.15 -60.82
CA GLY Y 25 38.59 -46.71 -60.87
C GLY Y 25 39.51 -45.97 -59.91
N GLU Y 26 40.68 -46.52 -59.66
CA GLU Y 26 41.64 -45.94 -58.74
C GLU Y 26 42.98 -45.72 -59.44
N ASP Y 27 43.79 -44.85 -58.86
CA ASP Y 27 45.06 -44.44 -59.44
C ASP Y 27 46.20 -45.03 -58.64
N ILE Y 28 47.07 -45.79 -59.31
CA ILE Y 28 48.18 -46.50 -58.69
C ILE Y 28 49.47 -45.93 -59.25
N ILE Y 29 50.39 -45.56 -58.36
CA ILE Y 29 51.71 -45.05 -58.73
C ILE Y 29 52.78 -45.93 -58.09
N GLY Y 30 53.77 -46.33 -58.88
CA GLY Y 30 54.83 -47.16 -58.34
C GLY Y 30 55.75 -47.63 -59.44
N ASN Y 31 56.72 -48.46 -59.04
CA ASN Y 31 57.69 -49.00 -59.99
C ASN Y 31 57.03 -50.09 -60.84
N ILE Y 32 57.15 -49.98 -62.16
CA ILE Y 32 56.43 -50.83 -63.08
C ILE Y 32 57.41 -51.61 -63.93
N SER Y 33 57.02 -52.84 -64.29
CA SER Y 33 57.83 -53.64 -65.21
C SER Y 33 56.88 -54.48 -66.07
N GLU Y 34 56.85 -54.21 -67.37
CA GLU Y 34 55.96 -54.89 -68.31
C GLU Y 34 56.80 -55.88 -69.12
N SER Y 35 56.69 -57.16 -68.78
CA SER Y 35 57.49 -58.20 -69.42
C SER Y 35 56.75 -58.91 -70.55
N GLN Y 36 55.65 -59.57 -70.23
CA GLN Y 36 54.94 -60.42 -71.20
C GLN Y 36 53.43 -60.18 -71.08
N GLY Y 37 53.04 -58.90 -71.09
CA GLY Y 37 51.65 -58.56 -70.90
C GLY Y 37 51.32 -58.39 -69.43
N LEU Y 38 51.43 -59.46 -68.66
CA LEU Y 38 51.31 -59.35 -67.21
C LEU Y 38 52.43 -58.48 -66.68
N ILE Y 39 52.09 -57.56 -65.77
CA ILE Y 39 53.04 -56.56 -65.31
C ILE Y 39 53.31 -56.77 -63.83
N THR Y 40 54.50 -56.34 -63.42
CA THR Y 40 54.96 -56.42 -62.04
C THR Y 40 55.03 -55.02 -61.47
N ILE Y 41 54.51 -54.85 -60.25
CA ILE Y 41 54.42 -53.56 -59.59
C ILE Y 41 55.13 -53.65 -58.25
N LYS Y 42 55.96 -52.66 -57.96
CA LYS Y 42 56.70 -52.56 -56.71
C LYS Y 42 56.41 -51.23 -56.04
N LYS Y 43 56.19 -51.27 -54.73
CA LYS Y 43 55.96 -50.07 -53.92
C LYS Y 43 54.76 -49.27 -54.44
N ALA Y 44 53.67 -49.98 -54.72
CA ALA Y 44 52.48 -49.34 -55.24
C ALA Y 44 51.82 -48.46 -54.20
N PHE Y 45 51.24 -47.36 -54.67
CA PHE Y 45 50.56 -46.40 -53.81
C PHE Y 45 49.25 -45.97 -54.47
N VAL Y 46 48.18 -45.94 -53.69
CA VAL Y 46 46.90 -45.40 -54.12
C VAL Y 46 46.94 -43.89 -53.94
N ILE Y 47 46.59 -43.15 -54.99
CA ILE Y 47 46.55 -41.70 -54.95
C ILE Y 47 45.12 -41.27 -54.67
N ILE Y 48 44.89 -40.61 -53.54
CA ILE Y 48 43.57 -40.15 -53.13
C ILE Y 48 43.42 -38.70 -53.56
N PRO Y 49 42.41 -38.36 -54.36
CA PRO Y 49 42.24 -36.96 -54.76
C PRO Y 49 41.78 -36.08 -53.61
N MET Y 50 42.67 -35.23 -53.11
CA MET Y 50 42.35 -34.35 -51.98
C MET Y 50 43.33 -33.19 -51.91
N GLN Y 59 47.08 -30.22 -52.80
CA GLN Y 59 48.10 -31.21 -52.44
C GLN Y 59 47.65 -32.61 -52.83
N LEU Y 60 48.50 -33.59 -52.52
CA LEU Y 60 48.21 -34.99 -52.85
C LEU Y 60 48.37 -35.84 -51.60
N VAL Y 61 47.58 -36.91 -51.54
CA VAL Y 61 47.61 -37.87 -50.45
C VAL Y 61 47.84 -39.25 -51.04
N LEU Y 62 48.79 -39.99 -50.46
CA LEU Y 62 49.13 -41.33 -50.91
C LEU Y 62 48.87 -42.33 -49.79
N SER Y 63 48.42 -43.52 -50.15
CA SER Y 63 48.15 -44.58 -49.20
C SER Y 63 48.72 -45.88 -49.72
N PRO Y 64 49.01 -46.84 -48.84
CA PRO Y 64 49.47 -48.16 -49.32
C PRO Y 64 48.37 -48.85 -50.13
N TRP Y 65 48.80 -49.60 -51.14
CA TRP Y 65 47.85 -50.27 -52.01
C TRP Y 65 47.42 -51.61 -51.43
N GLN Y 66 48.36 -52.39 -50.89
CA GLN Y 66 48.10 -53.72 -50.36
C GLN Y 66 48.61 -53.79 -48.94
N PRO Y 67 47.87 -53.23 -47.98
CA PRO Y 67 48.33 -53.18 -46.58
C PRO Y 67 48.20 -54.50 -45.83
N TYR Y 68 47.93 -55.61 -46.51
CA TYR Y 68 47.81 -56.90 -45.85
C TYR Y 68 48.87 -57.90 -46.31
N THR Y 69 49.83 -57.47 -47.13
CA THR Y 69 50.86 -58.36 -47.64
C THR Y 69 52.22 -57.70 -47.51
N ASP Y 70 53.25 -58.53 -47.33
CA ASP Y 70 54.63 -58.08 -47.24
C ASP Y 70 55.43 -58.35 -48.52
N ASP Y 71 54.78 -58.87 -49.56
CA ASP Y 71 55.49 -59.16 -50.80
C ASP Y 71 56.01 -57.88 -51.44
N LYS Y 72 57.25 -57.94 -51.91
CA LYS Y 72 57.85 -56.77 -52.54
C LYS Y 72 57.18 -56.46 -53.88
N GLU Y 73 56.89 -57.48 -54.67
CA GLU Y 73 56.33 -57.31 -56.00
C GLU Y 73 54.97 -57.96 -56.10
N ILE Y 74 54.07 -57.34 -56.88
CA ILE Y 74 52.74 -57.87 -57.12
C ILE Y 74 52.53 -57.96 -58.62
N VAL Y 75 52.03 -59.11 -59.08
CA VAL Y 75 51.86 -59.37 -60.50
C VAL Y 75 50.38 -59.26 -60.84
N ILE Y 76 50.06 -58.40 -61.82
CA ILE Y 76 48.69 -58.23 -62.29
C ILE Y 76 48.68 -58.40 -63.80
N ASP Y 77 47.48 -58.37 -64.38
CA ASP Y 77 47.29 -58.60 -65.80
C ASP Y 77 46.96 -57.30 -66.51
N ASP Y 78 47.55 -57.11 -67.70
CA ASP Y 78 47.32 -55.89 -68.46
C ASP Y 78 45.88 -55.75 -68.93
N SER Y 79 45.11 -56.85 -68.94
CA SER Y 79 43.71 -56.78 -69.32
C SER Y 79 42.86 -56.08 -68.27
N GLU Y 80 43.42 -55.81 -67.09
CA GLU Y 80 42.68 -55.22 -65.98
C GLU Y 80 43.15 -53.81 -65.64
N VAL Y 81 43.88 -53.17 -66.56
CA VAL Y 81 44.35 -51.80 -66.37
C VAL Y 81 43.93 -50.97 -67.58
N ILE Y 82 43.42 -49.77 -67.32
CA ILE Y 82 42.89 -48.94 -68.39
C ILE Y 82 44.00 -48.14 -69.07
N THR Y 83 44.65 -47.26 -68.32
CA THR Y 83 45.66 -46.36 -68.87
C THR Y 83 46.93 -46.43 -68.04
N ILE Y 84 48.07 -46.42 -68.73
CA ILE Y 84 49.39 -46.38 -68.12
C ILE Y 84 50.15 -45.22 -68.74
N THR Y 85 50.48 -44.21 -67.93
CA THR Y 85 51.11 -43.00 -68.44
C THR Y 85 52.14 -42.48 -67.45
N SER Y 86 53.14 -41.76 -67.97
CA SER Y 86 54.16 -41.17 -67.12
C SER Y 86 53.60 -39.92 -66.43
N PRO Y 87 53.97 -39.70 -65.16
CA PRO Y 87 53.43 -38.55 -64.43
C PRO Y 87 54.30 -37.31 -64.54
N LYS Y 88 53.83 -36.20 -63.98
CA LYS Y 88 54.62 -34.98 -63.96
C LYS Y 88 55.64 -35.02 -62.83
N ASP Y 89 56.50 -34.00 -62.78
CA ASP Y 89 57.64 -34.04 -61.88
C ASP Y 89 57.26 -33.79 -60.43
N ASP Y 90 56.23 -32.99 -60.19
CA ASP Y 90 55.82 -32.70 -58.81
C ASP Y 90 55.40 -33.96 -58.08
N ILE Y 91 54.59 -34.80 -58.75
CA ILE Y 91 54.15 -36.05 -58.13
C ILE Y 91 55.34 -36.98 -57.94
N ILE Y 92 56.30 -36.95 -58.86
CA ILE Y 92 57.50 -37.77 -58.70
C ILE Y 92 58.26 -37.36 -57.43
N LYS Y 93 58.41 -36.05 -57.24
CA LYS Y 93 59.11 -35.56 -56.05
C LYS Y 93 58.37 -35.97 -54.78
N SER Y 94 57.04 -35.81 -54.77
CA SER Y 94 56.26 -36.17 -53.59
C SER Y 94 56.37 -37.66 -53.30
N TYR Y 95 56.30 -38.49 -54.35
CA TYR Y 95 56.40 -39.94 -54.18
C TYR Y 95 57.75 -40.34 -53.63
N GLU Y 96 58.84 -39.74 -54.15
CA GLU Y 96 60.16 -40.06 -53.64
C GLU Y 96 60.32 -39.64 -52.19
N SER Y 97 59.83 -38.44 -51.84
CA SER Y 97 59.91 -37.98 -50.46
C SER Y 97 59.16 -38.93 -49.53
N HIS Y 98 57.95 -39.33 -49.91
CA HIS Y 98 57.17 -40.21 -49.06
C HIS Y 98 57.83 -41.57 -48.92
N THR Y 99 58.37 -42.11 -50.02
CA THR Y 99 58.97 -43.44 -49.97
C THR Y 99 60.31 -43.46 -49.25
N ARG Y 100 60.97 -42.30 -49.09
CA ARG Y 100 62.14 -42.30 -48.23
C ARG Y 100 61.78 -42.05 -46.77
N VAL Y 101 60.75 -41.24 -46.51
CA VAL Y 101 60.31 -41.02 -45.12
C VAL Y 101 59.83 -42.33 -44.51
N LEU Y 102 59.08 -43.13 -45.27
CA LEU Y 102 58.61 -44.40 -44.72
C LEU Y 102 59.77 -45.30 -44.33
N GLU Y 103 60.79 -45.41 -45.19
CA GLU Y 103 61.94 -46.24 -44.88
C GLU Y 103 62.68 -45.72 -43.65
N ASN Y 104 62.85 -44.40 -43.56
CA ASN Y 104 63.53 -43.83 -42.41
C ASN Y 104 62.81 -44.16 -41.11
N LYS Y 105 61.47 -44.00 -41.12
CA LYS Y 105 60.70 -44.31 -39.92
C LYS Y 105 60.76 -45.79 -39.58
N GLN Y 106 60.76 -46.66 -40.61
CA GLN Y 106 60.88 -48.09 -40.36
C GLN Y 106 62.21 -48.42 -39.67
N VAL Y 107 63.30 -47.84 -40.15
CA VAL Y 107 64.60 -48.09 -39.53
C VAL Y 107 64.64 -47.57 -38.10
N GLU Y 108 64.07 -46.38 -37.87
CA GLU Y 108 64.04 -45.83 -36.52
C GLU Y 108 63.28 -46.75 -35.57
N GLU Y 109 62.14 -47.28 -36.02
CA GLU Y 109 61.38 -48.19 -35.18
C GLU Y 109 62.14 -49.49 -34.93
N ILE Y 110 62.90 -49.98 -35.92
CA ILE Y 110 63.71 -51.17 -35.70
C ILE Y 110 64.74 -50.93 -34.61
N LEU Y 111 65.41 -49.78 -34.66
CA LEU Y 111 66.37 -49.45 -33.61
C LEU Y 111 65.70 -49.36 -32.24
N ARG Y 112 64.54 -48.71 -32.18
CA ARG Y 112 63.82 -48.61 -30.91
C ARG Y 112 63.51 -50.00 -30.34
N LEU Y 113 62.98 -50.89 -31.19
CA LEU Y 113 62.63 -52.21 -30.71
C LEU Y 113 63.85 -52.99 -30.24
N GLU Y 114 64.95 -52.90 -31.00
CA GLU Y 114 66.16 -53.63 -30.59
C GLU Y 114 66.67 -53.13 -29.24
N LYS Y 115 66.69 -51.80 -29.05
CA LYS Y 115 67.17 -51.27 -27.78
C LYS Y 115 66.28 -51.71 -26.62
N GLU Y 116 64.96 -51.66 -26.82
CA GLU Y 116 64.04 -52.07 -25.76
C GLU Y 116 64.23 -53.54 -25.43
N ILE Y 117 64.41 -54.39 -26.45
CA ILE Y 117 64.61 -55.82 -26.21
C ILE Y 117 65.89 -56.05 -25.43
N GLU Y 118 66.97 -55.37 -25.81
CA GLU Y 118 68.24 -55.55 -25.10
C GLU Y 118 68.11 -55.13 -23.63
N ASP Y 119 67.47 -53.98 -23.38
CA ASP Y 119 67.32 -53.52 -22.01
C ASP Y 119 66.48 -54.50 -21.19
N LEU Y 120 65.37 -54.98 -21.75
CA LEU Y 120 64.52 -55.91 -21.03
C LEU Y 120 65.25 -57.21 -20.74
N GLN Y 121 66.02 -57.71 -21.72
CA GLN Y 121 66.76 -58.95 -21.51
C GLN Y 121 67.80 -58.80 -20.41
N ARG Y 122 68.52 -57.67 -20.41
CA ARG Y 122 69.52 -57.44 -19.37
C ARG Y 122 68.87 -57.36 -18.00
N MET Y 123 67.75 -56.63 -17.89
CA MET Y 123 67.11 -56.50 -16.58
C MET Y 123 66.57 -57.84 -16.10
N LYS Y 124 66.00 -58.64 -17.00
CA LYS Y 124 65.52 -59.97 -16.62
C LYS Y 124 66.68 -60.85 -16.18
N GLU Y 125 67.82 -60.76 -16.87
CA GLU Y 125 68.98 -61.56 -16.48
C GLU Y 125 69.44 -61.21 -15.06
N GLN Y 126 69.55 -59.91 -14.76
CA GLN Y 126 69.95 -59.53 -13.41
C GLN Y 126 68.92 -59.96 -12.37
N GLN Y 127 67.62 -59.85 -12.70
CA GLN Y 127 66.61 -60.28 -11.75
C GLN Y 127 66.67 -61.78 -11.49
N GLU Y 128 66.91 -62.58 -12.53
CA GLU Y 128 66.99 -64.02 -12.38
C GLU Y 128 68.27 -64.45 -11.67
N LEU Y 129 69.34 -63.64 -11.75
CA LEU Y 129 70.60 -64.02 -11.13
C LEU Y 129 70.43 -64.28 -9.63
N SER Y 130 69.67 -63.44 -8.95
CA SER Y 130 69.45 -63.59 -7.50
C SER Y 130 68.30 -64.55 -7.27
N LEU Y 131 68.62 -65.83 -7.09
CA LEU Y 131 67.60 -66.85 -6.88
C LEU Y 131 68.22 -68.02 -6.13
N THR Y 132 67.35 -68.83 -5.53
CA THR Y 132 67.77 -69.98 -4.76
C THR Y 132 67.66 -71.26 -5.59
N GLU Y 133 68.23 -72.34 -5.05
CA GLU Y 133 68.28 -73.60 -5.79
C GLU Y 133 66.88 -74.19 -5.97
N ALA Y 134 66.10 -74.26 -4.89
CA ALA Y 134 64.73 -74.78 -5.00
C ALA Y 134 63.88 -73.88 -5.90
N SER Y 135 64.06 -72.57 -5.80
CA SER Y 135 63.35 -71.66 -6.69
C SER Y 135 63.76 -71.89 -8.14
N LEU Y 136 65.05 -72.14 -8.37
CA LEU Y 136 65.51 -72.43 -9.73
C LEU Y 136 64.88 -73.72 -10.25
N GLN Y 137 64.77 -74.74 -9.41
CA GLN Y 137 64.15 -75.99 -9.82
C GLN Y 137 62.66 -75.78 -10.16
N LYS Y 138 61.96 -75.00 -9.34
CA LYS Y 138 60.56 -74.70 -9.63
C LYS Y 138 60.44 -73.91 -10.92
N LEU Y 139 61.36 -72.97 -11.14
CA LEU Y 139 61.39 -72.21 -12.39
C LEU Y 139 61.52 -73.14 -13.59
N GLN Y 140 62.48 -74.07 -13.53
CA GLN Y 140 62.68 -75.00 -14.64
C GLN Y 140 61.46 -75.88 -14.86
N GLU Y 141 60.86 -76.37 -13.77
CA GLU Y 141 59.69 -77.23 -13.90
C GLU Y 141 58.53 -76.49 -14.54
N ARG Y 142 58.26 -75.27 -14.09
CA ARG Y 142 57.13 -74.53 -14.65
C ARG Y 142 57.41 -74.08 -16.08
N ARG Y 143 58.66 -73.78 -16.40
CA ARG Y 143 59.01 -73.48 -17.79
C ARG Y 143 58.80 -74.69 -18.68
N ASP Y 144 59.16 -75.88 -18.19
CA ASP Y 144 58.90 -77.10 -18.94
C ASP Y 144 57.40 -77.32 -19.14
N GLN Y 145 56.61 -77.09 -18.10
CA GLN Y 145 55.16 -77.17 -18.22
C GLN Y 145 54.63 -76.11 -19.19
N LYS Z 15 -20.74 -90.51 43.84
CA LYS Z 15 -20.22 -89.36 43.12
C LYS Z 15 -18.78 -89.60 42.68
N ASN Z 16 -18.47 -89.22 41.44
CA ASN Z 16 -17.12 -89.46 40.89
C ASN Z 16 -16.89 -88.44 39.79
N ILE Z 17 -16.03 -87.47 40.04
CA ILE Z 17 -15.71 -86.43 39.08
C ILE Z 17 -14.33 -86.72 38.51
N LYS Z 18 -14.26 -86.93 37.20
CA LYS Z 18 -13.01 -87.21 36.50
C LYS Z 18 -12.98 -86.46 35.19
N ILE Z 19 -11.93 -85.66 34.97
CA ILE Z 19 -11.78 -84.97 33.70
C ILE Z 19 -11.33 -85.98 32.65
N MET Z 20 -11.63 -85.70 31.39
CA MET Z 20 -11.19 -86.55 30.30
C MET Z 20 -10.90 -85.71 29.07
N ARG Z 21 -10.10 -86.28 28.18
CA ARG Z 21 -9.76 -85.65 26.91
C ARG Z 21 -10.32 -86.49 25.77
N LEU Z 22 -11.09 -85.86 24.90
CA LEU Z 22 -11.74 -86.57 23.81
C LEU Z 22 -10.83 -86.67 22.60
N VAL Z 23 -11.15 -87.61 21.70
CA VAL Z 23 -10.37 -87.78 20.47
C VAL Z 23 -10.43 -86.52 19.62
N THR Z 24 -11.52 -85.75 19.74
CA THR Z 24 -11.60 -84.49 19.02
C THR Z 24 -10.52 -83.52 19.50
N GLY Z 25 -10.21 -83.52 20.80
CA GLY Z 25 -9.20 -82.65 21.33
C GLY Z 25 -9.74 -81.64 22.33
N GLU Z 26 -10.79 -82.01 23.04
CA GLU Z 26 -11.43 -81.13 24.01
C GLU Z 26 -11.46 -81.79 25.37
N ASP Z 27 -11.64 -80.97 26.41
CA ASP Z 27 -11.59 -81.40 27.79
C ASP Z 27 -13.00 -81.37 28.39
N ILE Z 28 -13.44 -82.51 28.88
CA ILE Z 28 -14.79 -82.69 29.42
C ILE Z 28 -14.67 -83.02 30.91
N ILE Z 29 -15.41 -82.28 31.73
CA ILE Z 29 -15.46 -82.51 33.17
C ILE Z 29 -16.90 -82.77 33.58
N GLY Z 30 -17.12 -83.80 34.39
CA GLY Z 30 -18.47 -84.10 34.84
C GLY Z 30 -18.49 -85.41 35.60
N ASN Z 31 -19.71 -85.80 35.99
CA ASN Z 31 -19.90 -87.04 36.71
C ASN Z 31 -19.77 -88.22 35.77
N ILE Z 32 -18.93 -89.20 36.14
CA ILE Z 32 -18.56 -90.29 35.25
C ILE Z 32 -18.97 -91.62 35.88
N SER Z 33 -19.36 -92.57 35.03
CA SER Z 33 -19.66 -93.92 35.50
C SER Z 33 -19.22 -94.91 34.42
N GLU Z 34 -18.22 -95.73 34.72
CA GLU Z 34 -17.67 -96.70 33.78
C GLU Z 34 -18.16 -98.09 34.17
N SER Z 35 -19.15 -98.60 33.43
CA SER Z 35 -19.77 -99.88 33.73
C SER Z 35 -19.18 -101.04 32.94
N GLN Z 36 -19.30 -100.99 31.61
CA GLN Z 36 -18.90 -102.11 30.76
C GLN Z 36 -18.13 -101.59 29.55
N GLY Z 37 -17.15 -100.74 29.80
CA GLY Z 37 -16.41 -100.11 28.72
C GLY Z 37 -17.06 -98.82 28.29
N LEU Z 38 -18.28 -98.90 27.75
CA LEU Z 38 -19.05 -97.72 27.47
C LEU Z 38 -19.35 -96.98 28.77
N ILE Z 39 -19.18 -95.67 28.76
CA ILE Z 39 -19.27 -94.88 29.98
C ILE Z 39 -20.45 -93.92 29.88
N THR Z 40 -20.97 -93.56 31.05
CA THR Z 40 -22.09 -92.65 31.19
C THR Z 40 -21.59 -91.36 31.82
N ILE Z 41 -22.01 -90.24 31.25
CA ILE Z 41 -21.55 -88.92 31.68
C ILE Z 41 -22.77 -88.08 32.04
N LYS Z 42 -22.70 -87.41 33.19
CA LYS Z 42 -23.76 -86.53 33.67
C LYS Z 42 -23.20 -85.15 33.94
N LYS Z 43 -23.95 -84.12 33.53
CA LYS Z 43 -23.58 -82.72 33.75
C LYS Z 43 -22.21 -82.41 33.17
N ALA Z 44 -21.99 -82.84 31.93
CA ALA Z 44 -20.71 -82.63 31.28
C ALA Z 44 -20.49 -81.15 30.96
N PHE Z 45 -19.24 -80.72 31.04
CA PHE Z 45 -18.86 -79.35 30.75
C PHE Z 45 -17.58 -79.34 29.94
N VAL Z 46 -17.56 -78.52 28.88
CA VAL Z 46 -16.36 -78.27 28.10
C VAL Z 46 -15.53 -77.20 28.81
N ILE Z 47 -14.26 -77.50 29.03
CA ILE Z 47 -13.33 -76.56 29.66
C ILE Z 47 -12.59 -75.81 28.56
N ILE Z 48 -12.78 -74.50 28.51
CA ILE Z 48 -12.13 -73.66 27.51
C ILE Z 48 -10.88 -73.05 28.12
N PRO Z 49 -9.70 -73.26 27.53
CA PRO Z 49 -8.48 -72.68 28.11
C PRO Z 49 -8.42 -71.17 27.93
N MET Z 50 -8.61 -70.44 29.02
CA MET Z 50 -8.61 -68.98 28.97
C MET Z 50 -8.37 -68.40 30.36
N GLN Z 59 -7.64 -67.96 35.16
CA GLN Z 59 -8.95 -68.49 35.53
C GLN Z 59 -9.40 -69.56 34.54
N LEU Z 60 -10.59 -70.11 34.76
CA LEU Z 60 -11.14 -71.15 33.92
C LEU Z 60 -12.54 -70.75 33.44
N VAL Z 61 -12.89 -71.22 32.26
CA VAL Z 61 -14.20 -70.98 31.66
C VAL Z 61 -14.82 -72.31 31.31
N LEU Z 62 -16.08 -72.51 31.69
CA LEU Z 62 -16.79 -73.74 31.43
C LEU Z 62 -18.02 -73.45 30.56
N SER Z 63 -18.33 -74.36 29.67
CA SER Z 63 -19.48 -74.24 28.79
C SER Z 63 -20.24 -75.56 28.75
N PRO Z 64 -21.53 -75.52 28.42
CA PRO Z 64 -22.28 -76.78 28.27
C PRO Z 64 -21.71 -77.61 27.14
N TRP Z 65 -21.75 -78.94 27.32
CA TRP Z 65 -21.21 -79.84 26.31
C TRP Z 65 -22.22 -80.12 25.21
N GLN Z 66 -23.48 -80.37 25.58
CA GLN Z 66 -24.54 -80.74 24.64
C GLN Z 66 -25.70 -79.79 24.83
N PRO Z 67 -25.60 -78.57 24.30
CA PRO Z 67 -26.65 -77.57 24.50
C PRO Z 67 -27.90 -77.77 23.65
N TYR Z 68 -28.06 -78.92 23.00
CA TYR Z 68 -29.24 -79.20 22.18
C TYR Z 68 -30.07 -80.36 22.72
N THR Z 69 -29.72 -80.90 23.88
CA THR Z 69 -30.43 -82.04 24.44
C THR Z 69 -30.73 -81.78 25.92
N ASP Z 70 -31.83 -82.37 26.39
CA ASP Z 70 -32.22 -82.28 27.79
C ASP Z 70 -31.97 -83.58 28.55
N ASP Z 71 -31.35 -84.57 27.91
CA ASP Z 71 -31.08 -85.83 28.59
C ASP Z 71 -30.12 -85.64 29.74
N LYS Z 72 -30.42 -86.27 30.87
CA LYS Z 72 -29.56 -86.16 32.04
C LYS Z 72 -28.23 -86.86 31.82
N GLU Z 73 -28.24 -88.03 31.20
CA GLU Z 73 -27.05 -88.84 31.02
C GLU Z 73 -26.78 -89.06 29.54
N ILE Z 74 -25.50 -89.09 29.18
CA ILE Z 74 -25.06 -89.34 27.80
C ILE Z 74 -24.10 -90.52 27.82
N VAL Z 75 -24.30 -91.48 26.92
CA VAL Z 75 -23.51 -92.69 26.88
C VAL Z 75 -22.55 -92.60 25.70
N ILE Z 76 -21.25 -92.75 25.98
CA ILE Z 76 -20.23 -92.75 24.94
C ILE Z 76 -19.39 -94.01 25.09
N ASP Z 77 -18.46 -94.20 24.15
CA ASP Z 77 -17.63 -95.41 24.10
C ASP Z 77 -16.21 -95.07 24.54
N ASP Z 78 -15.62 -95.98 25.32
CA ASP Z 78 -14.26 -95.77 25.82
C ASP Z 78 -13.23 -95.77 24.71
N SER Z 79 -13.56 -96.32 23.54
CA SER Z 79 -12.64 -96.29 22.40
C SER Z 79 -12.47 -94.89 21.83
N GLU Z 80 -13.29 -93.93 22.25
CA GLU Z 80 -13.27 -92.58 21.71
C GLU Z 80 -12.80 -91.55 22.73
N VAL Z 81 -12.15 -91.99 23.81
CA VAL Z 81 -11.62 -91.10 24.84
C VAL Z 81 -10.15 -91.42 25.04
N ILE Z 82 -9.32 -90.39 25.13
CA ILE Z 82 -7.88 -90.59 25.22
C ILE Z 82 -7.46 -90.84 26.66
N THR Z 83 -7.66 -89.85 27.53
CA THR Z 83 -7.20 -89.91 28.91
C THR Z 83 -8.34 -89.56 29.86
N ILE Z 84 -8.43 -90.31 30.96
CA ILE Z 84 -9.39 -90.06 32.02
C ILE Z 84 -8.61 -89.97 33.33
N THR Z 85 -8.62 -88.80 33.96
CA THR Z 85 -7.83 -88.56 35.15
C THR Z 85 -8.58 -87.68 36.13
N SER Z 86 -8.25 -87.82 37.41
CA SER Z 86 -8.87 -87.00 38.45
C SER Z 86 -8.27 -85.60 38.45
N PRO Z 87 -9.07 -84.57 38.66
CA PRO Z 87 -8.56 -83.21 38.61
C PRO Z 87 -8.10 -82.68 39.97
N LYS Z 88 -7.53 -81.49 40.00
CA LYS Z 88 -7.12 -80.88 41.25
C LYS Z 88 -8.33 -80.23 41.93
N ASP Z 89 -8.10 -79.74 43.16
CA ASP Z 89 -9.21 -79.29 43.99
C ASP Z 89 -9.78 -77.95 43.54
N ASP Z 90 -8.95 -77.07 42.98
CA ASP Z 90 -9.44 -75.76 42.54
C ASP Z 90 -10.51 -75.90 41.46
N ILE Z 91 -10.26 -76.76 40.48
CA ILE Z 91 -11.24 -76.98 39.42
C ILE Z 91 -12.50 -77.64 39.98
N ILE Z 92 -12.33 -78.51 40.98
CA ILE Z 92 -13.50 -79.12 41.62
C ILE Z 92 -14.37 -78.05 42.26
N LYS Z 93 -13.74 -77.12 42.98
CA LYS Z 93 -14.48 -76.03 43.63
C LYS Z 93 -15.20 -75.17 42.58
N SER Z 94 -14.49 -74.82 41.51
CA SER Z 94 -15.10 -73.99 40.47
C SER Z 94 -16.28 -74.70 39.83
N TYR Z 95 -16.12 -76.00 39.54
CA TYR Z 95 -17.19 -76.77 38.92
C TYR Z 95 -18.41 -76.86 39.83
N GLU Z 96 -18.20 -77.11 41.13
CA GLU Z 96 -19.33 -77.16 42.06
C GLU Z 96 -20.04 -75.82 42.15
N SER Z 97 -19.26 -74.73 42.23
CA SER Z 97 -19.87 -73.41 42.29
C SER Z 97 -20.71 -73.12 41.06
N HIS Z 98 -20.18 -73.44 39.88
CA HIS Z 98 -20.91 -73.18 38.65
C HIS Z 98 -22.16 -74.03 38.57
N THR Z 99 -22.07 -75.31 38.96
CA THR Z 99 -23.21 -76.20 38.85
C THR Z 99 -24.28 -75.92 39.89
N ARG Z 100 -23.95 -75.23 40.98
CA ARG Z 100 -25.03 -74.77 41.87
C ARG Z 100 -25.61 -73.44 41.44
N VAL Z 101 -24.79 -72.54 40.87
CA VAL Z 101 -25.30 -71.27 40.38
C VAL Z 101 -26.31 -71.50 39.25
N LEU Z 102 -26.00 -72.44 38.35
CA LEU Z 102 -26.93 -72.71 37.26
C LEU Z 102 -28.28 -73.19 37.77
N GLU Z 103 -28.28 -74.11 38.74
CA GLU Z 103 -29.52 -74.59 39.31
C GLU Z 103 -30.29 -73.48 40.00
N ASN Z 104 -29.59 -72.63 40.76
CA ASN Z 104 -30.26 -71.53 41.43
C ASN Z 104 -30.93 -70.59 40.44
N LYS Z 105 -30.23 -70.26 39.36
CA LYS Z 105 -30.82 -69.38 38.35
C LYS Z 105 -32.00 -70.05 37.65
N GLN Z 106 -31.92 -71.36 37.41
CA GLN Z 106 -33.03 -72.07 36.80
C GLN Z 106 -34.27 -72.00 37.69
N VAL Z 107 -34.11 -72.21 38.99
CA VAL Z 107 -35.24 -72.16 39.91
C VAL Z 107 -35.82 -70.74 39.95
N GLU Z 108 -34.95 -69.74 39.99
CA GLU Z 108 -35.43 -68.35 40.01
C GLU Z 108 -36.26 -68.05 38.76
N GLU Z 109 -35.80 -68.51 37.59
CA GLU Z 109 -36.56 -68.27 36.37
C GLU Z 109 -37.88 -69.02 36.39
N ILE Z 110 -37.91 -70.23 36.97
CA ILE Z 110 -39.18 -70.95 37.07
C ILE Z 110 -40.19 -70.16 37.91
N LEU Z 111 -39.72 -69.62 39.05
CA LEU Z 111 -40.61 -68.80 39.88
C LEU Z 111 -41.10 -67.57 39.11
N ARG Z 112 -40.20 -66.90 38.39
CA ARG Z 112 -40.60 -65.73 37.61
C ARG Z 112 -41.69 -66.09 36.61
N LEU Z 113 -41.49 -67.17 35.87
CA LEU Z 113 -42.46 -67.56 34.86
C LEU Z 113 -43.80 -67.91 35.49
N GLU Z 114 -43.79 -68.65 36.61
CA GLU Z 114 -45.04 -69.01 37.25
C GLU Z 114 -45.80 -67.77 37.72
N LYS Z 115 -45.09 -66.81 38.32
CA LYS Z 115 -45.76 -65.60 38.79
C LYS Z 115 -46.36 -64.81 37.62
N GLU Z 116 -45.60 -64.69 36.53
CA GLU Z 116 -46.12 -63.95 35.37
C GLU Z 116 -47.34 -64.64 34.79
N ILE Z 117 -47.32 -65.97 34.71
CA ILE Z 117 -48.46 -66.71 34.18
C ILE Z 117 -49.68 -66.50 35.05
N GLU Z 118 -49.51 -66.57 36.38
CA GLU Z 118 -50.64 -66.39 37.28
C GLU Z 118 -51.23 -64.98 37.14
N ASP Z 119 -50.37 -63.97 37.08
CA ASP Z 119 -50.86 -62.60 36.94
C ASP Z 119 -51.61 -62.41 35.62
N LEU Z 120 -51.05 -62.93 34.53
CA LEU Z 120 -51.71 -62.78 33.23
C LEU Z 120 -53.05 -63.50 33.22
N GLN Z 121 -53.11 -64.71 33.80
CA GLN Z 121 -54.37 -65.45 33.84
C GLN Z 121 -55.42 -64.71 34.64
N ARG Z 122 -55.04 -64.16 35.80
CA ARG Z 122 -56.00 -63.41 36.61
C ARG Z 122 -56.52 -62.19 35.86
N MET Z 123 -55.61 -61.44 35.22
CA MET Z 123 -56.04 -60.24 34.50
C MET Z 123 -56.95 -60.60 33.33
N LYS Z 124 -56.63 -61.67 32.60
CA LYS Z 124 -57.50 -62.10 31.51
C LYS Z 124 -58.86 -62.53 32.03
N GLU Z 125 -58.90 -63.21 33.18
CA GLU Z 125 -60.17 -63.63 33.75
C GLU Z 125 -61.04 -62.42 34.08
N GLN Z 126 -60.46 -61.41 34.74
CA GLN Z 126 -61.23 -60.22 35.06
C GLN Z 126 -61.68 -59.49 33.79
N GLN Z 127 -60.83 -59.43 32.77
CA GLN Z 127 -61.23 -58.77 31.53
C GLN Z 127 -62.38 -59.51 30.84
N GLU Z 128 -62.33 -60.84 30.84
CA GLU Z 128 -63.38 -61.63 30.21
C GLU Z 128 -64.69 -61.59 31.01
N LEU Z 129 -64.61 -61.36 32.33
CA LEU Z 129 -65.82 -61.36 33.16
C LEU Z 129 -66.83 -60.35 32.65
N SER Z 130 -66.39 -59.16 32.26
CA SER Z 130 -67.28 -58.10 31.79
C SER Z 130 -67.50 -58.29 30.28
N LEU Z 131 -68.57 -59.00 29.94
CA LEU Z 131 -68.88 -59.27 28.54
C LEU Z 131 -70.38 -59.54 28.42
N THR Z 132 -70.87 -59.41 27.18
CA THR Z 132 -72.28 -59.61 26.89
C THR Z 132 -72.52 -61.01 26.32
N GLU Z 133 -73.81 -61.38 26.23
CA GLU Z 133 -74.17 -62.72 25.80
C GLU Z 133 -73.80 -62.95 24.34
N ALA Z 134 -74.14 -62.02 23.45
CA ALA Z 134 -73.79 -62.16 22.05
C ALA Z 134 -72.27 -62.14 21.86
N SER Z 135 -71.59 -61.29 22.62
CA SER Z 135 -70.13 -61.26 22.57
C SER Z 135 -69.55 -62.60 23.05
N LEU Z 136 -70.15 -63.18 24.09
CA LEU Z 136 -69.70 -64.49 24.56
C LEU Z 136 -69.91 -65.56 23.49
N GLN Z 137 -71.03 -65.52 22.79
CA GLN Z 137 -71.27 -66.48 21.73
C GLN Z 137 -70.26 -66.33 20.60
N LYS Z 138 -69.96 -65.08 20.21
CA LYS Z 138 -68.94 -64.86 19.19
C LYS Z 138 -67.58 -65.34 19.66
N LEU Z 139 -67.27 -65.10 20.93
CA LEU Z 139 -66.03 -65.60 21.52
C LEU Z 139 -65.93 -67.12 21.38
N GLN Z 140 -67.00 -67.82 21.76
CA GLN Z 140 -66.98 -69.28 21.69
C GLN Z 140 -66.84 -69.75 20.24
N GLU Z 141 -67.57 -69.10 19.32
CA GLU Z 141 -67.49 -69.51 17.91
C GLU Z 141 -66.09 -69.32 17.36
N ARG Z 142 -65.47 -68.18 17.63
CA ARG Z 142 -64.14 -67.93 17.09
C ARG Z 142 -63.09 -68.80 17.75
N ARG Z 143 -63.27 -69.11 19.04
CA ARG Z 143 -62.37 -70.05 19.70
C ARG Z 143 -62.49 -71.43 19.10
N ASP Z 144 -63.72 -71.86 18.77
CA ASP Z 144 -63.91 -73.14 18.09
C ASP Z 144 -63.24 -73.14 16.73
N GLN Z 145 -63.38 -72.05 15.98
CA GLN Z 145 -62.69 -71.91 14.70
C GLN Z 145 -61.18 -71.91 14.89
N LYS AA 15 48.15 -77.46 -47.39
CA LYS AA 15 47.59 -76.20 -46.90
C LYS AA 15 48.25 -75.01 -47.58
N ASN AA 16 47.44 -74.04 -47.99
CA ASN AA 16 47.96 -72.88 -48.71
C ASN AA 16 46.99 -71.72 -48.50
N ILE AA 17 47.39 -70.74 -47.70
CA ILE AA 17 46.56 -69.58 -47.41
C ILE AA 17 47.11 -68.39 -48.19
N LYS AA 18 46.28 -67.84 -49.08
CA LYS AA 18 46.67 -66.69 -49.89
C LYS AA 18 45.49 -65.73 -49.98
N ILE AA 19 45.74 -64.47 -49.61
CA ILE AA 19 44.70 -63.46 -49.74
C ILE AA 19 44.56 -63.08 -51.21
N MET AA 20 43.38 -62.61 -51.59
CA MET AA 20 43.16 -62.15 -52.95
C MET AA 20 42.18 -60.99 -52.96
N ARG AA 21 42.23 -60.23 -54.04
CA ARG AA 21 41.34 -59.09 -54.25
C ARG AA 21 40.45 -59.39 -55.46
N LEU AA 22 39.14 -59.29 -55.26
CA LEU AA 22 38.18 -59.61 -56.31
C LEU AA 22 37.92 -58.39 -57.19
N VAL AA 23 37.39 -58.66 -58.39
CA VAL AA 23 37.05 -57.59 -59.31
C VAL AA 23 36.00 -56.66 -58.71
N THR AA 24 35.16 -57.19 -57.82
CA THR AA 24 34.19 -56.35 -57.13
C THR AA 24 34.89 -55.30 -56.27
N GLY AA 25 36.00 -55.67 -55.64
CA GLY AA 25 36.74 -54.75 -54.82
C GLY AA 25 36.78 -55.15 -53.36
N GLU AA 26 36.76 -56.46 -53.10
CA GLU AA 26 36.76 -56.98 -51.74
C GLU AA 26 37.94 -57.93 -51.56
N ASP AA 27 38.29 -58.17 -50.31
CA ASP AA 27 39.46 -58.97 -49.94
C ASP AA 27 38.99 -60.30 -49.35
N ILE AA 28 39.44 -61.39 -49.95
CA ILE AA 28 39.05 -62.74 -49.58
C ILE AA 28 40.28 -63.48 -49.08
N ILE AA 29 40.17 -64.10 -47.91
CA ILE AA 29 41.24 -64.90 -47.32
C ILE AA 29 40.72 -66.30 -47.06
N GLY AA 30 41.49 -67.30 -47.45
CA GLY AA 30 41.08 -68.68 -47.24
C GLY AA 30 42.02 -69.65 -47.91
N ASN AA 31 41.67 -70.93 -47.81
CA ASN AA 31 42.47 -71.97 -48.42
C ASN AA 31 42.26 -71.97 -49.93
N ILE AA 32 43.36 -71.95 -50.69
CA ILE AA 32 43.30 -71.76 -52.13
C ILE AA 32 43.93 -72.97 -52.82
N SER AA 33 43.39 -73.29 -54.00
CA SER AA 33 43.97 -74.35 -54.83
C SER AA 33 43.79 -73.97 -56.29
N GLU AA 34 44.90 -73.73 -56.99
CA GLU AA 34 44.89 -73.32 -58.38
C GLU AA 34 45.30 -74.51 -59.25
N SER AA 35 44.31 -75.15 -59.89
CA SER AA 35 44.57 -76.35 -60.67
C SER AA 35 44.74 -76.05 -62.17
N GLN AA 36 43.71 -75.51 -62.81
CA GLN AA 36 43.70 -75.34 -64.26
C GLN AA 36 43.15 -73.95 -64.60
N GLY AA 37 43.66 -72.92 -63.94
CA GLY AA 37 43.15 -71.59 -64.12
C GLY AA 37 42.02 -71.30 -63.15
N LEU AA 38 40.91 -72.02 -63.31
CA LEU AA 38 39.84 -71.94 -62.32
C LEU AA 38 40.35 -72.44 -60.97
N ILE AA 39 40.03 -71.69 -59.92
CA ILE AA 39 40.59 -71.96 -58.60
C ILE AA 39 39.48 -72.38 -57.65
N THR AA 40 39.86 -73.16 -56.65
CA THR AA 40 38.98 -73.67 -55.62
C THR AA 40 39.32 -72.98 -54.30
N ILE AA 41 38.29 -72.53 -53.59
CA ILE AA 41 38.45 -71.77 -52.35
C ILE AA 41 37.68 -72.49 -51.26
N LYS AA 42 38.33 -72.64 -50.10
CA LYS AA 42 37.73 -73.28 -48.94
C LYS AA 42 37.83 -72.35 -47.74
N LYS AA 43 36.74 -72.27 -46.98
CA LYS AA 43 36.67 -71.46 -45.76
C LYS AA 43 37.01 -70.00 -46.05
N ALA AA 44 36.40 -69.46 -47.10
CA ALA AA 44 36.66 -68.08 -47.50
C ALA AA 44 36.10 -67.10 -46.48
N PHE AA 45 36.80 -65.99 -46.30
CA PHE AA 45 36.38 -64.93 -45.38
C PHE AA 45 36.59 -63.57 -46.04
N VAL AA 46 35.59 -62.71 -45.91
CA VAL AA 46 35.70 -61.32 -46.33
C VAL AA 46 36.38 -60.53 -45.21
N ILE AA 47 37.42 -59.79 -45.57
CA ILE AA 47 38.14 -58.95 -44.62
C ILE AA 47 37.58 -57.54 -44.72
N ILE AA 48 37.01 -57.05 -43.62
CA ILE AA 48 36.41 -55.72 -43.56
C ILE AA 48 37.45 -54.77 -42.97
N PRO AA 49 37.82 -53.70 -43.65
CA PRO AA 49 38.80 -52.76 -43.08
C PRO AA 49 38.22 -51.95 -41.94
N MET AA 50 38.65 -52.26 -40.71
CA MET AA 50 38.15 -51.58 -39.53
C MET AA 50 39.10 -51.77 -38.35
N GLN AA 59 42.84 -53.22 -35.59
CA GLN AA 59 42.45 -54.63 -35.60
C GLN AA 59 41.81 -54.99 -36.93
N LEU AA 60 41.41 -56.27 -37.05
CA LEU AA 60 40.79 -56.77 -38.26
C LEU AA 60 39.47 -57.44 -37.94
N VAL AA 61 38.54 -57.37 -38.89
CA VAL AA 61 37.23 -57.98 -38.77
C VAL AA 61 37.03 -58.91 -39.97
N LEU AA 62 36.59 -60.13 -39.70
CA LEU AA 62 36.34 -61.12 -40.74
C LEU AA 62 34.87 -61.52 -40.73
N SER AA 63 34.34 -61.77 -41.91
CA SER AA 63 32.94 -62.18 -42.07
C SER AA 63 32.87 -63.34 -43.04
N PRO AA 64 31.82 -64.16 -42.97
CA PRO AA 64 31.66 -65.23 -43.96
C PRO AA 64 31.47 -64.66 -45.35
N TRP AA 65 32.01 -65.37 -46.35
CA TRP AA 65 31.90 -64.90 -47.72
C TRP AA 65 30.58 -65.31 -48.37
N GLN AA 66 30.15 -66.55 -48.14
CA GLN AA 66 28.94 -67.09 -48.76
C GLN AA 66 28.04 -67.63 -47.66
N PRO AA 67 27.33 -66.76 -46.97
CA PRO AA 67 26.50 -67.20 -45.83
C PRO AA 67 25.18 -67.85 -46.23
N TYR AA 68 24.99 -68.20 -47.50
CA TYR AA 68 23.76 -68.84 -47.95
C TYR AA 68 24.00 -70.25 -48.48
N THR AA 69 25.22 -70.77 -48.39
CA THR AA 69 25.55 -72.09 -48.91
C THR AA 69 26.34 -72.87 -47.87
N ASP AA 70 26.18 -74.19 -47.91
CA ASP AA 70 26.90 -75.10 -47.02
C ASP AA 70 28.02 -75.84 -47.74
N ASP AA 71 28.27 -75.53 -49.00
CA ASP AA 71 29.32 -76.22 -49.74
C ASP AA 71 30.69 -75.92 -49.15
N LYS AA 72 31.51 -76.96 -49.02
CA LYS AA 72 32.84 -76.78 -48.46
C LYS AA 72 33.74 -75.98 -49.39
N GLU AA 73 33.66 -76.25 -50.69
CA GLU AA 73 34.54 -75.62 -51.67
C GLU AA 73 33.72 -74.83 -52.68
N ILE AA 74 34.28 -73.71 -53.13
CA ILE AA 74 33.64 -72.86 -54.14
C ILE AA 74 34.63 -72.67 -55.27
N VAL AA 75 34.18 -72.85 -56.51
CA VAL AA 75 35.02 -72.78 -57.69
C VAL AA 75 34.76 -71.46 -58.40
N ILE AA 76 35.81 -70.67 -58.61
CA ILE AA 76 35.71 -69.42 -59.34
C ILE AA 76 36.75 -69.41 -60.45
N ASP AA 77 36.72 -68.37 -61.27
CA ASP AA 77 37.58 -68.25 -62.45
C ASP AA 77 38.67 -67.22 -62.19
N ASP AA 78 39.89 -67.54 -62.63
CA ASP AA 78 41.02 -66.64 -62.44
C ASP AA 78 40.86 -65.34 -63.21
N SER AA 79 40.00 -65.31 -64.22
CA SER AA 79 39.76 -64.08 -64.95
C SER AA 79 39.00 -63.05 -64.14
N GLU AA 80 38.48 -63.42 -62.96
CA GLU AA 80 37.68 -62.54 -62.14
C GLU AA 80 38.37 -62.18 -60.82
N VAL AA 81 39.67 -62.39 -60.73
CA VAL AA 81 40.45 -62.04 -59.54
C VAL AA 81 41.62 -61.17 -59.97
N ILE AA 82 41.87 -60.10 -59.21
CA ILE AA 82 42.89 -59.14 -59.58
C ILE AA 82 44.27 -59.59 -59.10
N THR AA 83 44.44 -59.70 -57.78
CA THR AA 83 45.73 -60.01 -57.18
C THR AA 83 45.58 -61.15 -56.20
N ILE AA 84 46.55 -62.06 -56.21
CA ILE AA 84 46.64 -63.17 -55.26
C ILE AA 84 48.02 -63.14 -54.64
N THR AA 85 48.08 -62.90 -53.34
CA THR AA 85 49.35 -62.74 -52.65
C THR AA 85 49.30 -63.36 -51.26
N SER AA 86 50.48 -63.77 -50.76
CA SER AA 86 50.56 -64.34 -49.43
C SER AA 86 50.48 -63.24 -48.37
N PRO AA 87 49.80 -63.48 -47.26
CA PRO AA 87 49.65 -62.44 -46.24
C PRO AA 87 50.72 -62.49 -45.18
N LYS AA 88 50.72 -61.51 -44.27
CA LYS AA 88 51.67 -61.50 -43.17
C LYS AA 88 51.19 -62.44 -42.05
N ASP AA 89 52.05 -62.61 -41.04
CA ASP AA 89 51.82 -63.63 -40.03
C ASP AA 89 50.70 -63.25 -39.06
N ASP AA 90 50.53 -61.95 -38.77
CA ASP AA 90 49.50 -61.54 -37.83
C ASP AA 90 48.11 -61.91 -38.33
N ILE AA 91 47.84 -61.67 -39.61
CA ILE AA 91 46.54 -62.02 -40.18
C ILE AA 91 46.37 -63.53 -40.20
N ILE AA 92 47.46 -64.27 -40.43
CA ILE AA 92 47.39 -65.74 -40.39
C ILE AA 92 46.97 -66.20 -39.00
N LYS AA 93 47.57 -65.63 -37.96
CA LYS AA 93 47.22 -66.00 -36.60
C LYS AA 93 45.76 -65.67 -36.30
N SER AA 94 45.31 -64.48 -36.70
CA SER AA 94 43.92 -64.10 -36.45
C SER AA 94 42.96 -65.02 -37.19
N TYR AA 95 43.28 -65.36 -38.43
CA TYR AA 95 42.42 -66.24 -39.21
C TYR AA 95 42.34 -67.62 -38.59
N GLU AA 96 43.47 -68.17 -38.14
CA GLU AA 96 43.45 -69.48 -37.50
C GLU AA 96 42.65 -69.46 -36.21
N SER AA 97 42.83 -68.41 -35.40
CA SER AA 97 42.07 -68.30 -34.15
C SER AA 97 40.58 -68.26 -34.43
N HIS AA 98 40.17 -67.44 -35.41
CA HIS AA 98 38.75 -67.32 -35.72
C HIS AA 98 38.18 -68.63 -36.25
N THR AA 99 38.94 -69.31 -37.12
CA THR AA 99 38.43 -70.54 -37.72
C THR AA 99 38.42 -71.71 -36.74
N ARG AA 100 39.18 -71.64 -35.65
CA ARG AA 100 39.00 -72.67 -34.61
C ARG AA 100 37.90 -72.30 -33.63
N VAL AA 101 37.72 -71.01 -33.33
CA VAL AA 101 36.64 -70.60 -32.44
C VAL AA 101 35.28 -70.95 -33.05
N LEU AA 102 35.13 -70.73 -34.36
CA LEU AA 102 33.86 -71.05 -35.01
C LEU AA 102 33.55 -72.54 -34.89
N GLU AA 103 34.54 -73.40 -35.14
CA GLU AA 103 34.33 -74.83 -35.02
C GLU AA 103 33.98 -75.23 -33.60
N ASN AA 104 34.68 -74.66 -32.61
CA ASN AA 104 34.40 -74.98 -31.22
C ASN AA 104 32.95 -74.61 -30.85
N LYS AA 105 32.51 -73.42 -31.27
CA LYS AA 105 31.14 -73.00 -30.97
C LYS AA 105 30.13 -73.89 -31.68
N GLN AA 106 30.43 -74.31 -32.92
CA GLN AA 106 29.55 -75.21 -33.63
C GLN AA 106 29.37 -76.53 -32.89
N VAL AA 107 30.48 -77.10 -32.40
CA VAL AA 107 30.40 -78.36 -31.67
C VAL AA 107 29.62 -78.18 -30.37
N GLU AA 108 29.86 -77.07 -29.67
CA GLU AA 108 29.13 -76.82 -28.43
C GLU AA 108 27.62 -76.74 -28.69
N GLU AA 109 27.23 -76.06 -29.77
CA GLU AA 109 25.80 -75.97 -30.09
C GLU AA 109 25.24 -77.33 -30.47
N ILE AA 110 26.02 -78.17 -31.15
CA ILE AA 110 25.54 -79.52 -31.47
C ILE AA 110 25.27 -80.31 -30.20
N LEU AA 111 26.19 -80.23 -29.23
CA LEU AA 111 25.96 -80.91 -27.95
C LEU AA 111 24.72 -80.38 -27.25
N ARG AA 112 24.54 -79.05 -27.23
CA ARG AA 112 23.36 -78.46 -26.61
C ARG AA 112 22.08 -79.00 -27.23
N LEU AA 113 22.02 -79.00 -28.57
CA LEU AA 113 20.82 -79.46 -29.26
C LEU AA 113 20.56 -80.92 -28.98
N GLU AA 114 21.60 -81.76 -28.99
CA GLU AA 114 21.39 -83.18 -28.73
C GLU AA 114 20.86 -83.41 -27.33
N LYS AA 115 21.42 -82.72 -26.34
CA LYS AA 115 20.95 -82.89 -24.97
C LYS AA 115 19.49 -82.44 -24.82
N GLU AA 116 19.14 -81.30 -25.43
CA GLU AA 116 17.76 -80.83 -25.34
C GLU AA 116 16.81 -81.81 -26.00
N ILE AA 117 17.19 -82.37 -27.16
CA ILE AA 117 16.35 -83.33 -27.85
C ILE AA 117 16.14 -84.57 -26.99
N GLU AA 118 17.22 -85.08 -26.39
CA GLU AA 118 17.10 -86.26 -25.55
C GLU AA 118 16.17 -86.01 -24.36
N ASP AA 119 16.33 -84.87 -23.70
CA ASP AA 119 15.48 -84.55 -22.55
C ASP AA 119 14.02 -84.44 -22.96
N LEU AA 120 13.76 -83.75 -24.06
CA LEU AA 120 12.38 -83.59 -24.52
C LEU AA 120 11.76 -84.93 -24.88
N GLN AA 121 12.53 -85.80 -25.56
CA GLN AA 121 12.02 -87.11 -25.94
C GLN AA 121 11.69 -87.94 -24.71
N ARG AA 122 12.57 -87.93 -23.71
CA ARG AA 122 12.32 -88.70 -22.49
C ARG AA 122 11.07 -88.19 -21.78
N MET AA 123 10.93 -86.86 -21.66
CA MET AA 123 9.76 -86.32 -20.96
C MET AA 123 8.47 -86.64 -21.71
N LYS AA 124 8.50 -86.54 -23.04
CA LYS AA 124 7.32 -86.90 -23.83
C LYS AA 124 6.98 -88.37 -23.68
N GLU AA 125 8.00 -89.23 -23.63
CA GLU AA 125 7.75 -90.66 -23.44
C GLU AA 125 7.05 -90.92 -22.11
N GLN AA 126 7.56 -90.32 -21.04
CA GLN AA 126 6.92 -90.52 -19.73
C GLN AA 126 5.51 -89.95 -19.72
N GLN AA 127 5.29 -88.80 -20.37
CA GLN AA 127 3.95 -88.24 -20.40
C GLN AA 127 2.98 -89.13 -21.17
N GLU AA 128 3.43 -89.71 -22.29
CA GLU AA 128 2.58 -90.58 -23.08
C GLU AA 128 2.33 -91.92 -22.40
N LEU AA 129 3.25 -92.36 -21.53
CA LEU AA 129 3.08 -93.67 -20.88
C LEU AA 129 1.76 -93.75 -20.13
N SER AA 130 1.38 -92.68 -19.43
CA SER AA 130 0.14 -92.66 -18.65
C SER AA 130 -1.00 -92.23 -19.56
N LEU AA 131 -1.69 -93.22 -20.13
CA LEU AA 131 -2.79 -92.93 -21.05
C LEU AA 131 -3.73 -94.13 -21.07
N THR AA 132 -4.94 -93.88 -21.53
CA THR AA 132 -5.98 -94.92 -21.61
C THR AA 132 -6.08 -95.48 -23.02
N GLU AA 133 -6.83 -96.57 -23.15
CA GLU AA 133 -6.93 -97.27 -24.43
C GLU AA 133 -7.66 -96.41 -25.47
N ALA AA 134 -8.81 -95.85 -25.08
CA ALA AA 134 -9.54 -95.00 -26.01
C ALA AA 134 -8.74 -93.75 -26.36
N SER AA 135 -8.05 -93.18 -25.37
CA SER AA 135 -7.18 -92.05 -25.65
C SER AA 135 -6.05 -92.43 -26.60
N LEU AA 136 -5.50 -93.63 -26.43
CA LEU AA 136 -4.46 -94.10 -27.34
C LEU AA 136 -4.99 -94.25 -28.76
N GLN AA 137 -6.21 -94.77 -28.89
CA GLN AA 137 -6.82 -94.91 -30.21
C GLN AA 137 -7.04 -93.54 -30.86
N LYS AA 138 -7.53 -92.58 -30.08
CA LYS AA 138 -7.70 -91.23 -30.62
C LYS AA 138 -6.36 -90.62 -31.01
N LEU AA 139 -5.33 -90.86 -30.20
CA LEU AA 139 -3.98 -90.40 -30.52
C LEU AA 139 -3.53 -90.95 -31.86
N GLN AA 140 -3.69 -92.27 -32.06
CA GLN AA 140 -3.27 -92.89 -33.32
C GLN AA 140 -4.06 -92.33 -34.49
N GLU AA 141 -5.37 -92.16 -34.32
CA GLU AA 141 -6.21 -91.65 -35.41
C GLU AA 141 -5.79 -90.24 -35.80
N ARG AA 142 -5.59 -89.37 -34.82
CA ARG AA 142 -5.23 -87.99 -35.13
C ARG AA 142 -3.81 -87.89 -35.68
N ARG AA 143 -2.90 -88.76 -35.23
CA ARG AA 143 -1.56 -88.81 -35.82
C ARG AA 143 -1.62 -89.26 -37.28
N ASP AA 144 -2.49 -90.23 -37.57
CA ASP AA 144 -2.68 -90.65 -38.97
C ASP AA 144 -3.23 -89.51 -39.80
N GLN AA 145 -4.20 -88.77 -39.27
CA GLN AA 145 -4.73 -87.60 -39.96
C GLN AA 145 -3.66 -86.53 -40.12
N LYS BA 15 21.51 22.39 -97.80
CA LYS BA 15 21.07 22.31 -96.42
C LYS BA 15 20.60 23.68 -95.93
N ASN BA 16 19.48 23.69 -95.21
CA ASN BA 16 18.89 24.94 -94.74
C ASN BA 16 18.05 24.65 -93.51
N ILE BA 17 18.53 25.05 -92.34
CA ILE BA 17 17.83 24.82 -91.08
C ILE BA 17 17.21 26.13 -90.63
N LYS BA 18 15.89 26.16 -90.52
CA LYS BA 18 15.15 27.35 -90.10
C LYS BA 18 14.04 26.94 -89.14
N ILE BA 19 14.02 27.54 -87.96
CA ILE BA 19 12.93 27.28 -87.02
C ILE BA 19 11.68 28.00 -87.49
N MET BA 20 10.53 27.48 -87.11
CA MET BA 20 9.27 28.14 -87.45
C MET BA 20 8.26 27.92 -86.32
N ARG BA 21 7.27 28.80 -86.29
CA ARG BA 21 6.18 28.74 -85.34
C ARG BA 21 4.88 28.46 -86.07
N LEU BA 22 4.17 27.42 -85.66
CA LEU BA 22 2.95 27.02 -86.33
C LEU BA 22 1.74 27.77 -85.77
N VAL BA 23 0.66 27.77 -86.55
CA VAL BA 23 -0.57 28.43 -86.11
C VAL BA 23 -1.11 27.78 -84.85
N THR BA 24 -0.82 26.49 -84.65
CA THR BA 24 -1.22 25.83 -83.41
C THR BA 24 -0.54 26.46 -82.21
N GLY BA 25 0.72 26.86 -82.35
CA GLY BA 25 1.45 27.49 -81.27
C GLY BA 25 2.65 26.68 -80.82
N GLU BA 26 3.26 25.95 -81.74
CA GLU BA 26 4.40 25.10 -81.43
C GLU BA 26 5.58 25.47 -82.32
N ASP BA 27 6.78 25.07 -81.88
CA ASP BA 27 8.02 25.42 -82.54
C ASP BA 27 8.60 24.19 -83.23
N ILE BA 28 8.83 24.30 -84.54
CA ILE BA 28 9.30 23.20 -85.37
C ILE BA 28 10.67 23.58 -85.92
N ILE BA 29 11.65 22.69 -85.75
CA ILE BA 29 13.00 22.88 -86.28
C ILE BA 29 13.33 21.71 -87.19
N GLY BA 30 13.87 22.01 -88.36
CA GLY BA 30 14.24 20.96 -89.29
C GLY BA 30 14.67 21.54 -90.63
N ASN BA 31 14.96 20.63 -91.55
CA ASN BA 31 15.38 21.04 -92.89
C ASN BA 31 14.18 21.55 -93.68
N ILE BA 32 14.33 22.75 -94.27
CA ILE BA 32 13.21 23.44 -94.88
C ILE BA 32 13.52 23.67 -96.36
N SER BA 33 12.46 23.64 -97.18
CA SER BA 33 12.60 23.95 -98.61
C SER BA 33 11.33 24.64 -99.06
N GLU BA 34 11.44 25.92 -99.43
CA GLU BA 34 10.30 26.73 -99.85
C GLU BA 34 10.35 26.88 -101.37
N SER BA 35 9.51 26.12 -102.08
CA SER BA 35 9.51 26.11 -103.54
C SER BA 35 8.46 27.05 -104.14
N GLN BA 36 7.18 26.79 -103.87
CA GLN BA 36 6.09 27.53 -104.51
C GLN BA 36 5.03 27.89 -103.48
N GLY BA 37 5.48 28.46 -102.37
CA GLY BA 37 4.58 28.78 -101.28
C GLY BA 37 4.46 27.61 -100.31
N LEU BA 38 3.91 26.50 -100.79
CA LEU BA 38 3.92 25.27 -100.01
C LEU BA 38 5.35 24.83 -99.76
N ILE BA 39 5.64 24.45 -98.52
CA ILE BA 39 7.01 24.17 -98.12
C ILE BA 39 7.14 22.70 -97.75
N THR BA 40 8.36 22.18 -97.91
CA THR BA 40 8.71 20.81 -97.60
C THR BA 40 9.62 20.80 -96.38
N ILE BA 41 9.33 19.90 -95.43
CA ILE BA 41 10.04 19.82 -94.17
C ILE BA 41 10.59 18.41 -94.02
N LYS BA 42 11.86 18.31 -93.63
CA LYS BA 42 12.53 17.03 -93.41
C LYS BA 42 13.12 17.01 -92.01
N LYS BA 43 12.95 15.87 -91.34
CA LYS BA 43 13.50 15.64 -90.00
C LYS BA 43 13.00 16.71 -89.01
N ALA BA 44 11.70 16.98 -89.05
CA ALA BA 44 11.11 17.98 -88.18
C ALA BA 44 11.15 17.54 -86.72
N PHE BA 45 11.33 18.51 -85.83
CA PHE BA 45 11.37 18.27 -84.40
C PHE BA 45 10.57 19.35 -83.68
N VAL BA 46 9.74 18.93 -82.73
CA VAL BA 46 9.04 19.85 -81.84
C VAL BA 46 9.98 20.23 -80.71
N ILE BA 47 10.12 21.53 -80.48
CA ILE BA 47 10.96 22.04 -79.38
C ILE BA 47 10.07 22.31 -78.18
N ILE BA 48 10.32 21.60 -77.09
CA ILE BA 48 9.54 21.74 -75.86
C ILE BA 48 10.28 22.70 -74.95
N PRO BA 49 9.66 23.79 -74.50
CA PRO BA 49 10.35 24.71 -73.61
C PRO BA 49 10.53 24.14 -72.21
N MET BA 50 11.76 23.77 -71.87
CA MET BA 50 12.06 23.17 -70.57
C MET BA 50 13.54 23.29 -70.24
N GLN BA 59 18.31 24.24 -70.57
CA GLN BA 59 18.55 23.29 -71.66
C GLN BA 59 17.33 23.23 -72.59
N LEU BA 60 17.42 22.38 -73.62
CA LEU BA 60 16.36 22.23 -74.59
C LEU BA 60 15.99 20.76 -74.73
N VAL BA 61 14.72 20.52 -75.03
CA VAL BA 61 14.21 19.16 -75.24
C VAL BA 61 13.54 19.12 -76.61
N LEU BA 62 13.88 18.10 -77.39
CA LEU BA 62 13.32 17.92 -78.73
C LEU BA 62 12.55 16.62 -78.79
N SER BA 63 11.47 16.61 -79.55
CA SER BA 63 10.64 15.43 -79.73
C SER BA 63 10.30 15.27 -81.21
N PRO BA 64 9.99 14.06 -81.65
CA PRO BA 64 9.55 13.88 -83.04
C PRO BA 64 8.25 14.63 -83.31
N TRP BA 65 8.12 15.15 -84.52
CA TRP BA 65 6.92 15.91 -84.87
C TRP BA 65 5.79 15.00 -85.32
N GLN BA 66 6.09 13.99 -86.14
CA GLN BA 66 5.09 13.11 -86.72
C GLN BA 66 5.50 11.67 -86.41
N PRO BA 67 5.26 11.21 -85.18
CA PRO BA 67 5.69 9.87 -84.78
C PRO BA 67 4.82 8.73 -85.30
N TYR BA 68 3.91 8.99 -86.24
CA TYR BA 68 3.06 7.97 -86.81
C TYR BA 68 3.31 7.73 -88.29
N THR BA 69 4.30 8.39 -88.88
CA THR BA 69 4.59 8.26 -90.30
C THR BA 69 6.08 8.03 -90.51
N ASP BA 70 6.40 7.31 -91.59
CA ASP BA 70 7.79 7.05 -91.97
C ASP BA 70 8.23 7.89 -93.17
N ASP BA 71 7.38 8.79 -93.64
CA ASP BA 71 7.74 9.61 -94.79
C ASP BA 71 8.91 10.52 -94.46
N LYS BA 72 9.86 10.62 -95.38
CA LYS BA 72 11.03 11.46 -95.16
C LYS BA 72 10.65 12.93 -95.18
N GLU BA 73 9.78 13.34 -96.09
CA GLU BA 73 9.42 14.74 -96.27
C GLU BA 73 7.93 14.93 -96.04
N ILE BA 74 7.56 16.07 -95.45
CA ILE BA 74 6.18 16.43 -95.20
C ILE BA 74 5.92 17.80 -95.84
N VAL BA 75 4.82 17.91 -96.59
CA VAL BA 75 4.50 19.13 -97.32
C VAL BA 75 3.37 19.85 -96.58
N ILE BA 76 3.60 21.11 -96.23
CA ILE BA 76 2.60 21.94 -95.58
C ILE BA 76 2.46 23.24 -96.37
N ASP BA 77 1.51 24.06 -95.96
CA ASP BA 77 1.18 25.30 -96.66
C ASP BA 77 1.68 26.50 -95.86
N ASP BA 78 2.24 27.48 -96.58
CA ASP BA 78 2.77 28.68 -95.94
C ASP BA 78 1.68 29.50 -95.26
N SER BA 79 0.42 29.31 -95.64
CA SER BA 79 -0.67 30.03 -94.99
C SER BA 79 -0.91 29.55 -93.56
N GLU BA 80 -0.27 28.46 -93.14
CA GLU BA 80 -0.49 27.88 -91.83
C GLU BA 80 0.75 27.98 -90.93
N VAL BA 81 1.69 28.84 -91.28
CA VAL BA 81 2.89 29.07 -90.48
C VAL BA 81 3.02 30.56 -90.20
N ILE BA 82 3.34 30.90 -88.96
CA ILE BA 82 3.39 32.30 -88.56
C ILE BA 82 4.74 32.93 -88.90
N THR BA 83 5.81 32.41 -88.30
CA THR BA 83 7.14 32.99 -88.45
C THR BA 83 8.14 31.90 -88.82
N ILE BA 84 9.04 32.23 -89.74
CA ILE BA 84 10.13 31.36 -90.15
C ILE BA 84 11.42 32.16 -90.03
N THR BA 85 12.31 31.72 -89.12
CA THR BA 85 13.53 32.47 -88.84
C THR BA 85 14.69 31.52 -88.58
N SER BA 86 15.89 32.00 -88.85
CA SER BA 86 17.10 31.20 -88.60
C SER BA 86 17.42 31.18 -87.10
N PRO BA 87 17.86 30.04 -86.57
CA PRO BA 87 18.13 29.95 -85.13
C PRO BA 87 19.57 30.28 -84.79
N LYS BA 88 19.88 30.32 -83.48
CA LYS BA 88 21.24 30.56 -83.05
C LYS BA 88 22.06 29.26 -83.12
N ASP BA 89 23.36 29.39 -82.85
CA ASP BA 89 24.27 28.28 -83.09
C ASP BA 89 24.14 27.17 -82.06
N ASP BA 90 23.80 27.51 -80.81
CA ASP BA 90 23.68 26.49 -79.77
C ASP BA 90 22.60 25.48 -80.11
N ILE BA 91 21.44 25.96 -80.56
CA ILE BA 91 20.36 25.06 -80.94
C ILE BA 91 20.75 24.24 -82.17
N ILE BA 92 21.51 24.83 -83.09
CA ILE BA 92 21.99 24.08 -84.24
C ILE BA 92 22.87 22.93 -83.80
N LYS BA 93 23.79 23.18 -82.86
CA LYS BA 93 24.66 22.13 -82.36
C LYS BA 93 23.85 21.03 -81.67
N SER BA 94 22.89 21.42 -80.84
CA SER BA 94 22.08 20.43 -80.14
C SER BA 94 21.27 19.59 -81.13
N TYR BA 95 20.70 20.23 -82.15
CA TYR BA 95 19.92 19.52 -83.15
C TYR BA 95 20.77 18.54 -83.93
N GLU BA 96 21.99 18.95 -84.32
CA GLU BA 96 22.86 18.05 -85.05
C GLU BA 96 23.28 16.87 -84.18
N SER BA 97 23.60 17.12 -82.92
CA SER BA 97 23.98 16.04 -82.01
C SER BA 97 22.83 15.04 -81.86
N HIS BA 98 21.62 15.54 -81.66
CA HIS BA 98 20.48 14.65 -81.48
C HIS BA 98 20.19 13.85 -82.75
N THR BA 99 20.28 14.50 -83.91
CA THR BA 99 19.97 13.81 -85.16
C THR BA 99 21.04 12.82 -85.57
N ARG BA 100 22.27 12.94 -85.05
CA ARG BA 100 23.23 11.87 -85.30
C ARG BA 100 23.13 10.76 -84.26
N VAL BA 101 22.79 11.08 -83.01
CA VAL BA 101 22.60 10.05 -82.00
C VAL BA 101 21.45 9.12 -82.38
N LEU BA 102 20.35 9.69 -82.90
CA LEU BA 102 19.21 8.86 -83.30
C LEU BA 102 19.61 7.88 -84.40
N GLU BA 103 20.35 8.36 -85.41
CA GLU BA 103 20.78 7.47 -86.49
C GLU BA 103 21.71 6.38 -85.97
N ASN BA 104 22.64 6.75 -85.08
CA ASN BA 104 23.56 5.76 -84.53
C ASN BA 104 22.81 4.67 -83.78
N LYS BA 105 21.83 5.06 -82.96
CA LYS BA 105 21.05 4.08 -82.22
C LYS BA 105 20.22 3.20 -83.15
N GLN BA 106 19.69 3.80 -84.23
CA GLN BA 106 18.93 3.01 -85.19
C GLN BA 106 19.80 1.94 -85.84
N VAL BA 107 21.02 2.31 -86.23
CA VAL BA 107 21.92 1.34 -86.86
C VAL BA 107 22.30 0.25 -85.86
N GLU BA 108 22.56 0.63 -84.61
CA GLU BA 108 22.90 -0.37 -83.60
C GLU BA 108 21.76 -1.36 -83.41
N GLU BA 109 20.51 -0.88 -83.37
CA GLU BA 109 19.38 -1.78 -83.23
C GLU BA 109 19.21 -2.68 -84.45
N ILE BA 110 19.50 -2.16 -85.65
CA ILE BA 110 19.44 -3.00 -86.84
C ILE BA 110 20.44 -4.15 -86.74
N LEU BA 111 21.67 -3.84 -86.31
CA LEU BA 111 22.66 -4.91 -86.14
C LEU BA 111 22.21 -5.93 -85.10
N ARG BA 112 21.66 -5.45 -83.97
CA ARG BA 112 21.18 -6.37 -82.94
C ARG BA 112 20.12 -7.31 -83.50
N LEU BA 113 19.14 -6.76 -84.22
CA LEU BA 113 18.07 -7.57 -84.76
C LEU BA 113 18.59 -8.59 -85.76
N GLU BA 114 19.52 -8.16 -86.64
CA GLU BA 114 20.05 -9.10 -87.62
C GLU BA 114 20.80 -10.24 -86.95
N LYS BA 115 21.60 -9.94 -85.94
CA LYS BA 115 22.34 -10.99 -85.24
C LYS BA 115 21.39 -11.96 -84.55
N GLU BA 116 20.35 -11.43 -83.89
CA GLU BA 116 19.40 -12.31 -83.21
C GLU BA 116 18.67 -13.20 -84.21
N ILE BA 117 18.29 -12.64 -85.36
CA ILE BA 117 17.60 -13.43 -86.38
C ILE BA 117 18.50 -14.54 -86.90
N GLU BA 118 19.77 -14.22 -87.17
CA GLU BA 118 20.69 -15.24 -87.66
C GLU BA 118 20.86 -16.36 -86.64
N ASP BA 119 21.05 -16.00 -85.36
CA ASP BA 119 21.23 -17.02 -84.34
C ASP BA 119 20.00 -17.91 -84.22
N LEU BA 120 18.81 -17.29 -84.21
CA LEU BA 120 17.58 -18.08 -84.08
C LEU BA 120 17.40 -19.00 -85.28
N GLN BA 121 17.69 -18.51 -86.49
CA GLN BA 121 17.54 -19.33 -87.67
C GLN BA 121 18.50 -20.52 -87.63
N ARG BA 122 19.75 -20.29 -87.23
CA ARG BA 122 20.71 -21.38 -87.15
C ARG BA 122 20.27 -22.42 -86.12
N MET BA 123 19.81 -21.97 -84.95
CA MET BA 123 19.40 -22.92 -83.92
C MET BA 123 18.18 -23.72 -84.36
N LYS BA 124 17.22 -23.06 -85.02
CA LYS BA 124 16.06 -23.77 -85.53
C LYS BA 124 16.46 -24.79 -86.59
N GLU BA 125 17.42 -24.43 -87.45
CA GLU BA 125 17.88 -25.37 -88.47
C GLU BA 125 18.48 -26.61 -87.85
N GLN BA 126 19.35 -26.43 -86.85
CA GLN BA 126 19.94 -27.59 -86.19
C GLN BA 126 18.87 -28.42 -85.47
N GLN BA 127 17.90 -27.77 -84.84
CA GLN BA 127 16.84 -28.52 -84.16
C GLN BA 127 16.01 -29.32 -85.15
N GLU BA 128 15.69 -28.74 -86.31
CA GLU BA 128 14.90 -29.44 -87.31
C GLU BA 128 15.68 -30.56 -88.00
N LEU BA 129 17.02 -30.45 -88.04
CA LEU BA 129 17.81 -31.47 -88.72
C LEU BA 129 17.56 -32.86 -88.15
N SER BA 130 17.46 -32.97 -86.83
CA SER BA 130 17.24 -34.26 -86.17
C SER BA 130 15.74 -34.52 -86.12
N LEU BA 131 15.23 -35.25 -87.12
CA LEU BA 131 13.82 -35.55 -87.19
C LEU BA 131 13.63 -36.81 -88.02
N THR BA 132 12.46 -37.42 -87.86
CA THR BA 132 12.12 -38.66 -88.56
C THR BA 132 11.24 -38.35 -89.78
N GLU BA 133 11.07 -39.38 -90.62
CA GLU BA 133 10.33 -39.20 -91.87
C GLU BA 133 8.86 -38.90 -91.61
N ALA BA 134 8.22 -39.70 -90.74
CA ALA BA 134 6.81 -39.45 -90.43
C ALA BA 134 6.65 -38.10 -89.73
N SER BA 135 7.58 -37.75 -88.85
CA SER BA 135 7.54 -36.43 -88.21
C SER BA 135 7.70 -35.33 -89.24
N LEU BA 136 8.57 -35.54 -90.23
CA LEU BA 136 8.73 -34.55 -91.30
C LEU BA 136 7.45 -34.39 -92.10
N GLN BA 137 6.77 -35.50 -92.39
CA GLN BA 137 5.51 -35.44 -93.12
C GLN BA 137 4.45 -34.69 -92.32
N LYS BA 138 4.36 -34.96 -91.02
CA LYS BA 138 3.42 -34.23 -90.17
C LYS BA 138 3.77 -32.75 -90.12
N LEU BA 139 5.06 -32.44 -90.05
CA LEU BA 139 5.51 -31.05 -90.10
C LEU BA 139 5.04 -30.35 -91.36
N GLN BA 140 5.24 -30.99 -92.51
CA GLN BA 140 4.82 -30.40 -93.78
C GLN BA 140 3.31 -30.22 -93.82
N GLU BA 141 2.56 -31.22 -93.37
CA GLU BA 141 1.11 -31.13 -93.40
C GLU BA 141 0.60 -29.98 -92.53
N ARG BA 142 1.13 -29.87 -91.31
CA ARG BA 142 0.66 -28.82 -90.42
C ARG BA 142 1.11 -27.44 -90.90
N ARG BA 143 2.29 -27.35 -91.51
CA ARG BA 143 2.72 -26.08 -92.10
C ARG BA 143 1.81 -25.68 -93.26
N ASP BA 144 1.39 -26.66 -94.07
CA ASP BA 144 0.44 -26.38 -95.14
C ASP BA 144 -0.89 -25.90 -94.57
N GLN BA 145 -1.36 -26.54 -93.50
CA GLN BA 145 -2.58 -26.09 -92.83
C GLN BA 145 -2.39 -24.71 -92.23
N LYS CA 15 -63.75 70.79 -38.00
CA LYS CA 15 -63.01 69.79 -37.23
C LYS CA 15 -63.40 69.84 -35.76
N ASN CA 16 -63.58 68.67 -35.16
CA ASN CA 16 -64.03 68.59 -33.77
C ASN CA 16 -63.57 67.26 -33.20
N ILE CA 17 -62.57 67.28 -32.33
CA ILE CA 17 -62.03 66.07 -31.71
C ILE CA 17 -62.53 66.01 -30.28
N LYS CA 18 -63.27 64.96 -29.96
CA LYS CA 18 -63.81 64.75 -28.61
C LYS CA 18 -63.68 63.29 -28.25
N ILE CA 19 -63.05 63.02 -27.11
CA ILE CA 19 -62.96 61.65 -26.62
C ILE CA 19 -64.31 61.24 -26.05
N MET CA 20 -64.58 59.94 -26.06
CA MET CA 20 -65.82 59.42 -25.48
C MET CA 20 -65.57 58.06 -24.86
N ARG CA 21 -66.45 57.70 -23.94
CA ARG CA 21 -66.42 56.40 -23.29
C ARG CA 21 -67.66 55.61 -23.67
N LEU CA 22 -67.46 54.40 -24.18
CA LEU CA 22 -68.56 53.58 -24.66
C LEU CA 22 -69.15 52.76 -23.51
N VAL CA 23 -70.39 52.28 -23.73
CA VAL CA 23 -71.05 51.45 -22.73
C VAL CA 23 -70.27 50.17 -22.49
N THR CA 24 -69.52 49.70 -23.49
CA THR CA 24 -68.67 48.53 -23.30
C THR CA 24 -67.59 48.80 -22.26
N GLY CA 25 -67.06 50.02 -22.24
CA GLY CA 25 -66.03 50.37 -21.27
C GLY CA 25 -64.70 50.72 -21.91
N GLU CA 26 -64.74 51.26 -23.12
CA GLU CA 26 -63.54 51.60 -23.87
C GLU CA 26 -63.56 53.08 -24.25
N ASP CA 27 -62.39 53.60 -24.56
CA ASP CA 27 -62.20 55.02 -24.85
C ASP CA 27 -61.92 55.20 -26.34
N ILE CA 28 -62.75 56.01 -26.99
CA ILE CA 28 -62.68 56.25 -28.43
C ILE CA 28 -62.36 57.71 -28.66
N ILE CA 29 -61.35 57.97 -29.49
CA ILE CA 29 -60.95 59.33 -29.85
C ILE CA 29 -61.01 59.45 -31.37
N GLY CA 30 -61.61 60.53 -31.85
CA GLY CA 30 -61.71 60.75 -33.28
C GLY CA 30 -62.57 61.95 -33.60
N ASN CA 31 -62.76 62.17 -34.89
CA ASN CA 31 -63.59 63.28 -35.35
C ASN CA 31 -65.06 62.95 -35.13
N ILE CA 32 -65.78 63.87 -34.50
CA ILE CA 32 -67.14 63.62 -34.05
C ILE CA 32 -68.08 64.62 -34.72
N SER CA 33 -69.31 64.17 -34.99
CA SER CA 33 -70.34 65.06 -35.52
C SER CA 33 -71.69 64.61 -34.96
N GLU CA 34 -72.30 65.45 -34.13
CA GLU CA 34 -73.58 65.14 -33.49
C GLU CA 34 -74.68 65.94 -34.19
N SER CA 35 -75.45 65.26 -35.04
CA SER CA 35 -76.48 65.92 -35.83
C SER CA 35 -77.87 65.81 -35.20
N GLN CA 36 -78.38 64.61 -35.03
CA GLN CA 36 -79.75 64.40 -34.57
C GLN CA 36 -79.80 63.29 -33.52
N GLY CA 37 -78.91 63.40 -32.53
CA GLY CA 37 -78.80 62.35 -31.53
C GLY CA 37 -77.80 61.30 -31.95
N LEU CA 38 -78.12 60.58 -33.02
CA LEU CA 38 -77.15 59.66 -33.61
C LEU CA 38 -75.94 60.44 -34.11
N ILE CA 39 -74.74 59.93 -33.80
CA ILE CA 39 -73.52 60.67 -34.07
C ILE CA 39 -72.69 59.93 -35.10
N THR CA 40 -71.88 60.69 -35.83
CA THR CA 40 -71.00 60.19 -36.86
C THR CA 40 -69.56 60.32 -36.38
N ILE CA 41 -68.77 59.27 -36.56
CA ILE CA 41 -67.40 59.20 -36.08
C ILE CA 41 -66.50 58.90 -37.26
N LYS CA 42 -65.39 59.66 -37.37
CA LYS CA 42 -64.40 59.47 -38.41
C LYS CA 42 -63.03 59.29 -37.79
N LYS CA 43 -62.28 58.33 -38.34
CA LYS CA 43 -60.91 58.04 -37.90
C LYS CA 43 -60.87 57.72 -36.41
N ALA CA 44 -61.78 56.86 -35.97
CA ALA CA 44 -61.86 56.48 -34.58
C ALA CA 44 -60.65 55.64 -34.16
N PHE CA 45 -60.23 55.83 -32.91
CA PHE CA 45 -59.10 55.10 -32.34
C PHE CA 45 -59.43 54.68 -30.93
N VAL CA 46 -59.13 53.42 -30.62
CA VAL CA 46 -59.23 52.91 -29.25
C VAL CA 46 -57.97 53.29 -28.49
N ILE CA 47 -58.14 53.89 -27.33
CA ILE CA 47 -57.02 54.29 -26.47
C ILE CA 47 -56.80 53.19 -25.44
N ILE CA 48 -55.64 52.56 -25.48
CA ILE CA 48 -55.29 51.47 -24.57
C ILE CA 48 -54.49 52.07 -23.42
N PRO CA 49 -54.92 51.91 -22.17
CA PRO CA 49 -54.14 52.46 -21.04
C PRO CA 49 -52.85 51.69 -20.80
N MET CA 50 -51.73 52.32 -21.15
CA MET CA 50 -50.42 51.68 -21.00
C MET CA 50 -49.30 52.73 -21.00
N GLN CA 59 -46.91 56.95 -21.27
CA GLN CA 59 -47.23 57.19 -22.66
C GLN CA 59 -48.61 56.65 -23.00
N LEU CA 60 -49.02 56.79 -24.26
CA LEU CA 60 -50.32 56.34 -24.72
C LEU CA 60 -50.16 55.44 -25.94
N VAL CA 61 -51.07 54.49 -26.08
CA VAL CA 61 -51.11 53.57 -27.20
C VAL CA 61 -52.48 53.67 -27.86
N LEU CA 62 -52.49 53.79 -29.17
CA LEU CA 62 -53.73 53.89 -29.95
C LEU CA 62 -53.82 52.73 -30.91
N SER CA 63 -55.03 52.24 -31.12
CA SER CA 63 -55.29 51.14 -32.05
C SER CA 63 -56.49 51.47 -32.91
N PRO CA 64 -56.61 50.87 -34.09
CA PRO CA 64 -57.81 51.08 -34.89
C PRO CA 64 -59.05 50.54 -34.19
N TRP CA 65 -60.17 51.24 -34.39
CA TRP CA 65 -61.40 50.83 -33.73
C TRP CA 65 -62.13 49.75 -34.52
N GLN CA 66 -62.19 49.89 -35.84
CA GLN CA 66 -62.93 48.97 -36.71
C GLN CA 66 -61.99 48.47 -37.80
N PRO CA 67 -61.11 47.52 -37.47
CA PRO CA 67 -60.12 47.05 -38.44
C PRO CA 67 -60.66 46.09 -39.49
N TYR CA 68 -61.97 45.95 -39.62
CA TYR CA 68 -62.57 45.08 -40.62
C TYR CA 68 -63.39 45.83 -41.65
N THR CA 69 -63.41 47.16 -41.60
CA THR CA 69 -64.21 47.95 -42.53
C THR CA 69 -63.36 49.08 -43.10
N ASP CA 70 -63.69 49.48 -44.33
CA ASP CA 70 -63.02 50.59 -44.99
C ASP CA 70 -63.88 51.85 -45.04
N ASP CA 71 -65.04 51.84 -44.39
CA ASP CA 71 -65.91 53.01 -44.40
C ASP CA 71 -65.25 54.17 -43.68
N LYS CA 72 -65.35 55.36 -44.28
CA LYS CA 72 -64.75 56.54 -43.68
C LYS CA 72 -65.48 56.94 -42.40
N GLU CA 73 -66.80 56.87 -42.39
CA GLU CA 73 -67.62 57.32 -41.27
C GLU CA 73 -68.43 56.16 -40.72
N ILE CA 74 -68.62 56.15 -39.40
CA ILE CA 74 -69.41 55.15 -38.72
C ILE CA 74 -70.47 55.87 -37.89
N VAL CA 75 -71.72 55.41 -37.99
CA VAL CA 75 -72.84 56.05 -37.33
C VAL CA 75 -73.25 55.20 -36.14
N ILE CA 76 -73.28 55.81 -34.95
CA ILE CA 76 -73.71 55.13 -33.74
C ILE CA 76 -74.79 55.98 -33.07
N ASP CA 77 -75.36 55.44 -32.00
CA ASP CA 77 -76.46 56.07 -31.29
C ASP CA 77 -75.98 56.66 -29.97
N ASP CA 78 -76.47 57.86 -29.65
CA ASP CA 78 -76.07 58.52 -28.41
C ASP CA 78 -76.54 57.78 -27.17
N SER CA 79 -77.52 56.88 -27.30
CA SER CA 79 -77.96 56.10 -26.16
C SER CA 79 -76.95 55.05 -25.74
N GLU CA 80 -75.89 54.84 -26.53
CA GLU CA 80 -74.90 53.82 -26.27
C GLU CA 80 -73.53 54.41 -25.93
N VAL CA 81 -73.48 55.69 -25.57
CA VAL CA 81 -72.24 56.36 -25.18
C VAL CA 81 -72.45 57.02 -23.82
N ILE CA 82 -71.47 56.86 -22.94
CA ILE CA 82 -71.61 57.36 -21.57
C ILE CA 82 -71.24 58.84 -21.49
N THR CA 83 -69.97 59.15 -21.78
CA THR CA 83 -69.45 60.50 -21.63
C THR CA 83 -68.74 60.92 -22.91
N ILE CA 84 -68.95 62.17 -23.30
CA ILE CA 84 -68.27 62.80 -24.43
C ILE CA 84 -67.65 64.09 -23.94
N THR CA 85 -66.32 64.17 -23.97
CA THR CA 85 -65.61 65.31 -23.43
C THR CA 85 -64.39 65.64 -24.29
N SER CA 86 -63.99 66.92 -24.25
CA SER CA 86 -62.81 67.35 -24.99
C SER CA 86 -61.54 66.91 -24.27
N PRO CA 87 -60.51 66.49 -25.00
CA PRO CA 87 -59.28 66.01 -24.35
C PRO CA 87 -58.25 67.10 -24.15
N LYS CA 88 -57.15 66.77 -23.47
CA LYS CA 88 -56.07 67.72 -23.30
C LYS CA 88 -55.19 67.79 -24.54
N ASP CA 89 -54.23 68.71 -24.53
CA ASP CA 89 -53.48 69.01 -25.75
C ASP CA 89 -52.46 67.93 -26.08
N ASP CA 90 -51.88 67.27 -25.07
CA ASP CA 90 -50.88 66.24 -25.33
C ASP CA 90 -51.47 65.09 -26.15
N ILE CA 91 -52.66 64.64 -25.78
CA ILE CA 91 -53.31 63.56 -26.52
C ILE CA 91 -53.66 64.03 -27.93
N ILE CA 92 -54.04 65.31 -28.07
CA ILE CA 92 -54.33 65.85 -29.41
C ILE CA 92 -53.08 65.78 -30.28
N LYS CA 93 -51.94 66.18 -29.73
CA LYS CA 93 -50.69 66.13 -30.49
C LYS CA 93 -50.34 64.70 -30.88
N SER CA 94 -50.47 63.77 -29.93
CA SER CA 94 -50.15 62.37 -30.23
C SER CA 94 -51.07 61.82 -31.30
N TYR CA 95 -52.36 62.14 -31.22
CA TYR CA 95 -53.34 61.66 -32.19
C TYR CA 95 -53.03 62.21 -33.58
N GLU CA 96 -52.71 63.50 -33.67
CA GLU CA 96 -52.37 64.09 -34.97
C GLU CA 96 -51.12 63.46 -35.55
N SER CA 97 -50.09 63.26 -34.72
CA SER CA 97 -48.86 62.64 -35.20
C SER CA 97 -49.13 61.24 -35.73
N HIS CA 98 -49.91 60.45 -34.98
CA HIS CA 98 -50.20 59.08 -35.41
C HIS CA 98 -51.00 59.07 -36.70
N THR CA 99 -51.99 59.96 -36.81
CA THR CA 99 -52.86 59.97 -37.98
C THR CA 99 -52.16 60.51 -39.21
N ARG CA 100 -51.07 61.27 -39.06
CA ARG CA 100 -50.29 61.62 -40.25
C ARG CA 100 -49.26 60.56 -40.60
N VAL CA 101 -48.68 59.89 -39.59
CA VAL CA 101 -47.74 58.81 -39.87
C VAL CA 101 -48.42 57.68 -40.62
N LEU CA 102 -49.65 57.34 -40.23
CA LEU CA 102 -50.36 56.27 -40.92
C LEU CA 102 -50.58 56.61 -42.40
N GLU CA 103 -51.00 57.84 -42.68
CA GLU CA 103 -51.21 58.25 -44.07
C GLU CA 103 -49.90 58.23 -44.86
N ASN CA 104 -48.82 58.71 -44.25
CA ASN CA 104 -47.53 58.70 -44.94
C ASN CA 104 -47.11 57.28 -45.29
N LYS CA 105 -47.25 56.36 -44.34
CA LYS CA 105 -46.88 54.97 -44.62
C LYS CA 105 -47.77 54.36 -45.69
N GLN CA 106 -49.07 54.70 -45.69
CA GLN CA 106 -49.98 54.20 -46.71
C GLN CA 106 -49.54 54.66 -48.09
N VAL CA 107 -49.19 55.94 -48.23
CA VAL CA 107 -48.76 56.45 -49.52
C VAL CA 107 -47.45 55.79 -49.95
N GLU CA 108 -46.52 55.61 -49.02
CA GLU CA 108 -45.26 54.94 -49.36
C GLU CA 108 -45.51 53.53 -49.88
N GLU CA 109 -46.41 52.79 -49.22
CA GLU CA 109 -46.71 51.44 -49.69
C GLU CA 109 -47.38 51.45 -51.04
N ILE CA 110 -48.23 52.45 -51.32
CA ILE CA 110 -48.85 52.55 -52.64
C ILE CA 110 -47.79 52.74 -53.71
N LEU CA 111 -46.81 53.62 -53.45
CA LEU CA 111 -45.73 53.81 -54.41
C LEU CA 111 -44.93 52.53 -54.61
N ARG CA 112 -44.61 51.83 -53.52
CA ARG CA 112 -43.88 50.56 -53.63
C ARG CA 112 -44.62 49.57 -54.51
N LEU CA 113 -45.93 49.40 -54.27
CA LEU CA 113 -46.70 48.45 -55.04
C LEU CA 113 -46.76 48.84 -56.51
N GLU CA 114 -46.95 50.13 -56.80
CA GLU CA 114 -47.03 50.55 -58.19
C GLU CA 114 -45.70 50.28 -58.91
N LYS CA 115 -44.58 50.59 -58.26
CA LYS CA 115 -43.28 50.35 -58.89
C LYS CA 115 -43.06 48.87 -59.14
N GLU CA 116 -43.40 48.02 -58.17
CA GLU CA 116 -43.22 46.58 -58.35
C GLU CA 116 -44.09 46.06 -59.48
N ILE CA 117 -45.33 46.54 -59.57
CA ILE CA 117 -46.22 46.11 -60.64
C ILE CA 117 -45.68 46.53 -62.00
N GLU CA 118 -45.18 47.76 -62.12
CA GLU CA 118 -44.63 48.21 -63.39
C GLU CA 118 -43.42 47.37 -63.79
N ASP CA 119 -42.52 47.11 -62.85
CA ASP CA 119 -41.33 46.31 -63.17
C ASP CA 119 -41.72 44.90 -63.60
N LEU CA 120 -42.65 44.27 -62.88
CA LEU CA 120 -43.06 42.92 -63.23
C LEU CA 120 -43.72 42.89 -64.60
N GLN CA 121 -44.57 43.88 -64.89
CA GLN CA 121 -45.24 43.93 -66.19
C GLN CA 121 -44.23 44.09 -67.32
N ARG CA 122 -43.24 44.97 -67.14
CA ARG CA 122 -42.23 45.16 -68.17
C ARG CA 122 -41.42 43.88 -68.40
N MET CA 123 -41.02 43.21 -67.32
CA MET CA 123 -40.23 42.00 -67.46
C MET CA 123 -41.04 40.90 -68.14
N LYS CA 124 -42.32 40.76 -67.78
CA LYS CA 124 -43.17 39.78 -68.43
C LYS CA 124 -43.34 40.09 -69.90
N GLU CA 125 -43.48 41.38 -70.25
CA GLU CA 125 -43.62 41.75 -71.65
C GLU CA 125 -42.38 41.35 -72.45
N GLN CA 126 -41.19 41.66 -71.92
CA GLN CA 126 -39.99 41.27 -72.63
C GLN CA 126 -39.85 39.75 -72.74
N GLN CA 127 -40.23 39.02 -71.68
CA GLN CA 127 -40.15 37.57 -71.74
C GLN CA 127 -41.10 37.00 -72.78
N GLU CA 128 -42.31 37.56 -72.87
CA GLU CA 128 -43.29 37.07 -73.84
C GLU CA 128 -42.93 37.47 -75.27
N LEU CA 129 -42.17 38.54 -75.45
CA LEU CA 129 -41.83 38.99 -76.80
C LEU CA 129 -41.12 37.91 -77.59
N SER CA 130 -40.20 37.17 -76.95
CA SER CA 130 -39.44 36.11 -77.61
C SER CA 130 -40.24 34.82 -77.54
N LEU CA 131 -41.03 34.56 -78.58
CA LEU CA 131 -41.86 33.36 -78.61
C LEU CA 131 -42.16 33.01 -80.05
N THR CA 132 -42.56 31.76 -80.26
CA THR CA 132 -42.87 31.25 -81.59
C THR CA 132 -44.37 31.27 -81.85
N GLU CA 133 -44.75 31.03 -83.10
CA GLU CA 133 -46.15 31.11 -83.50
C GLU CA 133 -46.97 30.01 -82.85
N ALA CA 134 -46.50 28.77 -82.91
CA ALA CA 134 -47.21 27.67 -82.28
C ALA CA 134 -47.27 27.84 -80.77
N SER CA 135 -46.17 28.32 -80.18
CA SER CA 135 -46.19 28.61 -78.75
C SER CA 135 -47.18 29.71 -78.42
N LEU CA 136 -47.29 30.72 -79.28
CA LEU CA 136 -48.27 31.78 -79.07
C LEU CA 136 -49.69 31.23 -79.13
N GLN CA 137 -49.95 30.34 -80.09
CA GLN CA 137 -51.27 29.73 -80.18
C GLN CA 137 -51.60 28.91 -78.95
N LYS CA 138 -50.63 28.13 -78.46
CA LYS CA 138 -50.85 27.36 -77.23
C LYS CA 138 -51.09 28.29 -76.04
N LEU CA 139 -50.35 29.39 -75.98
CA LEU CA 139 -50.55 30.40 -74.95
C LEU CA 139 -51.98 30.93 -74.98
N GLN CA 140 -52.47 31.30 -76.16
CA GLN CA 140 -53.81 31.83 -76.28
C GLN CA 140 -54.85 30.78 -75.88
N GLU CA 141 -54.66 29.54 -76.32
CA GLU CA 141 -55.61 28.48 -76.00
C GLU CA 141 -55.68 28.24 -74.49
N ARG CA 142 -54.52 28.14 -73.84
CA ARG CA 142 -54.52 27.88 -72.41
C ARG CA 142 -55.03 29.07 -71.61
N ARG CA 143 -54.77 30.29 -72.08
CA ARG CA 143 -55.34 31.47 -71.44
C ARG CA 143 -56.86 31.47 -71.56
N ASP CA 144 -57.38 31.07 -72.73
CA ASP CA 144 -58.83 30.94 -72.89
C ASP CA 144 -59.40 29.89 -71.95
N GLN CA 145 -58.73 28.76 -71.83
CA GLN CA 145 -59.14 27.73 -70.87
C GLN CA 145 -59.04 28.25 -69.44
N LYS DA 15 -89.83 1.03 49.46
CA LYS DA 15 -88.50 0.79 48.92
C LYS DA 15 -87.71 -0.16 49.81
N ASN DA 16 -87.01 -1.11 49.21
CA ASN DA 16 -86.27 -2.12 49.95
C ASN DA 16 -85.15 -2.64 49.07
N ILE DA 17 -83.92 -2.27 49.37
CA ILE DA 17 -82.75 -2.70 48.60
C ILE DA 17 -82.01 -3.75 49.40
N LYS DA 18 -81.91 -4.95 48.84
CA LYS DA 18 -81.23 -6.07 49.47
C LYS DA 18 -80.41 -6.82 48.44
N ILE DA 19 -79.11 -6.98 48.70
CA ILE DA 19 -78.26 -7.76 47.81
C ILE DA 19 -78.56 -9.25 48.02
N MET DA 20 -78.32 -10.03 46.98
CA MET DA 20 -78.50 -11.47 47.09
C MET DA 20 -77.47 -12.19 46.24
N ARG DA 21 -77.24 -13.45 46.59
CA ARG DA 21 -76.33 -14.33 45.86
C ARG DA 21 -77.13 -15.46 45.23
N LEU DA 22 -76.97 -15.63 43.92
CA LEU DA 22 -77.73 -16.63 43.19
C LEU DA 22 -77.02 -17.97 43.22
N VAL DA 23 -77.78 -19.04 42.93
CA VAL DA 23 -77.21 -20.38 42.89
C VAL DA 23 -76.14 -20.49 41.81
N THR DA 24 -76.24 -19.67 40.77
CA THR DA 24 -75.19 -19.63 39.75
C THR DA 24 -73.86 -19.17 40.33
N GLY DA 25 -73.92 -18.21 41.26
CA GLY DA 25 -72.72 -17.70 41.88
C GLY DA 25 -72.44 -16.24 41.58
N GLU DA 26 -73.51 -15.47 41.40
CA GLU DA 26 -73.40 -14.06 41.06
C GLU DA 26 -74.17 -13.23 42.09
N ASP DA 27 -73.83 -11.94 42.14
CA ASP DA 27 -74.37 -11.02 43.13
C ASP DA 27 -75.32 -10.05 42.44
N ILE DA 28 -76.57 -10.01 42.91
CA ILE DA 28 -77.63 -9.20 42.33
C ILE DA 28 -78.06 -8.17 43.37
N ILE DA 29 -78.11 -6.90 42.95
CA ILE DA 29 -78.57 -5.82 43.81
C ILE DA 29 -79.73 -5.10 43.12
N GLY DA 30 -80.80 -4.85 43.87
CA GLY DA 30 -81.94 -4.17 43.31
C GLY DA 30 -83.09 -4.14 44.29
N ASN DA 31 -84.21 -3.59 43.81
CA ASN DA 31 -85.40 -3.50 44.63
C ASN DA 31 -86.07 -4.87 44.74
N ILE DA 32 -86.35 -5.29 45.98
CA ILE DA 32 -86.80 -6.66 46.25
C ILE DA 32 -88.18 -6.60 46.88
N SER DA 33 -88.99 -7.62 46.59
CA SER DA 33 -90.31 -7.76 47.23
C SER DA 33 -90.59 -9.25 47.39
N GLU DA 34 -90.66 -9.70 48.64
CA GLU DA 34 -90.89 -11.12 48.96
C GLU DA 34 -92.33 -11.27 49.44
N SER DA 35 -93.20 -11.78 48.57
CA SER DA 35 -94.62 -11.91 48.87
C SER DA 35 -95.00 -13.30 49.38
N GLN DA 36 -94.80 -14.33 48.56
CA GLN DA 36 -95.27 -15.68 48.87
C GLN DA 36 -94.18 -16.69 48.52
N GLY DA 37 -92.96 -16.42 48.98
CA GLY DA 37 -91.83 -17.27 48.62
C GLY DA 37 -91.18 -16.80 47.35
N LEU DA 38 -91.90 -16.88 46.25
CA LEU DA 38 -91.42 -16.29 45.00
C LEU DA 38 -91.28 -14.79 45.16
N ILE DA 39 -90.15 -14.25 44.70
CA ILE DA 39 -89.82 -12.86 44.94
C ILE DA 39 -89.81 -12.09 43.62
N THR DA 40 -90.06 -10.79 43.72
CA THR DA 40 -90.08 -9.88 42.60
C THR DA 40 -88.90 -8.94 42.70
N ILE DA 41 -88.19 -8.74 41.60
CA ILE DA 41 -86.98 -7.95 41.56
C ILE DA 41 -87.16 -6.85 40.52
N LYS DA 42 -86.80 -5.63 40.89
CA LYS DA 42 -86.87 -4.47 40.00
C LYS DA 42 -85.51 -3.79 39.93
N LYS DA 43 -85.13 -3.41 38.71
CA LYS DA 43 -83.87 -2.70 38.46
C LYS DA 43 -82.67 -3.50 38.98
N ALA DA 44 -82.65 -4.78 38.66
CA ALA DA 44 -81.57 -5.65 39.12
C ALA DA 44 -80.26 -5.31 38.43
N PHE DA 45 -79.17 -5.46 39.17
CA PHE DA 45 -77.83 -5.20 38.66
C PHE DA 45 -76.89 -6.30 39.12
N VAL DA 46 -76.06 -6.78 38.20
CA VAL DA 46 -74.99 -7.72 38.51
C VAL DA 46 -73.79 -6.92 39.00
N ILE DA 47 -73.26 -7.31 40.17
CA ILE DA 47 -72.08 -6.67 40.74
C ILE DA 47 -70.86 -7.47 40.33
N ILE DA 48 -69.96 -6.86 39.58
CA ILE DA 48 -68.74 -7.51 39.10
C ILE DA 48 -67.61 -7.14 40.07
N PRO DA 49 -66.93 -8.12 40.68
CA PRO DA 49 -65.83 -7.78 41.59
C PRO DA 49 -64.61 -7.26 40.85
N MET DA 50 -64.35 -5.95 40.98
CA MET DA 50 -63.23 -5.32 40.31
C MET DA 50 -62.88 -4.00 40.97
N GLN DA 59 -62.94 -0.11 43.89
CA GLN DA 59 -64.22 0.39 43.40
C GLN DA 59 -65.14 -0.76 43.02
N LEU DA 60 -66.34 -0.43 42.55
CA LEU DA 60 -67.33 -1.42 42.16
C LEU DA 60 -67.80 -1.15 40.75
N VAL DA 61 -68.17 -2.22 40.05
CA VAL DA 61 -68.70 -2.15 38.70
C VAL DA 61 -70.04 -2.86 38.67
N LEU DA 62 -71.04 -2.21 38.07
CA LEU DA 62 -72.38 -2.75 37.98
C LEU DA 62 -72.75 -2.91 36.51
N SER DA 63 -73.51 -3.97 36.21
CA SER DA 63 -73.97 -4.24 34.86
C SER DA 63 -75.43 -4.62 34.90
N PRO DA 64 -76.15 -4.45 33.79
CA PRO DA 64 -77.55 -4.90 33.75
C PRO DA 64 -77.64 -6.40 33.90
N TRP DA 65 -78.70 -6.85 34.57
CA TRP DA 65 -78.87 -8.28 34.80
C TRP DA 65 -79.54 -8.97 33.62
N GLN DA 66 -80.56 -8.35 33.04
CA GLN DA 66 -81.34 -8.94 31.95
C GLN DA 66 -81.37 -7.95 30.80
N PRO DA 67 -80.28 -7.87 30.03
CA PRO DA 67 -80.20 -6.89 28.95
C PRO DA 67 -80.98 -7.25 27.68
N TYR DA 68 -81.84 -8.27 27.74
CA TYR DA 68 -82.64 -8.66 26.58
C TYR DA 68 -84.13 -8.48 26.80
N THR DA 69 -84.54 -7.91 27.93
CA THR DA 69 -85.95 -7.71 28.24
C THR DA 69 -86.20 -6.30 28.73
N ASP DA 70 -87.41 -5.81 28.45
CA ASP DA 70 -87.83 -4.49 28.90
C ASP DA 70 -88.80 -4.55 30.08
N ASP DA 71 -89.06 -5.73 30.62
CA ASP DA 71 -89.98 -5.85 31.73
C ASP DA 71 -89.43 -5.14 32.97
N LYS DA 72 -90.32 -4.40 33.65
CA LYS DA 72 -89.89 -3.68 34.84
C LYS DA 72 -89.56 -4.64 35.98
N GLU DA 73 -90.36 -5.68 36.16
CA GLU DA 73 -90.21 -6.60 37.27
C GLU DA 73 -89.94 -8.01 36.76
N ILE DA 74 -89.12 -8.75 37.49
CA ILE DA 74 -88.80 -10.14 37.16
C ILE DA 74 -89.10 -10.99 38.39
N VAL DA 75 -89.81 -12.10 38.18
CA VAL DA 75 -90.24 -12.97 39.26
C VAL DA 75 -89.36 -14.21 39.27
N ILE DA 76 -88.73 -14.50 40.40
CA ILE DA 76 -87.91 -15.69 40.57
C ILE DA 76 -88.38 -16.43 41.82
N ASP DA 77 -87.80 -17.60 42.04
CA ASP DA 77 -88.18 -18.48 43.14
C ASP DA 77 -87.13 -18.44 44.24
N ASP DA 78 -87.59 -18.41 45.49
CA ASP DA 78 -86.68 -18.37 46.63
C ASP DA 78 -85.84 -19.63 46.76
N SER DA 79 -86.26 -20.73 46.12
CA SER DA 79 -85.46 -21.96 46.16
C SER DA 79 -84.19 -21.84 45.33
N GLU DA 80 -84.04 -20.77 44.55
CA GLU DA 80 -82.89 -20.60 43.66
C GLU DA 80 -82.00 -19.45 44.08
N VAL DA 81 -82.13 -18.98 45.32
CA VAL DA 81 -81.29 -17.92 45.86
C VAL DA 81 -80.66 -18.38 47.17
N ILE DA 82 -79.38 -18.12 47.34
CA ILE DA 82 -78.65 -18.63 48.50
C ILE DA 82 -78.84 -17.70 49.69
N THR DA 83 -78.36 -16.46 49.58
CA THR DA 83 -78.36 -15.50 50.68
C THR DA 83 -78.97 -14.19 50.23
N ILE DA 84 -79.78 -13.59 51.09
CA ILE DA 84 -80.38 -12.28 50.89
C ILE DA 84 -80.05 -11.43 52.11
N THR DA 85 -79.28 -10.37 51.91
CA THR DA 85 -78.81 -9.55 53.03
C THR DA 85 -78.78 -8.08 52.62
N SER DA 86 -78.92 -7.21 53.62
CA SER DA 86 -78.85 -5.77 53.38
C SER DA 86 -77.40 -5.33 53.17
N PRO DA 87 -77.15 -4.40 52.25
CA PRO DA 87 -75.77 -3.99 51.97
C PRO DA 87 -75.34 -2.79 52.79
N LYS DA 88 -74.07 -2.41 52.68
CA LYS DA 88 -73.57 -1.23 53.38
C LYS DA 88 -73.94 0.03 52.60
N ASP DA 89 -73.64 1.18 53.21
CA ASP DA 89 -74.12 2.45 52.67
C ASP DA 89 -73.38 2.89 51.42
N ASP DA 90 -72.10 2.56 51.31
CA ASP DA 90 -71.32 2.97 50.14
C ASP DA 90 -71.90 2.37 48.86
N ILE DA 91 -72.23 1.09 48.89
CA ILE DA 91 -72.82 0.45 47.72
C ILE DA 91 -74.19 1.02 47.42
N ILE DA 92 -74.94 1.38 48.47
CA ILE DA 92 -76.24 2.03 48.27
C ILE DA 92 -76.08 3.34 47.52
N LYS DA 93 -75.10 4.15 47.93
CA LYS DA 93 -74.85 5.42 47.27
C LYS DA 93 -74.44 5.20 45.82
N SER DA 94 -73.55 4.25 45.58
CA SER DA 94 -73.11 4.00 44.20
C SER DA 94 -74.27 3.53 43.33
N TYR DA 95 -75.11 2.64 43.88
CA TYR DA 95 -76.26 2.14 43.13
C TYR DA 95 -77.24 3.25 42.80
N GLU DA 96 -77.52 4.14 43.76
CA GLU DA 96 -78.43 5.25 43.50
C GLU DA 96 -77.86 6.19 42.44
N SER DA 97 -76.57 6.49 42.54
CA SER DA 97 -75.94 7.37 41.55
C SER DA 97 -76.03 6.76 40.15
N HIS DA 98 -75.73 5.47 40.04
CA HIS DA 98 -75.77 4.82 38.72
C HIS DA 98 -77.19 4.79 38.18
N THR DA 99 -78.17 4.48 39.03
CA THR DA 99 -79.54 4.36 38.57
C THR DA 99 -80.17 5.71 38.24
N ARG DA 100 -79.63 6.82 38.76
CA ARG DA 100 -80.10 8.11 38.28
C ARG DA 100 -79.37 8.58 37.03
N VAL DA 101 -78.08 8.24 36.91
CA VAL DA 101 -77.33 8.60 35.69
C VAL DA 101 -77.94 7.91 34.48
N LEU DA 102 -78.31 6.64 34.62
CA LEU DA 102 -78.89 5.92 33.49
C LEU DA 102 -80.20 6.58 33.03
N GLU DA 103 -81.05 6.95 33.98
CA GLU DA 103 -82.31 7.61 33.63
C GLU DA 103 -82.06 8.96 32.95
N ASN DA 104 -81.11 9.73 33.47
CA ASN DA 104 -80.79 11.02 32.88
C ASN DA 104 -80.33 10.86 31.43
N LYS DA 105 -79.43 9.89 31.20
CA LYS DA 105 -78.95 9.66 29.83
C LYS DA 105 -80.07 9.19 28.92
N GLN DA 106 -80.98 8.35 29.44
CA GLN DA 106 -82.11 7.90 28.64
C GLN DA 106 -82.98 9.09 28.21
N VAL DA 107 -83.27 9.99 29.13
CA VAL DA 107 -84.09 11.15 28.80
C VAL DA 107 -83.38 12.03 27.78
N GLU DA 108 -82.07 12.23 27.96
CA GLU DA 108 -81.32 13.05 27.00
C GLU DA 108 -81.38 12.45 25.60
N GLU DA 109 -81.23 11.13 25.50
CA GLU DA 109 -81.31 10.49 24.19
C GLU DA 109 -82.71 10.60 23.59
N ILE DA 110 -83.75 10.53 24.43
CA ILE DA 110 -85.11 10.72 23.92
C ILE DA 110 -85.27 12.10 23.32
N LEU DA 111 -84.78 13.13 24.01
CA LEU DA 111 -84.85 14.48 23.46
C LEU DA 111 -84.07 14.59 22.15
N ARG DA 112 -82.87 14.00 22.09
CA ARG DA 112 -82.09 14.04 20.86
C ARG DA 112 -82.86 13.43 19.70
N LEU DA 113 -83.44 12.24 19.93
CA LEU DA 113 -84.17 11.56 18.87
C LEU DA 113 -85.37 12.36 18.42
N GLU DA 114 -86.12 12.94 19.37
CA GLU DA 114 -87.29 13.72 18.99
C GLU DA 114 -86.90 14.93 18.15
N LYS DA 115 -85.83 15.63 18.55
CA LYS DA 115 -85.40 16.80 17.78
C LYS DA 115 -84.96 16.41 16.37
N GLU DA 116 -84.21 15.31 16.26
CA GLU DA 116 -83.75 14.87 14.94
C GLU DA 116 -84.95 14.49 14.06
N ILE DA 117 -85.93 13.81 14.63
CA ILE DA 117 -87.11 13.42 13.87
C ILE DA 117 -87.87 14.64 13.38
N GLU DA 118 -88.04 15.63 14.26
CA GLU DA 118 -88.75 16.85 13.86
C GLU DA 118 -88.03 17.57 12.74
N ASP DA 119 -86.70 17.71 12.85
CA ASP DA 119 -85.94 18.38 11.81
C ASP DA 119 -86.03 17.65 10.49
N LEU DA 120 -85.88 16.32 10.51
CA LEU DA 120 -85.96 15.55 9.28
C LEU DA 120 -87.34 15.65 8.64
N GLN DA 121 -88.40 15.60 9.46
CA GLN DA 121 -89.75 15.70 8.92
C GLN DA 121 -89.98 17.06 8.28
N ARG DA 122 -89.52 18.13 8.93
CA ARG DA 122 -89.69 19.46 8.36
C ARG DA 122 -88.94 19.59 7.03
N MET DA 123 -87.70 19.10 6.99
CA MET DA 123 -86.92 19.22 5.76
C MET DA 123 -87.54 18.40 4.64
N LYS DA 124 -88.04 17.20 4.95
CA LYS DA 124 -88.72 16.39 3.94
C LYS DA 124 -89.98 17.08 3.44
N GLU DA 125 -90.73 17.73 4.34
CA GLU DA 125 -91.94 18.43 3.94
C GLU DA 125 -91.61 19.55 2.96
N GLN DA 126 -90.59 20.35 3.28
CA GLN DA 126 -90.22 21.43 2.36
C GLN DA 126 -89.72 20.89 1.03
N GLN DA 127 -88.97 19.78 1.06
CA GLN DA 127 -88.49 19.20 -0.20
C GLN DA 127 -89.64 18.69 -1.05
N GLU DA 128 -90.63 18.06 -0.42
CA GLU DA 128 -91.78 17.54 -1.16
C GLU DA 128 -92.70 18.64 -1.65
N LEU DA 129 -92.70 19.81 -1.00
CA LEU DA 129 -93.59 20.88 -1.40
C LEU DA 129 -93.37 21.29 -2.86
N SER DA 130 -92.11 21.36 -3.28
CA SER DA 130 -91.77 21.76 -4.64
C SER DA 130 -91.79 20.51 -5.54
N LEU DA 131 -92.94 20.27 -6.17
CA LEU DA 131 -93.09 19.10 -7.02
C LEU DA 131 -94.20 19.37 -8.03
N THR DA 132 -94.19 18.59 -9.11
CA THR DA 132 -95.17 18.72 -10.17
C THR DA 132 -96.28 17.70 -10.03
N GLU DA 133 -97.33 17.88 -10.82
CA GLU DA 133 -98.51 17.03 -10.71
C GLU DA 133 -98.21 15.60 -11.13
N ALA DA 134 -97.55 15.43 -12.29
CA ALA DA 134 -97.19 14.09 -12.73
C ALA DA 134 -96.21 13.43 -11.77
N SER DA 135 -95.26 14.22 -11.25
CA SER DA 135 -94.34 13.69 -10.26
C SER DA 135 -95.09 13.28 -8.99
N LEU DA 136 -96.08 14.06 -8.59
CA LEU DA 136 -96.89 13.70 -7.42
C LEU DA 136 -97.64 12.39 -7.66
N GLN DA 137 -98.19 12.22 -8.86
CA GLN DA 137 -98.89 10.98 -9.18
C GLN DA 137 -97.94 9.78 -9.14
N LYS DA 138 -96.74 9.94 -9.70
CA LYS DA 138 -95.75 8.86 -9.64
C LYS DA 138 -95.36 8.56 -8.20
N LEU DA 139 -95.21 9.62 -7.39
CA LEU DA 139 -94.93 9.45 -5.96
C LEU DA 139 -96.00 8.61 -5.30
N GLN DA 140 -97.26 8.95 -5.52
CA GLN DA 140 -98.36 8.22 -4.91
C GLN DA 140 -98.39 6.76 -5.38
N GLU DA 141 -98.17 6.54 -6.68
CA GLU DA 141 -98.19 5.18 -7.21
C GLU DA 141 -97.09 4.34 -6.60
N ARG DA 142 -95.87 4.88 -6.53
CA ARG DA 142 -94.76 4.10 -6.00
C ARG DA 142 -94.90 3.90 -4.50
N ARG DA 143 -95.47 4.87 -3.79
CA ARG DA 143 -95.74 4.68 -2.36
C ARG DA 143 -96.77 3.58 -2.15
N ASP DA 144 -97.79 3.53 -3.01
CA ASP DA 144 -98.77 2.45 -2.94
C ASP DA 144 -98.12 1.10 -3.21
N GLN DA 145 -97.24 1.03 -4.21
CA GLN DA 145 -96.48 -0.19 -4.47
C GLN DA 145 -95.58 -0.53 -3.30
N LYS EA 15 -19.66 100.66 -5.11
CA LYS EA 15 -19.25 99.27 -5.28
C LYS EA 15 -18.76 99.02 -6.70
N ASN EA 16 -17.65 98.29 -6.83
CA ASN EA 16 -17.05 98.04 -8.13
C ASN EA 16 -16.23 96.76 -8.03
N ILE EA 17 -16.72 95.69 -8.64
CA ILE EA 17 -16.04 94.39 -8.64
C ILE EA 17 -15.41 94.18 -9.99
N LYS EA 18 -14.09 94.04 -10.02
CA LYS EA 18 -13.34 93.82 -11.25
C LYS EA 18 -12.25 92.80 -10.99
N ILE EA 19 -12.24 91.73 -11.80
CA ILE EA 19 -11.17 90.74 -11.69
C ILE EA 19 -9.90 91.31 -12.30
N MET EA 20 -8.76 90.81 -11.83
CA MET EA 20 -7.48 91.24 -12.41
C MET EA 20 -6.51 90.08 -12.38
N ARG EA 21 -5.49 90.18 -13.23
CA ARG EA 21 -4.42 89.21 -13.32
C ARG EA 21 -3.11 89.86 -12.90
N LEU EA 22 -2.43 89.26 -11.92
CA LEU EA 22 -1.21 89.82 -11.39
C LEU EA 22 0.00 89.39 -12.22
N VAL EA 23 1.10 90.14 -12.07
CA VAL EA 23 2.34 89.79 -12.77
C VAL EA 23 2.85 88.43 -12.35
N THR EA 24 2.52 88.01 -11.13
CA THR EA 24 2.89 86.67 -10.68
C THR EA 24 2.20 85.60 -11.52
N GLY EA 25 0.95 85.85 -11.91
CA GLY EA 25 0.22 84.90 -12.72
C GLY EA 25 -1.00 84.33 -12.03
N GLU EA 26 -1.61 85.12 -11.15
CA GLU EA 26 -2.77 84.70 -10.39
C GLU EA 26 -3.93 85.65 -10.62
N ASP EA 27 -5.14 85.18 -10.32
CA ASP EA 27 -6.37 85.92 -10.57
C ASP EA 27 -6.96 86.38 -9.25
N ILE EA 28 -7.16 87.69 -9.13
CA ILE EA 28 -7.65 88.33 -7.92
C ILE EA 28 -9.00 88.96 -8.21
N ILE EA 29 -9.99 88.66 -7.38
CA ILE EA 29 -11.33 89.24 -7.49
C ILE EA 29 -11.67 89.93 -6.18
N GLY EA 30 -12.20 91.16 -6.29
CA GLY EA 30 -12.56 91.89 -5.10
C GLY EA 30 -12.97 93.31 -5.44
N ASN EA 31 -13.25 94.07 -4.39
CA ASN EA 31 -13.65 95.47 -4.56
C ASN EA 31 -12.43 96.31 -4.91
N ILE EA 32 -12.53 97.09 -5.98
CA ILE EA 32 -11.40 97.81 -6.54
C ILE EA 32 -11.68 99.31 -6.50
N SER EA 33 -10.61 100.09 -6.31
CA SER EA 33 -10.71 101.54 -6.38
C SER EA 33 -9.42 102.09 -6.96
N GLU EA 34 -9.50 102.69 -8.15
CA GLU EA 34 -8.34 103.23 -8.85
C GLU EA 34 -8.37 104.75 -8.74
N SER EA 35 -7.53 105.29 -7.85
CA SER EA 35 -7.52 106.72 -7.58
C SER EA 35 -6.44 107.46 -8.38
N GLN EA 36 -5.17 107.13 -8.17
CA GLN EA 36 -4.05 107.87 -8.75
C GLN EA 36 -3.01 106.90 -9.28
N GLY EA 37 -3.46 105.91 -10.04
CA GLY EA 37 -2.56 104.87 -10.52
C GLY EA 37 -2.49 103.73 -9.55
N LEU EA 38 -1.95 103.99 -8.36
CA LEU EA 38 -1.99 103.00 -7.29
C LEU EA 38 -3.44 102.70 -6.92
N ILE EA 39 -3.76 101.42 -6.77
CA ILE EA 39 -5.14 101.00 -6.59
C ILE EA 39 -5.31 100.38 -5.20
N THR EA 40 -6.53 100.47 -4.69
CA THR EA 40 -6.90 99.93 -3.40
C THR EA 40 -7.84 98.75 -3.61
N ILE EA 41 -7.57 97.66 -2.90
CA ILE EA 41 -8.31 96.41 -3.05
C ILE EA 41 -8.89 96.02 -1.69
N LYS EA 42 -10.16 95.66 -1.68
CA LYS EA 42 -10.86 95.22 -0.48
C LYS EA 42 -11.47 93.85 -0.71
N LYS EA 43 -11.34 92.98 0.29
CA LYS EA 43 -11.90 91.64 0.27
C LYS EA 43 -11.41 90.84 -0.94
N ALA EA 44 -10.10 90.90 -1.17
CA ALA EA 44 -9.51 90.21 -2.31
C ALA EA 44 -9.57 88.70 -2.13
N PHE EA 45 -9.75 88.00 -3.25
CA PHE EA 45 -9.82 86.54 -3.26
C PHE EA 45 -9.01 86.02 -4.44
N VAL EA 46 -8.21 84.99 -4.18
CA VAL EA 46 -7.51 84.26 -5.23
C VAL EA 46 -8.45 83.23 -5.81
N ILE EA 47 -8.57 83.23 -7.14
CA ILE EA 47 -9.42 82.27 -7.85
C ILE EA 47 -8.54 81.12 -8.30
N ILE EA 48 -8.81 79.92 -7.81
CA ILE EA 48 -8.05 78.72 -8.15
C ILE EA 48 -8.79 78.00 -9.26
N PRO EA 49 -8.16 77.74 -10.41
CA PRO EA 49 -8.86 77.03 -11.50
C PRO EA 49 -9.06 75.56 -11.17
N MET EA 50 -10.31 75.19 -10.88
CA MET EA 50 -10.63 73.80 -10.54
C MET EA 50 -12.12 73.54 -10.73
N GLN EA 59 -16.86 74.12 -11.67
CA GLN EA 59 -17.09 75.02 -10.56
C GLN EA 59 -15.87 75.90 -10.31
N LEU EA 60 -15.96 76.77 -9.31
CA LEU EA 60 -14.88 77.68 -8.96
C LEU EA 60 -14.55 77.55 -7.48
N VAL EA 61 -13.27 77.78 -7.17
CA VAL EA 61 -12.77 77.74 -5.80
C VAL EA 61 -12.10 79.08 -5.51
N LEU EA 62 -12.43 79.67 -4.36
CA LEU EA 62 -11.87 80.94 -3.94
C LEU EA 62 -11.12 80.76 -2.64
N SER EA 63 -10.03 81.49 -2.48
CA SER EA 63 -9.21 81.44 -1.28
C SER EA 63 -8.86 82.86 -0.85
N PRO EA 64 -8.56 83.08 0.42
CA PRO EA 64 -8.10 84.40 0.84
C PRO EA 64 -6.78 84.77 0.19
N TRP EA 65 -6.63 86.07 -0.12
CA TRP EA 65 -5.41 86.51 -0.78
C TRP EA 65 -4.29 86.78 0.20
N GLN EA 66 -4.60 87.42 1.33
CA GLN EA 66 -3.61 87.81 2.33
C GLN EA 66 -4.05 87.25 3.68
N PRO EA 67 -3.83 85.96 3.93
CA PRO EA 67 -4.29 85.34 5.17
C PRO EA 67 -3.43 85.64 6.39
N TYR EA 68 -2.51 86.60 6.31
CA TYR EA 68 -1.67 86.96 7.43
C TYR EA 68 -1.90 88.37 7.92
N THR EA 69 -2.87 89.09 7.36
CA THR EA 69 -3.13 90.47 7.74
C THR EA 69 -4.62 90.67 7.97
N ASP EA 70 -4.95 91.60 8.87
CA ASP EA 70 -6.32 91.96 9.16
C ASP EA 70 -6.73 93.29 8.55
N ASP EA 71 -5.86 93.90 7.76
CA ASP EA 71 -6.19 95.19 7.15
C ASP EA 71 -7.35 95.04 6.17
N LYS EA 72 -8.29 95.99 6.23
CA LYS EA 72 -9.44 95.94 5.34
C LYS EA 72 -9.04 96.21 3.89
N GLU EA 73 -8.14 97.16 3.68
CA GLU EA 73 -7.74 97.57 2.34
C GLU EA 73 -6.25 97.34 2.13
N ILE EA 74 -5.88 96.97 0.91
CA ILE EA 74 -4.49 96.77 0.53
C ILE EA 74 -4.20 97.63 -0.69
N VAL EA 75 -3.09 98.35 -0.65
CA VAL EA 75 -2.72 99.28 -1.72
C VAL EA 75 -1.61 98.66 -2.54
N ILE EA 76 -1.82 98.55 -3.86
CA ILE EA 76 -0.81 98.04 -4.77
C ILE EA 76 -0.63 99.04 -5.91
N ASP EA 77 0.34 98.76 -6.77
CA ASP EA 77 0.69 99.65 -7.87
C ASP EA 77 0.20 99.10 -9.19
N ASP EA 78 -0.33 99.98 -10.04
CA ASP EA 78 -0.84 99.57 -11.34
C ASP EA 78 0.24 99.03 -12.26
N SER EA 79 1.51 99.34 -11.98
CA SER EA 79 2.60 98.80 -12.78
C SER EA 79 2.82 97.32 -12.56
N GLU EA 80 2.15 96.73 -11.58
CA GLU EA 80 2.33 95.32 -11.23
C GLU EA 80 1.08 94.49 -11.50
N VAL EA 81 0.16 94.99 -12.31
CA VAL EA 81 -1.05 94.27 -12.69
C VAL EA 81 -1.16 94.27 -14.21
N ILE EA 82 -1.49 93.10 -14.76
CA ILE EA 82 -1.51 92.95 -16.22
C ILE EA 82 -2.85 93.43 -16.78
N THR EA 83 -3.93 92.76 -16.41
CA THR EA 83 -5.25 93.04 -16.97
C THR EA 83 -6.26 93.23 -15.84
N ILE EA 84 -7.14 94.21 -16.03
CA ILE EA 84 -8.25 94.49 -15.12
C ILE EA 84 -9.53 94.52 -15.94
N THR EA 85 -10.43 93.58 -15.68
CA THR EA 85 -11.63 93.45 -16.49
C THR EA 85 -12.82 93.05 -15.62
N SER EA 86 -14.01 93.42 -16.06
CA SER EA 86 -15.23 93.06 -15.34
C SER EA 86 -15.58 91.59 -15.59
N PRO EA 87 -16.05 90.88 -14.57
CA PRO EA 87 -16.34 89.45 -14.74
C PRO EA 87 -17.79 89.19 -15.15
N LYS EA 88 -18.11 87.93 -15.42
CA LYS EA 88 -19.48 87.55 -15.75
C LYS EA 88 -20.32 87.42 -14.47
N ASP EA 89 -21.61 87.19 -14.67
CA ASP EA 89 -22.54 87.26 -13.54
C ASP EA 89 -22.45 86.05 -12.63
N ASP EA 90 -22.13 84.87 -13.19
CA ASP EA 90 -22.05 83.67 -12.36
C ASP EA 90 -20.98 83.80 -11.28
N ILE EA 91 -19.81 84.32 -11.66
CA ILE EA 91 -18.74 84.51 -10.69
C ILE EA 91 -19.12 85.57 -9.68
N ILE EA 92 -19.86 86.59 -10.11
CA ILE EA 92 -20.33 87.61 -9.18
C ILE EA 92 -21.24 86.99 -8.13
N LYS EA 93 -22.17 86.13 -8.56
CA LYS EA 93 -23.06 85.46 -7.63
C LYS EA 93 -22.29 84.58 -6.66
N SER EA 94 -21.33 83.81 -7.17
CA SER EA 94 -20.54 82.94 -6.29
C SER EA 94 -19.74 83.75 -5.29
N TYR EA 95 -19.15 84.85 -5.74
CA TYR EA 95 -18.36 85.70 -4.84
C TYR EA 95 -19.22 86.31 -3.76
N GLU EA 96 -20.42 86.79 -4.11
CA GLU EA 96 -21.31 87.36 -3.11
C GLU EA 96 -21.76 86.31 -2.10
N SER EA 97 -22.10 85.11 -2.58
CA SER EA 97 -22.50 84.04 -1.68
C SER EA 97 -21.38 83.70 -0.71
N HIS EA 98 -20.16 83.56 -1.22
CA HIS EA 98 -19.04 83.20 -0.35
C HIS EA 98 -18.76 84.31 0.66
N THR EA 99 -18.80 85.57 0.23
CA THR EA 99 -18.48 86.67 1.12
C THR EA 99 -19.57 86.93 2.15
N ARG EA 100 -20.81 86.46 1.92
CA ARG EA 100 -21.78 86.53 3.01
C ARG EA 100 -21.71 85.31 3.93
N VAL EA 101 -21.38 84.14 3.39
CA VAL EA 101 -21.23 82.95 4.23
C VAL EA 101 -20.09 83.15 5.23
N LEU EA 102 -18.99 83.73 4.77
CA LEU EA 102 -17.86 83.95 5.68
C LEU EA 102 -18.26 84.88 6.84
N GLU EA 103 -18.97 85.96 6.53
CA GLU EA 103 -19.40 86.88 7.59
C GLU EA 103 -20.36 86.20 8.55
N ASN EA 104 -21.29 85.41 8.02
CA ASN EA 104 -22.24 84.71 8.89
C ASN EA 104 -21.51 83.77 9.84
N LYS EA 105 -20.55 83.01 9.32
CA LYS EA 105 -19.80 82.09 10.17
C LYS EA 105 -18.97 82.84 11.21
N GLN EA 106 -18.40 83.99 10.82
CA GLN EA 106 -17.64 84.80 11.78
C GLN EA 106 -18.53 85.25 12.93
N VAL EA 107 -19.73 85.73 12.62
CA VAL EA 107 -20.64 86.19 13.67
C VAL EA 107 -21.06 85.02 14.57
N GLU EA 108 -21.33 83.86 13.97
CA GLU EA 108 -21.70 82.70 14.77
C GLU EA 108 -20.58 82.32 15.73
N GLU EA 109 -19.34 82.35 15.26
CA GLU EA 109 -18.22 82.02 16.14
C GLU EA 109 -18.05 83.06 17.25
N ILE EA 110 -18.31 84.35 16.93
CA ILE EA 110 -18.24 85.37 17.97
C ILE EA 110 -19.27 85.08 19.08
N LEU EA 111 -20.50 84.74 18.68
CA LEU EA 111 -21.51 84.40 19.68
C LEU EA 111 -21.09 83.19 20.51
N ARG EA 112 -20.56 82.15 19.85
CA ARG EA 112 -20.11 80.97 20.58
C ARG EA 112 -19.06 81.33 21.62
N LEU EA 113 -18.05 82.12 21.21
CA LEU EA 113 -16.99 82.49 22.14
C LEU EA 113 -17.53 83.31 23.30
N GLU EA 114 -18.42 84.26 23.03
CA GLU EA 114 -18.96 85.08 24.10
C GLU EA 114 -19.73 84.23 25.11
N LYS EA 115 -20.55 83.30 24.61
CA LYS EA 115 -21.32 82.44 25.52
C LYS EA 115 -20.40 81.58 26.37
N GLU EA 116 -19.37 81.00 25.75
CA GLU EA 116 -18.44 80.16 26.50
C GLU EA 116 -17.71 80.97 27.57
N ILE EA 117 -17.30 82.19 27.23
CA ILE EA 117 -16.61 83.05 28.19
C ILE EA 117 -17.52 83.38 29.36
N GLU EA 118 -18.78 83.72 29.07
CA GLU EA 118 -19.71 84.04 30.14
C GLU EA 118 -19.93 82.85 31.07
N ASP EA 119 -20.13 81.66 30.50
CA ASP EA 119 -20.34 80.48 31.32
C ASP EA 119 -19.12 80.18 32.18
N LEU EA 120 -17.92 80.25 31.59
CA LEU EA 120 -16.71 79.97 32.36
C LEU EA 120 -16.53 80.98 33.48
N GLN EA 121 -16.80 82.25 33.20
CA GLN EA 121 -16.65 83.28 34.23
C GLN EA 121 -17.62 83.05 35.38
N ARG EA 122 -18.87 82.71 35.05
CA ARG EA 122 -19.86 82.46 36.11
C ARG EA 122 -19.45 81.25 36.96
N MET EA 123 -19.01 80.18 36.31
CA MET EA 123 -18.63 78.99 37.08
C MET EA 123 -17.41 79.27 37.95
N LYS EA 124 -16.43 80.01 37.44
CA LYS EA 124 -15.28 80.36 38.24
C LYS EA 124 -15.68 81.24 39.43
N GLU EA 125 -16.62 82.16 39.21
CA GLU EA 125 -17.07 83.02 40.31
C GLU EA 125 -17.71 82.19 41.41
N GLN EA 126 -18.59 81.26 41.04
CA GLN EA 126 -19.22 80.42 42.07
C GLN EA 126 -18.18 79.54 42.77
N GLN EA 127 -17.20 79.02 42.03
CA GLN EA 127 -16.17 78.20 42.67
C GLN EA 127 -15.33 79.02 43.64
N GLU EA 128 -15.00 80.25 43.28
CA GLU EA 128 -14.20 81.10 44.16
C GLU EA 128 -14.99 81.59 45.36
N LEU EA 129 -16.32 81.67 45.25
CA LEU EA 129 -17.13 82.19 46.36
C LEU EA 129 -16.91 81.37 47.62
N SER EA 130 -16.82 80.05 47.51
CA SER EA 130 -16.64 79.17 48.66
C SER EA 130 -15.14 79.04 48.94
N LEU EA 131 -14.64 79.89 49.83
CA LEU EA 131 -13.23 79.88 50.16
C LEU EA 131 -13.05 80.48 51.56
N THR EA 132 -11.89 80.20 52.15
CA THR EA 132 -11.57 80.66 53.49
C THR EA 132 -10.67 81.90 53.42
N GLU EA 133 -10.50 82.53 54.58
CA GLU EA 133 -9.74 83.78 54.63
C GLU EA 133 -8.26 83.55 54.32
N ALA EA 134 -7.65 82.56 54.96
CA ALA EA 134 -6.25 82.25 54.68
C ALA EA 134 -6.07 81.81 53.24
N SER EA 135 -7.01 81.01 52.72
CA SER EA 135 -6.95 80.62 51.32
C SER EA 135 -7.07 81.83 50.40
N LEU EA 136 -7.93 82.79 50.77
CA LEU EA 136 -8.06 84.01 49.98
C LEU EA 136 -6.76 84.80 49.98
N GLN EA 137 -6.10 84.88 51.15
CA GLN EA 137 -4.82 85.59 51.22
C GLN EA 137 -3.76 84.91 50.36
N LYS EA 138 -3.70 83.58 50.41
CA LYS EA 138 -2.76 82.86 49.55
C LYS EA 138 -3.08 83.07 48.08
N LEU EA 139 -4.38 83.08 47.73
CA LEU EA 139 -4.80 83.38 46.37
C LEU EA 139 -4.28 84.73 45.92
N GLN EA 140 -4.48 85.77 46.76
CA GLN EA 140 -4.04 87.11 46.40
C GLN EA 140 -2.52 87.16 46.25
N GLU EA 141 -1.80 86.52 47.17
CA GLU EA 141 -0.34 86.54 47.10
C GLU EA 141 0.17 85.87 45.83
N ARG EA 142 -0.38 84.70 45.50
CA ARG EA 142 0.10 84.00 44.31
C ARG EA 142 -0.32 84.72 43.03
N ARG EA 143 -1.49 85.37 43.04
CA ARG EA 143 -1.88 86.17 41.89
C ARG EA 143 -0.95 87.37 41.71
N ASP EA 144 -0.53 87.99 42.82
CA ASP EA 144 0.44 89.08 42.74
C ASP EA 144 1.77 88.56 42.20
N GLN EA 145 2.22 87.39 42.65
CA GLN EA 145 3.43 86.79 42.11
C GLN EA 145 3.26 86.44 40.63
N LYS FA 15 65.88 48.85 -61.95
CA LYS FA 15 65.10 47.94 -61.13
C LYS FA 15 65.47 46.50 -61.44
N ASN FA 16 65.61 45.68 -60.39
CA ASN FA 16 66.02 44.29 -60.55
C ASN FA 16 65.53 43.51 -59.35
N ILE FA 17 64.51 42.67 -59.56
CA ILE FA 17 63.94 41.86 -58.49
C ILE FA 17 64.40 40.43 -58.67
N LYS FA 18 65.12 39.90 -57.68
CA LYS FA 18 65.63 38.54 -57.71
C LYS FA 18 65.46 37.92 -56.34
N ILE FA 19 64.80 36.76 -56.28
CA ILE FA 19 64.67 36.04 -55.04
C ILE FA 19 66.00 35.38 -54.70
N MET FA 20 66.24 35.14 -53.40
CA MET FA 20 67.44 34.45 -52.99
C MET FA 20 67.15 33.61 -51.76
N ARG FA 21 68.00 32.62 -51.55
CA ARG FA 21 67.94 31.74 -50.39
C ARG FA 21 69.16 31.96 -49.52
N LEU FA 22 68.94 32.24 -48.24
CA LEU FA 22 70.03 32.54 -47.33
C LEU FA 22 70.58 31.25 -46.71
N VAL FA 23 71.79 31.35 -46.17
CA VAL FA 23 72.43 30.21 -45.52
C VAL FA 23 71.62 29.76 -44.32
N THR FA 24 70.86 30.68 -43.70
CA THR FA 24 69.98 30.30 -42.60
C THR FA 24 68.90 29.34 -43.09
N GLY FA 25 68.39 29.56 -44.29
CA GLY FA 25 67.36 28.69 -44.85
C GLY FA 25 66.05 29.41 -45.09
N GLU FA 26 66.12 30.69 -45.41
CA GLU FA 26 64.93 31.51 -45.63
C GLU FA 26 65.01 32.15 -47.01
N ASP FA 27 63.85 32.58 -47.50
CA ASP FA 27 63.71 33.13 -48.85
C ASP FA 27 63.45 34.62 -48.77
N ILE FA 28 64.32 35.39 -49.42
CA ILE FA 28 64.29 36.85 -49.39
C ILE FA 28 64.00 37.35 -50.81
N ILE FA 29 63.00 38.23 -50.93
CA ILE FA 29 62.65 38.84 -52.21
C ILE FA 29 62.74 40.36 -52.06
N GLY FA 30 63.38 41.01 -53.03
CA GLY FA 30 63.51 42.45 -52.98
C GLY FA 30 64.41 42.96 -54.08
N ASN FA 31 64.62 44.27 -54.06
CA ASN FA 31 65.48 44.91 -55.05
C ASN FA 31 66.94 44.60 -54.74
N ILE FA 32 67.68 44.12 -55.74
CA ILE FA 32 69.03 43.61 -55.54
C ILE FA 32 70.01 44.42 -56.38
N SER FA 33 71.22 44.59 -55.86
CA SER FA 33 72.28 45.25 -56.62
C SER FA 33 73.61 44.59 -56.25
N GLU FA 34 74.23 43.91 -57.22
CA GLU FA 34 75.48 43.19 -57.00
C GLU FA 34 76.62 44.00 -57.63
N SER FA 35 77.39 44.70 -56.79
CA SER FA 35 78.45 45.58 -57.27
C SER FA 35 79.82 44.90 -57.27
N GLN FA 36 80.30 44.51 -56.09
CA GLN FA 36 81.66 44.00 -55.93
C GLN FA 36 81.65 42.76 -55.04
N GLY FA 37 80.76 41.83 -55.34
CA GLY FA 37 80.60 40.65 -54.49
C GLY FA 37 79.58 40.90 -53.40
N LEU FA 38 79.89 41.81 -52.49
CA LEU FA 38 78.92 42.25 -51.51
C LEU FA 38 77.74 42.90 -52.22
N ILE FA 39 76.52 42.54 -51.80
CA ILE FA 39 75.32 42.96 -52.50
C ILE FA 39 74.49 43.86 -51.59
N THR FA 40 73.72 44.73 -52.23
CA THR FA 40 72.83 45.67 -51.57
C THR FA 40 71.39 45.26 -51.82
N ILE FA 41 70.58 45.26 -50.77
CA ILE FA 41 69.20 44.81 -50.83
C ILE FA 41 68.31 45.93 -50.34
N LYS FA 42 67.23 46.20 -51.09
CA LYS FA 42 66.26 47.22 -50.75
C LYS FA 42 64.87 46.60 -50.70
N LYS FA 43 64.10 46.98 -49.67
CA LYS FA 43 62.72 46.53 -49.50
C LYS FA 43 62.63 45.00 -49.45
N ALA FA 44 63.52 44.41 -48.66
CA ALA FA 44 63.56 42.96 -48.55
C ALA FA 44 62.33 42.42 -47.82
N PHE FA 45 61.88 41.24 -48.25
CA PHE FA 45 60.73 40.58 -47.66
C PHE FA 45 61.04 39.10 -47.48
N VAL FA 46 60.70 38.57 -46.31
CA VAL FA 46 60.76 37.14 -46.04
C VAL FA 46 59.49 36.49 -46.59
N ILE FA 47 59.66 35.44 -47.39
CA ILE FA 47 58.54 34.70 -47.95
C ILE FA 47 58.27 33.50 -47.06
N ILE FA 48 57.09 33.44 -46.46
CA ILE FA 48 56.70 32.36 -45.57
C ILE FA 48 55.89 31.35 -46.37
N PRO FA 49 56.29 30.08 -46.43
CA PRO FA 49 55.52 29.10 -47.19
C PRO FA 49 54.21 28.76 -46.51
N MET FA 50 53.10 29.22 -47.09
CA MET FA 50 51.78 28.99 -46.52
C MET FA 50 50.70 29.20 -47.57
N GLN FA 59 48.40 30.27 -51.73
CA GLN FA 59 48.76 31.68 -51.70
C GLN FA 59 50.14 31.89 -51.08
N LEU FA 60 50.57 33.14 -50.99
CA LEU FA 60 51.86 33.48 -50.43
C LEU FA 60 51.69 34.53 -49.34
N VAL FA 61 52.60 34.47 -48.35
CA VAL FA 61 52.63 35.41 -47.25
C VAL FA 61 54.01 36.05 -47.19
N LEU FA 62 54.05 37.36 -47.08
CA LEU FA 62 55.29 38.11 -47.02
C LEU FA 62 55.38 38.86 -45.69
N SER FA 63 56.57 38.95 -45.14
CA SER FA 63 56.82 39.65 -43.89
C SER FA 63 58.05 40.53 -44.04
N PRO FA 64 58.16 41.58 -43.23
CA PRO FA 64 59.39 42.39 -43.26
C PRO FA 64 60.60 41.57 -42.84
N TRP FA 65 61.74 41.87 -43.46
CA TRP FA 65 62.96 41.13 -43.15
C TRP FA 65 63.68 41.69 -41.93
N GLN FA 66 63.77 43.02 -41.83
CA GLN FA 66 64.49 43.69 -40.75
C GLN FA 66 63.55 44.68 -40.09
N PRO FA 67 62.65 44.21 -39.23
CA PRO FA 67 61.65 45.10 -38.62
C PRO FA 67 62.19 45.95 -37.47
N TYR FA 68 63.50 46.03 -37.28
CA TYR FA 68 64.09 46.84 -36.22
C TYR FA 68 64.95 47.97 -36.76
N THR FA 69 65.01 48.16 -38.08
CA THR FA 69 65.83 49.20 -38.67
C THR FA 69 65.02 49.99 -39.70
N ASP FA 70 65.39 51.26 -39.86
CA ASP FA 70 64.76 52.13 -40.84
C ASP FA 70 65.65 52.37 -42.06
N ASP FA 71 66.80 51.71 -42.14
CA ASP FA 71 67.69 51.92 -43.27
C ASP FA 71 67.06 51.42 -44.56
N LYS FA 72 67.19 52.23 -45.62
CA LYS FA 72 66.62 51.86 -46.90
C LYS FA 72 67.34 50.66 -47.51
N GLU FA 73 68.66 50.62 -47.41
CA GLU FA 73 69.46 49.58 -48.03
C GLU FA 73 70.24 48.81 -46.98
N ILE FA 74 70.39 47.51 -47.21
CA ILE FA 74 71.16 46.63 -46.32
C ILE FA 74 72.22 45.93 -47.15
N VAL FA 75 73.46 45.93 -46.66
CA VAL FA 75 74.60 45.36 -47.39
C VAL FA 75 74.95 44.02 -46.75
N ILE FA 76 74.97 42.96 -47.56
CA ILE FA 76 75.36 41.64 -47.11
C ILE FA 76 76.45 41.11 -48.04
N ASP FA 77 76.99 39.95 -47.69
CA ASP FA 77 78.10 39.34 -48.41
C ASP FA 77 77.61 38.15 -49.23
N ASP FA 78 78.12 38.04 -50.47
CA ASP FA 78 77.73 36.96 -51.35
C ASP FA 78 78.15 35.60 -50.83
N SER FA 79 79.11 35.54 -49.91
CA SER FA 79 79.52 34.27 -49.32
C SER FA 79 78.46 33.69 -48.39
N GLU FA 80 77.42 34.45 -48.08
CA GLU FA 80 76.39 34.03 -47.13
C GLU FA 80 75.04 33.84 -47.80
N VAL FA 81 75.01 33.71 -49.13
CA VAL FA 81 73.78 33.48 -49.88
C VAL FA 81 73.99 32.26 -50.77
N ILE FA 82 72.98 31.37 -50.79
CA ILE FA 82 73.13 30.12 -51.53
C ILE FA 82 72.78 30.32 -53.01
N THR FA 83 71.53 30.68 -53.29
CA THR FA 83 71.03 30.78 -54.66
C THR FA 83 70.36 32.14 -54.86
N ILE FA 84 70.61 32.73 -56.03
CA ILE FA 84 69.97 33.97 -56.44
C ILE FA 84 69.37 33.74 -57.82
N THR FA 85 68.04 33.82 -57.92
CA THR FA 85 67.35 33.50 -59.16
C THR FA 85 66.16 34.42 -59.35
N SER FA 86 65.79 34.63 -60.61
CA SER FA 86 64.63 35.46 -60.94
C SER FA 86 63.33 34.70 -60.67
N PRO FA 87 62.32 35.37 -60.14
CA PRO FA 87 61.06 34.66 -59.81
C PRO FA 87 60.06 34.68 -60.94
N LYS FA 88 58.94 33.99 -60.76
CA LYS FA 88 57.88 34.00 -61.76
C LYS FA 88 57.03 35.26 -61.61
N ASP FA 89 56.09 35.44 -62.55
CA ASP FA 89 55.36 36.70 -62.63
C ASP FA 89 54.32 36.86 -61.53
N ASP FA 90 53.71 35.75 -61.08
CA ASP FA 90 52.69 35.85 -60.04
C ASP FA 90 53.25 36.44 -58.76
N ILE FA 91 54.43 35.97 -58.34
CA ILE FA 91 55.06 36.50 -57.15
C ILE FA 91 55.46 37.95 -57.35
N ILE FA 92 55.87 38.31 -58.56
CA ILE FA 92 56.19 39.71 -58.85
C ILE FA 92 54.96 40.59 -58.65
N LYS FA 93 53.82 40.14 -59.17
CA LYS FA 93 52.58 40.90 -59.01
C LYS FA 93 52.21 41.04 -57.55
N SER FA 94 52.29 39.93 -56.80
CA SER FA 94 51.94 39.99 -55.38
C SER FA 94 52.87 40.92 -54.62
N TYR FA 95 54.17 40.87 -54.92
CA TYR FA 95 55.14 41.73 -54.25
C TYR FA 95 54.87 43.20 -54.55
N GLU FA 96 54.59 43.52 -55.81
CA GLU FA 96 54.29 44.92 -56.16
C GLU FA 96 53.02 45.40 -55.47
N SER FA 97 51.98 44.56 -55.44
CA SER FA 97 50.74 44.95 -54.78
C SER FA 97 50.99 45.22 -53.30
N HIS FA 98 51.73 44.32 -52.64
CA HIS FA 98 51.98 44.50 -51.21
C HIS FA 98 52.82 45.75 -50.94
N THR FA 99 53.84 45.99 -51.78
CA THR FA 99 54.72 47.13 -51.55
C THR FA 99 54.06 48.46 -51.89
N ARG FA 100 52.98 48.46 -52.69
CA ARG FA 100 52.24 49.70 -52.84
C ARG FA 100 51.18 49.88 -51.75
N VAL FA 101 50.58 48.79 -51.29
CA VAL FA 101 49.61 48.89 -50.20
C VAL FA 101 50.26 49.41 -48.93
N LEU FA 102 51.48 48.93 -48.64
CA LEU FA 102 52.18 49.42 -47.45
C LEU FA 102 52.43 50.92 -47.51
N GLU FA 103 52.89 51.41 -48.67
CA GLU FA 103 53.13 52.84 -48.82
C GLU FA 103 51.84 53.64 -48.68
N ASN FA 104 50.75 53.15 -49.28
CA ASN FA 104 49.48 53.86 -49.19
C ASN FA 104 49.03 53.96 -47.74
N LYS FA 105 49.13 52.86 -46.99
CA LYS FA 105 48.73 52.88 -45.58
C LYS FA 105 49.63 53.82 -44.77
N GLN FA 106 50.93 53.83 -45.07
CA GLN FA 106 51.84 54.73 -44.37
C GLN FA 106 51.44 56.20 -44.59
N VAL FA 107 51.13 56.56 -45.83
CA VAL FA 107 50.72 57.94 -46.12
C VAL FA 107 49.41 58.27 -45.41
N GLU FA 108 48.46 57.33 -45.42
CA GLU FA 108 47.19 57.57 -44.74
C GLU FA 108 47.41 57.82 -43.25
N GLU FA 109 48.28 57.03 -42.62
CA GLU FA 109 48.56 57.24 -41.20
C GLU FA 109 49.26 58.57 -40.95
N ILE FA 110 50.13 58.99 -41.87
CA ILE FA 110 50.77 60.29 -41.72
C ILE FA 110 49.73 61.41 -41.73
N LEU FA 111 48.78 61.34 -42.67
CA LEU FA 111 47.71 62.34 -42.70
C LEU FA 111 46.89 62.32 -41.43
N ARG FA 112 46.53 61.13 -40.94
CA ARG FA 112 45.77 61.02 -39.69
C ARG FA 112 46.51 61.70 -38.54
N LEU FA 113 47.80 61.40 -38.39
CA LEU FA 113 48.57 61.97 -37.30
C LEU FA 113 48.66 63.48 -37.41
N GLU FA 114 48.89 63.99 -38.62
CA GLU FA 114 48.99 65.44 -38.80
C GLU FA 114 47.68 66.12 -38.44
N LYS FA 115 46.56 65.56 -38.87
CA LYS FA 115 45.27 66.17 -38.56
C LYS FA 115 45.01 66.16 -37.05
N GLU FA 116 45.30 65.04 -36.39
CA GLU FA 116 45.09 64.97 -34.94
C GLU FA 116 45.96 65.97 -34.21
N ILE FA 117 47.22 66.12 -34.64
CA ILE FA 117 48.13 67.07 -34.00
C ILE FA 117 47.61 68.49 -34.17
N GLU FA 118 47.15 68.83 -35.38
CA GLU FA 118 46.63 70.18 -35.61
C GLU FA 118 45.41 70.46 -34.74
N ASP FA 119 44.48 69.50 -34.67
CA ASP FA 119 43.28 69.69 -33.85
C ASP FA 119 43.64 69.87 -32.38
N LEU FA 120 44.54 69.02 -31.88
CA LEU FA 120 44.93 69.11 -30.47
C LEU FA 120 45.62 70.44 -30.18
N GLN FA 121 46.48 70.90 -31.08
CA GLN FA 121 47.18 72.16 -30.88
C GLN FA 121 46.20 73.32 -30.85
N ARG FA 122 45.23 73.31 -31.77
CA ARG FA 122 44.23 74.39 -31.80
C ARG FA 122 43.40 74.40 -30.52
N MET FA 123 42.96 73.23 -30.07
CA MET FA 123 42.15 73.18 -28.86
C MET FA 123 42.93 73.63 -27.64
N LYS FA 124 44.20 73.22 -27.54
CA LYS FA 124 45.04 73.66 -26.45
C LYS FA 124 45.25 75.17 -26.48
N GLU FA 125 45.43 75.73 -27.68
CA GLU FA 125 45.60 77.17 -27.80
C GLU FA 125 44.37 77.91 -27.28
N GLN FA 126 43.17 77.47 -27.71
CA GLN FA 126 41.96 78.13 -27.22
C GLN FA 126 41.80 77.96 -25.72
N GLN FA 127 42.14 76.78 -25.18
CA GLN FA 127 42.02 76.59 -23.74
C GLN FA 127 42.98 77.49 -22.97
N GLU FA 128 44.21 77.65 -23.47
CA GLU FA 128 45.19 78.49 -22.80
C GLU FA 128 44.86 79.98 -22.95
N LEU FA 129 44.12 80.36 -23.99
CA LEU FA 129 43.82 81.78 -24.20
C LEU FA 129 43.09 82.37 -22.99
N SER FA 130 42.15 81.64 -22.42
CA SER FA 130 41.38 82.12 -21.27
C SER FA 130 42.15 81.79 -19.99
N LEU FA 131 42.94 82.75 -19.53
CA LEU FA 131 43.75 82.55 -18.33
C LEU FA 131 44.06 83.90 -17.71
N THR FA 132 44.43 83.88 -16.44
CA THR FA 132 44.75 85.08 -15.69
C THR FA 132 46.26 85.30 -15.63
N GLU FA 133 46.65 86.49 -15.16
CA GLU FA 133 48.06 86.86 -15.15
C GLU FA 133 48.84 86.01 -14.15
N ALA FA 134 48.33 85.86 -12.93
CA ALA FA 134 49.01 85.03 -11.94
C ALA FA 134 49.05 83.57 -12.39
N SER FA 135 47.96 83.10 -13.00
CA SER FA 135 47.95 81.74 -13.54
C SER FA 135 48.97 81.59 -14.65
N LEU FA 136 49.11 82.62 -15.50
CA LEU FA 136 50.11 82.58 -16.56
C LEU FA 136 51.52 82.52 -15.97
N GLN FA 137 51.77 83.29 -14.91
CA GLN FA 137 53.09 83.25 -14.26
C GLN FA 137 53.38 81.88 -13.67
N LYS FA 138 52.38 81.27 -13.02
CA LYS FA 138 52.55 79.93 -12.48
C LYS FA 138 52.79 78.92 -13.60
N LEU FA 139 52.08 79.08 -14.72
CA LEU FA 139 52.30 78.23 -15.89
C LEU FA 139 53.74 78.32 -16.36
N GLN FA 140 54.25 79.54 -16.52
CA GLN FA 140 55.61 79.72 -16.97
C GLN FA 140 56.61 79.13 -16.00
N GLU FA 141 56.40 79.34 -14.70
CA GLU FA 141 57.32 78.81 -13.69
C GLU FA 141 57.35 77.28 -13.73
N ARG FA 142 56.18 76.65 -13.78
CA ARG FA 142 56.15 75.20 -13.77
C ARG FA 142 56.68 74.61 -15.08
N ARG FA 143 56.46 75.31 -16.20
CA ARG FA 143 57.06 74.87 -17.46
C ARG FA 143 58.57 74.97 -17.40
N ASP FA 144 59.10 76.03 -16.79
CA ASP FA 144 60.54 76.13 -16.61
C ASP FA 144 61.07 75.00 -15.73
N GLN FA 145 60.36 74.69 -14.65
CA GLN FA 145 60.74 73.56 -13.80
C GLN FA 145 60.64 72.25 -14.58
N LYS GA 15 89.10 -50.18 -8.28
CA LYS GA 15 87.77 -49.67 -7.97
C LYS GA 15 86.95 -50.71 -7.22
N ASN GA 16 86.23 -50.27 -6.19
CA ASN GA 16 85.45 -51.18 -5.35
C ASN GA 16 84.33 -50.39 -4.70
N ILE GA 17 83.10 -50.61 -5.15
CA ILE GA 17 81.93 -49.92 -4.63
C ILE GA 17 81.16 -50.89 -3.75
N LYS GA 18 81.03 -50.55 -2.47
CA LYS GA 18 80.30 -51.37 -1.51
C LYS GA 18 79.48 -50.48 -0.61
N ILE GA 19 78.18 -50.75 -0.53
CA ILE GA 19 77.33 -50.00 0.38
C ILE GA 19 77.58 -50.48 1.80
N MET GA 20 77.32 -49.60 2.77
CA MET GA 20 77.47 -49.98 4.17
C MET GA 20 76.42 -49.26 5.00
N ARG GA 21 76.15 -49.82 6.18
CA ARG GA 21 75.22 -49.25 7.15
C ARG GA 21 75.99 -48.85 8.40
N LEU GA 22 75.85 -47.59 8.79
CA LEU GA 22 76.59 -47.06 9.93
C LEU GA 22 75.84 -47.32 11.23
N VAL GA 23 76.57 -47.24 12.34
CA VAL GA 23 75.98 -47.44 13.65
C VAL GA 23 74.91 -46.39 13.92
N THR GA 24 75.03 -45.22 13.32
CA THR GA 24 74.01 -44.19 13.45
C THR GA 24 72.68 -44.67 12.84
N GLY GA 25 72.75 -45.40 11.74
CA GLY GA 25 71.55 -45.91 11.10
C GLY GA 25 71.33 -45.35 9.71
N GLU GA 26 72.41 -45.04 9.01
CA GLU GA 26 72.34 -44.45 7.68
C GLU GA 26 73.13 -45.32 6.70
N ASP GA 27 72.82 -45.14 5.42
CA ASP GA 27 73.39 -45.94 4.34
C ASP GA 27 74.37 -45.10 3.53
N ILE GA 28 75.60 -45.57 3.45
CA ILE GA 28 76.69 -44.86 2.78
C ILE GA 28 77.15 -45.70 1.60
N ILE GA 29 77.23 -45.07 0.43
CA ILE GA 29 77.71 -45.72 -0.79
C ILE GA 29 78.89 -44.93 -1.34
N GLY GA 30 79.95 -45.63 -1.69
CA GLY GA 30 81.12 -44.97 -2.24
C GLY GA 30 82.27 -45.94 -2.41
N ASN GA 31 83.40 -45.38 -2.84
CA ASN GA 31 84.60 -46.20 -3.04
C ASN GA 31 85.21 -46.55 -1.70
N ILE GA 32 85.49 -47.85 -1.51
CA ILE GA 32 85.90 -48.36 -0.21
C ILE GA 32 87.27 -49.01 -0.34
N SER GA 33 88.05 -48.91 0.73
CA SER GA 33 89.36 -49.58 0.78
C SER GA 33 89.60 -50.02 2.23
N GLU GA 34 89.65 -51.33 2.45
CA GLU GA 34 89.84 -51.90 3.78
C GLU GA 34 91.28 -52.41 3.88
N SER GA 35 92.14 -51.67 4.57
CA SER GA 35 93.55 -52.01 4.67
C SER GA 35 93.88 -52.76 5.96
N GLN GA 36 93.67 -52.14 7.11
CA GLN GA 36 94.10 -52.70 8.40
C GLN GA 36 92.98 -52.52 9.42
N GLY GA 37 91.77 -52.91 9.05
CA GLY GA 37 90.62 -52.70 9.92
C GLY GA 37 89.99 -51.36 9.68
N LEU GA 38 90.72 -50.29 9.97
CA LEU GA 38 90.27 -48.95 9.62
C LEU GA 38 90.16 -48.84 8.10
N ILE GA 39 89.06 -48.27 7.62
CA ILE GA 39 88.76 -48.25 6.20
C ILE GA 39 88.77 -46.82 5.69
N THR GA 40 89.07 -46.69 4.41
CA THR GA 40 89.12 -45.41 3.70
C THR GA 40 87.95 -45.34 2.73
N ILE GA 41 87.27 -44.20 2.73
CA ILE GA 41 86.07 -44.00 1.92
C ILE GA 41 86.29 -42.78 1.03
N LYS GA 42 85.96 -42.91 -0.24
CA LYS GA 42 86.08 -41.84 -1.22
C LYS GA 42 84.73 -41.63 -1.90
N LYS GA 43 84.37 -40.36 -2.07
CA LYS GA 43 83.12 -39.96 -2.75
C LYS GA 43 81.91 -40.60 -2.09
N ALA GA 44 81.85 -40.53 -0.77
CA ALA GA 44 80.75 -41.11 -0.01
C ALA GA 44 79.45 -40.35 -0.26
N PHE GA 45 78.35 -41.10 -0.28
CA PHE GA 45 77.03 -40.54 -0.48
C PHE GA 45 76.04 -41.17 0.49
N VAL GA 46 75.22 -40.35 1.12
CA VAL GA 46 74.13 -40.81 1.95
C VAL GA 46 72.94 -41.14 1.05
N ILE GA 47 72.39 -42.34 1.21
CA ILE GA 47 71.22 -42.77 0.45
C ILE GA 47 69.98 -42.51 1.29
N ILE GA 48 69.10 -41.64 0.79
CA ILE GA 48 67.87 -41.28 1.48
C ILE GA 48 66.74 -42.14 0.92
N PRO GA 49 66.03 -42.91 1.75
CA PRO GA 49 64.94 -43.73 1.24
C PRO GA 49 63.74 -42.90 0.82
N MET GA 50 63.52 -42.79 -0.48
CA MET GA 50 62.42 -41.98 -1.02
C MET GA 50 62.09 -42.40 -2.45
N GLN GA 59 62.23 -44.57 -6.80
CA GLN GA 59 63.53 -44.01 -7.17
C GLN GA 59 64.42 -43.86 -5.95
N LEU GA 60 65.63 -43.35 -6.16
CA LEU GA 60 66.60 -43.16 -5.10
C LEU GA 60 67.09 -41.72 -5.09
N VAL GA 61 67.44 -41.24 -3.90
CA VAL GA 61 67.98 -39.91 -3.71
C VAL GA 61 69.30 -40.02 -2.98
N LEU GA 62 70.33 -39.33 -3.48
CA LEU GA 62 71.65 -39.35 -2.90
C LEU GA 62 72.03 -37.94 -2.46
N SER GA 63 72.75 -37.85 -1.36
CA SER GA 63 73.21 -36.57 -0.82
C SER GA 63 74.67 -36.69 -0.42
N PRO GA 64 75.40 -35.58 -0.38
CA PRO GA 64 76.79 -35.64 0.11
C PRO GA 64 76.84 -36.07 1.57
N TRP GA 65 77.89 -36.83 1.91
CA TRP GA 65 78.01 -37.32 3.29
C TRP GA 65 78.67 -36.28 4.19
N GLN GA 66 79.72 -35.61 3.71
CA GLN GA 66 80.49 -34.66 4.51
C GLN GA 66 80.55 -33.35 3.74
N PRO GA 67 79.47 -32.56 3.78
CA PRO GA 67 79.43 -31.32 3.00
C PRO GA 67 80.21 -30.16 3.61
N TYR GA 68 81.04 -30.40 4.62
CA TYR GA 68 81.83 -29.35 5.24
C TYR GA 68 83.33 -29.55 5.06
N THR GA 69 83.74 -30.56 4.29
CA THR GA 69 85.16 -30.85 4.10
C THR GA 69 85.44 -31.07 2.61
N ASP GA 70 86.66 -30.73 2.20
CA ASP GA 70 87.12 -30.94 0.83
C ASP GA 70 88.07 -32.11 0.71
N ASP GA 71 88.30 -32.86 1.78
CA ASP GA 71 89.21 -34.00 1.72
C ASP GA 71 88.67 -35.07 0.79
N LYS GA 72 89.56 -35.62 -0.05
CA LYS GA 72 89.15 -36.66 -0.98
C LYS GA 72 88.78 -37.95 -0.26
N GLU GA 73 89.56 -38.32 0.75
CA GLU GA 73 89.37 -39.59 1.46
C GLU GA 73 89.07 -39.32 2.93
N ILE GA 74 88.22 -40.17 3.51
CA ILE GA 74 87.88 -40.10 4.92
C ILE GA 74 88.14 -41.45 5.54
N VAL GA 75 88.82 -41.47 6.69
CA VAL GA 75 89.22 -42.69 7.35
C VAL GA 75 88.31 -42.91 8.56
N ILE GA 76 87.66 -44.07 8.61
CA ILE GA 76 86.81 -44.44 9.74
C ILE GA 76 87.24 -45.80 10.25
N ASP GA 77 86.62 -46.24 11.35
CA ASP GA 77 86.98 -47.48 12.01
C ASP GA 77 85.93 -48.54 11.75
N ASP GA 78 86.38 -49.78 11.51
CA ASP GA 78 85.46 -50.88 11.23
C ASP GA 78 84.59 -51.22 12.44
N SER GA 79 84.97 -50.80 13.64
CA SER GA 79 84.15 -51.05 14.82
C SER GA 79 82.89 -50.19 14.82
N GLU GA 80 82.77 -49.24 13.91
CA GLU GA 80 81.64 -48.31 13.88
C GLU GA 80 80.76 -48.51 12.65
N VAL GA 81 80.89 -49.64 11.96
CA VAL GA 81 80.09 -49.97 10.79
C VAL GA 81 79.45 -51.33 11.01
N ILE GA 82 78.15 -51.43 10.68
CA ILE GA 82 77.42 -52.66 10.95
C ILE GA 82 77.61 -53.67 9.82
N THR GA 83 77.17 -53.32 8.62
CA THR GA 83 77.18 -54.23 7.48
C THR GA 83 77.83 -53.55 6.28
N ILE GA 84 78.66 -54.31 5.56
CA ILE GA 84 79.28 -53.87 4.32
C ILE GA 84 78.97 -54.92 3.26
N THR GA 85 78.23 -54.52 2.23
CA THR GA 85 77.78 -55.46 1.21
C THR GA 85 77.78 -54.80 -0.16
N SER GA 86 77.94 -55.62 -1.20
CA SER GA 86 77.92 -55.11 -2.57
C SER GA 86 76.48 -54.82 -3.00
N PRO GA 87 76.26 -53.74 -3.74
CA PRO GA 87 74.89 -53.38 -4.14
C PRO GA 87 74.48 -53.97 -5.48
N LYS GA 88 73.23 -53.77 -5.86
CA LYS GA 88 72.75 -54.22 -7.16
C LYS GA 88 73.16 -53.24 -8.25
N ASP GA 89 72.89 -53.62 -9.50
CA ASP GA 89 73.42 -52.88 -10.64
C ASP GA 89 72.69 -51.55 -10.86
N ASP GA 90 71.39 -51.49 -10.54
CA ASP GA 90 70.64 -50.26 -10.75
C ASP GA 90 71.22 -49.11 -9.93
N ILE GA 91 71.51 -49.38 -8.66
CA ILE GA 91 72.10 -48.35 -7.80
C ILE GA 91 73.49 -47.98 -8.28
N ILE GA 92 74.23 -48.95 -8.81
CA ILE GA 92 75.55 -48.65 -9.36
C ILE GA 92 75.42 -47.67 -10.53
N LYS GA 93 74.47 -47.92 -11.41
CA LYS GA 93 74.26 -47.04 -12.56
C LYS GA 93 73.85 -45.64 -12.09
N SER GA 94 72.94 -45.56 -11.13
CA SER GA 94 72.51 -44.25 -10.64
C SER GA 94 73.66 -43.50 -9.99
N TYR GA 95 74.48 -44.20 -9.21
CA TYR GA 95 75.62 -43.58 -8.54
C TYR GA 95 76.63 -43.06 -9.55
N GLU GA 96 76.92 -43.85 -10.59
CA GLU GA 96 77.87 -43.40 -11.61
C GLU GA 96 77.32 -42.19 -12.36
N SER GA 97 76.04 -42.21 -12.71
CA SER GA 97 75.45 -41.07 -13.40
C SER GA 97 75.53 -39.81 -12.55
N HIS GA 98 75.19 -39.93 -11.27
CA HIS GA 98 75.23 -38.75 -10.39
C HIS GA 98 76.65 -38.24 -10.22
N THR GA 99 77.62 -39.15 -10.06
CA THR GA 99 78.99 -38.72 -9.82
C THR GA 99 79.66 -38.17 -11.07
N ARG GA 100 79.14 -38.47 -12.26
CA ARG GA 100 79.65 -37.77 -13.44
C ARG GA 100 78.93 -36.45 -13.68
N VAL GA 101 77.64 -36.36 -13.37
CA VAL GA 101 76.92 -35.11 -13.52
C VAL GA 101 77.51 -34.04 -12.60
N LEU GA 102 77.85 -34.42 -11.36
CA LEU GA 102 78.43 -33.45 -10.44
C LEU GA 102 79.74 -32.90 -10.98
N GLU GA 103 80.61 -33.77 -11.49
CA GLU GA 103 81.88 -33.31 -12.05
C GLU GA 103 81.67 -32.40 -13.25
N ASN GA 104 80.73 -32.76 -14.13
CA ASN GA 104 80.46 -31.94 -15.30
C ASN GA 104 79.99 -30.54 -14.89
N LYS GA 105 79.09 -30.47 -13.91
CA LYS GA 105 78.61 -29.17 -13.45
C LYS GA 105 79.73 -28.37 -12.80
N GLN GA 106 80.60 -29.04 -12.05
CA GLN GA 106 81.73 -28.36 -11.43
C GLN GA 106 82.64 -27.72 -12.49
N VAL GA 107 82.94 -28.47 -13.54
CA VAL GA 107 83.79 -27.94 -14.60
C VAL GA 107 83.11 -26.77 -15.31
N GLU GA 108 81.81 -26.89 -15.57
CA GLU GA 108 81.09 -25.80 -16.21
C GLU GA 108 81.13 -24.53 -15.36
N GLU GA 109 80.96 -24.68 -14.05
CA GLU GA 109 81.04 -23.50 -13.17
C GLU GA 109 82.44 -22.91 -13.14
N ILE GA 110 83.48 -23.76 -13.21
CA ILE GA 110 84.84 -23.25 -13.26
C ILE GA 110 85.04 -22.39 -14.51
N LEU GA 111 84.57 -22.88 -15.65
CA LEU GA 111 84.67 -22.10 -16.89
C LEU GA 111 83.92 -20.78 -16.77
N ARG GA 112 82.71 -20.81 -16.22
CA ARG GA 112 81.93 -19.58 -16.05
C ARG GA 112 82.70 -18.57 -15.22
N LEU GA 113 83.24 -19.02 -14.08
CA LEU GA 113 83.96 -18.11 -13.20
C LEU GA 113 85.19 -17.53 -13.87
N GLU GA 114 85.95 -18.37 -14.60
CA GLU GA 114 87.14 -17.87 -15.26
C GLU GA 114 86.79 -16.83 -16.31
N LYS GA 115 85.73 -17.07 -17.10
CA LYS GA 115 85.34 -16.10 -18.11
C LYS GA 115 84.91 -14.79 -17.49
N GLU GA 116 84.12 -14.86 -16.41
CA GLU GA 116 83.67 -13.64 -15.75
C GLU GA 116 84.85 -12.86 -15.19
N ILE GA 117 85.81 -13.56 -14.59
CA ILE GA 117 86.99 -12.89 -14.03
C ILE GA 117 87.78 -12.20 -15.14
N GLU GA 118 87.98 -12.89 -16.27
CA GLU GA 118 88.72 -12.28 -17.36
C GLU GA 118 88.02 -11.03 -17.89
N ASP GA 119 86.70 -11.11 -18.09
CA ASP GA 119 85.97 -9.96 -18.58
C ASP GA 119 86.06 -8.78 -17.61
N LEU GA 120 85.87 -9.05 -16.31
CA LEU GA 120 85.93 -7.98 -15.32
C LEU GA 120 87.33 -7.35 -15.28
N GLN GA 121 88.37 -8.18 -15.34
CA GLN GA 121 89.73 -7.65 -15.32
C GLN GA 121 90.00 -6.77 -16.53
N ARG GA 122 89.56 -7.20 -17.72
CA ARG GA 122 89.77 -6.40 -18.91
C ARG GA 122 89.04 -5.07 -18.82
N MET GA 123 87.78 -5.10 -18.36
CA MET GA 123 87.01 -3.86 -18.27
C MET GA 123 87.63 -2.91 -17.25
N LYS GA 124 88.09 -3.44 -16.11
CA LYS GA 124 88.75 -2.60 -15.12
C LYS GA 124 90.04 -2.01 -15.67
N GLU GA 125 90.79 -2.79 -16.45
CA GLU GA 125 92.02 -2.28 -17.04
C GLU GA 125 91.73 -1.11 -17.97
N GLN GA 126 90.74 -1.27 -18.85
CA GLN GA 126 90.40 -0.16 -19.75
C GLN GA 126 89.90 1.06 -18.97
N GLN GA 127 89.11 0.84 -17.92
CA GLN GA 127 88.63 1.97 -17.13
C GLN GA 127 89.77 2.70 -16.45
N GLU GA 128 90.74 1.96 -15.92
CA GLU GA 128 91.88 2.57 -15.24
C GLU GA 128 92.83 3.26 -16.21
N LEU GA 129 92.86 2.82 -17.47
CA LEU GA 129 93.80 3.40 -18.44
C LEU GA 129 93.58 4.90 -18.57
N SER GA 130 92.33 5.36 -18.61
CA SER GA 130 92.01 6.77 -18.75
C SER GA 130 92.01 7.42 -17.38
N LEU GA 131 93.15 7.97 -16.99
CA LEU GA 131 93.28 8.61 -15.68
C LEU GA 131 94.40 9.64 -15.74
N THR GA 132 94.39 10.55 -14.76
CA THR GA 132 95.37 11.62 -14.68
C THR GA 132 96.46 11.27 -13.67
N GLU GA 133 97.53 12.06 -13.69
CA GLU GA 133 98.68 11.78 -12.84
C GLU GA 133 98.33 11.95 -11.36
N ALA GA 134 97.69 13.06 -11.00
CA ALA GA 134 97.29 13.26 -9.60
C ALA GA 134 96.29 12.21 -9.17
N SER GA 135 95.36 11.85 -10.05
CA SER GA 135 94.42 10.78 -9.74
C SER GA 135 95.13 9.46 -9.55
N LEU GA 136 96.16 9.18 -10.37
CA LEU GA 136 96.94 7.97 -10.21
C LEU GA 136 97.66 7.96 -8.86
N GLN GA 137 98.21 9.10 -8.45
CA GLN GA 137 98.88 9.18 -7.16
C GLN GA 137 97.90 8.95 -6.02
N LYS GA 138 96.70 9.54 -6.10
CA LYS GA 138 95.69 9.29 -5.08
C LYS GA 138 95.28 7.82 -5.05
N LEU GA 139 95.15 7.22 -6.24
CA LEU GA 139 94.85 5.79 -6.33
C LEU GA 139 95.89 4.97 -5.60
N GLN GA 140 97.18 5.24 -5.88
CA GLN GA 140 98.24 4.48 -5.23
C GLN GA 140 98.23 4.68 -3.72
N GLU GA 141 98.03 5.92 -3.27
CA GLU GA 141 98.02 6.19 -1.84
C GLU GA 141 96.88 5.46 -1.15
N ARG GA 142 95.68 5.51 -1.73
CA ARG GA 142 94.54 4.85 -1.08
C ARG GA 142 94.65 3.34 -1.15
N ARG GA 143 95.25 2.81 -2.22
CA ARG GA 143 95.51 1.37 -2.28
C ARG GA 143 96.51 0.95 -1.21
N ASP GA 144 97.55 1.77 -0.98
CA ASP GA 144 98.49 1.50 0.09
C ASP GA 144 97.80 1.52 1.45
N GLN GA 145 96.93 2.50 1.67
CA GLN GA 145 96.14 2.55 2.90
C GLN GA 145 95.22 1.35 3.00
N LYS HA 15 18.28 -59.46 81.64
CA LYS HA 15 17.80 -58.53 80.63
C LYS HA 15 16.36 -58.12 80.92
N ASN HA 16 16.08 -56.82 80.77
CA ASN HA 16 14.75 -56.30 81.08
C ASN HA 16 14.55 -55.01 80.29
N ILE HA 17 13.70 -55.07 79.27
CA ILE HA 17 13.42 -53.92 78.41
C ILE HA 17 12.05 -53.39 78.78
N LYS HA 18 12.00 -52.13 79.22
CA LYS HA 18 10.76 -51.48 79.61
C LYS HA 18 10.77 -50.04 79.11
N ILE HA 19 9.75 -49.66 78.34
CA ILE HA 19 9.63 -48.29 77.90
C ILE HA 19 9.17 -47.42 79.08
N MET HA 20 9.52 -46.14 79.03
CA MET HA 20 9.08 -45.21 80.06
C MET HA 20 8.84 -43.84 79.45
N ARG HA 21 8.03 -43.05 80.15
CA ARG HA 21 7.74 -41.68 79.76
C ARG HA 21 8.30 -40.73 80.80
N LEU HA 22 9.11 -39.78 80.35
CA LEU HA 22 9.77 -38.85 81.25
C LEU HA 22 8.87 -37.65 81.56
N VAL HA 23 9.20 -36.95 82.65
CA VAL HA 23 8.44 -35.76 83.03
C VAL HA 23 8.54 -34.69 81.95
N THR HA 24 9.63 -34.69 81.18
CA THR HA 24 9.75 -33.76 80.06
C THR HA 24 8.68 -34.03 79.01
N GLY HA 25 8.36 -35.30 78.78
CA GLY HA 25 7.34 -35.65 77.81
C GLY HA 25 7.88 -36.45 76.64
N GLU HA 26 8.91 -37.25 76.89
CA GLU HA 26 9.55 -38.05 75.86
C GLU HA 26 9.54 -39.52 76.27
N ASP HA 27 9.71 -40.39 75.27
CA ASP HA 27 9.63 -41.83 75.44
C ASP HA 27 11.02 -42.44 75.34
N ILE HA 28 11.44 -43.15 76.37
CA ILE HA 28 12.76 -43.74 76.47
C ILE HA 28 12.61 -45.26 76.52
N ILE HA 29 13.36 -45.95 75.66
CA ILE HA 29 13.36 -47.41 75.63
C ILE HA 29 14.80 -47.90 75.82
N GLY HA 30 14.98 -48.87 76.69
CA GLY HA 30 16.31 -49.41 76.94
C GLY HA 30 16.29 -50.39 78.09
N ASN HA 31 17.49 -50.87 78.41
CA ASN HA 31 17.64 -51.82 79.50
C ASN HA 31 17.51 -51.09 80.83
N ILE HA 32 16.66 -51.61 81.71
CA ILE HA 32 16.28 -50.93 82.94
C ILE HA 32 16.66 -51.80 84.14
N SER HA 33 17.04 -51.14 85.23
CA SER HA 33 17.30 -51.85 86.49
C SER HA 33 16.87 -50.95 87.64
N GLU HA 34 15.86 -51.39 88.38
CA GLU HA 34 15.30 -50.62 89.50
C GLU HA 34 15.77 -51.27 90.80
N SER HA 35 16.75 -50.65 91.45
CA SER HA 35 17.35 -51.19 92.66
C SER HA 35 16.75 -50.60 93.93
N GLN HA 36 16.90 -49.30 94.14
CA GLN HA 36 16.50 -48.65 95.39
C GLN HA 36 15.77 -47.35 95.08
N GLY HA 37 14.79 -47.42 94.18
CA GLY HA 37 14.09 -46.22 93.75
C GLY HA 37 14.77 -45.59 92.56
N LEU HA 38 16.00 -45.10 92.77
CA LEU HA 38 16.80 -44.62 91.65
C LEU HA 38 17.08 -45.78 90.70
N ILE HA 39 16.93 -45.53 89.41
CA ILE HA 39 17.01 -46.59 88.41
C ILE HA 39 18.20 -46.35 87.50
N THR HA 40 18.71 -47.45 86.95
CA THR HA 40 19.85 -47.45 86.05
C THR HA 40 19.36 -47.82 84.66
N ILE HA 41 19.81 -47.06 83.65
CA ILE HA 41 19.37 -47.23 82.28
C ILE HA 41 20.60 -47.47 81.41
N LYS HA 42 20.51 -48.47 80.54
CA LYS HA 42 21.58 -48.81 79.61
C LYS HA 42 21.04 -48.81 78.19
N LYS HA 43 21.82 -48.24 77.27
CA LYS HA 43 21.48 -48.21 75.85
C LYS HA 43 20.12 -47.55 75.62
N ALA HA 44 19.91 -46.40 76.27
CA ALA HA 44 18.65 -45.68 76.15
C ALA HA 44 18.47 -45.11 74.76
N PHE HA 45 17.22 -45.08 74.30
CA PHE HA 45 16.87 -44.54 73.00
C PHE HA 45 15.60 -43.70 73.12
N VAL HA 46 15.63 -42.53 72.50
CA VAL HA 46 14.45 -41.69 72.38
C VAL HA 46 13.63 -42.17 71.20
N ILE HA 47 12.34 -42.40 71.43
CA ILE HA 47 11.42 -42.83 70.37
C ILE HA 47 10.71 -41.61 69.83
N ILE HA 48 10.92 -41.32 68.55
CA ILE HA 48 10.32 -40.16 67.89
C ILE HA 48 9.06 -40.64 67.17
N PRO HA 49 7.89 -40.06 67.46
CA PRO HA 49 6.67 -40.50 66.77
C PRO HA 49 6.64 -40.05 65.32
N MET HA 50 6.82 -40.99 64.40
CA MET HA 50 6.84 -40.69 62.98
C MET HA 50 6.59 -41.94 62.15
N GLN HA 59 5.77 -46.56 60.85
CA GLN HA 59 7.06 -47.04 61.32
C GLN HA 59 7.51 -46.28 62.56
N LEU HA 60 8.69 -46.62 63.07
CA LEU HA 60 9.24 -45.99 64.26
C LEU HA 60 10.65 -45.49 63.97
N VAL HA 61 11.02 -44.41 64.64
CA VAL HA 61 12.35 -43.81 64.54
C VAL HA 61 12.94 -43.73 65.92
N LEU HA 62 14.19 -44.16 66.06
CA LEU HA 62 14.89 -44.15 67.34
C LEU HA 62 16.13 -43.28 67.21
N SER HA 63 16.45 -42.57 68.29
CA SER HA 63 17.62 -41.70 68.34
C SER HA 63 18.37 -41.93 69.65
N PRO HA 64 19.66 -41.62 69.70
CA PRO HA 64 20.39 -41.72 70.97
C PRO HA 64 19.83 -40.74 71.99
N TRP HA 65 19.84 -41.16 73.26
CA TRP HA 65 19.30 -40.30 74.31
C TRP HA 65 20.33 -39.30 74.81
N GLN HA 66 21.57 -39.75 74.99
CA GLN HA 66 22.64 -38.91 75.55
C GLN HA 66 23.83 -38.96 74.60
N PRO HA 67 23.75 -38.20 73.50
CA PRO HA 67 24.82 -38.25 72.49
C PRO HA 67 26.08 -37.49 72.86
N TYR HA 68 26.23 -37.05 74.11
CA TYR HA 68 27.42 -36.33 74.54
C TYR HA 68 28.22 -37.08 75.59
N THR HA 69 27.83 -38.31 75.92
CA THR HA 69 28.52 -39.09 76.94
C THR HA 69 28.78 -40.50 76.44
N ASP HA 70 29.87 -41.09 76.94
CA ASP HA 70 30.23 -42.46 76.60
C ASP HA 70 29.94 -43.44 77.73
N ASP HA 71 29.31 -42.97 78.82
CA ASP HA 71 29.02 -43.86 79.94
C ASP HA 71 28.02 -44.93 79.53
N LYS HA 72 28.30 -46.17 79.95
CA LYS HA 72 27.42 -47.28 79.61
C LYS HA 72 26.07 -47.16 80.32
N GLU HA 73 26.09 -46.76 81.58
CA GLU HA 73 24.88 -46.70 82.40
C GLU HA 73 24.63 -45.27 82.88
N ILE HA 74 23.36 -44.90 82.95
CA ILE HA 74 22.95 -43.58 83.45
C ILE HA 74 21.96 -43.79 84.58
N VAL HA 75 22.17 -43.09 85.69
CA VAL HA 75 21.35 -43.24 86.89
C VAL HA 75 20.42 -42.05 86.99
N ILE HA 76 19.11 -42.31 87.08
CA ILE HA 76 18.11 -41.27 87.25
C ILE HA 76 17.24 -41.63 88.45
N ASP HA 77 16.33 -40.72 88.80
CA ASP HA 77 15.48 -40.87 89.97
C ASP HA 77 14.06 -41.20 89.55
N ASP HA 78 13.44 -42.13 90.29
CA ASP HA 78 12.08 -42.54 89.98
C ASP HA 78 11.06 -41.42 90.16
N SER HA 79 11.42 -40.38 90.91
CA SER HA 79 10.52 -39.24 91.07
C SER HA 79 10.38 -38.41 89.80
N GLU HA 80 11.21 -38.68 88.79
CA GLU HA 80 11.22 -37.90 87.56
C GLU HA 80 10.75 -38.70 86.36
N VAL HA 81 10.08 -39.83 86.59
CA VAL HA 81 9.54 -40.67 85.52
C VAL HA 81 8.06 -40.90 85.78
N ILE HA 82 7.24 -40.77 84.74
CA ILE HA 82 5.80 -40.87 84.90
C ILE HA 82 5.35 -42.32 84.88
N THR HA 83 5.55 -43.00 83.76
CA THR HA 83 5.07 -44.36 83.55
C THR HA 83 6.19 -45.24 83.06
N ILE HA 84 6.24 -46.47 83.59
CA ILE HA 84 7.18 -47.50 83.17
C ILE HA 84 6.38 -48.75 82.84
N THR HA 85 6.41 -49.16 81.57
CA THR HA 85 5.59 -50.27 81.12
C THR HA 85 6.34 -51.09 80.08
N SER HA 86 5.98 -52.38 79.98
CA SER HA 86 6.59 -53.26 79.00
C SER HA 86 6.01 -52.99 77.61
N PRO HA 87 6.84 -53.03 76.57
CA PRO HA 87 6.34 -52.72 75.22
C PRO HA 87 5.87 -53.95 74.46
N LYS HA 88 5.32 -53.75 73.27
CA LYS HA 88 4.90 -54.86 72.44
C LYS HA 88 6.11 -55.45 71.69
N ASP HA 89 5.86 -56.55 70.99
CA ASP HA 89 6.96 -57.32 70.42
C ASP HA 89 7.57 -56.65 69.18
N ASP HA 90 6.76 -55.92 68.41
CA ASP HA 90 7.29 -55.28 67.21
C ASP HA 90 8.37 -54.26 67.55
N ILE HA 91 8.12 -53.44 68.58
CA ILE HA 91 9.12 -52.46 69.00
C ILE HA 91 10.35 -53.16 69.56
N ILE HA 92 10.16 -54.29 70.24
CA ILE HA 92 11.30 -55.06 70.74
C ILE HA 92 12.17 -55.52 69.58
N LYS HA 93 11.55 -56.05 68.52
CA LYS HA 93 12.30 -56.49 67.36
C LYS HA 93 13.04 -55.34 66.71
N SER HA 94 12.36 -54.20 66.54
CA SER HA 94 13.01 -53.04 65.92
C SER HA 94 14.20 -52.56 66.76
N TYR HA 95 14.02 -52.52 68.08
CA TYR HA 95 15.09 -52.07 68.97
C TYR HA 95 16.28 -53.00 68.90
N GLU HA 96 16.03 -54.32 68.90
CA GLU HA 96 17.15 -55.27 68.81
C GLU HA 96 17.87 -55.14 67.48
N SER HA 97 17.13 -55.01 66.39
CA SER HA 97 17.76 -54.84 65.08
C SER HA 97 18.63 -53.60 65.05
N HIS HA 98 18.11 -52.48 65.55
CA HIS HA 98 18.87 -51.24 65.53
C HIS HA 98 20.12 -51.34 66.41
N THR HA 99 19.98 -51.95 67.59
CA THR HA 99 21.12 -52.03 68.51
C THR HA 99 22.17 -53.03 68.05
N ARG HA 100 21.83 -53.97 67.17
CA ARG HA 100 22.89 -54.78 66.58
C ARG HA 100 23.51 -54.14 65.35
N VAL HA 101 22.72 -53.40 64.56
CA VAL HA 101 23.27 -52.70 63.41
C VAL HA 101 24.29 -51.65 63.85
N LEU HA 102 23.99 -50.93 64.93
CA LEU HA 102 24.92 -49.92 65.41
C LEU HA 102 26.25 -50.55 65.81
N GLU HA 103 26.21 -51.67 66.53
CA GLU HA 103 27.44 -52.35 66.94
C GLU HA 103 28.22 -52.85 65.72
N ASN HA 104 27.52 -53.42 64.74
CA ASN HA 104 28.19 -53.90 63.53
C ASN HA 104 28.90 -52.76 62.81
N LYS HA 105 28.23 -51.62 62.67
CA LYS HA 105 28.85 -50.49 62.00
C LYS HA 105 30.04 -49.95 62.79
N GLN HA 106 29.93 -49.95 64.12
CA GLN HA 106 31.05 -49.51 64.95
C GLN HA 106 32.27 -50.39 64.73
N VAL HA 107 32.07 -51.71 64.71
CA VAL HA 107 33.19 -52.62 64.51
C VAL HA 107 33.79 -52.43 63.11
N GLU HA 108 32.94 -52.25 62.10
CA GLU HA 108 33.45 -52.04 60.76
C GLU HA 108 34.30 -50.78 60.69
N GLU HA 109 33.86 -49.70 61.34
CA GLU HA 109 34.65 -48.47 61.34
C GLU HA 109 35.96 -48.65 62.09
N ILE HA 110 35.96 -49.45 63.17
CA ILE HA 110 37.21 -49.71 63.88
C ILE HA 110 38.20 -50.42 62.97
N LEU HA 111 37.74 -51.43 62.23
CA LEU HA 111 38.62 -52.11 61.28
C LEU HA 111 39.15 -51.15 60.22
N ARG HA 112 38.27 -50.31 59.67
CA ARG HA 112 38.71 -49.33 58.67
C ARG HA 112 39.81 -48.44 59.22
N LEU HA 113 39.61 -47.90 60.42
CA LEU HA 113 40.59 -47.00 61.00
C LEU HA 113 41.92 -47.71 61.25
N GLU HA 114 41.86 -48.94 61.76
CA GLU HA 114 43.10 -49.67 62.02
C GLU HA 114 43.87 -49.93 60.74
N LYS HA 115 43.17 -50.33 59.68
CA LYS HA 115 43.85 -50.59 58.41
C LYS HA 115 44.48 -49.32 57.85
N GLU HA 116 43.75 -48.20 57.91
CA GLU HA 116 44.30 -46.94 57.41
C GLU HA 116 45.52 -46.52 58.21
N ILE HA 117 45.47 -46.68 59.53
CA ILE HA 117 46.62 -46.32 60.37
C ILE HA 117 47.83 -47.18 60.02
N GLU HA 118 47.62 -48.48 59.86
CA GLU HA 118 48.74 -49.36 59.51
C GLU HA 118 49.35 -48.98 58.18
N ASP HA 119 48.51 -48.72 57.18
CA ASP HA 119 49.04 -48.34 55.86
C ASP HA 119 49.82 -47.04 55.92
N LEU HA 120 49.28 -46.04 56.62
CA LEU HA 120 49.96 -44.76 56.72
C LEU HA 120 51.29 -44.90 57.45
N GLN HA 121 51.32 -45.69 58.53
CA GLN HA 121 52.55 -45.89 59.28
C GLN HA 121 53.60 -46.57 58.42
N ARG HA 122 53.22 -47.59 57.66
CA ARG HA 122 54.16 -48.28 56.80
C ARG HA 122 54.72 -47.35 55.73
N MET HA 123 53.85 -46.55 55.11
CA MET HA 123 54.30 -45.64 54.05
C MET HA 123 55.23 -44.57 54.63
N LYS HA 124 54.91 -44.04 55.81
CA LYS HA 124 55.79 -43.07 56.44
C LYS HA 124 57.13 -43.69 56.79
N GLU HA 125 57.14 -44.94 57.25
CA GLU HA 125 58.39 -45.61 57.57
C GLU HA 125 59.27 -45.74 56.34
N GLN HA 126 58.69 -46.19 55.22
CA GLN HA 126 59.49 -46.30 54.00
C GLN HA 126 59.98 -44.94 53.52
N GLN HA 127 59.14 -43.91 53.64
CA GLN HA 127 59.58 -42.57 53.22
C GLN HA 127 60.73 -42.07 54.07
N GLU HA 128 60.66 -42.30 55.39
CA GLU HA 128 61.71 -41.85 56.29
C GLU HA 128 62.99 -42.66 56.13
N LEU HA 129 62.89 -43.90 55.67
CA LEU HA 129 64.09 -44.74 55.54
C LEU HA 129 65.14 -44.09 54.64
N SER HA 130 64.71 -43.48 53.54
CA SER HA 130 65.63 -42.84 52.60
C SER HA 130 65.88 -41.41 53.06
N LEU HA 131 66.95 -41.23 53.83
CA LEU HA 131 67.28 -39.90 54.36
C LEU HA 131 68.77 -39.86 54.66
N THR HA 132 69.29 -38.64 54.77
CA THR HA 132 70.70 -38.41 55.04
C THR HA 132 70.93 -38.12 56.52
N GLU HA 133 72.21 -38.13 56.92
CA GLU HA 133 72.55 -37.94 58.32
C GLU HA 133 72.21 -36.54 58.81
N ALA HA 134 72.60 -35.52 58.05
CA ALA HA 134 72.26 -34.15 58.44
C ALA HA 134 70.76 -33.93 58.43
N SER HA 135 70.07 -34.50 57.45
CA SER HA 135 68.61 -34.42 57.42
C SER HA 135 68.00 -35.12 58.63
N LEU HA 136 68.58 -36.25 59.03
CA LEU HA 136 68.08 -36.95 60.22
C LEU HA 136 68.29 -36.10 61.46
N GLN HA 137 69.43 -35.43 61.57
CA GLN HA 137 69.68 -34.55 62.71
C GLN HA 137 68.69 -33.39 62.75
N LYS HA 138 68.43 -32.78 61.59
CA LYS HA 138 67.43 -31.71 61.54
C LYS HA 138 66.05 -32.23 61.90
N LEU HA 139 65.71 -33.44 61.44
CA LEU HA 139 64.45 -34.06 61.81
C LEU HA 139 64.33 -34.21 63.32
N GLN HA 140 65.38 -34.74 63.96
CA GLN HA 140 65.34 -34.92 65.41
C GLN HA 140 65.23 -33.58 66.13
N GLU HA 141 65.97 -32.57 65.67
CA GLU HA 141 65.93 -31.27 66.32
C GLU HA 141 64.53 -30.65 66.22
N ARG HA 142 63.93 -30.70 65.03
CA ARG HA 142 62.62 -30.08 64.87
C ARG HA 142 61.54 -30.88 65.60
N ARG HA 143 61.69 -32.21 65.67
CA ARG HA 143 60.75 -33.01 66.46
C ARG HA 143 60.86 -32.66 67.94
N ASP HA 144 62.09 -32.45 68.43
CA ASP HA 144 62.27 -32.01 69.81
C ASP HA 144 61.63 -30.65 70.05
N GLN HA 145 61.81 -29.72 69.11
CA GLN HA 145 61.14 -28.42 69.20
C GLN HA 145 59.63 -28.58 69.14
N LYS IA 15 -48.88 33.78 83.76
CA LYS IA 15 -48.29 33.54 82.46
C LYS IA 15 -48.93 34.43 81.40
N ASN IA 16 -48.08 35.00 80.53
CA ASN IA 16 -48.56 35.93 79.50
C ASN IA 16 -47.57 35.92 78.36
N ILE IA 17 -47.95 35.33 77.23
CA ILE IA 17 -47.10 35.24 76.06
C ILE IA 17 -47.61 36.24 75.03
N LYS IA 18 -46.76 37.20 74.66
CA LYS IA 18 -47.11 38.22 73.68
C LYS IA 18 -45.91 38.47 72.78
N ILE IA 19 -46.13 38.35 71.47
CA ILE IA 19 -45.06 38.65 70.52
C ILE IA 19 -44.90 40.16 70.43
N MET IA 20 -43.70 40.60 70.07
CA MET IA 20 -43.45 42.02 69.88
C MET IA 20 -42.44 42.23 68.76
N ARG IA 21 -42.46 43.43 68.20
CA ARG IA 21 -41.54 43.84 67.15
C ARG IA 21 -40.65 44.96 67.68
N LEU IA 22 -39.35 44.76 67.58
CA LEU IA 22 -38.39 45.72 68.11
C LEU IA 22 -38.08 46.81 67.09
N VAL IA 23 -37.54 47.92 67.58
CA VAL IA 23 -37.17 49.03 66.71
C VAL IA 23 -36.10 48.60 65.72
N THR IA 24 -35.29 47.60 66.08
CA THR IA 24 -34.30 47.07 65.15
C THR IA 24 -34.98 46.43 63.95
N GLY IA 25 -36.11 45.76 64.17
CA GLY IA 25 -36.84 45.13 63.08
C GLY IA 25 -36.91 43.62 63.22
N GLU IA 26 -36.92 43.12 64.45
CA GLU IA 26 -36.95 41.69 64.72
C GLU IA 26 -38.14 41.36 65.59
N ASP IA 27 -38.52 40.08 65.57
CA ASP IA 27 -39.71 39.59 66.27
C ASP IA 27 -39.29 38.76 67.47
N ILE IA 28 -39.75 39.16 68.66
CA ILE IA 28 -39.39 38.53 69.92
C ILE IA 28 -40.65 37.92 70.53
N ILE IA 29 -40.57 36.65 70.91
CA ILE IA 29 -41.67 35.96 71.57
C ILE IA 29 -41.18 35.42 72.90
N GLY IA 30 -41.97 35.63 73.95
CA GLY IA 30 -41.60 35.16 75.27
C GLY IA 30 -42.56 35.66 76.32
N ASN IA 31 -42.24 35.32 77.57
CA ASN IA 31 -43.06 35.74 78.69
C ASN IA 31 -42.83 37.22 78.98
N ILE IA 32 -43.92 37.98 79.07
CA ILE IA 32 -43.85 39.43 79.15
C ILE IA 32 -44.49 39.89 80.46
N SER IA 33 -43.95 40.98 81.01
CA SER IA 33 -44.55 41.60 82.19
C SER IA 33 -44.34 43.11 82.09
N GLU IA 34 -45.43 43.85 81.96
CA GLU IA 34 -45.40 45.31 81.82
C GLU IA 34 -45.83 45.94 83.14
N SER IA 35 -44.86 46.44 83.90
CA SER IA 35 -45.13 46.99 85.23
C SER IA 35 -45.28 48.51 85.22
N GLN IA 36 -44.23 49.23 84.82
CA GLN IA 36 -44.21 50.69 84.92
C GLN IA 36 -43.61 51.27 83.63
N GLY IA 37 -44.11 50.82 82.50
CA GLY IA 37 -43.57 51.24 81.22
C GLY IA 37 -42.44 50.33 80.79
N LEU IA 38 -41.34 50.33 81.54
CA LEU IA 38 -40.28 49.36 81.31
C LEU IA 38 -40.81 47.95 81.52
N ILE IA 39 -40.49 47.04 80.61
CA ILE IA 39 -41.07 45.71 80.62
C ILE IA 39 -39.98 44.68 80.88
N THR IA 40 -40.40 43.56 81.44
CA THR IA 40 -39.54 42.43 81.77
C THR IA 40 -39.87 41.27 80.85
N ILE IA 41 -38.84 40.65 80.28
CA ILE IA 41 -38.99 39.58 79.31
C ILE IA 41 -38.26 38.35 79.83
N LYS IA 42 -38.92 37.19 79.76
CA LYS IA 42 -38.35 35.92 80.18
C LYS IA 42 -38.44 34.92 79.04
N LYS IA 43 -37.35 34.17 78.84
CA LYS IA 43 -37.27 33.13 77.82
C LYS IA 43 -37.58 33.69 76.43
N ALA IA 44 -36.95 34.81 76.11
CA ALA IA 44 -37.16 35.46 74.82
C ALA IA 44 -36.58 34.64 73.68
N PHE IA 45 -37.27 34.67 72.54
CA PHE IA 45 -36.83 33.96 71.35
C PHE IA 45 -37.00 34.86 70.13
N VAL IA 46 -35.98 34.89 69.28
CA VAL IA 46 -36.04 35.56 67.99
C VAL IA 46 -36.72 34.62 67.00
N ILE IA 47 -37.74 35.13 66.30
CA ILE IA 47 -38.45 34.35 65.29
C ILE IA 47 -37.86 34.70 63.93
N ILE IA 48 -37.27 33.71 63.27
CA ILE IA 48 -36.65 33.89 61.96
C ILE IA 48 -37.66 33.49 60.89
N PRO IA 49 -38.01 34.38 59.96
CA PRO IA 49 -38.97 34.00 58.91
C PRO IA 49 -38.38 33.02 57.92
N MET IA 50 -38.83 31.76 57.98
CA MET IA 50 -38.33 30.72 57.10
C MET IA 50 -39.30 29.55 57.05
N GLN IA 59 -43.10 26.61 57.87
CA GLN IA 59 -42.75 26.36 59.26
C GLN IA 59 -42.10 27.58 59.89
N LEU IA 60 -41.73 27.47 61.17
CA LEU IA 60 -41.11 28.55 61.91
C LEU IA 60 -39.80 28.09 62.53
N VAL IA 61 -38.87 29.03 62.66
CA VAL IA 61 -37.58 28.77 63.27
C VAL IA 61 -37.38 29.77 64.41
N LEU IA 62 -36.97 29.27 65.57
CA LEU IA 62 -36.75 30.11 66.74
C LEU IA 62 -35.29 30.01 67.16
N SER IA 63 -34.74 31.11 67.64
CA SER IA 63 -33.36 31.17 68.11
C SER IA 63 -33.31 31.91 69.43
N PRO IA 64 -32.28 31.66 70.24
CA PRO IA 64 -32.13 32.44 71.48
C PRO IA 64 -31.92 33.91 71.19
N TRP IA 65 -32.46 34.76 72.06
CA TRP IA 65 -32.32 36.20 71.85
C TRP IA 65 -31.02 36.74 72.40
N GLN IA 66 -30.61 36.29 73.59
CA GLN IA 66 -29.42 36.78 74.26
C GLN IA 66 -28.54 35.58 74.61
N PRO IA 67 -27.81 35.04 73.63
CA PRO IA 67 -27.00 33.84 73.88
C PRO IA 67 -25.70 34.09 74.62
N TYR IA 68 -25.50 35.27 75.21
CA TYR IA 68 -24.29 35.57 75.95
C TYR IA 68 -24.55 35.84 77.43
N THR IA 69 -25.79 35.67 77.89
CA THR IA 69 -26.14 35.93 79.28
C THR IA 69 -26.96 34.78 79.83
N ASP IA 70 -26.83 34.56 81.15
CA ASP IA 70 -27.59 33.54 81.86
C ASP IA 70 -28.71 34.13 82.69
N ASP IA 71 -28.95 35.43 82.61
CA ASP IA 71 -30.01 36.05 83.40
C ASP IA 71 -31.37 35.53 82.97
N LYS IA 72 -32.22 35.23 83.95
CA LYS IA 72 -33.55 34.73 83.65
C LYS IA 72 -34.42 35.81 83.01
N GLU IA 73 -34.34 37.04 83.51
CA GLU IA 73 -35.19 38.12 83.06
C GLU IA 73 -34.34 39.25 82.50
N ILE IA 74 -34.85 39.91 81.46
CA ILE IA 74 -34.20 41.05 80.83
C ILE IA 74 -35.17 42.22 80.83
N VAL IA 75 -34.69 43.39 81.24
CA VAL IA 75 -35.54 44.57 81.38
C VAL IA 75 -35.23 45.51 80.22
N ILE IA 76 -36.26 45.88 79.45
CA ILE IA 76 -36.12 46.83 78.36
C ILE IA 76 -37.15 47.95 78.54
N ASP IA 77 -37.07 48.95 77.67
CA ASP IA 77 -37.93 50.12 77.76
C ASP IA 77 -38.99 50.08 76.68
N ASP IA 78 -40.22 50.47 77.05
CA ASP IA 78 -41.33 50.47 76.10
C ASP IA 78 -41.13 51.47 74.96
N SER IA 79 -40.26 52.45 75.14
CA SER IA 79 -39.98 53.40 74.07
C SER IA 79 -39.20 52.78 72.92
N GLU IA 80 -38.71 51.55 73.08
CA GLU IA 80 -37.88 50.88 72.09
C GLU IA 80 -38.58 49.67 71.48
N VAL IA 81 -39.89 49.56 71.63
CA VAL IA 81 -40.68 48.48 71.05
C VAL IA 81 -41.82 49.07 70.25
N ILE IA 82 -42.05 48.53 69.05
CA ILE IA 82 -43.05 49.09 68.15
C ILE IA 82 -44.43 48.55 68.48
N THR IA 83 -44.62 47.24 68.33
CA THR IA 83 -45.93 46.61 68.50
C THR IA 83 -45.81 45.43 69.44
N ILE IA 84 -46.81 45.28 70.32
CA ILE IA 84 -46.94 44.16 71.23
C ILE IA 84 -48.32 43.57 71.04
N THR IA 85 -48.39 42.33 70.57
CA THR IA 85 -49.67 41.71 70.25
C THR IA 85 -49.65 40.23 70.61
N SER IA 86 -50.82 39.68 70.89
CA SER IA 86 -50.95 38.26 71.21
C SER IA 86 -50.85 37.43 69.93
N PRO IA 87 -50.18 36.28 69.97
CA PRO IA 87 -50.01 35.47 68.76
C PRO IA 87 -51.11 34.43 68.59
N LYS IA 88 -51.09 33.73 67.46
CA LYS IA 88 -52.04 32.65 67.23
C LYS IA 88 -51.61 31.38 67.95
N ASP IA 89 -52.48 30.37 67.90
CA ASP IA 89 -52.28 29.18 68.73
C ASP IA 89 -51.17 28.28 68.20
N ASP IA 90 -50.97 28.23 66.88
CA ASP IA 90 -49.94 27.37 66.31
C ASP IA 90 -48.55 27.77 66.81
N ILE IA 91 -48.26 29.07 66.81
CA ILE IA 91 -46.98 29.54 67.29
C ILE IA 91 -46.84 29.28 68.78
N ILE IA 92 -47.94 29.39 69.53
CA ILE IA 92 -47.91 29.08 70.96
C ILE IA 92 -47.51 27.62 71.17
N LYS IA 93 -48.11 26.72 70.40
CA LYS IA 93 -47.78 25.30 70.52
C LYS IA 93 -46.32 25.05 70.17
N SER IA 94 -45.84 25.65 69.09
CA SER IA 94 -44.45 25.45 68.70
C SER IA 94 -43.49 25.99 69.76
N TYR IA 95 -43.80 27.16 70.32
CA TYR IA 95 -42.96 27.76 71.35
C TYR IA 95 -42.93 26.88 72.60
N GLU IA 96 -44.07 26.36 73.02
CA GLU IA 96 -44.09 25.49 74.20
C GLU IA 96 -43.30 24.20 73.95
N SER IA 97 -43.46 23.61 72.76
CA SER IA 97 -42.72 22.39 72.45
C SER IA 97 -41.22 22.65 72.47
N HIS IA 98 -40.78 23.75 71.87
CA HIS IA 98 -39.36 24.06 71.83
C HIS IA 98 -38.82 24.33 73.23
N THR IA 99 -39.58 25.07 74.05
CA THR IA 99 -39.10 25.42 75.38
C THR IA 99 -39.13 24.24 76.34
N ARG IA 100 -39.90 23.19 76.07
CA ARG IA 100 -39.75 21.99 76.87
C ARG IA 100 -38.65 21.07 76.36
N VAL IA 101 -38.45 21.02 75.04
CA VAL IA 101 -37.36 20.20 74.49
C VAL IA 101 -36.01 20.71 74.98
N LEU IA 102 -35.83 22.04 75.01
CA LEU IA 102 -34.57 22.59 75.48
C LEU IA 102 -34.29 22.20 76.93
N GLU IA 103 -35.31 22.30 77.80
CA GLU IA 103 -35.12 21.92 79.19
C GLU IA 103 -34.81 20.44 79.32
N ASN IA 104 -35.50 19.59 78.56
CA ASN IA 104 -35.24 18.15 78.62
C ASN IA 104 -33.80 17.84 78.22
N LYS IA 105 -33.32 18.47 77.15
CA LYS IA 105 -31.95 18.23 76.71
C LYS IA 105 -30.95 18.74 77.74
N GLN IA 106 -31.25 19.88 78.38
CA GLN IA 106 -30.37 20.41 79.41
C GLN IA 106 -30.24 19.42 80.56
N VAL IA 107 -31.37 18.87 81.02
CA VAL IA 107 -31.33 17.90 82.12
C VAL IA 107 -30.56 16.66 81.72
N GLU IA 108 -30.78 16.17 80.49
CA GLU IA 108 -30.05 15.00 80.03
C GLU IA 108 -28.55 15.24 80.03
N GLU IA 109 -28.12 16.42 79.57
CA GLU IA 109 -26.70 16.72 79.58
C GLU IA 109 -26.15 16.84 81.00
N ILE IA 110 -26.95 17.36 81.93
CA ILE IA 110 -26.51 17.43 83.33
C ILE IA 110 -26.26 16.02 83.86
N LEU IA 111 -27.19 15.09 83.60
CA LEU IA 111 -26.99 13.71 84.03
C LEU IA 111 -25.74 13.11 83.40
N ARG IA 112 -25.54 13.33 82.11
CA ARG IA 112 -24.34 12.80 81.44
C ARG IA 112 -23.07 13.30 82.11
N LEU IA 113 -23.01 14.61 82.35
CA LEU IA 113 -21.81 15.19 82.96
C LEU IA 113 -21.58 14.63 84.36
N GLU IA 114 -22.64 14.51 85.16
CA GLU IA 114 -22.48 13.99 86.51
C GLU IA 114 -21.96 12.55 86.48
N LYS IA 115 -22.52 11.73 85.60
CA LYS IA 115 -22.06 10.34 85.52
C LYS IA 115 -20.60 10.26 85.10
N GLU IA 116 -20.21 11.06 84.10
CA GLU IA 116 -18.83 11.04 83.66
C GLU IA 116 -17.88 11.50 84.76
N ILE IA 117 -18.27 12.53 85.50
CA ILE IA 117 -17.44 13.01 86.60
C ILE IA 117 -17.27 11.95 87.67
N GLU IA 118 -18.37 11.27 88.03
CA GLU IA 118 -18.29 10.22 89.04
C GLU IA 118 -17.37 9.09 88.60
N ASP IA 119 -17.52 8.65 87.34
CA ASP IA 119 -16.67 7.57 86.84
C ASP IA 119 -15.20 7.97 86.84
N LEU IA 120 -14.90 9.18 86.37
CA LEU IA 120 -13.52 9.64 86.33
C LEU IA 120 -12.93 9.74 87.73
N GLN IA 121 -13.71 10.25 88.69
CA GLN IA 121 -13.23 10.38 90.06
C GLN IA 121 -12.94 9.01 90.66
N ARG IA 122 -13.83 8.04 90.44
CA ARG IA 122 -13.60 6.70 90.97
C ARG IA 122 -12.36 6.07 90.36
N MET IA 123 -12.18 6.20 89.04
CA MET IA 123 -11.01 5.60 88.40
C MET IA 123 -9.73 6.26 88.88
N LYS IA 124 -9.73 7.59 89.04
CA LYS IA 124 -8.55 8.27 89.56
C LYS IA 124 -8.26 7.84 90.99
N GLU IA 125 -9.30 7.65 91.81
CA GLU IA 125 -9.08 7.20 93.18
C GLU IA 125 -8.40 5.83 93.21
N GLN IA 126 -8.91 4.89 92.40
CA GLN IA 126 -8.28 3.57 92.36
C GLN IA 126 -6.85 3.63 91.84
N GLN IA 127 -6.60 4.48 90.83
CA GLN IA 127 -5.25 4.61 90.32
C GLN IA 127 -4.30 5.18 91.35
N GLU IA 128 -4.76 6.18 92.12
CA GLU IA 128 -3.91 6.78 93.14
C GLU IA 128 -3.71 5.86 94.34
N LEU IA 129 -4.64 4.93 94.59
CA LEU IA 129 -4.52 4.06 95.75
C LEU IA 129 -3.20 3.28 95.72
N SER IA 130 -2.80 2.78 94.55
CA SER IA 130 -1.58 2.00 94.42
C SER IA 130 -0.41 2.96 94.19
N LEU IA 131 0.25 3.34 95.28
CA LEU IA 131 1.37 4.26 95.20
C LEU IA 131 2.28 4.05 96.40
N THR IA 132 3.51 4.53 96.28
CA THR IA 132 4.52 4.39 97.32
C THR IA 132 4.62 5.67 98.13
N GLU IA 133 5.33 5.59 99.26
CA GLU IA 133 5.44 6.71 100.17
C GLU IA 133 6.21 7.88 99.55
N ALA IA 134 7.37 7.60 98.95
CA ALA IA 134 8.14 8.66 98.30
C ALA IA 134 7.36 9.24 97.12
N SER IA 135 6.67 8.39 96.36
CA SER IA 135 5.84 8.88 95.28
C SER IA 135 4.71 9.76 95.81
N LEU IA 136 4.12 9.38 96.95
CA LEU IA 136 3.08 10.20 97.56
C LEU IA 136 3.63 11.56 97.98
N GLN IA 137 4.84 11.58 98.55
CA GLN IA 137 5.45 12.85 98.93
C GLN IA 137 5.71 13.72 97.72
N LYS IA 138 6.22 13.14 96.63
CA LYS IA 138 6.43 13.91 95.41
C LYS IA 138 5.11 14.43 94.85
N LEU IA 139 4.06 13.60 94.91
CA LEU IA 139 2.73 14.03 94.50
C LEU IA 139 2.28 15.24 95.29
N GLN IA 140 2.42 15.19 96.61
CA GLN IA 140 1.99 16.32 97.45
C GLN IA 140 2.81 17.56 97.14
N GLU IA 141 4.13 17.41 96.97
CA GLU IA 141 4.97 18.56 96.69
C GLU IA 141 4.60 19.22 95.37
N ARG IA 142 4.40 18.41 94.32
CA ARG IA 142 4.09 18.99 93.02
C ARG IA 142 2.68 19.56 93.00
N ARG IA 143 1.74 18.97 93.74
CA ARG IA 143 0.42 19.57 93.87
C ARG IA 143 0.48 20.90 94.58
N ASP IA 144 1.31 21.01 95.61
CA ASP IA 144 1.52 22.29 96.28
C ASP IA 144 2.11 23.32 95.34
N GLN IA 145 3.09 22.92 94.53
CA GLN IA 145 3.66 23.80 93.52
C GLN IA 145 2.61 24.18 92.48
N LYS JA 15 88.57 28.85 43.09
CA LYS JA 15 87.20 28.48 42.75
C LYS JA 15 86.40 28.15 43.99
N ASN JA 16 85.16 28.63 44.04
CA ASN JA 16 84.31 28.44 45.22
C ASN JA 16 82.87 28.54 44.77
N ILE JA 17 82.17 27.41 44.74
CA ILE JA 17 80.77 27.36 44.33
C ILE JA 17 79.91 27.18 45.58
N LYS JA 18 79.04 28.15 45.84
CA LYS JA 18 78.15 28.11 46.99
C LYS JA 18 76.78 28.61 46.58
N ILE JA 19 75.74 27.80 46.83
CA ILE JA 19 74.39 28.23 46.55
C ILE JA 19 73.95 29.22 47.63
N MET JA 20 73.00 30.09 47.26
CA MET JA 20 72.47 31.04 48.22
C MET JA 20 71.00 31.30 47.93
N ARG JA 21 70.30 31.77 48.95
CA ARG JA 21 68.90 32.13 48.85
C ARG JA 21 68.75 33.64 49.06
N LEU JA 22 68.12 34.30 48.11
CA LEU JA 22 67.97 35.74 48.15
C LEU JA 22 66.74 36.14 48.96
N VAL JA 23 66.72 37.41 49.39
CA VAL JA 23 65.58 37.93 50.15
C VAL JA 23 64.31 37.88 49.31
N THR JA 24 64.46 37.96 47.99
CA THR JA 24 63.29 37.83 47.11
C THR JA 24 62.67 36.44 47.24
N GLY JA 25 63.49 35.41 47.40
CA GLY JA 25 62.99 34.06 47.55
C GLY JA 25 63.41 33.13 46.42
N GLU JA 26 64.59 33.39 45.85
CA GLU JA 26 65.09 32.61 44.73
C GLU JA 26 66.46 32.04 45.09
N ASP JA 27 66.85 31.01 44.35
CA ASP JA 27 68.08 30.27 44.61
C ASP JA 27 69.10 30.58 43.51
N ILE JA 28 70.27 31.06 43.92
CA ILE JA 28 71.32 31.48 43.01
C ILE JA 28 72.54 30.59 43.24
N ILE JA 29 73.07 30.03 42.16
CA ILE JA 29 74.27 29.19 42.20
C ILE JA 29 75.32 29.79 41.28
N GLY JA 30 76.54 29.90 41.77
CA GLY JA 30 77.61 30.44 40.96
C GLY JA 30 78.88 30.63 41.78
N ASN JA 31 79.88 31.20 41.10
CA ASN JA 31 81.16 31.44 41.76
C ASN JA 31 81.03 32.64 42.71
N ILE JA 32 81.46 32.47 43.95
CA ILE JA 32 81.24 33.45 45.00
C ILE JA 32 82.57 33.93 45.54
N SER JA 33 82.61 35.19 45.95
CA SER JA 33 83.80 35.75 46.60
C SER JA 33 83.34 36.76 47.63
N GLU JA 34 83.59 36.47 48.91
CA GLU JA 34 83.17 37.32 50.03
C GLU JA 34 84.40 38.04 50.56
N SER JA 35 84.55 39.32 50.21
CA SER JA 35 85.71 40.10 50.59
C SER JA 35 85.49 40.94 51.84
N GLN JA 36 84.55 41.88 51.80
CA GLN JA 36 84.35 42.83 52.88
C GLN JA 36 82.86 42.99 53.17
N GLY JA 37 82.17 41.87 53.31
CA GLY JA 37 80.73 41.89 53.49
C GLY JA 37 80.01 41.84 52.16
N LEU JA 38 80.18 42.89 51.36
CA LEU JA 38 79.67 42.86 49.99
C LEU JA 38 80.36 41.75 49.22
N ILE JA 39 79.59 40.98 48.46
CA ILE JA 39 80.10 39.78 47.81
C ILE JA 39 80.02 39.95 46.30
N THR JA 40 80.92 39.25 45.62
CA THR JA 40 81.02 39.25 44.16
C THR JA 40 80.58 37.90 43.63
N ILE JA 41 79.74 37.91 42.61
CA ILE JA 41 79.16 36.70 42.04
C ILE JA 41 79.51 36.65 40.56
N LYS JA 42 79.96 35.48 40.11
CA LYS JA 42 80.30 35.26 38.71
C LYS JA 42 79.52 34.05 38.19
N LYS JA 43 79.01 34.18 36.97
CA LYS JA 43 78.27 33.11 36.29
C LYS JA 43 77.09 32.63 37.13
N ALA JA 44 76.32 33.58 37.65
CA ALA JA 44 75.17 33.25 38.49
C ALA JA 44 74.07 32.59 37.67
N PHE JA 45 73.37 31.66 38.32
CA PHE JA 45 72.27 30.94 37.69
C PHE JA 45 71.11 30.83 38.67
N VAL JA 46 69.91 31.11 38.20
CA VAL JA 46 68.69 30.89 38.96
C VAL JA 46 68.29 29.42 38.83
N ILE JA 47 68.06 28.77 39.96
CA ILE JA 47 67.62 27.37 39.98
C ILE JA 47 66.11 27.34 40.09
N ILE JA 48 65.45 26.79 39.08
CA ILE JA 48 63.99 26.70 39.04
C ILE JA 48 63.60 25.32 39.55
N PRO JA 49 62.77 25.22 40.58
CA PRO JA 49 62.36 23.89 41.07
C PRO JA 49 61.41 23.19 40.11
N MET JA 50 61.90 22.17 39.42
CA MET JA 50 61.10 21.43 38.45
C MET JA 50 61.70 20.07 38.18
N GLN JA 59 64.68 16.21 38.18
CA GLN JA 59 65.78 16.92 37.54
C GLN JA 59 65.81 18.37 37.97
N LEU JA 60 66.78 19.13 37.44
CA LEU JA 60 66.94 20.53 37.77
C LEU JA 60 66.99 21.36 36.50
N VAL JA 61 66.51 22.59 36.60
CA VAL JA 61 66.51 23.55 35.50
C VAL JA 61 67.23 24.81 35.96
N LEU JA 62 68.15 25.30 35.14
CA LEU JA 62 68.91 26.49 35.44
C LEU JA 62 68.64 27.55 34.39
N SER JA 63 68.61 28.80 34.80
CA SER JA 63 68.38 29.93 33.92
C SER JA 63 69.38 31.03 34.23
N PRO JA 64 69.67 31.91 33.27
CA PRO JA 64 70.55 33.05 33.57
C PRO JA 64 69.92 33.97 34.59
N TRP JA 65 70.77 34.55 35.45
CA TRP JA 65 70.26 35.43 36.49
C TRP JA 65 70.05 36.85 36.00
N GLN JA 66 71.00 37.37 35.21
CA GLN JA 66 70.95 38.75 34.73
C GLN JA 66 71.08 38.73 33.21
N PRO JA 67 69.99 38.41 32.50
CA PRO JA 67 70.07 38.29 31.04
C PRO JA 67 70.09 39.61 30.30
N TYR JA 68 70.29 40.73 30.98
CA TYR JA 68 70.34 42.04 30.33
C TYR JA 68 71.69 42.71 30.45
N THR JA 69 72.69 42.04 31.03
CA THR JA 69 74.01 42.61 31.22
C THR JA 69 75.09 41.63 30.76
N ASP JA 70 76.21 42.18 30.31
CA ASP JA 70 77.35 41.39 29.89
C ASP JA 70 78.49 41.42 30.91
N ASP JA 71 78.28 42.05 32.07
CA ASP JA 71 79.34 42.12 33.06
C ASP JA 71 79.66 40.73 33.60
N LYS JA 72 80.95 40.45 33.73
CA LYS JA 72 81.38 39.15 34.24
C LYS JA 72 81.03 38.98 35.71
N GLU JA 73 81.20 40.02 36.51
CA GLU JA 73 80.98 39.95 37.95
C GLU JA 73 79.90 40.93 38.37
N ILE JA 74 79.11 40.53 39.37
CA ILE JA 74 78.05 41.36 39.92
C ILE JA 74 78.28 41.47 41.42
N VAL JA 75 78.21 42.68 41.95
CA VAL JA 75 78.48 42.94 43.37
C VAL JA 75 77.16 43.19 44.07
N ILE JA 76 76.89 42.42 45.12
CA ILE JA 76 75.69 42.59 45.94
C ILE JA 76 76.11 42.70 47.40
N ASP JA 77 75.14 42.97 48.26
CA ASP JA 77 75.37 43.20 49.68
C ASP JA 77 74.92 41.99 50.49
N ASP JA 78 75.72 41.63 51.49
CA ASP JA 78 75.39 40.48 52.33
C ASP JA 78 74.13 40.70 53.16
N SER JA 79 73.71 41.95 53.33
CA SER JA 79 72.47 42.22 54.06
C SER JA 79 71.24 41.81 53.27
N GLU JA 80 71.39 41.43 52.00
CA GLU JA 80 70.26 41.09 51.14
C GLU JA 80 70.26 39.61 50.75
N VAL JA 81 71.01 38.78 51.47
CA VAL JA 81 71.06 37.34 51.22
C VAL JA 81 70.76 36.62 52.52
N ILE JA 82 69.92 35.59 52.44
CA ILE JA 82 69.48 34.89 53.64
C ILE JA 82 70.49 33.82 54.05
N THR JA 83 70.69 32.82 53.19
CA THR JA 83 71.53 31.68 53.49
C THR JA 83 72.53 31.45 52.37
N ILE JA 84 73.76 31.13 52.74
CA ILE JA 84 74.84 30.77 51.81
C ILE JA 84 75.41 29.44 52.26
N THR JA 85 75.26 28.40 51.43
CA THR JA 85 75.66 27.06 51.81
C THR JA 85 76.23 26.32 50.61
N SER JA 86 77.12 25.36 50.89
CA SER JA 86 77.71 24.55 49.83
C SER JA 86 76.70 23.51 49.34
N PRO JA 87 76.65 23.24 48.03
CA PRO JA 87 75.66 22.29 47.51
C PRO JA 87 76.20 20.87 47.43
N LYS JA 88 75.34 19.93 47.05
CA LYS JA 88 75.76 18.55 46.88
C LYS JA 88 76.42 18.37 45.52
N ASP JA 89 76.97 17.17 45.29
CA ASP JA 89 77.82 16.94 44.13
C ASP JA 89 77.02 16.84 42.84
N ASP JA 90 75.79 16.34 42.89
CA ASP JA 90 74.99 16.20 41.67
C ASP JA 90 74.72 17.56 41.03
N ILE JA 91 74.36 18.54 41.85
CA ILE JA 91 74.11 19.88 41.32
C ILE JA 91 75.41 20.49 40.80
N ILE JA 92 76.53 20.19 41.44
CA ILE JA 92 77.82 20.68 40.96
C ILE JA 92 78.09 20.13 39.57
N LYS JA 93 77.86 18.83 39.37
CA LYS JA 93 78.08 18.22 38.07
C LYS JA 93 77.16 18.84 37.01
N SER JA 94 75.89 19.02 37.35
CA SER JA 94 74.95 19.61 36.39
C SER JA 94 75.36 21.03 36.04
N TYR JA 95 75.77 21.81 37.04
CA TYR JA 95 76.18 23.20 36.80
C TYR JA 95 77.41 23.25 35.89
N GLU JA 96 78.40 22.39 36.15
CA GLU JA 96 79.59 22.38 35.31
C GLU JA 96 79.25 21.97 33.88
N SER JA 97 78.40 20.95 33.71
CA SER JA 97 78.01 20.53 32.37
C SER JA 97 77.31 21.66 31.63
N HIS JA 98 76.38 22.34 32.30
CA HIS JA 98 75.66 23.43 31.64
C HIS JA 98 76.59 24.58 31.28
N THR JA 99 77.51 24.93 32.19
CA THR JA 99 78.39 26.06 31.95
C THR JA 99 79.46 25.75 30.91
N ARG JA 100 79.76 24.48 30.63
CA ARG JA 100 80.62 24.20 29.49
C ARG JA 100 79.85 24.10 28.18
N VAL JA 101 78.60 23.59 28.22
CA VAL JA 101 77.80 23.53 27.01
C VAL JA 101 77.51 24.93 26.48
N LEU JA 102 77.22 25.88 27.38
CA LEU JA 102 76.96 27.24 26.93
C LEU JA 102 78.17 27.84 26.23
N GLU JA 103 79.37 27.65 26.80
CA GLU JA 103 80.58 28.17 26.17
C GLU JA 103 80.83 27.51 24.81
N ASN JA 104 80.62 26.20 24.72
CA ASN JA 104 80.82 25.50 23.46
C ASN JA 104 79.88 26.05 22.39
N LYS JA 105 78.61 26.25 22.73
CA LYS JA 105 77.66 26.77 21.77
C LYS JA 105 78.01 28.20 21.36
N GLN JA 106 78.48 29.00 22.31
CA GLN JA 106 78.90 30.37 22.00
C GLN JA 106 80.03 30.37 20.99
N VAL JA 107 81.04 29.51 21.19
CA VAL JA 107 82.16 29.45 20.26
C VAL JA 107 81.70 28.97 18.89
N GLU JA 108 80.81 27.98 18.86
CA GLU JA 108 80.29 27.50 17.57
C GLU JA 108 79.57 28.61 16.81
N GLU JA 109 78.77 29.40 17.53
CA GLU JA 109 78.07 30.50 16.87
C GLU JA 109 79.05 31.56 16.38
N ILE JA 110 80.12 31.81 17.13
CA ILE JA 110 81.13 32.78 16.68
C ILE JA 110 81.75 32.31 15.37
N LEU JA 111 82.10 31.02 15.28
CA LEU JA 111 82.65 30.49 14.03
C LEU JA 111 81.65 30.62 12.88
N ARG JA 112 80.38 30.29 13.15
CA ARG JA 112 79.36 30.42 12.10
C ARG JA 112 79.28 31.85 11.58
N LEU JA 113 79.23 32.82 12.50
CA LEU JA 113 79.11 34.22 12.10
C LEU JA 113 80.33 34.66 11.30
N GLU JA 114 81.53 34.27 11.74
CA GLU JA 114 82.73 34.68 11.02
C GLU JA 114 82.75 34.11 9.61
N LYS JA 115 82.38 32.83 9.47
CA LYS JA 115 82.36 32.22 8.14
C LYS JA 115 81.34 32.91 7.22
N GLU JA 116 80.15 33.19 7.75
CA GLU JA 116 79.14 33.86 6.94
C GLU JA 116 79.59 35.25 6.53
N ILE JA 117 80.23 35.99 7.44
CA ILE JA 117 80.73 37.32 7.11
C ILE JA 117 81.77 37.25 6.02
N GLU JA 118 82.71 36.31 6.13
CA GLU JA 118 83.75 36.18 5.12
C GLU JA 118 83.15 35.85 3.75
N ASP JA 119 82.21 34.91 3.71
CA ASP JA 119 81.59 34.55 2.44
C ASP JA 119 80.85 35.73 1.82
N LEU JA 120 80.08 36.45 2.64
CA LEU JA 120 79.34 37.60 2.12
C LEU JA 120 80.28 38.68 1.60
N GLN JA 121 81.37 38.94 2.33
CA GLN JA 121 82.32 39.95 1.90
C GLN JA 121 82.98 39.57 0.58
N ARG JA 122 83.36 38.30 0.43
CA ARG JA 122 83.97 37.86 -0.81
C ARG JA 122 82.99 37.99 -1.98
N MET JA 123 81.75 37.57 -1.78
CA MET JA 123 80.77 37.65 -2.86
C MET JA 123 80.48 39.10 -3.24
N LYS JA 124 80.38 39.99 -2.25
CA LYS JA 124 80.18 41.40 -2.55
C LYS JA 124 81.37 41.98 -3.30
N GLU JA 125 82.59 41.57 -2.93
CA GLU JA 125 83.77 42.07 -3.62
C GLU JA 125 83.75 41.66 -5.09
N GLN JA 126 83.45 40.39 -5.37
CA GLN JA 126 83.37 39.95 -6.75
C GLN JA 126 82.26 40.66 -7.52
N GLN JA 127 81.11 40.88 -6.87
CA GLN JA 127 80.02 41.58 -7.54
C GLN JA 127 80.40 43.02 -7.87
N GLU JA 128 81.09 43.69 -6.94
CA GLU JA 128 81.49 45.08 -7.17
C GLU JA 128 82.61 45.19 -8.19
N LEU JA 129 83.43 44.14 -8.36
CA LEU JA 129 84.54 44.21 -9.30
C LEU JA 129 84.08 44.54 -10.70
N SER JA 130 82.96 43.95 -11.14
CA SER JA 130 82.43 44.19 -12.49
C SER JA 130 81.54 45.42 -12.45
N LEU JA 131 82.11 46.58 -12.76
CA LEU JA 131 81.37 47.83 -12.73
C LEU JA 131 82.05 48.83 -13.66
N THR JA 132 81.30 49.85 -14.04
CA THR JA 132 81.79 50.89 -14.94
C THR JA 132 82.21 52.12 -14.15
N GLU JA 133 82.89 53.04 -14.85
CA GLU JA 133 83.43 54.22 -14.21
C GLU JA 133 82.32 55.14 -13.70
N ALA JA 134 81.34 55.43 -14.54
CA ALA JA 134 80.23 56.27 -14.11
C ALA JA 134 79.44 55.60 -12.99
N SER JA 135 79.25 54.29 -13.09
CA SER JA 135 78.58 53.56 -12.02
C SER JA 135 79.39 53.63 -10.73
N LEU JA 136 80.71 53.55 -10.83
CA LEU JA 136 81.56 53.67 -9.65
C LEU JA 136 81.44 55.06 -9.02
N GLN JA 137 81.38 56.10 -9.86
CA GLN JA 137 81.21 57.45 -9.34
C GLN JA 137 79.87 57.61 -8.64
N LYS JA 138 78.81 57.07 -9.22
CA LYS JA 138 77.50 57.12 -8.57
C LYS JA 138 77.51 56.34 -7.26
N LEU JA 139 78.19 55.19 -7.25
CA LEU JA 139 78.35 54.42 -6.02
C LEU JA 139 79.01 55.25 -4.93
N GLN JA 140 80.12 55.91 -5.27
CA GLN JA 140 80.83 56.72 -4.28
C GLN JA 140 79.96 57.87 -3.79
N GLU JA 141 79.25 58.54 -4.70
CA GLU JA 141 78.41 59.67 -4.32
C GLU JA 141 77.30 59.22 -3.37
N ARG JA 142 76.63 58.11 -3.69
CA ARG JA 142 75.53 57.67 -2.84
C ARG JA 142 76.04 57.12 -1.52
N ARG JA 143 77.22 56.50 -1.50
CA ARG JA 143 77.82 56.08 -0.24
C ARG JA 143 78.16 57.28 0.63
N ASP JA 144 78.67 58.35 0.02
CA ASP JA 144 78.92 59.58 0.76
C ASP JA 144 77.64 60.16 1.33
N GLN JA 145 76.57 60.17 0.53
CA GLN JA 145 75.27 60.62 1.02
C GLN JA 145 74.76 59.70 2.13
N LYS KA 15 -14.75 47.06 90.08
CA LYS KA 15 -14.81 46.39 88.78
C LYS KA 15 -16.23 45.88 88.52
N ASN KA 16 -16.70 46.07 87.28
CA ASN KA 16 -18.06 45.70 86.93
C ASN KA 16 -18.10 45.47 85.42
N ILE KA 17 -18.22 44.22 85.00
CA ILE KA 17 -18.26 43.86 83.58
C ILE KA 17 -19.70 43.48 83.24
N LYS KA 18 -20.29 44.23 82.32
CA LYS KA 18 -21.66 43.99 81.88
C LYS KA 18 -21.73 44.17 80.37
N ILE KA 19 -22.23 43.15 79.68
CA ILE KA 19 -22.43 43.27 78.23
C ILE KA 19 -23.66 44.14 77.98
N MET KA 20 -23.69 44.78 76.81
CA MET KA 20 -24.84 45.58 76.43
C MET KA 20 -25.03 45.51 74.93
N ARG KA 21 -26.27 45.81 74.51
CA ARG KA 21 -26.64 45.86 73.11
C ARG KA 21 -27.00 47.28 72.73
N LEU KA 22 -26.34 47.80 71.69
CA LEU KA 22 -26.55 49.18 71.28
C LEU KA 22 -27.73 49.28 70.31
N VAL KA 23 -28.24 50.51 70.17
CA VAL KA 23 -29.35 50.76 69.25
C VAL KA 23 -28.96 50.44 67.83
N THR KA 24 -27.67 50.55 67.51
CA THR KA 24 -27.19 50.17 66.19
C THR KA 24 -27.40 48.68 65.93
N GLY KA 25 -27.21 47.86 66.96
CA GLY KA 25 -27.41 46.42 66.83
C GLY KA 25 -26.15 45.63 67.04
N GLU KA 26 -25.25 46.13 67.89
CA GLU KA 26 -23.98 45.49 68.16
C GLU KA 26 -23.84 45.25 69.66
N ASP KA 27 -22.93 44.32 70.00
CA ASP KA 27 -22.73 43.87 71.37
C ASP KA 27 -21.40 44.41 71.89
N ILE KA 28 -21.46 45.13 72.99
CA ILE KA 28 -20.30 45.79 73.59
C ILE KA 28 -20.06 45.18 74.96
N ILE KA 29 -18.82 44.76 75.22
CA ILE KA 29 -18.43 44.21 76.52
C ILE KA 29 -17.27 45.03 77.07
N GLY KA 30 -17.36 45.41 78.33
CA GLY KA 30 -16.30 46.19 78.94
C GLY KA 30 -16.68 46.64 80.33
N ASN KA 31 -15.79 47.42 80.93
CA ASN KA 31 -16.02 47.94 82.26
C ASN KA 31 -17.04 49.08 82.21
N ILE KA 32 -18.06 48.99 83.05
CA ILE KA 32 -19.21 49.89 82.97
C ILE KA 32 -19.35 50.65 84.28
N SER KA 33 -19.81 51.89 84.18
CA SER KA 33 -20.09 52.69 85.38
C SER KA 33 -21.29 53.58 85.08
N GLU KA 34 -22.41 53.33 85.78
CA GLU KA 34 -23.65 54.08 85.58
C GLU KA 34 -23.83 55.05 86.74
N SER KA 35 -23.55 56.33 86.49
CA SER KA 35 -23.60 57.35 87.53
C SER KA 35 -24.92 58.10 87.56
N GLN KA 36 -25.25 58.81 86.47
CA GLN KA 36 -26.41 59.69 86.44
C GLN KA 36 -27.16 59.52 85.12
N GLY KA 37 -27.43 58.25 84.77
CA GLY KA 37 -28.05 57.96 83.50
C GLY KA 37 -27.02 57.77 82.41
N LEU KA 38 -26.28 58.83 82.09
CA LEU KA 38 -25.15 58.69 81.18
C LEU KA 38 -24.11 57.77 81.81
N ILE KA 39 -23.59 56.84 81.01
CA ILE KA 39 -22.71 55.80 81.52
C ILE KA 39 -21.33 55.96 80.93
N THR KA 40 -20.34 55.47 81.67
CA THR KA 40 -18.94 55.52 81.29
C THR KA 40 -18.48 54.09 81.00
N ILE KA 41 -17.77 53.92 79.89
CA ILE KA 41 -17.32 52.62 79.42
C ILE KA 41 -15.80 52.66 79.27
N LYS KA 42 -15.14 51.62 79.78
CA LYS KA 42 -13.69 51.47 79.70
C LYS KA 42 -13.35 50.14 79.07
N LYS KA 43 -12.38 50.16 78.16
CA LYS KA 43 -11.87 48.96 77.48
C LYS KA 43 -13.00 48.22 76.76
N ALA KA 44 -13.81 48.97 76.02
CA ALA KA 44 -14.94 48.39 75.31
C ALA KA 44 -14.46 47.50 74.16
N PHE KA 45 -15.22 46.43 73.92
CA PHE KA 45 -14.93 45.50 72.85
C PHE KA 45 -16.21 45.13 72.12
N VAL KA 46 -16.16 45.13 70.79
CA VAL KA 46 -17.25 44.65 69.96
C VAL KA 46 -17.13 43.13 69.86
N ILE KA 47 -18.23 42.44 70.15
CA ILE KA 47 -18.28 40.98 70.05
C ILE KA 47 -18.86 40.61 68.69
N ILE KA 48 -18.07 39.93 67.87
CA ILE KA 48 -18.48 39.52 66.54
C ILE KA 48 -18.98 38.08 66.62
N PRO KA 49 -20.21 37.79 66.21
CA PRO KA 49 -20.70 36.40 66.26
C PRO KA 49 -20.04 35.53 65.23
N MET KA 50 -19.15 34.64 65.66
CA MET KA 50 -18.44 33.75 64.76
C MET KA 50 -17.88 32.55 65.51
N GLN KA 59 -16.64 29.45 69.07
CA GLN KA 59 -15.74 30.39 69.73
C GLN KA 59 -16.26 31.81 69.60
N LEU KA 60 -15.51 32.76 70.16
CA LEU KA 60 -15.88 34.17 70.13
C LEU KA 60 -14.72 34.99 69.58
N VAL KA 61 -15.06 36.09 68.92
CA VAL KA 61 -14.09 37.03 68.36
C VAL KA 61 -14.40 38.41 68.91
N LEU KA 62 -13.37 39.09 69.38
CA LEU KA 62 -13.51 40.42 69.95
C LEU KA 62 -12.67 41.40 69.14
N SER KA 63 -13.18 42.62 68.98
CA SER KA 63 -12.50 43.67 68.25
C SER KA 63 -12.57 44.96 69.05
N PRO KA 64 -11.63 45.89 68.81
CA PRO KA 64 -11.73 47.20 69.48
C PRO KA 64 -12.97 47.95 69.05
N TRP KA 65 -13.55 48.70 69.98
CA TRP KA 65 -14.77 49.44 69.68
C TRP KA 65 -14.48 50.78 69.02
N GLN KA 66 -13.48 51.50 69.53
CA GLN KA 66 -13.14 52.84 69.05
C GLN KA 66 -11.66 52.85 68.68
N PRO KA 67 -11.30 52.31 67.52
CA PRO KA 67 -9.89 52.21 67.14
C PRO KA 67 -9.27 53.51 66.63
N TYR KA 68 -9.95 54.64 66.80
CA TYR KA 68 -9.42 55.94 66.37
C TYR KA 68 -9.17 56.89 67.53
N THR KA 69 -9.35 56.45 68.77
CA THR KA 69 -9.16 57.31 69.93
C THR KA 69 -8.31 56.59 70.97
N ASP KA 70 -7.57 57.38 71.75
CA ASP KA 70 -6.75 56.86 72.84
C ASP KA 70 -7.36 57.14 74.21
N ASP KA 71 -8.56 57.70 74.26
CA ASP KA 71 -9.19 57.99 75.54
C ASP KA 71 -9.48 56.71 76.31
N LYS KA 72 -9.19 56.72 77.60
CA LYS KA 72 -9.42 55.55 78.43
C LYS KA 72 -10.92 55.28 78.62
N GLU KA 73 -11.70 56.34 78.81
CA GLU KA 73 -13.12 56.21 79.10
C GLU KA 73 -13.93 56.92 78.03
N ILE KA 74 -15.09 56.36 77.71
CA ILE KA 74 -16.02 56.94 76.74
C ILE KA 74 -17.38 57.08 77.41
N VAL KA 75 -17.99 58.24 77.27
CA VAL KA 75 -19.26 58.55 77.92
C VAL KA 75 -20.37 58.50 76.88
N ILE KA 76 -21.39 57.68 77.14
CA ILE KA 76 -22.54 57.56 76.26
C ILE KA 76 -23.80 57.77 77.09
N ASP KA 77 -24.95 57.80 76.41
CA ASP KA 77 -26.24 58.07 77.04
C ASP KA 77 -27.05 56.79 77.14
N ASP KA 78 -27.72 56.60 78.28
CA ASP KA 78 -28.54 55.42 78.50
C ASP KA 78 -29.73 55.35 77.55
N SER KA 79 -30.12 56.47 76.95
CA SER KA 79 -31.21 56.45 75.99
C SER KA 79 -30.83 55.78 74.68
N GLU KA 80 -29.56 55.45 74.48
CA GLU KA 80 -29.06 54.88 73.24
C GLU KA 80 -28.58 53.44 73.43
N VAL KA 81 -28.96 52.79 74.53
CA VAL KA 81 -28.60 51.40 74.78
C VAL KA 81 -29.86 50.62 75.08
N ILE KA 82 -29.98 49.43 74.49
CA ILE KA 82 -31.19 48.64 74.62
C ILE KA 82 -31.18 47.82 75.91
N THR KA 83 -30.23 46.89 76.02
CA THR KA 83 -30.17 45.96 77.14
C THR KA 83 -28.77 45.97 77.73
N ILE KA 84 -28.71 45.94 79.06
CA ILE KA 84 -27.47 45.83 79.82
C ILE KA 84 -27.61 44.65 80.78
N THR KA 85 -26.79 43.61 80.59
CA THR KA 85 -26.92 42.39 81.36
C THR KA 85 -25.54 41.81 81.66
N SER KA 86 -25.45 41.06 82.76
CA SER KA 86 -24.21 40.41 83.13
C SER KA 86 -23.97 39.17 82.25
N PRO KA 87 -22.74 38.91 81.85
CA PRO KA 87 -22.48 37.77 80.97
C PRO KA 87 -22.12 36.50 81.73
N LYS KA 88 -21.97 35.39 81.00
CA LYS KA 88 -21.57 34.14 81.62
C LYS KA 88 -20.05 34.13 81.84
N ASP KA 89 -19.58 33.07 82.51
CA ASP KA 89 -18.20 33.04 82.97
C ASP KA 89 -17.21 32.78 81.84
N ASP KA 90 -17.62 32.01 80.82
CA ASP KA 90 -16.71 31.70 79.72
C ASP KA 90 -16.28 32.97 78.98
N ILE KA 91 -17.24 33.86 78.70
CA ILE KA 91 -16.93 35.11 78.02
C ILE KA 91 -16.07 35.99 78.92
N ILE KA 92 -16.30 35.95 80.23
CA ILE KA 92 -15.48 36.71 81.16
C ILE KA 92 -14.03 36.25 81.09
N LYS KA 93 -13.82 34.92 81.06
CA LYS KA 93 -12.47 34.38 80.97
C LYS KA 93 -11.81 34.79 79.66
N SER KA 94 -12.55 34.68 78.55
CA SER KA 94 -11.98 35.05 77.25
C SER KA 94 -11.63 36.53 77.22
N TYR KA 95 -12.50 37.39 77.76
CA TYR KA 95 -12.25 38.82 77.78
C TYR KA 95 -11.01 39.16 78.61
N GLU KA 96 -10.88 38.53 79.78
CA GLU KA 96 -9.71 38.79 80.61
C GLU KA 96 -8.43 38.32 79.93
N SER KA 97 -8.47 37.14 79.30
CA SER KA 97 -7.28 36.65 78.59
C SER KA 97 -6.89 37.61 77.48
N HIS KA 98 -7.86 38.07 76.69
CA HIS KA 98 -7.55 38.96 75.58
C HIS KA 98 -7.01 40.30 76.08
N THR KA 99 -7.61 40.83 77.16
CA THR KA 99 -7.19 42.13 77.65
C THR KA 99 -5.84 42.08 78.36
N ARG KA 100 -5.40 40.91 78.81
CA ARG KA 100 -4.02 40.83 79.30
C ARG KA 100 -3.02 40.56 78.18
N VAL KA 101 -3.40 39.79 77.16
CA VAL KA 101 -2.52 39.56 76.03
C VAL KA 101 -2.21 40.87 75.31
N LEU KA 102 -3.22 41.72 75.13
CA LEU KA 102 -2.99 43.00 74.46
C LEU KA 102 -1.99 43.85 75.23
N GLU KA 103 -2.14 43.93 76.55
CA GLU KA 103 -1.20 44.70 77.35
C GLU KA 103 0.21 44.14 77.29
N ASN KA 104 0.34 42.80 77.34
CA ASN KA 104 1.65 42.17 77.26
C ASN KA 104 2.33 42.51 75.94
N LYS KA 105 1.58 42.41 74.84
CA LYS KA 105 2.16 42.72 73.53
C LYS KA 105 2.54 44.20 73.42
N GLN KA 106 1.72 45.08 74.02
CA GLN KA 106 2.04 46.50 74.01
C GLN KA 106 3.37 46.76 74.72
N VAL KA 107 3.55 46.14 75.89
CA VAL KA 107 4.80 46.34 76.64
C VAL KA 107 5.98 45.78 75.86
N GLU KA 108 5.81 44.61 75.25
CA GLU KA 108 6.90 44.04 74.46
C GLU KA 108 7.30 44.96 73.32
N GLU KA 109 6.31 45.55 72.63
CA GLU KA 109 6.63 46.47 71.55
C GLU KA 109 7.32 47.74 72.06
N ILE KA 110 6.93 48.22 73.25
CA ILE KA 110 7.60 49.37 73.84
C ILE KA 110 9.08 49.06 74.08
N LEU KA 111 9.36 47.89 74.64
CA LEU KA 111 10.76 47.50 74.85
C LEU KA 111 11.52 47.41 73.54
N ARG KA 112 10.90 46.81 72.51
CA ARG KA 112 11.55 46.71 71.21
C ARG KA 112 11.91 48.09 70.67
N LEU KA 113 10.95 49.02 70.72
CA LEU KA 113 11.20 50.35 70.19
C LEU KA 113 12.30 51.06 70.97
N GLU KA 114 12.28 50.95 72.29
CA GLU KA 114 13.31 51.61 73.08
C GLU KA 114 14.70 51.06 72.75
N LYS KA 115 14.82 49.74 72.64
CA LYS KA 115 16.12 49.16 72.31
C LYS KA 115 16.59 49.61 70.94
N GLU KA 116 15.70 49.62 69.95
CA GLU KA 116 16.10 50.04 68.61
C GLU KA 116 16.54 51.51 68.61
N ILE KA 117 15.81 52.36 69.35
CA ILE KA 117 16.17 53.77 69.41
C ILE KA 117 17.54 53.95 70.05
N GLU KA 118 17.81 53.22 71.15
CA GLU KA 118 19.10 53.34 71.80
C GLU KA 118 20.23 52.89 70.88
N ASP KA 119 20.04 51.77 70.19
CA ASP KA 119 21.08 51.28 69.28
C ASP KA 119 21.35 52.28 68.15
N LEU KA 120 20.27 52.82 67.55
CA LEU KA 120 20.44 53.76 66.47
C LEU KA 120 21.14 55.03 66.94
N GLN KA 121 20.77 55.52 68.12
CA GLN KA 121 21.40 56.72 68.66
C GLN KA 121 22.89 56.50 68.91
N ARG KA 122 23.24 55.35 69.49
CA ARG KA 122 24.65 55.05 69.74
C ARG KA 122 25.44 54.97 68.42
N MET KA 123 24.89 54.29 67.43
CA MET KA 123 25.59 54.16 66.16
C MET KA 123 25.75 55.51 65.47
N LYS KA 124 24.72 56.35 65.51
CA LYS KA 124 24.83 57.68 64.93
C LYS KA 124 25.87 58.51 65.67
N GLU KA 125 25.93 58.38 67.00
CA GLU KA 125 26.92 59.13 67.75
C GLU KA 125 28.34 58.74 67.35
N GLN KA 126 28.60 57.43 67.25
CA GLN KA 126 29.93 57.00 66.82
C GLN KA 126 30.24 57.45 65.40
N GLN KA 127 29.24 57.41 64.50
CA GLN KA 127 29.48 57.86 63.14
C GLN KA 127 29.80 59.34 63.08
N GLU KA 128 29.09 60.14 63.88
CA GLU KA 128 29.32 61.58 63.89
C GLU KA 128 30.64 61.95 64.57
N LEU KA 129 31.13 61.10 65.48
CA LEU KA 129 32.37 61.43 66.19
C LEU KA 129 33.53 61.65 65.23
N SER KA 130 33.63 60.84 64.19
CA SER KA 130 34.73 60.95 63.22
C SER KA 130 34.31 61.96 62.15
N LEU KA 131 34.70 63.21 62.34
CA LEU KA 131 34.34 64.27 61.40
C LEU KA 131 35.35 65.40 61.52
N THR KA 132 35.39 66.23 60.48
CA THR KA 132 36.32 67.36 60.42
C THR KA 132 35.62 68.65 60.83
N GLU KA 133 36.43 69.70 61.02
CA GLU KA 133 35.89 70.97 61.49
C GLU KA 133 34.99 71.62 60.44
N ALA KA 134 35.45 71.69 59.20
CA ALA KA 134 34.63 72.26 58.14
C ALA KA 134 33.37 71.43 57.91
N SER KA 135 33.50 70.10 57.97
CA SER KA 135 32.34 69.24 57.86
C SER KA 135 31.37 69.48 59.01
N LEU KA 136 31.89 69.69 60.22
CA LEU KA 136 31.04 69.99 61.36
C LEU KA 136 30.30 71.31 61.15
N GLN KA 137 30.99 72.33 60.62
CA GLN KA 137 30.33 73.60 60.35
C GLN KA 137 29.24 73.46 59.31
N LYS KA 138 29.50 72.69 58.24
CA LYS KA 138 28.46 72.45 57.23
C LYS KA 138 27.29 71.68 57.84
N LEU KA 139 27.58 70.72 58.70
CA LEU KA 139 26.53 69.99 59.41
C LEU KA 139 25.65 70.94 60.20
N GLN KA 140 26.27 71.83 60.98
CA GLN KA 140 25.49 72.77 61.79
C GLN KA 140 24.67 73.70 60.91
N GLU KA 141 25.25 74.20 59.82
CA GLU KA 141 24.53 75.10 58.93
C GLU KA 141 23.32 74.42 58.31
N ARG KA 142 23.50 73.19 57.81
CA ARG KA 142 22.39 72.51 57.16
C ARG KA 142 21.33 72.09 58.17
N ARG KA 143 21.73 71.75 59.40
CA ARG KA 143 20.77 71.46 60.45
C ARG KA 143 19.96 72.70 60.80
N ASP KA 144 20.62 73.86 60.84
CA ASP KA 144 19.90 75.11 61.07
C ASP KA 144 18.91 75.40 59.95
N GLN KA 145 19.32 75.17 58.71
CA GLN KA 145 18.42 75.30 57.56
C GLN KA 145 17.28 74.29 57.64
N LYS LA 15 -93.16 42.70 6.13
CA LYS LA 15 -91.93 42.03 5.77
C LYS LA 15 -92.08 41.22 4.48
N ASN LA 16 -91.09 41.30 3.60
CA ASN LA 16 -91.16 40.63 2.31
C ASN LA 16 -89.74 40.40 1.83
N ILE LA 17 -89.28 39.15 1.85
CA ILE LA 17 -87.95 38.79 1.42
C ILE LA 17 -88.05 38.11 0.06
N LYS LA 18 -87.42 38.71 -0.95
CA LYS LA 18 -87.43 38.17 -2.30
C LYS LA 18 -86.04 38.33 -2.91
N ILE LA 19 -85.48 37.22 -3.38
CA ILE LA 19 -84.19 37.28 -4.06
C ILE LA 19 -84.39 37.87 -5.45
N MET LA 20 -83.33 38.48 -5.99
CA MET LA 20 -83.40 39.02 -7.34
C MET LA 20 -82.04 38.89 -8.00
N ARG LA 21 -82.05 38.92 -9.33
CA ARG LA 21 -80.85 38.87 -10.15
C ARG LA 21 -80.70 40.18 -10.90
N LEU LA 22 -79.55 40.83 -10.74
CA LEU LA 22 -79.31 42.13 -11.35
C LEU LA 22 -78.79 41.98 -12.78
N VAL LA 23 -78.91 43.06 -13.55
CA VAL LA 23 -78.41 43.06 -14.93
C VAL LA 23 -76.90 42.83 -14.96
N THR LA 24 -76.20 43.21 -13.90
CA THR LA 24 -74.78 42.94 -13.81
C THR LA 24 -74.51 41.43 -13.78
N GLY LA 25 -75.36 40.68 -13.11
CA GLY LA 25 -75.20 39.24 -13.03
C GLY LA 25 -74.95 38.74 -11.62
N GLU LA 26 -75.50 39.43 -10.63
CA GLU LA 26 -75.31 39.07 -9.23
C GLU LA 26 -76.66 38.87 -8.57
N ASP LA 27 -76.62 38.17 -7.43
CA ASP LA 27 -77.83 37.79 -6.71
C ASP LA 27 -77.93 38.59 -5.42
N ILE LA 28 -79.04 39.29 -5.26
CA ILE LA 28 -79.27 40.19 -4.13
C ILE LA 28 -80.46 39.65 -3.33
N ILE LA 29 -80.28 39.51 -2.03
CA ILE LA 29 -81.34 39.06 -1.13
C ILE LA 29 -81.54 40.12 -0.05
N GLY LA 30 -82.79 40.47 0.21
CA GLY LA 30 -83.08 41.46 1.23
C GLY LA 30 -84.54 41.83 1.23
N ASN LA 31 -84.87 42.79 2.10
CA ASN LA 31 -86.25 43.25 2.21
C ASN LA 31 -86.59 44.14 1.02
N ILE LA 32 -87.71 43.84 0.37
CA ILE LA 32 -88.06 44.47 -0.90
C ILE LA 32 -89.40 45.19 -0.75
N SER LA 33 -89.54 46.30 -1.47
CA SER LA 33 -90.81 47.02 -1.51
C SER LA 33 -90.97 47.62 -2.89
N GLU LA 34 -91.97 47.15 -3.64
CA GLU LA 34 -92.23 47.60 -5.01
C GLU LA 34 -93.44 48.52 -4.99
N SER LA 35 -93.20 49.82 -5.08
CA SER LA 35 -94.27 50.82 -4.99
C SER LA 35 -94.77 51.28 -6.36
N GLN LA 36 -93.90 51.88 -7.16
CA GLN LA 36 -94.30 52.50 -8.43
C GLN LA 36 -93.29 52.16 -9.51
N GLY LA 37 -92.96 50.87 -9.62
CA GLY LA 37 -91.93 50.44 -10.55
C GLY LA 37 -90.56 50.47 -9.91
N LEU LA 38 -90.09 51.65 -9.56
CA LEU LA 38 -88.87 51.77 -8.78
C LEU LA 38 -89.06 51.09 -7.42
N ILE LA 39 -88.07 50.30 -7.02
CA ILE LA 39 -88.21 49.48 -5.83
C ILE LA 39 -87.21 49.93 -4.78
N THR LA 40 -87.57 49.66 -3.52
CA THR LA 40 -86.76 50.01 -2.36
C THR LA 40 -86.25 48.72 -1.73
N ILE LA 41 -84.96 48.71 -1.40
CA ILE LA 41 -84.28 47.53 -0.88
C ILE LA 41 -83.66 47.89 0.46
N LYS LA 42 -83.86 47.02 1.45
CA LYS LA 42 -83.31 47.20 2.79
C LYS LA 42 -82.51 45.96 3.17
N LYS LA 43 -81.34 46.19 3.77
CA LYS LA 43 -80.47 45.12 4.25
C LYS LA 43 -80.10 44.15 3.13
N ALA LA 44 -79.71 44.71 1.99
CA ALA LA 44 -79.36 43.90 0.84
C ALA LA 44 -78.06 43.13 1.08
N PHE LA 45 -78.01 41.91 0.53
CA PHE LA 45 -76.84 41.06 0.64
C PHE LA 45 -76.54 40.42 -0.71
N VAL LA 46 -75.27 40.43 -1.09
CA VAL LA 46 -74.80 39.70 -2.26
C VAL LA 46 -74.56 38.26 -1.89
N ILE LA 47 -75.14 37.34 -2.66
CA ILE LA 47 -74.97 35.91 -2.42
C ILE LA 47 -73.85 35.41 -3.33
N ILE LA 48 -72.77 34.92 -2.73
CA ILE LA 48 -71.61 34.43 -3.47
C ILE LA 48 -71.75 32.91 -3.60
N PRO LA 49 -71.74 32.36 -4.81
CA PRO LA 49 -71.87 30.91 -4.96
C PRO LA 49 -70.60 30.19 -4.51
N MET LA 50 -70.68 29.50 -3.37
CA MET LA 50 -69.54 28.79 -2.81
C MET LA 50 -69.99 27.74 -1.81
N GLN LA 59 -72.74 25.00 1.13
CA GLN LA 59 -73.15 26.12 1.98
C GLN LA 59 -73.28 27.39 1.17
N LEU LA 60 -73.63 28.48 1.85
CA LEU LA 60 -73.82 29.78 1.22
C LEU LA 60 -72.98 30.83 1.93
N VAL LA 61 -72.54 31.82 1.16
CA VAL LA 61 -71.77 32.94 1.69
C VAL LA 61 -72.48 34.23 1.30
N LEU LA 62 -72.64 35.14 2.26
CA LEU LA 62 -73.30 36.40 2.05
C LEU LA 62 -72.34 37.54 2.34
N SER LA 63 -72.44 38.61 1.58
CA SER LA 63 -71.59 39.78 1.76
C SER LA 63 -72.46 41.03 1.69
N PRO LA 64 -72.00 42.14 2.28
CA PRO LA 64 -72.75 43.39 2.15
C PRO LA 64 -72.78 43.86 0.70
N TRP LA 65 -73.90 44.47 0.32
CA TRP LA 65 -74.05 44.92 -1.07
C TRP LA 65 -73.43 46.29 -1.28
N GLN LA 66 -73.63 47.21 -0.34
CA GLN LA 66 -73.16 48.59 -0.46
C GLN LA 66 -72.34 48.92 0.78
N PRO LA 67 -71.09 48.46 0.84
CA PRO LA 67 -70.27 48.68 2.04
C PRO LA 67 -69.69 50.08 2.17
N TYR LA 68 -70.14 51.04 1.38
CA TYR LA 68 -69.65 52.41 1.46
C TYR LA 68 -70.72 53.40 1.88
N THR LA 69 -71.92 52.94 2.21
CA THR LA 69 -73.02 53.82 2.58
C THR LA 69 -73.68 53.30 3.84
N ASP LA 70 -74.24 54.25 4.62
CA ASP LA 70 -74.96 53.92 5.85
C ASP LA 70 -76.47 54.06 5.67
N ASP LA 71 -76.94 54.34 4.46
CA ASP LA 71 -78.37 54.51 4.25
C ASP LA 71 -79.11 53.19 4.48
N LYS LA 72 -80.24 53.29 5.19
CA LYS LA 72 -81.02 52.08 5.47
C LYS LA 72 -81.65 51.51 4.21
N GLU LA 73 -82.17 52.37 3.34
CA GLU LA 73 -82.87 51.94 2.15
C GLU LA 73 -82.17 52.46 0.91
N ILE LA 74 -82.20 51.65 -0.16
CA ILE LA 74 -81.62 52.01 -1.44
C ILE LA 74 -82.70 51.86 -2.51
N VAL LA 75 -82.84 52.86 -3.36
CA VAL LA 75 -83.89 52.89 -4.39
C VAL LA 75 -83.25 52.59 -5.73
N ILE LA 76 -83.76 51.57 -6.42
CA ILE LA 76 -83.30 51.21 -7.76
C ILE LA 76 -84.50 51.14 -8.69
N ASP LA 77 -84.23 50.92 -9.97
CA ASP LA 77 -85.26 50.91 -11.00
C ASP LA 77 -85.52 49.49 -11.46
N ASP LA 78 -86.80 49.16 -11.67
CA ASP LA 78 -87.18 47.82 -12.10
C ASP LA 78 -86.67 47.49 -13.50
N SER LA 79 -86.30 48.50 -14.30
CA SER LA 79 -85.74 48.25 -15.61
C SER LA 79 -84.34 47.66 -15.55
N GLU LA 80 -83.72 47.63 -14.37
CA GLU LA 80 -82.36 47.16 -14.20
C GLU LA 80 -82.28 45.86 -13.40
N VAL LA 81 -83.39 45.15 -13.26
CA VAL LA 81 -83.43 43.87 -12.55
C VAL LA 81 -84.07 42.83 -13.46
N ILE LA 82 -83.47 41.65 -13.51
CA ILE LA 82 -83.92 40.62 -14.43
C ILE LA 82 -85.09 39.83 -13.82
N THR LA 83 -84.82 39.13 -12.73
CA THR LA 83 -85.80 38.24 -12.11
C THR LA 83 -85.92 38.55 -10.62
N ILE LA 84 -87.15 38.53 -10.13
CA ILE LA 84 -87.47 38.70 -8.71
C ILE LA 84 -88.33 37.52 -8.29
N THR LA 85 -87.82 36.69 -7.39
CA THR LA 85 -88.52 35.47 -6.99
C THR LA 85 -88.31 35.20 -5.52
N SER LA 86 -89.28 34.50 -4.91
CA SER LA 86 -89.18 34.12 -3.51
C SER LA 86 -88.21 32.97 -3.33
N PRO LA 87 -87.40 32.98 -2.27
CA PRO LA 87 -86.41 31.92 -2.08
C PRO LA 87 -86.93 30.76 -1.24
N LYS LA 88 -86.13 29.70 -1.11
CA LYS LA 88 -86.50 28.57 -0.28
C LYS LA 88 -86.22 28.89 1.20
N ASP LA 89 -86.63 27.96 2.07
CA ASP LA 89 -86.62 28.24 3.50
C ASP LA 89 -85.22 28.20 4.09
N ASP LA 90 -84.33 27.35 3.54
CA ASP LA 90 -82.98 27.24 4.08
C ASP LA 90 -82.24 28.56 3.97
N ILE LA 91 -82.34 29.22 2.81
CA ILE LA 91 -81.68 30.50 2.62
C ILE LA 91 -82.31 31.56 3.52
N ILE LA 92 -83.62 31.47 3.75
CA ILE LA 92 -84.29 32.39 4.66
C ILE LA 92 -83.71 32.26 6.07
N LYS LA 93 -83.56 31.01 6.52
CA LYS LA 93 -82.99 30.78 7.85
C LYS LA 93 -81.56 31.31 7.95
N SER LA 94 -80.75 31.04 6.93
CA SER LA 94 -79.37 31.51 6.95
C SER LA 94 -79.31 33.03 6.97
N TYR LA 95 -80.16 33.69 6.16
CA TYR LA 95 -80.19 35.14 6.10
C TYR LA 95 -80.61 35.74 7.44
N GLU LA 96 -81.63 35.16 8.07
CA GLU LA 96 -82.06 35.67 9.38
C GLU LA 96 -80.97 35.49 10.42
N SER LA 97 -80.31 34.33 10.43
CA SER LA 97 -79.23 34.10 11.39
C SER LA 97 -78.11 35.11 11.19
N HIS LA 98 -77.71 35.35 9.94
CA HIS LA 98 -76.63 36.28 9.68
C HIS LA 98 -77.01 37.70 10.07
N THR LA 99 -78.25 38.10 9.76
CA THR LA 99 -78.68 39.47 10.04
C THR LA 99 -78.91 39.71 11.53
N ARG LA 100 -79.12 38.66 12.32
CA ARG LA 100 -79.13 38.89 13.78
C ARG LA 100 -77.75 38.84 14.39
N VAL LA 101 -76.85 38.00 13.85
CA VAL LA 101 -75.47 37.96 14.36
C VAL LA 101 -74.79 39.30 14.13
N LEU LA 102 -75.00 39.91 12.96
CA LEU LA 102 -74.37 41.20 12.70
C LEU LA 102 -74.83 42.26 13.69
N GLU LA 103 -76.14 42.31 13.98
CA GLU LA 103 -76.65 43.27 14.95
C GLU LA 103 -76.09 43.02 16.34
N ASN LA 104 -76.02 41.74 16.74
CA ASN LA 104 -75.48 41.42 18.05
C ASN LA 104 -74.03 41.89 18.18
N LYS LA 105 -73.22 41.62 17.16
CA LYS LA 105 -71.82 42.04 17.20
C LYS LA 105 -71.71 43.56 17.21
N GLN LA 106 -72.58 44.25 16.47
CA GLN LA 106 -72.57 45.72 16.47
C GLN LA 106 -72.83 46.26 17.87
N VAL LA 107 -73.84 45.70 18.56
CA VAL LA 107 -74.17 46.16 19.90
C VAL LA 107 -73.02 45.88 20.86
N GLU LA 108 -72.41 44.69 20.73
CA GLU LA 108 -71.27 44.36 21.60
C GLU LA 108 -70.13 45.35 21.41
N GLU LA 109 -69.83 45.70 20.15
CA GLU LA 109 -68.77 46.67 19.91
C GLU LA 109 -69.13 48.05 20.45
N ILE LA 110 -70.41 48.43 20.37
CA ILE LA 110 -70.82 49.72 20.95
C ILE LA 110 -70.56 49.74 22.46
N LEU LA 111 -70.91 48.65 23.14
CA LEU LA 111 -70.64 48.58 24.58
C LEU LA 111 -69.15 48.65 24.86
N ARG LA 112 -68.35 47.92 24.09
CA ARG LA 112 -66.90 47.96 24.28
C ARG LA 112 -66.36 49.38 24.16
N LEU LA 113 -66.77 50.07 23.10
CA LEU LA 113 -66.29 51.43 22.87
C LEU LA 113 -66.71 52.37 23.99
N GLU LA 114 -67.97 52.26 24.43
CA GLU LA 114 -68.43 53.14 25.50
C GLU LA 114 -67.64 52.91 26.78
N LYS LA 115 -67.40 51.63 27.13
CA LYS LA 115 -66.64 51.34 28.35
C LYS LA 115 -65.22 51.88 28.25
N GLU LA 116 -64.57 51.69 27.10
CA GLU LA 116 -63.21 52.19 26.94
C GLU LA 116 -63.17 53.70 27.04
N ILE LA 117 -64.14 54.39 26.44
CA ILE LA 117 -64.19 55.84 26.50
C ILE LA 117 -64.36 56.31 27.95
N GLU LA 118 -65.26 55.67 28.69
CA GLU LA 118 -65.47 56.07 30.08
C GLU LA 118 -64.21 55.87 30.90
N ASP LA 119 -63.55 54.73 30.74
CA ASP LA 119 -62.33 54.47 31.51
C ASP LA 119 -61.24 55.50 31.17
N LEU LA 120 -61.05 55.79 29.88
CA LEU LA 120 -60.03 56.75 29.48
C LEU LA 120 -60.35 58.13 30.01
N GLN LA 121 -61.61 58.54 29.97
CA GLN LA 121 -61.99 59.86 30.47
C GLN LA 121 -61.74 59.96 31.97
N ARG LA 122 -62.09 58.91 32.72
CA ARG LA 122 -61.86 58.94 34.16
C ARG LA 122 -60.37 59.02 34.48
N MET LA 123 -59.56 58.23 33.78
CA MET LA 123 -58.12 58.24 34.05
C MET LA 123 -57.51 59.59 33.70
N LYS LA 124 -57.93 60.19 32.58
CA LYS LA 124 -57.45 61.51 32.21
C LYS LA 124 -57.86 62.55 33.24
N GLU LA 125 -59.09 62.45 33.76
CA GLU LA 125 -59.54 63.39 34.78
C GLU LA 125 -58.67 63.32 36.03
N GLN LA 126 -58.40 62.09 36.50
CA GLN LA 126 -57.55 61.96 37.67
C GLN LA 126 -56.14 62.45 37.40
N GLN LA 127 -55.61 62.19 36.21
CA GLN LA 127 -54.26 62.67 35.89
C GLN LA 127 -54.21 64.20 35.86
N GLU LA 128 -55.24 64.84 35.30
CA GLU LA 128 -55.28 66.30 35.22
C GLU LA 128 -55.52 66.94 36.58
N LEU LA 129 -56.16 66.22 37.50
CA LEU LA 129 -56.47 66.80 38.81
C LEU LA 129 -55.20 67.28 39.52
N SER LA 130 -54.13 66.49 39.45
CA SER LA 130 -52.87 66.85 40.12
C SER LA 130 -52.06 67.73 39.18
N LEU LA 131 -52.20 69.04 39.33
CA LEU LA 131 -51.50 69.99 38.48
C LEU LA 131 -51.36 71.30 39.22
N THR LA 132 -50.42 72.13 38.76
CA THR LA 132 -50.15 73.42 39.35
C THR LA 132 -50.83 74.53 38.57
N GLU LA 133 -50.83 75.73 39.17
CA GLU LA 133 -51.54 76.87 38.56
C GLU LA 133 -50.87 77.29 37.26
N ALA LA 134 -49.55 77.46 37.26
CA ALA LA 134 -48.85 77.84 36.04
C ALA LA 134 -48.98 76.76 34.98
N SER LA 135 -48.92 75.49 35.40
CA SER LA 135 -49.12 74.39 34.46
C SER LA 135 -50.53 74.43 33.88
N LEU LA 136 -51.52 74.74 34.72
CA LEU LA 136 -52.89 74.86 34.23
C LEU LA 136 -53.03 75.99 33.22
N GLN LA 137 -52.37 77.11 33.47
CA GLN LA 137 -52.40 78.23 32.52
C GLN LA 137 -51.76 77.83 31.20
N LYS LA 138 -50.62 77.15 31.25
CA LYS LA 138 -49.98 76.68 30.02
C LYS LA 138 -50.87 75.69 29.29
N LEU LA 139 -51.55 74.81 30.04
CA LEU LA 139 -52.50 73.87 29.45
C LEU LA 139 -53.59 74.61 28.70
N GLN LA 140 -54.18 75.62 29.34
CA GLN LA 140 -55.25 76.38 28.70
C GLN LA 140 -54.75 77.10 27.46
N GLU LA 141 -53.56 77.70 27.54
CA GLU LA 141 -53.03 78.43 26.40
C GLU LA 141 -52.77 77.51 25.22
N ARG LA 142 -52.16 76.34 25.47
CA ARG LA 142 -51.86 75.43 24.37
C ARG LA 142 -53.13 74.79 23.82
N ARG LA 143 -54.14 74.55 24.67
CA ARG LA 143 -55.41 74.07 24.17
C ARG LA 143 -56.09 75.11 23.28
N ASP LA 144 -55.99 76.38 23.67
CA ASP LA 144 -56.53 77.45 22.82
C ASP LA 144 -55.80 77.50 21.49
N GLN LA 145 -54.47 77.37 21.51
CA GLN LA 145 -53.69 77.30 20.27
C GLN LA 145 -54.07 76.07 19.46
N LYS MA 15 -38.18 21.88 -92.82
CA LYS MA 15 -37.42 21.50 -91.64
C LYS MA 15 -36.19 20.69 -92.03
N ASN MA 16 -35.06 20.99 -91.39
CA ASN MA 16 -33.80 20.33 -91.74
C ASN MA 16 -32.88 20.42 -90.52
N ILE MA 17 -32.68 19.30 -89.85
CA ILE MA 17 -31.83 19.22 -88.66
C ILE MA 17 -30.52 18.56 -89.05
N LYS MA 18 -29.41 19.28 -88.90
CA LYS MA 18 -28.09 18.77 -89.23
C LYS MA 18 -27.11 19.22 -88.16
N ILE MA 19 -26.40 18.27 -87.56
CA ILE MA 19 -25.37 18.61 -86.59
C ILE MA 19 -24.16 19.15 -87.33
N MET MA 20 -23.36 19.98 -86.65
CA MET MA 20 -22.14 20.50 -87.24
C MET MA 20 -21.09 20.67 -86.16
N ARG MA 21 -19.84 20.71 -86.60
CA ARG MA 21 -18.69 20.92 -85.74
C ARG MA 21 -18.03 22.24 -86.10
N LEU MA 22 -17.87 23.12 -85.11
CA LEU MA 22 -17.32 24.44 -85.34
C LEU MA 22 -15.79 24.42 -85.27
N VAL MA 23 -15.18 25.46 -85.84
CA VAL MA 23 -13.72 25.57 -85.82
C VAL MA 23 -13.22 25.67 -84.40
N THR MA 24 -14.04 26.19 -83.48
CA THR MA 24 -13.67 26.23 -82.07
C THR MA 24 -13.50 24.82 -81.51
N GLY MA 25 -14.35 23.89 -81.94
CA GLY MA 25 -14.26 22.52 -81.48
C GLY MA 25 -15.48 22.08 -80.70
N GLU MA 26 -16.64 22.63 -81.03
CA GLU MA 26 -17.88 22.31 -80.35
C GLU MA 26 -18.92 21.81 -81.34
N ASP MA 27 -19.92 21.13 -80.82
CA ASP MA 27 -20.95 20.49 -81.62
C ASP MA 27 -22.27 21.25 -81.48
N ILE MA 28 -22.82 21.70 -82.61
CA ILE MA 28 -24.02 22.50 -82.65
C ILE MA 28 -25.09 21.72 -83.39
N ILE MA 29 -26.28 21.61 -82.79
CA ILE MA 29 -27.42 20.95 -83.40
C ILE MA 29 -28.58 21.92 -83.45
N GLY MA 30 -29.24 21.99 -84.60
CA GLY MA 30 -30.37 22.89 -84.75
C GLY MA 30 -30.85 22.94 -86.19
N ASN MA 31 -31.83 23.79 -86.41
CA ASN MA 31 -32.40 23.95 -87.75
C ASN MA 31 -31.44 24.74 -88.61
N ILE MA 32 -31.13 24.22 -89.80
CA ILE MA 32 -30.08 24.76 -90.66
C ILE MA 32 -30.69 25.18 -91.98
N SER MA 33 -30.13 26.24 -92.57
CA SER MA 33 -30.54 26.67 -93.91
C SER MA 33 -29.32 27.24 -94.62
N GLU MA 34 -28.88 26.57 -95.68
CA GLU MA 34 -27.69 26.96 -96.45
C GLU MA 34 -28.15 27.59 -97.75
N SER MA 35 -28.09 28.92 -97.82
CA SER MA 35 -28.58 29.66 -98.99
C SER MA 35 -27.46 30.00 -99.97
N GLN MA 36 -26.48 30.79 -99.54
CA GLN MA 36 -25.44 31.32 -100.43
C GLN MA 36 -24.08 31.20 -99.76
N GLY MA 37 -23.79 30.02 -99.23
CA GLY MA 37 -22.54 29.83 -98.48
C GLY MA 37 -22.75 30.14 -97.02
N LEU MA 38 -23.03 31.41 -96.71
CA LEU MA 38 -23.40 31.78 -95.35
C LEU MA 38 -24.69 31.07 -94.96
N ILE MA 39 -24.73 30.50 -93.77
CA ILE MA 39 -25.83 29.65 -93.35
C ILE MA 39 -26.56 30.31 -92.18
N THR MA 40 -27.84 29.98 -92.07
CA THR MA 40 -28.72 30.47 -91.02
C THR MA 40 -29.06 29.32 -90.09
N ILE MA 41 -28.98 29.58 -88.79
CA ILE MA 41 -29.18 28.57 -87.76
C ILE MA 41 -30.29 29.04 -86.84
N LYS MA 42 -31.23 28.15 -86.54
CA LYS MA 42 -32.34 28.43 -85.63
C LYS MA 42 -32.37 27.39 -84.53
N LYS MA 43 -32.60 27.87 -83.30
CA LYS MA 43 -32.71 27.01 -82.12
C LYS MA 43 -31.47 26.15 -81.93
N ALA MA 44 -30.30 26.78 -82.04
CA ALA MA 44 -29.04 26.08 -81.92
C ALA MA 44 -28.82 25.60 -80.48
N PHE MA 45 -28.18 24.44 -80.36
CA PHE MA 45 -27.87 23.85 -79.06
C PHE MA 45 -26.45 23.30 -79.08
N VAL MA 46 -25.71 23.59 -78.02
CA VAL MA 46 -24.39 22.99 -77.82
C VAL MA 46 -24.57 21.62 -77.18
N ILE MA 47 -23.95 20.61 -77.77
CA ILE MA 47 -24.00 19.24 -77.25
C ILE MA 47 -22.76 19.02 -76.40
N ILE MA 48 -22.97 18.76 -75.11
CA ILE MA 48 -21.88 18.53 -74.16
C ILE MA 48 -21.69 17.02 -74.03
N PRO MA 49 -20.49 16.50 -74.29
CA PRO MA 49 -20.28 15.04 -74.15
C PRO MA 49 -20.26 14.61 -72.69
N MET MA 50 -21.32 13.92 -72.27
CA MET MA 50 -21.45 13.47 -70.89
C MET MA 50 -22.46 12.34 -70.78
N GLN MA 59 -25.88 9.05 -71.86
CA GLN MA 59 -26.90 10.04 -72.19
C GLN MA 59 -26.27 11.27 -72.83
N LEU MA 60 -27.10 12.26 -73.16
CA LEU MA 60 -26.65 13.49 -73.79
C LEU MA 60 -27.16 14.69 -73.02
N VAL MA 61 -26.37 15.76 -73.04
CA VAL MA 61 -26.71 17.01 -72.38
C VAL MA 61 -26.66 18.12 -73.43
N LEU MA 62 -27.70 18.95 -73.47
CA LEU MA 62 -27.78 20.06 -74.40
C LEU MA 62 -27.85 21.37 -73.63
N SER MA 63 -27.24 22.40 -74.19
CA SER MA 63 -27.24 23.73 -73.59
C SER MA 63 -27.53 24.76 -74.67
N PRO MA 64 -28.03 25.94 -74.28
CA PRO MA 64 -28.22 27.00 -75.27
C PRO MA 64 -26.89 27.45 -75.86
N TRP MA 65 -26.92 27.81 -77.14
CA TRP MA 65 -25.69 28.24 -77.80
C TRP MA 65 -25.40 29.71 -77.57
N GLN MA 66 -26.42 30.56 -77.64
CA GLN MA 66 -26.26 32.01 -77.52
C GLN MA 66 -27.22 32.50 -76.44
N PRO MA 67 -26.86 32.33 -75.17
CA PRO MA 67 -27.76 32.70 -74.08
C PRO MA 67 -27.82 34.18 -73.78
N TYR MA 68 -27.26 35.03 -74.64
CA TYR MA 68 -27.30 36.47 -74.44
C TYR MA 68 -28.09 37.21 -75.50
N THR MA 69 -28.74 36.50 -76.42
CA THR MA 69 -29.49 37.11 -77.50
C THR MA 69 -30.87 36.46 -77.62
N ASP MA 70 -31.84 37.25 -78.07
CA ASP MA 70 -33.19 36.78 -78.30
C ASP MA 70 -33.51 36.60 -79.78
N ASP MA 71 -32.52 36.77 -80.66
CA ASP MA 71 -32.77 36.62 -82.08
C ASP MA 71 -33.12 35.18 -82.42
N LYS MA 72 -34.14 35.02 -83.27
CA LYS MA 72 -34.55 33.68 -83.66
C LYS MA 72 -33.51 32.99 -84.52
N GLU MA 73 -32.91 33.73 -85.45
CA GLU MA 73 -31.95 33.16 -86.40
C GLU MA 73 -30.59 33.82 -86.24
N ILE MA 74 -29.54 33.03 -86.44
CA ILE MA 74 -28.17 33.52 -86.38
C ILE MA 74 -27.47 33.15 -87.67
N VAL MA 75 -26.79 34.11 -88.28
CA VAL MA 75 -26.13 33.92 -89.58
C VAL MA 75 -24.63 33.77 -89.36
N ILE MA 76 -24.06 32.67 -89.84
CA ILE MA 76 -22.63 32.43 -89.75
C ILE MA 76 -22.11 32.11 -91.14
N ASP MA 77 -20.79 31.96 -91.26
CA ASP MA 77 -20.12 31.74 -92.53
C ASP MA 77 -19.66 30.29 -92.62
N ASP MA 78 -19.84 29.70 -93.82
CA ASP MA 78 -19.44 28.32 -94.04
C ASP MA 78 -17.93 28.12 -93.93
N SER MA 79 -17.14 29.18 -94.04
CA SER MA 79 -15.70 29.07 -93.88
C SER MA 79 -15.29 28.80 -92.44
N GLU MA 80 -16.21 28.89 -91.50
CA GLU MA 80 -15.92 28.72 -90.09
C GLU MA 80 -16.57 27.47 -89.50
N VAL MA 81 -16.99 26.54 -90.34
CA VAL MA 81 -17.57 25.27 -89.89
C VAL MA 81 -16.82 24.13 -90.56
N ILE MA 82 -16.50 23.10 -89.78
CA ILE MA 82 -15.69 22.00 -90.29
C ILE MA 82 -16.56 20.97 -91.01
N THR MA 83 -17.48 20.33 -90.28
CA THR MA 83 -18.30 19.26 -90.81
C THR MA 83 -19.76 19.52 -90.51
N ILE MA 84 -20.61 19.24 -91.50
CA ILE MA 84 -22.06 19.32 -91.38
C ILE MA 84 -22.64 17.98 -91.82
N THR MA 85 -23.28 17.27 -90.89
CA THR MA 85 -23.77 15.93 -91.17
C THR MA 85 -25.10 15.70 -90.45
N SER MA 86 -25.91 14.79 -91.01
CA SER MA 86 -27.19 14.44 -90.41
C SER MA 86 -26.97 13.52 -89.22
N PRO MA 87 -27.74 13.70 -88.14
CA PRO MA 87 -27.53 12.88 -86.95
C PRO MA 87 -28.39 11.62 -86.93
N LYS MA 88 -28.21 10.77 -85.93
CA LYS MA 88 -29.02 9.58 -85.78
C LYS MA 88 -30.35 9.93 -85.12
N ASP MA 89 -31.25 8.94 -85.05
CA ASP MA 89 -32.62 9.20 -84.64
C ASP MA 89 -32.75 9.46 -83.14
N ASP MA 90 -31.90 8.82 -82.32
CA ASP MA 90 -31.99 9.01 -80.88
C ASP MA 90 -31.75 10.47 -80.50
N ILE MA 91 -30.74 11.08 -81.08
CA ILE MA 91 -30.45 12.48 -80.80
C ILE MA 91 -31.57 13.37 -81.31
N ILE MA 92 -32.18 13.00 -82.44
CA ILE MA 92 -33.32 13.75 -82.96
C ILE MA 92 -34.46 13.73 -81.95
N LYS MA 93 -34.76 12.55 -81.41
CA LYS MA 93 -35.83 12.43 -80.43
C LYS MA 93 -35.53 13.26 -79.18
N SER MA 94 -34.29 13.17 -78.69
CA SER MA 94 -33.93 13.94 -77.50
C SER MA 94 -34.03 15.44 -77.75
N TYR MA 95 -33.58 15.89 -78.92
CA TYR MA 95 -33.64 17.31 -79.26
C TYR MA 95 -35.08 17.79 -79.35
N GLU MA 96 -35.96 17.00 -79.98
CA GLU MA 96 -37.36 17.40 -80.07
C GLU MA 96 -38.01 17.46 -78.70
N SER MA 97 -37.73 16.46 -77.85
CA SER MA 97 -38.29 16.46 -76.50
C SER MA 97 -37.84 17.69 -75.73
N HIS MA 98 -36.54 18.02 -75.80
CA HIS MA 98 -36.04 19.17 -75.06
C HIS MA 98 -36.63 20.47 -75.59
N THR MA 99 -36.74 20.59 -76.91
CA THR MA 99 -37.24 21.83 -77.49
C THR MA 99 -38.74 22.00 -77.30
N ARG MA 100 -39.48 20.93 -77.02
CA ARG MA 100 -40.87 21.14 -76.63
C ARG MA 100 -41.03 21.39 -75.14
N VAL MA 101 -40.19 20.77 -74.30
CA VAL MA 101 -40.24 21.02 -72.86
C VAL MA 101 -39.93 22.47 -72.57
N LEU MA 102 -38.93 23.03 -73.26
CA LEU MA 102 -38.57 24.44 -73.02
C LEU MA 102 -39.74 25.36 -73.35
N GLU MA 103 -40.42 25.13 -74.48
CA GLU MA 103 -41.56 25.95 -74.85
C GLU MA 103 -42.69 25.82 -73.84
N ASN MA 104 -42.96 24.58 -73.39
CA ASN MA 104 -44.02 24.37 -72.41
C ASN MA 104 -43.73 25.14 -71.12
N LYS MA 105 -42.49 25.06 -70.64
CA LYS MA 105 -42.13 25.77 -69.41
C LYS MA 105 -42.22 27.28 -69.61
N GLN MA 106 -41.83 27.77 -70.79
CA GLN MA 106 -41.94 29.20 -71.07
C GLN MA 106 -43.40 29.66 -70.99
N VAL MA 107 -44.30 28.90 -71.61
CA VAL MA 107 -45.72 29.28 -71.57
C VAL MA 107 -46.25 29.23 -70.14
N GLU MA 108 -45.86 28.21 -69.38
CA GLU MA 108 -46.31 28.12 -67.99
C GLU MA 108 -45.85 29.34 -67.18
N GLU MA 109 -44.60 29.76 -67.38
CA GLU MA 109 -44.12 30.93 -66.67
C GLU MA 109 -44.84 32.20 -67.11
N ILE MA 110 -45.19 32.30 -68.39
CA ILE MA 110 -45.96 33.46 -68.86
C ILE MA 110 -47.30 33.53 -68.15
N LEU MA 111 -47.99 32.38 -68.05
CA LEU MA 111 -49.26 32.35 -67.33
C LEU MA 111 -49.09 32.74 -65.86
N ARG MA 112 -48.06 32.21 -65.21
CA ARG MA 112 -47.80 32.56 -63.81
C ARG MA 112 -47.61 34.07 -63.65
N LEU MA 113 -46.79 34.67 -64.50
CA LEU MA 113 -46.53 36.10 -64.40
C LEU MA 113 -47.79 36.91 -64.63
N GLU MA 114 -48.59 36.53 -65.63
CA GLU MA 114 -49.81 37.28 -65.90
C GLU MA 114 -50.77 37.21 -64.72
N LYS MA 115 -50.93 36.02 -64.13
CA LYS MA 115 -51.83 35.89 -62.99
C LYS MA 115 -51.35 36.72 -61.80
N GLU MA 116 -50.03 36.69 -61.53
CA GLU MA 116 -49.50 37.47 -60.41
C GLU MA 116 -49.71 38.96 -60.65
N ILE MA 117 -49.48 39.42 -61.88
CA ILE MA 117 -49.67 40.83 -62.20
C ILE MA 117 -51.11 41.24 -62.01
N GLU MA 118 -52.05 40.41 -62.48
CA GLU MA 118 -53.46 40.74 -62.32
C GLU MA 118 -53.85 40.82 -60.85
N ASP MA 119 -53.40 39.85 -60.04
CA ASP MA 119 -53.73 39.87 -58.63
C ASP MA 119 -53.17 41.10 -57.94
N LEU MA 120 -51.90 41.43 -58.23
CA LEU MA 120 -51.28 42.59 -57.59
C LEU MA 120 -52.00 43.87 -58.00
N GLN MA 121 -52.36 43.99 -59.28
CA GLN MA 121 -53.06 45.19 -59.74
C GLN MA 121 -54.41 45.33 -59.05
N ARG MA 122 -55.15 44.23 -58.93
CA ARG MA 122 -56.45 44.30 -58.26
C ARG MA 122 -56.30 44.70 -56.80
N MET MA 123 -55.33 44.11 -56.10
CA MET MA 123 -55.15 44.43 -54.69
C MET MA 123 -54.73 45.88 -54.52
N LYS MA 124 -53.84 46.38 -55.38
CA LYS MA 124 -53.45 47.78 -55.31
C LYS MA 124 -54.63 48.70 -55.58
N GLU MA 125 -55.49 48.33 -56.54
CA GLU MA 125 -56.66 49.15 -56.83
C GLU MA 125 -57.57 49.25 -55.61
N GLN MA 126 -57.85 48.11 -54.96
CA GLN MA 126 -58.70 48.15 -53.78
C GLN MA 126 -58.04 48.95 -52.65
N GLN MA 127 -56.73 48.82 -52.48
CA GLN MA 127 -56.05 49.58 -51.44
C GLN MA 127 -56.12 51.07 -51.70
N GLU MA 128 -55.94 51.48 -52.96
CA GLU MA 128 -55.99 52.90 -53.31
C GLU MA 128 -57.41 53.45 -53.24
N LEU MA 129 -58.43 52.62 -53.41
CA LEU MA 129 -59.80 53.11 -53.40
C LEU MA 129 -60.13 53.84 -52.10
N SER MA 130 -59.68 53.31 -50.96
CA SER MA 130 -59.94 53.91 -49.66
C SER MA 130 -58.87 54.96 -49.38
N LEU MA 131 -59.16 56.21 -49.73
CA LEU MA 131 -58.21 57.29 -49.53
C LEU MA 131 -58.96 58.61 -49.45
N THR MA 132 -58.30 59.61 -48.89
CA THR MA 132 -58.88 60.93 -48.71
C THR MA 132 -58.42 61.88 -49.81
N GLU MA 133 -59.09 63.05 -49.87
CA GLU MA 133 -58.81 64.00 -50.93
C GLU MA 133 -57.40 64.57 -50.83
N ALA MA 134 -57.01 65.02 -49.64
CA ALA MA 134 -55.67 65.55 -49.44
C ALA MA 134 -54.62 64.46 -49.68
N SER MA 135 -54.90 63.24 -49.23
CA SER MA 135 -53.99 62.13 -49.50
C SER MA 135 -53.88 61.87 -50.99
N LEU MA 136 -55.00 61.96 -51.70
CA LEU MA 136 -54.96 61.78 -53.15
C LEU MA 136 -54.13 62.86 -53.83
N GLN MA 137 -54.26 64.11 -53.36
CA GLN MA 137 -53.45 65.19 -53.92
C GLN MA 137 -51.96 64.95 -53.66
N LYS MA 138 -51.61 64.53 -52.44
CA LYS MA 138 -50.21 64.22 -52.15
C LYS MA 138 -49.71 63.06 -53.00
N LEU MA 139 -50.57 62.05 -53.21
CA LEU MA 139 -50.23 60.94 -54.09
C LEU MA 139 -49.91 61.42 -55.49
N GLN MA 140 -50.77 62.28 -56.04
CA GLN MA 140 -50.54 62.79 -57.40
C GLN MA 140 -49.27 63.62 -57.46
N GLU MA 141 -49.03 64.46 -56.46
CA GLU MA 141 -47.83 65.30 -56.46
C GLU MA 141 -46.56 64.44 -56.41
N ARG MA 142 -46.53 63.44 -55.53
CA ARG MA 142 -45.33 62.63 -55.42
C ARG MA 142 -45.14 61.74 -56.63
N ARG MA 143 -46.25 61.28 -57.25
CA ARG MA 143 -46.13 60.53 -58.50
C ARG MA 143 -45.56 61.41 -59.61
N ASP MA 144 -46.00 62.67 -59.66
CA ASP MA 144 -45.43 63.61 -60.64
C ASP MA 144 -43.95 63.82 -60.39
N GLN MA 145 -43.56 63.98 -59.13
CA GLN MA 145 -42.14 64.09 -58.78
C GLN MA 145 -41.39 62.81 -59.14
N LYS NA 15 74.18 13.40 -69.77
CA LYS NA 15 73.34 13.18 -68.61
C LYS NA 15 74.16 12.65 -67.43
N ASN NA 16 73.90 13.18 -66.24
CA ASN NA 16 74.67 12.80 -65.06
C ASN NA 16 73.81 13.07 -63.84
N ILE NA 17 73.32 12.01 -63.20
CA ILE NA 17 72.48 12.13 -62.01
C ILE NA 17 73.31 11.74 -60.81
N LYS NA 18 73.48 12.68 -59.88
CA LYS NA 18 74.24 12.45 -58.66
C LYS NA 18 73.52 13.10 -57.49
N ILE NA 19 73.25 12.32 -56.45
CA ILE NA 19 72.64 12.86 -55.25
C ILE NA 19 73.70 13.65 -54.47
N MET NA 20 73.24 14.63 -53.69
CA MET NA 20 74.16 15.39 -52.85
C MET NA 20 73.46 15.78 -51.55
N ARG NA 21 74.27 16.07 -50.55
CA ARG NA 21 73.80 16.53 -49.25
C ARG NA 21 74.27 17.95 -49.03
N LEU NA 22 73.32 18.84 -48.73
CA LEU NA 22 73.62 20.25 -48.55
C LEU NA 22 74.06 20.55 -47.11
N VAL NA 23 74.72 21.69 -46.93
CA VAL NA 23 75.15 22.11 -45.61
C VAL NA 23 73.96 22.31 -44.68
N THR NA 24 72.79 22.64 -45.25
CA THR NA 24 71.58 22.75 -44.45
C THR NA 24 71.21 21.42 -43.84
N GLY NA 25 71.41 20.32 -44.58
CA GLY NA 25 71.10 19.00 -44.07
C GLY NA 25 70.00 18.31 -44.85
N GLU NA 26 69.91 18.61 -46.15
CA GLU NA 26 68.88 18.04 -47.00
C GLU NA 26 69.53 17.34 -48.19
N ASP NA 27 68.76 16.46 -48.82
CA ASP NA 27 69.23 15.61 -49.91
C ASP NA 27 68.61 16.08 -51.22
N ILE NA 28 69.48 16.41 -52.18
CA ILE NA 28 69.07 16.94 -53.48
C ILE NA 28 69.48 15.96 -54.55
N ILE NA 29 68.54 15.60 -55.42
CA ILE NA 29 68.79 14.72 -56.55
C ILE NA 29 68.41 15.43 -57.84
N GLY NA 30 69.28 15.37 -58.84
CA GLY NA 30 69.00 16.00 -60.10
C GLY NA 30 70.19 15.94 -61.03
N ASN NA 31 70.03 16.58 -62.18
CA ASN NA 31 71.09 16.62 -63.17
C ASN NA 31 72.17 17.60 -62.72
N ILE NA 32 73.42 17.15 -62.73
CA ILE NA 32 74.53 17.91 -62.15
C ILE NA 32 75.57 18.19 -63.23
N SER NA 33 76.22 19.34 -63.12
CA SER NA 33 77.32 19.69 -64.01
C SER NA 33 78.34 20.49 -63.22
N GLU NA 34 79.53 19.93 -63.04
CA GLU NA 34 80.60 20.56 -62.26
C GLU NA 34 81.65 21.09 -63.25
N SER NA 35 81.64 22.40 -63.48
CA SER NA 35 82.54 23.03 -64.46
C SER NA 35 83.80 23.60 -63.81
N GLN NA 36 83.65 24.58 -62.93
CA GLN NA 36 84.78 25.31 -62.37
C GLN NA 36 84.59 25.48 -60.86
N GLY NA 37 84.27 24.39 -60.18
CA GLY NA 37 83.98 24.46 -58.77
C GLY NA 37 82.51 24.72 -58.52
N LEU NA 38 82.04 25.90 -58.93
CA LEU NA 38 80.61 26.17 -58.90
C LEU NA 38 79.89 25.21 -59.82
N ILE NA 39 78.78 24.64 -59.35
CA ILE NA 39 78.09 23.58 -60.07
C ILE NA 39 76.71 24.07 -60.49
N THR NA 40 76.22 23.47 -61.56
CA THR NA 40 74.92 23.77 -62.14
C THR NA 40 74.00 22.57 -61.92
N ILE NA 41 72.78 22.84 -61.46
CA ILE NA 41 71.81 21.81 -61.12
C ILE NA 41 70.56 22.04 -61.93
N LYS NA 42 70.03 20.97 -62.52
CA LYS NA 42 68.81 21.01 -63.31
C LYS NA 42 67.82 19.99 -62.76
N LYS NA 43 66.55 20.40 -62.66
CA LYS NA 43 65.46 19.52 -62.21
C LYS NA 43 65.75 18.95 -60.83
N ALA NA 44 66.18 19.81 -59.92
CA ALA NA 44 66.52 19.39 -58.57
C ALA NA 44 65.26 18.97 -57.80
N PHE NA 45 65.43 17.97 -56.94
CA PHE NA 45 64.35 17.45 -56.11
C PHE NA 45 64.87 17.20 -54.70
N VAL NA 46 64.09 17.65 -53.72
CA VAL NA 46 64.35 17.34 -52.32
C VAL NA 46 63.79 15.96 -52.02
N ILE NA 47 64.62 15.10 -51.43
CA ILE NA 47 64.21 13.75 -51.04
C ILE NA 47 63.82 13.78 -49.57
N ILE NA 48 62.55 13.49 -49.29
CA ILE NA 48 62.02 13.49 -47.93
C ILE NA 48 62.07 12.06 -47.40
N PRO NA 49 62.74 11.79 -46.28
CA PRO NA 49 62.77 10.42 -45.76
C PRO NA 49 61.43 9.99 -45.18
N MET NA 50 60.74 9.10 -45.88
CA MET NA 50 59.43 8.63 -45.45
C MET NA 50 59.08 7.31 -46.14
N GLN NA 59 59.23 3.38 -49.00
CA GLN NA 59 59.16 4.13 -50.24
C GLN NA 59 59.87 5.47 -50.11
N LEU NA 60 59.85 6.26 -51.19
CA LEU NA 60 60.51 7.56 -51.22
C LEU NA 60 59.52 8.63 -51.66
N VAL NA 61 59.72 9.83 -51.16
CA VAL NA 61 58.91 10.99 -51.51
C VAL NA 61 59.83 12.09 -52.01
N LEU NA 62 59.47 12.69 -53.14
CA LEU NA 62 60.25 13.75 -53.75
C LEU NA 62 59.41 15.02 -53.83
N SER NA 63 60.06 16.15 -53.64
CA SER NA 63 59.40 17.46 -53.70
C SER NA 63 60.24 18.41 -54.53
N PRO NA 64 59.64 19.45 -55.11
CA PRO NA 64 60.43 20.45 -55.82
C PRO NA 64 61.38 21.18 -54.87
N TRP NA 65 62.56 21.52 -55.38
CA TRP NA 65 63.55 22.19 -54.55
C TRP NA 65 63.32 23.70 -54.49
N GLN NA 66 63.02 24.31 -55.63
CA GLN NA 66 62.83 25.76 -55.73
C GLN NA 66 61.48 26.04 -56.35
N PRO NA 67 60.40 25.94 -55.57
CA PRO NA 67 59.06 26.11 -56.12
C PRO NA 67 58.65 27.56 -56.36
N TYR NA 68 59.59 28.51 -56.31
CA TYR NA 68 59.28 29.91 -56.55
C TYR NA 68 59.98 30.46 -57.78
N THR NA 69 60.69 29.63 -58.54
CA THR NA 69 61.42 30.08 -59.72
C THR NA 69 61.14 29.16 -60.89
N ASP NA 70 61.19 29.73 -62.10
CA ASP NA 70 61.01 28.97 -63.33
C ASP NA 70 62.32 28.73 -64.06
N ASP NA 71 63.46 29.12 -63.48
CA ASP NA 71 64.73 28.93 -64.15
C ASP NA 71 65.04 27.44 -64.30
N LYS NA 72 65.53 27.07 -65.48
CA LYS NA 72 65.86 25.67 -65.75
C LYS NA 72 67.05 25.23 -64.92
N GLU NA 73 68.08 26.06 -64.81
CA GLU NA 73 69.31 25.71 -64.13
C GLU NA 73 69.55 26.65 -62.95
N ILE NA 74 70.14 26.10 -61.89
CA ILE NA 74 70.49 26.87 -60.70
C ILE NA 74 71.96 26.64 -60.41
N VAL NA 75 72.68 27.73 -60.16
CA VAL NA 75 74.13 27.68 -59.94
C VAL NA 75 74.41 27.84 -58.46
N ILE NA 76 75.12 26.89 -57.88
CA ILE NA 76 75.53 26.96 -56.47
C ILE NA 76 77.04 26.75 -56.39
N ASP NA 77 77.57 26.89 -55.18
CA ASP NA 77 79.01 26.81 -54.93
C ASP NA 77 79.34 25.49 -54.25
N ASP NA 78 80.45 24.89 -54.68
CA ASP NA 78 80.89 23.61 -54.12
C ASP NA 78 81.29 23.73 -52.66
N SER NA 79 81.57 24.94 -52.18
CA SER NA 79 81.89 25.13 -50.76
C SER NA 79 80.69 24.95 -49.86
N GLU NA 80 79.48 24.84 -50.43
CA GLU NA 80 78.25 24.74 -49.65
C GLU NA 80 77.57 23.38 -49.81
N VAL NA 81 78.30 22.38 -50.29
CA VAL NA 81 77.79 21.02 -50.44
C VAL NA 81 78.74 20.06 -49.74
N ILE NA 82 78.17 19.12 -48.98
CA ILE NA 82 78.99 18.21 -48.19
C ILE NA 82 79.46 17.03 -49.03
N THR NA 83 78.53 16.21 -49.51
CA THR NA 83 78.85 14.99 -50.22
C THR NA 83 78.08 14.94 -51.54
N ILE NA 84 78.76 14.48 -52.59
CA ILE NA 84 78.17 14.26 -53.90
C ILE NA 84 78.50 12.83 -54.31
N THR NA 85 77.46 12.01 -54.46
CA THR NA 85 77.66 10.58 -54.75
C THR NA 85 76.57 10.08 -55.69
N SER NA 86 76.92 9.03 -56.45
CA SER NA 86 75.96 8.43 -57.35
C SER NA 86 74.97 7.56 -56.59
N PRO NA 87 73.69 7.57 -56.97
CA PRO NA 87 72.69 6.81 -56.23
C PRO NA 87 72.49 5.40 -56.78
N LYS NA 88 71.66 4.60 -56.10
CA LYS NA 88 71.35 3.27 -56.58
C LYS NA 88 70.27 3.33 -57.66
N ASP NA 89 69.98 2.17 -58.26
CA ASP NA 89 69.13 2.14 -59.45
C ASP NA 89 67.66 2.36 -59.12
N ASP NA 90 67.21 1.92 -57.95
CA ASP NA 90 65.80 2.07 -57.59
C ASP NA 90 65.41 3.55 -57.53
N ILE NA 91 66.25 4.37 -56.91
CA ILE NA 91 65.96 5.80 -56.83
C ILE NA 91 66.04 6.43 -58.21
N ILE NA 92 66.93 5.94 -59.07
CA ILE NA 92 67.00 6.44 -60.43
C ILE NA 92 65.69 6.18 -61.17
N LYS NA 93 65.17 4.96 -61.02
CA LYS NA 93 63.90 4.62 -61.67
C LYS NA 93 62.76 5.49 -61.14
N SER NA 94 62.70 5.66 -59.82
CA SER NA 94 61.63 6.49 -59.25
C SER NA 94 61.73 7.93 -59.71
N TYR NA 95 62.95 8.47 -59.77
CA TYR NA 95 63.15 9.85 -60.22
C TYR NA 95 62.74 10.01 -61.67
N GLU NA 96 63.11 9.06 -62.53
CA GLU NA 96 62.72 9.15 -63.94
C GLU NA 96 61.21 9.07 -64.10
N SER NA 97 60.57 8.15 -63.37
CA SER NA 97 59.12 8.03 -63.44
C SER NA 97 58.45 9.33 -63.01
N HIS NA 98 58.90 9.92 -61.90
CA HIS NA 98 58.29 11.15 -61.42
C HIS NA 98 58.50 12.30 -62.39
N THR NA 99 59.71 12.40 -62.96
CA THR NA 99 60.01 13.51 -63.86
C THR NA 99 59.33 13.37 -65.22
N ARG NA 100 58.91 12.16 -65.60
CA ARG NA 100 58.07 12.08 -66.79
C ARG NA 100 56.60 12.29 -66.50
N VAL NA 101 56.13 11.84 -65.33
CA VAL NA 101 54.73 12.08 -64.95
C VAL NA 101 54.45 13.57 -64.84
N LEU NA 102 55.38 14.32 -64.26
CA LEU NA 102 55.17 15.77 -64.14
C LEU NA 102 55.04 16.43 -65.50
N GLU NA 103 55.91 16.07 -66.44
CA GLU NA 103 55.83 16.63 -67.79
C GLU NA 103 54.52 16.25 -68.48
N ASN NA 104 54.10 15.00 -68.34
CA ASN NA 104 52.85 14.56 -68.95
C ASN NA 104 51.68 15.36 -68.41
N LYS NA 105 51.63 15.56 -67.09
CA LYS NA 105 50.53 16.32 -66.50
C LYS NA 105 50.58 17.78 -66.94
N GLN NA 106 51.79 18.35 -67.06
CA GLN NA 106 51.91 19.72 -67.54
C GLN NA 106 51.34 19.87 -68.95
N VAL NA 107 51.68 18.92 -69.84
CA VAL NA 107 51.17 19.00 -71.20
C VAL NA 107 49.65 18.84 -71.22
N GLU NA 108 49.12 17.93 -70.41
CA GLU NA 108 47.68 17.74 -70.36
C GLU NA 108 46.98 19.02 -69.91
N GLU NA 109 47.54 19.69 -68.90
CA GLU NA 109 46.94 20.94 -68.44
C GLU NA 109 47.04 22.03 -69.51
N ILE NA 110 48.13 22.07 -70.27
CA ILE NA 110 48.24 23.04 -71.36
C ILE NA 110 47.12 22.82 -72.39
N LEU NA 111 46.89 21.56 -72.77
CA LEU NA 111 45.80 21.26 -73.69
C LEU NA 111 44.45 21.68 -73.13
N ARG NA 112 44.21 21.37 -71.85
CA ARG NA 112 42.95 21.77 -71.22
C ARG NA 112 42.74 23.27 -71.31
N LEU NA 113 43.77 24.04 -70.93
CA LEU NA 113 43.65 25.49 -70.94
C LEU NA 113 43.41 26.02 -72.34
N GLU NA 114 44.13 25.49 -73.33
CA GLU NA 114 43.93 25.96 -74.70
C GLU NA 114 42.52 25.69 -75.18
N LYS NA 115 41.99 24.50 -74.91
CA LYS NA 115 40.64 24.18 -75.34
C LYS NA 115 39.61 25.09 -74.67
N GLU NA 116 39.77 25.32 -73.36
CA GLU NA 116 38.84 26.20 -72.66
C GLU NA 116 38.89 27.62 -73.21
N ILE NA 117 40.10 28.11 -73.50
CA ILE NA 117 40.24 29.45 -74.05
C ILE NA 117 39.55 29.55 -75.41
N GLU NA 118 39.76 28.55 -76.27
CA GLU NA 118 39.14 28.57 -77.58
C GLU NA 118 37.61 28.57 -77.47
N ASP NA 119 37.07 27.71 -76.61
CA ASP NA 119 35.62 27.65 -76.45
C ASP NA 119 35.06 28.97 -75.93
N LEU NA 120 35.72 29.55 -74.93
CA LEU NA 120 35.24 30.83 -74.38
C LEU NA 120 35.31 31.93 -75.42
N GLN NA 121 36.39 31.97 -76.21
CA GLN NA 121 36.51 33.00 -77.23
C GLN NA 121 35.42 32.86 -78.28
N ARG NA 122 35.14 31.63 -78.72
CA ARG NA 122 34.09 31.41 -79.71
C ARG NA 122 32.73 31.84 -79.18
N MET NA 123 32.43 31.46 -77.93
CA MET NA 123 31.13 31.81 -77.36
C MET NA 123 30.99 33.32 -77.20
N LYS NA 124 32.06 33.99 -76.76
CA LYS NA 124 32.02 35.44 -76.65
C LYS NA 124 31.83 36.10 -78.01
N GLU NA 125 32.48 35.56 -79.05
CA GLU NA 125 32.32 36.11 -80.39
C GLU NA 125 30.88 36.02 -80.85
N GLN NA 126 30.27 34.84 -80.67
CA GLN NA 126 28.86 34.70 -81.07
C GLN NA 126 27.95 35.61 -80.25
N GLN NA 127 28.22 35.77 -78.96
CA GLN NA 127 27.40 36.65 -78.14
C GLN NA 127 27.53 38.10 -78.58
N GLU NA 128 28.74 38.53 -78.92
CA GLU NA 128 28.95 39.91 -79.36
C GLU NA 128 28.39 40.17 -80.74
N LEU NA 129 28.28 39.12 -81.58
CA LEU NA 129 27.80 39.31 -82.95
C LEU NA 129 26.41 39.96 -82.96
N SER NA 130 25.53 39.54 -82.07
CA SER NA 130 24.17 40.07 -82.00
C SER NA 130 24.18 41.32 -81.13
N LEU NA 131 24.33 42.48 -81.76
CA LEU NA 131 24.36 43.74 -81.02
C LEU NA 131 23.95 44.87 -81.96
N THR NA 132 23.55 45.99 -81.36
CA THR NA 132 23.11 47.16 -82.10
C THR NA 132 24.23 48.17 -82.22
N GLU NA 133 24.00 49.18 -83.08
CA GLU NA 133 25.02 50.17 -83.36
C GLU NA 133 25.33 51.03 -82.14
N ALA NA 134 24.30 51.54 -81.48
CA ALA NA 134 24.51 52.34 -80.27
C ALA NA 134 25.14 51.50 -79.17
N SER NA 135 24.71 50.25 -79.03
CA SER NA 135 25.33 49.35 -78.06
C SER NA 135 26.80 49.11 -78.41
N LEU NA 136 27.11 48.98 -79.70
CA LEU NA 136 28.50 48.81 -80.11
C LEU NA 136 29.33 50.04 -79.77
N GLN NA 137 28.76 51.23 -79.97
CA GLN NA 137 29.48 52.46 -79.62
C GLN NA 137 29.72 52.54 -78.12
N LYS NA 138 28.72 52.20 -77.31
CA LYS NA 138 28.91 52.19 -75.87
C LYS NA 138 29.96 51.16 -75.45
N LEU NA 139 29.95 50.00 -76.11
CA LEU NA 139 30.97 48.97 -75.87
C LEU NA 139 32.36 49.54 -76.12
N GLN NA 140 32.54 50.19 -77.28
CA GLN NA 140 33.86 50.73 -77.61
C GLN NA 140 34.27 51.81 -76.62
N GLU NA 141 33.34 52.68 -76.23
CA GLU NA 141 33.67 53.76 -75.29
C GLU NA 141 34.09 53.18 -73.94
N ARG NA 142 33.34 52.21 -73.42
CA ARG NA 142 33.67 51.67 -72.12
C ARG NA 142 34.94 50.83 -72.17
N ARG NA 143 35.21 50.16 -73.28
CA ARG NA 143 36.47 49.45 -73.45
C ARG NA 143 37.64 50.43 -73.47
N ASP NA 144 37.47 51.58 -74.13
CA ASP NA 144 38.50 52.61 -74.12
C ASP NA 144 38.73 53.13 -72.71
N GLN NA 145 37.65 53.36 -71.95
CA GLN NA 145 37.77 53.77 -70.56
C GLN NA 145 38.44 52.68 -69.74
N LYS OA 15 -40.40 81.37 47.85
CA LYS OA 15 -39.66 80.19 47.40
C LYS OA 15 -38.42 79.97 48.26
N ASN OA 16 -38.16 78.72 48.62
CA ASN OA 16 -37.04 78.40 49.49
C ASN OA 16 -36.66 76.95 49.24
N ILE OA 17 -35.53 76.72 48.59
CA ILE OA 17 -35.04 75.38 48.28
C ILE OA 17 -33.88 75.07 49.21
N LYS OA 18 -34.05 74.03 50.02
CA LYS OA 18 -33.02 73.60 50.96
C LYS OA 18 -32.95 72.09 50.98
N ILE OA 19 -31.76 71.54 50.74
CA ILE OA 19 -31.57 70.11 50.83
C ILE OA 19 -31.56 69.68 52.29
N MET OA 20 -31.93 68.43 52.54
CA MET OA 20 -31.89 67.90 53.90
C MET OA 20 -31.53 66.43 53.86
N ARG OA 21 -31.04 65.95 54.99
CA ARG OA 21 -30.69 64.55 55.18
C ARG OA 21 -31.61 63.94 56.24
N LEU OA 22 -32.28 62.85 55.88
CA LEU OA 22 -33.24 62.22 56.77
C LEU OA 22 -32.54 61.24 57.70
N VAL OA 23 -33.24 60.89 58.80
CA VAL OA 23 -32.70 59.93 59.75
C VAL OA 23 -32.50 58.57 59.09
N THR OA 24 -33.29 58.27 58.06
CA THR OA 24 -33.09 57.03 57.32
C THR OA 24 -31.73 57.01 56.63
N GLY OA 25 -31.28 58.16 56.14
CA GLY OA 25 -29.99 58.24 55.48
C GLY OA 25 -30.09 58.60 54.01
N GLU OA 26 -31.10 59.38 53.65
CA GLU OA 26 -31.34 59.78 52.28
C GLU OA 26 -31.38 61.30 52.17
N ASP OA 27 -31.19 61.78 50.95
CA ASP OA 27 -31.10 63.22 50.68
C ASP OA 27 -32.34 63.68 49.94
N ILE OA 28 -33.04 64.66 50.51
CA ILE OA 28 -34.30 65.17 49.98
C ILE OA 28 -34.10 66.62 49.59
N ILE OA 29 -34.49 66.97 48.37
CA ILE OA 29 -34.42 68.35 47.88
C ILE OA 29 -35.81 68.77 47.43
N GLY OA 30 -36.21 69.96 47.85
CA GLY OA 30 -37.52 70.48 47.47
C GLY OA 30 -37.83 71.77 48.19
N ASN OA 31 -39.04 72.25 47.95
CA ASN OA 31 -39.49 73.49 48.58
C ASN OA 31 -39.83 73.24 50.04
N ILE OA 32 -39.28 74.05 50.93
CA ILE OA 32 -39.35 73.82 52.36
C ILE OA 32 -40.04 74.99 53.03
N SER OA 33 -40.78 74.69 54.10
CA SER OA 33 -41.41 75.74 54.91
C SER OA 33 -41.41 75.28 56.36
N GLU OA 34 -40.67 75.98 57.21
CA GLU OA 34 -40.54 75.65 58.63
C GLU OA 34 -41.37 76.64 59.44
N SER OA 35 -42.54 76.20 59.89
CA SER OA 35 -43.46 77.07 60.62
C SER OA 35 -43.33 76.95 62.13
N GLN OA 36 -43.59 75.77 62.68
CA GLN OA 36 -43.65 75.57 64.12
C GLN OA 36 -42.92 74.28 64.50
N GLY OA 37 -41.71 74.12 63.99
CA GLY OA 37 -40.98 72.90 64.21
C GLY OA 37 -41.26 71.88 63.13
N LEU OA 38 -42.51 71.41 63.08
CA LEU OA 38 -42.94 70.56 61.98
C LEU OA 38 -42.85 71.34 60.68
N ILE OA 39 -42.30 70.70 59.64
CA ILE OA 39 -42.00 71.38 58.39
C ILE OA 39 -42.86 70.81 57.28
N THR OA 40 -43.11 71.64 56.28
CA THR OA 40 -43.89 71.29 55.10
C THR OA 40 -42.96 71.23 53.90
N ILE OA 41 -43.10 70.17 53.10
CA ILE OA 41 -42.24 69.92 51.95
C ILE OA 41 -43.11 69.80 50.72
N LYS OA 42 -42.70 70.48 49.65
CA LYS OA 42 -43.40 70.45 48.37
C LYS OA 42 -42.43 70.04 47.27
N LYS OA 43 -42.90 69.16 46.38
CA LYS OA 43 -42.11 68.69 45.23
C LYS OA 43 -40.79 68.07 45.66
N ALA OA 44 -40.86 67.21 46.68
CA ALA OA 44 -39.67 66.57 47.21
C ALA OA 44 -39.08 65.59 46.20
N PHE OA 45 -37.75 65.50 46.20
CA PHE OA 45 -37.03 64.59 45.32
C PHE OA 45 -35.91 63.91 46.10
N VAL OA 46 -35.79 62.60 45.92
CA VAL OA 46 -34.67 61.83 46.45
C VAL OA 46 -33.50 61.97 45.50
N ILE OA 47 -32.34 62.33 46.04
CA ILE OA 47 -31.11 62.47 45.26
C ILE OA 47 -30.32 61.16 45.39
N ILE OA 48 -30.12 60.47 44.27
CA ILE OA 48 -29.40 59.21 44.24
C ILE OA 48 -27.96 59.50 43.85
N PRO OA 49 -26.97 59.12 44.67
CA PRO OA 49 -25.57 59.39 44.30
C PRO OA 49 -25.11 58.51 43.16
N MET OA 50 -24.94 59.10 41.98
CA MET OA 50 -24.52 58.36 40.79
C MET OA 50 -23.95 59.30 39.74
N GLN OA 59 -22.53 63.31 37.37
CA GLN OA 59 -23.87 63.85 37.23
C GLN OA 59 -24.74 63.48 38.43
N LEU OA 60 -26.00 63.91 38.41
CA LEU OA 60 -26.94 63.64 39.49
C LEU OA 60 -28.20 63.01 38.94
N VAL OA 61 -28.82 62.16 39.77
CA VAL OA 61 -30.07 61.49 39.43
C VAL OA 61 -31.09 61.82 40.52
N LEU OA 62 -32.29 62.20 40.10
CA LEU OA 62 -33.36 62.54 41.02
C LEU OA 62 -34.53 61.61 40.79
N SER OA 63 -35.22 61.26 41.87
CA SER OA 63 -36.38 60.38 41.82
C SER OA 63 -37.49 60.97 42.68
N PRO OA 64 -38.74 60.62 42.41
CA PRO OA 64 -39.83 61.07 43.28
C PRO OA 64 -39.69 60.49 44.68
N TRP OA 65 -40.08 61.29 45.68
CA TRP OA 65 -39.95 60.85 47.06
C TRP OA 65 -41.14 60.00 47.50
N GLN OA 66 -42.35 60.41 47.13
CA GLN OA 66 -43.58 59.74 47.55
C GLN OA 66 -44.39 59.40 46.29
N PRO OA 67 -44.02 58.34 45.58
CA PRO OA 67 -44.69 58.01 44.33
C PRO OA 67 -46.04 57.33 44.49
N TYR OA 68 -46.61 57.30 45.70
CA TYR OA 68 -47.90 56.68 45.94
C TYR OA 68 -48.96 57.68 46.38
N THR OA 69 -48.64 58.98 46.41
CA THR OA 69 -49.58 59.99 46.86
C THR OA 69 -49.60 61.15 45.88
N ASP OA 70 -50.76 61.81 45.78
CA ASP OA 70 -50.92 62.98 44.94
C ASP OA 70 -50.96 64.28 45.73
N ASP OA 71 -50.74 64.22 47.04
CA ASP OA 71 -50.78 65.43 47.85
C ASP OA 71 -49.65 66.37 47.46
N LYS OA 72 -49.98 67.66 47.36
CA LYS OA 72 -48.99 68.66 46.99
C LYS OA 72 -47.95 68.85 48.09
N GLU OA 73 -48.39 68.87 49.34
CA GLU OA 73 -47.51 69.14 50.47
C GLU OA 73 -47.51 67.95 51.43
N ILE OA 74 -46.35 67.70 52.03
CA ILE OA 74 -46.18 66.63 53.02
C ILE OA 74 -45.60 67.25 54.28
N VAL OA 75 -46.18 66.91 55.42
CA VAL OA 75 -45.79 67.48 56.71
C VAL OA 75 -45.00 66.43 57.48
N ILE OA 76 -43.78 66.80 57.89
CA ILE OA 76 -42.93 65.93 58.69
C ILE OA 76 -42.48 66.69 59.92
N ASP OA 77 -41.78 65.99 60.81
CA ASP OA 77 -41.34 66.54 62.08
C ASP OA 77 -39.85 66.82 62.06
N ASP OA 78 -39.44 67.96 62.62
CA ASP OA 78 -38.04 68.34 62.65
C ASP OA 78 -37.19 67.40 63.49
N SER OA 79 -37.81 66.61 64.38
CA SER OA 79 -37.07 65.64 65.18
C SER OA 79 -36.59 64.47 64.34
N GLU OA 80 -37.03 64.35 63.09
CA GLU OA 80 -36.68 63.23 62.23
C GLU OA 80 -35.81 63.65 61.05
N VAL OA 81 -35.19 64.82 61.11
CA VAL OA 81 -34.30 65.29 60.06
C VAL OA 81 -32.98 65.69 60.71
N ILE OA 82 -31.87 65.29 60.07
CA ILE OA 82 -30.55 65.51 60.65
C ILE OA 82 -30.05 66.91 60.32
N THR OA 83 -29.84 67.18 59.02
CA THR OA 83 -29.25 68.44 58.57
C THR OA 83 -30.12 69.06 57.49
N ILE OA 84 -30.27 70.38 57.56
CA ILE OA 84 -30.98 71.17 56.55
C ILE OA 84 -30.05 72.29 56.11
N THR OA 85 -29.65 72.27 54.84
CA THR OA 85 -28.67 73.23 54.35
C THR OA 85 -29.01 73.64 52.93
N SER OA 86 -28.59 74.85 52.55
CA SER OA 86 -28.80 75.34 51.20
C SER OA 86 -27.83 74.68 50.23
N PRO OA 87 -28.26 74.34 49.02
CA PRO OA 87 -27.38 73.65 48.07
C PRO OA 87 -26.64 74.61 47.16
N LYS OA 88 -25.73 74.08 46.33
CA LYS OA 88 -25.02 74.88 45.36
C LYS OA 88 -25.89 75.13 44.13
N ASP OA 89 -25.39 75.97 43.23
CA ASP OA 89 -26.20 76.45 42.12
C ASP OA 89 -26.41 75.39 41.04
N ASP OA 90 -25.43 74.51 40.84
CA ASP OA 90 -25.57 73.48 39.81
C ASP OA 90 -26.75 72.57 40.09
N ILE OA 91 -26.90 72.14 41.34
CA ILE OA 91 -28.02 71.28 41.71
C ILE OA 91 -29.33 72.04 41.60
N ILE OA 92 -29.32 73.34 41.90
CA ILE OA 92 -30.51 74.16 41.74
C ILE OA 92 -30.95 74.18 40.28
N LYS OA 93 -29.99 74.38 39.38
CA LYS OA 93 -30.30 74.39 37.95
C LYS OA 93 -30.86 73.06 37.50
N SER OA 94 -30.22 71.96 37.92
CA SER OA 94 -30.70 70.63 37.53
C SER OA 94 -32.10 70.37 38.06
N TYR OA 95 -32.36 70.76 39.31
CA TYR OA 95 -33.68 70.55 39.90
C TYR OA 95 -34.74 71.35 39.17
N GLU OA 96 -34.44 72.61 38.83
CA GLU OA 96 -35.42 73.41 38.10
C GLU OA 96 -35.69 72.84 36.71
N SER OA 97 -34.64 72.40 36.02
CA SER OA 97 -34.82 71.80 34.70
C SER OA 97 -35.69 70.55 34.79
N HIS OA 98 -35.42 69.68 35.76
CA HIS OA 98 -36.20 68.46 35.89
C HIS OA 98 -37.65 68.76 36.24
N THR OA 99 -37.88 69.72 37.15
CA THR OA 99 -39.23 70.02 37.58
C THR OA 99 -40.03 70.76 36.52
N ARG OA 100 -39.39 71.39 35.53
CA ARG OA 100 -40.17 71.91 34.42
C ARG OA 100 -40.38 70.87 33.32
N VAL OA 101 -39.41 69.98 33.11
CA VAL OA 101 -39.60 68.91 32.13
C VAL OA 101 -40.75 68.00 32.53
N LEU OA 102 -40.85 67.68 33.81
CA LEU OA 102 -41.95 66.82 34.26
C LEU OA 102 -43.30 67.47 34.00
N GLU OA 103 -43.44 68.76 34.31
CA GLU OA 103 -44.70 69.46 34.05
C GLU OA 103 -45.03 69.50 32.56
N ASN OA 104 -44.01 69.76 31.73
CA ASN OA 104 -44.25 69.81 30.29
C ASN OA 104 -44.74 68.46 29.77
N LYS OA 105 -44.11 67.38 30.21
CA LYS OA 105 -44.54 66.05 29.78
C LYS OA 105 -45.94 65.73 30.28
N GLN OA 106 -46.26 66.15 31.50
CA GLN OA 106 -47.61 65.93 32.03
C GLN OA 106 -48.66 66.63 31.17
N VAL OA 107 -48.40 67.88 30.79
CA VAL OA 107 -49.35 68.62 29.96
C VAL OA 107 -49.47 67.96 28.59
N GLU OA 108 -48.35 67.53 28.01
CA GLU OA 108 -48.41 66.86 26.71
C GLU OA 108 -49.26 65.59 26.78
N GLU OA 109 -49.10 64.81 27.85
CA GLU OA 109 -49.91 63.60 27.98
C GLU OA 109 -51.38 63.94 28.18
N ILE OA 110 -51.69 65.03 28.90
CA ILE OA 110 -53.09 65.43 29.05
C ILE OA 110 -53.71 65.75 27.69
N LEU OA 111 -52.97 66.49 26.85
CA LEU OA 111 -53.48 66.79 25.51
C LEU OA 111 -53.68 65.52 24.70
N ARG OA 112 -52.71 64.60 24.76
CA ARG OA 112 -52.85 63.34 24.03
C ARG OA 112 -54.12 62.59 24.45
N LEU OA 113 -54.33 62.47 25.77
CA LEU OA 113 -55.50 61.75 26.25
C LEU OA 113 -56.79 62.43 25.82
N GLU OA 114 -56.85 63.75 25.92
CA GLU OA 114 -58.06 64.46 25.52
C GLU OA 114 -58.37 64.25 24.04
N LYS OA 115 -57.35 64.34 23.19
CA LYS OA 115 -57.57 64.14 21.76
C LYS OA 115 -58.05 62.73 21.47
N GLU OA 116 -57.43 61.73 22.11
CA GLU OA 116 -57.86 60.35 21.88
C GLU OA 116 -59.29 60.13 22.34
N ILE OA 117 -59.67 60.70 23.48
CA ILE OA 117 -61.03 60.56 23.98
C ILE OA 117 -62.02 61.19 23.02
N GLU OA 118 -61.70 62.38 22.52
CA GLU OA 118 -62.60 63.04 21.58
C GLU OA 118 -62.78 62.23 20.31
N ASP OA 119 -61.69 61.71 19.76
CA ASP OA 119 -61.77 60.92 18.54
C ASP OA 119 -62.59 59.65 18.76
N LEU OA 120 -62.35 58.95 19.88
CA LEU OA 120 -63.09 57.73 20.16
C LEU OA 120 -64.58 58.03 20.34
N GLN OA 121 -64.91 59.12 21.05
CA GLN OA 121 -66.31 59.46 21.25
C GLN OA 121 -66.99 59.77 19.93
N ARG OA 122 -66.33 60.53 19.06
CA ARG OA 122 -66.92 60.85 17.76
C ARG OA 122 -67.15 59.59 16.93
N MET OA 123 -66.16 58.69 16.90
CA MET OA 123 -66.31 57.48 16.10
C MET OA 123 -67.43 56.60 16.65
N LYS OA 124 -67.52 56.48 17.98
CA LYS OA 124 -68.60 55.71 18.58
C LYS OA 124 -69.96 56.33 18.26
N GLU OA 125 -70.04 57.66 18.28
CA GLU OA 125 -71.30 58.31 17.96
C GLU OA 125 -71.74 58.00 16.53
N GLN OA 126 -70.81 58.10 15.58
CA GLN OA 126 -71.16 57.79 14.19
C GLN OA 126 -71.53 56.32 14.04
N GLN OA 127 -70.84 55.41 14.74
CA GLN OA 127 -71.18 54.00 14.65
C GLN OA 127 -72.56 53.72 15.22
N GLU OA 128 -72.91 54.37 16.33
CA GLU OA 128 -74.21 54.16 16.94
C GLU OA 128 -75.34 54.80 16.14
N LEU OA 129 -75.04 55.84 15.36
CA LEU OA 129 -76.08 56.53 14.59
C LEU OA 129 -76.82 55.56 13.67
N SER OA 130 -76.09 54.67 13.01
CA SER OA 130 -76.69 53.70 12.08
C SER OA 130 -77.14 52.49 12.86
N LEU OA 131 -78.41 52.49 13.27
CA LEU OA 131 -78.96 51.38 14.05
C LEU OA 131 -80.47 51.36 13.86
N THR OA 132 -81.05 50.20 14.18
CA THR OA 132 -82.48 49.99 14.04
C THR OA 132 -83.19 50.17 15.39
N GLU OA 133 -84.52 50.22 15.33
CA GLU OA 133 -85.31 50.47 16.53
C GLU OA 133 -85.21 49.32 17.52
N ALA OA 134 -85.38 48.09 17.05
CA ALA OA 134 -85.26 46.93 17.94
C ALA OA 134 -83.84 46.81 18.48
N SER OA 135 -82.85 47.08 17.64
CA SER OA 135 -81.46 47.08 18.10
C SER OA 135 -81.25 48.16 19.16
N LEU OA 136 -81.85 49.33 18.97
CA LEU OA 136 -81.75 50.38 19.96
C LEU OA 136 -82.37 49.97 21.29
N GLN OA 137 -83.53 49.30 21.23
CA GLN OA 137 -84.17 48.82 22.44
C GLN OA 137 -83.30 47.78 23.16
N LYS OA 138 -82.71 46.86 22.41
CA LYS OA 138 -81.81 45.88 23.02
C LYS OA 138 -80.59 46.57 23.62
N LEU OA 139 -80.07 47.59 22.94
CA LEU OA 139 -78.95 48.37 23.47
C LEU OA 139 -79.32 48.98 24.81
N GLN OA 140 -80.49 49.63 24.88
CA GLN OA 140 -80.91 50.26 26.13
C GLN OA 140 -81.10 49.23 27.23
N GLU OA 141 -81.70 48.09 26.91
CA GLU OA 141 -81.93 47.06 27.91
C GLU OA 141 -80.62 46.53 28.47
N ARG OA 142 -79.67 46.23 27.57
CA ARG OA 142 -78.40 45.67 28.05
C ARG OA 142 -77.57 46.72 28.78
N ARG OA 143 -77.67 47.99 28.38
CA ARG OA 143 -77.01 49.05 29.14
C ARG OA 143 -77.60 49.19 30.53
N ASP OA 144 -78.92 49.06 30.64
CA ASP OA 144 -79.56 49.08 31.96
C ASP OA 144 -79.09 47.90 32.80
N GLN OA 145 -79.00 46.71 32.21
CA GLN OA 145 -78.47 45.56 32.92
C GLN OA 145 -77.00 45.77 33.29
N LYS PA 15 17.42 -2.51 101.18
CA LYS PA 15 17.30 -2.72 99.74
C LYS PA 15 18.18 -3.88 99.29
N ASN PA 16 17.64 -4.74 98.42
CA ASN PA 16 18.36 -5.92 97.98
C ASN PA 16 17.79 -6.33 96.62
N ILE PA 17 18.56 -6.11 95.56
CA ILE PA 17 18.13 -6.46 94.20
C ILE PA 17 18.89 -7.69 93.77
N LYS PA 18 18.15 -8.77 93.48
CA LYS PA 18 18.74 -10.03 93.04
C LYS PA 18 17.89 -10.61 91.93
N ILE PA 19 18.52 -10.91 90.79
CA ILE PA 19 17.81 -11.57 89.71
C ILE PA 19 17.60 -13.03 90.05
N MET PA 20 16.56 -13.62 89.49
CA MET PA 20 16.31 -15.05 89.69
C MET PA 20 15.70 -15.64 88.43
N ARG PA 21 15.84 -16.96 88.33
CA ARG PA 21 15.28 -17.73 87.23
C ARG PA 21 14.21 -18.67 87.77
N LEU PA 22 13.01 -18.59 87.20
CA LEU PA 22 11.88 -19.38 87.67
C LEU PA 22 11.87 -20.75 87.00
N VAL PA 23 11.13 -21.68 87.64
CA VAL PA 23 11.01 -23.02 87.08
C VAL PA 23 10.34 -22.99 85.72
N THR PA 24 9.50 -21.98 85.47
CA THR PA 24 8.91 -21.83 84.15
C THR PA 24 9.97 -21.57 83.09
N GLY PA 25 11.00 -20.80 83.44
CA GLY PA 25 12.07 -20.51 82.51
C GLY PA 25 12.17 -19.05 82.16
N GLU PA 26 11.82 -18.18 83.10
CA GLU PA 26 11.84 -16.74 82.90
C GLU PA 26 12.71 -16.08 83.95
N ASP PA 27 13.13 -14.85 83.65
CA ASP PA 27 14.06 -14.10 84.49
C ASP PA 27 13.32 -12.96 85.16
N ILE PA 28 13.36 -12.92 86.49
CA ILE PA 28 12.64 -11.95 87.30
C ILE PA 28 13.66 -11.11 88.06
N ILE PA 29 13.54 -9.79 87.96
CA ILE PA 29 14.41 -8.86 88.68
C ILE PA 29 13.55 -7.95 89.55
N GLY PA 30 13.94 -7.78 90.80
CA GLY PA 30 13.19 -6.92 91.70
C GLY PA 30 13.74 -7.02 93.11
N ASN PA 31 13.04 -6.31 94.01
CA ASN PA 31 13.44 -6.30 95.40
C ASN PA 31 13.06 -7.62 96.07
N ILE PA 32 14.01 -8.25 96.75
CA ILE PA 32 13.84 -9.61 97.26
C ILE PA 32 14.00 -9.59 98.77
N SER PA 33 13.25 -10.47 99.44
CA SER PA 33 13.40 -10.65 100.88
C SER PA 33 13.15 -12.11 101.21
N GLU PA 34 14.19 -12.80 101.68
CA GLU PA 34 14.12 -14.23 102.00
C GLU PA 34 14.08 -14.37 103.53
N SER PA 35 12.88 -14.65 104.06
CA SER PA 35 12.67 -14.74 105.50
C SER PA 35 12.74 -16.17 106.02
N GLN PA 36 11.84 -17.03 105.57
CA GLN PA 36 11.70 -18.38 106.10
C GLN PA 36 11.52 -19.38 104.97
N GLY PA 37 12.39 -19.29 103.96
CA GLY PA 37 12.25 -20.12 102.78
C GLY PA 37 11.38 -19.46 101.74
N LEU PA 38 10.10 -19.28 102.06
CA LEU PA 38 9.23 -18.49 101.20
C LEU PA 38 9.74 -17.07 101.12
N ILE PA 39 9.77 -16.52 99.91
CA ILE PA 39 10.39 -15.22 99.67
C ILE PA 39 9.34 -14.23 99.22
N THR PA 40 9.61 -12.96 99.51
CA THR PA 40 8.75 -11.83 99.16
C THR PA 40 9.43 -11.02 98.07
N ILE PA 41 8.67 -10.66 97.05
CA ILE PA 41 9.18 -9.95 95.88
C ILE PA 41 8.38 -8.67 95.71
N LYS PA 42 9.10 -7.56 95.49
CA LYS PA 42 8.50 -6.25 95.27
C LYS PA 42 9.00 -5.67 93.97
N LYS PA 43 8.08 -5.09 93.20
CA LYS PA 43 8.40 -4.42 91.93
C LYS PA 43 9.09 -5.38 90.97
N ALA PA 44 8.55 -6.59 90.84
CA ALA PA 44 9.12 -7.60 89.98
C ALA PA 44 8.99 -7.21 88.51
N PHE PA 45 9.99 -7.57 87.72
CA PHE PA 45 10.02 -7.31 86.29
C PHE PA 45 10.52 -8.54 85.55
N VAL PA 46 9.82 -8.89 84.47
CA VAL PA 46 10.27 -9.93 83.56
C VAL PA 46 11.27 -9.34 82.58
N ILE PA 47 12.43 -9.97 82.46
CA ILE PA 47 13.47 -9.53 81.54
C ILE PA 47 13.33 -10.33 80.25
N ILE PA 48 13.05 -9.64 79.15
CA ILE PA 48 12.88 -10.26 77.84
C ILE PA 48 14.19 -10.17 77.09
N PRO PA 49 14.77 -11.28 76.66
CA PRO PA 49 16.03 -11.21 75.91
C PRO PA 49 15.86 -10.63 74.52
N MET PA 50 16.33 -9.40 74.32
CA MET PA 50 16.19 -8.72 73.04
C MET PA 50 17.18 -7.58 72.93
N GLN PA 59 20.67 -4.33 73.95
CA GLN PA 59 19.91 -3.67 74.99
C GLN PA 59 19.03 -4.66 75.75
N LEU PA 60 18.27 -4.15 76.71
CA LEU PA 60 17.39 -4.99 77.53
C LEU PA 60 15.98 -4.41 77.51
N VAL PA 61 15.01 -5.31 77.63
CA VAL PA 61 13.60 -4.94 77.68
C VAL PA 61 13.00 -5.54 78.94
N LEU PA 62 12.26 -4.73 79.69
CA LEU PA 62 11.62 -5.14 80.92
C LEU PA 62 10.12 -4.99 80.80
N SER PA 63 9.38 -5.91 81.40
CA SER PA 63 7.93 -5.90 81.40
C SER PA 63 7.41 -6.17 82.79
N PRO PA 64 6.19 -5.74 83.11
CA PRO PA 64 5.62 -6.08 84.41
C PRO PA 64 5.42 -7.58 84.55
N TRP PA 65 5.61 -8.08 85.77
CA TRP PA 65 5.47 -9.51 86.01
C TRP PA 65 4.03 -9.91 86.25
N GLN PA 66 3.28 -9.13 87.03
CA GLN PA 66 1.91 -9.44 87.40
C GLN PA 66 1.03 -8.25 87.05
N PRO PA 67 0.69 -8.09 85.77
CA PRO PA 67 -0.09 -6.92 85.34
C PRO PA 67 -1.57 -6.99 85.67
N TYR PA 68 -2.01 -7.93 86.50
CA TYR PA 68 -3.41 -8.04 86.87
C TYR PA 68 -3.65 -7.80 88.35
N THR PA 69 -2.62 -7.43 89.11
CA THR PA 69 -2.75 -7.21 90.54
C THR PA 69 -2.09 -5.90 90.94
N ASP PA 70 -2.63 -5.29 91.99
CA ASP PA 70 -2.09 -4.06 92.54
C ASP PA 70 -1.32 -4.27 93.83
N ASP PA 71 -1.14 -5.52 94.26
CA ASP PA 71 -0.43 -5.80 95.50
C ASP PA 71 1.03 -5.38 95.39
N LYS PA 72 1.52 -4.72 96.44
CA LYS PA 72 2.91 -4.28 96.44
C LYS PA 72 3.87 -5.45 96.50
N GLU PA 73 3.57 -6.46 97.31
CA GLU PA 73 4.46 -7.59 97.53
C GLU PA 73 3.77 -8.88 97.11
N ILE PA 74 4.56 -9.81 96.56
CA ILE PA 74 4.09 -11.12 96.16
C ILE PA 74 4.94 -12.17 96.84
N VAL PA 75 4.29 -13.17 97.44
CA VAL PA 75 4.99 -14.21 98.20
C VAL PA 75 5.02 -15.48 97.38
N ILE PA 76 6.21 -16.03 97.15
CA ILE PA 76 6.39 -17.28 96.43
C ILE PA 76 7.24 -18.22 97.28
N ASP PA 77 7.39 -19.44 96.80
CA ASP PA 77 8.10 -20.48 97.53
C ASP PA 77 9.47 -20.74 96.89
N ASP PA 78 10.49 -20.92 97.74
CA ASP PA 78 11.84 -21.16 97.26
C ASP PA 78 11.97 -22.47 96.50
N SER PA 79 11.02 -23.40 96.69
CA SER PA 79 11.05 -24.65 95.95
C SER PA 79 10.72 -24.47 94.48
N GLU PA 80 10.26 -23.28 94.07
CA GLU PA 80 9.85 -23.03 92.71
C GLU PA 80 10.77 -22.03 92.00
N VAL PA 81 11.97 -21.81 92.53
CA VAL PA 81 12.95 -20.92 91.91
C VAL PA 81 14.26 -21.68 91.76
N ILE PA 82 14.89 -21.54 90.58
CA ILE PA 82 16.09 -22.31 90.29
C ILE PA 82 17.32 -21.61 90.85
N THR PA 83 17.62 -20.41 90.36
CA THR PA 83 18.84 -19.69 90.73
C THR PA 83 18.49 -18.27 91.15
N ILE PA 84 19.16 -17.80 92.21
CA ILE PA 84 19.04 -16.44 92.70
C ILE PA 84 20.45 -15.87 92.80
N THR PA 85 20.73 -14.84 92.00
CA THR PA 85 22.08 -14.28 91.93
C THR PA 85 22.02 -12.77 91.76
N SER PA 86 23.08 -12.10 92.22
CA SER PA 86 23.17 -10.66 92.08
C SER PA 86 23.54 -10.28 90.65
N PRO PA 87 22.95 -9.21 90.11
CA PRO PA 87 23.22 -8.85 88.71
C PRO PA 87 24.37 -7.86 88.58
N LYS PA 88 24.75 -7.55 87.34
CA LYS PA 88 25.79 -6.56 87.09
C LYS PA 88 25.21 -5.15 87.19
N ASP PA 89 26.11 -4.16 87.11
CA ASP PA 89 25.72 -2.79 87.40
C ASP PA 89 24.89 -2.16 86.28
N ASP PA 90 25.13 -2.55 85.03
CA ASP PA 90 24.38 -1.97 83.91
C ASP PA 90 22.89 -2.26 84.04
N ILE PA 91 22.55 -3.51 84.36
CA ILE PA 91 21.15 -3.88 84.53
C ILE PA 91 20.56 -3.16 85.73
N ILE PA 92 21.35 -2.95 86.78
CA ILE PA 92 20.87 -2.21 87.94
C ILE PA 92 20.51 -0.79 87.55
N LYS PA 93 21.38 -0.14 86.76
CA LYS PA 93 21.10 1.22 86.30
C LYS PA 93 19.85 1.27 85.45
N SER PA 94 19.71 0.32 84.51
CA SER PA 94 18.52 0.30 83.66
C SER PA 94 17.26 0.09 84.47
N TYR PA 95 17.30 -0.83 85.44
CA TYR PA 95 16.15 -1.10 86.28
C TYR PA 95 15.75 0.12 87.10
N GLU PA 96 16.74 0.82 87.68
CA GLU PA 96 16.42 2.01 88.45
C GLU PA 96 15.82 3.10 87.57
N SER PA 97 16.39 3.30 86.38
CA SER PA 97 15.86 4.30 85.46
C SER PA 97 14.42 3.98 85.09
N HIS PA 98 14.14 2.73 84.77
CA HIS PA 98 12.79 2.35 84.38
C HIS PA 98 11.81 2.51 85.53
N THR PA 99 12.22 2.11 86.74
CA THR PA 99 11.32 2.19 87.89
C THR PA 99 11.10 3.60 88.37
N ARG PA 100 11.99 4.55 88.03
CA ARG PA 100 11.64 5.94 88.32
C ARG PA 100 10.83 6.59 87.21
N VAL PA 101 11.06 6.21 85.96
CA VAL PA 101 10.24 6.74 84.86
C VAL PA 101 8.79 6.34 85.02
N LEU PA 102 8.55 5.08 85.42
CA LEU PA 102 7.17 4.65 85.61
C LEU PA 102 6.46 5.46 86.68
N GLU PA 103 7.13 5.70 87.81
CA GLU PA 103 6.53 6.51 88.88
C GLU PA 103 6.27 7.93 88.42
N ASN PA 104 7.22 8.52 87.69
CA ASN PA 104 7.02 9.89 87.20
C ASN PA 104 5.81 9.97 86.28
N LYS PA 105 5.67 9.01 85.37
CA LYS PA 105 4.53 9.02 84.46
C LYS PA 105 3.23 8.81 85.23
N GLN PA 106 3.25 7.95 86.25
CA GLN PA 106 2.05 7.74 87.06
C GLN PA 106 1.61 9.03 87.74
N VAL PA 107 2.56 9.77 88.32
CA VAL PA 107 2.21 11.02 88.98
C VAL PA 107 1.69 12.04 87.97
N GLU PA 108 2.31 12.11 86.80
CA GLU PA 108 1.84 13.04 85.77
C GLU PA 108 0.41 12.73 85.37
N GLU PA 109 0.09 11.44 85.19
CA GLU PA 109 -1.28 11.08 84.84
C GLU PA 109 -2.26 11.39 85.98
N ILE PA 110 -1.83 11.24 87.23
CA ILE PA 110 -2.71 11.60 88.35
C ILE PA 110 -3.03 13.09 88.31
N LEU PA 111 -2.02 13.93 88.06
CA LEU PA 111 -2.27 15.36 87.94
C LEU PA 111 -3.22 15.67 86.79
N ARG PA 112 -3.00 15.03 85.63
CA ARG PA 112 -3.88 15.25 84.49
C ARG PA 112 -5.33 14.92 84.84
N LEU PA 113 -5.54 13.76 85.45
CA LEU PA 113 -6.90 13.34 85.79
C LEU PA 113 -7.54 14.30 86.78
N GLU PA 114 -6.78 14.73 87.80
CA GLU PA 114 -7.35 15.65 88.78
C GLU PA 114 -7.75 16.97 88.14
N LYS PA 115 -6.89 17.50 87.27
CA LYS PA 115 -7.23 18.77 86.61
C LYS PA 115 -8.46 18.63 85.73
N GLU PA 116 -8.55 17.53 84.97
CA GLU PA 116 -9.72 17.32 84.12
C GLU PA 116 -10.99 17.20 84.95
N ILE PA 117 -10.92 16.49 86.07
CA ILE PA 117 -12.09 16.33 86.94
C ILE PA 117 -12.53 17.68 87.49
N GLU PA 118 -11.57 18.48 87.95
CA GLU PA 118 -11.91 19.79 88.49
C GLU PA 118 -12.58 20.67 87.43
N ASP PA 119 -12.02 20.70 86.22
CA ASP PA 119 -12.59 21.52 85.16
C ASP PA 119 -14.01 21.05 84.81
N LEU PA 120 -14.20 19.74 84.68
CA LEU PA 120 -15.52 19.22 84.35
C LEU PA 120 -16.53 19.54 85.44
N GLN PA 121 -16.13 19.40 86.71
CA GLN PA 121 -17.03 19.70 87.81
C GLN PA 121 -17.43 21.17 87.81
N ARG PA 122 -16.47 22.06 87.59
CA ARG PA 122 -16.77 23.49 87.57
C ARG PA 122 -17.73 23.82 86.42
N MET PA 123 -17.48 23.26 85.24
CA MET PA 123 -18.34 23.56 84.10
C MET PA 123 -19.74 23.03 84.32
N LYS PA 124 -19.86 21.83 84.89
CA LYS PA 124 -21.18 21.28 85.19
C LYS PA 124 -21.90 22.13 86.23
N GLU PA 125 -21.17 22.62 87.23
CA GLU PA 125 -21.79 23.48 88.23
C GLU PA 125 -22.36 24.74 87.61
N GLN PA 126 -21.57 25.41 86.75
CA GLN PA 126 -22.08 26.61 86.10
C GLN PA 126 -23.26 26.30 85.19
N GLN PA 127 -23.23 25.16 84.49
CA GLN PA 127 -24.35 24.81 83.63
C GLN PA 127 -25.61 24.55 84.44
N GLU PA 128 -25.47 23.87 85.58
CA GLU PA 128 -26.63 23.58 86.42
C GLU PA 128 -27.17 24.82 87.12
N LEU PA 129 -26.32 25.83 87.34
CA LEU PA 129 -26.76 27.03 88.06
C LEU PA 129 -27.95 27.69 87.36
N SER PA 130 -27.92 27.75 86.04
CA SER PA 130 -28.99 28.39 85.26
C SER PA 130 -30.07 27.34 85.00
N LEU PA 131 -31.07 27.31 85.87
CA LEU PA 131 -32.15 26.34 85.73
C LEU PA 131 -33.39 26.87 86.45
N THR PA 132 -34.54 26.31 86.10
CA THR PA 132 -35.82 26.71 86.65
C THR PA 132 -36.25 25.76 87.77
N GLU PA 133 -37.29 26.17 88.50
CA GLU PA 133 -37.74 25.38 89.65
C GLU PA 133 -38.32 24.03 89.22
N ALA PA 134 -39.21 24.05 88.22
CA ALA PA 134 -39.78 22.80 87.73
C ALA PA 134 -38.71 21.91 87.12
N SER PA 135 -37.77 22.51 86.39
CA SER PA 135 -36.65 21.75 85.85
C SER PA 135 -35.81 21.15 86.96
N LEU PA 136 -35.60 21.90 88.04
CA LEU PA 136 -34.85 21.38 89.18
C LEU PA 136 -35.58 20.20 89.83
N GLN PA 137 -36.91 20.30 89.95
CA GLN PA 137 -37.68 19.19 90.50
C GLN PA 137 -37.59 17.95 89.61
N LYS PA 138 -37.69 18.13 88.29
CA LYS PA 138 -37.53 17.00 87.39
C LYS PA 138 -36.13 16.41 87.49
N LEU PA 139 -35.13 17.26 87.61
CA LEU PA 139 -33.75 16.80 87.80
C LEU PA 139 -33.64 15.93 89.04
N GLN PA 140 -34.19 16.39 90.16
CA GLN PA 140 -34.13 15.62 91.40
C GLN PA 140 -34.86 14.30 91.26
N GLU PA 141 -36.05 14.31 90.64
CA GLU PA 141 -36.83 13.09 90.48
C GLU PA 141 -36.07 12.07 89.64
N ARG PA 142 -35.51 12.51 88.51
CA ARG PA 142 -34.82 11.57 87.63
C ARG PA 142 -33.52 11.08 88.25
N ARG PA 143 -32.84 11.93 89.04
CA ARG PA 143 -31.66 11.49 89.76
C ARG PA 143 -32.02 10.45 90.80
N ASP PA 144 -33.15 10.63 91.48
CA ASP PA 144 -33.62 9.62 92.43
C ASP PA 144 -33.94 8.31 91.73
N GLN PA 145 -34.58 8.39 90.56
CA GLN PA 145 -34.84 7.19 89.77
C GLN PA 145 -33.53 6.56 89.29
N LYS QA 15 14.60 -95.83 34.01
CA LYS QA 15 14.35 -94.59 33.28
C LYS QA 15 14.37 -94.84 31.78
N ASN QA 16 13.41 -94.24 31.06
CA ASN QA 16 13.29 -94.46 29.62
C ASN QA 16 12.57 -93.26 29.03
N ILE QA 17 13.29 -92.42 28.30
CA ILE QA 17 12.74 -91.22 27.67
C ILE QA 17 12.60 -91.49 26.19
N LYS QA 18 11.37 -91.43 25.68
CA LYS QA 18 11.09 -91.65 24.27
C LYS QA 18 10.04 -90.65 23.81
N ILE QA 19 10.36 -89.91 22.75
CA ILE QA 19 9.38 -89.00 22.19
C ILE QA 19 8.34 -89.78 21.40
N MET QA 20 7.15 -89.23 21.27
CA MET QA 20 6.10 -89.87 20.49
C MET QA 20 5.24 -88.81 19.82
N ARG QA 21 4.57 -89.23 18.76
CA ARG QA 21 3.64 -88.39 18.01
C ARG QA 21 2.23 -88.94 18.17
N LEU QA 22 1.32 -88.09 18.60
CA LEU QA 22 -0.05 -88.51 18.86
C LEU QA 22 -0.89 -88.42 17.59
N VAL QA 23 -2.02 -89.13 17.59
CA VAL QA 23 -2.94 -89.10 16.45
C VAL QA 23 -3.47 -87.70 16.22
N THR QA 24 -3.55 -86.88 17.28
CA THR QA 24 -3.95 -85.50 17.13
C THR QA 24 -2.95 -84.72 16.26
N GLY QA 25 -1.67 -85.02 16.42
CA GLY QA 25 -0.64 -84.36 15.62
C GLY QA 25 0.31 -83.54 16.46
N GLU QA 26 0.56 -83.97 17.70
CA GLU QA 26 1.42 -83.26 18.62
C GLU QA 26 2.53 -84.19 19.11
N ASP QA 27 3.59 -83.59 19.62
CA ASP QA 27 4.80 -84.30 20.04
C ASP QA 27 4.89 -84.28 21.56
N ILE QA 28 4.95 -85.47 22.15
CA ILE QA 28 4.98 -85.65 23.60
C ILE QA 28 6.30 -86.28 23.98
N ILE QA 29 6.98 -85.69 24.96
CA ILE QA 29 8.24 -86.21 25.47
C ILE QA 29 8.10 -86.43 26.98
N GLY QA 30 8.54 -87.59 27.45
CA GLY QA 30 8.45 -87.89 28.86
C GLY QA 30 8.85 -89.32 29.14
N ASN QA 31 8.73 -89.67 30.42
CA ASN QA 31 9.07 -91.03 30.85
C ASN QA 31 7.98 -92.00 30.40
N ILE QA 32 8.39 -93.08 29.74
CA ILE QA 32 7.45 -94.00 29.10
C ILE QA 32 7.60 -95.39 29.70
N SER QA 33 6.48 -96.12 29.77
CA SER QA 33 6.52 -97.51 30.22
C SER QA 33 5.45 -98.28 29.44
N GLU QA 34 5.88 -99.22 28.60
CA GLU QA 34 4.98 -100.01 27.77
C GLU QA 34 4.87 -101.41 28.37
N SER QA 35 3.75 -101.67 29.06
CA SER QA 35 3.56 -102.95 29.74
C SER QA 35 2.77 -103.96 28.92
N GLN QA 36 1.52 -103.63 28.58
CA GLN QA 36 0.61 -104.57 27.93
C GLN QA 36 -0.14 -103.88 26.80
N GLY QA 37 0.60 -103.17 25.96
CA GLY QA 37 -0.02 -102.39 24.90
C GLY QA 37 -0.35 -100.99 25.37
N LEU QA 38 -1.26 -100.88 26.34
CA LEU QA 38 -1.50 -99.59 26.98
C LEU QA 38 -0.24 -99.13 27.70
N ILE QA 39 0.10 -97.85 27.52
CA ILE QA 39 1.36 -97.33 28.01
C ILE QA 39 1.10 -96.30 29.09
N THR QA 40 2.08 -96.15 29.97
CA THR QA 40 2.05 -95.20 31.08
C THR QA 40 3.07 -94.10 30.81
N ILE QA 41 2.66 -92.86 31.01
CA ILE QA 41 3.49 -91.69 30.73
C ILE QA 41 3.62 -90.87 32.00
N LYS QA 42 4.83 -90.45 32.31
CA LYS QA 42 5.12 -89.62 33.46
C LYS QA 42 5.86 -88.36 33.02
N LYS QA 43 5.47 -87.23 33.59
CA LYS QA 43 6.09 -85.93 33.33
C LYS QA 43 6.08 -85.60 31.83
N ALA QA 44 4.92 -85.80 31.22
CA ALA QA 44 4.77 -85.53 29.79
C ALA QA 44 4.87 -84.05 29.48
N PHE QA 45 5.45 -83.73 28.33
CA PHE QA 45 5.61 -82.36 27.87
C PHE QA 45 5.27 -82.28 26.39
N VAL QA 46 4.49 -81.27 26.02
CA VAL QA 46 4.22 -80.95 24.63
C VAL QA 46 5.37 -80.13 24.08
N ILE QA 47 5.92 -80.55 22.96
CA ILE QA 47 7.01 -79.83 22.29
C ILE QA 47 6.41 -78.93 21.23
N ILE QA 48 6.58 -77.63 21.38
CA ILE QA 48 6.05 -76.64 20.44
C ILE QA 48 7.16 -76.28 19.46
N PRO QA 49 6.95 -76.44 18.16
CA PRO QA 49 8.01 -76.08 17.19
C PRO QA 49 8.19 -74.58 17.08
N MET QA 50 9.29 -74.07 17.61
CA MET QA 50 9.58 -72.64 17.61
C MET QA 50 11.06 -72.37 17.83
N GLN QA 59 15.80 -73.00 18.75
CA GLN QA 59 15.59 -73.49 20.10
C GLN QA 59 14.30 -74.30 20.20
N LEU QA 60 14.01 -74.79 21.40
CA LEU QA 60 12.82 -75.58 21.64
C LEU QA 60 12.02 -75.01 22.80
N VAL QA 61 10.71 -75.18 22.74
CA VAL QA 61 9.80 -74.73 23.77
C VAL QA 61 8.97 -75.92 24.24
N LEU QA 62 8.88 -76.10 25.56
CA LEU QA 62 8.13 -77.19 26.15
C LEU QA 62 7.00 -76.64 27.00
N SER QA 63 5.87 -77.33 27.02
CA SER QA 63 4.72 -76.93 27.81
C SER QA 63 4.16 -78.15 28.51
N PRO QA 64 3.43 -77.96 29.62
CA PRO QA 64 2.79 -79.09 30.26
C PRO QA 64 1.73 -79.72 29.36
N TRP QA 65 1.60 -81.05 29.45
CA TRP QA 65 0.64 -81.75 28.60
C TRP QA 65 -0.76 -81.73 29.20
N GLN QA 66 -0.87 -81.96 30.51
CA GLN QA 66 -2.16 -82.04 31.19
C GLN QA 66 -2.15 -81.07 32.36
N PRO QA 67 -2.36 -79.78 32.08
CA PRO QA 67 -2.29 -78.77 33.14
C PRO QA 67 -3.51 -78.70 34.03
N TYR QA 68 -4.41 -79.67 33.96
CA TYR QA 68 -5.61 -79.69 34.81
C TYR QA 68 -5.64 -80.86 35.77
N THR QA 69 -4.59 -81.67 35.82
CA THR QA 69 -4.54 -82.83 36.69
C THR QA 69 -3.23 -82.88 37.45
N ASP QA 70 -3.28 -83.45 38.65
CA ASP QA 70 -2.10 -83.63 39.49
C ASP QA 70 -1.60 -85.07 39.50
N ASP QA 71 -2.19 -85.95 38.71
CA ASP QA 71 -1.77 -87.34 38.69
C ASP QA 71 -0.35 -87.47 38.14
N LYS QA 72 0.45 -88.29 38.82
CA LYS QA 72 1.83 -88.48 38.39
C LYS QA 72 1.91 -89.22 37.07
N GLU QA 73 1.07 -90.24 36.88
CA GLU QA 73 1.12 -91.08 35.69
C GLU QA 73 -0.21 -91.00 34.94
N ILE QA 74 -0.14 -91.06 33.61
CA ILE QA 74 -1.31 -91.06 32.76
C ILE QA 74 -1.24 -92.27 31.84
N VAL QA 75 -2.34 -93.00 31.75
CA VAL QA 75 -2.39 -94.25 30.98
C VAL QA 75 -3.14 -93.99 29.68
N ILE QA 76 -2.50 -94.29 28.55
CA ILE QA 76 -3.12 -94.15 27.24
C ILE QA 76 -2.99 -95.47 26.49
N ASP QA 77 -3.59 -95.53 25.32
CA ASP QA 77 -3.63 -96.75 24.51
C ASP QA 77 -2.70 -96.63 23.32
N ASP QA 78 -1.97 -97.71 23.02
CA ASP QA 78 -1.04 -97.72 21.91
C ASP QA 78 -1.73 -97.57 20.57
N SER QA 79 -3.03 -97.82 20.49
CA SER QA 79 -3.76 -97.63 19.24
C SER QA 79 -3.94 -96.16 18.89
N GLU QA 80 -3.60 -95.25 19.80
CA GLU QA 80 -3.79 -93.82 19.60
C GLU QA 80 -2.48 -93.06 19.50
N VAL QA 81 -1.37 -93.76 19.25
CA VAL QA 81 -0.07 -93.15 19.09
C VAL QA 81 0.53 -93.62 17.76
N ILE QA 82 1.10 -92.68 17.01
CA ILE QA 82 1.62 -93.01 15.68
C ILE QA 82 3.02 -93.59 15.77
N THR QA 83 3.97 -92.78 16.24
CA THR QA 83 5.38 -93.15 16.27
C THR QA 83 5.95 -92.92 17.67
N ILE QA 84 6.78 -93.87 18.12
CA ILE QA 84 7.50 -93.78 19.37
C ILE QA 84 8.97 -94.02 19.07
N THR QA 85 9.81 -93.00 19.30
CA THR QA 85 11.22 -93.09 18.94
C THR QA 85 12.07 -92.37 19.98
N SER QA 86 13.32 -92.80 20.10
CA SER QA 86 14.26 -92.17 21.03
C SER QA 86 14.75 -90.84 20.45
N PRO QA 87 14.92 -89.82 21.28
CA PRO QA 87 15.34 -88.51 20.77
C PRO QA 87 16.85 -88.32 20.80
N LYS QA 88 17.32 -87.21 20.27
CA LYS QA 88 18.74 -86.90 20.30
C LYS QA 88 19.12 -86.30 21.66
N ASP QA 89 20.43 -86.10 21.85
CA ASP QA 89 20.94 -85.76 23.18
C ASP QA 89 20.62 -84.32 23.57
N ASP QA 90 20.57 -83.39 22.59
CA ASP QA 90 20.31 -82.00 22.92
C ASP QA 90 18.93 -81.83 23.55
N ILE QA 91 17.92 -82.49 22.99
CA ILE QA 91 16.58 -82.41 23.56
C ILE QA 91 16.54 -83.07 24.94
N ILE QA 92 17.31 -84.15 25.13
CA ILE QA 92 17.39 -84.78 26.43
C ILE QA 92 17.94 -83.81 27.47
N LYS QA 93 19.01 -83.09 27.11
CA LYS QA 93 19.59 -82.11 28.03
C LYS QA 93 18.60 -81.01 28.35
N SER QA 94 17.92 -80.49 27.33
CA SER QA 94 16.95 -79.43 27.56
C SER QA 94 15.81 -79.90 28.45
N TYR QA 95 15.32 -81.12 28.22
CA TYR QA 95 14.23 -81.67 29.01
C TYR QA 95 14.66 -81.85 30.47
N GLU QA 96 15.86 -82.37 30.70
CA GLU QA 96 16.33 -82.54 32.07
C GLU QA 96 16.50 -81.19 32.77
N SER QA 97 17.04 -80.20 32.07
CA SER QA 97 17.20 -78.88 32.66
C SER QA 97 15.86 -78.29 33.04
N HIS QA 98 14.87 -78.39 32.14
CA HIS QA 98 13.56 -77.83 32.43
C HIS QA 98 12.89 -78.55 33.59
N THR QA 99 13.00 -79.89 33.63
CA THR QA 99 12.33 -80.65 34.67
C THR QA 99 13.00 -80.51 36.02
N ARG QA 100 14.27 -80.08 36.08
CA ARG QA 100 14.83 -79.75 37.38
C ARG QA 100 14.54 -78.31 37.79
N VAL QA 101 14.48 -77.38 36.82
CA VAL QA 101 14.15 -75.99 37.15
C VAL QA 101 12.73 -75.91 37.71
N LEU QA 102 11.79 -76.67 37.13
CA LEU QA 102 10.42 -76.64 37.64
C LEU QA 102 10.35 -77.12 39.08
N GLU QA 103 11.06 -78.21 39.40
CA GLU QA 103 11.06 -78.71 40.77
C GLU QA 103 11.70 -77.71 41.73
N ASN QA 104 12.81 -77.09 41.31
CA ASN QA 104 13.45 -76.11 42.17
C ASN QA 104 12.52 -74.94 42.48
N LYS QA 105 11.83 -74.44 41.45
CA LYS QA 105 10.90 -73.33 41.66
C LYS QA 105 9.73 -73.75 42.55
N GLN QA 106 9.24 -74.98 42.39
CA GLN QA 106 8.17 -75.48 43.24
C GLN QA 106 8.60 -75.50 44.71
N VAL QA 107 9.81 -75.98 44.99
CA VAL QA 107 10.28 -76.04 46.37
C VAL QA 107 10.46 -74.63 46.93
N GLU QA 108 10.99 -73.71 46.11
CA GLU QA 108 11.15 -72.33 46.57
C GLU QA 108 9.80 -71.71 46.93
N GLU QA 109 8.78 -71.95 46.11
CA GLU QA 109 7.46 -71.41 46.43
C GLU QA 109 6.88 -72.06 47.68
N ILE QA 110 7.14 -73.34 47.91
CA ILE QA 110 6.67 -73.99 49.13
C ILE QA 110 7.30 -73.31 50.35
N LEU QA 111 8.61 -73.05 50.30
CA LEU QA 111 9.25 -72.35 51.41
C LEU QA 111 8.67 -70.96 51.62
N ARG QA 112 8.44 -70.22 50.53
CA ARG QA 112 7.85 -68.89 50.64
C ARG QA 112 6.50 -68.95 51.34
N LEU QA 113 5.64 -69.87 50.90
CA LEU QA 113 4.31 -69.98 51.49
C LEU QA 113 4.37 -70.35 52.96
N GLU QA 114 5.25 -71.30 53.32
CA GLU QA 114 5.35 -71.69 54.72
C GLU QA 114 5.80 -70.53 55.58
N LYS QA 115 6.81 -69.77 55.12
CA LYS QA 115 7.28 -68.63 55.90
C LYS QA 115 6.20 -67.58 56.07
N GLU QA 116 5.46 -67.28 55.00
CA GLU QA 116 4.39 -66.29 55.10
C GLU QA 116 3.30 -66.75 56.05
N ILE QA 117 2.95 -68.03 56.00
CA ILE QA 117 1.92 -68.56 56.91
C ILE QA 117 2.38 -68.45 58.36
N GLU QA 118 3.64 -68.82 58.63
CA GLU QA 118 4.15 -68.73 59.99
C GLU QA 118 4.13 -67.29 60.51
N ASP QA 119 4.58 -66.35 59.67
CA ASP QA 119 4.59 -64.94 60.09
C ASP QA 119 3.18 -64.43 60.37
N LEU QA 120 2.23 -64.76 59.47
CA LEU QA 120 0.86 -64.30 59.67
C LEU QA 120 0.25 -64.90 60.92
N GLN QA 121 0.51 -66.19 61.17
CA GLN QA 121 -0.03 -66.83 62.36
C GLN QA 121 0.53 -66.19 63.63
N ARG QA 122 1.83 -65.92 63.65
CA ARG QA 122 2.43 -65.29 64.83
C ARG QA 122 1.85 -63.90 65.06
N MET QA 123 1.71 -63.11 64.00
CA MET QA 123 1.18 -61.76 64.17
C MET QA 123 -0.27 -61.79 64.63
N LYS QA 124 -1.07 -62.71 64.09
CA LYS QA 124 -2.45 -62.84 64.55
C LYS QA 124 -2.51 -63.27 66.01
N GLU QA 125 -1.62 -64.17 66.41
CA GLU QA 125 -1.60 -64.59 67.81
C GLU QA 125 -1.31 -63.43 68.74
N GLN QA 126 -0.29 -62.62 68.41
CA GLN QA 126 0.00 -61.47 69.25
C GLN QA 126 -1.14 -60.46 69.25
N GLN QA 127 -1.79 -60.26 68.10
CA GLN QA 127 -2.92 -59.33 68.07
C GLN QA 127 -4.08 -59.82 68.92
N GLU QA 128 -4.36 -61.12 68.88
CA GLU QA 128 -5.45 -61.68 69.66
C GLU QA 128 -5.13 -61.72 71.16
N LEU QA 129 -3.85 -61.77 71.52
CA LEU QA 129 -3.49 -61.85 72.93
C LEU QA 129 -4.05 -60.68 73.73
N SER QA 130 -4.00 -59.48 73.17
CA SER QA 130 -4.50 -58.28 73.85
C SER QA 130 -5.99 -58.14 73.56
N LEU QA 131 -6.81 -58.68 74.47
CA LEU QA 131 -8.26 -58.63 74.30
C LEU QA 131 -8.92 -58.76 75.65
N THR QA 132 -10.18 -58.34 75.71
CA THR QA 132 -10.96 -58.37 76.94
C THR QA 132 -11.87 -59.61 76.98
N GLU QA 133 -12.44 -59.84 78.16
CA GLU QA 133 -13.26 -61.04 78.36
C GLU QA 133 -14.53 -60.99 77.52
N ALA QA 134 -15.25 -59.87 77.56
CA ALA QA 134 -16.46 -59.75 76.75
C ALA QA 134 -16.14 -59.80 75.26
N SER QA 135 -15.03 -59.18 74.87
CA SER QA 135 -14.60 -59.25 73.48
C SER QA 135 -14.26 -60.69 73.09
N LEU QA 136 -13.63 -61.44 74.01
CA LEU QA 136 -13.33 -62.84 73.74
C LEU QA 136 -14.61 -63.65 73.58
N GLN QA 137 -15.62 -63.39 74.41
CA GLN QA 137 -16.89 -64.09 74.28
C GLN QA 137 -17.56 -63.77 72.95
N LYS QA 138 -17.55 -62.50 72.55
CA LYS QA 138 -18.12 -62.14 71.24
C LYS QA 138 -17.35 -62.81 70.11
N LEU QA 139 -16.02 -62.87 70.23
CA LEU QA 139 -15.18 -63.57 69.26
C LEU QA 139 -15.61 -65.03 69.13
N GLN QA 140 -15.76 -65.71 70.26
CA GLN QA 140 -16.15 -67.12 70.23
C GLN QA 140 -17.53 -67.29 69.62
N GLU QA 141 -18.47 -66.42 69.98
CA GLU QA 141 -19.84 -66.53 69.45
C GLU QA 141 -19.84 -66.34 67.94
N ARG QA 142 -19.14 -65.32 67.45
CA ARG QA 142 -19.16 -65.06 66.01
C ARG QA 142 -18.39 -66.13 65.24
N ARG QA 143 -17.34 -66.69 65.84
CA ARG QA 143 -16.64 -67.81 65.22
C ARG QA 143 -17.54 -69.02 65.13
N ASP QA 144 -18.33 -69.28 66.17
CA ASP QA 144 -19.30 -70.37 66.13
C ASP QA 144 -20.34 -70.14 65.04
N GLN QA 145 -20.83 -68.91 64.93
CA GLN QA 145 -21.76 -68.56 63.85
C GLN QA 145 -21.09 -68.71 62.48
N LYS RA 15 -44.84 -69.51 -60.75
CA LYS RA 15 -44.32 -68.32 -60.06
C LYS RA 15 -44.50 -67.08 -60.91
N ASN RA 16 -44.93 -65.99 -60.28
CA ASN RA 16 -45.21 -64.74 -61.00
C ASN RA 16 -45.09 -63.60 -60.02
N ILE RA 17 -44.03 -62.80 -60.14
CA ILE RA 17 -43.78 -61.66 -59.26
C ILE RA 17 -44.09 -60.39 -60.03
N LYS RA 18 -45.06 -59.63 -59.54
CA LYS RA 18 -45.47 -58.38 -60.17
C LYS RA 18 -45.73 -57.34 -59.10
N ILE RA 19 -45.06 -56.19 -59.20
CA ILE RA 19 -45.31 -55.10 -58.27
C ILE RA 19 -46.64 -54.45 -58.62
N MET RA 20 -47.27 -53.84 -57.62
CA MET RA 20 -48.51 -53.12 -57.86
C MET RA 20 -48.59 -51.91 -56.94
N ARG RA 21 -49.42 -50.95 -57.34
CA ARG RA 21 -49.68 -49.75 -56.56
C ARG RA 21 -51.14 -49.75 -56.12
N LEU RA 22 -51.36 -49.61 -54.81
CA LEU RA 22 -52.70 -49.66 -54.26
C LEU RA 22 -53.35 -48.28 -54.30
N VAL RA 23 -54.69 -48.28 -54.18
CA VAL RA 23 -55.44 -47.02 -54.16
C VAL RA 23 -55.03 -46.17 -52.98
N THR RA 24 -54.58 -46.80 -51.90
CA THR RA 24 -54.08 -46.04 -50.75
C THR RA 24 -52.85 -45.23 -51.12
N GLY RA 25 -51.99 -45.78 -51.98
CA GLY RA 25 -50.79 -45.08 -52.41
C GLY RA 25 -49.51 -45.75 -51.97
N GLU RA 26 -49.53 -47.08 -51.87
CA GLU RA 26 -48.39 -47.85 -51.42
C GLU RA 26 -48.04 -48.90 -52.48
N ASP RA 27 -46.81 -49.39 -52.39
CA ASP RA 27 -46.26 -50.32 -53.37
C ASP RA 27 -46.13 -51.71 -52.74
N ILE RA 28 -46.77 -52.70 -53.37
CA ILE RA 28 -46.82 -54.06 -52.87
C ILE RA 28 -46.12 -54.97 -53.87
N ILE RA 29 -45.18 -55.78 -53.39
CA ILE RA 29 -44.47 -56.74 -54.21
C ILE RA 29 -44.67 -58.14 -53.63
N GLY RA 30 -44.99 -59.10 -54.48
CA GLY RA 30 -45.19 -60.46 -54.02
C GLY RA 30 -45.72 -61.34 -55.14
N ASN RA 31 -46.00 -62.58 -54.77
CA ASN RA 31 -46.51 -63.55 -55.72
C ASN RA 31 -47.98 -63.25 -56.02
N ILE RA 32 -48.32 -63.16 -57.30
CA ILE RA 32 -49.64 -62.69 -57.73
C ILE RA 32 -50.32 -63.78 -58.54
N SER RA 33 -51.65 -63.84 -58.41
CA SER RA 33 -52.44 -64.76 -59.22
C SER RA 33 -53.78 -64.10 -59.53
N GLU RA 34 -54.03 -63.81 -60.81
CA GLU RA 34 -55.24 -63.13 -61.26
C GLU RA 34 -56.14 -64.17 -61.92
N SER RA 35 -57.18 -64.61 -61.21
CA SER RA 35 -58.07 -65.65 -61.70
C SER RA 35 -59.34 -65.09 -62.34
N GLN RA 36 -60.16 -64.37 -61.58
CA GLN RA 36 -61.46 -63.92 -62.05
C GLN RA 36 -61.68 -62.46 -61.64
N GLY RA 37 -60.69 -61.62 -61.92
CA GLY RA 37 -60.76 -60.24 -61.48
C GLY RA 37 -60.17 -60.07 -60.11
N LEU RA 38 -60.80 -60.67 -59.11
CA LEU RA 38 -60.22 -60.70 -57.77
C LEU RA 38 -58.91 -61.47 -57.81
N ILE RA 39 -57.88 -60.93 -57.17
CA ILE RA 39 -56.54 -61.49 -57.26
C ILE RA 39 -56.10 -62.00 -55.91
N THR RA 40 -55.20 -62.97 -55.95
CA THR RA 40 -54.63 -63.61 -54.76
C THR RA 40 -53.17 -63.21 -54.66
N ILE RA 41 -52.75 -62.83 -53.46
CA ILE RA 41 -51.39 -62.34 -53.20
C ILE RA 41 -50.77 -63.20 -52.12
N LYS RA 42 -49.52 -63.61 -52.36
CA LYS RA 42 -48.77 -64.42 -51.41
C LYS RA 42 -47.44 -63.73 -51.10
N LYS RA 43 -47.06 -63.73 -49.83
CA LYS RA 43 -45.80 -63.16 -49.37
C LYS RA 43 -45.66 -61.70 -49.78
N ALA RA 44 -46.72 -60.93 -49.56
CA ALA RA 44 -46.72 -59.52 -49.93
C ALA RA 44 -45.77 -58.72 -49.06
N PHE RA 45 -45.15 -57.71 -49.67
CA PHE RA 45 -44.22 -56.82 -48.98
C PHE RA 45 -44.49 -55.39 -49.39
N VAL RA 46 -44.52 -54.49 -48.41
CA VAL RA 46 -44.59 -53.06 -48.65
C VAL RA 46 -43.19 -52.54 -48.93
N ILE RA 47 -43.04 -51.82 -50.03
CA ILE RA 47 -41.75 -51.23 -50.40
C ILE RA 47 -41.73 -49.79 -49.91
N ILE RA 48 -40.81 -49.48 -49.00
CA ILE RA 48 -40.68 -48.16 -48.42
C ILE RA 48 -39.60 -47.40 -49.20
N PRO RA 49 -39.91 -46.25 -49.79
CA PRO RA 49 -38.87 -45.50 -50.53
C PRO RA 49 -37.83 -44.89 -49.61
N MET RA 50 -36.63 -45.46 -49.62
CA MET RA 50 -35.55 -44.97 -48.76
C MET RA 50 -34.19 -45.45 -49.27
N GLN RA 59 -30.73 -47.64 -51.90
CA GLN RA 59 -31.15 -48.99 -51.54
C GLN RA 59 -32.66 -49.06 -51.37
N LEU RA 60 -33.16 -50.25 -51.02
CA LEU RA 60 -34.58 -50.48 -50.84
C LEU RA 60 -34.84 -51.11 -49.48
N VAL RA 61 -36.01 -50.79 -48.91
CA VAL RA 61 -36.43 -51.34 -47.63
C VAL RA 61 -37.79 -51.99 -47.83
N LEU RA 62 -37.94 -53.22 -47.32
CA LEU RA 62 -39.17 -53.97 -47.43
C LEU RA 62 -39.71 -54.26 -46.04
N SER RA 63 -41.03 -54.25 -45.92
CA SER RA 63 -41.71 -54.53 -44.65
C SER RA 63 -42.86 -55.48 -44.91
N PRO RA 64 -43.29 -56.23 -43.88
CA PRO RA 64 -44.47 -57.07 -44.05
C PRO RA 64 -45.71 -56.24 -44.33
N TRP RA 65 -46.61 -56.78 -45.16
CA TRP RA 65 -47.82 -56.06 -45.51
C TRP RA 65 -48.92 -56.25 -44.47
N GLN RA 66 -49.10 -57.47 -43.99
CA GLN RA 66 -50.17 -57.80 -43.05
C GLN RA 66 -49.55 -58.48 -41.84
N PRO RA 67 -48.95 -57.71 -40.94
CA PRO RA 67 -48.26 -58.30 -39.78
C PRO RA 67 -49.18 -58.78 -38.67
N TYR RA 68 -50.48 -58.86 -38.90
CA TYR RA 68 -51.42 -59.33 -37.89
C TYR RA 68 -52.13 -60.62 -38.29
N THR RA 69 -51.75 -61.23 -39.41
CA THR RA 69 -52.39 -62.45 -39.88
C THR RA 69 -51.34 -63.46 -40.29
N ASP RA 70 -51.69 -64.75 -40.14
CA ASP RA 70 -50.82 -65.84 -40.55
C ASP RA 70 -51.27 -66.51 -41.83
N ASP RA 71 -52.30 -65.98 -42.49
CA ASP RA 71 -52.79 -66.59 -43.72
C ASP RA 71 -51.74 -66.49 -44.82
N LYS RA 72 -51.57 -67.59 -45.54
CA LYS RA 72 -50.58 -67.62 -46.63
C LYS RA 72 -51.00 -66.72 -47.78
N GLU RA 73 -52.28 -66.72 -48.13
CA GLU RA 73 -52.79 -65.99 -49.28
C GLU RA 73 -53.83 -64.97 -48.84
N ILE RA 74 -53.84 -63.81 -49.51
CA ILE RA 74 -54.81 -62.75 -49.24
C ILE RA 74 -55.50 -62.41 -50.55
N VAL RA 75 -56.82 -62.32 -50.51
CA VAL RA 75 -57.63 -62.09 -51.71
C VAL RA 75 -58.12 -60.64 -51.69
N ILE RA 76 -57.81 -59.89 -52.76
CA ILE RA 76 -58.26 -58.51 -52.90
C ILE RA 76 -58.97 -58.38 -54.24
N ASP RA 77 -59.53 -57.19 -54.47
CA ASP RA 77 -60.31 -56.92 -55.67
C ASP RA 77 -59.51 -56.03 -56.63
N ASP RA 78 -59.60 -56.34 -57.93
CA ASP RA 78 -58.88 -55.57 -58.93
C ASP RA 78 -59.38 -54.14 -59.04
N SER RA 79 -60.58 -53.85 -58.55
CA SER RA 79 -61.09 -52.49 -58.56
C SER RA 79 -60.37 -51.59 -57.57
N GLU RA 80 -59.53 -52.15 -56.71
CA GLU RA 80 -58.84 -51.39 -55.68
C GLU RA 80 -57.33 -51.33 -55.89
N VAL RA 81 -56.88 -51.64 -57.10
CA VAL RA 81 -55.46 -51.58 -57.45
C VAL RA 81 -55.30 -50.72 -58.69
N ILE RA 82 -54.30 -49.83 -58.68
CA ILE RA 82 -54.13 -48.89 -59.77
C ILE RA 82 -53.34 -49.52 -60.91
N THR RA 83 -52.08 -49.88 -60.65
CA THR RA 83 -51.17 -50.38 -61.67
C THR RA 83 -50.54 -51.68 -61.20
N ILE RA 84 -50.43 -52.64 -62.12
CA ILE RA 84 -49.75 -53.91 -61.89
C ILE RA 84 -48.72 -54.08 -63.01
N THR RA 85 -47.44 -54.11 -62.63
CA THR RA 85 -46.37 -54.16 -63.62
C THR RA 85 -45.23 -55.03 -63.11
N SER RA 86 -44.48 -55.60 -64.06
CA SER RA 86 -43.32 -56.43 -63.70
C SER RA 86 -42.15 -55.53 -63.29
N PRO RA 87 -41.39 -55.94 -62.27
CA PRO RA 87 -40.28 -55.10 -61.79
C PRO RA 87 -38.96 -55.42 -62.47
N LYS RA 88 -37.93 -54.64 -62.17
CA LYS RA 88 -36.59 -54.90 -62.71
C LYS RA 88 -35.91 -56.00 -61.90
N ASP RA 89 -34.73 -56.42 -62.38
CA ASP RA 89 -34.08 -57.59 -61.82
C ASP RA 89 -33.45 -57.33 -60.46
N ASP RA 90 -32.98 -56.11 -60.21
CA ASP RA 90 -32.36 -55.81 -58.92
C ASP RA 90 -33.34 -55.99 -57.77
N ILE RA 91 -34.56 -55.49 -57.93
CA ILE RA 91 -35.57 -55.64 -56.90
C ILE RA 91 -35.96 -57.11 -56.74
N ILE RA 92 -35.97 -57.86 -57.84
CA ILE RA 92 -36.25 -59.29 -57.76
C ILE RA 92 -35.19 -59.99 -56.90
N LYS RA 93 -33.92 -59.66 -57.13
CA LYS RA 93 -32.85 -60.26 -56.35
C LYS RA 93 -32.97 -59.90 -54.88
N SER RA 94 -33.24 -58.63 -54.59
CA SER RA 94 -33.38 -58.21 -53.20
C SER RA 94 -34.55 -58.91 -52.52
N TYR RA 95 -35.67 -59.03 -53.23
CA TYR RA 95 -36.85 -59.69 -52.68
C TYR RA 95 -36.58 -61.15 -52.39
N GLU RA 96 -35.91 -61.85 -53.32
CA GLU RA 96 -35.59 -63.25 -53.10
C GLU RA 96 -34.63 -63.42 -51.91
N SER RA 97 -33.62 -62.56 -51.81
CA SER RA 97 -32.70 -62.64 -50.69
C SER RA 97 -33.42 -62.44 -49.37
N HIS RA 98 -34.29 -61.43 -49.31
CA HIS RA 98 -35.00 -61.16 -48.06
C HIS RA 98 -35.94 -62.30 -47.70
N THR RA 99 -36.64 -62.86 -48.70
CA THR RA 99 -37.61 -63.92 -48.42
C THR RA 99 -36.94 -65.24 -48.08
N ARG RA 100 -35.66 -65.43 -48.45
CA ARG RA 100 -34.98 -66.61 -47.93
C ARG RA 100 -34.34 -66.37 -46.57
N VAL RA 101 -33.86 -65.15 -46.30
CA VAL RA 101 -33.30 -64.85 -44.99
C VAL RA 101 -34.37 -64.98 -43.91
N LEU RA 102 -35.58 -64.51 -44.20
CA LEU RA 102 -36.66 -64.62 -43.21
C LEU RA 102 -36.95 -66.08 -42.86
N GLU RA 103 -37.04 -66.94 -43.89
CA GLU RA 103 -37.29 -68.36 -43.65
C GLU RA 103 -36.15 -69.00 -42.85
N ASN RA 104 -34.91 -68.66 -43.19
CA ASN RA 104 -33.77 -69.22 -42.47
C ASN RA 104 -33.82 -68.83 -41.00
N LYS RA 105 -34.11 -67.57 -40.71
CA LYS RA 105 -34.18 -67.12 -39.32
C LYS RA 105 -35.34 -67.79 -38.59
N GLN RA 106 -36.47 -67.98 -39.28
CA GLN RA 106 -37.60 -68.67 -38.67
C GLN RA 106 -37.23 -70.09 -38.27
N VAL RA 107 -36.55 -70.82 -39.16
CA VAL RA 107 -36.15 -72.19 -38.84
C VAL RA 107 -35.16 -72.21 -37.68
N GLU RA 108 -34.20 -71.26 -37.68
CA GLU RA 108 -33.25 -71.20 -36.58
C GLU RA 108 -33.94 -70.98 -35.25
N GLU RA 109 -34.93 -70.07 -35.23
CA GLU RA 109 -35.66 -69.84 -33.98
C GLU RA 109 -36.47 -71.06 -33.56
N ILE RA 110 -37.02 -71.81 -34.53
CA ILE RA 110 -37.74 -73.04 -34.18
C ILE RA 110 -36.81 -74.03 -33.51
N LEU RA 111 -35.61 -74.20 -34.06
CA LEU RA 111 -34.63 -75.09 -33.42
C LEU RA 111 -34.27 -74.62 -32.01
N ARG RA 112 -34.04 -73.32 -31.85
CA ARG RA 112 -33.72 -72.78 -30.54
C ARG RA 112 -34.82 -73.10 -29.53
N LEU RA 113 -36.08 -72.84 -29.91
CA LEU RA 113 -37.18 -73.09 -29.00
C LEU RA 113 -37.32 -74.56 -28.65
N GLU RA 114 -37.16 -75.44 -29.64
CA GLU RA 114 -37.27 -76.87 -29.37
C GLU RA 114 -36.19 -77.33 -28.40
N LYS RA 115 -34.95 -76.86 -28.60
CA LYS RA 115 -33.87 -77.27 -27.71
C LYS RA 115 -34.10 -76.76 -26.30
N GLU RA 116 -34.55 -75.51 -26.15
CA GLU RA 116 -34.82 -74.98 -24.82
C GLU RA 116 -35.93 -75.74 -24.14
N ILE RA 117 -36.99 -76.09 -24.87
CA ILE RA 117 -38.10 -76.85 -24.30
C ILE RA 117 -37.62 -78.21 -23.83
N GLU RA 118 -36.81 -78.89 -24.65
CA GLU RA 118 -36.32 -80.21 -24.25
C GLU RA 118 -35.46 -80.13 -23.00
N ASP RA 119 -34.56 -79.14 -22.93
CA ASP RA 119 -33.72 -79.00 -21.76
C ASP RA 119 -34.53 -78.71 -20.52
N LEU RA 120 -35.50 -77.80 -20.62
CA LEU RA 120 -36.33 -77.48 -19.46
C LEU RA 120 -37.14 -78.68 -19.00
N GLN RA 121 -37.69 -79.44 -19.95
CA GLN RA 121 -38.47 -80.62 -19.58
C GLN RA 121 -37.61 -81.65 -18.87
N ARG RA 122 -36.39 -81.89 -19.38
CA ARG RA 122 -35.50 -82.85 -18.74
C ARG RA 122 -35.13 -82.40 -17.33
N MET RA 123 -34.81 -81.13 -17.16
CA MET RA 123 -34.43 -80.64 -15.83
C MET RA 123 -35.60 -80.72 -14.86
N LYS RA 124 -36.81 -80.38 -15.32
CA LYS RA 124 -37.98 -80.50 -14.46
C LYS RA 124 -38.24 -81.96 -14.09
N GLU RA 125 -38.04 -82.87 -15.03
CA GLU RA 125 -38.24 -84.29 -14.73
C GLU RA 125 -37.28 -84.76 -13.65
N GLN RA 126 -36.00 -84.41 -13.77
CA GLN RA 126 -35.04 -84.80 -12.74
C GLN RA 126 -35.36 -84.16 -11.39
N GLN RA 127 -35.80 -82.89 -11.40
CA GLN RA 127 -36.15 -82.24 -10.14
C GLN RA 127 -37.35 -82.91 -9.49
N GLU RA 128 -38.35 -83.29 -10.28
CA GLU RA 128 -39.54 -83.93 -9.73
C GLU RA 128 -39.26 -85.36 -9.27
N LEU RA 129 -38.25 -86.02 -9.85
CA LEU RA 129 -37.97 -87.41 -9.48
C LEU RA 129 -37.70 -87.54 -7.99
N SER RA 130 -36.95 -86.61 -7.40
CA SER RA 130 -36.62 -86.66 -5.97
C SER RA 130 -37.75 -85.99 -5.19
N LEU RA 131 -38.70 -86.79 -4.73
CA LEU RA 131 -39.84 -86.27 -3.99
C LEU RA 131 -40.41 -87.38 -3.11
N THR RA 132 -41.17 -86.96 -2.11
CA THR RA 132 -41.78 -87.89 -1.16
C THR RA 132 -43.23 -88.17 -1.53
N GLU RA 133 -43.81 -89.17 -0.86
CA GLU RA 133 -45.16 -89.59 -1.17
C GLU RA 133 -46.19 -88.52 -0.82
N ALA RA 134 -46.10 -87.96 0.39
CA ALA RA 134 -47.01 -86.90 0.78
C ALA RA 134 -46.83 -85.66 -0.10
N SER RA 135 -45.58 -85.35 -0.43
CA SER RA 135 -45.32 -84.23 -1.33
C SER RA 135 -45.92 -84.51 -2.71
N LEU RA 136 -45.83 -85.75 -3.18
CA LEU RA 136 -46.43 -86.11 -4.46
C LEU RA 136 -47.95 -85.96 -4.42
N GLN RA 137 -48.58 -86.36 -3.31
CA GLN RA 137 -50.02 -86.19 -3.17
C GLN RA 137 -50.41 -84.72 -3.17
N LYS RA 138 -49.66 -83.88 -2.45
CA LYS RA 138 -49.93 -82.45 -2.47
C LYS RA 138 -49.74 -81.87 -3.86
N LEU RA 139 -48.71 -82.32 -4.58
CA LEU RA 139 -48.49 -81.91 -5.95
C LEU RA 139 -49.69 -82.23 -6.82
N GLN RA 140 -50.19 -83.46 -6.72
CA GLN RA 140 -51.35 -83.87 -7.53
C GLN RA 140 -52.58 -83.05 -7.16
N GLU RA 141 -52.81 -82.83 -5.87
CA GLU RA 141 -53.98 -82.06 -5.45
C GLU RA 141 -53.92 -80.63 -5.96
N ARG RA 142 -52.76 -79.98 -5.84
CA ARG RA 142 -52.66 -78.59 -6.29
C ARG RA 142 -52.71 -78.49 -7.80
N ARG RA 143 -52.18 -79.48 -8.51
CA ARG RA 143 -52.30 -79.51 -9.96
C ARG RA 143 -53.76 -79.66 -10.38
N ASP RA 144 -54.51 -80.50 -9.67
CA ASP RA 144 -55.93 -80.63 -9.94
C ASP RA 144 -56.67 -79.33 -9.68
N GLN RA 145 -56.34 -78.64 -8.60
CA GLN RA 145 -56.90 -77.32 -8.32
C GLN RA 145 -56.49 -76.32 -9.39
N LYS SA 15 -78.82 39.92 -52.31
CA LYS SA 15 -77.70 39.60 -51.43
C LYS SA 15 -77.12 40.87 -50.82
N ASN SA 16 -76.83 40.83 -49.53
CA ASN SA 16 -76.32 42.00 -48.82
C ASN SA 16 -75.54 41.52 -47.60
N ILE SA 17 -74.22 41.65 -47.66
CA ILE SA 17 -73.34 41.22 -46.57
C ILE SA 17 -72.86 42.47 -45.84
N LYS SA 18 -73.20 42.56 -44.55
CA LYS SA 18 -72.79 43.69 -43.72
C LYS SA 18 -72.38 43.18 -42.35
N ILE SA 19 -71.17 43.53 -41.93
CA ILE SA 19 -70.72 43.17 -40.60
C ILE SA 19 -71.42 44.06 -39.58
N MET SA 20 -71.55 43.55 -38.35
CA MET SA 20 -72.14 44.35 -37.28
C MET SA 20 -71.49 44.00 -35.96
N ARG SA 21 -71.60 44.92 -35.02
CA ARG SA 21 -71.10 44.74 -33.66
C ARG SA 21 -72.27 44.72 -32.69
N LEU SA 22 -72.34 43.66 -31.89
CA LEU SA 22 -73.45 43.50 -30.96
C LEU SA 22 -73.18 44.20 -29.64
N VAL SA 23 -74.25 44.44 -28.89
CA VAL SA 23 -74.12 45.09 -27.58
C VAL SA 23 -73.27 44.24 -26.64
N THR SA 24 -73.26 42.91 -26.85
CA THR SA 24 -72.40 42.06 -26.05
C THR SA 24 -70.94 42.38 -26.28
N GLY SA 25 -70.57 42.71 -27.53
CA GLY SA 25 -69.19 43.05 -27.84
C GLY SA 25 -68.55 42.08 -28.81
N GLU SA 26 -69.35 41.51 -29.70
CA GLU SA 26 -68.87 40.53 -30.67
C GLU SA 26 -69.22 41.00 -32.07
N ASP SA 27 -68.51 40.42 -33.05
CA ASP SA 27 -68.63 40.82 -34.45
C ASP SA 27 -69.32 39.71 -35.23
N ILE SA 28 -70.42 40.06 -35.88
CA ILE SA 28 -71.26 39.12 -36.62
C ILE SA 28 -71.23 39.50 -38.09
N ILE SA 29 -70.95 38.52 -38.94
CA ILE SA 29 -70.95 38.72 -40.39
C ILE SA 29 -71.92 37.73 -41.03
N GLY SA 30 -72.76 38.22 -41.93
CA GLY SA 30 -73.71 37.36 -42.59
C GLY SA 30 -74.66 38.16 -43.45
N ASN SA 31 -75.62 37.44 -44.04
CA ASN SA 31 -76.62 38.07 -44.89
C ASN SA 31 -77.64 38.82 -44.03
N ILE SA 32 -77.87 40.08 -44.36
CA ILE SA 32 -78.67 40.97 -43.52
C ILE SA 32 -79.87 41.47 -44.30
N SER SA 33 -80.98 41.66 -43.60
CA SER SA 33 -82.17 42.25 -44.20
C SER SA 33 -82.87 43.11 -43.16
N GLU SA 34 -82.91 44.42 -43.40
CA GLU SA 34 -83.51 45.38 -42.47
C GLU SA 34 -84.86 45.83 -43.03
N SER SA 35 -85.93 45.29 -42.47
CA SER SA 35 -87.29 45.57 -42.98
C SER SA 35 -87.98 46.67 -42.20
N GLN SA 36 -88.21 46.47 -40.90
CA GLN SA 36 -89.01 47.39 -40.10
C GLN SA 36 -88.33 47.61 -38.75
N GLY SA 37 -87.04 47.92 -38.79
CA GLY SA 37 -86.28 48.07 -37.57
C GLY SA 37 -85.67 46.76 -37.14
N LEU SA 38 -86.53 45.80 -36.78
CA LEU SA 38 -86.07 44.44 -36.52
C LEU SA 38 -85.46 43.86 -37.79
N ILE SA 39 -84.30 43.22 -37.64
CA ILE SA 39 -83.54 42.77 -38.79
C ILE SA 39 -83.47 41.25 -38.79
N THR SA 40 -83.31 40.70 -39.99
CA THR SA 40 -83.21 39.25 -40.21
C THR SA 40 -81.79 38.93 -40.65
N ILE SA 41 -81.20 37.90 -40.05
CA ILE SA 41 -79.82 37.51 -40.30
C ILE SA 41 -79.81 36.07 -40.77
N LYS SA 42 -79.05 35.80 -41.83
CA LYS SA 42 -78.90 34.46 -42.39
C LYS SA 42 -77.42 34.12 -42.46
N LYS SA 43 -77.09 32.87 -42.07
CA LYS SA 43 -75.73 32.35 -42.13
C LYS SA 43 -74.77 33.23 -41.34
N ALA SA 44 -75.17 33.59 -40.12
CA ALA SA 44 -74.36 34.44 -39.27
C ALA SA 44 -73.09 33.72 -38.81
N PHE SA 45 -72.01 34.48 -38.68
CA PHE SA 45 -70.73 33.96 -38.23
C PHE SA 45 -70.11 34.92 -37.24
N VAL SA 46 -69.60 34.39 -36.13
CA VAL SA 46 -68.82 35.15 -35.18
C VAL SA 46 -67.38 35.24 -35.67
N ILE SA 47 -66.84 36.45 -35.72
CA ILE SA 47 -65.47 36.67 -36.15
C ILE SA 47 -64.60 36.76 -34.90
N ILE SA 48 -63.66 35.83 -34.76
CA ILE SA 48 -62.76 35.77 -33.60
C ILE SA 48 -61.46 36.47 -33.99
N PRO SA 49 -61.04 37.51 -33.26
CA PRO SA 49 -59.77 38.18 -33.61
C PRO SA 49 -58.56 37.32 -33.30
N MET SA 50 -57.92 36.81 -34.34
CA MET SA 50 -56.75 35.94 -34.18
C MET SA 50 -55.94 35.88 -35.47
N GLN SA 59 -54.46 36.53 -40.06
CA GLN SA 59 -55.58 35.81 -40.65
C GLN SA 59 -56.85 36.02 -39.82
N LEU SA 60 -57.95 35.40 -40.26
CA LEU SA 60 -59.22 35.52 -39.58
C LEU SA 60 -59.78 34.13 -39.29
N VAL SA 61 -60.53 34.04 -38.20
CA VAL SA 61 -61.19 32.80 -37.78
C VAL SA 61 -62.68 33.08 -37.63
N LEU SA 62 -63.50 32.21 -38.20
CA LEU SA 62 -64.95 32.35 -38.15
C LEU SA 62 -65.54 31.13 -37.44
N SER SA 63 -66.59 31.36 -36.68
CA SER SA 63 -67.29 30.31 -35.95
C SER SA 63 -68.79 30.47 -36.14
N PRO SA 64 -69.55 29.39 -35.99
CA PRO SA 64 -71.01 29.52 -36.05
C PRO SA 64 -71.54 30.40 -34.92
N TRP SA 65 -72.59 31.17 -35.22
CA TRP SA 65 -73.14 32.07 -34.21
C TRP SA 65 -74.13 31.34 -33.29
N GLN SA 66 -74.99 30.51 -33.87
CA GLN SA 66 -76.05 29.82 -33.11
C GLN SA 66 -75.93 28.32 -33.39
N PRO SA 67 -74.97 27.65 -32.74
CA PRO SA 67 -74.74 26.23 -33.01
C PRO SA 67 -75.76 25.29 -32.37
N TYR SA 68 -76.87 25.80 -31.84
CA TYR SA 68 -77.89 24.96 -31.24
C TYR SA 68 -79.22 25.02 -31.98
N THR SA 69 -79.29 25.70 -33.11
CA THR SA 69 -80.53 25.83 -33.86
C THR SA 69 -80.27 25.54 -35.33
N ASP SA 70 -81.31 25.04 -36.00
CA ASP SA 70 -81.25 24.76 -37.43
C ASP SA 70 -82.03 25.78 -38.24
N ASP SA 71 -82.56 26.82 -37.61
CA ASP SA 71 -83.33 27.82 -38.35
C ASP SA 71 -82.43 28.57 -39.33
N LYS SA 72 -82.95 28.77 -40.54
CA LYS SA 72 -82.19 29.47 -41.56
C LYS SA 72 -82.01 30.94 -41.22
N GLU SA 73 -83.06 31.58 -40.70
CA GLU SA 73 -83.03 33.01 -40.42
C GLU SA 73 -83.27 33.25 -38.94
N ILE SA 74 -82.62 34.28 -38.41
CA ILE SA 74 -82.78 34.69 -37.01
C ILE SA 74 -83.16 36.16 -36.98
N VAL SA 75 -84.18 36.50 -36.21
CA VAL SA 75 -84.71 37.85 -36.15
C VAL SA 75 -84.25 38.49 -34.85
N ILE SA 76 -83.58 39.65 -34.95
CA ILE SA 76 -83.14 40.40 -33.79
C ILE SA 76 -83.64 41.84 -33.92
N ASP SA 77 -83.41 42.63 -32.87
CA ASP SA 77 -83.89 44.00 -32.81
C ASP SA 77 -82.74 44.98 -33.01
N ASP SA 78 -83.01 46.04 -33.78
CA ASP SA 78 -81.99 47.04 -34.06
C ASP SA 78 -81.56 47.80 -32.81
N SER SA 79 -82.36 47.77 -31.74
CA SER SA 79 -81.97 48.42 -30.51
C SER SA 79 -80.84 47.69 -29.78
N GLU SA 80 -80.47 46.50 -30.25
CA GLU SA 80 -79.46 45.68 -29.60
C GLU SA 80 -78.21 45.51 -30.46
N VAL SA 81 -78.03 46.36 -31.47
CA VAL SA 81 -76.86 46.33 -32.33
C VAL SA 81 -76.24 47.73 -32.35
N ILE SA 82 -74.92 47.78 -32.23
CA ILE SA 82 -74.23 49.07 -32.13
C ILE SA 82 -73.97 49.65 -33.52
N THR SA 83 -73.16 48.96 -34.32
CA THR SA 83 -72.74 49.45 -35.63
C THR SA 83 -72.98 48.39 -36.69
N ILE SA 84 -73.46 48.83 -37.85
CA ILE SA 84 -73.65 47.98 -39.02
C ILE SA 84 -72.95 48.65 -40.19
N THR SA 85 -71.91 47.98 -40.71
CA THR SA 85 -71.09 48.57 -41.77
C THR SA 85 -70.67 47.50 -42.77
N SER SA 86 -70.41 47.94 -43.99
CA SER SA 86 -69.95 47.03 -45.04
C SER SA 86 -68.48 46.68 -44.84
N PRO SA 87 -68.08 45.43 -45.07
CA PRO SA 87 -66.69 45.03 -44.84
C PRO SA 87 -65.82 45.18 -46.07
N LYS SA 88 -64.52 44.94 -45.92
CA LYS SA 88 -63.61 44.98 -47.05
C LYS SA 88 -63.68 43.68 -47.84
N ASP SA 89 -62.97 43.65 -48.97
CA ASP SA 89 -63.13 42.55 -49.92
C ASP SA 89 -62.46 41.27 -49.45
N ASP SA 90 -61.35 41.38 -48.70
CA ASP SA 90 -60.65 40.18 -48.24
C ASP SA 90 -61.54 39.34 -47.33
N ILE SA 91 -62.24 39.99 -46.40
CA ILE SA 91 -63.13 39.25 -45.51
C ILE SA 91 -64.30 38.67 -46.29
N ILE SA 92 -64.77 39.38 -47.32
CA ILE SA 92 -65.83 38.85 -48.17
C ILE SA 92 -65.38 37.55 -48.84
N LYS SA 93 -64.16 37.56 -49.38
CA LYS SA 93 -63.63 36.36 -50.03
C LYS SA 93 -63.50 35.21 -49.05
N SER SA 94 -62.96 35.50 -47.85
CA SER SA 94 -62.81 34.45 -46.85
C SER SA 94 -64.16 33.88 -46.44
N TYR SA 95 -65.15 34.75 -46.24
CA TYR SA 95 -66.48 34.31 -45.84
C TYR SA 95 -67.12 33.45 -46.92
N GLU SA 96 -67.00 33.85 -48.18
CA GLU SA 96 -67.56 33.03 -49.26
C GLU SA 96 -66.88 31.68 -49.36
N SER SA 97 -65.55 31.66 -49.23
CA SER SA 97 -64.83 30.39 -49.27
C SER SA 97 -65.28 29.47 -48.15
N HIS SA 98 -65.39 30.01 -46.94
CA HIS SA 98 -65.79 29.18 -45.80
C HIS SA 98 -67.22 28.67 -45.97
N THR SA 99 -68.12 29.53 -46.44
CA THR SA 99 -69.52 29.14 -46.57
C THR SA 99 -69.76 28.17 -47.73
N ARG SA 100 -68.84 28.10 -48.71
CA ARG SA 100 -68.97 27.03 -49.69
C ARG SA 100 -68.30 25.74 -49.24
N VAL SA 101 -67.19 25.84 -48.49
CA VAL SA 101 -66.55 24.63 -47.97
C VAL SA 101 -67.47 23.89 -47.02
N LEU SA 102 -68.19 24.63 -46.17
CA LEU SA 102 -69.11 23.97 -45.24
C LEU SA 102 -70.19 23.21 -45.98
N GLU SA 103 -70.78 23.82 -47.02
CA GLU SA 103 -71.82 23.14 -47.79
C GLU SA 103 -71.26 21.91 -48.49
N ASN SA 104 -70.05 22.02 -49.07
CA ASN SA 104 -69.45 20.88 -49.74
C ASN SA 104 -69.26 19.72 -48.78
N LYS SA 105 -68.74 20.01 -47.58
CA LYS SA 105 -68.52 18.95 -46.59
C LYS SA 105 -69.84 18.35 -46.13
N GLN SA 106 -70.88 19.18 -45.99
CA GLN SA 106 -72.19 18.66 -45.61
C GLN SA 106 -72.71 17.68 -46.65
N VAL SA 107 -72.60 18.03 -47.93
CA VAL SA 107 -73.07 17.14 -48.99
C VAL SA 107 -72.27 15.85 -48.99
N GLU SA 108 -70.95 15.95 -48.82
CA GLU SA 108 -70.12 14.75 -48.80
C GLU SA 108 -70.53 13.82 -47.66
N GLU SA 109 -70.80 14.38 -46.48
CA GLU SA 109 -71.25 13.55 -45.36
C GLU SA 109 -72.62 12.93 -45.63
N ILE SA 110 -73.50 13.66 -46.30
CA ILE SA 110 -74.80 13.08 -46.65
C ILE SA 110 -74.62 11.86 -47.56
N LEU SA 111 -73.75 11.99 -48.57
CA LEU SA 111 -73.49 10.84 -49.44
C LEU SA 111 -72.90 9.67 -48.65
N ARG SA 112 -71.94 9.94 -47.77
CA ARG SA 112 -71.36 8.88 -46.95
C ARG SA 112 -72.42 8.15 -46.15
N LEU SA 113 -73.28 8.91 -45.48
CA LEU SA 113 -74.32 8.29 -44.65
C LEU SA 113 -75.28 7.46 -45.49
N GLU SA 114 -75.69 7.98 -46.65
CA GLU SA 114 -76.61 7.23 -47.49
C GLU SA 114 -75.99 5.92 -47.96
N LYS SA 115 -74.72 5.96 -48.38
CA LYS SA 115 -74.07 4.74 -48.83
C LYS SA 115 -73.94 3.72 -47.70
N GLU SA 116 -73.57 4.18 -46.51
CA GLU SA 116 -73.45 3.26 -45.38
C GLU SA 116 -74.80 2.64 -45.03
N ILE SA 117 -75.86 3.45 -45.06
CA ILE SA 117 -77.20 2.92 -44.76
C ILE SA 117 -77.61 1.88 -45.78
N GLU SA 118 -77.37 2.16 -47.07
CA GLU SA 118 -77.73 1.19 -48.10
C GLU SA 118 -76.98 -0.12 -47.92
N ASP SA 119 -75.67 -0.04 -47.67
CA ASP SA 119 -74.88 -1.26 -47.49
C ASP SA 119 -75.36 -2.06 -46.28
N LEU SA 120 -75.62 -1.37 -45.16
CA LEU SA 120 -76.07 -2.08 -43.96
C LEU SA 120 -77.43 -2.72 -44.20
N GLN SA 121 -78.34 -2.03 -44.88
CA GLN SA 121 -79.65 -2.59 -45.15
C GLN SA 121 -79.55 -3.82 -46.03
N ARG SA 122 -78.71 -3.77 -47.07
CA ARG SA 122 -78.56 -4.92 -47.95
C ARG SA 122 -77.97 -6.11 -47.18
N MET SA 123 -76.96 -5.88 -46.36
CA MET SA 123 -76.35 -6.97 -45.62
C MET SA 123 -77.33 -7.58 -44.63
N LYS SA 124 -78.11 -6.73 -43.95
CA LYS SA 124 -79.13 -7.25 -43.02
C LYS SA 124 -80.18 -8.05 -43.77
N GLU SA 125 -80.58 -7.60 -44.96
CA GLU SA 125 -81.56 -8.35 -45.73
C GLU SA 125 -81.05 -9.74 -46.08
N GLN SA 126 -79.81 -9.81 -46.57
CA GLN SA 126 -79.25 -11.13 -46.89
C GLN SA 126 -79.12 -12.00 -45.66
N GLN SA 127 -78.72 -11.42 -44.52
CA GLN SA 127 -78.61 -12.22 -43.30
C GLN SA 127 -79.96 -12.74 -42.85
N GLU SA 128 -81.01 -11.92 -42.96
CA GLU SA 128 -82.34 -12.35 -42.54
C GLU SA 128 -82.94 -13.36 -43.51
N LEU SA 129 -82.52 -13.34 -44.78
CA LEU SA 129 -83.10 -14.25 -45.76
C LEU SA 129 -82.95 -15.71 -45.32
N SER SA 130 -81.79 -16.08 -44.78
CA SER SA 130 -81.54 -17.45 -44.35
C SER SA 130 -82.04 -17.62 -42.92
N LEU SA 131 -83.28 -18.08 -42.79
CA LEU SA 131 -83.89 -18.26 -41.47
C LEU SA 131 -84.98 -19.31 -41.58
N THR SA 132 -85.35 -19.86 -40.42
CA THR SA 132 -86.37 -20.90 -40.35
C THR SA 132 -87.71 -20.31 -39.94
N GLU SA 133 -88.76 -21.12 -40.06
CA GLU SA 133 -90.12 -20.65 -39.79
C GLU SA 133 -90.30 -20.30 -38.32
N ALA SA 134 -89.89 -21.21 -37.42
CA ALA SA 134 -90.00 -20.92 -36.00
C ALA SA 134 -89.14 -19.73 -35.60
N SER SA 135 -87.94 -19.64 -36.17
CA SER SA 135 -87.10 -18.47 -35.92
C SER SA 135 -87.75 -17.19 -36.42
N LEU SA 136 -88.42 -17.26 -37.58
CA LEU SA 136 -89.13 -16.10 -38.09
C LEU SA 136 -90.27 -15.69 -37.15
N GLN SA 137 -91.00 -16.68 -36.62
CA GLN SA 137 -92.07 -16.37 -35.68
C GLN SA 137 -91.52 -15.72 -34.41
N LYS SA 138 -90.41 -16.24 -33.89
CA LYS SA 138 -89.79 -15.63 -32.72
C LYS SA 138 -89.32 -14.21 -33.02
N LEU SA 139 -88.76 -14.02 -34.22
CA LEU SA 139 -88.36 -12.69 -34.66
C LEU SA 139 -89.53 -11.72 -34.63
N GLN SA 140 -90.66 -12.14 -35.22
CA GLN SA 140 -91.84 -11.27 -35.25
C GLN SA 140 -92.35 -10.98 -33.85
N GLU SA 141 -92.38 -11.99 -32.99
CA GLU SA 141 -92.87 -11.79 -31.63
C GLU SA 141 -92.00 -10.81 -30.86
N ARG SA 142 -90.68 -10.97 -30.95
CA ARG SA 142 -89.80 -10.09 -30.20
C ARG SA 142 -89.79 -8.68 -30.80
N ARG SA 143 -89.95 -8.56 -32.11
CA ARG SA 143 -90.08 -7.24 -32.72
C ARG SA 143 -91.36 -6.56 -32.25
N ASP SA 144 -92.45 -7.31 -32.13
CA ASP SA 144 -93.68 -6.75 -31.60
C ASP SA 144 -93.50 -6.30 -30.14
N GLN SA 145 -92.82 -7.11 -29.35
CA GLN SA 145 -92.51 -6.72 -27.96
C GLN SA 145 -91.60 -5.50 -27.95
N LYS TA 15 -67.33 -54.30 55.38
CA LYS TA 15 -66.59 -53.50 54.41
C LYS TA 15 -67.34 -53.40 53.10
N ASN TA 16 -67.38 -52.20 52.51
CA ASN TA 16 -68.13 -51.97 51.29
C ASN TA 16 -67.51 -50.77 50.59
N ILE TA 17 -66.81 -51.01 49.48
CA ILE TA 17 -66.17 -49.95 48.71
C ILE TA 17 -66.98 -49.73 47.45
N LYS TA 18 -67.50 -48.51 47.29
CA LYS TA 18 -68.28 -48.14 46.12
C LYS TA 18 -67.91 -46.74 45.69
N ILE TA 19 -67.54 -46.59 44.41
CA ILE TA 19 -67.24 -45.27 43.88
C ILE TA 19 -68.55 -44.52 43.66
N MET TA 20 -68.48 -43.19 43.69
CA MET TA 20 -69.65 -42.38 43.42
C MET TA 20 -69.24 -41.10 42.73
N ARG TA 21 -70.21 -40.49 42.06
CA ARG TA 21 -70.03 -39.23 41.36
C ARG TA 21 -70.89 -38.16 42.02
N LEU TA 22 -70.28 -37.07 42.43
CA LEU TA 22 -70.98 -36.01 43.14
C LEU TA 22 -71.64 -35.03 42.16
N VAL TA 23 -72.60 -34.27 42.67
CA VAL TA 23 -73.28 -33.27 41.84
C VAL TA 23 -72.29 -32.22 41.37
N THR TA 24 -71.22 -31.98 42.13
CA THR TA 24 -70.19 -31.06 41.69
C THR TA 24 -69.50 -31.55 40.42
N GLY TA 25 -69.31 -32.86 40.30
CA GLY TA 25 -68.69 -33.43 39.12
C GLY TA 25 -67.36 -34.10 39.41
N GLU TA 26 -67.23 -34.66 40.61
CA GLU TA 26 -65.99 -35.32 41.03
C GLU TA 26 -66.29 -36.75 41.45
N ASP TA 27 -65.24 -37.56 41.48
CA ASP TA 27 -65.33 -38.98 41.75
C ASP TA 27 -64.75 -39.28 43.13
N ILE TA 28 -65.56 -39.87 44.00
CA ILE TA 28 -65.19 -40.17 45.37
C ILE TA 28 -65.19 -41.68 45.56
N ILE TA 29 -64.09 -42.20 46.11
CA ILE TA 29 -63.96 -43.63 46.41
C ILE TA 29 -63.67 -43.79 47.90
N GLY TA 30 -64.37 -44.71 48.55
CA GLY TA 30 -64.15 -44.94 49.96
C GLY TA 30 -65.18 -45.89 50.52
N ASN TA 31 -65.07 -46.09 51.83
CA ASN TA 31 -66.00 -46.98 52.53
C ASN TA 31 -67.35 -46.30 52.68
N ILE TA 32 -68.41 -46.99 52.28
CA ILE TA 32 -69.75 -46.39 52.19
C ILE TA 32 -70.69 -47.15 53.11
N SER TA 33 -71.66 -46.42 53.66
CA SER TA 33 -72.71 -47.04 54.47
C SER TA 33 -74.00 -46.25 54.25
N GLU TA 34 -74.99 -46.89 53.65
CA GLU TA 34 -76.27 -46.26 53.34
C GLU TA 34 -77.32 -46.78 54.32
N SER TA 35 -77.66 -45.96 55.32
CA SER TA 35 -78.59 -46.36 56.37
C SER TA 35 -80.02 -45.91 56.10
N GLN TA 36 -80.24 -44.60 56.03
CA GLN TA 36 -81.59 -44.04 55.94
C GLN TA 36 -81.62 -42.93 54.89
N GLY TA 37 -81.08 -43.22 53.71
CA GLY TA 37 -80.96 -42.20 52.68
C GLY TA 37 -79.67 -41.44 52.80
N LEU TA 38 -79.51 -40.70 53.89
CA LEU TA 38 -78.23 -40.07 54.18
C LEU TA 38 -77.17 -41.14 54.38
N ILE TA 39 -76.00 -40.94 53.76
CA ILE TA 39 -74.96 -41.96 53.74
C ILE TA 39 -73.75 -41.47 54.50
N THR TA 40 -73.00 -42.44 55.02
CA THR TA 40 -71.78 -42.20 55.77
C THR TA 40 -70.59 -42.68 54.95
N ILE TA 41 -69.55 -41.86 54.88
CA ILE TA 41 -68.37 -42.11 54.06
C ILE TA 41 -67.15 -42.09 54.97
N LYS TA 42 -66.29 -43.09 54.82
CA LYS TA 42 -65.05 -43.20 55.57
C LYS TA 42 -63.87 -43.33 54.61
N LYS TA 43 -62.79 -42.61 54.92
CA LYS TA 43 -61.55 -42.65 54.13
C LYS TA 43 -61.81 -42.31 52.67
N ALA TA 44 -62.56 -41.22 52.46
CA ALA TA 44 -62.90 -40.80 51.11
C ALA TA 44 -61.68 -40.28 50.37
N PHE TA 45 -61.64 -40.53 49.06
CA PHE TA 45 -60.55 -40.09 48.21
C PHE TA 45 -61.12 -39.53 46.91
N VAL TA 46 -60.60 -38.38 46.49
CA VAL TA 46 -60.93 -37.82 45.18
C VAL TA 46 -60.03 -38.48 44.14
N ILE TA 47 -60.64 -38.98 43.07
CA ILE TA 47 -59.91 -39.61 41.98
C ILE TA 47 -59.69 -38.57 40.89
N ILE TA 48 -58.43 -38.25 40.61
CA ILE TA 48 -58.07 -37.25 39.61
C ILE TA 48 -57.76 -37.99 38.30
N PRO TA 49 -58.44 -37.69 37.20
CA PRO TA 49 -58.15 -38.37 35.93
C PRO TA 49 -56.80 -37.95 35.36
N MET TA 50 -55.82 -38.84 35.42
CA MET TA 50 -54.48 -38.54 34.92
C MET TA 50 -53.70 -39.83 34.68
N GLN TA 59 -52.43 -44.53 34.45
CA GLN TA 59 -52.44 -44.71 35.90
C GLN TA 59 -53.52 -43.86 36.56
N LEU TA 60 -53.61 -43.94 37.88
CA LEU TA 60 -54.60 -43.20 38.64
C LEU TA 60 -53.91 -42.41 39.75
N VAL TA 61 -54.50 -41.27 40.09
CA VAL TA 61 -54.02 -40.41 41.15
C VAL TA 61 -55.16 -40.17 42.14
N LEU TA 62 -54.87 -40.34 43.42
CA LEU TA 62 -55.85 -40.16 44.48
C LEU TA 62 -55.39 -39.04 45.40
N SER TA 63 -56.35 -38.27 45.90
CA SER TA 63 -56.09 -37.17 46.81
C SER TA 63 -57.07 -37.22 47.97
N PRO TA 64 -56.73 -36.65 49.11
CA PRO TA 64 -57.71 -36.58 50.21
C PRO TA 64 -58.91 -35.74 49.83
N TRP TA 65 -60.08 -36.14 50.33
CA TRP TA 65 -61.30 -35.42 50.01
C TRP TA 65 -61.51 -34.21 50.91
N GLN TA 66 -61.28 -34.37 52.21
CA GLN TA 66 -61.51 -33.33 53.20
C GLN TA 66 -60.23 -33.12 53.99
N PRO TA 67 -59.26 -32.41 53.42
CA PRO TA 67 -57.96 -32.23 54.09
C PRO TA 67 -57.96 -31.20 55.22
N TYR TA 68 -59.13 -30.75 55.67
CA TYR TA 68 -59.21 -29.77 56.76
C TYR TA 68 -59.90 -30.34 57.99
N THR TA 69 -60.26 -31.61 58.00
CA THR TA 69 -60.95 -32.22 59.12
C THR TA 69 -60.31 -33.54 59.50
N ASP TA 70 -60.40 -33.89 60.77
CA ASP TA 70 -59.88 -35.14 61.29
C ASP TA 70 -60.98 -36.15 61.58
N ASP TA 71 -62.23 -35.84 61.26
CA ASP TA 71 -63.32 -36.75 61.54
C ASP TA 71 -63.18 -38.02 60.70
N LYS TA 72 -63.41 -39.17 61.35
CA LYS TA 72 -63.30 -40.45 60.65
C LYS TA 72 -64.40 -40.61 59.62
N GLU TA 73 -65.63 -40.21 59.95
CA GLU TA 73 -66.78 -40.41 59.09
C GLU TA 73 -67.41 -39.07 58.72
N ILE TA 74 -67.91 -38.98 57.50
CA ILE TA 74 -68.59 -37.77 57.00
C ILE TA 74 -69.96 -38.18 56.50
N VAL TA 75 -70.99 -37.45 56.90
CA VAL TA 75 -72.36 -37.76 56.57
C VAL TA 75 -72.84 -36.80 55.49
N ILE TA 76 -73.31 -37.34 54.37
CA ILE TA 76 -73.86 -36.54 53.27
C ILE TA 76 -75.25 -37.07 52.94
N ASP TA 77 -75.92 -36.37 52.02
CA ASP TA 77 -77.29 -36.69 51.64
C ASP TA 77 -77.32 -37.34 50.27
N ASP TA 78 -78.16 -38.37 50.12
CA ASP TA 78 -78.27 -39.07 48.85
C ASP TA 78 -78.83 -38.19 47.74
N SER TA 79 -79.51 -37.09 48.09
CA SER TA 79 -80.02 -36.17 47.08
C SER TA 79 -78.90 -35.40 46.38
N GLU TA 80 -77.67 -35.49 46.87
CA GLU TA 80 -76.55 -34.73 46.32
C GLU TA 80 -75.50 -35.63 45.67
N VAL TA 81 -75.87 -36.88 45.35
CA VAL TA 81 -74.97 -37.81 44.68
C VAL TA 81 -75.67 -38.36 43.45
N ILE TA 82 -74.95 -38.41 42.33
CA ILE TA 82 -75.56 -38.82 41.07
C ILE TA 82 -75.59 -40.34 40.94
N THR TA 83 -74.41 -40.96 40.91
CA THR TA 83 -74.29 -42.39 40.67
C THR TA 83 -73.41 -43.03 41.74
N ILE TA 84 -73.82 -44.20 42.21
CA ILE TA 84 -73.05 -45.01 43.15
C ILE TA 84 -72.91 -46.40 42.56
N THR TA 85 -71.68 -46.80 42.26
CA THR TA 85 -71.43 -48.07 41.58
C THR TA 85 -70.16 -48.71 42.11
N SER TA 86 -70.11 -50.05 42.02
CA SER TA 86 -68.92 -50.78 42.45
C SER TA 86 -67.81 -50.65 41.42
N PRO TA 87 -66.56 -50.51 41.85
CA PRO TA 87 -65.46 -50.33 40.89
C PRO TA 87 -64.81 -51.64 40.47
N LYS TA 88 -63.87 -51.57 39.52
CA LYS TA 88 -63.14 -52.76 39.10
C LYS TA 88 -62.02 -53.07 40.09
N ASP TA 89 -61.36 -54.20 39.87
CA ASP TA 89 -60.42 -54.72 40.86
C ASP TA 89 -59.11 -53.94 40.88
N ASP TA 90 -58.67 -53.40 39.73
CA ASP TA 90 -57.42 -52.67 39.70
C ASP TA 90 -57.47 -51.43 40.61
N ILE TA 91 -58.57 -50.69 40.54
CA ILE TA 91 -58.71 -49.51 41.39
C ILE TA 91 -58.81 -49.93 42.85
N ILE TA 92 -59.43 -51.07 43.13
CA ILE TA 92 -59.50 -51.56 44.50
C ILE TA 92 -58.10 -51.83 45.03
N LYS TA 93 -57.26 -52.49 44.22
CA LYS TA 93 -55.89 -52.77 44.63
C LYS TA 93 -55.11 -51.49 44.87
N SER TA 94 -55.24 -50.53 43.96
CA SER TA 94 -54.52 -49.26 44.12
C SER TA 94 -54.98 -48.53 45.38
N TYR TA 95 -56.28 -48.52 45.63
CA TYR TA 95 -56.82 -47.84 46.82
C TYR TA 95 -56.32 -48.50 48.10
N GLU TA 96 -56.31 -49.83 48.13
CA GLU TA 96 -55.82 -50.52 49.32
C GLU TA 96 -54.33 -50.25 49.55
N SER TA 97 -53.55 -50.28 48.48
CA SER TA 97 -52.12 -50.00 48.60
C SER TA 97 -51.89 -48.59 49.13
N HIS TA 98 -52.60 -47.61 48.59
CA HIS TA 98 -52.42 -46.23 49.03
C HIS TA 98 -52.85 -46.06 50.49
N THR TA 99 -53.98 -46.67 50.87
CA THR TA 99 -54.48 -46.51 52.23
C THR TA 99 -53.65 -47.25 53.26
N ARG TA 100 -52.86 -48.25 52.85
CA ARG TA 100 -51.92 -48.82 53.82
C ARG TA 100 -50.60 -48.06 53.85
N VAL TA 101 -50.15 -47.52 52.72
CA VAL TA 101 -48.93 -46.73 52.71
C VAL TA 101 -49.09 -45.48 53.57
N LEU TA 102 -50.26 -44.83 53.49
CA LEU TA 102 -50.48 -43.64 54.32
C LEU TA 102 -50.39 -43.96 55.80
N GLU TA 103 -51.02 -45.06 56.22
CA GLU TA 103 -50.97 -45.46 57.63
C GLU TA 103 -49.54 -45.78 58.06
N ASN TA 104 -48.80 -46.49 57.22
CA ASN TA 104 -47.42 -46.83 57.55
C ASN TA 104 -46.59 -45.57 57.74
N LYS TA 105 -46.72 -44.61 56.83
CA LYS TA 105 -45.97 -43.37 56.95
C LYS TA 105 -46.38 -42.59 58.20
N GLN TA 106 -47.68 -42.59 58.53
CA GLN TA 106 -48.13 -41.92 59.74
C GLN TA 106 -47.49 -42.51 60.98
N VAL TA 107 -47.45 -43.84 61.06
CA VAL TA 107 -46.84 -44.50 62.22
C VAL TA 107 -45.34 -44.19 62.29
N GLU TA 108 -44.67 -44.21 61.13
CA GLU TA 108 -43.24 -43.89 61.12
C GLU TA 108 -42.98 -42.48 61.63
N GLU TA 109 -43.81 -41.53 61.21
CA GLU TA 109 -43.64 -40.15 61.68
C GLU TA 109 -43.93 -40.04 63.18
N ILE TA 110 -44.90 -40.81 63.68
CA ILE TA 110 -45.17 -40.79 65.12
C ILE TA 110 -43.94 -41.28 65.90
N LEU TA 111 -43.32 -42.36 65.43
CA LEU TA 111 -42.10 -42.84 66.09
C LEU TA 111 -40.99 -41.80 66.03
N ARG TA 112 -40.80 -41.16 64.87
CA ARG TA 112 -39.78 -40.13 64.76
C ARG TA 112 -40.01 -39.02 65.77
N LEU TA 113 -41.24 -38.52 65.85
CA LEU TA 113 -41.54 -37.43 66.77
C LEU TA 113 -41.31 -37.84 68.21
N GLU TA 114 -41.74 -39.05 68.58
CA GLU TA 114 -41.55 -39.48 69.97
C GLU TA 114 -40.06 -39.58 70.31
N LYS TA 115 -39.25 -40.13 69.40
CA LYS TA 115 -37.82 -40.25 69.67
C LYS TA 115 -37.19 -38.87 69.82
N GLU TA 116 -37.54 -37.93 68.93
CA GLU TA 116 -36.98 -36.59 69.01
C GLU TA 116 -37.37 -35.91 70.32
N ILE TA 117 -38.63 -36.07 70.74
CA ILE TA 117 -39.09 -35.47 71.98
C ILE TA 117 -38.32 -36.05 73.17
N GLU TA 118 -38.14 -37.37 73.19
CA GLU TA 118 -37.41 -37.98 74.30
C GLU TA 118 -35.97 -37.48 74.35
N ASP TA 119 -35.30 -37.41 73.20
CA ASP TA 119 -33.92 -36.95 73.18
C ASP TA 119 -33.82 -35.51 73.66
N LEU TA 120 -34.72 -34.64 73.17
CA LEU TA 120 -34.68 -33.25 73.57
C LEU TA 120 -34.94 -33.09 75.07
N GLN TA 121 -35.90 -33.86 75.60
CA GLN TA 121 -36.20 -33.77 77.02
C GLN TA 121 -35.01 -34.21 77.87
N ARG TA 122 -34.35 -35.30 77.47
CA ARG TA 122 -33.19 -35.77 78.20
C ARG TA 122 -32.06 -34.75 78.18
N MET TA 123 -31.80 -34.16 77.01
CA MET TA 123 -30.72 -33.18 76.91
C MET TA 123 -31.03 -31.94 77.74
N LYS TA 124 -32.29 -31.48 77.71
CA LYS TA 124 -32.67 -30.33 78.52
C LYS TA 124 -32.54 -30.64 80.01
N GLU TA 125 -32.90 -31.87 80.41
CA GLU TA 125 -32.77 -32.24 81.81
C GLU TA 125 -31.30 -32.18 82.26
N GLN TA 126 -30.40 -32.75 81.45
CA GLN TA 126 -28.99 -32.70 81.82
C GLN TA 126 -28.47 -31.27 81.83
N GLN TA 127 -28.91 -30.45 80.89
CA GLN TA 127 -28.46 -29.06 80.88
C GLN TA 127 -28.94 -28.31 82.12
N GLU TA 128 -30.19 -28.53 82.52
CA GLU TA 128 -30.74 -27.86 83.70
C GLU TA 128 -30.14 -28.37 84.99
N LEU TA 129 -29.64 -29.63 85.01
CA LEU TA 129 -29.09 -30.17 86.24
C LEU TA 129 -27.95 -29.32 86.78
N SER TA 130 -27.08 -28.83 85.91
CA SER TA 130 -25.94 -28.01 86.33
C SER TA 130 -26.39 -26.56 86.41
N LEU TA 131 -26.80 -26.15 87.61
CA LEU TA 131 -27.27 -24.78 87.81
C LEU TA 131 -27.10 -24.41 89.28
N THR TA 132 -27.11 -23.11 89.54
CA THR TA 132 -26.93 -22.58 90.89
C THR TA 132 -28.28 -22.23 91.51
N GLU TA 133 -28.25 -21.95 92.81
CA GLU TA 133 -29.48 -21.70 93.56
C GLU TA 133 -30.15 -20.40 93.10
N ALA TA 134 -29.37 -19.32 93.01
CA ALA TA 134 -29.93 -18.05 92.55
C ALA TA 134 -30.41 -18.17 91.10
N SER TA 135 -29.66 -18.88 90.27
CA SER TA 135 -30.10 -19.11 88.90
C SER TA 135 -31.39 -19.92 88.87
N LEU TA 136 -31.52 -20.91 89.76
CA LEU TA 136 -32.75 -21.68 89.84
C LEU TA 136 -33.93 -20.81 90.25
N GLN TA 137 -33.70 -19.90 91.21
CA GLN TA 137 -34.77 -18.99 91.62
C GLN TA 137 -35.19 -18.06 90.48
N LYS TA 138 -34.21 -17.53 89.73
CA LYS TA 138 -34.55 -16.70 88.58
C LYS TA 138 -35.30 -17.50 87.52
N LEU TA 139 -34.89 -18.76 87.32
CA LEU TA 139 -35.60 -19.64 86.40
C LEU TA 139 -37.05 -19.80 86.80
N GLN TA 140 -37.30 -20.09 88.08
CA GLN TA 140 -38.66 -20.26 88.55
C GLN TA 140 -39.47 -18.98 88.40
N GLU TA 141 -38.87 -17.84 88.74
CA GLU TA 141 -39.58 -16.57 88.64
C GLU TA 141 -39.97 -16.26 87.19
N ARG TA 142 -39.03 -16.44 86.26
CA ARG TA 142 -39.33 -16.13 84.86
C ARG TA 142 -40.30 -17.14 84.27
N ARG TA 143 -40.25 -18.40 84.70
CA ARG TA 143 -41.24 -19.38 84.26
C ARG TA 143 -42.62 -19.01 84.77
N ASP TA 144 -42.71 -18.53 86.01
CA ASP TA 144 -43.99 -18.06 86.54
C ASP TA 144 -44.51 -16.88 85.74
N GLN TA 145 -43.63 -15.94 85.41
CA GLN TA 145 -44.00 -14.81 84.56
C GLN TA 145 -44.41 -15.28 83.17
N LYS UA 15 -97.08 22.68 -24.79
CA LYS UA 15 -95.64 22.54 -24.63
C LYS UA 15 -94.89 23.29 -25.73
N ASN UA 16 -93.83 24.01 -25.35
CA ASN UA 16 -93.08 24.81 -26.31
C ASN UA 16 -91.68 25.00 -25.76
N ILE UA 17 -90.69 24.33 -26.37
CA ILE UA 17 -89.30 24.40 -25.95
C ILE UA 17 -88.55 25.27 -26.95
N LYS UA 18 -88.00 26.38 -26.48
CA LYS UA 18 -87.24 27.30 -27.32
C LYS UA 18 -86.02 27.78 -26.55
N ILE UA 19 -84.85 27.60 -27.16
CA ILE UA 19 -83.62 28.12 -26.54
C ILE UA 19 -83.57 29.63 -26.71
N MET UA 20 -82.87 30.30 -25.82
CA MET UA 20 -82.70 31.74 -25.93
C MET UA 20 -81.34 32.14 -25.40
N ARG UA 21 -80.88 33.31 -25.84
CA ARG UA 21 -79.62 33.90 -25.41
C ARG UA 21 -79.91 35.18 -24.63
N LEU UA 22 -79.38 35.25 -23.42
CA LEU UA 22 -79.63 36.39 -22.55
C LEU UA 22 -78.62 37.51 -22.82
N VAL UA 23 -78.99 38.72 -22.37
CA VAL UA 23 -78.11 39.87 -22.53
C VAL UA 23 -76.80 39.66 -21.79
N THR UA 24 -76.83 38.86 -20.71
CA THR UA 24 -75.60 38.53 -20.00
C THR UA 24 -74.65 37.75 -20.89
N GLY UA 25 -75.17 36.86 -21.74
CA GLY UA 25 -74.35 36.09 -22.64
C GLY UA 25 -74.39 34.61 -22.36
N GLU UA 26 -75.54 34.12 -21.87
CA GLU UA 26 -75.72 32.72 -21.53
C GLU UA 26 -76.91 32.15 -22.28
N ASP UA 27 -76.94 30.83 -22.38
CA ASP UA 27 -77.95 30.11 -23.16
C ASP UA 27 -78.90 29.39 -22.21
N ILE UA 28 -80.19 29.69 -22.34
CA ILE UA 28 -81.23 29.16 -21.48
C ILE UA 28 -82.17 28.32 -22.32
N ILE UA 29 -82.43 27.10 -21.86
CA ILE UA 29 -83.37 26.19 -22.53
C ILE UA 29 -84.45 25.78 -21.54
N GLY UA 30 -85.70 25.84 -21.98
CA GLY UA 30 -86.79 25.46 -21.10
C GLY UA 30 -88.13 25.76 -21.74
N ASN UA 31 -89.18 25.50 -20.98
CA ASN UA 31 -90.54 25.76 -21.45
C ASN UA 31 -90.82 27.25 -21.44
N ILE UA 32 -91.30 27.77 -22.57
CA ILE UA 32 -91.44 29.21 -22.77
C ILE UA 32 -92.91 29.54 -23.02
N SER UA 33 -93.33 30.72 -22.56
CA SER UA 33 -94.67 31.22 -22.85
C SER UA 33 -94.60 32.73 -22.99
N GLU UA 34 -94.87 33.23 -24.19
CA GLU UA 34 -94.80 34.66 -24.49
C GLU UA 34 -96.23 35.20 -24.59
N SER UA 35 -96.68 35.89 -23.53
CA SER UA 35 -98.05 36.39 -23.46
C SER UA 35 -98.16 37.84 -23.91
N GLN UA 36 -97.51 38.76 -23.20
CA GLN UA 36 -97.67 40.20 -23.44
C GLN UA 36 -96.31 40.88 -23.43
N GLY UA 37 -95.36 40.32 -24.17
CA GLY UA 37 -94.01 40.83 -24.16
C GLY UA 37 -93.18 40.17 -23.08
N LEU UA 38 -93.55 40.40 -21.82
CA LEU UA 38 -92.93 39.67 -20.73
C LEU UA 38 -93.22 38.19 -20.87
N ILE UA 39 -92.20 37.36 -20.68
CA ILE UA 39 -92.31 35.93 -20.96
C ILE UA 39 -92.15 35.15 -19.66
N THR UA 40 -92.75 33.97 -19.64
CA THR UA 40 -92.71 33.06 -18.51
C THR UA 40 -91.88 31.84 -18.90
N ILE UA 41 -90.98 31.44 -18.00
CA ILE UA 41 -90.05 30.35 -18.25
C ILE UA 41 -90.23 29.31 -17.16
N LYS UA 42 -90.31 28.04 -17.56
CA LYS UA 42 -90.45 26.92 -16.65
C LYS UA 42 -89.34 25.91 -16.90
N LYS UA 43 -88.75 25.40 -15.82
CA LYS UA 43 -87.70 24.38 -15.87
C LYS UA 43 -86.52 24.86 -16.71
N ALA UA 44 -86.08 26.08 -16.46
CA ALA UA 44 -84.98 26.66 -17.21
C ALA UA 44 -83.67 25.96 -16.88
N PHE UA 45 -82.80 25.85 -17.88
CA PHE UA 45 -81.49 25.23 -17.74
C PHE UA 45 -80.45 26.07 -18.47
N VAL UA 46 -79.32 26.29 -17.80
CA VAL UA 46 -78.17 26.93 -18.42
C VAL UA 46 -77.38 25.87 -19.18
N ILE UA 47 -77.09 26.14 -20.44
CA ILE UA 47 -76.30 25.23 -21.28
C ILE UA 47 -74.85 25.69 -21.23
N ILE UA 48 -73.98 24.82 -20.73
CA ILE UA 48 -72.55 25.12 -20.61
C ILE UA 48 -71.85 24.52 -21.82
N PRO UA 49 -71.12 25.30 -22.62
CA PRO UA 49 -70.43 24.73 -23.77
C PRO UA 49 -69.23 23.88 -23.36
N MET UA 50 -69.36 22.56 -23.50
CA MET UA 50 -68.31 21.64 -23.12
C MET UA 50 -68.50 20.29 -23.80
N GLN UA 59 -70.32 16.64 -26.46
CA GLN UA 59 -71.51 16.47 -25.63
C GLN UA 59 -71.98 17.82 -25.07
N LEU UA 60 -73.05 17.78 -24.29
CA LEU UA 60 -73.61 18.98 -23.69
C LEU UA 60 -73.76 18.80 -22.20
N VAL UA 61 -73.64 19.92 -21.47
CA VAL UA 61 -73.79 19.93 -20.02
C VAL UA 61 -74.86 20.96 -19.68
N LEU UA 62 -75.79 20.57 -18.82
CA LEU UA 62 -76.88 21.44 -18.39
C LEU UA 62 -76.80 21.65 -16.89
N SER UA 63 -77.15 22.85 -16.44
CA SER UA 63 -77.15 23.19 -15.03
C SER UA 63 -78.43 23.94 -14.70
N PRO UA 64 -78.85 23.92 -13.43
CA PRO UA 64 -80.03 24.72 -13.04
C PRO UA 64 -79.76 26.20 -13.23
N TRP UA 65 -80.81 26.93 -13.62
CA TRP UA 65 -80.66 28.36 -13.85
C TRP UA 65 -80.79 29.16 -12.56
N GLN UA 66 -81.76 28.81 -11.71
CA GLN UA 66 -82.04 29.55 -10.48
C GLN UA 66 -82.02 28.56 -9.32
N PRO UA 67 -80.83 28.17 -8.85
CA PRO UA 67 -80.73 27.17 -7.80
C PRO UA 67 -81.04 27.68 -6.40
N TYR UA 68 -81.59 28.88 -6.26
CA TYR UA 68 -81.93 29.44 -4.95
C TYR UA 68 -83.42 29.65 -4.77
N THR UA 69 -84.25 29.24 -5.73
CA THR UA 69 -85.68 29.44 -5.65
C THR UA 69 -86.41 28.15 -6.00
N ASP UA 70 -87.59 27.98 -5.41
CA ASP UA 70 -88.43 26.82 -5.68
C ASP UA 70 -89.63 27.16 -6.56
N ASP UA 71 -89.71 28.39 -7.07
CA ASP UA 71 -90.82 28.79 -7.91
C ASP UA 71 -90.82 28.00 -9.21
N LYS UA 72 -92.00 27.53 -9.62
CA LYS UA 72 -92.11 26.77 -10.85
C LYS UA 72 -91.86 27.64 -12.07
N GLU UA 73 -92.38 28.86 -12.08
CA GLU UA 73 -92.29 29.75 -13.22
C GLU UA 73 -91.54 31.02 -12.85
N ILE UA 74 -90.77 31.55 -13.80
CA ILE UA 74 -90.04 32.80 -13.61
C ILE UA 74 -90.42 33.74 -14.75
N VAL UA 75 -90.73 34.99 -14.40
CA VAL UA 75 -91.18 35.97 -15.37
C VAL UA 75 -90.05 36.95 -15.65
N ILE UA 76 -89.69 37.09 -16.92
CA ILE UA 76 -88.67 38.04 -17.34
C ILE UA 76 -89.23 38.91 -18.45
N ASP UA 77 -88.44 39.90 -18.87
CA ASP UA 77 -88.86 40.88 -19.86
C ASP UA 77 -88.18 40.60 -21.19
N ASP UA 78 -88.95 40.74 -22.28
CA ASP UA 78 -88.40 40.50 -23.61
C ASP UA 78 -87.33 41.50 -24.00
N SER UA 79 -87.27 42.65 -23.32
CA SER UA 79 -86.23 43.63 -23.60
C SER UA 79 -84.85 43.17 -23.13
N GLU UA 80 -84.78 42.07 -22.38
CA GLU UA 80 -83.53 41.58 -21.81
C GLU UA 80 -83.11 40.24 -22.41
N VAL UA 81 -83.67 39.87 -23.56
CA VAL UA 81 -83.31 38.64 -24.26
C VAL UA 81 -82.95 38.98 -25.69
N ILE UA 82 -81.85 38.39 -26.18
CA ILE UA 82 -81.37 38.73 -27.51
C ILE UA 82 -82.09 37.92 -28.58
N THR UA 83 -81.92 36.60 -28.55
CA THR UA 83 -82.46 35.71 -29.57
C THR UA 83 -83.25 34.58 -28.92
N ILE UA 84 -84.38 34.26 -29.53
CA ILE UA 84 -85.22 33.13 -29.13
C ILE UA 84 -85.46 32.26 -30.35
N THR UA 85 -84.96 31.03 -30.33
CA THR UA 85 -85.04 30.16 -31.49
C THR UA 85 -85.27 28.72 -31.07
N SER UA 86 -85.88 27.94 -31.95
CA SER UA 86 -86.13 26.53 -31.68
C SER UA 86 -84.84 25.73 -31.85
N PRO UA 87 -84.60 24.73 -30.98
CA PRO UA 87 -83.36 23.97 -31.06
C PRO UA 87 -83.48 22.73 -31.93
N LYS UA 88 -82.37 22.02 -32.13
CA LYS UA 88 -82.39 20.78 -32.88
C LYS UA 88 -82.85 19.63 -31.99
N ASP UA 89 -83.03 18.46 -32.62
CA ASP UA 89 -83.68 17.35 -31.92
C ASP UA 89 -82.76 16.69 -30.89
N ASP UA 90 -81.45 16.68 -31.13
CA ASP UA 90 -80.53 16.04 -30.19
C ASP UA 90 -80.58 16.72 -28.83
N ILE UA 91 -80.57 18.05 -28.82
CA ILE UA 91 -80.65 18.78 -27.56
C ILE UA 91 -82.00 18.57 -26.90
N ILE UA 92 -83.06 18.45 -27.70
CA ILE UA 92 -84.38 18.16 -27.14
C ILE UA 92 -84.37 16.82 -26.41
N LYS UA 93 -83.78 15.80 -27.04
CA LYS UA 93 -83.70 14.49 -26.42
C LYS UA 93 -82.89 14.55 -25.12
N SER UA 94 -81.75 15.22 -25.16
CA SER UA 94 -80.92 15.32 -23.95
C SER UA 94 -81.65 16.05 -22.83
N TYR UA 95 -82.35 17.13 -23.18
CA TYR UA 95 -83.09 17.89 -22.18
C TYR UA 95 -84.21 17.06 -21.56
N GLU UA 96 -84.95 16.31 -22.38
CA GLU UA 96 -86.00 15.47 -21.85
C GLU UA 96 -85.44 14.37 -20.95
N SER UA 97 -84.34 13.75 -21.36
CA SER UA 97 -83.73 12.71 -20.54
C SER UA 97 -83.29 13.28 -19.18
N HIS UA 98 -82.65 14.44 -19.20
CA HIS UA 98 -82.18 15.04 -17.95
C HIS UA 98 -83.35 15.42 -17.06
N THR UA 99 -84.40 15.99 -17.63
CA THR UA 99 -85.53 16.44 -16.84
C THR UA 99 -86.38 15.29 -16.31
N ARG UA 100 -86.29 14.11 -16.91
CA ARG UA 100 -86.94 12.97 -16.27
C ARG UA 100 -86.05 12.29 -15.23
N VAL UA 101 -84.73 12.26 -15.47
CA VAL UA 101 -83.83 11.69 -14.47
C VAL UA 101 -83.88 12.48 -13.17
N LEU UA 102 -83.93 13.81 -13.26
CA LEU UA 102 -84.00 14.61 -12.05
C LEU UA 102 -85.26 14.30 -11.24
N GLU UA 103 -86.41 14.19 -11.92
CA GLU UA 103 -87.65 13.87 -11.22
C GLU UA 103 -87.59 12.48 -10.59
N ASN UA 104 -87.03 11.51 -11.31
CA ASN UA 104 -86.92 10.15 -10.77
C ASN UA 104 -86.07 10.15 -9.50
N LYS UA 105 -84.93 10.85 -9.54
CA LYS UA 105 -84.07 10.90 -8.36
C LYS UA 105 -84.75 11.62 -7.21
N GLN UA 106 -85.51 12.67 -7.50
CA GLN UA 106 -86.25 13.37 -6.45
C GLN UA 106 -87.24 12.45 -5.77
N VAL UA 107 -87.99 11.67 -6.55
CA VAL UA 107 -88.97 10.76 -5.96
C VAL UA 107 -88.26 9.68 -5.14
N GLU UA 108 -87.15 9.16 -5.64
CA GLU UA 108 -86.40 8.15 -4.88
C GLU UA 108 -85.93 8.70 -3.54
N GLU UA 109 -85.43 9.94 -3.53
CA GLU UA 109 -85.00 10.54 -2.27
C GLU UA 109 -86.18 10.77 -1.33
N ILE UA 110 -87.34 11.13 -1.87
CA ILE UA 110 -88.53 11.29 -1.02
C ILE UA 110 -88.88 9.97 -0.33
N LEU UA 111 -88.86 8.87 -1.10
CA LEU UA 111 -89.13 7.57 -0.50
C LEU UA 111 -88.10 7.22 0.57
N ARG UA 112 -86.81 7.46 0.29
CA ARG UA 112 -85.78 7.19 1.28
C ARG UA 112 -86.03 7.95 2.58
N LEU UA 113 -86.32 9.25 2.46
CA LEU UA 113 -86.55 10.07 3.65
C LEU UA 113 -87.76 9.58 4.43
N GLU UA 114 -88.85 9.25 3.73
CA GLU UA 114 -90.04 8.78 4.43
C GLU UA 114 -89.77 7.48 5.17
N LYS UA 115 -89.07 6.55 4.54
CA LYS UA 115 -88.76 5.29 5.21
C LYS UA 115 -87.89 5.50 6.44
N GLU UA 116 -86.86 6.36 6.31
CA GLU UA 116 -85.99 6.63 7.46
C GLU UA 116 -86.77 7.27 8.59
N ILE UA 117 -87.66 8.21 8.27
CA ILE UA 117 -88.46 8.87 9.31
C ILE UA 117 -89.36 7.87 10.02
N GLU UA 118 -90.00 6.98 9.25
CA GLU UA 118 -90.87 5.98 9.87
C GLU UA 118 -90.09 5.06 10.79
N ASP UA 119 -88.93 4.59 10.34
CA ASP UA 119 -88.12 3.70 11.17
C ASP UA 119 -87.67 4.40 12.45
N LEU UA 120 -87.20 5.64 12.34
CA LEU UA 120 -86.75 6.37 13.51
C LEU UA 120 -87.89 6.61 14.49
N GLN UA 121 -89.07 6.95 13.97
CA GLN UA 121 -90.22 7.19 14.85
C GLN UA 121 -90.61 5.91 15.58
N ARG UA 122 -90.63 4.78 14.87
CA ARG UA 122 -90.99 3.52 15.52
C ARG UA 122 -89.98 3.15 16.61
N MET UA 123 -88.68 3.31 16.31
CA MET UA 123 -87.67 2.96 17.30
C MET UA 123 -87.75 3.88 18.51
N LYS UA 124 -87.97 5.17 18.30
CA LYS UA 124 -88.13 6.08 19.42
C LYS UA 124 -89.36 5.73 20.25
N GLU UA 125 -90.45 5.34 19.60
CA GLU UA 125 -91.65 4.96 20.33
C GLU UA 125 -91.38 3.76 21.23
N GLN UA 126 -90.73 2.73 20.68
CA GLN UA 126 -90.42 1.56 21.52
C GLN UA 126 -89.46 1.92 22.66
N GLN UA 127 -88.48 2.79 22.39
CA GLN UA 127 -87.57 3.19 23.45
C GLN UA 127 -88.28 3.96 24.56
N GLU UA 128 -89.21 4.84 24.19
CA GLU UA 128 -89.94 5.62 25.17
C GLU UA 128 -90.95 4.77 25.94
N LEU UA 129 -91.43 3.67 25.34
CA LEU UA 129 -92.44 2.85 26.01
C LEU UA 129 -91.95 2.35 27.37
N SER UA 130 -90.68 1.94 27.45
CA SER UA 130 -90.12 1.42 28.70
C SER UA 130 -89.59 2.60 29.51
N LEU UA 131 -90.43 3.12 30.40
CA LEU UA 131 -90.04 4.26 31.22
C LEU UA 131 -90.87 4.24 32.50
N THR UA 132 -90.39 4.97 33.50
CA THR UA 132 -91.05 5.06 34.81
C THR UA 132 -91.87 6.34 34.91
N GLU UA 133 -92.69 6.41 35.96
CA GLU UA 133 -93.59 7.54 36.12
C GLU UA 133 -92.82 8.83 36.39
N ALA UA 134 -91.88 8.79 37.33
CA ALA UA 134 -91.08 9.98 37.62
C ALA UA 134 -90.25 10.38 36.41
N SER UA 135 -89.69 9.40 35.69
CA SER UA 135 -88.97 9.70 34.47
C SER UA 135 -89.88 10.33 33.43
N LEU UA 136 -91.12 9.85 33.33
CA LEU UA 136 -92.08 10.44 32.40
C LEU UA 136 -92.38 11.88 32.77
N GLN UA 137 -92.53 12.16 34.07
CA GLN UA 137 -92.78 13.53 34.51
C GLN UA 137 -91.60 14.43 34.19
N LYS UA 138 -90.38 13.96 34.43
CA LYS UA 138 -89.20 14.74 34.07
C LYS UA 138 -89.12 14.97 32.56
N LEU UA 139 -89.47 13.95 31.78
CA LEU UA 139 -89.53 14.09 30.33
C LEU UA 139 -90.49 15.20 29.93
N GLN UA 140 -91.70 15.17 30.49
CA GLN UA 140 -92.69 16.20 30.15
C GLN UA 140 -92.21 17.59 30.56
N GLU UA 141 -91.63 17.70 31.75
CA GLU UA 141 -91.15 19.01 32.21
C GLU UA 141 -90.06 19.56 31.31
N ARG UA 142 -89.08 18.72 30.95
CA ARG UA 142 -87.99 19.20 30.11
C ARG UA 142 -88.46 19.49 28.69
N ARG UA 143 -89.43 18.71 28.19
CA ARG UA 143 -90.01 19.02 26.88
C ARG UA 143 -90.73 20.35 26.91
N ASP UA 144 -91.45 20.64 28.00
CA ASP UA 144 -92.10 21.94 28.14
C ASP UA 144 -91.07 23.06 28.18
N GLN UA 145 -89.98 22.86 28.91
CA GLN UA 145 -88.89 23.84 28.93
C GLN UA 145 -88.26 23.98 27.55
N LYS VA 15 -8.44 94.16 -39.93
CA LYS VA 15 -8.05 92.89 -39.33
C LYS VA 15 -6.54 92.75 -39.29
N ASN VA 16 -6.01 92.27 -38.16
CA ASN VA 16 -4.57 92.16 -37.99
C ASN VA 16 -4.30 91.09 -36.95
N ILE VA 17 -3.80 89.94 -37.38
CA ILE VA 17 -3.51 88.81 -36.49
C ILE VA 17 -2.01 88.73 -36.31
N LYS VA 18 -1.55 88.89 -35.06
CA LYS VA 18 -0.13 88.82 -34.75
C LYS VA 18 0.05 88.05 -33.44
N ILE VA 19 0.89 87.02 -33.48
CA ILE VA 19 1.19 86.28 -32.27
C ILE VA 19 2.14 87.10 -31.41
N MET VA 20 2.11 86.86 -30.10
CA MET VA 20 3.02 87.55 -29.20
C MET VA 20 3.38 86.63 -28.05
N ARG VA 21 4.51 86.94 -27.42
CA ARG VA 21 5.01 86.22 -26.26
C ARG VA 21 4.99 87.13 -25.05
N LEU VA 22 4.33 86.68 -23.98
CA LEU VA 22 4.18 87.50 -22.79
C LEU VA 22 5.37 87.33 -21.85
N VAL VA 23 5.53 88.29 -20.94
CA VAL VA 23 6.62 88.22 -19.97
C VAL VA 23 6.48 87.00 -19.08
N THR VA 24 5.25 86.52 -18.89
CA THR VA 24 5.04 85.28 -18.13
C THR VA 24 5.69 84.09 -18.84
N GLY VA 25 5.64 84.07 -20.17
CA GLY VA 25 6.24 82.99 -20.92
C GLY VA 25 5.23 82.18 -21.70
N GLU VA 26 4.15 82.81 -22.15
CA GLU VA 26 3.09 82.15 -22.88
C GLU VA 26 2.87 82.85 -24.21
N ASP VA 27 2.23 82.12 -25.13
CA ASP VA 27 2.02 82.58 -26.50
C ASP VA 27 0.55 82.90 -26.71
N ILE VA 28 0.28 84.14 -27.11
CA ILE VA 28 -1.07 84.65 -27.29
C ILE VA 28 -1.27 84.99 -28.76
N ILE VA 29 -2.35 84.49 -29.34
CA ILE VA 29 -2.71 84.77 -30.73
C ILE VA 29 -4.10 85.38 -30.76
N GLY VA 30 -4.26 86.46 -31.52
CA GLY VA 30 -5.55 87.10 -31.62
C GLY VA 30 -5.46 88.40 -32.38
N ASN VA 31 -6.60 89.09 -32.46
CA ASN VA 31 -6.67 90.36 -33.16
C ASN VA 31 -6.01 91.45 -32.31
N ILE VA 32 -5.08 92.20 -32.92
CA ILE VA 32 -4.24 93.14 -32.19
C ILE VA 32 -4.47 94.54 -32.73
N SER VA 33 -4.37 95.53 -31.85
CA SER VA 33 -4.44 96.93 -32.26
C SER VA 33 -3.51 97.74 -31.37
N GLU VA 34 -2.46 98.30 -31.95
CA GLU VA 34 -1.46 99.09 -31.22
C GLU VA 34 -1.69 100.55 -31.51
N SER VA 35 -2.29 101.26 -30.55
CA SER VA 35 -2.64 102.67 -30.74
C SER VA 35 -1.60 103.62 -30.15
N GLN VA 36 -1.37 103.57 -28.84
CA GLN VA 36 -0.52 104.53 -28.16
C GLN VA 36 0.39 103.79 -27.16
N GLY VA 37 1.04 102.74 -27.63
CA GLY VA 37 1.85 101.92 -26.77
C GLY VA 37 1.03 100.81 -26.14
N LEU VA 38 0.06 101.17 -25.31
CA LEU VA 38 -0.89 100.19 -24.79
C LEU VA 38 -1.68 99.61 -25.95
N ILE VA 39 -1.83 98.28 -25.95
CA ILE VA 39 -2.42 97.58 -27.07
C ILE VA 39 -3.73 96.94 -26.65
N THR VA 40 -4.61 96.76 -27.63
CA THR VA 40 -5.92 96.15 -27.45
C THR VA 40 -5.93 94.80 -28.13
N ILE VA 41 -6.46 93.79 -27.44
CA ILE VA 41 -6.45 92.42 -27.92
C ILE VA 41 -7.89 91.92 -27.94
N LYS VA 42 -8.28 91.28 -29.03
CA LYS VA 42 -9.61 90.72 -29.19
C LYS VA 42 -9.50 89.24 -29.56
N LYS VA 43 -10.34 88.42 -28.93
CA LYS VA 43 -10.40 86.98 -29.20
C LYS VA 43 -9.04 86.31 -28.98
N ALA VA 44 -8.41 86.64 -27.86
CA ALA VA 44 -7.10 86.10 -27.55
C ALA VA 44 -7.18 84.61 -27.25
N PHE VA 45 -6.13 83.89 -27.64
CA PHE VA 45 -6.03 82.45 -27.41
C PHE VA 45 -4.62 82.10 -26.95
N VAL VA 46 -4.54 81.28 -25.91
CA VAL VA 46 -3.27 80.72 -25.47
C VAL VA 46 -2.95 79.51 -26.32
N ILE VA 47 -1.74 79.48 -26.88
CA ILE VA 47 -1.27 78.37 -27.70
C ILE VA 47 -0.47 77.43 -26.81
N ILE VA 48 -0.94 76.20 -26.66
CA ILE VA 48 -0.30 75.19 -25.82
C ILE VA 48 0.57 74.32 -26.73
N PRO VA 49 1.88 74.21 -26.47
CA PRO VA 49 2.73 73.38 -27.32
C PRO VA 49 2.45 71.89 -27.11
N MET VA 50 1.82 71.26 -28.09
CA MET VA 50 1.48 69.84 -28.01
C MET VA 50 1.20 69.27 -29.39
N GLN VA 59 0.54 68.82 -34.20
CA GLN VA 59 -0.66 69.67 -34.22
C GLN VA 59 -0.56 70.78 -33.19
N LEU VA 60 -1.60 71.61 -33.12
CA LEU VA 60 -1.64 72.73 -32.19
C LEU VA 60 -2.92 72.66 -31.36
N VAL VA 61 -2.83 73.17 -30.14
CA VAL VA 61 -3.96 73.23 -29.22
C VAL VA 61 -4.11 74.68 -28.76
N LEU VA 62 -5.34 75.18 -28.81
CA LEU VA 62 -5.65 76.55 -28.41
C LEU VA 62 -6.63 76.52 -27.26
N SER VA 63 -6.48 77.47 -26.33
CA SER VA 63 -7.35 77.60 -25.18
C SER VA 63 -7.73 79.06 -25.00
N PRO VA 64 -8.87 79.33 -24.35
CA PRO VA 64 -9.22 80.73 -24.05
C PRO VA 64 -8.19 81.36 -23.13
N TRP VA 65 -7.95 82.65 -23.34
CA TRP VA 65 -6.96 83.36 -22.53
C TRP VA 65 -7.56 83.85 -21.21
N GLN VA 66 -8.76 84.40 -21.26
CA GLN VA 66 -9.42 84.99 -20.09
C GLN VA 66 -10.79 84.36 -19.95
N PRO VA 67 -10.86 83.14 -19.41
CA PRO VA 67 -12.14 82.43 -19.30
C PRO VA 67 -13.04 82.90 -18.16
N TYR VA 68 -12.73 84.04 -17.54
CA TYR VA 68 -13.56 84.56 -16.45
C TYR VA 68 -14.19 85.91 -16.79
N THR VA 69 -14.02 86.39 -18.02
CA THR VA 69 -14.57 87.69 -18.42
C THR VA 69 -15.27 87.57 -19.75
N ASP VA 70 -16.29 88.41 -19.95
CA ASP VA 70 -17.04 88.46 -21.20
C ASP VA 70 -16.68 89.69 -22.03
N ASP VA 71 -15.69 90.47 -21.61
CA ASP VA 71 -15.32 91.66 -22.37
C ASP VA 71 -14.75 91.26 -23.73
N LYS VA 72 -15.18 92.00 -24.77
CA LYS VA 72 -14.70 91.70 -26.12
C LYS VA 72 -13.23 92.05 -26.27
N GLU VA 73 -12.80 93.18 -25.70
CA GLU VA 73 -11.44 93.66 -25.87
C GLU VA 73 -10.74 93.76 -24.51
N ILE VA 74 -9.45 93.47 -24.49
CA ILE VA 74 -8.63 93.56 -23.29
C ILE VA 74 -7.44 94.46 -23.59
N VAL VA 75 -7.17 95.41 -22.71
CA VAL VA 75 -6.12 96.40 -22.91
C VAL VA 75 -4.94 96.04 -22.02
N ILE VA 76 -3.76 95.88 -22.63
CA ILE VA 76 -2.53 95.60 -21.88
C ILE VA 76 -1.47 96.61 -22.29
N ASP VA 77 -0.33 96.55 -21.64
CA ASP VA 77 0.76 97.50 -21.84
C ASP VA 77 1.89 96.85 -22.62
N ASP VA 78 2.46 97.61 -23.56
CA ASP VA 78 3.55 97.09 -24.38
C ASP VA 78 4.81 96.81 -23.57
N SER VA 79 4.93 97.37 -22.37
CA SER VA 79 6.07 97.09 -21.52
C SER VA 79 6.04 95.67 -20.95
N GLU VA 80 4.93 94.95 -21.12
CA GLU VA 80 4.76 93.62 -20.57
C GLU VA 80 4.68 92.54 -21.63
N VAL VA 81 5.11 92.84 -22.86
CA VAL VA 81 5.13 91.88 -23.95
C VAL VA 81 6.53 91.86 -24.55
N ILE VA 82 7.03 90.65 -24.81
CA ILE VA 82 8.41 90.50 -25.28
C ILE VA 82 8.49 90.68 -26.79
N THR VA 83 7.83 89.80 -27.54
CA THR VA 83 7.92 89.79 -28.99
C THR VA 83 6.53 89.76 -29.60
N ILE VA 84 6.34 90.54 -30.66
CA ILE VA 84 5.11 90.56 -31.44
C ILE VA 84 5.48 90.33 -32.90
N THR VA 85 5.01 89.22 -33.46
CA THR VA 85 5.39 88.84 -34.82
C THR VA 85 4.22 88.19 -35.54
N SER VA 86 4.22 88.30 -36.86
CA SER VA 86 3.18 87.69 -37.68
C SER VA 86 3.41 86.18 -37.79
N PRO VA 87 2.34 85.38 -37.75
CA PRO VA 87 2.50 83.92 -37.79
C PRO VA 87 2.45 83.36 -39.20
N LYS VA 88 2.69 82.07 -39.34
CA LYS VA 88 2.60 81.41 -40.63
C LYS VA 88 1.14 81.10 -40.96
N ASP VA 89 0.91 80.61 -42.18
CA ASP VA 89 -0.45 80.47 -42.68
C ASP VA 89 -1.19 79.30 -42.06
N ASP VA 90 -0.49 78.22 -41.70
CA ASP VA 90 -1.15 77.06 -41.12
C ASP VA 90 -1.84 77.42 -39.80
N ILE VA 91 -1.14 78.16 -38.94
CA ILE VA 91 -1.73 78.58 -37.68
C ILE VA 91 -2.88 79.54 -37.92
N ILE VA 92 -2.79 80.38 -38.95
CA ILE VA 92 -3.89 81.28 -39.28
C ILE VA 92 -5.13 80.48 -39.64
N LYS VA 93 -4.95 79.44 -40.46
CA LYS VA 93 -6.08 78.59 -40.86
C LYS VA 93 -6.69 77.90 -39.65
N SER VA 94 -5.83 77.35 -38.78
CA SER VA 94 -6.35 76.66 -37.60
C SER VA 94 -7.10 77.62 -36.68
N TYR VA 95 -6.57 78.83 -36.50
CA TYR VA 95 -7.21 79.82 -35.65
C TYR VA 95 -8.57 80.23 -36.22
N GLU VA 96 -8.64 80.45 -37.52
CA GLU VA 96 -9.92 80.82 -38.13
C GLU VA 96 -10.94 79.69 -38.00
N SER VA 97 -10.51 78.45 -38.24
CA SER VA 97 -11.41 77.32 -38.10
C SER VA 97 -11.95 77.22 -36.68
N HIS VA 98 -11.07 77.34 -35.69
CA HIS VA 98 -11.50 77.24 -34.30
C HIS VA 98 -12.45 78.37 -33.93
N THR VA 99 -12.14 79.60 -34.37
CA THR VA 99 -12.96 80.73 -34.00
C THR VA 99 -14.31 80.76 -34.72
N ARG VA 100 -14.44 80.04 -35.83
CA ARG VA 100 -15.78 79.90 -36.40
C ARG VA 100 -16.55 78.72 -35.79
N VAL VA 101 -15.85 77.63 -35.42
CA VAL VA 101 -16.52 76.51 -34.77
C VAL VA 101 -17.10 76.94 -33.44
N LEU VA 102 -16.36 77.75 -32.67
CA LEU VA 102 -16.88 78.20 -31.39
C LEU VA 102 -18.15 79.02 -31.55
N GLU VA 103 -18.18 79.94 -32.52
CA GLU VA 103 -19.36 80.74 -32.76
C GLU VA 103 -20.55 79.87 -33.20
N ASN VA 104 -20.29 78.89 -34.07
CA ASN VA 104 -21.36 78.01 -34.52
C ASN VA 104 -21.96 77.24 -33.36
N LYS VA 105 -21.10 76.70 -32.48
CA LYS VA 105 -21.61 75.96 -31.33
C LYS VA 105 -22.37 76.87 -30.38
N GLN VA 106 -21.91 78.11 -30.21
CA GLN VA 106 -22.62 79.07 -29.35
C GLN VA 106 -24.03 79.32 -29.88
N VAL VA 107 -24.16 79.54 -31.19
CA VAL VA 107 -25.47 79.79 -31.78
C VAL VA 107 -26.37 78.56 -31.63
N GLU VA 108 -25.81 77.37 -31.85
CA GLU VA 108 -26.59 76.15 -31.71
C GLU VA 108 -27.12 76.01 -30.28
N GLU VA 109 -26.28 76.30 -29.29
CA GLU VA 109 -26.74 76.23 -27.89
C GLU VA 109 -27.79 77.28 -27.59
N ILE VA 110 -27.68 78.47 -28.19
CA ILE VA 110 -28.71 79.49 -27.99
C ILE VA 110 -30.06 78.99 -28.52
N LEU VA 111 -30.05 78.39 -29.72
CA LEU VA 111 -31.30 77.84 -30.25
C LEU VA 111 -31.86 76.74 -29.35
N ARG VA 112 -30.99 75.85 -28.87
CA ARG VA 112 -31.45 74.79 -27.97
C ARG VA 112 -32.13 75.37 -26.73
N LEU VA 113 -31.48 76.35 -26.10
CA LEU VA 113 -32.03 76.94 -24.89
C LEU VA 113 -33.36 77.62 -25.17
N GLU VA 114 -33.46 78.36 -26.27
CA GLU VA 114 -34.71 79.05 -26.58
C GLU VA 114 -35.84 78.05 -26.79
N LYS VA 115 -35.57 76.96 -27.52
CA LYS VA 115 -36.61 75.97 -27.76
C LYS VA 115 -37.05 75.31 -26.46
N GLU VA 116 -36.10 74.96 -25.60
CA GLU VA 116 -36.46 74.35 -24.33
C GLU VA 116 -37.28 75.29 -23.47
N ILE VA 117 -36.91 76.57 -23.44
CA ILE VA 117 -37.66 77.55 -22.66
C ILE VA 117 -39.09 77.68 -23.18
N GLU VA 118 -39.24 77.75 -24.51
CA GLU VA 118 -40.59 77.86 -25.08
C GLU VA 118 -41.44 76.65 -24.74
N ASP VA 119 -40.88 75.45 -24.88
CA ASP VA 119 -41.63 74.24 -24.57
C ASP VA 119 -42.04 74.21 -23.09
N LEU VA 120 -41.10 74.53 -22.20
CA LEU VA 120 -41.42 74.51 -20.78
C LEU VA 120 -42.49 75.54 -20.43
N GLN VA 121 -42.41 76.73 -21.03
CA GLN VA 121 -43.41 77.76 -20.76
C GLN VA 121 -44.79 77.33 -21.24
N ARG VA 122 -44.86 76.74 -22.43
CA ARG VA 122 -46.15 76.28 -22.94
C ARG VA 122 -46.73 75.19 -22.05
N MET VA 123 -45.91 74.22 -21.63
CA MET VA 123 -46.41 73.14 -20.80
C MET VA 123 -46.88 73.66 -19.44
N LYS VA 124 -46.13 74.60 -18.85
CA LYS VA 124 -46.55 75.20 -17.59
C LYS VA 124 -47.86 75.97 -17.76
N GLU VA 125 -48.02 76.68 -18.87
CA GLU VA 125 -49.26 77.40 -19.11
C GLU VA 125 -50.45 76.46 -19.16
N GLN VA 126 -50.32 75.36 -19.91
CA GLN VA 126 -51.43 74.40 -19.99
C GLN VA 126 -51.70 73.77 -18.63
N GLN VA 127 -50.65 73.48 -17.85
CA GLN VA 127 -50.86 72.89 -16.54
C GLN VA 127 -51.58 73.86 -15.61
N GLU VA 128 -51.21 75.14 -15.66
CA GLU VA 128 -51.84 76.14 -14.80
C GLU VA 128 -53.26 76.44 -15.24
N LEU VA 129 -53.59 76.25 -16.51
CA LEU VA 129 -54.93 76.57 -17.00
C LEU VA 129 -56.01 75.82 -16.22
N SER VA 130 -55.77 74.55 -15.92
CA SER VA 130 -56.74 73.72 -15.20
C SER VA 130 -56.52 73.92 -13.70
N LEU VA 131 -57.26 74.86 -13.11
CA LEU VA 131 -57.12 75.15 -11.69
C LEU VA 131 -58.41 75.76 -11.19
N THR VA 132 -58.59 75.73 -9.87
CA THR VA 132 -59.78 76.25 -9.22
C THR VA 132 -59.52 77.64 -8.66
N GLU VA 133 -60.60 78.31 -8.26
CA GLU VA 133 -60.50 79.69 -7.79
C GLU VA 133 -59.72 79.78 -6.48
N ALA VA 134 -60.05 78.93 -5.50
CA ALA VA 134 -59.32 78.93 -4.24
C ALA VA 134 -57.86 78.54 -4.46
N SER VA 135 -57.61 77.56 -5.34
CA SER VA 135 -56.25 77.19 -5.67
C SER VA 135 -55.51 78.35 -6.32
N LEU VA 136 -56.20 79.11 -7.18
CA LEU VA 136 -55.58 80.27 -7.81
C LEU VA 136 -55.23 81.32 -6.76
N GLN VA 137 -56.11 81.54 -5.78
CA GLN VA 137 -55.83 82.50 -4.73
C GLN VA 137 -54.63 82.06 -3.90
N LYS VA 138 -54.56 80.78 -3.56
CA LYS VA 138 -53.40 80.27 -2.82
C LYS VA 138 -52.12 80.42 -3.65
N LEU VA 139 -52.22 80.16 -4.95
CA LEU VA 139 -51.08 80.36 -5.85
C LEU VA 139 -50.59 81.79 -5.79
N GLN VA 140 -51.52 82.75 -5.91
CA GLN VA 140 -51.13 84.15 -5.89
C GLN VA 140 -50.51 84.53 -4.55
N GLU VA 141 -51.10 84.05 -3.46
CA GLU VA 141 -50.57 84.39 -2.13
C GLU VA 141 -49.17 83.85 -1.94
N ARG VA 142 -48.93 82.58 -2.32
CA ARG VA 142 -47.61 82.01 -2.13
C ARG VA 142 -46.59 82.62 -3.08
N ARG VA 143 -47.01 83.00 -4.29
CA ARG VA 143 -46.11 83.71 -5.19
C ARG VA 143 -45.73 85.07 -4.63
N ASP VA 144 -46.69 85.76 -4.00
CA ASP VA 144 -46.38 87.03 -3.35
C ASP VA 144 -45.40 86.82 -2.20
N GLN VA 145 -45.60 85.78 -1.40
CA GLN VA 145 -44.66 85.43 -0.34
C GLN VA 145 -43.30 85.07 -0.92
N LYS WA 15 76.00 61.58 30.84
CA LYS WA 15 75.04 60.52 30.58
C LYS WA 15 75.55 59.18 31.13
N ASN WA 16 74.66 58.43 31.77
CA ASN WA 16 75.04 57.16 32.37
C ASN WA 16 73.79 56.30 32.47
N ILE WA 17 73.71 55.26 31.65
CA ILE WA 17 72.57 54.34 31.63
C ILE WA 17 73.00 53.04 32.30
N LYS WA 18 72.32 52.69 33.39
CA LYS WA 18 72.62 51.46 34.12
C LYS WA 18 71.30 50.82 34.55
N ILE WA 19 71.12 49.55 34.19
CA ILE WA 19 69.94 48.83 34.63
C ILE WA 19 70.11 48.46 36.10
N MET WA 20 68.98 48.29 36.79
CA MET WA 20 69.02 47.88 38.18
C MET WA 20 67.82 47.00 38.49
N ARG WA 21 67.96 46.22 39.55
CA ARG WA 21 66.91 45.34 40.05
C ARG WA 21 66.47 45.81 41.42
N LEU WA 22 65.17 46.06 41.57
CA LEU WA 22 64.63 46.58 42.82
C LEU WA 22 64.32 45.45 43.80
N VAL WA 23 64.20 45.80 45.08
CA VAL WA 23 63.86 44.83 46.11
C VAL WA 23 62.50 44.21 45.84
N THR WA 24 61.61 44.95 45.17
CA THR WA 24 60.31 44.40 44.79
C THR WA 24 60.48 43.24 43.82
N GLY WA 25 61.45 43.33 42.91
CA GLY WA 25 61.69 42.26 41.96
C GLY WA 25 61.45 42.68 40.53
N GLU WA 26 61.69 43.96 40.22
CA GLU WA 26 61.46 44.49 38.89
C GLU WA 26 62.75 45.13 38.38
N ASP WA 27 62.81 45.29 37.06
CA ASP WA 27 63.99 45.79 36.37
C ASP WA 27 63.73 47.20 35.86
N ILE WA 28 64.58 48.13 36.29
CA ILE WA 28 64.44 49.55 35.96
C ILE WA 28 65.64 49.98 35.13
N ILE WA 29 65.39 50.62 34.00
CA ILE WA 29 66.44 51.14 33.13
C ILE WA 29 66.23 52.64 32.95
N GLY WA 30 67.30 53.41 33.08
CA GLY WA 30 67.19 54.85 32.92
C GLY WA 30 68.49 55.53 33.29
N ASN WA 31 68.45 56.86 33.23
CA ASN WA 31 69.62 57.66 33.57
C ASN WA 31 69.81 57.68 35.07
N ILE WA 32 71.04 57.36 35.52
CA ILE WA 32 71.31 57.16 36.94
C ILE WA 32 72.37 58.15 37.39
N SER WA 33 72.27 58.57 38.65
CA SER WA 33 73.27 59.44 39.25
C SER WA 33 73.40 59.08 40.72
N GLU WA 34 74.55 58.57 41.12
CA GLU WA 34 74.81 58.13 42.49
C GLU WA 34 75.71 59.16 43.16
N SER WA 35 75.12 60.01 44.01
CA SER WA 35 75.85 61.09 44.65
C SER WA 35 76.33 60.73 46.05
N GLN WA 36 75.41 60.45 46.97
CA GLN WA 36 75.73 60.24 48.38
C GLN WA 36 74.97 59.04 48.91
N GLY WA 37 75.03 57.92 48.18
CA GLY WA 37 74.26 56.75 48.55
C GLY WA 37 72.88 56.78 47.92
N LEU WA 38 72.07 57.75 48.32
CA LEU WA 38 70.79 57.96 47.66
C LEU WA 38 71.03 58.35 46.20
N ILE WA 39 70.28 57.73 45.30
CA ILE WA 39 70.52 57.89 43.87
C ILE WA 39 69.34 58.59 43.22
N THR WA 40 69.63 59.26 42.12
CA THR WA 40 68.65 60.00 41.33
C THR WA 40 68.46 59.29 40.00
N ILE WA 41 67.20 59.11 39.61
CA ILE WA 41 66.85 58.37 38.40
C ILE WA 41 66.02 59.29 37.50
N LYS WA 42 66.36 59.31 36.22
CA LYS WA 42 65.65 60.10 35.23
C LYS WA 42 65.20 59.20 34.09
N LYS WA 43 63.96 59.41 33.63
CA LYS WA 43 63.38 58.67 32.52
C LYS WA 43 63.41 57.16 32.77
N ALA WA 44 62.99 56.76 33.97
CA ALA WA 44 63.00 55.36 34.34
C ALA WA 44 61.95 54.58 33.55
N PHE WA 45 62.29 53.32 33.24
CA PHE WA 45 61.40 52.43 32.50
C PHE WA 45 61.43 51.06 33.14
N VAL WA 46 60.26 50.47 33.32
CA VAL WA 46 60.12 49.08 33.76
C VAL WA 46 60.27 48.18 32.55
N ILE WA 47 61.16 47.18 32.65
CA ILE WA 47 61.37 46.22 31.58
C ILE WA 47 60.53 44.99 31.88
N ILE WA 48 59.58 44.69 31.00
CA ILE WA 48 58.68 43.56 31.15
C ILE WA 48 59.25 42.39 30.35
N PRO WA 49 59.52 41.24 30.96
CA PRO WA 49 60.06 40.11 30.19
C PRO WA 49 59.02 39.49 29.28
N MET WA 50 59.17 39.71 27.97
CA MET WA 50 58.23 39.20 26.99
C MET WA 50 58.85 39.17 25.60
N GLN WA 59 61.97 39.71 21.91
CA GLN WA 59 61.96 41.17 21.95
C GLN WA 59 61.81 41.65 23.38
N LEU WA 60 61.77 42.98 23.55
CA LEU WA 60 61.64 43.59 24.86
C LEU WA 60 60.49 44.58 24.86
N VAL WA 61 59.86 44.72 26.02
CA VAL WA 61 58.75 45.65 26.22
C VAL WA 61 59.10 46.57 27.38
N LEU WA 62 58.92 47.87 27.19
CA LEU WA 62 59.21 48.87 28.21
C LEU WA 62 57.93 49.61 28.56
N SER WA 63 57.80 49.96 29.83
CA SER WA 63 56.65 50.71 30.33
C SER WA 63 57.13 51.83 31.24
N PRO WA 64 56.33 52.88 31.39
CA PRO WA 64 56.70 53.93 32.34
C PRO WA 64 56.75 53.40 33.77
N TRP WA 65 57.68 53.93 34.55
CA TRP WA 65 57.83 53.47 35.93
C TRP WA 65 56.86 54.17 36.87
N GLN WA 66 56.71 55.48 36.72
CA GLN WA 66 55.88 56.30 37.60
C GLN WA 66 54.89 57.07 36.76
N PRO WA 67 53.82 56.42 36.30
CA PRO WA 67 52.86 57.08 35.41
C PRO WA 67 51.90 58.04 36.10
N TYR WA 68 52.13 58.38 37.37
CA TYR WA 68 51.27 59.31 38.09
C TYR WA 68 51.98 60.60 38.48
N THR WA 69 53.22 60.80 38.05
CA THR WA 69 53.98 61.99 38.41
C THR WA 69 54.64 62.57 37.16
N ASP WA 70 54.82 63.89 37.18
CA ASP WA 70 55.49 64.61 36.10
C ASP WA 70 56.91 65.03 36.48
N ASP WA 71 57.40 64.63 37.64
CA ASP WA 71 58.74 65.02 38.06
C ASP WA 71 59.78 64.39 37.14
N LYS WA 72 60.77 65.21 36.75
CA LYS WA 72 61.83 64.72 35.88
C LYS WA 72 62.71 63.70 36.59
N GLU WA 73 63.05 63.95 37.85
CA GLU WA 73 63.96 63.10 38.59
C GLU WA 73 63.27 62.52 39.81
N ILE WA 74 63.62 61.28 40.15
CA ILE WA 74 63.09 60.60 41.32
C ILE WA 74 64.27 60.13 42.17
N VAL WA 75 64.20 60.40 43.47
CA VAL WA 75 65.29 60.09 44.39
C VAL WA 75 64.90 58.86 45.21
N ILE WA 76 65.74 57.83 45.17
CA ILE WA 76 65.54 56.62 45.96
C ILE WA 76 66.80 56.33 46.76
N ASP WA 77 66.72 55.31 47.61
CA ASP WA 77 67.80 54.96 48.52
C ASP WA 77 68.50 53.69 48.04
N ASP WA 78 69.83 53.68 48.12
CA ASP WA 78 70.62 52.54 47.69
C ASP WA 78 70.35 51.30 48.53
N SER WA 79 69.79 51.46 49.73
CA SER WA 79 69.46 50.30 50.56
C SER WA 79 68.29 49.52 50.01
N GLU WA 80 67.58 50.04 49.00
CA GLU WA 80 66.40 49.40 48.44
C GLU WA 80 66.61 48.92 47.01
N VAL WA 81 67.86 48.80 46.57
CA VAL WA 81 68.19 48.30 45.25
C VAL WA 81 69.18 47.14 45.40
N ILE WA 82 68.94 46.06 44.64
CA ILE WA 82 69.76 44.87 44.78
C ILE WA 82 71.03 44.98 43.94
N THR WA 83 70.87 45.07 42.62
CA THR WA 83 71.99 45.06 41.69
C THR WA 83 71.88 46.24 40.73
N ILE WA 84 73.01 46.87 40.45
CA ILE WA 84 73.12 47.94 39.47
C ILE WA 84 74.25 47.58 38.51
N THR WA 85 73.90 47.36 37.24
CA THR WA 85 74.87 46.90 36.26
C THR WA 85 74.61 47.55 34.91
N SER WA 86 75.67 47.67 34.11
CA SER WA 86 75.54 48.23 32.77
C SER WA 86 74.92 47.21 31.82
N PRO WA 87 74.05 47.64 30.92
CA PRO WA 87 73.38 46.69 30.01
C PRO WA 87 74.13 46.49 28.70
N LYS WA 88 73.65 45.57 27.88
CA LYS WA 88 74.24 45.35 26.57
C LYS WA 88 73.74 46.40 25.57
N ASP WA 89 74.31 46.37 24.37
CA ASP WA 89 74.08 47.45 23.41
C ASP WA 89 72.69 47.38 22.78
N ASP WA 90 72.14 46.17 22.59
CA ASP WA 90 70.83 46.05 21.97
C ASP WA 90 69.76 46.75 22.79
N ILE WA 91 69.78 46.55 24.12
CA ILE WA 91 68.81 47.20 24.99
C ILE WA 91 69.03 48.71 24.98
N ILE WA 92 70.29 49.14 24.89
CA ILE WA 92 70.57 50.58 24.81
C ILE WA 92 69.93 51.17 23.56
N LYS WA 93 70.08 50.49 22.42
CA LYS WA 93 69.48 50.97 21.18
C LYS WA 93 67.96 51.03 21.29
N SER WA 94 67.36 49.97 21.84
CA SER WA 94 65.90 49.94 21.97
C SER WA 94 65.42 51.07 22.89
N TYR WA 95 66.13 51.29 24.00
CA TYR WA 95 65.75 52.34 24.94
C TYR WA 95 65.85 53.71 24.30
N GLU WA 96 66.93 53.96 23.55
CA GLU WA 96 67.07 55.26 22.88
C GLU WA 96 65.97 55.47 21.84
N SER WA 97 65.67 54.43 21.05
CA SER WA 97 64.61 54.54 20.06
C SER WA 97 63.27 54.86 20.72
N HIS WA 98 62.95 54.15 21.80
CA HIS WA 98 61.67 54.38 22.46
C HIS WA 98 61.61 55.78 23.07
N THR WA 99 62.71 56.23 23.69
CA THR WA 99 62.70 57.53 24.34
C THR WA 99 62.71 58.68 23.35
N ARG WA 100 63.12 58.45 22.10
CA ARG WA 100 62.93 59.51 21.11
C ARG WA 100 61.56 59.46 20.46
N VAL WA 101 61.00 58.26 20.27
CA VAL WA 101 59.65 58.15 19.72
C VAL WA 101 58.63 58.81 20.64
N LEU WA 102 58.78 58.61 21.95
CA LEU WA 102 57.85 59.23 22.88
C LEU WA 102 57.89 60.75 22.79
N GLU WA 103 59.09 61.32 22.73
CA GLU WA 103 59.22 62.78 22.62
C GLU WA 103 58.62 63.28 21.31
N ASN WA 104 58.87 62.57 20.21
CA ASN WA 104 58.32 62.98 18.92
C ASN WA 104 56.80 62.99 18.96
N LYS WA 105 56.20 61.94 19.53
CA LYS WA 105 54.74 61.89 19.62
C LYS WA 105 54.20 62.98 20.52
N GLN WA 106 54.90 63.29 21.61
CA GLN WA 106 54.48 64.36 22.50
C GLN WA 106 54.46 65.70 21.76
N VAL WA 107 55.50 65.98 20.99
CA VAL WA 107 55.55 67.25 20.25
C VAL WA 107 54.44 67.29 19.20
N GLU WA 108 54.20 66.17 18.51
CA GLU WA 108 53.13 66.14 17.52
C GLU WA 108 51.78 66.43 18.16
N GLU WA 109 51.52 65.85 19.34
CA GLU WA 109 50.26 66.11 20.01
C GLU WA 109 50.16 67.56 20.46
N ILE WA 110 51.28 68.17 20.88
CA ILE WA 110 51.25 69.58 21.26
C ILE WA 110 50.85 70.43 20.07
N LEU WA 111 51.44 70.16 18.90
CA LEU WA 111 51.06 70.90 17.70
C LEU WA 111 49.59 70.72 17.36
N ARG WA 112 49.09 69.48 17.44
CA ARG WA 112 47.67 69.22 17.17
C ARG WA 112 46.78 70.04 18.09
N LEU WA 113 47.08 70.02 19.39
CA LEU WA 113 46.26 70.75 20.35
C LEU WA 113 46.29 72.25 20.08
N GLU WA 114 47.48 72.79 19.79
CA GLU WA 114 47.56 74.23 19.53
C GLU WA 114 46.75 74.62 18.30
N LYS WA 115 46.84 73.82 17.23
CA LYS WA 115 46.09 74.14 16.02
C LYS WA 115 44.59 74.07 16.28
N GLU WA 116 44.13 73.05 17.01
CA GLU WA 116 42.71 72.93 17.30
C GLU WA 116 42.23 74.11 18.15
N ILE WA 117 43.03 74.52 19.13
CA ILE WA 117 42.65 75.65 19.98
C ILE WA 117 42.55 76.92 19.15
N GLU WA 118 43.52 77.16 18.26
CA GLU WA 118 43.48 78.36 17.43
C GLU WA 118 42.25 78.37 16.54
N ASP WA 119 41.94 77.24 15.90
CA ASP WA 119 40.77 77.18 15.03
C ASP WA 119 39.49 77.42 15.81
N LEU WA 120 39.36 76.79 16.98
CA LEU WA 120 38.15 76.97 17.77
C LEU WA 120 38.00 78.42 18.24
N GLN WA 121 39.11 79.04 18.65
CA GLN WA 121 39.05 80.43 19.10
C GLN WA 121 38.63 81.35 17.95
N ARG WA 122 39.19 81.13 16.76
CA ARG WA 122 38.82 81.97 15.62
C ARG WA 122 37.35 81.81 15.27
N MET WA 123 36.86 80.57 15.26
CA MET WA 123 35.45 80.34 14.91
C MET WA 123 34.53 80.95 15.95
N LYS WA 124 34.87 80.82 17.24
CA LYS WA 124 34.07 81.44 18.28
C LYS WA 124 34.08 82.96 18.15
N GLU WA 125 35.22 83.54 17.81
CA GLU WA 125 35.29 84.99 17.64
C GLU WA 125 34.36 85.46 16.52
N GLN WA 126 34.41 84.76 15.36
CA GLN WA 126 33.52 85.15 14.28
C GLN WA 126 32.05 84.95 14.65
N GLN WA 127 31.74 83.88 15.38
CA GLN WA 127 30.35 83.66 15.79
C GLN WA 127 29.87 84.76 16.75
N GLU WA 128 30.73 85.17 17.68
CA GLU WA 128 30.36 86.21 18.63
C GLU WA 128 30.29 87.58 17.98
N LEU WA 129 31.01 87.80 16.88
CA LEU WA 129 31.01 89.12 16.25
C LEU WA 129 29.60 89.55 15.85
N SER WA 130 28.80 88.63 15.32
CA SER WA 130 27.43 88.93 14.88
C SER WA 130 26.50 88.79 16.08
N LEU WA 131 26.26 89.89 16.77
CA LEU WA 131 25.40 89.88 17.94
C LEU WA 131 24.83 91.26 18.16
N THR WA 132 23.74 91.32 18.94
CA THR WA 132 23.05 92.58 19.23
C THR WA 132 23.47 93.11 20.59
N GLU WA 133 23.08 94.35 20.86
CA GLU WA 133 23.49 95.03 22.09
C GLU WA 133 22.87 94.36 23.32
N ALA WA 134 21.56 94.11 23.28
CA ALA WA 134 20.90 93.45 24.40
C ALA WA 134 21.43 92.03 24.58
N SER WA 135 21.69 91.33 23.48
CA SER WA 135 22.28 90.01 23.56
C SER WA 135 23.68 90.08 24.18
N LEU WA 136 24.44 91.10 23.81
CA LEU WA 136 25.77 91.28 24.40
C LEU WA 136 25.68 91.52 25.90
N GLN WA 137 24.70 92.33 26.33
CA GLN WA 137 24.52 92.58 27.76
C GLN WA 137 24.15 91.30 28.49
N LYS WA 138 23.24 90.50 27.91
CA LYS WA 138 22.89 89.23 28.53
C LYS WA 138 24.09 88.29 28.59
N LEU WA 139 24.91 88.29 27.53
CA LEU WA 139 26.13 87.50 27.51
C LEU WA 139 27.04 87.90 28.67
N GLN WA 140 27.27 89.20 28.84
CA GLN WA 140 28.14 89.67 29.91
C GLN WA 140 27.57 89.30 31.28
N GLU WA 141 26.26 89.47 31.46
CA GLU WA 141 25.65 89.16 32.75
C GLU WA 141 25.79 87.67 33.08
N ARG WA 142 25.50 86.80 32.11
CA ARG WA 142 25.59 85.38 32.38
C ARG WA 142 27.03 84.91 32.56
N ARG WA 143 27.97 85.54 31.85
CA ARG WA 143 29.38 85.23 32.07
C ARG WA 143 29.82 85.65 33.46
N ASP WA 144 29.33 86.80 33.93
CA ASP WA 144 29.62 87.22 35.31
C ASP WA 144 29.04 86.24 36.32
N GLN WA 145 27.81 85.78 36.08
CA GLN WA 145 27.21 84.76 36.93
C GLN WA 145 27.99 83.46 36.85
N LYS XA 15 39.55 -30.19 89.74
CA LYS XA 15 38.80 -29.97 88.50
C LYS XA 15 37.90 -31.15 88.19
N ASN XA 16 36.67 -30.86 87.77
CA ASN XA 16 35.69 -31.92 87.51
C ASN XA 16 34.66 -31.36 86.53
N ILE XA 17 34.71 -31.83 85.29
CA ILE XA 17 33.80 -31.40 84.24
C ILE XA 17 32.78 -32.50 84.01
N LYS XA 18 31.51 -32.19 84.23
CA LYS XA 18 30.42 -33.15 84.04
C LYS XA 18 29.24 -32.44 83.40
N ILE XA 19 28.77 -32.97 82.27
CA ILE XA 19 27.58 -32.42 81.64
C ILE XA 19 26.35 -32.83 82.43
N MET XA 20 25.30 -32.02 82.34
CA MET XA 20 24.05 -32.36 83.00
C MET XA 20 22.88 -31.86 82.16
N ARG XA 21 21.72 -32.47 82.42
CA ARG XA 21 20.48 -32.10 81.76
C ARG XA 21 19.52 -31.54 82.80
N LEU XA 22 19.01 -30.33 82.56
CA LEU XA 22 18.14 -29.66 83.50
C LEU XA 22 16.68 -30.08 83.29
N VAL XA 23 15.87 -29.84 84.32
CA VAL XA 23 14.44 -30.16 84.23
C VAL XA 23 13.78 -29.35 83.13
N THR XA 24 14.31 -28.17 82.82
CA THR XA 24 13.79 -27.38 81.70
C THR XA 24 13.98 -28.12 80.38
N GLY XA 25 15.09 -28.82 80.23
CA GLY XA 25 15.34 -29.57 79.00
C GLY XA 25 16.54 -29.07 78.24
N GLU XA 26 17.54 -28.54 78.95
CA GLU XA 26 18.74 -27.99 78.34
C GLU XA 26 19.97 -28.68 78.91
N ASP XA 27 21.06 -28.57 78.17
CA ASP XA 27 22.32 -29.24 78.50
C ASP XA 27 23.34 -28.23 78.97
N ILE XA 28 23.85 -28.43 80.19
CA ILE XA 28 24.78 -27.51 80.84
C ILE XA 28 26.11 -28.24 81.03
N ILE XA 29 27.20 -27.61 80.60
CA ILE XA 29 28.54 -28.15 80.77
C ILE XA 29 29.38 -27.14 81.54
N GLY XA 30 30.11 -27.61 82.54
CA GLY XA 30 30.95 -26.71 83.32
C GLY XA 30 31.55 -27.43 84.51
N ASN XA 31 32.28 -26.66 85.30
CA ASN XA 31 32.91 -27.19 86.50
C ASN XA 31 31.86 -27.43 87.59
N ILE XA 32 31.85 -28.63 88.15
CA ILE XA 32 30.78 -29.06 89.06
C ILE XA 32 31.39 -29.40 90.41
N SER XA 33 30.62 -29.14 91.47
CA SER XA 33 31.03 -29.53 92.82
C SER XA 33 29.79 -29.91 93.60
N GLU XA 34 29.66 -31.18 93.97
CA GLU XA 34 28.50 -31.70 94.70
C GLU XA 34 28.90 -31.91 96.16
N SER XA 35 28.48 -30.99 97.04
CA SER XA 35 28.86 -31.03 98.44
C SER XA 35 27.80 -31.71 99.31
N GLN XA 36 26.60 -31.13 99.37
CA GLN XA 36 25.56 -31.60 100.29
C GLN XA 36 24.22 -31.66 99.57
N GLY XA 37 24.21 -32.28 98.40
CA GLY XA 37 23.01 -32.31 97.58
C GLY XA 37 22.95 -31.12 96.66
N LEU XA 38 22.83 -29.92 97.22
CA LEU XA 38 22.95 -28.71 96.42
C LEU XA 38 24.33 -28.63 95.80
N ILE XA 39 24.38 -28.29 94.52
CA ILE XA 39 25.64 -28.35 93.77
C ILE XA 39 26.03 -26.94 93.34
N THR XA 40 27.33 -26.75 93.17
CA THR XA 40 27.92 -25.49 92.74
C THR XA 40 28.47 -25.66 91.34
N ILE XA 41 28.17 -24.69 90.47
CA ILE XA 41 28.55 -24.74 89.06
C ILE XA 41 29.37 -23.50 88.75
N LYS XA 42 30.48 -23.71 88.04
CA LYS XA 42 31.37 -22.63 87.62
C LYS XA 42 31.57 -22.70 86.11
N LYS XA 43 31.52 -21.53 85.47
CA LYS XA 43 31.75 -21.41 84.03
C LYS XA 43 30.78 -22.28 83.23
N ALA XA 44 29.51 -22.20 83.60
CA ALA XA 44 28.48 -23.01 82.94
C ALA XA 44 28.26 -22.54 81.52
N PHE XA 45 27.96 -23.50 80.64
CA PHE XA 45 27.69 -23.22 79.23
C PHE XA 45 26.50 -24.04 78.78
N VAL XA 46 25.59 -23.39 78.06
CA VAL XA 46 24.48 -24.07 77.40
C VAL XA 46 24.97 -24.64 76.08
N ILE XA 47 24.72 -25.93 75.85
CA ILE XA 47 25.10 -26.58 74.61
C ILE XA 47 23.90 -26.58 73.68
N ILE XA 48 24.03 -25.92 72.53
CA ILE XA 48 22.95 -25.82 71.55
C ILE XA 48 23.17 -26.89 70.50
N PRO XA 49 22.22 -27.79 70.27
CA PRO XA 49 22.41 -28.82 69.24
C PRO XA 49 22.36 -28.25 67.84
N MET XA 50 23.52 -28.19 67.18
CA MET XA 50 23.61 -27.64 65.83
C MET XA 50 24.89 -28.11 65.15
N GLN XA 59 29.19 -30.21 64.27
CA GLN XA 59 29.92 -29.40 65.25
C GLN XA 59 29.04 -29.07 66.45
N LEU XA 60 29.59 -28.32 67.39
CA LEU XA 60 28.89 -27.94 68.60
C LEU XA 60 28.95 -26.43 68.78
N VAL XA 61 27.90 -25.88 69.40
CA VAL XA 61 27.80 -24.46 69.69
C VAL XA 61 27.54 -24.30 71.18
N LEU XA 62 28.29 -23.41 71.82
CA LEU XA 62 28.17 -23.16 73.24
C LEU XA 62 27.79 -21.70 73.47
N SER XA 63 26.98 -21.46 74.48
CA SER XA 63 26.54 -20.12 74.83
C SER XA 63 26.64 -19.94 76.33
N PRO XA 64 26.75 -18.70 76.80
CA PRO XA 64 26.73 -18.47 78.26
C PRO XA 64 25.40 -18.87 78.86
N TRP XA 65 25.46 -19.39 80.09
CA TRP XA 65 24.25 -19.84 80.75
C TRP XA 65 23.52 -18.70 81.46
N GLN XA 66 24.27 -17.84 82.14
CA GLN XA 66 23.70 -16.74 82.92
C GLN XA 66 24.36 -15.45 82.47
N PRO XA 67 23.93 -14.90 81.34
CA PRO XA 67 24.57 -13.69 80.81
C PRO XA 67 24.17 -12.39 81.50
N TYR XA 68 23.49 -12.46 82.64
CA TYR XA 68 23.10 -11.26 83.38
C TYR XA 68 23.76 -11.16 84.74
N THR XA 69 24.69 -12.07 85.07
CA THR XA 69 25.34 -12.05 86.37
C THR XA 69 26.85 -12.21 86.19
N ASP XA 70 27.60 -11.63 87.12
CA ASP XA 70 29.05 -11.74 87.14
C ASP XA 70 29.56 -12.70 88.21
N ASP XA 71 28.66 -13.39 88.91
CA ASP XA 71 29.09 -14.31 89.95
C ASP XA 71 29.86 -15.47 89.36
N LYS XA 72 30.98 -15.82 90.01
CA LYS XA 72 31.80 -16.93 89.53
C LYS XA 72 31.08 -18.26 89.69
N GLU XA 73 30.39 -18.47 90.80
CA GLU XA 73 29.76 -19.74 91.10
C GLU XA 73 28.25 -19.55 91.26
N ILE XA 74 27.49 -20.55 90.83
CA ILE XA 74 26.03 -20.54 90.95
C ILE XA 74 25.61 -21.82 91.67
N VAL XA 75 24.75 -21.69 92.66
CA VAL XA 75 24.33 -22.81 93.49
C VAL XA 75 22.92 -23.20 93.09
N ILE XA 76 22.73 -24.47 92.73
CA ILE XA 76 21.43 -25.01 92.38
C ILE XA 76 21.17 -26.25 93.22
N ASP XA 77 19.95 -26.80 93.09
CA ASP XA 77 19.52 -27.94 93.88
C ASP XA 77 19.50 -29.20 93.02
N ASP XA 78 19.96 -30.32 93.60
CA ASP XA 78 19.99 -31.57 92.88
C ASP XA 78 18.61 -32.09 92.53
N SER XA 79 17.56 -31.59 93.20
CA SER XA 79 16.20 -32.00 92.87
C SER XA 79 15.73 -31.43 91.54
N GLU XA 80 16.49 -30.51 90.95
CA GLU XA 80 16.10 -29.85 89.71
C GLU XA 80 17.00 -30.22 88.54
N VAL XA 81 17.76 -31.30 88.66
CA VAL XA 81 18.63 -31.79 87.59
C VAL XA 81 18.30 -33.26 87.33
N ILE XA 82 18.21 -33.62 86.05
CA ILE XA 82 17.81 -34.97 85.69
C ILE XA 82 18.99 -35.92 85.71
N THR XA 83 19.97 -35.67 84.83
CA THR XA 83 21.11 -36.57 84.66
C THR XA 83 22.40 -35.77 84.73
N ILE XA 84 23.40 -36.35 85.41
CA ILE XA 84 24.74 -35.80 85.49
C ILE XA 84 25.72 -36.88 85.06
N THR XA 85 26.42 -36.65 83.96
CA THR XA 85 27.30 -37.67 83.39
C THR XA 85 28.56 -37.02 82.81
N SER XA 86 29.64 -37.80 82.78
CA SER XA 86 30.90 -37.31 82.22
C SER XA 86 30.83 -37.31 80.69
N PRO XA 87 31.39 -36.30 80.03
CA PRO XA 87 31.30 -36.23 78.57
C PRO XA 87 32.48 -36.89 77.87
N LYS XA 88 32.43 -36.96 76.54
CA LYS XA 88 33.53 -37.50 75.77
C LYS XA 88 34.63 -36.46 75.59
N ASP XA 89 35.75 -36.89 75.01
CA ASP XA 89 36.93 -36.05 74.98
C ASP XA 89 36.83 -34.91 73.99
N ASP XA 90 36.11 -35.11 72.88
CA ASP XA 90 35.99 -34.06 71.88
C ASP XA 90 35.31 -32.82 72.45
N ILE XA 91 34.23 -33.02 73.19
CA ILE XA 91 33.53 -31.90 73.80
C ILE XA 91 34.41 -31.24 74.87
N ILE XA 92 35.21 -32.03 75.57
CA ILE XA 92 36.14 -31.47 76.55
C ILE XA 92 37.13 -30.55 75.87
N LYS XA 93 37.68 -31.00 74.74
CA LYS XA 93 38.65 -30.17 74.00
C LYS XA 93 37.99 -28.88 73.50
N SER XA 94 36.77 -28.99 72.95
CA SER XA 94 36.09 -27.80 72.47
C SER XA 94 35.80 -26.83 73.60
N TYR XA 95 35.36 -27.35 74.75
CA TYR XA 95 35.05 -26.50 75.90
C TYR XA 95 36.30 -25.79 76.40
N GLU XA 96 37.42 -26.50 76.49
CA GLU XA 96 38.67 -25.87 76.93
C GLU XA 96 39.12 -24.79 75.95
N SER XA 97 39.04 -25.08 74.65
CA SER XA 97 39.43 -24.09 73.66
C SER XA 97 38.57 -22.83 73.77
N HIS XA 98 37.26 -23.01 73.90
CA HIS XA 98 36.36 -21.86 73.99
C HIS XA 98 36.63 -21.07 75.26
N THR XA 99 36.84 -21.75 76.38
CA THR XA 99 37.03 -21.06 77.65
C THR XA 99 38.39 -20.38 77.74
N ARG XA 100 39.37 -20.78 76.94
CA ARG XA 100 40.60 -19.99 76.89
C ARG XA 100 40.52 -18.85 75.89
N VAL XA 101 39.80 -19.03 74.78
CA VAL XA 101 39.63 -17.95 73.82
C VAL XA 101 38.88 -16.79 74.46
N LEU XA 102 37.84 -17.09 75.25
CA LEU XA 102 37.09 -16.01 75.89
C LEU XA 102 37.98 -15.20 76.84
N GLU XA 103 38.81 -15.88 77.63
CA GLU XA 103 39.71 -15.17 78.55
C GLU XA 103 40.72 -14.33 77.78
N ASN XA 104 41.27 -14.88 76.69
CA ASN XA 104 42.24 -14.13 75.89
C ASN XA 104 41.61 -12.86 75.33
N LYS XA 105 40.40 -12.96 74.79
CA LYS XA 105 39.72 -11.79 74.25
C LYS XA 105 39.40 -10.78 75.34
N GLN XA 106 39.02 -11.25 76.53
CA GLN XA 106 38.75 -10.35 77.64
C GLN XA 106 39.99 -9.55 78.01
N VAL XA 107 41.15 -10.23 78.09
CA VAL XA 107 42.39 -9.52 78.44
C VAL XA 107 42.76 -8.52 77.35
N GLU XA 108 42.60 -8.92 76.08
CA GLU XA 108 42.89 -8.00 74.98
C GLU XA 108 42.03 -6.74 75.06
N GLU XA 109 40.74 -6.91 75.36
CA GLU XA 109 39.87 -5.75 75.48
C GLU XA 109 40.25 -4.89 76.68
N ILE XA 110 40.69 -5.50 77.77
CA ILE XA 110 41.15 -4.71 78.92
C ILE XA 110 42.34 -3.84 78.54
N LEU XA 111 43.30 -4.42 77.82
CA LEU XA 111 44.45 -3.64 77.36
C LEU XA 111 44.01 -2.50 76.45
N ARG XA 112 43.10 -2.78 75.51
CA ARG XA 112 42.62 -1.74 74.61
C ARG XA 112 42.00 -0.59 75.40
N LEU XA 113 41.13 -0.91 76.36
CA LEU XA 113 40.47 0.13 77.13
C LEU XA 113 41.46 0.95 77.93
N GLU XA 114 42.44 0.28 78.56
CA GLU XA 114 43.43 1.02 79.35
C GLU XA 114 44.24 1.96 78.48
N LYS XA 115 44.66 1.50 77.30
CA LYS XA 115 45.44 2.37 76.41
C LYS XA 115 44.61 3.56 75.95
N GLU XA 116 43.35 3.34 75.59
CA GLU XA 116 42.50 4.44 75.15
C GLU XA 116 42.29 5.45 76.28
N ILE XA 117 42.09 4.96 77.50
CA ILE XA 117 41.90 5.85 78.64
C ILE XA 117 43.15 6.69 78.87
N GLU XA 118 44.32 6.05 78.83
CA GLU XA 118 45.56 6.80 79.05
C GLU XA 118 45.75 7.88 77.98
N ASP XA 119 45.51 7.53 76.71
CA ASP XA 119 45.67 8.52 75.64
C ASP XA 119 44.70 9.68 75.81
N LEU XA 120 43.44 9.38 76.12
CA LEU XA 120 42.46 10.45 76.29
C LEU XA 120 42.82 11.34 77.46
N GLN XA 121 43.27 10.75 78.57
CA GLN XA 121 43.65 11.54 79.73
C GLN XA 121 44.82 12.46 79.42
N ARG XA 122 45.83 11.94 78.71
CA ARG XA 122 46.97 12.76 78.36
C ARG XA 122 46.57 13.92 77.45
N MET XA 123 45.73 13.63 76.45
CA MET XA 123 45.32 14.69 75.52
C MET XA 123 44.49 15.76 76.24
N LYS XA 124 43.59 15.33 77.14
CA LYS XA 124 42.82 16.29 77.91
C LYS XA 124 43.71 17.13 78.81
N GLU XA 125 44.74 16.51 79.40
CA GLU XA 125 45.66 17.27 80.25
C GLU XA 125 46.37 18.35 79.45
N GLN XA 126 46.88 17.99 78.27
CA GLN XA 126 47.56 19.00 77.44
C GLN XA 126 46.59 20.09 77.00
N GLN XA 127 45.36 19.72 76.66
CA GLN XA 127 44.38 20.74 76.25
C GLN XA 127 44.06 21.69 77.40
N GLU XA 128 43.91 21.16 78.61
CA GLU XA 128 43.59 21.99 79.76
C GLU XA 128 44.78 22.86 80.19
N LEU XA 129 46.00 22.42 79.89
CA LEU XA 129 47.18 23.19 80.32
C LEU XA 129 47.15 24.62 79.79
N SER XA 130 46.73 24.80 78.53
CA SER XA 130 46.69 26.12 77.92
C SER XA 130 45.34 26.76 78.24
N LEU XA 131 45.30 27.54 79.32
CA LEU XA 131 44.06 28.18 79.74
C LEU XA 131 44.41 29.42 80.55
N THR XA 132 43.43 30.31 80.68
CA THR XA 132 43.60 31.56 81.41
C THR XA 132 43.01 31.44 82.81
N GLU XA 133 43.32 32.45 83.64
CA GLU XA 133 42.90 32.41 85.04
C GLU XA 133 41.39 32.50 85.17
N ALA XA 134 40.77 33.46 84.48
CA ALA XA 134 39.31 33.58 84.53
C ALA XA 134 38.64 32.34 83.94
N SER XA 135 39.20 31.81 82.87
CA SER XA 135 38.68 30.56 82.31
C SER XA 135 38.81 29.41 83.29
N LEU XA 136 39.93 29.36 84.02
CA LEU XA 136 40.10 28.33 85.03
C LEU XA 136 39.07 28.47 86.15
N GLN XA 137 38.78 29.70 86.57
CA GLN XA 137 37.76 29.92 87.59
C GLN XA 137 36.39 29.48 87.11
N LYS XA 138 36.05 29.82 85.86
CA LYS XA 138 34.78 29.37 85.31
C LYS XA 138 34.71 27.85 85.21
N LEU XA 139 35.83 27.23 84.82
CA LEU XA 139 35.92 25.78 84.79
C LEU XA 139 35.62 25.18 86.15
N GLN XA 140 36.26 25.71 87.20
CA GLN XA 140 36.04 25.20 88.55
C GLN XA 140 34.60 25.39 88.99
N GLU XA 141 34.03 26.56 88.70
CA GLU XA 141 32.66 26.83 89.11
C GLU XA 141 31.68 25.88 88.43
N ARG XA 142 31.84 25.67 87.12
CA ARG XA 142 30.91 24.81 86.41
C ARG XA 142 31.12 23.34 86.79
N ARG XA 143 32.36 22.94 87.10
CA ARG XA 143 32.59 21.59 87.59
C ARG XA 143 31.93 21.39 88.95
N ASP XA 144 31.98 22.41 89.81
CA ASP XA 144 31.29 22.33 91.10
C ASP XA 144 29.79 22.22 90.90
N GLN XA 145 29.24 23.00 89.96
CA GLN XA 145 27.81 22.89 89.64
C GLN XA 145 27.51 21.52 89.05
N LYS YA 15 97.85 26.59 -16.21
CA LYS YA 15 96.41 26.43 -16.16
C LYS YA 15 95.71 27.67 -16.71
N ASN YA 16 94.67 27.44 -17.51
CA ASN YA 16 93.95 28.53 -18.15
C ASN YA 16 92.55 28.05 -18.48
N ILE YA 17 91.55 28.55 -17.74
CA ILE YA 17 90.16 28.18 -17.93
C ILE YA 17 89.45 29.33 -18.62
N LYS YA 18 88.92 29.07 -19.81
CA LYS YA 18 88.21 30.08 -20.58
C LYS YA 18 86.98 29.44 -21.23
N ILE YA 19 85.81 30.02 -20.98
CA ILE YA 19 84.60 29.53 -21.63
C ILE YA 19 84.60 29.98 -23.09
N MET YA 20 83.90 29.22 -23.92
CA MET YA 20 83.78 29.59 -25.32
C MET YA 20 82.42 29.17 -25.85
N ARG YA 21 82.01 29.82 -26.93
CA ARG YA 21 80.76 29.53 -27.62
C ARG YA 21 81.07 28.99 -29.01
N LEU YA 22 80.53 27.81 -29.31
CA LEU YA 22 80.81 27.15 -30.58
C LEU YA 22 79.84 27.64 -31.66
N VAL YA 23 80.23 27.41 -32.92
CA VAL YA 23 79.39 27.79 -34.05
C VAL YA 23 78.07 27.04 -34.01
N THR YA 24 78.06 25.85 -33.42
CA THR YA 24 76.80 25.11 -33.25
C THR YA 24 75.83 25.86 -32.35
N GLY YA 25 76.35 26.52 -31.32
CA GLY YA 25 75.51 27.29 -30.42
C GLY YA 25 75.52 26.76 -29.00
N GLU YA 26 76.64 26.17 -28.58
CA GLU YA 26 76.77 25.58 -27.26
C GLU YA 26 77.96 26.20 -26.54
N ASP YA 27 77.94 26.05 -25.22
CA ASP YA 27 78.94 26.67 -24.34
C ASP YA 27 79.85 25.59 -23.78
N ILE YA 28 81.15 25.75 -24.02
CA ILE YA 28 82.17 24.78 -23.63
C ILE YA 28 83.10 25.44 -22.62
N ILE YA 29 83.31 24.77 -21.48
CA ILE YA 29 84.23 25.25 -20.45
C ILE YA 29 85.28 24.18 -20.20
N GLY YA 30 86.54 24.59 -20.14
CA GLY YA 30 87.61 23.65 -19.89
C GLY YA 30 88.96 24.31 -20.03
N ASN YA 31 90.00 23.48 -19.90
CA ASN YA 31 91.37 23.97 -20.02
C ASN YA 31 91.69 24.23 -21.48
N ILE YA 32 92.21 25.41 -21.78
CA ILE YA 32 92.40 25.86 -23.15
C ILE YA 32 93.87 26.15 -23.40
N SER YA 33 94.32 25.89 -24.63
CA SER YA 33 95.68 26.23 -25.03
C SER YA 33 95.66 26.64 -26.49
N GLU YA 34 95.96 27.91 -26.76
CA GLU YA 34 95.95 28.46 -28.12
C GLU YA 34 97.38 28.62 -28.59
N SER YA 35 97.84 27.70 -29.45
CA SER YA 35 99.22 27.70 -29.92
C SER YA 35 99.40 28.39 -31.26
N GLN YA 36 98.75 27.87 -32.31
CA GLN YA 36 98.97 28.36 -33.67
C GLN YA 36 97.62 28.49 -34.39
N GLY YA 37 96.67 29.14 -33.73
CA GLY YA 37 95.33 29.25 -34.27
C GLY YA 37 94.47 28.08 -33.84
N LEU YA 38 94.82 26.88 -34.28
CA LEU YA 38 94.17 25.68 -33.77
C LEU YA 38 94.42 25.56 -32.28
N ILE YA 39 93.37 25.25 -31.52
CA ILE YA 39 93.44 25.26 -30.08
C ILE YA 39 93.24 23.85 -29.54
N THR YA 40 93.80 23.61 -28.36
CA THR YA 40 93.72 22.34 -27.67
C THR YA 40 92.86 22.52 -26.42
N ILE YA 41 91.94 21.58 -26.22
CA ILE YA 41 90.97 21.64 -25.13
C ILE YA 41 91.11 20.38 -24.29
N LYS YA 42 91.15 20.56 -22.97
CA LYS YA 42 91.24 19.45 -22.02
C LYS YA 42 90.10 19.54 -21.02
N LYS YA 43 89.49 18.40 -20.72
CA LYS YA 43 88.41 18.29 -19.74
C LYS YA 43 87.25 19.22 -20.09
N ALA YA 44 86.85 19.21 -21.36
CA ALA YA 44 85.78 20.07 -21.82
C ALA YA 44 84.43 19.64 -21.23
N PHE YA 45 83.58 20.63 -20.97
CA PHE YA 45 82.26 20.39 -20.42
C PHE YA 45 81.25 21.28 -21.14
N VAL YA 46 80.12 20.69 -21.51
CA VAL YA 46 78.99 21.44 -22.05
C VAL YA 46 78.19 22.01 -20.89
N ILE YA 47 77.92 23.31 -20.96
CA ILE YA 47 77.13 23.99 -19.93
C ILE YA 47 75.68 24.05 -20.41
N ILE YA 48 74.78 23.41 -19.69
CA ILE YA 48 73.36 23.38 -20.04
C ILE YA 48 72.65 24.47 -19.25
N PRO YA 49 71.97 25.41 -19.90
CA PRO YA 49 71.27 26.45 -19.14
C PRO YA 49 70.04 25.93 -18.42
N MET YA 50 70.14 25.83 -17.09
CA MET YA 50 69.05 25.31 -16.28
C MET YA 50 69.20 25.73 -14.82
N GLN YA 59 70.95 27.67 -10.71
CA GLN YA 59 72.13 26.81 -10.66
C GLN YA 59 72.62 26.49 -12.07
N LEU YA 60 73.69 25.69 -12.15
CA LEU YA 60 74.28 25.30 -13.42
C LEU YA 60 74.40 23.79 -13.51
N VAL YA 61 74.30 23.27 -14.73
CA VAL YA 61 74.43 21.85 -15.01
C VAL YA 61 75.52 21.68 -16.05
N LEU YA 62 76.43 20.75 -15.80
CA LEU YA 62 77.54 20.46 -16.70
C LEU YA 62 77.45 19.01 -17.17
N SER YA 63 77.82 18.79 -18.42
CA SER YA 63 77.82 17.45 -19.01
C SER YA 63 79.11 17.23 -19.77
N PRO YA 64 79.52 15.98 -19.96
CA PRO YA 64 80.71 15.72 -20.78
C PRO YA 64 80.49 16.16 -22.21
N TRP YA 65 81.57 16.66 -22.83
CA TRP YA 65 81.46 17.14 -24.21
C TRP YA 65 81.60 16.02 -25.22
N GLN YA 66 82.55 15.10 -25.01
CA GLN YA 66 82.83 14.02 -25.94
C GLN YA 66 82.76 12.70 -25.18
N PRO YA 67 81.56 12.20 -24.91
CA PRO YA 67 81.41 10.97 -24.11
C PRO YA 67 81.71 9.69 -24.86
N TYR YA 68 82.29 9.75 -26.06
CA TYR YA 68 82.63 8.56 -26.82
C TYR YA 68 84.14 8.39 -27.02
N THR YA 69 84.96 9.25 -26.42
CA THR YA 69 86.40 9.18 -26.59
C THR YA 69 87.09 9.28 -25.23
N ASP YA 70 88.25 8.64 -25.14
CA ASP YA 70 89.07 8.69 -23.93
C ASP YA 70 90.29 9.59 -24.09
N ASP YA 71 90.41 10.30 -25.20
CA ASP YA 71 91.55 11.18 -25.41
C ASP YA 71 91.55 12.33 -24.41
N LYS YA 72 92.71 12.61 -23.83
CA LYS YA 72 92.82 13.69 -22.86
C LYS YA 72 92.61 15.05 -23.51
N GLU YA 73 93.17 15.26 -24.70
CA GLU YA 73 93.12 16.55 -25.37
C GLU YA 73 92.41 16.42 -26.71
N ILE YA 74 91.67 17.46 -27.08
CA ILE YA 74 90.97 17.52 -28.35
C ILE YA 74 91.39 18.80 -29.07
N VAL YA 75 91.74 18.67 -30.35
CA VAL YA 75 92.24 19.79 -31.13
C VAL YA 75 91.14 20.25 -32.07
N ILE YA 76 90.79 21.55 -32.00
CA ILE YA 76 89.80 22.14 -32.88
C ILE YA 76 90.42 23.39 -33.53
N ASP YA 77 89.66 23.99 -34.45
CA ASP YA 77 90.13 25.12 -35.23
C ASP YA 77 89.46 26.40 -34.74
N ASP YA 78 90.25 27.48 -34.65
CA ASP YA 78 89.72 28.76 -34.19
C ASP YA 78 88.68 29.34 -35.15
N SER YA 79 88.64 28.88 -36.40
CA SER YA 79 87.64 29.35 -37.34
C SER YA 79 86.24 28.83 -37.00
N GLU YA 80 86.12 27.90 -36.06
CA GLU YA 80 84.85 27.28 -35.71
C GLU YA 80 84.40 27.64 -34.31
N VAL YA 81 84.96 28.68 -33.71
CA VAL YA 81 84.57 29.16 -32.39
C VAL YA 81 84.24 30.64 -32.48
N ILE YA 82 83.14 31.04 -31.84
CA ILE YA 82 82.68 32.42 -31.95
C ILE YA 82 83.39 33.31 -30.94
N THR YA 83 83.19 33.05 -29.66
CA THR YA 83 83.71 33.88 -28.59
C THR YA 83 84.45 33.04 -27.57
N ILE YA 84 85.59 33.56 -27.10
CA ILE YA 84 86.39 32.94 -26.05
C ILE YA 84 86.62 33.99 -24.97
N THR YA 85 86.08 33.75 -23.78
CA THR YA 85 86.13 34.74 -22.71
C THR YA 85 86.33 34.05 -21.36
N SER YA 86 86.93 34.78 -20.42
CA SER YA 86 87.13 34.26 -19.08
C SER YA 86 85.82 34.30 -18.29
N PRO YA 87 85.54 33.28 -17.48
CA PRO YA 87 84.27 33.25 -16.75
C PRO YA 87 84.37 33.88 -15.36
N LYS YA 88 83.24 33.98 -14.67
CA LYS YA 88 83.23 34.49 -13.31
C LYS YA 88 83.66 33.40 -12.32
N ASP YA 89 83.80 33.80 -11.06
CA ASP YA 89 84.41 32.91 -10.07
C ASP YA 89 83.45 31.79 -9.63
N ASP YA 90 82.15 32.06 -9.61
CA ASP YA 90 81.20 31.03 -9.18
C ASP YA 90 81.25 29.81 -10.09
N ILE YA 91 81.28 30.04 -11.40
CA ILE YA 91 81.36 28.93 -12.35
C ILE YA 91 82.70 28.22 -12.21
N ILE YA 92 83.76 28.96 -11.93
CA ILE YA 92 85.07 28.34 -11.71
C ILE YA 92 85.00 27.38 -10.52
N LYS YA 93 84.39 27.83 -9.42
CA LYS YA 93 84.26 26.98 -8.25
C LYS YA 93 83.44 25.74 -8.55
N SER YA 94 82.31 25.91 -9.24
CA SER YA 94 81.47 24.77 -9.57
C SER YA 94 82.21 23.78 -10.47
N TYR YA 95 82.95 24.29 -11.46
CA TYR YA 95 83.70 23.43 -12.36
C TYR YA 95 84.77 22.65 -11.62
N GLU YA 96 85.50 23.32 -10.72
CA GLU YA 96 86.53 22.62 -9.95
C GLU YA 96 85.92 21.55 -9.05
N SER YA 97 84.81 21.86 -8.39
CA SER YA 97 84.15 20.89 -7.54
C SER YA 97 83.71 19.67 -8.34
N HIS YA 98 83.10 19.89 -9.51
CA HIS YA 98 82.64 18.79 -10.32
C HIS YA 98 83.80 17.94 -10.84
N THR YA 99 84.88 18.59 -11.26
CA THR YA 99 86.01 17.87 -11.83
C THR YA 99 86.82 17.13 -10.76
N ARG YA 100 86.70 17.50 -9.49
CA ARG YA 100 87.31 16.67 -8.46
C ARG YA 100 86.39 15.55 -8.00
N VAL YA 101 85.07 15.79 -7.98
CA VAL YA 101 84.13 14.73 -7.61
C VAL YA 101 84.19 13.59 -8.62
N LEU YA 102 84.28 13.92 -9.91
CA LEU YA 102 84.36 12.86 -10.92
C LEU YA 102 85.60 11.99 -10.72
N GLU YA 103 86.75 12.62 -10.46
CA GLU YA 103 87.98 11.85 -10.23
C GLU YA 103 87.86 10.98 -8.98
N ASN YA 104 87.28 11.54 -7.91
CA ASN YA 104 87.12 10.76 -6.68
C ASN YA 104 86.26 9.52 -6.92
N LYS YA 105 85.14 9.71 -7.64
CA LYS YA 105 84.26 8.57 -7.92
C LYS YA 105 84.95 7.55 -8.81
N GLN YA 106 85.75 8.01 -9.78
CA GLN YA 106 86.48 7.10 -10.63
C GLN YA 106 87.44 6.23 -9.82
N VAL YA 107 88.17 6.86 -8.90
CA VAL YA 107 89.12 6.09 -8.07
C VAL YA 107 88.37 5.10 -7.18
N GLU YA 108 87.24 5.54 -6.61
CA GLU YA 108 86.47 4.63 -5.77
C GLU YA 108 86.00 3.41 -6.56
N GLU YA 109 85.53 3.63 -7.80
CA GLU YA 109 85.11 2.50 -8.62
C GLU YA 109 86.27 1.59 -8.99
N ILE YA 110 87.45 2.16 -9.21
CA ILE YA 110 88.63 1.34 -9.49
C ILE YA 110 88.92 0.42 -8.30
N LEU YA 111 88.89 0.97 -7.09
CA LEU YA 111 89.10 0.15 -5.90
C LEU YA 111 88.06 -0.95 -5.78
N ARG YA 112 86.79 -0.60 -6.01
CA ARG YA 112 85.72 -1.61 -5.95
C ARG YA 112 85.98 -2.75 -6.92
N LEU YA 113 86.31 -2.40 -8.16
CA LEU YA 113 86.55 -3.44 -9.17
C LEU YA 113 87.73 -4.31 -8.81
N GLU YA 114 88.81 -3.70 -8.32
CA GLU YA 114 89.99 -4.50 -7.96
C GLU YA 114 89.67 -5.46 -6.82
N LYS YA 115 88.95 -4.99 -5.81
CA LYS YA 115 88.60 -5.87 -4.69
C LYS YA 115 87.70 -7.01 -5.15
N GLU YA 116 86.71 -6.73 -5.99
CA GLU YA 116 85.83 -7.78 -6.49
C GLU YA 116 86.61 -8.81 -7.30
N ILE YA 117 87.54 -8.34 -8.14
CA ILE YA 117 88.34 -9.26 -8.95
C ILE YA 117 89.19 -10.14 -8.06
N GLU YA 118 89.82 -9.56 -7.04
CA GLU YA 118 90.66 -10.36 -6.15
C GLU YA 118 89.83 -11.42 -5.43
N ASP YA 119 88.66 -11.04 -4.92
CA ASP YA 119 87.81 -12.00 -4.21
C ASP YA 119 87.37 -13.12 -5.13
N LEU YA 120 86.93 -12.78 -6.35
CA LEU YA 120 86.49 -13.80 -7.29
C LEU YA 120 87.63 -14.74 -7.66
N GLN YA 121 88.82 -14.20 -7.89
CA GLN YA 121 89.96 -15.03 -8.24
C GLN YA 121 90.31 -15.99 -7.11
N ARG YA 122 90.30 -15.50 -5.87
CA ARG YA 122 90.61 -16.37 -4.73
C ARG YA 122 89.57 -17.48 -4.60
N MET YA 123 88.29 -17.14 -4.73
CA MET YA 123 87.25 -18.16 -4.58
C MET YA 123 87.34 -19.19 -5.70
N LYS YA 124 87.61 -18.75 -6.93
CA LYS YA 124 87.78 -19.69 -8.03
C LYS YA 124 88.99 -20.60 -7.80
N GLU YA 125 90.07 -20.04 -7.27
CA GLU YA 125 91.25 -20.86 -6.99
C GLU YA 125 90.93 -21.95 -5.97
N GLN YA 126 90.25 -21.59 -4.88
CA GLN YA 126 89.90 -22.61 -3.89
C GLN YA 126 88.95 -23.64 -4.47
N GLN YA 127 87.99 -23.21 -5.31
CA GLN YA 127 87.07 -24.17 -5.91
C GLN YA 127 87.80 -25.13 -6.84
N GLU YA 128 88.75 -24.62 -7.62
CA GLU YA 128 89.50 -25.47 -8.54
C GLU YA 128 90.47 -26.39 -7.82
N LEU YA 129 90.92 -26.01 -6.62
CA LEU YA 129 91.89 -26.83 -5.90
C LEU YA 129 91.37 -28.25 -5.67
N SER YA 130 90.09 -28.38 -5.31
CA SER YA 130 89.49 -29.69 -5.04
C SER YA 130 88.99 -30.27 -6.36
N LEU YA 131 89.82 -31.07 -7.00
CA LEU YA 131 89.47 -31.68 -8.28
C LEU YA 131 90.28 -32.94 -8.47
N THR YA 132 89.81 -33.79 -9.38
CA THR YA 132 90.45 -35.07 -9.68
C THR YA 132 91.30 -34.95 -10.93
N GLU YA 133 92.11 -35.99 -11.17
CA GLU YA 133 93.04 -35.97 -12.29
C GLU YA 133 92.32 -36.00 -13.63
N ALA YA 134 91.35 -36.91 -13.78
CA ALA YA 134 90.58 -36.96 -15.02
C ALA YA 134 89.78 -35.68 -15.23
N SER YA 135 89.22 -35.15 -14.15
CA SER YA 135 88.51 -33.87 -14.25
C SER YA 135 89.46 -32.75 -14.65
N LEU YA 136 90.68 -32.76 -14.12
CA LEU YA 136 91.66 -31.77 -14.52
C LEU YA 136 92.02 -31.88 -16.00
N GLN YA 137 92.15 -33.12 -16.50
CA GLN YA 137 92.44 -33.31 -17.92
C GLN YA 137 91.29 -32.81 -18.78
N LYS YA 138 90.05 -33.09 -18.38
CA LYS YA 138 88.90 -32.58 -19.13
C LYS YA 138 88.86 -31.06 -19.08
N LEU YA 139 89.18 -30.48 -17.93
CA LEU YA 139 89.26 -29.03 -17.80
C LEU YA 139 90.27 -28.46 -18.80
N GLN YA 140 91.47 -29.03 -18.85
CA GLN YA 140 92.49 -28.54 -19.76
C GLN YA 140 92.05 -28.69 -21.21
N GLU YA 141 91.44 -29.83 -21.56
CA GLU YA 141 91.00 -30.04 -22.94
C GLU YA 141 89.95 -29.03 -23.35
N ARG YA 142 88.95 -28.80 -22.48
CA ARG YA 142 87.89 -27.88 -22.84
C ARG YA 142 88.38 -26.44 -22.86
N ARG YA 143 89.33 -26.10 -21.98
CA ARG YA 143 89.94 -24.77 -22.03
C ARG YA 143 90.71 -24.57 -23.32
N ASP YA 144 91.41 -25.61 -23.78
CA ASP YA 144 92.10 -25.54 -25.07
C ASP YA 144 91.11 -25.35 -26.21
N GLN YA 145 90.00 -26.08 -26.16
CA GLN YA 145 88.94 -25.91 -27.16
C GLN YA 145 88.33 -24.51 -27.06
N LYS ZA 15 10.84 55.74 -85.46
CA LYS ZA 15 10.41 54.91 -84.34
C LYS ZA 15 8.89 54.87 -84.24
N ASN ZA 16 8.36 53.67 -83.98
CA ASN ZA 16 6.91 53.50 -83.94
C ASN ZA 16 6.61 52.27 -83.08
N ILE ZA 17 6.09 52.48 -81.88
CA ILE ZA 17 5.77 51.41 -80.95
C ILE ZA 17 4.26 51.24 -80.93
N LYS ZA 18 3.80 50.04 -81.32
CA LYS ZA 18 2.38 49.73 -81.35
C LYS ZA 18 2.18 48.31 -80.84
N ILE ZA 19 1.32 48.16 -79.83
CA ILE ZA 19 0.99 46.83 -79.33
C ILE ZA 19 0.06 46.15 -80.33
N MET ZA 20 0.08 44.81 -80.33
CA MET ZA 20 -0.82 44.07 -81.19
C MET ZA 20 -1.22 42.77 -80.50
N ARG ZA 21 -2.34 42.22 -80.95
CA ARG ZA 21 -2.86 40.95 -80.47
C ARG ZA 21 -2.82 39.93 -81.59
N LEU ZA 22 -2.18 38.80 -81.34
CA LEU ZA 22 -2.01 37.77 -82.35
C LEU ZA 22 -3.22 36.83 -82.38
N VAL ZA 23 -3.36 36.12 -83.50
CA VAL ZA 23 -4.45 35.15 -83.64
C VAL ZA 23 -4.34 34.06 -82.60
N THR ZA 24 -3.13 33.77 -82.13
CA THR ZA 24 -2.95 32.80 -81.06
C THR ZA 24 -3.62 33.27 -79.77
N GLY ZA 25 -3.56 34.57 -79.50
CA GLY ZA 25 -4.18 35.13 -78.32
C GLY ZA 25 -3.19 35.73 -77.35
N GLU ZA 26 -2.09 36.27 -77.87
CA GLU ZA 26 -1.04 36.86 -77.06
C GLU ZA 26 -0.80 38.29 -77.49
N ASP ZA 27 -0.17 39.06 -76.60
CA ASP ZA 27 0.05 40.49 -76.78
C ASP ZA 27 1.53 40.74 -77.04
N ILE ZA 28 1.83 41.37 -78.18
CA ILE ZA 28 3.19 41.63 -78.62
C ILE ZA 28 3.41 43.13 -78.67
N ILE ZA 29 4.48 43.59 -78.05
CA ILE ZA 29 4.85 45.00 -78.07
C ILE ZA 29 6.26 45.14 -78.63
N GLY ZA 30 6.44 46.08 -79.54
CA GLY ZA 30 7.76 46.29 -80.13
C GLY ZA 30 7.69 47.28 -81.27
N ASN ZA 31 8.85 47.47 -81.91
CA ASN ZA 31 8.94 48.39 -83.03
C ASN ZA 31 8.30 47.77 -84.26
N ILE ZA 32 7.40 48.52 -84.90
CA ILE ZA 32 6.58 47.98 -85.98
C ILE ZA 32 6.83 48.77 -87.26
N SER ZA 33 6.75 48.09 -88.39
CA SER ZA 33 6.85 48.75 -89.68
C SER ZA 33 5.94 48.03 -90.66
N GLU ZA 34 4.90 48.72 -91.14
CA GLU ZA 34 3.92 48.15 -92.05
C GLU ZA 34 4.17 48.71 -93.45
N SER ZA 35 4.79 47.89 -94.31
CA SER ZA 35 5.17 48.33 -95.65
C SER ZA 35 4.14 47.95 -96.71
N GLN ZA 36 3.91 46.65 -96.90
CA GLN ZA 36 3.07 46.16 -97.99
C GLN ZA 36 2.15 45.06 -97.48
N GLY ZA 37 1.48 45.33 -96.37
CA GLY ZA 37 0.64 44.33 -95.73
C GLY ZA 37 1.43 43.50 -94.75
N LEU ZA 38 2.40 42.74 -95.24
CA LEU ZA 38 3.33 42.05 -94.35
C LEU ZA 38 4.11 43.07 -93.54
N ILE ZA 39 4.24 42.82 -92.24
CA ILE ZA 39 4.81 43.79 -91.33
C ILE ZA 39 6.12 43.24 -90.75
N THR ZA 40 7.00 44.16 -90.37
CA THR ZA 40 8.30 43.86 -89.79
C THR ZA 40 8.28 44.29 -88.34
N ILE ZA 41 8.76 43.42 -87.45
CA ILE ZA 41 8.74 43.63 -86.02
C ILE ZA 41 10.17 43.53 -85.50
N LYS ZA 42 10.56 44.50 -84.66
CA LYS ZA 42 11.87 44.53 -84.05
C LYS ZA 42 11.72 44.62 -82.53
N LYS ZA 43 12.55 43.85 -81.82
CA LYS ZA 43 12.58 43.83 -80.36
C LYS ZA 43 11.20 43.52 -79.78
N ALA ZA 44 10.57 42.48 -80.32
CA ALA ZA 44 9.25 42.08 -79.87
C ALA ZA 44 9.30 41.51 -78.46
N PHE ZA 45 8.23 41.78 -77.70
CA PHE ZA 45 8.11 41.29 -76.34
C PHE ZA 45 6.69 40.78 -76.11
N VAL ZA 46 6.58 39.62 -75.49
CA VAL ZA 46 5.30 39.08 -75.05
C VAL ZA 46 4.96 39.70 -73.71
N ILE ZA 47 3.74 40.25 -73.60
CA ILE ZA 47 3.26 40.85 -72.37
C ILE ZA 47 2.44 39.81 -71.62
N ILE ZA 48 2.88 39.44 -70.44
CA ILE ZA 48 2.20 38.43 -69.61
C ILE ZA 48 1.32 39.17 -68.61
N PRO ZA 49 0.02 38.91 -68.57
CA PRO ZA 49 -0.84 39.59 -67.61
C PRO ZA 49 -0.61 39.11 -66.18
N MET ZA 50 0.02 39.95 -65.36
CA MET ZA 50 0.33 39.59 -63.99
C MET ZA 50 0.60 40.85 -63.16
N GLN ZA 59 1.28 45.48 -61.82
CA GLN ZA 59 2.49 45.66 -62.62
C GLN ZA 59 2.42 44.85 -63.91
N LEU ZA 60 3.47 44.92 -64.71
CA LEU ZA 60 3.54 44.22 -65.99
C LEU ZA 60 4.81 43.38 -66.05
N VAL ZA 61 4.72 42.26 -66.77
CA VAL ZA 61 5.85 41.37 -66.98
C VAL ZA 61 6.03 41.19 -68.48
N LEU ZA 62 7.27 41.32 -68.94
CA LEU ZA 62 7.60 41.18 -70.35
C LEU ZA 62 8.58 40.02 -70.52
N SER ZA 63 8.44 39.31 -71.62
CA SER ZA 63 9.31 38.19 -71.95
C SER ZA 63 9.73 38.27 -73.41
N PRO ZA 64 10.85 37.66 -73.77
CA PRO ZA 64 11.23 37.63 -75.19
C PRO ZA 64 10.22 36.85 -76.01
N TRP ZA 65 10.01 37.30 -77.25
CA TRP ZA 65 9.02 36.64 -78.11
C TRP ZA 65 9.62 35.45 -78.83
N GLN ZA 66 10.85 35.58 -79.34
CA GLN ZA 66 11.50 34.53 -80.12
C GLN ZA 66 12.86 34.26 -79.50
N PRO ZA 67 12.90 33.50 -78.40
CA PRO ZA 67 14.16 33.26 -77.70
C PRO ZA 67 15.07 32.22 -78.35
N TYR ZA 68 14.79 31.81 -79.59
CA TYR ZA 68 15.62 30.84 -80.29
C TYR ZA 68 16.28 31.42 -81.53
N THR ZA 69 16.13 32.71 -81.79
CA THR ZA 69 16.70 33.34 -82.98
C THR ZA 69 17.42 34.62 -82.59
N ASP ZA 70 18.45 34.96 -83.37
CA ASP ZA 70 19.21 36.19 -83.18
C ASP ZA 70 18.88 37.25 -84.22
N ASP ZA 71 17.91 36.99 -85.09
CA ASP ZA 71 17.56 37.96 -86.12
C ASP ZA 71 17.00 39.23 -85.50
N LYS ZA 72 17.44 40.37 -86.02
CA LYS ZA 72 16.97 41.65 -85.49
C LYS ZA 72 15.50 41.87 -85.83
N GLU ZA 73 15.09 41.53 -87.05
CA GLU ZA 73 13.75 41.79 -87.53
C GLU ZA 73 13.05 40.49 -87.88
N ILE ZA 74 11.74 40.43 -87.63
CA ILE ZA 74 10.92 39.27 -87.96
C ILE ZA 74 9.76 39.75 -88.81
N VAL ZA 75 9.50 39.06 -89.92
CA VAL ZA 75 8.47 39.44 -90.87
C VAL ZA 75 7.28 38.51 -90.70
N ILE ZA 76 6.10 39.09 -90.46
CA ILE ZA 76 4.86 38.33 -90.34
C ILE ZA 76 3.83 38.93 -91.29
N ASP ZA 77 2.67 38.27 -91.38
CA ASP ZA 77 1.61 38.66 -92.28
C ASP ZA 77 0.47 39.33 -91.53
N ASP ZA 78 -0.08 40.38 -92.11
CA ASP ZA 78 -1.18 41.11 -91.48
C ASP ZA 78 -2.43 40.27 -91.37
N SER ZA 79 -2.55 39.20 -92.15
CA SER ZA 79 -3.71 38.32 -92.04
C SER ZA 79 -3.72 37.50 -90.76
N GLU ZA 80 -2.62 37.53 -90.00
CA GLU ZA 80 -2.48 36.72 -88.79
C GLU ZA 80 -2.42 37.58 -87.53
N VAL ZA 81 -2.84 38.84 -87.61
CA VAL ZA 81 -2.87 39.74 -86.47
C VAL ZA 81 -4.27 40.33 -86.35
N ILE ZA 82 -4.79 40.37 -85.13
CA ILE ZA 82 -6.17 40.82 -84.92
C ILE ZA 82 -6.24 42.33 -84.83
N THR ZA 83 -5.60 42.90 -83.81
CA THR ZA 83 -5.67 44.33 -83.53
C THR ZA 83 -4.27 44.91 -83.36
N ILE ZA 84 -4.07 46.10 -83.92
CA ILE ZA 84 -2.83 46.85 -83.78
C ILE ZA 84 -3.20 48.25 -83.29
N THR ZA 85 -2.75 48.59 -82.08
CA THR ZA 85 -3.14 49.85 -81.46
C THR ZA 85 -1.97 50.43 -80.68
N SER ZA 86 -1.97 51.75 -80.53
CA SER ZA 86 -0.94 52.43 -79.76
C SER ZA 86 -1.20 52.26 -78.26
N PRO ZA 87 -0.14 52.06 -77.46
CA PRO ZA 87 -0.34 51.84 -76.03
C PRO ZA 87 -0.29 53.12 -75.21
N LYS ZA 88 -0.56 53.01 -73.91
CA LYS ZA 88 -0.47 54.16 -73.03
C LYS ZA 88 0.98 54.41 -72.63
N ASP ZA 89 1.21 55.52 -71.92
CA ASP ZA 89 2.57 55.97 -71.66
C ASP ZA 89 3.28 55.13 -70.61
N ASP ZA 90 2.55 54.59 -69.63
CA ASP ZA 90 3.19 53.79 -68.59
C ASP ZA 90 3.87 52.56 -69.17
N ILE ZA 91 3.19 51.87 -70.09
CA ILE ZA 91 3.77 50.69 -70.71
C ILE ZA 91 4.95 51.09 -71.59
N ILE ZA 92 4.88 52.26 -72.23
CA ILE ZA 92 6.00 52.75 -73.02
C ILE ZA 92 7.22 52.94 -72.14
N LYS ZA 93 7.03 53.57 -70.97
CA LYS ZA 93 8.14 53.79 -70.05
C LYS ZA 93 8.73 52.46 -69.57
N SER ZA 94 7.86 51.51 -69.21
CA SER ZA 94 8.35 50.21 -68.74
C SER ZA 94 9.12 49.50 -69.84
N TYR ZA 95 8.61 49.53 -71.08
CA TYR ZA 95 9.27 48.87 -72.19
C TYR ZA 95 10.64 49.50 -72.47
N GLU ZA 96 10.73 50.83 -72.44
CA GLU ZA 96 12.01 51.48 -72.66
C GLU ZA 96 13.01 51.13 -71.56
N SER ZA 97 12.55 51.14 -70.30
CA SER ZA 97 13.44 50.79 -69.20
C SER ZA 97 13.96 49.37 -69.35
N HIS ZA 98 13.08 48.43 -69.68
CA HIS ZA 98 13.50 47.04 -69.81
C HIS ZA 98 14.46 46.87 -70.98
N THR ZA 99 14.18 47.53 -72.11
CA THR ZA 99 15.03 47.37 -73.28
C THR ZA 99 16.37 48.08 -73.14
N ARG ZA 100 16.50 49.04 -72.23
CA ARG ZA 100 17.85 49.55 -71.95
C ARG ZA 100 18.58 48.73 -70.90
N VAL ZA 101 17.86 48.17 -69.92
CA VAL ZA 101 18.51 47.32 -68.92
C VAL ZA 101 19.09 46.08 -69.59
N LEU ZA 102 18.36 45.48 -70.53
CA LEU ZA 102 18.88 44.30 -71.20
C LEU ZA 102 20.17 44.61 -71.95
N GLU ZA 103 20.22 45.73 -72.66
CA GLU ZA 103 21.43 46.10 -73.39
C GLU ZA 103 22.59 46.36 -72.42
N ASN ZA 104 22.32 47.04 -71.31
CA ASN ZA 104 23.37 47.31 -70.34
C ASN ZA 104 23.95 46.01 -69.78
N LYS ZA 105 23.08 45.06 -69.44
CA LYS ZA 105 23.56 43.78 -68.92
C LYS ZA 105 24.34 43.01 -69.97
N GLN ZA 106 23.90 43.08 -71.23
CA GLN ZA 106 24.63 42.41 -72.31
C GLN ZA 106 26.04 42.97 -72.43
N VAL ZA 107 26.18 44.29 -72.40
CA VAL ZA 107 27.51 44.90 -72.51
C VAL ZA 107 28.37 44.53 -71.32
N GLU ZA 108 27.79 44.52 -70.11
CA GLU ZA 108 28.55 44.14 -68.93
C GLU ZA 108 29.06 42.71 -69.05
N GLU ZA 109 28.23 41.80 -69.53
CA GLU ZA 109 28.67 40.42 -69.71
C GLU ZA 109 29.75 40.30 -70.78
N ILE ZA 110 29.66 41.11 -71.84
CA ILE ZA 110 30.72 41.10 -72.86
C ILE ZA 110 32.06 41.51 -72.25
N LEU ZA 111 32.05 42.57 -71.43
CA LEU ZA 111 33.28 42.98 -70.77
C LEU ZA 111 33.81 41.89 -69.84
N ARG ZA 112 32.93 41.25 -69.07
CA ARG ZA 112 33.36 40.18 -68.19
C ARG ZA 112 34.04 39.07 -68.97
N LEU ZA 113 33.41 38.63 -70.07
CA LEU ZA 113 33.97 37.54 -70.86
C LEU ZA 113 35.31 37.93 -71.45
N GLU ZA 114 35.43 39.15 -71.97
CA GLU ZA 114 36.70 39.57 -72.57
C GLU ZA 114 37.81 39.59 -71.52
N LYS ZA 115 37.52 40.11 -70.33
CA LYS ZA 115 38.54 40.14 -69.28
C LYS ZA 115 38.96 38.75 -68.87
N GLU ZA 116 37.99 37.83 -68.70
CA GLU ZA 116 38.33 36.46 -68.33
C GLU ZA 116 39.18 35.79 -69.40
N ILE ZA 117 38.83 36.01 -70.67
CA ILE ZA 117 39.61 35.41 -71.76
C ILE ZA 117 41.03 35.94 -71.76
N GLU ZA 118 41.20 37.25 -71.58
CA GLU ZA 118 42.54 37.82 -71.56
C GLU ZA 118 43.37 37.25 -70.42
N ASP ZA 119 42.77 37.17 -69.23
CA ASP ZA 119 43.51 36.63 -68.07
C ASP ZA 119 43.90 35.18 -68.31
N LEU ZA 120 42.98 34.37 -68.81
CA LEU ZA 120 43.28 32.96 -69.05
C LEU ZA 120 44.38 32.81 -70.10
N GLN ZA 121 44.32 33.61 -71.17
CA GLN ZA 121 45.34 33.54 -72.21
C GLN ZA 121 46.71 33.91 -71.66
N ARG ZA 122 46.78 34.97 -70.86
CA ARG ZA 122 48.05 35.38 -70.29
C ARG ZA 122 48.61 34.30 -69.37
N MET ZA 123 47.77 33.71 -68.51
CA MET ZA 123 48.25 32.68 -67.60
C MET ZA 123 48.72 31.45 -68.36
N LYS ZA 124 47.98 31.05 -69.40
CA LYS ZA 124 48.41 29.92 -70.22
C LYS ZA 124 49.73 30.21 -70.91
N GLU ZA 125 49.91 31.44 -71.39
CA GLU ZA 125 51.17 31.79 -72.05
C GLU ZA 125 52.34 31.67 -71.08
N GLN ZA 126 52.19 32.20 -69.87
CA GLN ZA 126 53.28 32.07 -68.89
C GLN ZA 126 53.53 30.62 -68.51
N GLN ZA 127 52.46 29.82 -68.38
CA GLN ZA 127 52.65 28.41 -68.05
C GLN ZA 127 53.39 27.67 -69.16
N GLU ZA 128 53.05 27.96 -70.42
CA GLU ZA 128 53.70 27.30 -71.55
C GLU ZA 128 55.14 27.78 -71.74
N LEU ZA 129 55.47 28.99 -71.30
CA LEU ZA 129 56.82 29.52 -71.50
C LEU ZA 129 57.86 28.60 -70.89
N SER ZA 130 57.61 28.07 -69.70
CA SER ZA 130 58.55 27.19 -69.01
C SER ZA 130 58.32 25.77 -69.48
N LEU ZA 131 59.08 25.36 -70.49
CA LEU ZA 131 58.94 24.01 -71.04
C LEU ZA 131 60.25 23.62 -71.72
N THR ZA 132 60.41 22.32 -71.93
CA THR ZA 132 61.61 21.76 -72.53
C THR ZA 132 61.38 21.48 -74.02
N GLU ZA 133 62.47 21.19 -74.72
CA GLU ZA 133 62.40 20.98 -76.16
C GLU ZA 133 61.61 19.73 -76.51
N ALA ZA 134 61.92 18.61 -75.85
CA ALA ZA 134 61.18 17.38 -76.10
C ALA ZA 134 59.72 17.53 -75.70
N SER ZA 135 59.46 18.21 -74.58
CA SER ZA 135 58.08 18.48 -74.19
C SER ZA 135 57.37 19.35 -75.22
N LEU ZA 136 58.08 20.33 -75.78
CA LEU ZA 136 57.49 21.16 -76.83
C LEU ZA 136 57.15 20.33 -78.07
N GLN ZA 137 58.04 19.41 -78.44
CA GLN ZA 137 57.77 18.54 -79.59
C GLN ZA 137 56.56 17.66 -79.33
N LYS ZA 138 56.45 17.09 -78.13
CA LYS ZA 138 55.29 16.28 -77.80
C LYS ZA 138 54.02 17.13 -77.82
N LEU ZA 139 54.10 18.36 -77.31
CA LEU ZA 139 52.98 19.29 -77.36
C LEU ZA 139 52.52 19.51 -78.80
N GLN ZA 140 53.47 19.80 -79.69
CA GLN ZA 140 53.11 20.04 -81.09
C GLN ZA 140 52.49 18.79 -81.72
N GLU ZA 141 53.07 17.62 -81.45
CA GLU ZA 141 52.54 16.39 -82.03
C GLU ZA 141 51.12 16.12 -81.56
N ARG ZA 142 50.87 16.27 -80.26
CA ARG ZA 142 49.53 15.98 -79.75
C ARG ZA 142 48.52 17.04 -80.19
N ARG ZA 143 48.96 18.29 -80.34
CA ARG ZA 143 48.08 19.32 -80.89
C ARG ZA 143 47.73 19.02 -82.33
N ASP ZA 144 48.70 18.53 -83.11
CA ASP ZA 144 48.41 18.11 -84.48
C ASP ZA 144 47.43 16.95 -84.51
N GLN ZA 145 47.60 15.98 -83.62
CA GLN ZA 145 46.65 14.88 -83.51
C GLN ZA 145 45.28 15.40 -83.07
N LYS AB 15 -75.18 -18.11 -67.24
CA LYS AB 15 -74.22 -18.07 -66.14
C LYS AB 15 -74.77 -18.83 -64.93
N ASN AB 16 -73.90 -19.61 -64.29
CA ASN AB 16 -74.30 -20.44 -63.16
C ASN AB 16 -73.07 -20.72 -62.32
N ILE AB 17 -73.00 -20.10 -61.14
CA ILE AB 17 -71.88 -20.26 -60.22
C ILE AB 17 -72.34 -21.15 -59.07
N LYS AB 18 -71.68 -22.31 -58.92
CA LYS AB 18 -72.00 -23.25 -57.86
C LYS AB 18 -70.71 -23.81 -57.28
N ILE AB 19 -70.54 -23.69 -55.97
CA ILE AB 19 -69.38 -24.28 -55.33
C ILE AB 19 -69.57 -25.79 -55.23
N MET AB 20 -68.46 -26.52 -55.18
CA MET AB 20 -68.52 -27.96 -55.03
C MET AB 20 -67.34 -28.46 -54.21
N ARG AB 21 -67.51 -29.63 -53.63
CA ARG AB 21 -66.48 -30.29 -52.86
C ARG AB 21 -66.06 -31.58 -53.56
N LEU AB 22 -64.76 -31.70 -53.82
CA LEU AB 22 -64.23 -32.84 -54.56
C LEU AB 22 -63.95 -34.01 -53.62
N VAL AB 23 -63.85 -35.21 -54.21
CA VAL AB 23 -63.54 -36.41 -53.43
C VAL AB 23 -62.18 -36.28 -52.75
N THR AB 24 -61.27 -35.50 -53.34
CA THR AB 24 -59.98 -35.26 -52.72
C THR AB 24 -60.14 -34.52 -51.39
N GLY AB 25 -61.10 -33.59 -51.33
CA GLY AB 25 -61.35 -32.85 -50.11
C GLY AB 25 -61.08 -31.36 -50.26
N GLU AB 26 -61.29 -30.82 -51.46
CA GLU AB 26 -61.04 -29.42 -51.74
C GLU AB 26 -62.30 -28.78 -52.28
N ASP AB 27 -62.34 -27.44 -52.21
CA ASP AB 27 -63.50 -26.66 -52.58
C ASP AB 27 -63.22 -25.90 -53.88
N ILE AB 28 -64.06 -26.13 -54.88
CA ILE AB 28 -63.89 -25.56 -56.21
C ILE AB 28 -65.08 -24.64 -56.49
N ILE AB 29 -64.80 -23.41 -56.91
CA ILE AB 29 -65.82 -22.45 -57.27
C ILE AB 29 -65.58 -22.00 -58.71
N GLY AB 30 -66.64 -21.97 -59.50
CA GLY AB 30 -66.51 -21.54 -60.88
C GLY AB 30 -67.80 -21.76 -61.64
N ASN AB 31 -67.74 -21.46 -62.93
CA ASN AB 31 -68.90 -21.62 -63.80
C ASN AB 31 -69.13 -23.10 -64.10
N ILE AB 32 -70.35 -23.57 -63.89
CA ILE AB 32 -70.65 -24.99 -63.95
C ILE AB 32 -71.70 -25.23 -65.03
N SER AB 33 -71.61 -26.39 -65.68
CA SER AB 33 -72.62 -26.81 -66.65
C SER AB 33 -72.77 -28.32 -66.57
N GLU AB 34 -73.93 -28.79 -66.14
CA GLU AB 34 -74.21 -30.21 -65.97
C GLU AB 34 -75.11 -30.67 -67.12
N SER AB 35 -74.53 -31.35 -68.10
CA SER AB 35 -75.26 -31.77 -69.30
C SER AB 35 -75.76 -33.21 -69.20
N GLN AB 36 -74.85 -34.17 -69.08
CA GLN AB 36 -75.20 -35.60 -69.15
C GLN AB 36 -74.46 -36.35 -68.05
N GLY AB 37 -74.52 -35.83 -66.82
CA GLY AB 37 -73.78 -36.43 -65.73
C GLY AB 37 -72.40 -35.83 -65.62
N LEU AB 38 -71.58 -36.06 -66.64
CA LEU AB 38 -70.28 -35.39 -66.71
C LEU AB 38 -70.50 -33.89 -66.81
N ILE AB 39 -69.73 -33.12 -66.04
CA ILE AB 39 -69.95 -31.69 -65.93
C ILE AB 39 -68.76 -30.94 -66.49
N THR AB 40 -69.02 -29.73 -66.95
CA THR AB 40 -68.02 -28.84 -67.52
C THR AB 40 -67.82 -27.67 -66.57
N ILE AB 41 -66.55 -27.32 -66.31
CA ILE AB 41 -66.18 -26.29 -65.36
C ILE AB 41 -65.33 -25.26 -66.08
N LYS AB 42 -65.66 -23.99 -65.87
CA LYS AB 42 -64.92 -22.87 -66.45
C LYS AB 42 -64.47 -21.93 -65.36
N LYS AB 43 -63.21 -21.47 -65.46
CA LYS AB 43 -62.63 -20.51 -64.52
C LYS AB 43 -62.69 -21.04 -63.09
N ALA AB 44 -62.29 -22.30 -62.91
CA ALA AB 44 -62.32 -22.92 -61.60
C ALA AB 44 -61.28 -22.31 -60.67
N PHE AB 45 -61.64 -22.23 -59.39
CA PHE AB 45 -60.75 -21.69 -58.37
C PHE AB 45 -60.82 -22.56 -57.13
N VAL AB 46 -59.65 -22.87 -56.57
CA VAL AB 46 -59.55 -23.56 -55.29
C VAL AB 46 -59.69 -22.53 -54.18
N ILE AB 47 -60.59 -22.80 -53.24
CA ILE AB 47 -60.80 -21.92 -52.09
C ILE AB 47 -59.99 -22.45 -50.93
N ILE AB 48 -59.03 -21.66 -50.46
CA ILE AB 48 -58.15 -22.04 -49.35
C ILE AB 48 -58.73 -21.45 -48.07
N PRO AB 49 -59.03 -22.26 -47.05
CA PRO AB 49 -59.57 -21.71 -45.80
C PRO AB 49 -58.52 -20.93 -45.02
N MET AB 50 -58.66 -19.61 -45.00
CA MET AB 50 -57.70 -18.75 -44.31
C MET AB 50 -58.31 -17.38 -44.02
N GLN AB 59 -61.36 -13.59 -43.91
CA GLN AB 59 -61.33 -13.37 -45.35
C GLN AB 59 -61.19 -14.69 -46.11
N LEU AB 60 -61.13 -14.62 -47.43
CA LEU AB 60 -61.02 -15.79 -48.28
C LEU AB 60 -59.84 -15.63 -49.23
N VAL AB 61 -59.23 -16.75 -49.57
CA VAL AB 61 -58.11 -16.80 -50.51
C VAL AB 61 -58.47 -17.76 -51.63
N LEU AB 62 -58.26 -17.35 -52.87
CA LEU AB 62 -58.55 -18.16 -54.03
C LEU AB 62 -57.27 -18.39 -54.82
N SER AB 63 -57.15 -19.57 -55.40
CA SER AB 63 -56.00 -19.95 -56.20
C SER AB 63 -56.46 -20.62 -57.48
N PRO AB 64 -55.65 -20.60 -58.54
CA PRO AB 64 -56.03 -21.34 -59.75
C PRO AB 64 -56.10 -22.83 -59.49
N TRP AB 65 -57.04 -23.49 -60.17
CA TRP AB 65 -57.21 -24.93 -59.97
C TRP AB 65 -56.26 -25.74 -60.82
N GLN AB 66 -56.08 -25.35 -62.08
CA GLN AB 66 -55.25 -26.09 -63.03
C GLN AB 66 -54.23 -25.14 -63.63
N PRO AB 67 -53.17 -24.82 -62.88
CA PRO AB 67 -52.18 -23.83 -63.36
C PRO AB 67 -51.22 -24.36 -64.41
N TYR AB 68 -51.47 -25.54 -64.99
CA TYR AB 68 -50.59 -26.09 -66.02
C TYR AB 68 -51.29 -26.22 -67.38
N THR AB 69 -52.53 -25.75 -67.50
CA THR AB 69 -53.27 -25.86 -68.74
C THR AB 69 -53.90 -24.52 -69.10
N ASP AB 70 -54.06 -24.29 -70.40
CA ASP AB 70 -54.71 -23.09 -70.91
C ASP AB 70 -56.12 -23.35 -71.42
N ASP AB 71 -56.63 -24.57 -71.25
CA ASP AB 71 -57.97 -24.87 -71.72
C ASP AB 71 -59.01 -24.07 -70.96
N LYS AB 72 -59.99 -23.53 -71.70
CA LYS AB 72 -61.04 -22.73 -71.07
C LYS AB 72 -61.94 -23.59 -70.21
N GLU AB 73 -62.30 -24.79 -70.69
CA GLU AB 73 -63.24 -25.66 -70.00
C GLU AB 73 -62.57 -26.97 -69.64
N ILE AB 74 -62.95 -27.53 -68.49
CA ILE AB 74 -62.45 -28.82 -68.03
C ILE AB 74 -63.65 -29.72 -67.75
N VAL AB 75 -63.60 -30.95 -68.24
CA VAL AB 75 -64.70 -31.89 -68.12
C VAL AB 75 -64.35 -32.93 -67.07
N ILE AB 76 -65.20 -33.07 -66.05
CA ILE AB 76 -65.02 -34.06 -65.01
C ILE AB 76 -66.30 -34.89 -64.89
N ASP AB 77 -66.25 -35.91 -64.05
CA ASP AB 77 -67.35 -36.84 -63.88
C ASP AB 77 -68.07 -36.59 -62.54
N ASP AB 78 -69.40 -36.65 -62.58
CA ASP AB 78 -70.20 -36.42 -61.39
C ASP AB 78 -69.97 -37.47 -60.31
N SER AB 79 -69.43 -38.64 -60.68
CA SER AB 79 -69.12 -39.67 -59.69
C SER AB 79 -67.94 -39.30 -58.81
N GLU AB 80 -67.23 -38.22 -59.13
CA GLU AB 80 -66.04 -37.81 -58.39
C GLU AB 80 -66.24 -36.49 -57.65
N VAL AB 81 -67.48 -36.06 -57.46
CA VAL AB 81 -67.80 -34.85 -56.73
C VAL AB 81 -68.81 -35.18 -55.64
N ILE AB 82 -68.58 -34.65 -54.43
CA ILE AB 82 -69.42 -34.99 -53.30
C ILE AB 82 -70.67 -34.12 -53.27
N THR AB 83 -70.49 -32.80 -53.11
CA THR AB 83 -71.60 -31.87 -52.95
C THR AB 83 -71.45 -30.72 -53.92
N ILE AB 84 -72.57 -30.31 -54.51
CA ILE AB 84 -72.64 -29.15 -55.39
C ILE AB 84 -73.76 -28.25 -54.87
N THR AB 85 -73.40 -27.04 -54.42
CA THR AB 85 -74.36 -26.15 -53.80
C THR AB 85 -74.07 -24.71 -54.18
N SER AB 86 -75.11 -23.88 -54.16
CA SER AB 86 -74.96 -22.46 -54.46
C SER AB 86 -74.35 -21.73 -53.28
N PRO AB 87 -73.46 -20.77 -53.52
CA PRO AB 87 -72.78 -20.07 -52.42
C PRO AB 87 -73.51 -18.81 -51.99
N LYS AB 88 -73.03 -18.18 -50.93
CA LYS AB 88 -73.61 -16.92 -50.47
C LYS AB 88 -73.07 -15.76 -51.32
N ASP AB 89 -73.63 -14.56 -51.07
CA ASP AB 89 -73.36 -13.43 -51.96
C ASP AB 89 -71.97 -12.85 -51.76
N ASP AB 90 -71.44 -12.90 -50.53
CA ASP AB 90 -70.11 -12.34 -50.28
C ASP AB 90 -69.05 -13.04 -51.10
N ILE AB 91 -69.09 -14.37 -51.15
CA ILE AB 91 -68.12 -15.12 -51.94
C ILE AB 91 -68.32 -14.84 -53.42
N ILE AB 92 -69.57 -14.65 -53.85
CA ILE AB 92 -69.83 -14.30 -55.24
C ILE AB 92 -69.15 -12.98 -55.59
N LYS AB 93 -69.30 -11.97 -54.71
CA LYS AB 93 -68.68 -10.68 -54.94
C LYS AB 93 -67.16 -10.80 -55.00
N SER AB 94 -66.58 -11.54 -54.05
CA SER AB 94 -65.12 -11.71 -54.05
C SER AB 94 -64.64 -12.42 -55.31
N TYR AB 95 -65.36 -13.45 -55.73
CA TYR AB 95 -64.98 -14.19 -56.94
C TYR AB 95 -65.05 -13.30 -58.18
N GLU AB 96 -66.11 -12.50 -58.29
CA GLU AB 96 -66.22 -11.60 -59.45
C GLU AB 96 -65.11 -10.56 -59.44
N SER AB 97 -64.81 -9.99 -58.27
CA SER AB 97 -63.74 -9.01 -58.18
C SER AB 97 -62.40 -9.62 -58.60
N HIS AB 98 -62.11 -10.81 -58.10
CA HIS AB 98 -60.84 -11.46 -58.43
C HIS AB 98 -60.76 -11.79 -59.92
N THR AB 99 -61.86 -12.29 -60.49
CA THR AB 99 -61.84 -12.70 -61.89
C THR AB 99 -61.83 -11.51 -62.84
N ARG AB 100 -62.21 -10.32 -62.39
CA ARG AB 100 -61.99 -9.16 -63.25
C ARG AB 100 -60.61 -8.55 -63.05
N VAL AB 101 -60.07 -8.59 -61.84
CA VAL AB 101 -58.71 -8.09 -61.61
C VAL AB 101 -57.70 -8.90 -62.42
N LEU AB 102 -57.87 -10.23 -62.46
CA LEU AB 102 -56.94 -11.05 -63.23
C LEU AB 102 -56.96 -10.67 -64.70
N GLU AB 103 -58.15 -10.49 -65.27
CA GLU AB 103 -58.25 -10.11 -66.68
C GLU AB 103 -57.62 -8.74 -66.93
N ASN AB 104 -57.87 -7.78 -66.03
CA ASN AB 104 -57.29 -6.45 -66.20
C ASN AB 104 -55.77 -6.52 -66.19
N LYS AB 105 -55.20 -7.28 -65.26
CA LYS AB 105 -53.74 -7.40 -65.20
C LYS AB 105 -53.20 -8.10 -66.45
N GLN AB 106 -53.91 -9.11 -66.95
CA GLN AB 106 -53.49 -9.78 -68.16
C GLN AB 106 -53.43 -8.81 -69.34
N VAL AB 107 -54.47 -7.98 -69.49
CA VAL AB 107 -54.48 -7.02 -70.59
C VAL AB 107 -53.35 -6.01 -70.43
N GLU AB 108 -53.11 -5.53 -69.21
CA GLU AB 108 -52.03 -4.59 -68.97
C GLU AB 108 -50.69 -5.19 -69.36
N GLU AB 109 -50.45 -6.45 -69.00
CA GLU AB 109 -49.20 -7.09 -69.37
C GLU AB 109 -49.08 -7.27 -70.87
N ILE AB 110 -50.20 -7.55 -71.56
CA ILE AB 110 -50.16 -7.66 -73.01
C ILE AB 110 -49.72 -6.34 -73.64
N LEU AB 111 -50.29 -5.23 -73.16
CA LEU AB 111 -49.89 -3.92 -73.66
C LEU AB 111 -48.41 -3.66 -73.40
N ARG AB 112 -47.94 -3.97 -72.19
CA ARG AB 112 -46.53 -3.78 -71.87
C ARG AB 112 -45.63 -4.54 -72.83
N LEU AB 113 -45.95 -5.82 -73.05
CA LEU AB 113 -45.13 -6.64 -73.93
C LEU AB 113 -45.13 -6.10 -75.36
N GLU AB 114 -46.31 -5.70 -75.85
CA GLU AB 114 -46.38 -5.18 -77.22
C GLU AB 114 -45.54 -3.92 -77.36
N LYS AB 115 -45.62 -3.00 -76.39
CA LYS AB 115 -44.85 -1.78 -76.47
C LYS AB 115 -43.35 -2.07 -76.44
N GLU AB 116 -42.92 -2.98 -75.56
CA GLU AB 116 -41.51 -3.31 -75.48
C GLU AB 116 -41.02 -3.93 -76.79
N ILE AB 117 -41.82 -4.82 -77.38
CA ILE AB 117 -41.45 -5.44 -78.64
C ILE AB 117 -41.31 -4.40 -79.73
N GLU AB 118 -42.27 -3.47 -79.81
CA GLU AB 118 -42.19 -2.44 -80.84
C GLU AB 118 -40.95 -1.58 -80.68
N ASP AB 119 -40.65 -1.16 -79.44
CA ASP AB 119 -39.47 -0.34 -79.20
C ASP AB 119 -38.19 -1.09 -79.58
N LEU AB 120 -38.08 -2.35 -79.16
CA LEU AB 120 -36.89 -3.12 -79.48
C LEU AB 120 -36.73 -3.31 -80.98
N GLN AB 121 -37.83 -3.58 -81.68
CA GLN AB 121 -37.75 -3.76 -83.12
C GLN AB 121 -37.30 -2.49 -83.82
N ARG AB 122 -37.85 -1.34 -83.40
CA ARG AB 122 -37.45 -0.08 -84.00
C ARG AB 122 -35.97 0.21 -83.76
N MET AB 123 -35.50 -0.01 -82.53
CA MET AB 123 -34.09 0.26 -82.22
C MET AB 123 -33.18 -0.66 -83.01
N LYS AB 124 -33.54 -1.94 -83.13
CA LYS AB 124 -32.74 -2.87 -83.92
C LYS AB 124 -32.73 -2.46 -85.38
N GLU AB 125 -33.86 -2.00 -85.91
CA GLU AB 125 -33.90 -1.56 -87.30
C GLU AB 125 -32.95 -0.39 -87.54
N GLN AB 126 -32.99 0.61 -86.65
CA GLN AB 126 -32.07 1.74 -86.81
C GLN AB 126 -30.62 1.31 -86.67
N GLN AB 127 -30.33 0.38 -85.74
CA GLN AB 127 -28.95 -0.08 -85.59
C GLN AB 127 -28.48 -0.83 -86.83
N GLU AB 128 -29.34 -1.65 -87.42
CA GLU AB 128 -28.97 -2.39 -88.62
C GLU AB 128 -28.85 -1.51 -89.85
N LEU AB 129 -29.56 -0.37 -89.87
CA LEU AB 129 -29.53 0.49 -91.05
C LEU AB 129 -28.11 0.93 -91.37
N SER AB 130 -27.31 1.26 -90.36
CA SER AB 130 -25.94 1.73 -90.57
C SER AB 130 -25.03 0.51 -90.63
N LEU AB 131 -24.78 0.02 -91.84
CA LEU AB 131 -23.94 -1.14 -92.03
C LEU AB 131 -23.35 -1.12 -93.43
N THR AB 132 -22.27 -1.88 -93.62
CA THR AB 132 -21.57 -1.95 -94.88
C THR AB 132 -22.00 -3.19 -95.67
N GLU AB 133 -21.60 -3.23 -96.94
CA GLU AB 133 -22.01 -4.31 -97.82
C GLU AB 133 -21.42 -5.65 -97.39
N ALA AB 134 -20.11 -5.68 -97.13
CA ALA AB 134 -19.48 -6.92 -96.67
C ALA AB 134 -20.05 -7.34 -95.32
N SER AB 135 -20.29 -6.38 -94.42
CA SER AB 135 -20.90 -6.70 -93.15
C SER AB 135 -22.30 -7.25 -93.35
N LEU AB 136 -23.06 -6.70 -94.30
CA LEU AB 136 -24.39 -7.23 -94.60
C LEU AB 136 -24.31 -8.66 -95.12
N GLN AB 137 -23.33 -8.94 -95.98
CA GLN AB 137 -23.17 -10.31 -96.48
C GLN AB 137 -22.83 -11.28 -95.35
N LYS AB 138 -21.93 -10.87 -94.45
CA LYS AB 138 -21.60 -11.71 -93.31
C LYS AB 138 -22.82 -11.92 -92.42
N LEU AB 139 -23.61 -10.86 -92.23
CA LEU AB 139 -24.86 -10.98 -91.47
C LEU AB 139 -25.78 -12.01 -92.08
N GLN AB 140 -25.99 -11.94 -93.39
CA GLN AB 140 -26.87 -12.90 -94.06
C GLN AB 140 -26.33 -14.32 -93.95
N GLU AB 141 -25.01 -14.49 -94.13
CA GLU AB 141 -24.43 -15.83 -94.05
C GLU AB 141 -24.59 -16.42 -92.66
N ARG AB 142 -24.31 -15.63 -91.62
CA ARG AB 142 -24.42 -16.16 -90.27
C ARG AB 142 -25.87 -16.39 -89.86
N ARG AB 143 -26.79 -15.56 -90.36
CA ARG AB 143 -28.21 -15.81 -90.12
C ARG AB 143 -28.66 -17.10 -90.79
N ASP AB 144 -28.16 -17.36 -92.00
CA ASP AB 144 -28.47 -18.62 -92.67
C ASP AB 144 -27.92 -19.81 -91.88
N GLN AB 145 -26.70 -19.68 -91.37
CA GLN AB 145 -26.13 -20.71 -90.52
C GLN AB 145 -26.93 -20.86 -89.23
N LYS BB 15 -41.65 -93.00 13.18
CA LYS BB 15 -40.88 -91.76 13.20
C LYS BB 15 -40.00 -91.69 14.44
N ASN BB 16 -38.75 -91.25 14.25
CA ASN BB 16 -37.80 -91.20 15.35
C ASN BB 16 -36.74 -90.15 15.00
N ILE BB 17 -36.78 -89.02 15.69
CA ILE BB 17 -35.84 -87.92 15.47
C ILE BB 17 -34.84 -87.91 16.62
N LYS BB 18 -33.57 -88.11 16.30
CA LYS BB 18 -32.50 -88.12 17.29
C LYS BB 18 -31.30 -87.37 16.74
N ILE BB 19 -30.82 -86.37 17.47
CA ILE BB 19 -29.61 -85.67 17.07
C ILE BB 19 -28.40 -86.56 17.35
N MET BB 20 -27.33 -86.33 16.60
CA MET BB 20 -26.10 -87.07 16.83
C MET BB 20 -24.90 -86.19 16.52
N ARG BB 21 -23.76 -86.57 17.09
CA ARG BB 21 -22.50 -85.88 16.87
C ARG BB 21 -21.55 -86.82 16.15
N LEU BB 22 -21.01 -86.37 15.02
CA LEU BB 22 -20.13 -87.21 14.21
C LEU BB 22 -18.68 -87.10 14.69
N VAL BB 23 -17.88 -88.09 14.29
CA VAL BB 23 -16.46 -88.08 14.64
C VAL BB 23 -15.76 -86.87 14.06
N THR BB 24 -16.27 -86.34 12.94
CA THR BB 24 -15.72 -85.12 12.37
C THR BB 24 -15.88 -83.95 13.33
N GLY BB 25 -17.01 -83.89 14.03
CA GLY BB 25 -17.26 -82.83 14.98
C GLY BB 25 -18.44 -81.95 14.59
N GLU BB 26 -19.43 -82.54 13.93
CA GLU BB 26 -20.60 -81.81 13.47
C GLU BB 26 -21.86 -82.47 14.02
N ASP BB 27 -22.95 -81.71 14.02
CA ASP BB 27 -24.22 -82.13 14.60
C ASP BB 27 -25.22 -82.39 13.49
N ILE BB 28 -25.77 -83.61 13.47
CA ILE BB 28 -26.68 -84.07 12.44
C ILE BB 28 -28.03 -84.36 13.09
N ILE BB 29 -29.10 -83.80 12.52
CA ILE BB 29 -30.45 -84.04 13.00
C ILE BB 29 -31.28 -84.59 11.84
N GLY BB 30 -32.04 -85.65 12.11
CA GLY BB 30 -32.87 -86.24 11.08
C GLY BB 30 -33.51 -87.53 11.56
N ASN BB 31 -34.23 -88.16 10.64
CA ASN BB 31 -34.89 -89.42 10.95
C ASN BB 31 -33.87 -90.54 11.01
N ILE BB 32 -33.89 -91.31 12.08
CA ILE BB 32 -32.86 -92.31 12.36
C ILE BB 32 -33.48 -93.69 12.45
N SER BB 33 -32.74 -94.69 12.02
CA SER BB 33 -33.17 -96.08 12.16
C SER BB 33 -31.95 -96.95 12.40
N GLU BB 34 -31.87 -97.55 13.59
CA GLU BB 34 -30.73 -98.37 14.00
C GLU BB 34 -31.15 -99.83 13.94
N SER BB 35 -30.73 -100.53 12.89
CA SER BB 35 -31.14 -101.93 12.67
C SER BB 35 -30.10 -102.92 13.19
N GLN BB 36 -28.89 -102.91 12.66
CA GLN BB 36 -27.88 -103.92 12.96
C GLN BB 36 -26.52 -103.24 13.17
N GLY BB 37 -26.51 -102.20 14.00
CA GLY BB 37 -25.30 -101.43 14.20
C GLY BB 37 -25.20 -100.30 13.20
N LEU BB 38 -25.06 -100.65 11.92
CA LEU BB 38 -25.13 -99.64 10.87
C LEU BB 38 -26.50 -99.00 10.87
N ILE BB 39 -26.53 -97.68 10.77
CA ILE BB 39 -27.77 -96.92 10.92
C ILE BB 39 -28.12 -96.24 9.62
N THR BB 40 -29.41 -96.01 9.44
CA THR BB 40 -29.97 -95.35 8.26
C THR BB 40 -30.49 -93.98 8.66
N ILE BB 41 -30.17 -92.97 7.87
CA ILE BB 41 -30.51 -91.58 8.16
C ILE BB 41 -31.30 -91.03 6.98
N LYS BB 42 -32.41 -90.36 7.30
CA LYS BB 42 -33.26 -89.74 6.29
C LYS BB 42 -33.45 -88.26 6.62
N LYS BB 43 -33.37 -87.42 5.59
CA LYS BB 43 -33.56 -85.97 5.72
C LYS BB 43 -32.60 -85.37 6.73
N ALA BB 44 -31.32 -85.75 6.63
CA ALA BB 44 -30.32 -85.26 7.56
C ALA BB 44 -30.05 -83.78 7.35
N PHE BB 45 -29.76 -83.09 8.46
CA PHE BB 45 -29.46 -81.66 8.44
C PHE BB 45 -28.28 -81.39 9.35
N VAL BB 46 -27.35 -80.58 8.86
CA VAL BB 46 -26.24 -80.08 9.68
C VAL BB 46 -26.73 -78.86 10.45
N ILE BB 47 -26.50 -78.88 11.76
CA ILE BB 47 -26.88 -77.77 12.64
C ILE BB 47 -25.66 -76.87 12.82
N ILE BB 48 -25.76 -75.63 12.36
CA ILE BB 48 -24.66 -74.67 12.46
C ILE BB 48 -24.89 -73.82 13.71
N PRO BB 49 -23.95 -73.76 14.64
CA PRO BB 49 -24.14 -72.94 15.84
C PRO BB 49 -24.07 -71.45 15.53
N MET BB 50 -25.21 -70.78 15.57
CA MET BB 50 -25.27 -69.35 15.27
C MET BB 50 -26.55 -68.74 15.81
N GLN BB 59 -30.88 -68.17 17.96
CA GLN BB 59 -31.60 -68.96 16.97
C GLN BB 59 -30.74 -70.10 16.45
N LEU BB 60 -31.29 -70.89 15.53
CA LEU BB 60 -30.59 -72.02 14.96
C LEU BB 60 -30.62 -71.93 13.43
N VAL BB 61 -29.57 -72.45 12.81
CA VAL BB 61 -29.44 -72.49 11.36
C VAL BB 61 -29.21 -73.94 10.95
N LEU BB 62 -29.96 -74.40 9.95
CA LEU BB 62 -29.85 -75.76 9.44
C LEU BB 62 -29.43 -75.71 7.98
N SER BB 63 -28.62 -76.68 7.58
CA SER BB 63 -28.16 -76.81 6.20
C SER BB 63 -28.28 -78.25 5.75
N PRO BB 64 -28.38 -78.49 4.45
CA PRO BB 64 -28.39 -79.88 3.96
C PRO BB 64 -27.07 -80.58 4.27
N TRP BB 65 -27.16 -81.87 4.57
CA TRP BB 65 -25.96 -82.63 4.92
C TRP BB 65 -25.23 -83.13 3.69
N GLN BB 66 -25.96 -83.63 2.70
CA GLN BB 66 -25.38 -84.22 1.49
C GLN BB 66 -25.99 -83.53 0.28
N PRO BB 67 -25.54 -82.32 -0.05
CA PRO BB 67 -26.14 -81.57 -1.15
C PRO BB 67 -25.73 -82.03 -2.54
N TYR BB 68 -25.07 -83.19 -2.67
CA TYR BB 68 -24.66 -83.70 -3.97
C TYR BB 68 -25.34 -85.01 -4.33
N THR BB 69 -26.29 -85.48 -3.52
CA THR BB 69 -26.97 -86.74 -3.78
C THR BB 69 -28.47 -86.56 -3.61
N ASP BB 70 -29.23 -87.35 -4.36
CA ASP BB 70 -30.68 -87.37 -4.29
C ASP BB 70 -31.23 -88.58 -3.56
N ASP BB 71 -30.36 -89.41 -2.98
CA ASP BB 71 -30.83 -90.59 -2.27
C ASP BB 71 -31.62 -90.19 -1.03
N LYS BB 72 -32.74 -90.89 -0.83
CA LYS BB 72 -33.59 -90.59 0.33
C LYS BB 72 -32.91 -90.99 1.62
N GLU BB 73 -32.25 -92.14 1.65
CA GLU BB 73 -31.63 -92.67 2.85
C GLU BB 73 -30.14 -92.83 2.66
N ILE BB 74 -29.39 -92.60 3.74
CA ILE BB 74 -27.94 -92.75 3.75
C ILE BB 74 -27.56 -93.68 4.89
N VAL BB 75 -26.71 -94.67 4.59
CA VAL BB 75 -26.33 -95.69 5.55
C VAL BB 75 -24.92 -95.39 6.05
N ILE BB 76 -24.76 -95.27 7.36
CA ILE BB 76 -23.45 -95.04 7.97
C ILE BB 76 -23.24 -96.10 9.06
N ASP BB 77 -22.05 -96.09 9.64
CA ASP BB 77 -21.65 -97.09 10.64
C ASP BB 77 -21.64 -96.46 12.03
N ASP BB 78 -22.13 -97.22 13.01
CA ASP BB 78 -22.18 -96.73 14.38
C ASP BB 78 -20.80 -96.51 14.97
N SER BB 79 -19.76 -97.11 14.39
CA SER BB 79 -18.41 -96.88 14.88
C SER BB 79 -17.90 -95.48 14.56
N GLU BB 80 -18.63 -94.71 13.75
CA GLU BB 80 -18.20 -93.39 13.32
C GLU BB 80 -19.10 -92.28 13.88
N VAL BB 81 -19.88 -92.58 14.92
CA VAL BB 81 -20.75 -91.59 15.56
C VAL BB 81 -20.46 -91.61 17.06
N ILE BB 82 -20.34 -90.42 17.65
CA ILE BB 82 -19.95 -90.31 19.05
C ILE BB 82 -21.17 -90.47 19.95
N THR BB 83 -22.13 -89.54 19.85
CA THR BB 83 -23.28 -89.51 20.73
C THR BB 83 -24.56 -89.41 19.91
N ILE BB 84 -25.58 -90.16 20.34
CA ILE BB 84 -26.91 -90.12 19.75
C ILE BB 84 -27.91 -89.87 20.88
N THR BB 85 -28.59 -88.73 20.83
CA THR BB 85 -29.48 -88.34 21.91
C THR BB 85 -30.72 -87.64 21.35
N SER BB 86 -31.82 -87.71 22.10
CA SER BB 86 -33.05 -87.05 21.70
C SER BB 86 -32.95 -85.54 21.98
N PRO BB 87 -33.48 -84.71 21.09
CA PRO BB 87 -33.37 -83.25 21.28
C PRO BB 87 -34.54 -82.66 22.04
N LYS BB 88 -34.47 -81.37 22.34
CA LYS BB 88 -35.58 -80.69 22.99
C LYS BB 88 -36.64 -80.31 21.97
N ASP BB 89 -37.77 -79.78 22.48
CA ASP BB 89 -38.94 -79.58 21.64
C ASP BB 89 -38.78 -78.40 20.69
N ASP BB 90 -38.06 -77.35 21.10
CA ASP BB 90 -37.89 -76.18 20.25
C ASP BB 90 -37.19 -76.54 18.94
N ILE BB 91 -36.13 -77.33 19.03
CA ILE BB 91 -35.41 -77.75 17.83
C ILE BB 91 -36.30 -78.65 16.98
N ILE BB 92 -37.13 -79.48 17.62
CA ILE BB 92 -38.06 -80.33 16.87
C ILE BB 92 -39.03 -79.46 16.06
N LYS BB 93 -39.57 -78.42 16.69
CA LYS BB 93 -40.48 -77.52 15.99
C LYS BB 93 -39.79 -76.83 14.82
N SER BB 94 -38.58 -76.33 15.06
CA SER BB 94 -37.85 -75.65 13.98
C SER BB 94 -37.55 -76.60 12.83
N TYR BB 95 -37.15 -77.83 13.14
CA TYR BB 95 -36.84 -78.81 12.12
C TYR BB 95 -38.08 -79.15 11.30
N GLU BB 96 -39.22 -79.35 11.96
CA GLU BB 96 -40.46 -79.65 11.24
C GLU BB 96 -40.87 -78.49 10.34
N SER BB 97 -40.78 -77.26 10.86
CA SER BB 97 -41.12 -76.09 10.05
C SER BB 97 -40.24 -76.00 8.82
N HIS BB 98 -38.93 -76.19 9.00
CA HIS BB 98 -38.02 -76.08 7.87
C HIS BB 98 -38.28 -77.19 6.85
N THR BB 99 -38.53 -78.42 7.32
CA THR BB 99 -38.72 -79.53 6.41
C THR BB 99 -40.06 -79.48 5.70
N ARG BB 100 -41.04 -78.73 6.22
CA ARG BB 100 -42.24 -78.53 5.42
C ARG BB 100 -42.12 -77.34 4.48
N VAL BB 101 -41.39 -76.29 4.87
CA VAL BB 101 -41.18 -75.16 3.99
C VAL BB 101 -40.42 -75.59 2.74
N LEU BB 102 -39.40 -76.44 2.91
CA LEU BB 102 -38.64 -76.90 1.75
C LEU BB 102 -39.52 -77.66 0.77
N GLU BB 103 -40.37 -78.55 1.28
CA GLU BB 103 -41.27 -79.31 0.40
C GLU BB 103 -42.25 -78.38 -0.31
N ASN BB 104 -42.80 -77.40 0.42
CA ASN BB 104 -43.73 -76.46 -0.20
C ASN BB 104 -43.07 -75.69 -1.34
N LYS BB 105 -41.84 -75.21 -1.11
CA LYS BB 105 -41.14 -74.48 -2.15
C LYS BB 105 -40.81 -75.39 -3.34
N GLN BB 106 -40.47 -76.64 -3.07
CA GLN BB 106 -40.19 -77.58 -4.16
C GLN BB 106 -41.42 -77.77 -5.04
N VAL BB 107 -42.58 -77.95 -4.41
CA VAL BB 107 -43.82 -78.13 -5.19
C VAL BB 107 -44.14 -76.88 -5.98
N GLU BB 108 -43.97 -75.71 -5.37
CA GLU BB 108 -44.24 -74.46 -6.08
C GLU BB 108 -43.34 -74.33 -7.31
N GLU BB 109 -42.06 -74.67 -7.18
CA GLU BB 109 -41.16 -74.61 -8.33
C GLU BB 109 -41.54 -75.62 -9.40
N ILE BB 110 -42.02 -76.81 -9.00
CA ILE BB 110 -42.47 -77.79 -9.98
C ILE BB 110 -43.63 -77.23 -10.80
N LEU BB 111 -44.60 -76.60 -10.10
CA LEU BB 111 -45.72 -75.99 -10.83
C LEU BB 111 -45.24 -74.89 -11.78
N ARG BB 112 -44.33 -74.04 -11.31
CA ARG BB 112 -43.80 -72.99 -12.16
C ARG BB 112 -43.17 -73.56 -13.43
N LEU BB 113 -42.33 -74.58 -13.27
CA LEU BB 113 -41.65 -75.17 -14.42
C LEU BB 113 -42.64 -75.79 -15.38
N GLU BB 114 -43.64 -76.51 -14.86
CA GLU BB 114 -44.63 -77.14 -15.74
C GLU BB 114 -45.39 -76.09 -16.53
N LYS BB 115 -45.81 -75.00 -15.87
CA LYS BB 115 -46.55 -73.96 -16.58
C LYS BB 115 -45.69 -73.32 -17.66
N GLU BB 116 -44.43 -73.02 -17.35
CA GLU BB 116 -43.55 -72.42 -18.34
C GLU BB 116 -43.34 -73.35 -19.53
N ILE BB 117 -43.16 -74.65 -19.26
CA ILE BB 117 -42.97 -75.60 -20.34
C ILE BB 117 -44.20 -75.67 -21.23
N GLU BB 118 -45.39 -75.71 -20.62
CA GLU BB 118 -46.62 -75.76 -21.42
C GLU BB 118 -46.76 -74.51 -22.29
N ASP BB 119 -46.51 -73.34 -21.72
CA ASP BB 119 -46.63 -72.10 -22.49
C ASP BB 119 -45.64 -72.08 -23.65
N LEU BB 120 -44.39 -72.47 -23.39
CA LEU BB 120 -43.38 -72.46 -24.44
C LEU BB 120 -43.74 -73.46 -25.55
N GLN BB 121 -44.23 -74.64 -25.17
CA GLN BB 121 -44.61 -75.63 -26.17
C GLN BB 121 -45.75 -75.13 -27.04
N ARG BB 122 -46.76 -74.51 -26.42
CA ARG BB 122 -47.87 -73.99 -27.19
C ARG BB 122 -47.43 -72.90 -28.16
N MET BB 123 -46.59 -71.98 -27.68
CA MET BB 123 -46.13 -70.89 -28.55
C MET BB 123 -45.29 -71.43 -29.70
N LYS BB 124 -44.41 -72.41 -29.42
CA LYS BB 124 -43.63 -73.01 -30.49
C LYS BB 124 -44.52 -73.73 -31.50
N GLU BB 125 -45.57 -74.40 -31.02
CA GLU BB 125 -46.48 -75.08 -31.94
C GLU BB 125 -47.16 -74.09 -32.87
N GLN BB 126 -47.66 -72.98 -32.32
CA GLN BB 126 -48.29 -71.98 -33.18
C GLN BB 126 -47.29 -71.36 -34.15
N GLN BB 127 -46.06 -71.12 -33.70
CA GLN BB 127 -45.06 -70.55 -34.60
C GLN BB 127 -44.73 -71.52 -35.74
N GLU BB 128 -44.62 -72.81 -35.43
CA GLU BB 128 -44.30 -73.80 -36.45
C GLU BB 128 -45.47 -74.04 -37.40
N LEU BB 129 -46.70 -73.80 -36.95
CA LEU BB 129 -47.87 -74.07 -37.80
C LEU BB 129 -47.79 -73.29 -39.11
N SER BB 130 -47.36 -72.03 -39.06
CA SER BB 130 -47.27 -71.19 -40.25
C SER BB 130 -45.91 -71.41 -40.90
N LEU BB 131 -45.87 -72.34 -41.86
CA LEU BB 131 -44.63 -72.67 -42.54
C LEU BB 131 -44.95 -73.24 -43.92
N THR BB 132 -43.96 -73.22 -44.79
CA THR BB 132 -44.11 -73.71 -46.16
C THR BB 132 -43.55 -75.12 -46.28
N GLU BB 133 -43.85 -75.76 -47.42
CA GLU BB 133 -43.46 -77.15 -47.63
C GLU BB 133 -41.93 -77.30 -47.71
N ALA BB 134 -41.28 -76.45 -48.52
CA ALA BB 134 -39.82 -76.51 -48.61
C ALA BB 134 -39.18 -76.17 -47.27
N SER BB 135 -39.73 -75.19 -46.57
CA SER BB 135 -39.22 -74.87 -45.24
C SER BB 135 -39.41 -76.04 -44.29
N LEU BB 136 -40.54 -76.75 -44.38
CA LEU BB 136 -40.75 -77.92 -43.55
C LEU BB 136 -39.72 -79.02 -43.87
N GLN BB 137 -39.43 -79.21 -45.15
CA GLN BB 137 -38.42 -80.21 -45.53
C GLN BB 137 -37.04 -79.84 -44.98
N LYS BB 138 -36.68 -78.55 -45.08
CA LYS BB 138 -35.40 -78.12 -44.52
C LYS BB 138 -35.38 -78.30 -43.01
N LEU BB 139 -36.50 -78.01 -42.35
CA LEU BB 139 -36.62 -78.22 -40.91
C LEU BB 139 -36.36 -79.68 -40.57
N GLN BB 140 -37.02 -80.60 -41.29
CA GLN BB 140 -36.83 -82.02 -41.02
C GLN BB 140 -35.39 -82.45 -41.26
N GLU BB 141 -34.79 -81.97 -42.35
CA GLU BB 141 -33.41 -82.36 -42.66
C GLU BB 141 -32.45 -81.87 -41.58
N ARG BB 142 -32.59 -80.62 -41.15
CA ARG BB 142 -31.67 -80.09 -40.14
C ARG BB 142 -31.92 -80.72 -38.78
N ARG BB 143 -33.17 -81.07 -38.47
CA ARG BB 143 -33.44 -81.80 -37.23
C ARG BB 143 -32.81 -83.18 -37.26
N ASP BB 144 -32.86 -83.85 -38.42
CA ASP BB 144 -32.18 -85.14 -38.57
C ASP BB 144 -30.68 -84.99 -38.39
N GLN BB 145 -30.09 -83.95 -38.97
CA GLN BB 145 -28.67 -83.68 -38.78
C GLN BB 145 -28.38 -83.35 -37.32
N LYS CB 15 65.09 -65.10 44.85
CA LYS CB 15 64.39 -64.00 44.20
C LYS CB 15 65.18 -62.70 44.35
N ASN CB 16 65.27 -61.94 43.25
CA ASN CB 16 66.05 -60.71 43.25
C ASN CB 16 65.49 -59.81 42.16
N ILE CB 17 64.81 -58.74 42.55
CA ILE CB 17 64.21 -57.79 41.62
C ILE CB 17 65.07 -56.52 41.62
N LYS CB 18 65.62 -56.19 40.47
CA LYS CB 18 66.46 -55.00 40.31
C LYS CB 18 66.13 -54.34 38.99
N ILE CB 19 65.79 -53.05 39.04
CA ILE CB 19 65.55 -52.29 37.82
C ILE CB 19 66.89 -51.99 37.15
N MET CB 20 66.86 -51.81 35.84
CA MET CB 20 68.06 -51.44 35.11
C MET CB 20 67.71 -50.54 33.95
N ARG CB 21 68.71 -49.79 33.49
CA ARG CB 21 68.59 -48.91 32.34
C ARG CB 21 69.48 -49.42 31.22
N LEU CB 22 68.89 -49.61 30.05
CA LEU CB 22 69.62 -50.16 28.92
C LEU CB 22 70.31 -49.06 28.13
N VAL CB 23 71.29 -49.46 27.32
CA VAL CB 23 72.02 -48.51 26.49
C VAL CB 23 71.08 -47.83 25.50
N THR CB 24 70.00 -48.53 25.11
CA THR CB 24 69.01 -47.92 24.24
C THR CB 24 68.34 -46.72 24.92
N GLY CB 25 68.11 -46.81 26.22
CA GLY CB 25 67.50 -45.72 26.96
C GLY CB 25 66.14 -46.08 27.54
N GLU CB 26 65.96 -47.35 27.88
CA GLU CB 26 64.69 -47.84 28.42
C GLU CB 26 64.94 -48.49 29.77
N ASP CB 27 63.85 -48.62 30.54
CA ASP CB 27 63.90 -49.13 31.90
C ASP CB 27 63.27 -50.52 31.96
N ILE CB 28 64.04 -51.49 32.43
CA ILE CB 28 63.64 -52.89 32.48
C ILE CB 28 63.58 -53.32 33.94
N ILE CB 29 62.45 -53.92 34.33
CA ILE CB 29 62.28 -54.44 35.68
C ILE CB 29 61.94 -55.92 35.60
N GLY CB 30 62.60 -56.73 36.41
CA GLY CB 30 62.33 -58.16 36.41
C GLY CB 30 63.32 -58.89 37.28
N ASN CB 31 63.19 -60.22 37.27
CA ASN CB 31 64.07 -61.08 38.06
C ASN CB 31 65.44 -61.14 37.40
N ILE CB 32 66.48 -60.89 38.18
CA ILE CB 32 67.84 -60.75 37.64
C ILE CB 32 68.74 -61.79 38.26
N SER CB 33 69.72 -62.25 37.49
CA SER CB 33 70.73 -63.18 38.00
C SER CB 33 72.04 -62.87 37.30
N GLU CB 34 73.04 -62.40 38.05
CA GLU CB 34 74.34 -62.02 37.52
C GLU CB 34 75.35 -63.10 37.90
N SER CB 35 75.69 -63.96 36.94
CA SER CB 35 76.59 -65.10 37.19
C SER CB 35 78.04 -64.79 36.83
N GLN CB 36 78.31 -64.52 35.56
CA GLN CB 36 79.67 -64.37 35.07
C GLN CB 36 79.76 -63.16 34.14
N GLY CB 37 79.23 -62.03 34.60
CA GLY CB 37 79.18 -60.85 33.76
C GLY CB 37 77.90 -60.81 32.96
N LEU CB 38 77.74 -61.76 32.05
CA LEU CB 38 76.48 -61.91 31.34
C LEU CB 38 75.38 -62.24 32.33
N ILE CB 39 74.24 -61.57 32.19
CA ILE CB 39 73.18 -61.68 33.18
C ILE CB 39 71.95 -62.33 32.54
N THR CB 40 71.16 -62.98 33.38
CA THR CB 40 69.92 -63.65 32.99
C THR CB 40 68.75 -62.89 33.56
N ILE CB 41 67.74 -62.66 32.72
CA ILE CB 41 66.56 -61.87 33.08
C ILE CB 41 65.33 -62.72 32.87
N LYS CB 42 64.43 -62.71 33.86
CA LYS CB 42 63.18 -63.44 33.81
C LYS CB 42 62.02 -62.48 34.06
N LYS CB 43 60.96 -62.64 33.26
CA LYS CB 43 59.74 -61.84 33.40
C LYS CB 43 60.03 -60.34 33.30
N ALA CB 44 60.83 -59.98 32.30
CA ALA CB 44 61.21 -58.58 32.10
C ALA CB 44 60.01 -57.74 31.67
N PHE CB 45 60.00 -56.49 32.13
CA PHE CB 45 58.95 -55.55 31.80
C PHE CB 45 59.56 -54.19 31.49
N VAL CB 46 59.10 -53.58 30.41
CA VAL CB 46 59.46 -52.21 30.07
C VAL CB 46 58.56 -51.26 30.87
N ILE CB 47 59.17 -50.30 31.55
CA ILE CB 47 58.45 -49.30 32.33
C ILE CB 47 58.30 -48.06 31.47
N ILE CB 48 57.05 -47.70 31.16
CA ILE CB 48 56.74 -46.54 30.33
C ILE CB 48 56.44 -45.37 31.27
N PRO CB 49 57.16 -44.25 31.17
CA PRO CB 49 56.86 -43.10 32.04
C PRO CB 49 55.56 -42.42 31.68
N MET CB 50 54.54 -42.61 32.51
CA MET CB 50 53.22 -42.03 32.26
C MET CB 50 52.40 -41.97 33.55
N GLN CB 59 50.98 -42.48 38.18
CA GLN CB 59 50.95 -43.94 38.13
C GLN CB 59 52.04 -44.48 37.21
N LEU CB 60 52.10 -45.80 37.09
CA LEU CB 60 53.09 -46.46 36.26
C LEU CB 60 52.41 -47.40 35.28
N VAL CB 61 53.04 -47.57 34.11
CA VAL CB 61 52.55 -48.46 33.07
C VAL CB 61 53.68 -49.43 32.72
N LEU CB 62 53.35 -50.71 32.66
CA LEU CB 62 54.32 -51.76 32.35
C LEU CB 62 53.89 -52.47 31.07
N SER CB 63 54.86 -52.87 30.26
CA SER CB 63 54.61 -53.58 29.03
C SER CB 63 55.57 -54.75 28.91
N PRO CB 64 55.22 -55.78 28.15
CA PRO CB 64 56.17 -56.89 27.94
C PRO CB 64 57.41 -56.40 27.20
N TRP CB 65 58.56 -56.99 27.55
CA TRP CB 65 59.81 -56.58 26.93
C TRP CB 65 60.05 -57.29 25.60
N GLN CB 66 59.76 -58.59 25.54
CA GLN CB 66 60.02 -59.41 24.35
C GLN CB 66 58.73 -60.12 23.98
N PRO CB 67 57.80 -59.41 23.34
CA PRO CB 67 56.50 -60.01 23.02
C PRO CB 67 56.50 -60.96 21.83
N TYR CB 68 57.67 -61.36 21.33
CA TYR CB 68 57.76 -62.28 20.20
C TYR CB 68 58.41 -63.61 20.57
N THR CB 69 58.72 -63.82 21.84
CA THR CB 69 59.38 -65.05 22.28
C THR CB 69 58.67 -65.61 23.51
N ASP CB 70 58.73 -66.93 23.63
CA ASP CB 70 58.16 -67.64 24.78
C ASP CB 70 59.21 -68.12 25.76
N ASP CB 71 60.48 -67.78 25.53
CA ASP CB 71 61.54 -68.22 26.43
C ASP CB 71 61.37 -67.61 27.82
N LYS CB 72 61.56 -68.43 28.85
CA LYS CB 72 61.41 -67.95 30.21
C LYS CB 72 62.54 -66.98 30.58
N GLU CB 73 63.76 -67.28 30.17
CA GLU CB 73 64.92 -66.50 30.53
C GLU CB 73 65.59 -65.93 29.29
N ILE CB 74 66.13 -64.72 29.42
CA ILE CB 74 66.86 -64.06 28.33
C ILE CB 74 68.24 -63.67 28.85
N VAL CB 75 69.27 -63.98 28.09
CA VAL CB 75 70.65 -63.73 28.50
C VAL CB 75 71.17 -62.52 27.74
N ILE CB 76 71.66 -61.52 28.47
CA ILE CB 76 72.25 -60.32 27.88
C ILE CB 76 73.62 -60.11 28.49
N ASP CB 77 74.35 -59.12 27.98
CA ASP CB 77 75.71 -58.83 28.40
C ASP CB 77 75.75 -57.58 29.25
N ASP CB 78 76.56 -57.62 30.31
CA ASP CB 78 76.67 -56.48 31.22
C ASP CB 78 77.29 -55.27 30.55
N SER CB 79 77.98 -55.45 29.42
CA SER CB 79 78.55 -54.31 28.70
C SER CB 79 77.48 -53.47 28.03
N GLU CB 80 76.23 -53.93 27.99
CA GLU CB 80 75.15 -53.24 27.30
C GLU CB 80 74.09 -52.71 28.26
N VAL CB 81 74.41 -52.62 29.55
CA VAL CB 81 73.51 -52.08 30.55
C VAL CB 81 74.22 -50.97 31.31
N ILE CB 82 73.52 -49.86 31.54
CA ILE CB 82 74.14 -48.70 32.16
C ILE CB 82 74.11 -48.83 33.68
N THR CB 83 72.92 -48.85 34.26
CA THR CB 83 72.76 -48.85 35.71
C THR CB 83 71.83 -49.98 36.13
N ILE CB 84 72.19 -50.65 37.23
CA ILE CB 84 71.38 -51.69 37.84
C ILE CB 84 71.20 -51.33 39.31
N THR CB 85 69.97 -51.06 39.72
CA THR CB 85 69.69 -50.60 41.08
C THR CB 85 68.39 -51.19 41.59
N SER CB 86 68.29 -51.31 42.92
CA SER CB 86 67.08 -51.82 43.53
C SER CB 86 65.99 -50.74 43.54
N PRO CB 87 64.74 -51.12 43.30
CA PRO CB 87 63.67 -50.12 43.24
C PRO CB 87 62.98 -49.89 44.59
N LYS CB 88 62.07 -48.93 44.64
CA LYS CB 88 61.31 -48.68 45.85
C LYS CB 88 60.15 -49.68 45.97
N ASP CB 89 59.46 -49.62 47.11
CA ASP CB 89 58.49 -50.66 47.42
C ASP CB 89 57.20 -50.52 46.62
N ASP CB 90 56.80 -49.30 46.26
CA ASP CB 90 55.57 -49.11 45.51
C ASP CB 90 55.65 -49.80 44.15
N ILE CB 91 56.77 -49.65 43.45
CA ILE CB 91 56.94 -50.30 42.16
C ILE CB 91 56.99 -51.81 42.33
N ILE CB 92 57.57 -52.29 43.43
CA ILE CB 92 57.59 -53.73 43.70
C ILE CB 92 56.17 -54.25 43.84
N LYS CB 93 55.33 -53.53 44.59
CA LYS CB 93 53.94 -53.95 44.76
C LYS CB 93 53.20 -53.96 43.43
N SER CB 94 53.37 -52.90 42.63
CA SER CB 94 52.70 -52.84 41.34
C SER CB 94 53.16 -53.98 40.43
N TYR CB 95 54.46 -54.26 40.42
CA TYR CB 95 54.98 -55.33 39.57
C TYR CB 95 54.44 -56.68 39.99
N GLU CB 96 54.38 -56.94 41.31
CA GLU CB 96 53.85 -58.21 41.77
C GLU CB 96 52.37 -58.36 41.43
N SER CB 97 51.59 -57.27 41.61
CA SER CB 97 50.18 -57.32 41.27
C SER CB 97 49.99 -57.61 39.79
N HIS CB 98 50.75 -56.94 38.93
CA HIS CB 98 50.60 -57.14 37.50
C HIS CB 98 51.00 -58.56 37.10
N THR CB 99 52.09 -59.06 37.68
CA THR CB 99 52.58 -60.39 37.30
C THR CB 99 51.70 -61.51 37.85
N ARG CB 100 50.89 -61.25 38.87
CA ARG CB 100 49.91 -62.27 39.25
C ARG CB 100 48.62 -62.15 38.46
N VAL CB 101 48.21 -60.92 38.09
CA VAL CB 101 47.01 -60.75 37.27
C VAL CB 101 47.21 -61.41 35.91
N LEU CB 102 48.39 -61.25 35.32
CA LEU CB 102 48.63 -61.88 34.02
C LEU CB 102 48.51 -63.40 34.09
N GLU CB 103 49.09 -64.01 35.13
CA GLU CB 103 48.98 -65.46 35.29
C GLU CB 103 47.54 -65.90 35.50
N ASN CB 104 46.79 -65.15 36.31
CA ASN CB 104 45.40 -65.50 36.55
C ASN CB 104 44.60 -65.47 35.26
N LYS CB 105 44.80 -64.42 34.45
CA LYS CB 105 44.08 -64.31 33.19
C LYS CB 105 44.48 -65.43 32.23
N GLN CB 106 45.78 -65.79 32.22
CA GLN CB 106 46.23 -66.88 31.37
C GLN CB 106 45.53 -68.19 31.74
N VAL CB 107 45.45 -68.49 33.04
CA VAL CB 107 44.80 -69.72 33.47
C VAL CB 107 43.31 -69.69 33.12
N GLU CB 108 42.66 -68.54 33.30
CA GLU CB 108 41.24 -68.44 32.96
C GLU CB 108 41.03 -68.71 31.47
N GLU CB 109 41.90 -68.16 30.61
CA GLU CB 109 41.76 -68.40 29.18
C GLU CB 109 42.02 -69.87 28.84
N ILE CB 110 42.95 -70.52 29.54
CA ILE CB 110 43.18 -71.94 29.30
C ILE CB 110 41.93 -72.75 29.61
N LEU CB 111 41.28 -72.44 30.74
CA LEU CB 111 40.03 -73.14 31.08
C LEU CB 111 38.96 -72.89 30.02
N ARG CB 112 38.82 -71.63 29.57
CA ARG CB 112 37.83 -71.32 28.55
C ARG CB 112 38.07 -72.14 27.28
N LEU CB 113 39.32 -72.18 26.82
CA LEU CB 113 39.63 -72.91 25.60
C LEU CB 113 39.36 -74.40 25.77
N GLU CB 114 39.75 -74.98 26.91
CA GLU CB 114 39.51 -76.41 27.12
C GLU CB 114 38.02 -76.72 27.10
N LYS CB 115 37.21 -75.90 27.78
CA LYS CB 115 35.77 -76.15 27.80
C LYS CB 115 35.18 -76.04 26.40
N GLU CB 116 35.57 -75.02 25.64
CA GLU CB 116 35.06 -74.88 24.28
C GLU CB 116 35.44 -76.06 23.41
N ILE CB 117 36.69 -76.53 23.54
CA ILE CB 117 37.14 -77.68 22.75
C ILE CB 117 36.33 -78.92 23.11
N GLU CB 118 36.11 -79.16 24.40
CA GLU CB 118 35.33 -80.32 24.80
C GLU CB 118 33.91 -80.27 24.26
N ASP CB 119 33.27 -79.10 24.37
CA ASP CB 119 31.90 -78.97 23.86
C ASP CB 119 31.84 -79.20 22.36
N LEU CB 120 32.78 -78.60 21.61
CA LEU CB 120 32.77 -78.77 20.17
C LEU CB 120 33.01 -80.22 19.78
N GLN CB 121 33.93 -80.90 20.48
CA GLN CB 121 34.20 -82.30 20.17
C GLN CB 121 32.98 -83.17 20.44
N ARG CB 122 32.30 -82.93 21.56
CA ARG CB 122 31.10 -83.72 21.86
C ARG CB 122 30.02 -83.49 20.82
N MET CB 123 29.79 -82.24 20.43
CA MET CB 123 28.75 -81.96 19.45
C MET CB 123 29.09 -82.57 18.10
N LYS CB 124 30.35 -82.49 17.69
CA LYS CB 124 30.77 -83.13 16.44
C LYS CB 124 30.58 -84.64 16.50
N GLU CB 125 30.89 -85.25 17.64
CA GLU CB 125 30.71 -86.69 17.79
C GLU CB 125 29.26 -87.08 17.62
N GLN CB 126 28.35 -86.35 18.29
CA GLN CB 126 26.93 -86.67 18.13
C GLN CB 126 26.46 -86.44 16.70
N GLN CB 127 26.95 -85.38 16.05
CA GLN CB 127 26.54 -85.13 14.67
C GLN CB 127 27.03 -86.24 13.74
N GLU CB 128 28.25 -86.72 13.94
CA GLU CB 128 28.80 -87.78 13.11
C GLU CB 128 28.15 -89.12 13.38
N LEU CB 129 27.62 -89.33 14.59
CA LEU CB 129 27.02 -90.63 14.92
C LEU CB 129 25.90 -90.99 13.95
N SER CB 130 25.07 -90.02 13.59
CA SER CB 130 23.94 -90.27 12.68
C SER CB 130 24.43 -90.14 11.24
N LEU CB 131 24.84 -91.26 10.65
CA LEU CB 131 25.35 -91.25 9.29
C LEU CB 131 25.15 -92.63 8.68
N THR CB 132 25.21 -92.68 7.35
CA THR CB 132 25.02 -93.92 6.61
C THR CB 132 26.36 -94.51 6.20
N GLU CB 133 26.31 -95.76 5.72
CA GLU CB 133 27.54 -96.48 5.37
C GLU CB 133 28.26 -95.84 4.19
N ALA CB 134 27.52 -95.55 3.13
CA ALA CB 134 28.13 -94.90 1.96
C ALA CB 134 28.64 -93.51 2.33
N SER CB 135 27.88 -92.78 3.15
CA SER CB 135 28.34 -91.47 3.61
C SER CB 135 29.61 -91.61 4.44
N LEU CB 136 29.68 -92.65 5.28
CA LEU CB 136 30.88 -92.89 6.06
C LEU CB 136 32.08 -93.18 5.17
N GLN CB 137 31.87 -93.98 4.11
CA GLN CB 137 32.95 -94.27 3.18
C GLN CB 137 33.43 -93.00 2.47
N LYS CB 138 32.49 -92.15 2.03
CA LYS CB 138 32.87 -90.90 1.41
C LYS CB 138 33.62 -90.01 2.40
N LEU CB 139 33.18 -89.99 3.65
CA LEU CB 139 33.87 -89.25 4.70
C LEU CB 139 35.31 -89.71 4.83
N GLN CB 140 35.51 -91.02 4.91
CA GLN CB 140 36.87 -91.56 5.05
C GLN CB 140 37.72 -91.22 3.83
N GLU CB 141 37.15 -91.34 2.63
CA GLU CB 141 37.91 -91.07 1.42
C GLU CB 141 38.33 -89.60 1.36
N ARG CB 142 37.41 -88.69 1.67
CA ARG CB 142 37.75 -87.27 1.59
C ARG CB 142 38.71 -86.86 2.72
N ARG CB 143 38.59 -87.49 3.89
CA ARG CB 143 39.56 -87.25 4.94
C ARG CB 143 40.94 -87.72 4.54
N ASP CB 144 41.03 -88.87 3.87
CA ASP CB 144 42.30 -89.35 3.36
C ASP CB 144 42.88 -88.39 2.33
N GLN CB 145 42.03 -87.88 1.43
CA GLN CB 145 42.47 -86.87 0.47
C GLN CB 145 42.89 -85.59 1.18
N LYS DB 15 9.85 -53.63 -87.02
CA LYS DB 15 9.82 -53.09 -85.66
C LYS DB 15 10.03 -54.21 -84.65
N ASN DB 16 10.86 -53.93 -83.64
CA ASN DB 16 11.19 -54.94 -82.63
C ASN DB 16 11.61 -54.20 -81.36
N ILE DB 17 10.76 -54.24 -80.34
CA ILE DB 17 11.04 -53.58 -79.07
C ILE DB 17 11.40 -54.66 -78.05
N LYS DB 18 12.61 -54.56 -77.52
CA LYS DB 18 13.10 -55.51 -76.52
C LYS DB 18 13.87 -54.76 -75.45
N ILE DB 19 13.48 -54.94 -74.19
CA ILE DB 19 14.21 -54.34 -73.09
C ILE DB 19 15.51 -55.11 -72.88
N MET DB 20 16.51 -54.42 -72.33
CA MET DB 20 17.77 -55.08 -72.01
C MET DB 20 18.37 -54.47 -70.76
N ARG DB 21 19.25 -55.24 -70.13
CA ARG DB 21 19.98 -54.81 -68.94
C ARG DB 21 21.46 -54.72 -69.27
N LEU DB 22 22.05 -53.56 -69.02
CA LEU DB 22 23.44 -53.32 -69.34
C LEU DB 22 24.37 -53.79 -68.22
N VAL DB 23 25.64 -53.98 -68.56
CA VAL DB 23 26.63 -54.40 -67.56
C VAL DB 23 26.77 -53.36 -66.47
N THR DB 24 26.49 -52.09 -66.79
CA THR DB 24 26.51 -51.05 -65.78
C THR DB 24 25.44 -51.29 -64.72
N GLY DB 25 24.27 -51.78 -65.14
CA GLY DB 25 23.20 -52.07 -64.21
C GLY DB 25 21.97 -51.23 -64.44
N GLU DB 26 21.73 -50.86 -65.70
CA GLU DB 26 20.60 -50.02 -66.06
C GLU DB 26 19.75 -50.72 -67.11
N ASP DB 27 18.50 -50.27 -67.23
CA ASP DB 27 17.51 -50.88 -68.11
C ASP DB 27 17.25 -49.97 -69.30
N ILE DB 28 17.46 -50.50 -70.50
CA ILE DB 28 17.33 -49.76 -71.75
C ILE DB 28 16.20 -50.36 -72.56
N ILE DB 29 15.27 -49.52 -73.01
CA ILE DB 29 14.16 -49.95 -73.86
C ILE DB 29 14.20 -49.15 -75.15
N GLY DB 30 14.04 -49.84 -76.28
CA GLY DB 30 14.06 -49.17 -77.56
C GLY DB 30 14.04 -50.16 -78.70
N ASN DB 31 14.13 -49.62 -79.91
CA ASN DB 31 14.12 -50.45 -81.10
C ASN DB 31 15.49 -51.13 -81.25
N ILE DB 32 15.48 -52.45 -81.44
CA ILE DB 32 16.70 -53.25 -81.42
C ILE DB 32 16.87 -53.94 -82.76
N SER DB 33 18.13 -54.12 -83.15
CA SER DB 33 18.44 -54.88 -84.37
C SER DB 33 19.76 -55.61 -84.14
N GLU DB 34 19.70 -56.95 -84.10
CA GLU DB 34 20.88 -57.79 -83.85
C GLU DB 34 21.30 -58.42 -85.17
N SER DB 35 22.37 -57.88 -85.77
CA SER DB 35 22.83 -58.34 -87.08
C SER DB 35 23.96 -59.36 -86.98
N GLN DB 36 25.10 -58.97 -86.41
CA GLN DB 36 26.30 -59.80 -86.40
C GLN DB 36 26.94 -59.76 -85.01
N GLY DB 37 26.13 -59.97 -83.98
CA GLY DB 37 26.62 -59.86 -82.62
C GLY DB 37 26.48 -58.45 -82.10
N LEU DB 38 27.22 -57.52 -82.70
CA LEU DB 38 27.03 -56.11 -82.40
C LEU DB 38 25.62 -55.69 -82.78
N ILE DB 39 24.96 -54.95 -81.89
CA ILE DB 39 23.55 -54.63 -82.07
C ILE DB 39 23.39 -53.12 -82.25
N THR DB 40 22.31 -52.76 -82.94
CA THR DB 40 21.96 -51.38 -83.23
C THR DB 40 20.71 -51.02 -82.44
N ILE DB 41 20.73 -49.86 -81.78
CA ILE DB 41 19.66 -49.41 -80.92
C ILE DB 41 19.17 -48.07 -81.41
N LYS DB 42 17.85 -47.91 -81.51
CA LYS DB 42 17.22 -46.68 -81.93
C LYS DB 42 16.20 -46.24 -80.89
N LYS DB 43 16.21 -44.93 -80.59
CA LYS DB 43 15.27 -44.32 -79.64
C LYS DB 43 15.36 -44.99 -78.27
N ALA DB 44 16.59 -45.17 -77.79
CA ALA DB 44 16.81 -45.82 -76.52
C ALA DB 44 16.34 -44.93 -75.36
N PHE DB 45 15.82 -45.59 -74.32
CA PHE DB 45 15.34 -44.89 -73.13
C PHE DB 45 15.80 -45.64 -71.89
N VAL DB 46 16.30 -44.89 -70.92
CA VAL DB 46 16.62 -45.44 -69.60
C VAL DB 46 15.35 -45.49 -68.77
N ILE DB 47 15.08 -46.66 -68.19
CA ILE DB 47 13.91 -46.84 -67.33
C ILE DB 47 14.35 -46.66 -65.88
N ILE DB 48 13.80 -45.65 -65.21
CA ILE DB 48 14.14 -45.35 -63.83
C ILE DB 48 13.08 -45.99 -62.94
N PRO DB 49 13.47 -46.86 -62.00
CA PRO DB 49 12.47 -47.49 -61.12
C PRO DB 49 11.88 -46.50 -60.12
N MET DB 50 10.63 -46.11 -60.32
CA MET DB 50 9.97 -45.14 -59.47
C MET DB 50 8.45 -45.23 -59.61
N GLN DB 59 4.01 -46.49 -61.13
CA GLN DB 59 4.19 -45.97 -62.49
C GLN DB 59 5.63 -46.13 -62.94
N LEU DB 60 5.93 -45.67 -64.16
CA LEU DB 60 7.26 -45.77 -64.73
C LEU DB 60 7.72 -44.40 -65.21
N VAL DB 61 9.04 -44.20 -65.15
CA VAL DB 61 9.66 -42.97 -65.59
C VAL DB 61 10.73 -43.33 -66.62
N LEU DB 62 10.73 -42.62 -67.75
CA LEU DB 62 11.68 -42.86 -68.82
C LEU DB 62 12.50 -41.60 -69.04
N SER DB 63 13.77 -41.78 -69.38
CA SER DB 63 14.68 -40.67 -69.65
C SER DB 63 15.48 -40.99 -70.90
N PRO DB 64 16.00 -39.96 -71.59
CA PRO DB 64 16.86 -40.21 -72.74
C PRO DB 64 18.13 -40.93 -72.32
N TRP DB 65 18.62 -41.81 -73.20
CA TRP DB 65 19.82 -42.57 -72.87
C TRP DB 65 21.09 -41.80 -73.21
N GLN DB 66 21.11 -41.12 -74.36
CA GLN DB 66 22.30 -40.41 -74.83
C GLN DB 66 21.90 -38.98 -75.14
N PRO DB 67 21.76 -38.13 -74.12
CA PRO DB 67 21.29 -36.76 -74.33
C PRO DB 67 22.34 -35.81 -74.88
N TYR DB 68 23.49 -36.32 -75.34
CA TYR DB 68 24.53 -35.47 -75.90
C TYR DB 68 24.79 -35.73 -77.38
N THR DB 69 23.99 -36.60 -78.02
CA THR DB 69 24.19 -36.94 -79.41
C THR DB 69 22.86 -36.88 -80.15
N ASP DB 70 22.94 -36.56 -81.45
CA ASP DB 70 21.77 -36.51 -82.31
C ASP DB 70 21.69 -37.71 -83.25
N ASP DB 71 22.60 -38.68 -83.12
CA ASP DB 71 22.59 -39.83 -84.00
C ASP DB 71 21.32 -40.66 -83.78
N LYS DB 72 20.72 -41.09 -84.89
CA LYS DB 72 19.50 -41.89 -84.80
C LYS DB 72 19.77 -43.27 -84.21
N GLU DB 73 20.88 -43.89 -84.61
CA GLU DB 73 21.20 -45.24 -84.21
C GLU DB 73 22.52 -45.27 -83.46
N ILE DB 74 22.62 -46.15 -82.46
CA ILE DB 74 23.83 -46.34 -81.68
C ILE DB 74 24.20 -47.81 -81.72
N VAL DB 75 25.47 -48.09 -82.00
CA VAL DB 75 25.95 -49.46 -82.16
C VAL DB 75 26.72 -49.85 -80.90
N ILE DB 76 26.33 -50.95 -80.27
CA ILE DB 76 27.02 -51.47 -79.10
C ILE DB 76 27.35 -52.95 -79.34
N ASP DB 77 28.07 -53.54 -78.40
CA ASP DB 77 28.54 -54.91 -78.52
C ASP DB 77 27.73 -55.82 -77.60
N ASP DB 78 27.39 -57.01 -78.10
CA ASP DB 78 26.61 -57.96 -77.31
C ASP DB 78 27.38 -58.47 -76.10
N SER DB 79 28.71 -58.34 -76.08
CA SER DB 79 29.49 -58.75 -74.92
C SER DB 79 29.29 -57.84 -73.73
N GLU DB 80 28.61 -56.70 -73.91
CA GLU DB 80 28.42 -55.71 -72.85
C GLU DB 80 26.96 -55.59 -72.43
N VAL DB 81 26.12 -56.58 -72.76
CA VAL DB 81 24.72 -56.59 -72.37
C VAL DB 81 24.43 -57.92 -71.68
N ILE DB 82 23.71 -57.86 -70.57
CA ILE DB 82 23.45 -59.06 -69.77
C ILE DB 82 22.25 -59.83 -70.32
N THR DB 83 21.07 -59.22 -70.29
CA THR DB 83 19.84 -59.88 -70.67
C THR DB 83 19.08 -59.03 -71.66
N ILE DB 84 18.50 -59.69 -72.67
CA ILE DB 84 17.65 -59.05 -73.67
C ILE DB 84 16.34 -59.83 -73.72
N THR DB 85 15.24 -59.18 -73.34
CA THR DB 85 13.96 -59.87 -73.24
C THR DB 85 12.84 -58.95 -73.68
N SER DB 86 11.74 -59.55 -74.15
CA SER DB 86 10.57 -58.78 -74.57
C SER DB 86 9.79 -58.30 -73.36
N PRO DB 87 9.26 -57.09 -73.39
CA PRO DB 87 8.55 -56.55 -72.23
C PRO DB 87 7.05 -56.82 -72.27
N LYS DB 88 6.35 -56.47 -71.20
CA LYS DB 88 4.90 -56.62 -71.17
C LYS DB 88 4.23 -55.47 -71.91
N ASP DB 89 2.90 -55.57 -72.05
CA ASP DB 89 2.18 -54.65 -72.92
C ASP DB 89 2.03 -53.26 -72.31
N ASP DB 90 1.93 -53.17 -70.98
CA ASP DB 90 1.76 -51.86 -70.34
C ASP DB 90 2.96 -50.95 -70.62
N ILE DB 91 4.17 -51.49 -70.49
CA ILE DB 91 5.37 -50.70 -70.77
C ILE DB 91 5.43 -50.34 -72.24
N ILE DB 92 4.97 -51.23 -73.12
CA ILE DB 92 4.92 -50.93 -74.55
C ILE DB 92 4.02 -49.73 -74.81
N LYS DB 93 2.84 -49.73 -74.19
CA LYS DB 93 1.91 -48.62 -74.35
C LYS DB 93 2.51 -47.31 -73.84
N SER DB 94 3.13 -47.36 -72.66
CA SER DB 94 3.73 -46.16 -72.10
C SER DB 94 4.85 -45.64 -72.99
N TYR DB 95 5.69 -46.54 -73.51
CA TYR DB 95 6.79 -46.15 -74.37
C TYR DB 95 6.28 -45.51 -75.65
N GLU DB 96 5.25 -46.09 -76.26
CA GLU DB 96 4.69 -45.52 -77.49
C GLU DB 96 4.08 -44.14 -77.22
N SER DB 97 3.36 -44.00 -76.12
CA SER DB 97 2.77 -42.71 -75.78
C SER DB 97 3.86 -41.65 -75.59
N HIS DB 98 4.92 -42.00 -74.87
CA HIS DB 98 5.99 -41.04 -74.62
C HIS DB 98 6.70 -40.66 -75.92
N THR DB 99 6.97 -41.66 -76.77
CA THR DB 99 7.70 -41.39 -78.00
C THR DB 99 6.87 -40.65 -79.03
N ARG DB 100 5.53 -40.67 -78.93
CA ARG DB 100 4.77 -39.78 -79.80
C ARG DB 100 4.59 -38.39 -79.20
N VAL DB 101 4.50 -38.27 -77.87
CA VAL DB 101 4.40 -36.96 -77.25
C VAL DB 101 5.66 -36.14 -77.51
N LEU DB 102 6.83 -36.79 -77.43
CA LEU DB 102 8.08 -36.07 -77.68
C LEU DB 102 8.11 -35.51 -79.11
N GLU DB 103 7.72 -36.33 -80.09
CA GLU DB 103 7.70 -35.86 -81.48
C GLU DB 103 6.71 -34.72 -81.66
N ASN DB 104 5.53 -34.83 -81.06
CA ASN DB 104 4.54 -33.77 -81.18
C ASN DB 104 5.07 -32.45 -80.62
N LYS DB 105 5.71 -32.51 -79.44
CA LYS DB 105 6.26 -31.30 -78.85
C LYS DB 105 7.39 -30.73 -79.70
N GLN DB 106 8.21 -31.61 -80.28
CA GLN DB 106 9.29 -31.14 -81.16
C GLN DB 106 8.72 -30.37 -82.35
N VAL DB 107 7.68 -30.92 -82.98
CA VAL DB 107 7.09 -30.24 -84.13
C VAL DB 107 6.47 -28.91 -83.72
N GLU DB 108 5.79 -28.89 -82.57
CA GLU DB 108 5.20 -27.64 -82.10
C GLU DB 108 6.27 -26.57 -81.88
N GLU DB 109 7.41 -26.96 -81.29
CA GLU DB 109 8.49 -26.00 -81.08
C GLU DB 109 9.08 -25.53 -82.41
N ILE DB 110 9.16 -26.41 -83.40
CA ILE DB 110 9.65 -26.01 -84.71
C ILE DB 110 8.74 -24.94 -85.31
N LEU DB 111 7.43 -25.15 -85.23
CA LEU DB 111 6.49 -24.14 -85.72
C LEU DB 111 6.64 -22.83 -84.98
N ARG DB 112 6.76 -22.89 -83.65
CA ARG DB 112 6.94 -21.66 -82.88
C ARG DB 112 8.17 -20.89 -83.34
N LEU DB 113 9.30 -21.59 -83.48
CA LEU DB 113 10.54 -20.93 -83.89
C LEU DB 113 10.42 -20.33 -85.27
N GLU DB 114 9.80 -21.05 -86.20
CA GLU DB 114 9.66 -20.52 -87.56
C GLU DB 114 8.81 -19.26 -87.57
N LYS DB 115 7.70 -19.27 -86.83
CA LYS DB 115 6.84 -18.09 -86.78
C LYS DB 115 7.56 -16.90 -86.16
N GLU DB 116 8.29 -17.13 -85.08
CA GLU DB 116 9.03 -16.03 -84.45
C GLU DB 116 10.09 -15.46 -85.39
N ILE DB 117 10.79 -16.34 -86.11
CA ILE DB 117 11.81 -15.88 -87.05
C ILE DB 117 11.19 -15.05 -88.15
N GLU DB 118 10.07 -15.51 -88.70
CA GLU DB 118 9.41 -14.76 -89.76
C GLU DB 118 8.97 -13.38 -89.27
N ASP DB 119 8.36 -13.32 -88.09
CA ASP DB 119 7.92 -12.04 -87.55
C ASP DB 119 9.09 -11.09 -87.32
N LEU DB 120 10.18 -11.60 -86.73
CA LEU DB 120 11.34 -10.75 -86.49
C LEU DB 120 11.95 -10.25 -87.79
N GLN DB 121 12.04 -11.13 -88.79
CA GLN DB 121 12.61 -10.71 -90.07
C GLN DB 121 11.76 -9.63 -90.72
N ARG DB 122 10.43 -9.79 -90.69
CA ARG DB 122 9.56 -8.77 -91.28
C ARG DB 122 9.70 -7.44 -90.56
N MET DB 123 9.72 -7.47 -89.22
CA MET DB 123 9.84 -6.22 -88.47
C MET DB 123 11.18 -5.54 -88.73
N LYS DB 124 12.26 -6.32 -88.80
CA LYS DB 124 13.57 -5.75 -89.11
C LYS DB 124 13.58 -5.15 -90.51
N GLU DB 125 12.93 -5.82 -91.47
CA GLU DB 125 12.88 -5.29 -92.82
C GLU DB 125 12.18 -3.94 -92.86
N GLN DB 126 11.02 -3.84 -92.19
CA GLN DB 126 10.31 -2.55 -92.16
C GLN DB 126 11.13 -1.48 -91.45
N GLN DB 127 11.82 -1.86 -90.36
CA GLN DB 127 12.64 -0.87 -89.66
C GLN DB 127 13.79 -0.37 -90.53
N GLU DB 128 14.43 -1.28 -91.28
CA GLU DB 128 15.54 -0.89 -92.14
C GLU DB 128 15.08 -0.10 -93.35
N LEU DB 129 13.83 -0.29 -93.79
CA LEU DB 129 13.35 0.41 -94.97
C LEU DB 129 13.48 1.93 -94.83
N SER DB 130 13.16 2.46 -93.65
CA SER DB 130 13.22 3.91 -93.41
C SER DB 130 14.63 4.26 -92.97
N LEU DB 131 15.47 4.64 -93.93
CA LEU DB 131 16.85 4.98 -93.63
C LEU DB 131 17.38 5.92 -94.71
N THR DB 132 18.46 6.62 -94.39
CA THR DB 132 19.07 7.57 -95.30
C THR DB 132 20.27 6.95 -96.01
N GLU DB 133 20.77 7.66 -97.03
CA GLU DB 133 21.86 7.13 -97.84
C GLU DB 133 23.15 7.01 -97.05
N ALA DB 134 23.52 8.07 -96.32
CA ALA DB 134 24.73 8.02 -95.50
C ALA DB 134 24.59 6.97 -94.41
N SER DB 135 23.41 6.87 -93.81
CA SER DB 135 23.16 5.84 -92.81
C SER DB 135 23.29 4.45 -93.42
N LEU DB 136 22.79 4.28 -94.65
CA LEU DB 136 22.93 2.99 -95.33
C LEU DB 136 24.40 2.66 -95.59
N GLN DB 137 25.19 3.66 -95.99
CA GLN DB 137 26.61 3.43 -96.20
C GLN DB 137 27.31 3.03 -94.91
N LYS DB 138 26.99 3.72 -93.81
CA LYS DB 138 27.57 3.35 -92.52
C LYS DB 138 27.15 1.94 -92.11
N LEU DB 139 25.88 1.59 -92.37
CA LEU DB 139 25.40 0.24 -92.11
C LEU DB 139 26.23 -0.79 -92.86
N GLN DB 140 26.43 -0.56 -94.16
CA GLN DB 140 27.20 -1.51 -94.96
C GLN DB 140 28.63 -1.61 -94.46
N GLU DB 141 29.25 -0.48 -94.13
CA GLU DB 141 30.63 -0.50 -93.66
C GLU DB 141 30.76 -1.28 -92.36
N ARG DB 142 29.87 -1.02 -91.40
CA ARG DB 142 29.97 -1.71 -90.12
C ARG DB 142 29.61 -3.18 -90.25
N ARG DB 143 28.69 -3.54 -91.15
CA ARG DB 143 28.41 -4.94 -91.41
C ARG DB 143 29.63 -5.64 -92.02
N ASP DB 144 30.33 -4.95 -92.92
CA ASP DB 144 31.56 -5.51 -93.47
C ASP DB 144 32.61 -5.70 -92.38
N GLN DB 145 32.75 -4.73 -91.49
CA GLN DB 145 33.66 -4.87 -90.35
C GLN DB 145 33.21 -6.01 -89.43
N LYS EB 15 68.78 -75.72 9.21
CA LYS EB 15 67.89 -74.57 9.34
C LYS EB 15 67.78 -74.13 10.79
N ASN EB 16 67.82 -72.81 11.02
CA ASN EB 16 67.80 -72.27 12.36
C ASN EB 16 67.26 -70.85 12.29
N ILE EB 17 66.04 -70.64 12.77
CA ILE EB 17 65.39 -69.33 12.75
C ILE EB 17 65.40 -68.79 14.18
N LYS EB 18 66.06 -67.65 14.36
CA LYS EB 18 66.15 -67.00 15.67
C LYS EB 18 65.99 -65.51 15.49
N ILE EB 19 65.04 -64.92 16.21
CA ILE EB 19 64.88 -63.47 16.17
C ILE EB 19 65.99 -62.83 16.99
N MET EB 20 66.33 -61.58 16.64
CA MET EB 20 67.32 -60.84 17.40
C MET EB 20 66.97 -59.37 17.43
N ARG EB 21 67.53 -58.68 18.42
CA ARG EB 21 67.36 -57.24 18.58
C ARG EB 21 68.69 -56.55 18.39
N LEU EB 22 68.74 -55.59 17.48
CA LEU EB 22 69.97 -54.90 17.15
C LEU EB 22 70.21 -53.73 18.10
N VAL EB 23 71.47 -53.28 18.15
CA VAL EB 23 71.83 -52.13 18.99
C VAL EB 23 71.08 -50.89 18.54
N THR EB 24 70.71 -50.81 17.26
CA THR EB 24 69.91 -49.69 16.77
C THR EB 24 68.55 -49.68 17.44
N GLY EB 25 67.97 -50.85 17.68
CA GLY EB 25 66.67 -50.94 18.32
C GLY EB 25 65.60 -51.52 17.44
N GLU EB 26 66.00 -52.43 16.54
CA GLU EB 26 65.07 -53.06 15.60
C GLU EB 26 65.15 -54.57 15.74
N ASP EB 27 64.10 -55.23 15.25
CA ASP EB 27 63.94 -56.67 15.38
C ASP EB 27 64.15 -57.34 14.03
N ILE EB 28 65.10 -58.27 13.97
CA ILE EB 28 65.49 -58.95 12.75
C ILE EB 28 65.17 -60.43 12.91
N ILE EB 29 64.47 -61.00 11.92
CA ILE EB 29 64.15 -62.42 11.91
C ILE EB 29 64.67 -63.03 10.62
N GLY EB 30 65.34 -64.16 10.73
CA GLY EB 30 65.88 -64.82 9.55
C GLY EB 30 66.74 -66.01 9.93
N ASN EB 31 67.32 -66.62 8.91
CA ASN EB 31 68.19 -67.77 9.12
C ASN EB 31 69.53 -67.32 9.68
N ILE EB 32 69.95 -67.94 10.77
CA ILE EB 32 71.12 -67.48 11.53
C ILE EB 32 72.16 -68.59 11.56
N SER EB 33 73.43 -68.19 11.56
CA SER EB 33 74.53 -69.14 11.71
C SER EB 33 75.64 -68.47 12.50
N GLU EB 34 75.92 -68.97 13.70
CA GLU EB 34 76.93 -68.40 14.59
C GLU EB 34 78.15 -69.31 14.58
N SER EB 35 79.19 -68.90 13.85
CA SER EB 35 80.39 -69.71 13.68
C SER EB 35 81.50 -69.34 14.67
N GLN EB 36 82.01 -68.12 14.60
CA GLN EB 36 83.16 -67.70 15.37
C GLN EB 36 82.92 -66.31 15.97
N GLY EB 37 81.76 -66.14 16.60
CA GLY EB 37 81.38 -64.84 17.13
C GLY EB 37 80.63 -64.03 16.09
N LEU EB 38 81.32 -63.68 15.01
CA LEU EB 38 80.64 -63.05 13.87
C LEU EB 38 79.62 -64.02 13.31
N ILE EB 39 78.41 -63.51 13.02
CA ILE EB 39 77.30 -64.35 12.62
C ILE EB 39 76.89 -64.02 11.20
N THR EB 40 76.33 -65.03 10.54
CA THR EB 40 75.85 -64.92 9.17
C THR EB 40 74.32 -64.98 9.18
N ILE EB 41 73.70 -64.07 8.42
CA ILE EB 41 72.24 -63.93 8.40
C ILE EB 41 71.79 -64.09 6.95
N LYS EB 42 70.75 -64.89 6.75
CA LYS EB 42 70.16 -65.12 5.44
C LYS EB 42 68.67 -64.81 5.48
N LYS EB 43 68.18 -64.11 4.45
CA LYS EB 43 66.77 -63.78 4.31
C LYS EB 43 66.26 -63.00 5.52
N ALA EB 44 67.03 -61.99 5.93
CA ALA EB 44 66.67 -61.18 7.09
C ALA EB 44 65.44 -60.33 6.80
N PHE EB 45 64.63 -60.14 7.83
CA PHE EB 45 63.42 -59.33 7.74
C PHE EB 45 63.31 -58.45 8.97
N VAL EB 46 62.99 -57.17 8.76
CA VAL EB 46 62.67 -56.25 9.83
C VAL EB 46 61.21 -56.44 10.23
N ILE EB 47 60.97 -56.63 11.52
CA ILE EB 47 59.61 -56.79 12.04
C ILE EB 47 59.13 -55.43 12.53
N ILE EB 48 58.08 -54.90 11.92
CA ILE EB 48 57.51 -53.61 12.28
C ILE EB 48 56.35 -53.84 13.24
N PRO EB 49 56.37 -53.27 14.43
CA PRO EB 49 55.25 -53.47 15.36
C PRO EB 49 53.99 -52.75 14.91
N MET EB 50 53.00 -53.50 14.44
CA MET EB 50 51.75 -52.93 13.96
C MET EB 50 50.64 -53.98 13.93
N GLN EB 59 48.23 -58.19 14.28
CA GLN EB 59 48.97 -58.84 13.21
C GLN EB 59 50.42 -58.36 13.19
N LEU EB 60 51.20 -58.88 12.24
CA LEU EB 60 52.61 -58.53 12.11
C LEU EB 60 52.89 -58.08 10.68
N VAL EB 61 53.86 -57.18 10.54
CA VAL EB 61 54.30 -56.66 9.26
C VAL EB 61 55.80 -56.89 9.15
N LEU EB 62 56.23 -57.43 8.01
CA LEU EB 62 57.63 -57.71 7.76
C LEU EB 62 58.10 -56.91 6.56
N SER EB 63 59.34 -56.45 6.60
CA SER EB 63 59.94 -55.68 5.51
C SER EB 63 61.33 -56.21 5.24
N PRO EB 64 61.86 -56.00 4.03
CA PRO EB 64 63.24 -56.40 3.76
C PRO EB 64 64.22 -55.61 4.62
N TRP EB 65 65.30 -56.27 5.02
CA TRP EB 65 66.29 -55.60 5.87
C TRP EB 65 67.28 -54.79 5.06
N GLN EB 66 67.76 -55.34 3.95
CA GLN EB 66 68.79 -54.71 3.12
C GLN EB 66 68.27 -54.64 1.70
N PRO EB 67 67.39 -53.68 1.39
CA PRO EB 67 66.78 -53.60 0.06
C PRO EB 67 67.69 -53.01 -1.01
N TYR EB 68 68.99 -52.84 -0.74
CA TYR EB 68 69.91 -52.29 -1.73
C TYR EB 68 70.98 -53.29 -2.14
N THR EB 69 70.91 -54.53 -1.67
CA THR EB 69 71.91 -55.54 -1.99
C THR EB 69 71.24 -56.84 -2.40
N ASP EB 70 71.93 -57.59 -3.26
CA ASP EB 70 71.45 -58.88 -3.72
C ASP EB 70 72.21 -60.05 -3.07
N ASP EB 71 73.10 -59.77 -2.13
CA ASP EB 71 73.86 -60.83 -1.49
C ASP EB 71 72.94 -61.73 -0.68
N LYS EB 72 73.16 -63.04 -0.81
CA LYS EB 72 72.34 -64.00 -0.08
C LYS EB 72 72.58 -63.93 1.42
N GLU EB 73 73.85 -63.80 1.82
CA GLU EB 73 74.23 -63.81 3.23
C GLU EB 73 74.88 -62.49 3.61
N ILE EB 74 74.64 -62.06 4.85
CA ILE EB 74 75.23 -60.84 5.40
C ILE EB 74 75.92 -61.19 6.70
N VAL EB 75 77.15 -60.74 6.86
CA VAL EB 75 77.97 -61.07 8.02
C VAL EB 75 78.02 -59.85 8.95
N ILE EB 76 77.63 -60.05 10.20
CA ILE EB 76 77.68 -59.00 11.21
C ILE EB 76 78.43 -59.53 12.43
N ASP EB 77 78.65 -58.64 13.39
CA ASP EB 77 79.44 -58.95 14.58
C ASP EB 77 78.52 -59.11 15.79
N ASP EB 78 78.82 -60.12 16.61
CA ASP EB 78 78.01 -60.38 17.80
C ASP EB 78 78.09 -59.25 18.82
N SER EB 79 79.11 -58.39 18.74
CA SER EB 79 79.21 -57.26 19.63
C SER EB 79 78.17 -56.19 19.35
N GLU EB 80 77.44 -56.30 18.24
CA GLU EB 80 76.47 -55.30 17.83
C GLU EB 80 75.03 -55.83 17.88
N VAL EB 81 74.80 -56.92 18.59
CA VAL EB 81 73.46 -57.50 18.75
C VAL EB 81 73.20 -57.68 20.24
N ILE EB 82 71.99 -57.30 20.66
CA ILE EB 82 71.66 -57.33 22.09
C ILE EB 82 71.19 -58.71 22.50
N THR EB 83 70.08 -59.17 21.94
CA THR EB 83 69.46 -60.43 22.33
C THR EB 83 69.17 -61.28 21.11
N ILE EB 84 69.43 -62.58 21.24
CA ILE EB 84 69.13 -63.57 20.21
C ILE EB 84 68.31 -64.66 20.86
N THR EB 85 67.06 -64.82 20.42
CA THR EB 85 66.15 -65.77 21.05
C THR EB 85 65.26 -66.43 20.00
N SER EB 86 64.80 -67.63 20.31
CA SER EB 86 63.90 -68.35 19.41
C SER EB 86 62.48 -67.78 19.50
N PRO EB 87 61.77 -67.67 18.38
CA PRO EB 87 60.43 -67.07 18.41
C PRO EB 87 59.33 -68.10 18.60
N LYS EB 88 58.09 -67.63 18.74
CA LYS EB 88 56.95 -68.52 18.86
C LYS EB 88 56.53 -69.03 17.48
N ASP EB 89 55.57 -69.96 17.49
CA ASP EB 89 55.23 -70.67 16.26
C ASP EB 89 54.43 -69.81 15.29
N ASP EB 90 53.60 -68.89 15.80
CA ASP EB 90 52.79 -68.06 14.91
C ASP EB 90 53.66 -67.20 14.00
N ILE EB 91 54.71 -66.59 14.56
CA ILE EB 91 55.61 -65.77 13.76
C ILE EB 91 56.38 -66.65 12.78
N ILE EB 92 56.72 -67.89 13.18
CA ILE EB 92 57.38 -68.80 12.26
C ILE EB 92 56.50 -69.09 11.06
N LYS EB 93 55.21 -69.35 11.31
CA LYS EB 93 54.28 -69.62 10.22
C LYS EB 93 54.15 -68.41 9.30
N SER EB 94 54.01 -67.21 9.88
CA SER EB 94 53.89 -66.01 9.07
C SER EB 94 55.14 -65.77 8.23
N TYR EB 95 56.32 -65.98 8.83
CA TYR EB 95 57.57 -65.79 8.11
C TYR EB 95 57.70 -66.77 6.95
N GLU EB 96 57.35 -68.05 7.18
CA GLU EB 96 57.43 -69.02 6.11
C GLU EB 96 56.45 -68.69 4.99
N SER EB 97 55.23 -68.29 5.34
CA SER EB 97 54.25 -67.92 4.31
C SER EB 97 54.76 -66.75 3.48
N HIS EB 98 55.29 -65.73 4.14
CA HIS EB 98 55.77 -64.55 3.41
C HIS EB 98 56.96 -64.91 2.51
N THR EB 99 57.88 -65.73 3.03
CA THR EB 99 59.07 -66.07 2.26
C THR EB 99 58.79 -67.02 1.11
N ARG EB 100 57.66 -67.75 1.14
CA ARG EB 100 57.29 -68.50 -0.05
C ARG EB 100 56.48 -67.66 -1.04
N VAL EB 101 55.65 -66.73 -0.55
CA VAL EB 101 54.90 -65.86 -1.44
C VAL EB 101 55.85 -64.99 -2.26
N LEU EB 102 56.91 -64.47 -1.62
CA LEU EB 102 57.86 -63.65 -2.35
C LEU EB 102 58.53 -64.42 -3.48
N GLU EB 103 58.95 -65.66 -3.20
CA GLU EB 103 59.57 -66.48 -4.24
C GLU EB 103 58.59 -66.79 -5.37
N ASN EB 104 57.34 -67.10 -5.03
CA ASN EB 104 56.35 -67.39 -6.05
C ASN EB 104 56.14 -66.19 -6.96
N LYS EB 105 56.03 -64.99 -6.37
CA LYS EB 105 55.84 -63.79 -7.18
C LYS EB 105 57.05 -63.50 -8.04
N GLN EB 106 58.26 -63.75 -7.50
CA GLN EB 106 59.47 -63.56 -8.29
C GLN EB 106 59.48 -64.46 -9.52
N VAL EB 107 59.12 -65.74 -9.33
CA VAL EB 107 59.10 -66.66 -10.46
C VAL EB 107 58.05 -66.24 -11.48
N GLU EB 108 56.88 -65.82 -11.01
CA GLU EB 108 55.83 -65.38 -11.93
C GLU EB 108 56.30 -64.18 -12.76
N GLU EB 109 56.98 -63.23 -12.12
CA GLU EB 109 57.49 -62.09 -12.87
C GLU EB 109 58.58 -62.49 -13.87
N ILE EB 110 59.40 -63.48 -13.51
CA ILE EB 110 60.41 -63.97 -14.46
C ILE EB 110 59.74 -64.54 -15.71
N LEU EB 111 58.69 -65.35 -15.50
CA LEU EB 111 57.96 -65.88 -16.65
C LEU EB 111 57.34 -64.78 -17.49
N ARG EB 112 56.73 -63.78 -16.84
CA ARG EB 112 56.15 -62.67 -17.58
C ARG EB 112 57.18 -61.97 -18.44
N LEU EB 113 58.34 -61.66 -17.86
CA LEU EB 113 59.38 -60.96 -18.60
C LEU EB 113 59.88 -61.80 -19.77
N GLU EB 114 60.09 -63.10 -19.55
CA GLU EB 114 60.58 -63.95 -20.64
C GLU EB 114 59.58 -64.00 -21.79
N LYS EB 115 58.29 -64.14 -21.47
CA LYS EB 115 57.28 -64.18 -22.52
C LYS EB 115 57.23 -62.88 -23.30
N GLU EB 116 57.28 -61.74 -22.59
CA GLU EB 116 57.25 -60.45 -23.28
C GLU EB 116 58.47 -60.27 -24.17
N ILE EB 117 59.65 -60.69 -23.70
CA ILE EB 117 60.86 -60.58 -24.50
C ILE EB 117 60.74 -61.43 -25.75
N GLU EB 118 60.25 -62.66 -25.62
CA GLU EB 118 60.12 -63.53 -26.78
C GLU EB 118 59.16 -62.94 -27.80
N ASP EB 119 58.00 -62.42 -27.34
CA ASP EB 119 57.04 -61.84 -28.26
C ASP EB 119 57.62 -60.63 -28.97
N LEU EB 120 58.30 -59.75 -28.23
CA LEU EB 120 58.88 -58.56 -28.85
C LEU EB 120 59.95 -58.93 -29.87
N GLN EB 121 60.79 -59.92 -29.54
CA GLN EB 121 61.82 -60.34 -30.47
C GLN EB 121 61.23 -60.90 -31.74
N ARG EB 122 60.19 -61.73 -31.62
CA ARG EB 122 59.55 -62.30 -32.80
C ARG EB 122 58.94 -61.21 -33.67
N MET EB 123 58.24 -60.25 -33.05
CA MET EB 123 57.61 -59.20 -33.82
C MET EB 123 58.66 -58.32 -34.52
N LYS EB 124 59.75 -58.01 -33.83
CA LYS EB 124 60.82 -57.25 -34.45
C LYS EB 124 61.45 -58.00 -35.61
N GLU EB 125 61.62 -59.32 -35.46
CA GLU EB 125 62.18 -60.12 -36.54
C GLU EB 125 61.29 -60.07 -37.78
N GLN EB 126 59.98 -60.24 -37.60
CA GLN EB 126 59.08 -60.18 -38.75
C GLN EB 126 59.07 -58.78 -39.36
N GLN EB 127 59.12 -57.73 -38.53
CA GLN EB 127 59.15 -56.38 -39.08
C GLN EB 127 60.42 -56.12 -39.88
N GLU EB 128 61.56 -56.61 -39.39
CA GLU EB 128 62.82 -56.41 -40.10
C GLU EB 128 62.92 -57.25 -41.35
N LEU EB 129 62.19 -58.38 -41.42
CA LEU EB 129 62.29 -59.26 -42.59
C LEU EB 129 61.93 -58.51 -43.87
N SER EB 130 60.89 -57.67 -43.83
CA SER EB 130 60.45 -56.93 -45.01
C SER EB 130 61.26 -55.63 -45.10
N LEU EB 131 62.34 -55.67 -45.85
CA LEU EB 131 63.22 -54.51 -45.99
C LEU EB 131 63.97 -54.62 -47.30
N THR EB 132 64.49 -53.48 -47.76
CA THR EB 132 65.24 -53.40 -49.01
C THR EB 132 66.74 -53.42 -48.74
N GLU EB 133 67.51 -53.59 -49.81
CA GLU EB 133 68.96 -53.70 -49.68
C GLU EB 133 69.60 -52.41 -49.19
N ALA EB 134 69.22 -51.28 -49.81
CA ALA EB 134 69.76 -50.00 -49.37
C ALA EB 134 69.32 -49.68 -47.95
N SER EB 135 68.07 -50.00 -47.61
CA SER EB 135 67.60 -49.82 -46.25
C SER EB 135 68.38 -50.70 -45.27
N LEU EB 136 68.69 -51.93 -45.68
CA LEU EB 136 69.50 -52.81 -44.84
C LEU EB 136 70.89 -52.24 -44.62
N GLN EB 137 71.49 -51.68 -45.68
CA GLN EB 137 72.81 -51.06 -45.53
C GLN EB 137 72.76 -49.86 -44.59
N LYS EB 138 71.74 -49.03 -44.70
CA LYS EB 138 71.59 -47.91 -43.80
C LYS EB 138 71.38 -48.39 -42.36
N LEU EB 139 70.60 -49.45 -42.20
CA LEU EB 139 70.41 -50.06 -40.88
C LEU EB 139 71.74 -50.49 -40.28
N GLN EB 140 72.55 -51.20 -41.05
CA GLN EB 140 73.84 -51.66 -40.55
C GLN EB 140 74.75 -50.48 -40.21
N GLU EB 141 74.77 -49.45 -41.06
CA GLU EB 141 75.63 -48.30 -40.80
C GLU EB 141 75.22 -47.59 -39.52
N ARG EB 142 73.92 -47.35 -39.34
CA ARG EB 142 73.48 -46.63 -38.15
C ARG EB 142 73.64 -47.48 -36.90
N ARG EB 143 73.48 -48.81 -37.01
CA ARG EB 143 73.75 -49.68 -35.87
C ARG EB 143 75.23 -49.64 -35.50
N ASP EB 144 76.11 -49.61 -36.50
CA ASP EB 144 77.54 -49.47 -36.22
C ASP EB 144 77.83 -48.14 -35.52
N GLN EB 145 77.21 -47.07 -35.99
CA GLN EB 145 77.35 -45.76 -35.34
C GLN EB 145 76.78 -45.80 -33.93
N LYS FB 15 69.03 19.79 73.29
CA LYS FB 15 67.95 19.77 72.30
C LYS FB 15 66.97 20.91 72.55
N ASN FB 16 66.55 21.57 71.48
CA ASN FB 16 65.66 22.71 71.60
C ASN FB 16 64.91 22.88 70.29
N ILE FB 17 63.62 22.55 70.28
CA ILE FB 17 62.78 22.64 69.10
C ILE FB 17 61.88 23.85 69.24
N LYS FB 18 62.02 24.81 68.32
CA LYS FB 18 61.21 26.02 68.33
C LYS FB 18 60.81 26.36 66.91
N ILE FB 19 59.51 26.52 66.68
CA ILE FB 19 59.03 26.94 65.37
C ILE FB 19 59.32 28.41 65.18
N MET FB 20 59.45 28.83 63.93
CA MET FB 20 59.66 30.25 63.63
C MET FB 20 58.98 30.59 62.31
N ARG FB 21 58.72 31.88 62.15
CA ARG FB 21 58.14 32.43 60.94
C ARG FB 21 59.14 33.35 60.26
N LEU FB 22 59.43 33.09 59.00
CA LEU FB 22 60.42 33.85 58.26
C LEU FB 22 59.80 35.10 57.64
N VAL FB 23 60.67 36.05 57.28
CA VAL FB 23 60.21 37.28 56.64
C VAL FB 23 59.54 36.99 55.31
N THR FB 24 59.92 35.88 54.67
CA THR FB 24 59.26 35.47 53.44
C THR FB 24 57.80 35.14 53.69
N GLY FB 25 57.50 34.51 54.82
CA GLY FB 25 56.14 34.17 55.17
C GLY FB 25 55.91 32.68 55.27
N GLU FB 26 56.94 31.95 55.69
CA GLU FB 26 56.87 30.50 55.80
C GLU FB 26 57.24 30.08 57.22
N ASP FB 27 56.83 28.86 57.57
CA ASP FB 27 57.00 28.33 58.92
C ASP FB 27 58.07 27.25 58.91
N ILE FB 28 59.09 27.43 59.74
CA ILE FB 28 60.25 26.54 59.81
C ILE FB 28 60.28 25.91 61.20
N ILE FB 29 60.39 24.59 61.25
CA ILE FB 29 60.49 23.85 62.50
C ILE FB 29 61.78 23.03 62.47
N GLY FB 30 62.54 23.08 63.56
CA GLY FB 30 63.78 22.33 63.64
C GLY FB 30 64.55 22.68 64.88
N ASN FB 31 65.73 22.07 64.98
CA ASN FB 31 66.61 22.31 66.13
C ASN FB 31 67.25 23.68 66.00
N ILE FB 32 67.16 24.49 67.07
CA ILE FB 32 67.55 25.88 67.02
C ILE FB 32 68.65 26.12 68.04
N SER FB 33 69.57 27.04 67.72
CA SER FB 33 70.62 27.45 68.66
C SER FB 33 70.91 28.92 68.43
N GLU FB 34 70.60 29.76 69.43
CA GLU FB 34 70.77 31.20 69.34
C GLU FB 34 72.00 31.58 70.18
N SER FB 35 73.12 31.85 69.50
CA SER FB 35 74.38 32.15 70.19
C SER FB 35 74.64 33.64 70.32
N GLN FB 36 74.76 34.35 69.19
CA GLN FB 36 75.17 35.76 69.21
C GLN FB 36 74.30 36.54 68.22
N GLY FB 37 72.99 36.36 68.33
CA GLY FB 37 72.07 36.99 67.40
C GLY FB 37 71.83 36.10 66.19
N LEU FB 38 72.88 35.87 65.40
CA LEU FB 38 72.79 34.90 64.32
C LEU FB 38 72.52 33.51 64.90
N ILE FB 39 71.59 32.79 64.29
CA ILE FB 39 71.13 31.53 64.85
C ILE FB 39 71.50 30.39 63.91
N THR FB 40 71.65 29.21 64.49
CA THR FB 40 71.98 27.99 63.77
C THR FB 40 70.78 27.06 63.80
N ILE FB 41 70.45 26.49 62.64
CA ILE FB 41 69.28 25.64 62.47
C ILE FB 41 69.73 24.29 61.95
N LYS FB 42 69.21 23.23 62.55
CA LYS FB 42 69.51 21.86 62.15
C LYS FB 42 68.21 21.12 61.87
N LYS FB 43 68.21 20.35 60.78
CA LYS FB 43 67.07 19.52 60.38
C LYS FB 43 65.81 20.37 60.21
N ALA FB 44 65.96 21.49 59.51
CA ALA FB 44 64.83 22.40 59.30
C ALA FB 44 63.79 21.78 58.38
N PHE FB 45 62.53 22.09 58.65
CA PHE FB 45 61.41 21.60 57.86
C PHE FB 45 60.42 22.74 57.62
N VAL FB 46 59.96 22.86 56.38
CA VAL FB 46 58.89 23.78 56.03
C VAL FB 46 57.56 23.11 56.34
N ILE FB 47 56.71 23.82 57.08
CA ILE FB 47 55.38 23.32 57.43
C ILE FB 47 54.38 23.89 56.43
N ILE FB 48 53.74 23.01 55.66
CA ILE FB 48 52.77 23.41 54.65
C ILE FB 48 51.38 23.30 55.26
N PRO FB 49 50.59 24.37 55.28
CA PRO FB 49 49.24 24.29 55.86
C PRO FB 49 48.29 23.48 54.98
N MET FB 50 47.95 22.28 55.42
CA MET FB 50 47.07 21.39 54.66
C MET FB 50 46.47 20.32 55.56
N GLN FB 59 45.40 17.57 59.43
CA GLN FB 59 46.74 17.01 59.55
C GLN FB 59 47.79 18.04 59.14
N LEU FB 60 49.07 17.64 59.20
CA LEU FB 60 50.17 18.51 58.86
C LEU FB 60 51.07 17.84 57.83
N VAL FB 61 51.68 18.67 56.99
CA VAL FB 61 52.61 18.21 55.96
C VAL FB 61 53.92 18.94 56.13
N LEU FB 62 55.03 18.19 56.12
CA LEU FB 62 56.36 18.76 56.29
C LEU FB 62 57.18 18.47 55.05
N SER FB 63 58.04 19.41 54.68
CA SER FB 63 58.91 19.28 53.53
C SER FB 63 60.31 19.74 53.90
N PRO FB 64 61.34 19.26 53.20
CA PRO FB 64 62.69 19.75 53.46
C PRO FB 64 62.80 21.24 53.16
N TRP FB 65 63.62 21.94 53.94
CA TRP FB 65 63.77 23.37 53.75
C TRP FB 65 64.81 23.69 52.69
N GLN FB 66 65.94 22.99 52.69
CA GLN FB 66 67.04 23.25 51.78
C GLN FB 66 67.40 21.95 51.06
N PRO FB 67 66.61 21.56 50.06
CA PRO FB 67 66.83 20.29 49.38
C PRO FB 67 67.99 20.28 48.39
N TYR FB 68 68.84 21.32 48.38
CA TYR FB 68 69.97 21.37 47.48
C TYR FB 68 71.31 21.35 48.21
N THR FB 69 71.31 21.19 49.53
CA THR FB 69 72.54 21.19 50.32
C THR FB 69 72.56 20.01 51.27
N ASP FB 70 73.76 19.53 51.57
CA ASP FB 70 73.95 18.44 52.53
C ASP FB 70 74.51 18.92 53.86
N ASP FB 71 74.63 20.23 54.05
CA ASP FB 71 75.15 20.75 55.30
C ASP FB 71 74.21 20.43 56.45
N LYS FB 72 74.78 20.00 57.58
CA LYS FB 72 73.97 19.67 58.74
C LYS FB 72 73.35 20.91 59.35
N GLU FB 73 74.09 21.99 59.44
CA GLU FB 73 73.64 23.21 60.09
C GLU FB 73 73.62 24.37 59.10
N ILE FB 74 72.64 25.26 59.25
CA ILE FB 74 72.51 26.45 58.42
C ILE FB 74 72.45 27.66 59.35
N VAL FB 75 73.24 28.69 59.04
CA VAL FB 75 73.34 29.87 59.87
C VAL FB 75 72.57 31.01 59.20
N ILE FB 76 71.62 31.59 59.93
CA ILE FB 76 70.85 32.73 59.44
C ILE FB 76 70.93 33.85 60.47
N ASP FB 77 70.36 35.00 60.12
CA ASP FB 77 70.42 36.19 60.94
C ASP FB 77 69.07 36.44 61.61
N ASP FB 78 69.10 36.84 62.88
CA ASP FB 78 67.88 37.10 63.63
C ASP FB 78 67.10 38.29 63.07
N SER FB 79 67.75 39.16 62.29
CA SER FB 79 67.06 40.28 61.68
C SER FB 79 66.11 39.84 60.57
N GLU FB 80 66.16 38.57 60.16
CA GLU FB 80 65.35 38.07 59.07
C GLU FB 80 64.31 37.05 59.52
N VAL FB 81 64.01 37.01 60.81
CA VAL FB 81 63.00 36.12 61.38
C VAL FB 81 62.02 36.94 62.19
N ILE FB 82 60.73 36.67 62.02
CA ILE FB 82 59.70 37.47 62.67
C ILE FB 82 59.44 36.98 64.09
N THR FB 83 58.97 35.74 64.22
CA THR FB 83 58.58 35.18 65.51
C THR FB 83 59.24 33.83 65.71
N ILE FB 84 59.70 33.58 66.94
CA ILE FB 84 60.27 32.30 67.36
C ILE FB 84 59.54 31.87 68.61
N THR FB 85 58.81 30.75 68.53
CA THR FB 85 57.98 30.30 69.63
C THR FB 85 58.00 28.78 69.73
N SER FB 86 57.77 28.28 70.94
CA SER FB 86 57.72 26.83 71.15
C SER FB 86 56.39 26.26 70.66
N PRO FB 87 56.40 25.08 70.04
CA PRO FB 87 55.17 24.52 69.49
C PRO FB 87 54.43 23.63 70.47
N LYS FB 88 53.25 23.15 70.09
CA LYS FB 88 52.49 22.22 70.92
C LYS FB 88 53.04 20.80 70.74
N ASP FB 89 52.50 19.89 71.55
CA ASP FB 89 53.08 18.54 71.63
C ASP FB 89 52.74 17.70 70.41
N ASP FB 90 51.57 17.90 69.79
CA ASP FB 90 51.21 17.09 68.64
C ASP FB 90 52.18 17.29 67.49
N ILE FB 91 52.55 18.54 67.21
CA ILE FB 91 53.51 18.82 66.15
C ILE FB 91 54.88 18.26 66.51
N ILE FB 92 55.24 18.29 67.79
CA ILE FB 92 56.50 17.68 68.22
C ILE FB 92 56.51 16.20 67.92
N LYS FB 93 55.42 15.51 68.24
CA LYS FB 93 55.33 14.08 67.96
C LYS FB 93 55.42 13.80 66.47
N SER FB 94 54.70 14.57 65.66
CA SER FB 94 54.74 14.36 64.22
C SER FB 94 56.14 14.60 63.66
N TYR FB 95 56.81 15.66 64.14
CA TYR FB 95 58.15 15.97 63.67
C TYR FB 95 59.13 14.87 64.04
N GLU FB 96 59.04 14.34 65.27
CA GLU FB 96 59.94 13.27 65.67
C GLU FB 96 59.69 12.00 64.84
N SER FB 97 58.42 11.67 64.62
CA SER FB 97 58.10 10.50 63.81
C SER FB 97 58.66 10.64 62.39
N HIS FB 98 58.47 11.81 61.78
CA HIS FB 98 58.95 12.01 60.43
C HIS FB 98 60.48 11.96 60.37
N THR FB 99 61.15 12.57 61.35
CA THR FB 99 62.61 12.62 61.34
C THR FB 99 63.23 11.27 61.67
N ARG FB 100 62.51 10.35 62.31
CA ARG FB 100 63.05 9.00 62.44
C ARG FB 100 62.72 8.13 61.23
N VAL FB 101 61.56 8.32 60.60
CA VAL FB 101 61.23 7.57 59.40
C VAL FB 101 62.21 7.87 58.28
N LEU FB 102 62.58 9.15 58.13
CA LEU FB 102 63.53 9.51 57.08
C LEU FB 102 64.88 8.82 57.29
N GLU FB 103 65.38 8.81 58.52
CA GLU FB 103 66.64 8.15 58.81
C GLU FB 103 66.55 6.64 58.56
N ASN FB 104 65.45 6.02 58.96
CA ASN FB 104 65.28 4.59 58.73
C ASN FB 104 65.30 4.26 57.25
N LYS FB 105 64.59 5.05 56.45
CA LYS FB 105 64.57 4.82 55.01
C LYS FB 105 65.95 5.05 54.39
N GLN FB 106 66.68 6.05 54.88
CA GLN FB 106 68.03 6.30 54.38
C GLN FB 106 68.93 5.09 54.64
N VAL FB 107 68.86 4.53 55.85
CA VAL FB 107 69.70 3.37 56.17
C VAL FB 107 69.31 2.17 55.32
N GLU FB 108 67.99 1.96 55.13
CA GLU FB 108 67.55 0.85 54.30
C GLU FB 108 68.08 0.99 52.86
N GLU FB 109 68.04 2.20 52.32
CA GLU FB 109 68.57 2.40 50.97
C GLU FB 109 70.07 2.19 50.91
N ILE FB 110 70.79 2.57 51.97
CA ILE FB 110 72.24 2.32 52.00
C ILE FB 110 72.51 0.82 51.95
N LEU FB 111 71.77 0.04 52.74
CA LEU FB 111 71.95 -1.41 52.69
C LEU FB 111 71.63 -1.97 51.31
N ARG FB 112 70.54 -1.51 50.70
CA ARG FB 112 70.20 -1.97 49.36
C ARG FB 112 71.32 -1.71 48.37
N LEU FB 113 71.85 -0.48 48.38
CA LEU FB 113 72.91 -0.13 47.45
C LEU FB 113 74.16 -0.96 47.69
N GLU FB 114 74.53 -1.16 48.95
CA GLU FB 114 75.73 -1.95 49.23
C GLU FB 114 75.56 -3.39 48.73
N LYS FB 115 74.39 -3.99 48.97
CA LYS FB 115 74.17 -5.36 48.53
C LYS FB 115 74.22 -5.45 47.01
N GLU FB 116 73.60 -4.50 46.31
CA GLU FB 116 73.62 -4.53 44.85
C GLU FB 116 75.04 -4.37 44.32
N ILE FB 117 75.83 -3.48 44.93
CA ILE FB 117 77.20 -3.29 44.49
C ILE FB 117 78.01 -4.56 44.69
N GLU FB 118 77.85 -5.21 45.84
CA GLU FB 118 78.59 -6.44 46.10
C GLU FB 118 78.23 -7.52 45.09
N ASP FB 119 76.93 -7.69 44.82
CA ASP FB 119 76.51 -8.71 43.86
C ASP FB 119 77.05 -8.42 42.47
N LEU FB 120 76.97 -7.16 42.03
CA LEU FB 120 77.47 -6.82 40.71
C LEU FB 120 78.98 -7.03 40.61
N GLN FB 121 79.71 -6.66 41.65
CA GLN FB 121 81.16 -6.85 41.63
C GLN FB 121 81.52 -8.33 41.56
N ARG FB 122 80.83 -9.16 42.33
CA ARG FB 122 81.11 -10.60 42.29
C ARG FB 122 80.81 -11.18 40.92
N MET FB 123 79.68 -10.80 40.32
CA MET FB 123 79.32 -11.34 39.02
C MET FB 123 80.31 -10.89 37.95
N LYS FB 124 80.74 -9.63 38.01
CA LYS FB 124 81.75 -9.13 37.06
C LYS FB 124 83.06 -9.88 37.24
N GLU FB 125 83.45 -10.15 38.49
CA GLU FB 125 84.69 -10.88 38.73
C GLU FB 125 84.64 -12.27 38.11
N GLN FB 126 83.54 -12.99 38.33
CA GLN FB 126 83.42 -14.32 37.72
C GLN FB 126 83.40 -14.24 36.21
N GLN FB 127 82.73 -13.23 35.64
CA GLN FB 127 82.70 -13.11 34.18
C GLN FB 127 84.09 -12.82 33.62
N GLU FB 128 84.86 -11.97 34.30
CA GLU FB 128 86.21 -11.64 33.84
C GLU FB 128 87.18 -12.79 34.03
N LEU FB 129 86.92 -13.68 34.99
CA LEU FB 129 87.85 -14.78 35.24
C LEU FB 129 88.07 -15.63 34.01
N SER FB 130 87.02 -15.91 33.25
CA SER FB 130 87.10 -16.74 32.04
C SER FB 130 87.47 -15.84 30.87
N LEU FB 131 88.77 -15.74 30.60
CA LEU FB 131 89.24 -14.89 29.50
C LEU FB 131 90.59 -15.40 29.03
N THR FB 132 90.97 -15.00 27.83
CA THR FB 132 92.23 -15.40 27.22
C THR FB 132 93.29 -14.32 27.39
N GLU FB 133 94.53 -14.69 27.06
CA GLU FB 133 95.65 -13.77 27.27
C GLU FB 133 95.57 -12.57 26.34
N ALA FB 134 95.32 -12.80 25.05
CA ALA FB 134 95.18 -11.69 24.11
C ALA FB 134 93.97 -10.83 24.46
N SER FB 135 92.88 -11.47 24.86
CA SER FB 135 91.71 -10.70 25.30
C SER FB 135 92.04 -9.87 26.53
N LEU FB 136 92.81 -10.43 27.46
CA LEU FB 136 93.22 -9.68 28.64
C LEU FB 136 94.08 -8.47 28.26
N GLN FB 137 94.99 -8.66 27.30
CA GLN FB 137 95.81 -7.53 26.85
C GLN FB 137 94.96 -6.45 26.20
N LYS FB 138 93.99 -6.84 25.37
CA LYS FB 138 93.09 -5.86 24.78
C LYS FB 138 92.26 -5.14 25.84
N LEU FB 139 91.82 -5.89 26.85
CA LEU FB 139 91.10 -5.30 27.97
C LEU FB 139 91.95 -4.23 28.65
N GLN FB 140 93.21 -4.56 28.96
CA GLN FB 140 94.08 -3.61 29.63
C GLN FB 140 94.32 -2.38 28.76
N GLU FB 141 94.55 -2.59 27.45
CA GLU FB 141 94.80 -1.46 26.56
C GLU FB 141 93.60 -0.54 26.48
N ARG FB 142 92.39 -1.10 26.33
CA ARG FB 142 91.21 -0.26 26.21
C ARG FB 142 90.87 0.42 27.53
N ARG FB 143 91.14 -0.25 28.66
CA ARG FB 143 90.96 0.39 29.96
C ARG FB 143 91.92 1.56 30.12
N ASP FB 144 93.16 1.40 29.66
CA ASP FB 144 94.12 2.50 29.70
C ASP FB 144 93.64 3.66 28.82
N GLN FB 145 93.14 3.35 27.64
CA GLN FB 145 92.56 4.38 26.77
C GLN FB 145 91.34 5.03 27.42
N LYS GB 15 10.38 100.69 16.73
CA LYS GB 15 10.07 99.34 16.28
C LYS GB 15 8.86 99.36 15.35
N ASN GB 16 8.95 98.59 14.26
CA ASN GB 16 7.88 98.57 13.26
C ASN GB 16 7.96 97.25 12.51
N ILE GB 17 7.02 96.36 12.75
CA ILE GB 17 6.97 95.05 12.11
C ILE GB 17 5.87 95.07 11.07
N LYS GB 18 6.24 94.86 9.81
CA LYS GB 18 5.30 94.85 8.71
C LYS GB 18 5.67 93.73 7.75
N ILE GB 19 4.70 92.85 7.47
CA ILE GB 19 4.94 91.79 6.49
C ILE GB 19 4.90 92.39 5.09
N MET GB 20 5.59 91.75 4.15
CA MET GB 20 5.56 92.19 2.77
C MET GB 20 5.66 90.99 1.85
N ARG GB 21 5.21 91.21 0.61
CA ARG GB 21 5.27 90.20 -0.44
C ARG GB 21 6.21 90.68 -1.53
N LEU GB 22 7.20 89.86 -1.87
CA LEU GB 22 8.20 90.23 -2.85
C LEU GB 22 7.73 89.89 -4.27
N VAL GB 23 8.37 90.52 -5.25
CA VAL GB 23 8.05 90.26 -6.65
C VAL GB 23 8.32 88.80 -7.00
N THR GB 24 9.26 88.17 -6.31
CA THR GB 24 9.50 86.74 -6.52
C THR GB 24 8.29 85.91 -6.14
N GLY GB 25 7.58 86.31 -5.09
CA GLY GB 25 6.40 85.59 -4.66
C GLY GB 25 6.53 84.97 -3.29
N GLU GB 26 7.32 85.60 -2.42
CA GLU GB 26 7.56 85.10 -1.08
C GLU GB 26 7.17 86.16 -0.06
N ASP GB 27 6.96 85.71 1.18
CA ASP GB 27 6.50 86.55 2.27
C ASP GB 27 7.63 86.78 3.27
N ILE GB 28 7.94 88.05 3.50
CA ILE GB 28 9.05 88.46 4.37
C ILE GB 28 8.48 89.21 5.55
N ILE GB 29 8.88 88.82 6.75
CA ILE GB 29 8.46 89.49 7.98
C ILE GB 29 9.70 89.93 8.74
N GLY GB 30 9.69 91.18 9.21
CA GLY GB 30 10.83 91.69 9.95
C GLY GB 30 10.68 93.17 10.23
N ASN GB 31 11.72 93.72 10.85
CA ASN GB 31 11.73 95.14 11.18
C ASN GB 31 11.97 95.96 9.92
N ILE GB 32 11.11 96.96 9.68
CA ILE GB 32 11.11 97.69 8.42
C ILE GB 32 11.36 99.17 8.71
N SER GB 33 12.05 99.83 7.77
CA SER GB 33 12.26 101.27 7.86
C SER GB 33 12.24 101.84 6.45
N GLU GB 34 11.25 102.66 6.15
CA GLU GB 34 11.08 103.27 4.82
C GLU GB 34 11.49 104.73 4.90
N SER GB 35 12.68 105.03 4.39
CA SER GB 35 13.24 106.38 4.47
C SER GB 35 13.00 107.20 3.20
N GLN GB 36 13.54 106.75 2.07
CA GLN GB 36 13.50 107.52 0.83
C GLN GB 36 13.14 106.61 -0.33
N GLY GB 37 12.08 105.82 -0.17
CA GLY GB 37 11.71 104.85 -1.17
C GLY GB 37 12.40 103.53 -0.94
N LEU GB 38 13.72 103.52 -1.06
CA LEU GB 38 14.49 102.34 -0.68
C LEU GB 38 14.31 102.07 0.81
N ILE GB 39 14.08 100.80 1.15
CA ILE GB 39 13.72 100.44 2.51
C ILE GB 39 14.82 99.56 3.11
N THR GB 40 14.92 99.63 4.43
CA THR GB 40 15.89 98.86 5.21
C THR GB 40 15.15 97.80 6.01
N ILE GB 41 15.66 96.58 5.99
CA ILE GB 41 15.03 95.43 6.62
C ILE GB 41 16.02 94.82 7.61
N LYS GB 42 15.54 94.53 8.82
CA LYS GB 42 16.35 93.92 9.86
C LYS GB 42 15.65 92.66 10.35
N LYS GB 43 16.43 91.60 10.55
CA LYS GB 43 15.95 90.32 11.07
C LYS GB 43 14.82 89.76 10.20
N ALA GB 44 15.04 89.77 8.89
CA ALA GB 44 14.03 89.30 7.96
C ALA GB 44 13.87 87.78 8.06
N PHE GB 45 12.62 87.34 7.86
CA PHE GB 45 12.29 85.92 7.92
C PHE GB 45 11.34 85.59 6.76
N VAL GB 46 11.63 84.49 6.08
CA VAL GB 46 10.74 83.94 5.07
C VAL GB 46 9.66 83.11 5.77
N ILE GB 47 8.40 83.37 5.45
CA ILE GB 47 7.28 82.64 6.01
C ILE GB 47 6.90 81.54 5.02
N ILE GB 48 7.02 80.29 5.44
CA ILE GB 48 6.70 79.14 4.59
C ILE GB 48 5.28 78.70 4.93
N PRO GB 49 4.36 78.65 3.96
CA PRO GB 49 3.00 78.20 4.26
C PRO GB 49 2.93 76.71 4.55
N MET GB 50 2.71 76.36 5.81
CA MET GB 50 2.65 74.97 6.23
C MET GB 50 1.94 74.83 7.57
N GLN GB 59 -0.33 75.88 11.75
CA GLN GB 59 0.82 76.56 12.34
C GLN GB 59 1.62 77.29 11.28
N LEU GB 60 2.70 77.94 11.69
CA LEU GB 60 3.56 78.70 10.79
C LEU GB 60 5.00 78.26 10.95
N VAL GB 61 5.75 78.35 9.85
CA VAL GB 61 7.16 78.00 9.82
C VAL GB 61 7.92 79.20 9.29
N LEU GB 62 9.00 79.57 9.98
CA LEU GB 62 9.83 80.71 9.60
C LEU GB 62 11.25 80.21 9.31
N SER GB 63 11.88 80.83 8.33
CA SER GB 63 13.26 80.50 7.95
C SER GB 63 14.05 81.77 7.76
N PRO GB 64 15.37 81.71 7.89
CA PRO GB 64 16.19 82.91 7.60
C PRO GB 64 16.08 83.31 6.15
N TRP GB 65 16.11 84.62 5.92
CA TRP GB 65 15.98 85.13 4.55
C TRP GB 65 17.30 85.12 3.81
N GLN GB 66 18.38 85.54 4.47
CA GLN GB 66 19.71 85.65 3.86
C GLN GB 66 20.70 84.87 4.71
N PRO GB 67 20.72 83.55 4.57
CA PRO GB 67 21.59 82.72 5.41
C PRO GB 67 23.05 82.72 4.99
N TYR GB 68 23.47 83.61 4.11
CA TYR GB 68 24.86 83.69 3.67
C TYR GB 68 25.53 85.00 4.06
N THR GB 69 24.86 85.86 4.81
CA THR GB 69 25.41 87.15 5.19
C THR GB 69 25.19 87.39 6.67
N ASP GB 70 26.11 88.15 7.28
CA ASP GB 70 26.02 88.52 8.69
C ASP GB 70 25.60 89.97 8.88
N ASP GB 71 25.27 90.68 7.80
CA ASP GB 71 24.87 92.07 7.92
C ASP GB 71 23.57 92.20 8.69
N LYS GB 72 23.53 93.17 9.61
CA LYS GB 72 22.32 93.37 10.41
C LYS GB 72 21.18 93.89 9.56
N GLU GB 73 21.45 94.81 8.65
CA GLU GB 73 20.43 95.46 7.84
C GLU GB 73 20.66 95.19 6.37
N ILE GB 74 19.57 95.04 5.62
CA ILE GB 74 19.63 94.83 4.18
C ILE GB 74 18.76 95.90 3.51
N VAL GB 75 19.30 96.53 2.48
CA VAL GB 75 18.63 97.63 1.80
C VAL GB 75 18.10 97.12 0.47
N ILE GB 76 16.79 97.29 0.24
CA ILE GB 76 16.16 96.91 -1.02
C ILE GB 76 15.37 98.11 -1.55
N ASP GB 77 14.82 97.95 -2.74
CA ASP GB 77 14.12 99.01 -3.43
C ASP GB 77 12.62 98.76 -3.39
N ASP GB 78 11.85 99.84 -3.17
CA ASP GB 78 10.40 99.72 -3.11
C ASP GB 78 9.78 99.31 -4.44
N SER GB 79 10.51 99.48 -5.54
CA SER GB 79 10.00 99.06 -6.84
C SER GB 79 9.96 97.54 -6.98
N GLU GB 80 10.55 96.80 -6.03
CA GLU GB 80 10.63 95.35 -6.10
C GLU GB 80 9.80 94.66 -5.02
N VAL GB 81 8.87 95.39 -4.40
CA VAL GB 81 7.99 94.82 -3.39
C VAL GB 81 6.54 95.12 -3.78
N ILE GB 82 5.68 94.12 -3.66
CA ILE GB 82 4.30 94.27 -4.10
C ILE GB 82 3.45 94.93 -3.02
N THR GB 83 3.30 94.27 -1.88
CA THR GB 83 2.42 94.73 -0.81
C THR GB 83 3.18 94.76 0.51
N ILE GB 84 2.94 95.81 1.30
CA ILE GB 84 3.49 95.96 2.64
C ILE GB 84 2.32 96.24 3.58
N THR GB 85 2.07 95.33 4.51
CA THR GB 85 0.91 95.43 5.39
C THR GB 85 1.27 94.93 6.79
N SER GB 86 0.55 95.46 7.78
CA SER GB 86 0.75 95.04 9.16
C SER GB 86 0.11 93.67 9.40
N PRO GB 87 0.75 92.80 10.17
CA PRO GB 87 0.20 91.45 10.38
C PRO GB 87 -0.69 91.37 11.61
N LYS GB 88 -1.30 90.20 11.82
CA LYS GB 88 -2.12 89.99 13.01
C LYS GB 88 -1.24 89.66 14.20
N ASP GB 89 -1.88 89.56 15.38
CA ASP GB 89 -1.13 89.45 16.63
C ASP GB 89 -0.51 88.08 16.83
N ASP GB 90 -1.16 87.02 16.32
CA ASP GB 90 -0.63 85.67 16.51
C ASP GB 90 0.74 85.52 15.84
N ILE GB 91 0.87 86.03 14.62
CA ILE GB 91 2.14 85.95 13.92
C ILE GB 91 3.19 86.82 14.62
N ILE GB 92 2.76 87.95 15.19
CA ILE GB 92 3.69 88.79 15.95
C ILE GB 92 4.24 88.02 17.14
N LYS GB 93 3.37 87.33 17.86
CA LYS GB 93 3.81 86.54 19.01
C LYS GB 93 4.76 85.44 18.59
N SER GB 94 4.44 84.73 17.51
CA SER GB 94 5.31 83.65 17.05
C SER GB 94 6.67 84.20 16.62
N TYR GB 95 6.67 85.33 15.92
CA TYR GB 95 7.93 85.93 15.47
C TYR GB 95 8.79 86.37 16.65
N GLU GB 96 8.17 86.98 17.66
CA GLU GB 96 8.94 87.39 18.83
C GLU GB 96 9.51 86.19 19.57
N SER GB 97 8.70 85.13 19.73
CA SER GB 97 9.19 83.93 20.40
C SER GB 97 10.37 83.33 19.67
N HIS GB 98 10.26 83.23 18.33
CA HIS GB 98 11.34 82.64 17.55
C HIS GB 98 12.60 83.49 17.62
N THR GB 99 12.44 84.82 17.53
CA THR GB 99 13.60 85.70 17.53
C THR GB 99 14.27 85.81 18.90
N ARG GB 100 13.56 85.47 19.98
CA ARG GB 100 14.27 85.38 21.26
C ARG GB 100 14.89 84.01 21.49
N VAL GB 101 14.25 82.94 21.00
CA VAL GB 101 14.83 81.60 21.12
C VAL GB 101 16.16 81.53 20.36
N LEU GB 102 16.21 82.12 19.17
CA LEU GB 102 17.46 82.09 18.40
C LEU GB 102 18.58 82.79 19.15
N GLU GB 103 18.31 83.95 19.74
CA GLU GB 103 19.33 84.67 20.50
C GLU GB 103 19.77 83.87 21.72
N ASN GB 104 18.83 83.25 22.41
CA ASN GB 104 19.18 82.45 23.59
C ASN GB 104 20.10 81.30 23.21
N LYS GB 105 19.76 80.60 22.11
CA LYS GB 105 20.59 79.49 21.68
C LYS GB 105 21.97 79.97 21.24
N GLN GB 106 22.04 81.13 20.58
CA GLN GB 106 23.33 81.69 20.18
C GLN GB 106 24.21 81.95 21.40
N VAL GB 107 23.64 82.56 22.44
CA VAL GB 107 24.42 82.86 23.64
C VAL GB 107 24.88 81.56 24.31
N GLU GB 108 23.98 80.56 24.37
CA GLU GB 108 24.36 79.29 24.97
C GLU GB 108 25.53 78.65 24.22
N GLU GB 109 25.50 78.69 22.89
CA GLU GB 109 26.60 78.14 22.12
C GLU GB 109 27.89 78.92 22.33
N ILE GB 110 27.79 80.25 22.48
CA ILE GB 110 28.98 81.04 22.77
C ILE GB 110 29.62 80.61 24.09
N LEU GB 111 28.79 80.42 25.13
CA LEU GB 111 29.32 79.95 26.40
C LEU GB 111 29.97 78.57 26.27
N ARG GB 112 29.31 77.66 25.54
CA ARG GB 112 29.89 76.33 25.34
C ARG GB 112 31.26 76.41 24.69
N LEU GB 113 31.36 77.20 23.61
CA LEU GB 113 32.64 77.32 22.90
C LEU GB 113 33.72 77.92 23.80
N GLU GB 114 33.37 78.96 24.56
CA GLU GB 114 34.37 79.57 25.43
C GLU GB 114 34.87 78.59 26.48
N LYS GB 115 33.96 77.83 27.09
CA LYS GB 115 34.37 76.86 28.10
C LYS GB 115 35.26 75.79 27.50
N GLU GB 116 34.91 75.28 26.32
CA GLU GB 116 35.72 74.25 25.68
C GLU GB 116 37.11 74.79 25.34
N ILE GB 117 37.18 76.03 24.84
CA ILE GB 117 38.47 76.63 24.51
C ILE GB 117 39.33 76.77 25.75
N GLU GB 118 38.74 77.25 26.86
CA GLU GB 118 39.51 77.40 28.09
C GLU GB 118 40.04 76.06 28.59
N ASP GB 119 39.19 75.03 28.58
CA ASP GB 119 39.63 73.73 29.04
C ASP GB 119 40.75 73.18 28.17
N LEU GB 120 40.62 73.30 26.85
CA LEU GB 120 41.65 72.80 25.94
C LEU GB 120 42.96 73.54 26.14
N GLN GB 121 42.88 74.87 26.31
CA GLN GB 121 44.09 75.65 26.51
C GLN GB 121 44.80 75.26 27.81
N ARG GB 122 44.03 75.07 28.88
CA ARG GB 122 44.63 74.67 30.15
C ARG GB 122 45.30 73.31 30.04
N MET GB 123 44.62 72.35 29.40
CA MET GB 123 45.19 71.01 29.27
C MET GB 123 46.45 71.03 28.42
N LYS GB 124 46.44 71.80 27.33
CA LYS GB 124 47.63 71.92 26.50
C LYS GB 124 48.77 72.56 27.27
N GLU GB 125 48.48 73.57 28.09
CA GLU GB 125 49.52 74.21 28.89
C GLU GB 125 50.17 73.22 29.84
N GLN GB 126 49.35 72.44 30.56
CA GLN GB 126 49.92 71.44 31.46
C GLN GB 126 50.72 70.38 30.70
N GLN GB 127 50.23 69.96 29.53
CA GLN GB 127 50.98 68.98 28.76
C GLN GB 127 52.32 69.52 28.29
N GLU GB 128 52.35 70.79 27.87
CA GLU GB 128 53.59 71.39 27.40
C GLU GB 128 54.55 71.68 28.54
N LEU GB 129 54.05 71.87 29.77
CA LEU GB 129 54.92 72.19 30.88
C LEU GB 129 56.00 71.13 31.10
N SER GB 130 55.63 69.85 30.97
CA SER GB 130 56.58 68.74 31.16
C SER GB 130 57.29 68.48 29.84
N LEU GB 131 58.44 69.11 29.65
CA LEU GB 131 59.20 68.94 28.42
C LEU GB 131 60.67 69.24 28.70
N THR GB 132 61.53 68.76 27.81
CA THR GB 132 62.97 68.93 27.93
C THR GB 132 63.45 70.10 27.07
N GLU GB 133 64.72 70.49 27.29
CA GLU GB 133 65.27 71.65 26.61
C GLU GB 133 65.40 71.40 25.11
N ALA GB 134 65.97 70.26 24.73
CA ALA GB 134 66.09 69.93 23.31
C ALA GB 134 64.73 69.77 22.66
N SER GB 135 63.78 69.16 23.37
CA SER GB 135 62.42 69.05 22.86
C SER GB 135 61.80 70.42 22.69
N LEU GB 136 62.06 71.34 23.63
CA LEU GB 136 61.54 72.70 23.50
C LEU GB 136 62.14 73.40 22.28
N GLN GB 137 63.43 73.19 22.04
CA GLN GB 137 64.05 73.79 20.85
C GLN GB 137 63.46 73.23 19.57
N LYS GB 138 63.23 71.93 19.52
CA LYS GB 138 62.59 71.34 18.35
C LYS GB 138 61.18 71.86 18.18
N LEU GB 139 60.45 72.02 19.28
CA LEU GB 139 59.12 72.61 19.24
C LEU GB 139 59.14 73.99 18.62
N GLN GB 140 60.07 74.84 19.09
CA GLN GB 140 60.16 76.20 18.56
C GLN GB 140 60.52 76.18 17.08
N GLU GB 141 61.47 75.32 16.69
CA GLU GB 141 61.88 75.27 15.29
C GLU GB 141 60.73 74.85 14.39
N ARG GB 142 59.99 73.80 14.79
CA ARG GB 142 58.91 73.33 13.95
C ARG GB 142 57.74 74.30 13.94
N ARG GB 143 57.50 75.01 15.05
CA ARG GB 143 56.48 76.06 15.05
C ARG GB 143 56.87 77.19 14.12
N ASP GB 144 58.15 77.56 14.09
CA ASP GB 144 58.62 78.57 13.15
C ASP GB 144 58.43 78.11 11.71
N GLN GB 145 58.75 76.85 11.44
CA GLN GB 145 58.51 76.28 10.10
C GLN GB 145 57.01 76.25 9.80
N LYS HB 15 -26.13 55.50 -82.39
CA LYS HB 15 -25.80 54.49 -81.38
C LYS HB 15 -26.27 53.11 -81.84
N ASN HB 16 -25.42 52.10 -81.63
CA ASN HB 16 -25.73 50.75 -82.08
C ASN HB 16 -24.93 49.77 -81.22
N ILE HB 17 -25.61 49.07 -80.33
CA ILE HB 17 -24.97 48.10 -79.44
C ILE HB 17 -25.30 46.70 -79.94
N LYS HB 18 -24.26 45.95 -80.30
CA LYS HB 18 -24.42 44.59 -80.79
C LYS HB 18 -23.32 43.71 -80.20
N ILE HB 19 -23.73 42.63 -79.55
CA ILE HB 19 -22.75 41.67 -79.03
C ILE HB 19 -22.17 40.87 -80.19
N MET HB 20 -20.95 40.38 -80.00
CA MET HB 20 -20.32 39.54 -81.01
C MET HB 20 -19.45 38.49 -80.34
N ARG HB 21 -19.19 37.42 -81.08
CA ARG HB 21 -18.32 36.34 -80.64
C ARG HB 21 -17.09 36.29 -81.53
N LEU HB 22 -15.91 36.34 -80.92
CA LEU HB 22 -14.67 36.37 -81.65
C LEU HB 22 -14.18 34.96 -81.98
N VAL HB 23 -13.30 34.87 -82.97
CA VAL HB 23 -12.73 33.58 -83.35
C VAL HB 23 -11.97 32.96 -82.20
N THR HB 24 -11.43 33.79 -81.30
CA THR HB 24 -10.77 33.26 -80.11
C THR HB 24 -11.74 32.49 -79.23
N GLY HB 25 -12.99 32.97 -79.14
CA GLY HB 25 -13.99 32.30 -78.33
C GLY HB 25 -14.48 33.14 -77.17
N GLU HB 26 -14.49 34.46 -77.33
CA GLU HB 26 -14.89 35.38 -76.29
C GLU HB 26 -16.02 36.28 -76.79
N ASP HB 27 -16.74 36.86 -75.85
CA ASP HB 27 -17.92 37.67 -76.14
C ASP HB 27 -17.61 39.14 -75.88
N ILE HB 28 -17.79 39.97 -76.91
CA ILE HB 28 -17.47 41.38 -76.87
C ILE HB 28 -18.77 42.17 -77.05
N ILE HB 29 -19.01 43.12 -76.15
CA ILE HB 29 -20.18 44.00 -76.22
C ILE HB 29 -19.71 45.44 -76.26
N GLY HB 30 -20.26 46.23 -77.17
CA GLY HB 30 -19.88 47.62 -77.27
C GLY HB 30 -20.51 48.28 -78.48
N ASN HB 31 -20.15 49.54 -78.68
CA ASN HB 31 -20.67 50.30 -79.81
C ASN HB 31 -19.98 49.84 -81.09
N ILE HB 32 -20.79 49.53 -82.11
CA ILE HB 32 -20.29 48.89 -83.32
C ILE HB 32 -20.60 49.79 -84.51
N SER HB 33 -19.71 49.77 -85.50
CA SER HB 33 -19.94 50.48 -86.75
C SER HB 33 -19.32 49.68 -87.89
N GLU HB 34 -20.17 49.17 -88.79
CA GLU HB 34 -19.72 48.34 -89.91
C GLU HB 34 -19.79 49.18 -91.18
N SER HB 35 -18.63 49.64 -91.65
CA SER HB 35 -18.55 50.53 -92.81
C SER HB 35 -18.26 49.78 -94.11
N GLN HB 36 -17.11 49.12 -94.19
CA GLN HB 36 -16.65 48.50 -95.43
C GLN HB 36 -16.08 47.12 -95.13
N GLY HB 37 -16.82 46.32 -94.38
CA GLY HB 37 -16.34 45.03 -93.96
C GLY HB 37 -15.59 45.11 -92.65
N LEU HB 38 -14.46 45.81 -92.66
CA LEU HB 38 -13.76 46.10 -91.42
C LEU HB 38 -14.64 46.97 -90.52
N ILE HB 39 -14.71 46.60 -89.24
CA ILE HB 39 -15.65 47.24 -88.32
C ILE HB 39 -14.88 47.99 -87.25
N THR HB 40 -15.53 49.03 -86.72
CA THR HB 40 -14.99 49.87 -85.67
C THR HB 40 -15.77 49.61 -84.38
N ILE HB 41 -15.04 49.47 -83.28
CA ILE HB 41 -15.62 49.12 -81.99
C ILE HB 41 -15.21 50.20 -80.99
N LYS HB 42 -16.17 50.67 -80.21
CA LYS HB 42 -15.95 51.66 -79.17
C LYS HB 42 -16.47 51.14 -77.85
N LYS HB 43 -15.68 51.36 -76.79
CA LYS HB 43 -16.05 50.97 -75.43
C LYS HB 43 -16.34 49.48 -75.33
N ALA HB 44 -15.46 48.68 -75.92
CA ALA HB 44 -15.65 47.23 -75.92
C ALA HB 44 -15.46 46.66 -74.53
N PHE HB 45 -16.24 45.61 -74.24
CA PHE HB 45 -16.19 44.92 -72.95
C PHE HB 45 -16.24 43.42 -73.18
N VAL HB 46 -15.38 42.70 -72.49
CA VAL HB 46 -15.41 41.25 -72.46
C VAL HB 46 -16.44 40.80 -71.44
N ILE HB 47 -17.35 39.92 -71.84
CA ILE HB 47 -18.37 39.38 -70.96
C ILE HB 47 -17.88 38.04 -70.42
N ILE HB 48 -17.70 37.96 -69.11
CA ILE HB 48 -17.22 36.74 -68.46
C ILE HB 48 -18.43 35.97 -67.94
N PRO HB 49 -18.61 34.71 -68.35
CA PRO HB 49 -19.76 33.95 -67.85
C PRO HB 49 -19.62 33.57 -66.39
N MET HB 50 -20.40 34.21 -65.53
CA MET HB 50 -20.33 33.97 -64.10
C MET HB 50 -21.60 34.45 -63.41
N GLN HB 59 -25.94 36.47 -62.55
CA GLN HB 59 -25.52 37.82 -62.89
C GLN HB 59 -24.47 37.80 -63.99
N LEU HB 60 -23.99 38.99 -64.37
CA LEU HB 60 -23.00 39.13 -65.42
C LEU HB 60 -21.82 39.94 -64.92
N VAL HB 61 -20.64 39.64 -65.46
CA VAL HB 61 -19.41 40.34 -65.13
C VAL HB 61 -18.80 40.85 -66.42
N LEU HB 62 -18.40 42.12 -66.43
CA LEU HB 62 -17.81 42.75 -67.59
C LEU HB 62 -16.39 43.21 -67.25
N SER HB 63 -15.49 43.12 -68.21
CA SER HB 63 -14.11 43.54 -68.04
C SER HB 63 -13.68 44.35 -69.26
N PRO HB 64 -12.67 45.21 -69.12
CA PRO HB 64 -12.16 45.92 -70.28
C PRO HB 64 -11.55 44.96 -71.29
N TRP HB 65 -11.71 45.29 -72.58
CA TRP HB 65 -11.21 44.43 -73.63
C TRP HB 65 -9.73 44.69 -73.91
N GLN HB 66 -9.34 45.96 -73.97
CA GLN HB 66 -7.97 46.35 -74.32
C GLN HB 66 -7.44 47.27 -73.22
N PRO HB 67 -7.03 46.69 -72.09
CA PRO HB 67 -6.58 47.50 -70.95
C PRO HB 67 -5.18 48.08 -71.10
N TYR HB 68 -4.58 48.03 -72.28
CA TYR HB 68 -3.25 48.57 -72.50
C TYR HB 68 -3.24 49.73 -73.49
N THR HB 69 -4.40 50.17 -73.96
CA THR HB 69 -4.48 51.25 -74.93
C THR HB 69 -5.52 52.27 -74.50
N ASP HB 70 -5.30 53.52 -74.89
CA ASP HB 70 -6.22 54.61 -74.60
C ASP HB 70 -7.02 55.03 -75.84
N ASP HB 71 -6.87 54.32 -76.96
CA ASP HB 71 -7.60 54.69 -78.16
C ASP HB 71 -9.10 54.51 -77.97
N LYS HB 72 -9.87 55.48 -78.43
CA LYS HB 72 -11.32 55.42 -78.30
C LYS HB 72 -11.91 54.32 -79.17
N GLU HB 73 -11.42 54.17 -80.39
CA GLU HB 73 -11.95 53.22 -81.35
C GLU HB 73 -10.90 52.20 -81.74
N ILE HB 74 -11.33 50.97 -81.98
CA ILE HB 74 -10.44 49.89 -82.41
C ILE HB 74 -11.04 49.29 -83.68
N VAL HB 75 -10.20 49.11 -84.70
CA VAL HB 75 -10.64 48.62 -86.00
C VAL HB 75 -10.22 47.17 -86.15
N ILE HB 76 -11.18 46.29 -86.42
CA ILE HB 76 -10.91 44.88 -86.64
C ILE HB 76 -11.54 44.46 -87.97
N ASP HB 77 -11.29 43.23 -88.37
CA ASP HB 77 -11.75 42.70 -89.65
C ASP HB 77 -12.91 41.74 -89.45
N ASP HB 78 -13.91 41.84 -90.33
CA ASP HB 78 -15.09 40.98 -90.23
C ASP HB 78 -14.76 39.51 -90.47
N SER HB 79 -13.61 39.21 -91.09
CA SER HB 79 -13.21 37.83 -91.29
C SER HB 79 -12.79 37.15 -89.99
N GLU HB 80 -12.66 37.90 -88.90
CA GLU HB 80 -12.20 37.37 -87.62
C GLU HB 80 -13.28 37.40 -86.55
N VAL HB 81 -14.55 37.55 -86.95
CA VAL HB 81 -15.67 37.55 -86.02
C VAL HB 81 -16.68 36.52 -86.50
N ILE HB 82 -17.20 35.72 -85.56
CA ILE HB 82 -18.10 34.63 -85.92
C ILE HB 82 -19.53 35.13 -86.07
N THR HB 83 -20.12 35.63 -84.97
CA THR HB 83 -21.51 36.04 -84.94
C THR HB 83 -21.63 37.44 -84.37
N ILE HB 84 -22.51 38.24 -84.97
CA ILE HB 84 -22.84 39.58 -84.50
C ILE HB 84 -24.35 39.65 -84.37
N THR HB 85 -24.84 39.85 -83.14
CA THR HB 85 -26.27 39.82 -82.88
C THR HB 85 -26.63 40.84 -81.82
N SER HB 86 -27.87 41.32 -81.86
CA SER HB 86 -28.36 42.27 -80.87
C SER HB 86 -28.67 41.56 -79.55
N PRO HB 87 -28.36 42.17 -78.42
CA PRO HB 87 -28.59 41.51 -77.13
C PRO HB 87 -29.95 41.83 -76.54
N LYS HB 88 -30.27 41.19 -75.42
CA LYS HB 88 -31.52 41.46 -74.72
C LYS HB 88 -31.39 42.72 -73.87
N ASP HB 89 -32.51 43.15 -73.28
CA ASP HB 89 -32.56 44.44 -72.63
C ASP HB 89 -31.84 44.45 -71.29
N ASP HB 90 -31.83 43.32 -70.57
CA ASP HB 90 -31.17 43.28 -69.27
C ASP HB 90 -29.68 43.56 -69.39
N ILE HB 91 -29.02 42.94 -70.38
CA ILE HB 91 -27.60 43.18 -70.59
C ILE HB 91 -27.36 44.61 -71.03
N ILE HB 92 -28.29 45.18 -71.81
CA ILE HB 92 -28.17 46.58 -72.21
C ILE HB 92 -28.18 47.49 -70.98
N LYS HB 93 -29.12 47.23 -70.06
CA LYS HB 93 -29.20 48.02 -68.84
C LYS HB 93 -27.92 47.90 -68.01
N SER HB 94 -27.43 46.67 -67.86
CA SER HB 94 -26.21 46.46 -67.08
C SER HB 94 -25.02 47.17 -67.71
N TYR HB 95 -24.91 47.08 -69.04
CA TYR HB 95 -23.80 47.72 -69.74
C TYR HB 95 -23.86 49.24 -69.60
N GLU HB 96 -25.06 49.82 -69.72
CA GLU HB 96 -25.18 51.27 -69.56
C GLU HB 96 -24.83 51.70 -68.13
N SER HB 97 -25.31 50.94 -67.13
CA SER HB 97 -24.99 51.27 -65.76
C SER HB 97 -23.49 51.22 -65.51
N HIS HB 98 -22.83 50.17 -66.01
CA HIS HB 98 -21.39 50.05 -65.80
C HIS HB 98 -20.63 51.16 -66.50
N THR HB 99 -21.04 51.49 -67.73
CA THR HB 99 -20.31 52.50 -68.49
C THR HB 99 -20.55 53.91 -67.97
N ARG HB 100 -21.63 54.14 -67.22
CA ARG HB 100 -21.74 55.45 -66.56
C ARG HB 100 -21.03 55.47 -65.20
N VAL HB 101 -21.01 54.34 -64.48
CA VAL HB 101 -20.28 54.30 -63.21
C VAL HB 101 -18.79 54.51 -63.44
N LEU HB 102 -18.24 53.91 -64.50
CA LEU HB 102 -16.82 54.10 -64.78
C LEU HB 102 -16.49 55.56 -65.05
N GLU HB 103 -17.31 56.24 -65.84
CA GLU HB 103 -17.08 57.65 -66.12
C GLU HB 103 -17.19 58.50 -64.86
N ASN HB 104 -18.19 58.21 -64.02
CA ASN HB 104 -18.35 58.96 -62.78
C ASN HB 104 -17.12 58.81 -61.89
N LYS HB 105 -16.63 57.58 -61.75
CA LYS HB 105 -15.44 57.36 -60.92
C LYS HB 105 -14.22 58.04 -61.52
N GLN HB 106 -14.09 58.04 -62.84
CA GLN HB 106 -12.98 58.72 -63.49
C GLN HB 106 -12.99 60.22 -63.17
N VAL HB 107 -14.17 60.83 -63.27
CA VAL HB 107 -14.27 62.27 -62.99
C VAL HB 107 -13.96 62.55 -61.52
N GLU HB 108 -14.45 61.70 -60.62
CA GLU HB 108 -14.17 61.89 -59.20
C GLU HB 108 -12.66 61.81 -58.93
N GLU HB 109 -11.98 60.86 -59.55
CA GLU HB 109 -10.53 60.76 -59.37
C GLU HB 109 -9.81 61.97 -59.96
N ILE HB 110 -10.29 62.50 -61.07
CA ILE HB 110 -9.68 63.71 -61.63
C ILE HB 110 -9.78 64.87 -60.65
N LEU HB 111 -10.97 65.05 -60.05
CA LEU HB 111 -11.12 66.10 -59.05
C LEU HB 111 -10.20 65.89 -57.86
N ARG HB 112 -10.11 64.65 -57.37
CA ARG HB 112 -9.20 64.35 -56.25
C ARG HB 112 -7.78 64.74 -56.58
N LEU HB 113 -7.30 64.33 -57.75
CA LEU HB 113 -5.92 64.62 -58.14
C LEU HB 113 -5.69 66.12 -58.26
N GLU HB 114 -6.63 66.84 -58.86
CA GLU HB 114 -6.46 68.28 -59.01
C GLU HB 114 -6.38 68.97 -57.66
N LYS HB 115 -7.26 68.58 -56.73
CA LYS HB 115 -7.24 69.20 -55.40
C LYS HB 115 -5.94 68.90 -54.68
N GLU HB 116 -5.46 67.66 -54.75
CA GLU HB 116 -4.20 67.31 -54.09
C GLU HB 116 -3.04 68.10 -54.69
N ILE HB 117 -3.01 68.24 -56.02
CA ILE HB 117 -1.94 68.99 -56.67
C ILE HB 117 -1.97 70.45 -56.23
N GLU HB 118 -3.16 71.05 -56.19
CA GLU HB 118 -3.25 72.45 -55.77
C GLU HB 118 -2.77 72.63 -54.33
N ASP HB 119 -3.19 71.74 -53.43
CA ASP HB 119 -2.76 71.86 -52.04
C ASP HB 119 -1.26 71.71 -51.91
N LEU HB 120 -0.68 70.71 -52.60
CA LEU HB 120 0.76 70.51 -52.52
C LEU HB 120 1.52 71.71 -53.08
N GLN HB 121 1.05 72.26 -54.19
CA GLN HB 121 1.72 73.42 -54.78
C GLN HB 121 1.68 74.62 -53.84
N ARG HB 122 0.53 74.86 -53.21
CA ARG HB 122 0.41 75.97 -52.28
C ARG HB 122 1.35 75.79 -51.09
N MET HB 123 1.38 74.58 -50.53
CA MET HB 123 2.23 74.35 -49.36
C MET HB 123 3.70 74.49 -49.73
N LYS HB 124 4.10 73.99 -50.90
CA LYS HB 124 5.48 74.16 -51.34
C LYS HB 124 5.82 75.62 -51.55
N GLU HB 125 4.89 76.39 -52.10
CA GLU HB 125 5.13 77.82 -52.30
C GLU HB 125 5.37 78.52 -50.98
N GLN HB 126 4.52 78.26 -49.98
CA GLN HB 126 4.73 78.89 -48.68
C GLN HB 126 6.04 78.44 -48.04
N GLN HB 127 6.39 77.16 -48.19
CA GLN HB 127 7.65 76.68 -47.62
C GLN HB 127 8.85 77.35 -48.29
N GLU HB 128 8.80 77.52 -49.61
CA GLU HB 128 9.90 78.15 -50.33
C GLU HB 128 9.99 79.65 -50.06
N LEU HB 129 8.86 80.29 -49.70
CA LEU HB 129 8.87 81.73 -49.48
C LEU HB 129 9.88 82.13 -48.41
N SER HB 130 9.98 81.35 -47.33
CA SER HB 130 10.90 81.65 -46.23
C SER HB 130 12.25 81.03 -46.55
N LEU HB 131 13.12 81.82 -47.16
CA LEU HB 131 14.44 81.33 -47.54
C LEU HB 131 15.39 82.52 -47.64
N THR HB 132 16.69 82.22 -47.58
CA THR HB 132 17.74 83.23 -47.65
C THR HB 132 18.31 83.33 -49.06
N GLU HB 133 19.10 84.37 -49.29
CA GLU HB 133 19.64 84.64 -50.62
C GLU HB 133 20.62 83.56 -51.05
N ALA HB 134 21.56 83.21 -50.18
CA ALA HB 134 22.52 82.15 -50.50
C ALA HB 134 21.82 80.81 -50.68
N SER HB 135 20.81 80.54 -49.84
CA SER HB 135 20.03 79.33 -50.00
C SER HB 135 19.28 79.33 -51.32
N LEU HB 136 18.75 80.49 -51.72
CA LEU HB 136 18.09 80.59 -53.01
C LEU HB 136 19.04 80.32 -54.16
N GLN HB 137 20.27 80.85 -54.07
CA GLN HB 137 21.27 80.59 -55.10
C GLN HB 137 21.62 79.12 -55.18
N LYS HB 138 21.80 78.47 -54.02
CA LYS HB 138 22.07 77.04 -54.03
C LYS HB 138 20.90 76.25 -54.62
N LEU HB 139 19.67 76.67 -54.29
CA LEU HB 139 18.48 76.07 -54.86
C LEU HB 139 18.50 76.15 -56.38
N GLN HB 140 18.78 77.34 -56.91
CA GLN HB 140 18.81 77.52 -58.36
C GLN HB 140 19.91 76.67 -58.99
N GLU HB 141 21.09 76.63 -58.38
CA GLU HB 141 22.19 75.86 -58.94
C GLU HB 141 21.85 74.38 -58.97
N ARG HB 142 21.31 73.84 -57.88
CA ARG HB 142 21.01 72.41 -57.84
C ARG HB 142 19.84 72.07 -58.75
N ARG HB 143 18.87 72.98 -58.91
CA ARG HB 143 17.80 72.76 -59.87
C ARG HB 143 18.34 72.74 -61.30
N ASP HB 144 19.29 73.62 -61.60
CA ASP HB 144 19.94 73.60 -62.91
C ASP HB 144 20.68 72.29 -63.13
N GLN HB 145 21.40 71.82 -62.11
CA GLN HB 145 22.06 70.52 -62.20
C GLN HB 145 21.04 69.40 -62.35
BA BA IB . 87.74 -43.19 15.39
BA BA JB . -4.91 -98.67 4.70
BA BA KB . 1.06 -97.50 16.65
BA BA LB . -86.58 -33.55 34.04
BA BA MB . -79.33 -40.17 43.39
BA BA NB . -44.54 62.13 62.92
BA BA OB . -44.59 51.72 71.64
BA BA PB . 63.20 56.25 51.37
BA BA QB . 57.25 51.22 62.42
BA BA RB . -3.16 -33.62 93.01
BA BA SB . 6.47 -42.42 89.22
BA BA TB . 62.99 39.45 65.25
BA BA UB . 86.70 33.55 -33.95
BA BA VB . 44.74 -51.85 -71.48
BA BA WB . -16.25 23.67 -94.57
BA BA XB . 20.47 94.83 -19.62
BA BA YB . 8.61 95.07 -25.94
BA BA ZB . -32.49 68.31 63.79
BA BA AC . -76.86 -31.65 53.42
BA BA BC . -63.36 -56.21 -51.21
BA BA CC . -72.69 -47.27 -47.54
BA BA DC . 88.65 20.97 -38.40
BA BA EC . 85.37 -41.01 28.39
BA BA FC . -8.64 -95.11 25.96
BA BA GC . -20.58 -94.88 19.48
BA BA HC . 32.49 -68.13 -63.84
BA BA IC . 44.40 -62.11 -62.80
BA BA JC . -3.16 21.98 -96.44
BA BA KC . -75.40 59.67 -22.91
BA BA LC . -78.18 51.17 -33.34
BA BA MC . -88.75 -21.07 38.40
BA BA NC . -82.70 -19.84 50.38
BA BA OC . -1.09 97.55 -16.63
BA BA PC . 5.01 98.82 -4.60
BA BA QC . 79.36 40.11 -43.32
BA BA RC . 76.99 31.76 -53.49
BA BA SC . 18.32 -36.23 90.12
BA BA TC . -32.62 51.54 77.94
BA BA UC . 72.74 47.30 47.37
BA BA VC . -25.22 61.61 73.14
BA BA WC . -81.49 54.86 -11.88
BA BA XC . -87.71 43.16 -15.26
BA BA YC . 82.74 19.73 -50.44
BA BA ZC . 2.94 -21.92 96.37
BA BA AD . 16.28 -23.59 94.73
BA BA BD . -57.23 -51.29 -62.24
BA BA CD . -85.31 41.02 -28.32
BA BA DD . 3.06 33.52 -93.01
BA BA ED . -6.26 42.31 -89.30
BA BA FD . -62.92 -39.43 -65.41
BA BA GD . -72.40 -37.02 -56.20
BA BA HD . -18.24 -97.00 6.27
BA BA ID . 77.81 -51.31 33.22
BA BA JD . 75.54 -59.74 22.86
BA BA KD . 32.77 -51.47 -77.95
BA BA LD . 25.13 -61.62 -73.25
BA BA MD . 81.42 -54.79 11.90
BA BA ND . 72.73 37.13 56.05
BA BA OD . 18.31 97.08 -6.41
BA BA PD . -18.37 36.36 -90.21
#